data_7OKQ
#
_entry.id   7OKQ
#
loop_
_entity.id
_entity.type
_entity.pdbx_description
1 polymer 'DNA damage-binding protein 1'
2 polymer 'DDB1- and CUL4-associated factor 1'
3 polymer Cullin-4A
4 polymer 'E3 ubiquitin-protein ligase RBX1'
#
loop_
_entity_poly.entity_id
_entity_poly.type
_entity_poly.pdbx_seq_one_letter_code
_entity_poly.pdbx_strand_id
1 'polypeptide(L)'
;MHHHHHHVDENLYFQGGGRMSYNYVVTAQKPTAVNGCVTGHFTSAEDLNLLIAKNTRLEIYVVTAEGLRPVKEVGMYGKI
AVMELFRPKGESKDLLFILTAKYNACILEYKQSGESIDIITRAHGNVQDRIGRPSETGIIGIIDPECRMIGLRLYDGLFK
VIPLDRDNKELKAFNIRLEELHVIDVKFLYGCQAPTICFVYQDPQGRHVKTYEVSLREKEFNKGPWKQENVEAEASMVIA
VPEPFGGAIIIGQESITYHNGDKYLAIAPPIIKQSTIVCHNRVDPNGSRYLLGDMEGRLFMLLLEKEEQMDGTVTLKDLR
VELLGETSIAECLTYLDNGVVFVGSRLGDSQLVKLNVDSNEQGSYVVAMETFTNLGPIVDMCVVDLERQGQGQLVTCSGA
FKEGSLRIIRNGIGIHEHASIDLPGIKGLWPLRSDPNRETDDTLVLSFVGQTRVLMLNGEEVEETELMGFVDDQQTFFCG
NVAHQQLIQITSASVRLVSQEPKALVSEWKEPQAKNISVASCNSSQVVVAVGRALYYLQIHPQELRQISHTEMEHEVACL
DITPLGDSNGLSPLCAIGLWTDISARILKLPSFELLHKEMLGGEIIPRSILMTTFESSHYLLCALGDGALFYFGLNIETG
LLSDRKKVTLGTQPTVLRTFRSLSTTNVFACSDRPTVIYSSNHKLVFSNVNLKEVNYMCPLNSDGYPDSLALANNSTLTI
GTIDEIQKLHIRTVPLYESPRKICYQEVSQCFGVLSSRIEVQDTSGGTTALRPSASTQALSSSVSSSKLFSSSTAPHETS
FGEEVEVHNLLIIDQHTFEVLHAHQFLQNEYALSLVSCKLGKDPNTYFIVGTAMVYPEEAEPKQGRIVVFQYSDGKLQTV
AEKEVKGAVYSMVEFNGKLLASINSTVRLYEWTTEKELRTECNHYNNIMALYLKTKGDFILVGDLMRSVLLLAYKPMEGN
FEEIARDFNPNWMSAVEILDDDNFLGAENAFNLFVCQKDSAATTDEERQHLQEVGLFHLGEFVNVFCHGSLVMQNLGETS
TPTQGSVLFGTVNGMIGLVTSLSESWYNLLLDMQNRLNKVIKSVGKIEHSFWRSFHTERKTEPATGFIDGDLIESFLDIS
RPKMQEVVANLQYDDGSGMKREATADDLIKVVEELTRIH
;
A,E,I,M
2 'polypeptide(L)'
;MASWSHPQFEKLEVLFQGPTTVVVHVDSKAELTTLLEQWEKEHGSGQDMVPILTRMSQLIEKETEEYRKGDPDPFDDRHP
GRADPECMLGHLLRILFKNDDFMNALVNAYVMTSREPPLNTAACRLLLDIMPGLETAVVFQEKEGIVENLFKWAREADQP
LRTYSTGLLGGAMENQDIAANYRDENSQLVAIVLRRLRELQLQEVALRQENKRPSPRKLSSEPLLPLDEEAVDMDYGDMA
VDVVDGDQEEASGDMEISFHLDSGHKTSSRVNSTTKPEDGGLKKNKSAKQGDRENFRKAKQKLGFSSSDPDRMFVELSNS
SWSEMSPWVIGTNYTLYPMTPAIEQRLILQYLTPLGEYQELLPIFMQLGSRELMMFYIDLKQTNDVLLTFEALKHLASLL
LHNKFATEFVAHGGVQKLLEIPRPSMAATGVSMCLYYLSYNQDAMERVCMHPHNVLSDVVNYTLWLMECSHASGCCHATM
FFSICFSFRAVLELFDRYDGLRRLVNLISTLEILNLEDQGALLSDDEIFASRQTGKHTCMALRKYFEAHLAIKLEQVKQS
LQRTEGGILVHPQPPYKACSYTHEQIVEMMEFLIEYGPAQLYWEPAEVFLKLSCVQLLLQLISIACNWKTYYARNDTVRF
ALDVLAILTVVPKIQLQLAESVDVLDEAGSTVSTVGISIILGVAEGEFFIHDAEIQKSALQIIINCVCGPDNRISSIGKF
ISGTPRRKLPQNPKSSEHTLAKMWNVVQSNNGIKVLLSLLSIKMPITDADQIRALACKALVGLSRSSTVRQIISKLPLFS
SCQIQQLMKEPVLQDKRSDHVKFCKYAAELIERVSGKPLLIGTDVSLARLQKADVVAQSRISFPEKELLLLIRNHLISKG
LGETATVLTKEADLPMTAASHSSAFTPVTAAASPVSLPRTPRIANGIATRLGSHAAVGASAPSAPTAHPQPRPPQGPLAL
PGPSYAGNSPLIGRISFIRERPSPCNGRKIRVLRQKSDHGAYSQSPAIKKQLDRHLPSPPTLDSIITEYLREQHARCKNP
VATCPPFSLFTPHQCPEPKQRRQAPINFTSRLNRRASFPKYGGVDGGCFDRHLIFSRFRPISVFREANEDESGFTCCAFS
ARERFLMLGTCTGQLKLYNVFSGQEEASYNCHNSAITHLEPSRDGSLLLTSATWSQPLSALWGMKSVFDMKHSFTEDHYV
EFSKHSQDRVIGTKGDIAHIYDIQTGNKLLTLFNPDLANNYKRNCATFNPTDDLVLNDGVLWDVRSAQAIHKFDKFNMNI
SGVFHPNGLEVIINTEIWDLRTFHLLHTVPALDQCRVVFNHTGTVMYGAMLQADDEDDLMEERMKSPFGSSFRTFNATDY
KPIATIDVKRNIFDLCTDTKDCYLAVIENQGSMDALNMDTVCRLYEVGRQRLAEDEDEEEDQEEEEQEEEDDDEDDDDTD
DLDELDTDQLLEAELEEDDNNENAGEDGDNDFSPSDEELANLLEEGEDGEDEDSDADEEVELILGDTDSSDNSDLEDDII
LSLNE
;
B,F,J,N
3 'polypeptide(L)'
;MHHHHHHVDEENLYFQGGGRGGSKKLVIKNFRDRPRLPDNYTQDTWRKLHEAVRAVQSSTSIRYNLEELYQAVENLCSHK
VSPMLYKQLRQACEDHVQAQILPFREDSLDSVLFLKKINTCWQDHCRQMIMIRSIFLFLDRTYVLQNSTLPSIWDMGLEL
FRTHIISDKMVQSKTIDGILLLIERERSGEAVDRSLLRSLLGMLSDLQVYKDSFELKFLEETNCLYAAEGQRLMQEREVP
EYLNHVSKRLEEEGDRVITYLDHSTQKPLIACVEKQLLGEHLTAILQKGLDHLLDENRVPDLAQMYQLFSRVRGGQQALL
QHWSEYIKTFGTAIVINPEKDKDMVQDLLDFKDKVDHVIEVCFQKNERFVNLMKESFETFINKRPNKPAELIAKHVDSKL
RAGNKEATDEELERTLDKIMILFRFIHGKDVFEAFYKKDLAKRLLVGKSASVDAEKSMLSKLKHECGAAFTSKLEGMFKD
MELSKDIMVHFKQHMQNQSDSGPIDLTVNILTMGYWPTYTPMEVHLTPEMIKLQEVFKAFYLGKHSGRKLQWQTTLGHAV
LKAEFKEGKKEFQVSLFQTLVLLMFNEGDGFSFEEIKMATGIEDSELRRTLQSLACGKARVLIKSPKGKEVEDGDKFIFN
GEFKHKLFRIKINQIQMKETVEEQVSTTERVFQDRQYQIDAAIVRIMKMRKTLGHNLLVSELYNQLKFPVKPGDLKKRIE
SLIDRDYMERDKDNPNQYHYVA
;
C,G,K,O
4 'polypeptide(L)'
;MHHHHHHVDENLYFQGGGRGTNSGAGKKRFEVKKWNAVALWAWDIVVDNCAICRNHIMDLCIECQANQASATSEECTVAW
GVCNHAFHFHCISRWLKTRQVCPLDNREWEFQKYGH
;
D,H,L,P
#
# COMPACT_ATOMS: atom_id res chain seq x y z
N MET A 20 -0.77 0.20 -82.21
CA MET A 20 -1.05 0.09 -83.64
C MET A 20 0.19 -0.39 -84.40
N SER A 21 1.13 -0.92 -83.66
CA SER A 21 2.39 -1.41 -84.22
C SER A 21 2.22 -2.78 -84.82
N TYR A 22 1.52 -2.83 -85.94
CA TYR A 22 1.25 -4.08 -86.63
C TYR A 22 2.48 -4.52 -87.40
N ASN A 23 2.73 -5.83 -87.43
CA ASN A 23 3.91 -6.36 -88.09
C ASN A 23 3.63 -7.60 -88.94
N TYR A 24 4.51 -7.82 -89.91
CA TYR A 24 4.46 -8.93 -90.83
C TYR A 24 5.67 -9.82 -90.63
N VAL A 25 5.46 -11.12 -90.42
CA VAL A 25 6.56 -12.02 -90.10
C VAL A 25 6.72 -13.14 -91.12
N VAL A 26 7.92 -13.26 -91.67
CA VAL A 26 8.25 -14.35 -92.60
C VAL A 26 9.55 -15.05 -92.26
N THR A 27 9.72 -16.23 -92.85
CA THR A 27 10.99 -16.92 -92.82
C THR A 27 11.82 -16.54 -94.05
N ALA A 28 12.97 -15.93 -93.81
CA ALA A 28 13.86 -15.53 -94.90
C ALA A 28 14.69 -16.73 -95.34
N GLN A 29 15.04 -17.56 -94.36
CA GLN A 29 15.79 -18.79 -94.58
C GLN A 29 15.20 -19.92 -93.79
N LYS A 30 14.82 -20.98 -94.48
CA LYS A 30 14.25 -22.15 -93.83
C LYS A 30 15.18 -22.66 -92.74
N PRO A 31 14.65 -23.15 -91.63
CA PRO A 31 15.37 -23.71 -90.51
C PRO A 31 16.14 -24.92 -91.00
N THR A 32 17.25 -25.17 -90.34
CA THR A 32 18.09 -26.30 -90.78
C THR A 32 18.28 -27.28 -89.63
N ALA A 33 18.36 -26.79 -88.38
CA ALA A 33 18.78 -27.68 -87.27
C ALA A 33 18.08 -29.02 -87.26
N VAL A 34 18.91 -30.07 -87.25
CA VAL A 34 18.44 -31.48 -87.19
C VAL A 34 17.96 -31.73 -85.77
N ASN A 35 16.68 -31.46 -85.54
CA ASN A 35 16.04 -31.69 -84.23
C ASN A 35 15.68 -33.16 -84.07
N GLY A 36 16.69 -34.01 -84.14
CA GLY A 36 16.46 -35.45 -84.13
C GLY A 36 16.09 -35.94 -85.53
N CYS A 37 15.91 -37.25 -85.65
CA CYS A 37 15.53 -37.86 -86.92
C CYS A 37 14.78 -39.17 -86.70
N VAL A 38 14.09 -39.60 -87.74
CA VAL A 38 13.38 -40.87 -87.72
C VAL A 38 13.71 -41.71 -88.95
N THR A 39 13.96 -42.99 -88.75
CA THR A 39 14.23 -43.87 -89.88
C THR A 39 13.38 -45.13 -89.80
N GLY A 40 13.14 -45.74 -90.96
CA GLY A 40 12.29 -46.93 -91.04
C GLY A 40 11.78 -47.15 -92.46
N HIS A 41 10.50 -47.53 -92.55
CA HIS A 41 9.89 -47.86 -93.84
C HIS A 41 8.59 -47.08 -94.03
N PHE A 42 8.71 -45.77 -94.18
CA PHE A 42 7.58 -44.87 -94.15
C PHE A 42 6.94 -44.68 -95.52
N THR A 43 7.77 -44.56 -96.56
CA THR A 43 7.26 -44.23 -97.89
C THR A 43 6.75 -45.47 -98.60
N SER A 44 7.27 -46.63 -98.21
CA SER A 44 6.82 -47.92 -98.71
C SER A 44 7.30 -49.00 -97.77
N ALA A 45 6.76 -50.20 -97.93
CA ALA A 45 7.19 -51.33 -97.12
C ALA A 45 8.66 -51.68 -97.38
N GLU A 46 9.11 -51.48 -98.61
CA GLU A 46 10.47 -51.86 -99.02
C GLU A 46 11.50 -50.74 -98.85
N ASP A 47 11.07 -49.50 -99.01
CA ASP A 47 12.00 -48.36 -99.00
C ASP A 47 12.71 -48.19 -97.67
N LEU A 48 13.95 -47.71 -97.76
CA LEU A 48 14.69 -47.30 -96.58
C LEU A 48 14.57 -45.79 -96.41
N ASN A 49 13.89 -45.37 -95.35
CA ASN A 49 13.55 -43.96 -95.19
C ASN A 49 14.30 -43.25 -94.08
N LEU A 50 14.39 -41.93 -94.25
CA LEU A 50 14.89 -41.01 -93.23
C LEU A 50 14.09 -39.72 -93.23
N LEU A 51 13.66 -39.30 -92.05
CA LEU A 51 12.93 -38.05 -91.93
C LEU A 51 13.77 -37.06 -91.12
N ILE A 52 13.97 -35.88 -91.67
CA ILE A 52 14.78 -34.86 -91.01
C ILE A 52 13.89 -33.87 -90.29
N ALA A 53 14.14 -33.71 -88.99
CA ALA A 53 13.33 -32.82 -88.17
C ALA A 53 13.80 -31.37 -88.27
N LYS A 54 12.89 -30.48 -88.65
CA LYS A 54 13.21 -29.07 -88.74
C LYS A 54 12.20 -28.22 -87.97
N ASN A 55 12.20 -28.38 -86.65
CA ASN A 55 11.29 -27.67 -85.76
C ASN A 55 9.82 -28.02 -86.03
N THR A 56 9.22 -27.29 -86.98
CA THR A 56 7.81 -27.45 -87.30
C THR A 56 7.63 -28.20 -88.62
N ARG A 57 8.75 -28.47 -89.29
CA ARG A 57 8.72 -29.11 -90.60
C ARG A 57 9.43 -30.46 -90.62
N LEU A 58 9.07 -31.28 -91.60
CA LEU A 58 9.71 -32.56 -91.84
C LEU A 58 10.04 -32.78 -93.30
N GLU A 59 11.27 -33.20 -93.55
CA GLU A 59 11.67 -33.55 -94.90
C GLU A 59 11.88 -35.05 -95.01
N ILE A 60 11.11 -35.68 -95.89
CA ILE A 60 11.15 -37.12 -96.05
C ILE A 60 12.11 -37.48 -97.17
N TYR A 61 13.07 -38.35 -96.84
CA TYR A 61 14.07 -38.83 -97.79
C TYR A 61 14.06 -40.35 -97.91
N VAL A 62 14.53 -40.85 -99.04
CA VAL A 62 14.77 -42.27 -99.23
C VAL A 62 16.25 -42.47 -99.54
N VAL A 63 16.86 -43.49 -98.95
CA VAL A 63 18.28 -43.72 -99.20
C VAL A 63 18.49 -44.81 -100.22
N THR A 64 19.32 -44.53 -101.20
CA THR A 64 19.66 -45.47 -102.25
C THR A 64 21.17 -45.54 -102.38
N ALA A 65 21.67 -46.40 -103.26
CA ALA A 65 23.12 -46.53 -103.43
C ALA A 65 23.76 -45.21 -103.83
N GLU A 66 23.03 -44.40 -104.58
CA GLU A 66 23.50 -43.13 -105.10
C GLU A 66 23.54 -42.00 -104.07
N GLY A 67 22.97 -42.24 -102.89
CA GLY A 67 22.93 -41.20 -101.87
C GLY A 67 21.54 -41.04 -101.27
N LEU A 68 21.33 -39.96 -100.53
CA LEU A 68 20.05 -39.71 -99.89
C LEU A 68 19.22 -38.76 -100.75
N ARG A 69 18.07 -39.23 -101.21
CA ARG A 69 17.26 -38.44 -102.13
C ARG A 69 15.94 -38.03 -101.48
N PRO A 70 15.46 -36.81 -101.75
CA PRO A 70 14.23 -36.25 -101.23
C PRO A 70 13.02 -36.97 -101.80
N VAL A 71 11.98 -37.07 -100.98
CA VAL A 71 10.71 -37.63 -101.39
C VAL A 71 9.62 -36.58 -101.30
N LYS A 72 9.44 -36.02 -100.09
CA LYS A 72 8.36 -35.08 -99.83
C LYS A 72 8.67 -34.12 -98.69
N GLU A 73 8.37 -32.85 -98.89
CA GLU A 73 8.47 -31.85 -97.83
C GLU A 73 7.08 -31.54 -97.25
N VAL A 74 6.93 -31.68 -95.94
CA VAL A 74 5.66 -31.41 -95.28
C VAL A 74 5.84 -30.49 -94.08
N GLY A 75 4.74 -29.92 -93.60
CA GLY A 75 4.80 -29.10 -92.39
C GLY A 75 3.58 -29.30 -91.50
N MET A 76 3.75 -29.01 -90.22
CA MET A 76 2.68 -29.12 -89.24
C MET A 76 2.53 -27.80 -88.48
N TYR A 77 1.32 -27.44 -88.10
CA TYR A 77 1.15 -26.22 -87.33
C TYR A 77 1.52 -26.46 -85.88
N GLY A 78 2.83 -26.53 -85.62
CA GLY A 78 3.35 -26.71 -84.27
C GLY A 78 4.74 -27.32 -84.26
N LYS A 79 5.51 -26.94 -83.23
CA LYS A 79 6.82 -27.52 -82.99
C LYS A 79 6.65 -28.98 -82.60
N ILE A 80 7.52 -29.84 -83.11
CA ILE A 80 7.41 -31.27 -82.81
C ILE A 80 8.31 -31.70 -81.66
N ALA A 81 7.71 -32.38 -80.69
CA ALA A 81 8.45 -32.91 -79.55
C ALA A 81 8.75 -34.39 -79.75
N VAL A 82 7.81 -35.11 -80.34
CA VAL A 82 7.94 -36.55 -80.55
C VAL A 82 7.68 -36.92 -82.01
N MET A 83 8.55 -37.76 -82.55
CA MET A 83 8.34 -38.33 -83.87
C MET A 83 8.92 -39.74 -83.94
N GLU A 84 8.11 -40.71 -84.37
CA GLU A 84 8.56 -42.10 -84.44
C GLU A 84 7.74 -42.94 -85.43
N LEU A 85 8.35 -43.99 -85.97
CA LEU A 85 7.66 -44.91 -86.87
C LEU A 85 7.27 -46.23 -86.20
N PHE A 86 6.08 -46.73 -86.53
CA PHE A 86 5.61 -48.00 -85.94
C PHE A 86 4.71 -48.80 -86.90
N ARG A 87 4.57 -50.09 -86.62
CA ARG A 87 3.71 -50.97 -87.42
C ARG A 87 2.76 -51.79 -86.54
N PRO A 88 1.54 -51.30 -86.29
CA PRO A 88 0.58 -51.78 -85.31
C PRO A 88 -0.10 -53.08 -85.74
N LYS A 89 0.69 -54.13 -85.94
CA LYS A 89 0.18 -55.47 -86.23
C LYS A 89 -0.75 -55.52 -87.45
N GLY A 90 -0.16 -55.58 -88.64
CA GLY A 90 -0.93 -55.77 -89.86
C GLY A 90 -0.60 -54.77 -90.97
N GLU A 91 0.04 -53.66 -90.62
CA GLU A 91 0.40 -52.69 -91.64
C GLU A 91 1.66 -53.14 -92.37
N SER A 92 1.71 -52.90 -93.68
CA SER A 92 2.91 -53.20 -94.47
C SER A 92 3.90 -52.05 -94.44
N LYS A 93 3.37 -50.85 -94.23
CA LYS A 93 4.18 -49.64 -94.15
C LYS A 93 4.25 -49.19 -92.71
N ASP A 94 5.29 -48.46 -92.36
CA ASP A 94 5.33 -47.83 -91.07
C ASP A 94 4.35 -46.68 -91.02
N LEU A 95 3.75 -46.45 -89.87
CA LEU A 95 2.96 -45.25 -89.63
C LEU A 95 3.78 -44.30 -88.80
N LEU A 96 3.59 -43.00 -89.00
CA LEU A 96 4.36 -42.02 -88.27
C LEU A 96 3.53 -41.36 -87.18
N PHE A 97 4.03 -41.45 -85.95
CA PHE A 97 3.37 -40.78 -84.84
C PHE A 97 4.06 -39.47 -84.54
N ILE A 98 3.28 -38.41 -84.41
CA ILE A 98 3.83 -37.12 -84.04
C ILE A 98 3.07 -36.45 -82.91
N LEU A 99 3.83 -35.92 -81.95
CA LEU A 99 3.26 -35.10 -80.88
C LEU A 99 3.94 -33.73 -80.85
N THR A 100 3.14 -32.68 -80.89
CA THR A 100 3.67 -31.33 -80.86
C THR A 100 3.99 -30.86 -79.45
N ALA A 101 4.68 -29.74 -79.37
CA ALA A 101 5.05 -29.11 -78.10
C ALA A 101 3.82 -28.55 -77.39
N LYS A 102 2.70 -28.48 -78.11
CA LYS A 102 1.42 -28.00 -77.60
C LYS A 102 0.56 -29.19 -77.21
N TYR A 103 1.18 -30.38 -77.24
CA TYR A 103 0.58 -31.66 -76.93
C TYR A 103 -0.49 -32.12 -77.92
N ASN A 104 -0.36 -31.76 -79.19
CA ASN A 104 -1.31 -32.25 -80.17
C ASN A 104 -0.76 -33.45 -80.92
N ALA A 105 -1.34 -34.61 -80.66
CA ALA A 105 -0.87 -35.88 -81.17
C ALA A 105 -1.57 -36.24 -82.48
N CYS A 106 -0.87 -37.02 -83.32
CA CYS A 106 -1.51 -37.60 -84.50
C CYS A 106 -0.84 -38.88 -84.97
N ILE A 107 -1.61 -39.71 -85.68
CA ILE A 107 -1.09 -40.88 -86.38
C ILE A 107 -1.22 -40.69 -87.88
N LEU A 108 -0.10 -40.80 -88.57
CA LEU A 108 -0.01 -40.45 -89.98
C LEU A 108 0.35 -41.61 -90.89
N GLU A 109 -0.37 -41.70 -92.01
CA GLU A 109 -0.03 -42.67 -93.04
C GLU A 109 0.48 -42.00 -94.31
N TYR A 110 1.60 -42.50 -94.81
CA TYR A 110 2.15 -42.00 -96.07
C TYR A 110 1.32 -42.52 -97.23
N LYS A 111 0.91 -41.62 -98.13
CA LYS A 111 0.15 -42.02 -99.30
C LYS A 111 0.74 -41.45 -100.58
N GLN A 112 1.04 -42.33 -101.52
CA GLN A 112 1.58 -41.88 -102.80
C GLN A 112 0.73 -42.33 -103.98
N SER A 113 -0.07 -41.41 -104.49
CA SER A 113 -0.94 -41.66 -105.62
C SER A 113 -0.17 -41.43 -106.91
N GLY A 114 0.72 -42.35 -107.24
CA GLY A 114 1.62 -42.16 -108.36
C GLY A 114 2.61 -41.05 -108.04
N GLU A 115 2.57 -39.98 -108.81
CA GLU A 115 3.48 -38.85 -108.59
C GLU A 115 3.01 -37.96 -107.44
N SER A 116 1.76 -38.13 -107.01
CA SER A 116 1.20 -37.25 -105.98
C SER A 116 1.39 -37.80 -104.57
N ILE A 117 2.21 -37.09 -103.78
CA ILE A 117 2.56 -37.56 -102.44
C ILE A 117 2.02 -36.64 -101.36
N ASP A 118 1.35 -37.22 -100.38
CA ASP A 118 0.84 -36.47 -99.23
C ASP A 118 0.73 -37.37 -98.00
N ILE A 119 0.31 -36.79 -96.88
CA ILE A 119 0.13 -37.56 -95.65
C ILE A 119 -1.31 -37.56 -95.17
N ILE A 120 -1.83 -38.75 -94.92
CA ILE A 120 -3.21 -38.92 -94.48
C ILE A 120 -3.26 -39.13 -92.97
N THR A 121 -4.07 -38.30 -92.32
CA THR A 121 -4.21 -38.40 -90.88
C THR A 121 -5.23 -39.48 -90.54
N ARG A 122 -4.83 -40.40 -89.68
CA ARG A 122 -5.73 -41.48 -89.28
C ARG A 122 -6.29 -41.22 -87.89
N ALA A 123 -5.51 -40.53 -87.07
CA ALA A 123 -5.94 -40.19 -85.72
C ALA A 123 -5.32 -38.88 -85.30
N HIS A 124 -6.01 -38.13 -84.44
CA HIS A 124 -5.48 -36.90 -83.89
C HIS A 124 -6.21 -36.44 -82.63
N GLY A 125 -5.51 -35.70 -81.78
CA GLY A 125 -6.12 -35.10 -80.59
C GLY A 125 -5.06 -34.66 -79.56
N ASN A 126 -5.49 -33.83 -78.62
CA ASN A 126 -4.59 -33.31 -77.59
C ASN A 126 -4.38 -34.29 -76.44
N VAL A 127 -3.15 -34.39 -75.96
CA VAL A 127 -2.81 -35.30 -74.85
C VAL A 127 -2.17 -34.58 -73.66
N GLN A 128 -2.60 -33.36 -73.39
CA GLN A 128 -2.07 -32.59 -72.25
C GLN A 128 -2.88 -32.81 -70.98
N ASP A 129 -2.20 -32.82 -69.84
CA ASP A 129 -2.85 -32.85 -68.53
C ASP A 129 -3.17 -31.43 -68.05
N ARG A 130 -4.46 -31.18 -67.81
CA ARG A 130 -4.93 -29.84 -67.46
C ARG A 130 -4.36 -29.30 -66.16
N ILE A 131 -4.34 -30.13 -65.12
CA ILE A 131 -3.88 -29.67 -63.80
C ILE A 131 -2.63 -30.42 -63.37
N GLY A 132 -1.58 -29.66 -63.07
CA GLY A 132 -0.30 -30.20 -62.65
C GLY A 132 0.84 -29.42 -63.29
N ARG A 133 2.05 -29.95 -63.17
CA ARG A 133 3.21 -29.29 -63.77
C ARG A 133 4.06 -30.30 -64.54
N PRO A 134 4.52 -29.94 -65.73
CA PRO A 134 5.22 -30.76 -66.70
C PRO A 134 6.58 -31.21 -66.21
N SER A 135 7.07 -32.31 -66.76
CA SER A 135 8.38 -32.86 -66.44
C SER A 135 9.50 -31.92 -66.88
N GLU A 136 10.57 -31.88 -66.08
CA GLU A 136 11.75 -31.08 -66.38
C GLU A 136 12.52 -31.68 -67.56
N THR A 137 12.17 -32.89 -67.94
CA THR A 137 12.79 -33.58 -69.06
C THR A 137 12.17 -33.16 -70.38
N GLY A 138 11.04 -32.46 -70.30
CA GLY A 138 10.30 -32.09 -71.49
C GLY A 138 9.42 -33.25 -71.93
N ILE A 139 8.90 -33.17 -73.15
CA ILE A 139 8.00 -34.20 -73.65
C ILE A 139 8.76 -35.35 -74.29
N ILE A 140 8.72 -36.51 -73.63
CA ILE A 140 9.42 -37.69 -74.12
C ILE A 140 8.44 -38.77 -74.54
N GLY A 141 8.46 -39.15 -75.81
CA GLY A 141 7.52 -40.15 -76.30
C GLY A 141 8.20 -41.36 -76.93
N ILE A 142 7.79 -42.54 -76.48
CA ILE A 142 8.38 -43.79 -76.94
C ILE A 142 7.31 -44.82 -77.34
N ILE A 143 7.62 -45.65 -78.32
CA ILE A 143 6.66 -46.63 -78.81
C ILE A 143 7.02 -48.08 -78.51
N ASP A 144 6.04 -48.80 -78.01
CA ASP A 144 6.11 -50.23 -77.75
C ASP A 144 6.50 -50.99 -79.02
N PRO A 145 7.56 -51.83 -79.01
CA PRO A 145 8.01 -52.61 -80.16
C PRO A 145 6.92 -53.56 -80.64
N GLU A 146 5.97 -53.88 -79.76
CA GLU A 146 4.82 -54.70 -80.13
C GLU A 146 3.67 -53.81 -80.57
N CYS A 147 3.92 -52.51 -80.53
CA CYS A 147 3.01 -51.46 -80.96
C CYS A 147 1.63 -51.52 -80.33
N ARG A 148 1.55 -51.80 -79.03
CA ARG A 148 0.26 -51.77 -78.36
C ARG A 148 -0.13 -50.34 -78.04
N MET A 149 0.85 -49.55 -77.65
CA MET A 149 0.62 -48.17 -77.22
C MET A 149 1.89 -47.33 -77.32
N ILE A 150 1.70 -46.02 -77.35
CA ILE A 150 2.80 -45.10 -77.18
C ILE A 150 2.77 -44.55 -75.76
N GLY A 151 3.91 -44.62 -75.10
CA GLY A 151 4.02 -44.15 -73.72
C GLY A 151 4.80 -42.84 -73.68
N LEU A 152 4.38 -41.93 -72.81
CA LEU A 152 5.06 -40.65 -72.73
C LEU A 152 5.27 -40.15 -71.31
N ARG A 153 6.45 -39.60 -71.06
CA ARG A 153 6.72 -38.93 -69.79
C ARG A 153 6.46 -37.44 -69.96
N LEU A 154 5.33 -36.99 -69.42
CA LEU A 154 4.89 -35.62 -69.71
C LEU A 154 4.88 -34.75 -68.47
N TYR A 155 4.37 -35.29 -67.36
CA TYR A 155 4.16 -34.54 -66.13
C TYR A 155 4.85 -35.21 -64.94
N ASP A 156 5.07 -34.45 -63.88
CA ASP A 156 5.74 -34.97 -62.69
C ASP A 156 4.95 -36.13 -62.08
N GLY A 157 5.53 -37.34 -62.17
CA GLY A 157 4.87 -38.56 -61.69
C GLY A 157 3.79 -39.09 -62.64
N LEU A 158 3.68 -38.49 -63.83
CA LEU A 158 2.63 -38.87 -64.77
C LEU A 158 3.13 -39.40 -66.10
N PHE A 159 2.78 -40.66 -66.37
CA PHE A 159 3.14 -41.33 -67.61
C PHE A 159 1.88 -41.59 -68.42
N LYS A 160 1.83 -41.02 -69.61
CA LYS A 160 0.62 -41.11 -70.42
C LYS A 160 0.77 -42.18 -71.49
N VAL A 161 -0.22 -43.07 -71.58
CA VAL A 161 -0.20 -44.11 -72.59
C VAL A 161 -1.41 -44.08 -73.50
N ILE A 162 -1.16 -44.10 -74.80
CA ILE A 162 -2.20 -44.04 -75.82
C ILE A 162 -2.13 -45.25 -76.75
N PRO A 163 -3.18 -46.08 -76.81
CA PRO A 163 -3.26 -47.25 -77.67
C PRO A 163 -2.99 -46.87 -79.11
N LEU A 164 -2.11 -47.61 -79.77
CA LEU A 164 -1.82 -47.36 -81.17
C LEU A 164 -2.72 -48.20 -82.05
N ASP A 165 -4.01 -47.92 -81.92
CA ASP A 165 -5.03 -48.69 -82.60
C ASP A 165 -5.40 -48.03 -83.92
N ARG A 166 -6.33 -48.65 -84.65
CA ARG A 166 -6.83 -48.09 -85.88
C ARG A 166 -8.10 -47.31 -85.59
N ASP A 167 -8.81 -47.73 -84.54
CA ASP A 167 -10.09 -47.12 -84.21
C ASP A 167 -9.97 -46.02 -83.16
N ASN A 168 -8.76 -45.81 -82.64
CA ASN A 168 -8.56 -44.78 -81.63
C ASN A 168 -8.30 -43.44 -82.31
N LYS A 169 -9.30 -42.96 -83.03
CA LYS A 169 -9.17 -41.78 -83.86
C LYS A 169 -8.91 -40.53 -83.04
N GLU A 170 -9.51 -40.47 -81.86
CA GLU A 170 -9.35 -39.34 -80.96
C GLU A 170 -8.09 -39.44 -80.11
N LEU A 171 -7.39 -40.58 -80.23
CA LEU A 171 -6.20 -40.84 -79.43
C LEU A 171 -6.47 -40.74 -77.93
N LYS A 172 -7.49 -41.46 -77.47
CA LYS A 172 -7.81 -41.47 -76.06
C LYS A 172 -6.60 -41.91 -75.27
N ALA A 173 -6.27 -41.15 -74.23
CA ALA A 173 -5.08 -41.41 -73.43
C ALA A 173 -5.43 -41.88 -72.04
N PHE A 174 -4.56 -42.70 -71.47
CA PHE A 174 -4.71 -43.22 -70.13
C PHE A 174 -3.53 -42.79 -69.26
N ASN A 175 -3.78 -42.56 -67.97
CA ASN A 175 -2.76 -42.01 -67.07
C ASN A 175 -2.27 -43.00 -66.02
N ILE A 176 -1.01 -43.41 -66.11
CA ILE A 176 -0.42 -44.31 -65.14
C ILE A 176 0.44 -43.52 -64.16
N ARG A 177 0.18 -43.68 -62.87
CA ARG A 177 0.99 -42.99 -61.86
C ARG A 177 2.36 -43.64 -61.71
N LEU A 178 3.41 -42.83 -61.77
CA LEU A 178 4.78 -43.33 -61.73
C LEU A 178 5.45 -43.06 -60.38
N GLU A 179 6.05 -44.10 -59.81
CA GLU A 179 6.79 -43.97 -58.54
C GLU A 179 8.07 -43.18 -58.75
N GLU A 180 8.72 -43.42 -59.88
CA GLU A 180 9.94 -42.71 -60.22
C GLU A 180 9.58 -41.35 -60.79
N LEU A 181 9.31 -40.42 -59.88
CA LEU A 181 8.75 -39.12 -60.23
C LEU A 181 9.66 -38.38 -61.19
N HIS A 182 10.96 -38.56 -60.98
CA HIS A 182 11.99 -37.89 -61.76
C HIS A 182 12.85 -38.91 -62.50
N VAL A 183 12.78 -38.88 -63.84
CA VAL A 183 13.52 -39.84 -64.65
C VAL A 183 14.43 -39.10 -65.60
N ILE A 184 15.40 -39.80 -66.16
CA ILE A 184 16.31 -39.19 -67.10
C ILE A 184 16.00 -39.61 -68.54
N ASP A 185 15.87 -40.92 -68.76
CA ASP A 185 15.63 -41.45 -70.10
C ASP A 185 14.82 -42.75 -70.08
N VAL A 186 13.68 -42.74 -70.77
CA VAL A 186 12.80 -43.90 -70.84
C VAL A 186 12.72 -44.44 -72.26
N LYS A 187 12.88 -45.76 -72.42
CA LYS A 187 12.73 -46.42 -73.71
C LYS A 187 11.99 -47.76 -73.54
N PHE A 188 11.18 -48.15 -74.52
CA PHE A 188 10.56 -49.46 -74.44
C PHE A 188 11.60 -50.56 -74.61
N LEU A 189 11.47 -51.59 -73.81
CA LEU A 189 12.45 -52.67 -73.69
C LEU A 189 12.17 -53.86 -74.60
N TYR A 190 13.24 -54.56 -74.99
CA TYR A 190 13.17 -55.79 -75.77
C TYR A 190 13.47 -57.02 -74.92
N GLY A 191 13.04 -58.19 -75.39
CA GLY A 191 13.29 -59.44 -74.69
C GLY A 191 12.15 -59.79 -73.74
N CYS A 192 11.02 -59.13 -73.92
CA CYS A 192 9.85 -59.35 -73.08
C CYS A 192 8.57 -59.27 -73.91
N GLN A 193 7.65 -60.20 -73.68
CA GLN A 193 6.39 -60.23 -74.41
C GLN A 193 5.48 -59.09 -73.99
N ALA A 194 5.75 -58.54 -72.81
CA ALA A 194 4.94 -57.46 -72.26
C ALA A 194 5.49 -56.13 -72.75
N PRO A 195 4.67 -55.08 -72.80
CA PRO A 195 5.03 -53.74 -73.22
C PRO A 195 5.82 -53.04 -72.13
N THR A 196 7.02 -53.54 -71.89
CA THR A 196 7.84 -53.03 -70.81
C THR A 196 8.73 -51.88 -71.24
N ILE A 197 9.14 -51.11 -70.25
CA ILE A 197 10.03 -49.98 -70.42
C ILE A 197 11.23 -50.09 -69.52
N CYS A 198 12.40 -49.82 -70.08
CA CYS A 198 13.64 -49.77 -69.31
C CYS A 198 14.09 -48.32 -69.25
N PHE A 199 14.48 -47.87 -68.07
CA PHE A 199 14.81 -46.47 -67.95
C PHE A 199 15.86 -46.16 -66.90
N VAL A 200 16.49 -44.99 -67.08
CA VAL A 200 17.42 -44.44 -66.11
C VAL A 200 16.71 -43.35 -65.33
N TYR A 201 16.78 -43.41 -64.00
CA TYR A 201 16.08 -42.44 -63.18
C TYR A 201 16.84 -42.08 -61.93
N GLN A 202 16.42 -40.98 -61.30
CA GLN A 202 17.11 -40.45 -60.12
C GLN A 202 16.28 -40.60 -58.85
N ASP A 203 16.85 -41.25 -57.84
CA ASP A 203 16.18 -41.38 -56.55
C ASP A 203 17.26 -41.25 -55.44
N PRO A 204 16.93 -41.42 -54.15
CA PRO A 204 17.83 -41.28 -53.00
C PRO A 204 19.02 -42.25 -53.03
N GLN A 205 18.95 -43.28 -53.89
CA GLN A 205 20.02 -44.26 -53.99
C GLN A 205 21.00 -43.90 -55.10
N GLY A 206 20.80 -42.74 -55.71
CA GLY A 206 21.60 -42.30 -56.85
C GLY A 206 20.90 -42.68 -58.14
N ARG A 207 21.63 -42.77 -59.23
CA ARG A 207 20.99 -43.12 -60.48
C ARG A 207 20.95 -44.63 -60.66
N HIS A 208 19.79 -45.12 -61.06
CA HIS A 208 19.55 -46.54 -61.24
C HIS A 208 18.84 -46.84 -62.54
N VAL A 209 19.00 -48.07 -63.01
CA VAL A 209 18.23 -48.55 -64.15
C VAL A 209 17.16 -49.51 -63.68
N LYS A 210 15.94 -49.27 -64.10
CA LYS A 210 14.80 -50.09 -63.67
C LYS A 210 13.88 -50.39 -64.83
N THR A 211 13.03 -51.40 -64.66
CA THR A 211 12.04 -51.70 -65.67
C THR A 211 10.64 -51.86 -65.09
N TYR A 212 9.65 -51.71 -65.96
CA TYR A 212 8.24 -52.00 -65.61
C TYR A 212 7.40 -52.28 -66.84
N GLU A 213 6.25 -52.90 -66.61
CA GLU A 213 5.24 -53.15 -67.64
C GLU A 213 4.13 -52.11 -67.60
N VAL A 214 3.93 -51.40 -68.69
CA VAL A 214 2.89 -50.39 -68.73
C VAL A 214 1.53 -51.05 -68.93
N SER A 215 0.51 -50.56 -68.24
CA SER A 215 -0.83 -51.07 -68.45
C SER A 215 -1.82 -49.93 -68.50
N LEU A 216 -2.26 -49.60 -69.72
CA LEU A 216 -3.11 -48.44 -69.96
C LEU A 216 -4.54 -48.66 -69.49
N ARG A 217 -4.98 -49.92 -69.50
CA ARG A 217 -6.34 -50.23 -69.08
C ARG A 217 -6.45 -50.28 -67.57
N GLU A 218 -5.35 -50.66 -66.91
CA GLU A 218 -5.31 -50.73 -65.46
C GLU A 218 -4.84 -49.43 -64.85
N LYS A 219 -4.14 -48.62 -65.64
CA LYS A 219 -3.54 -47.37 -65.18
C LYS A 219 -2.53 -47.65 -64.06
N GLU A 220 -1.73 -48.70 -64.28
CA GLU A 220 -0.77 -49.17 -63.29
C GLU A 220 0.52 -49.68 -63.93
N PHE A 221 1.61 -49.68 -63.17
CA PHE A 221 2.85 -50.30 -63.63
C PHE A 221 3.09 -51.65 -62.96
N ASN A 222 3.13 -52.69 -63.77
CA ASN A 222 3.33 -54.04 -63.26
C ASN A 222 4.81 -54.40 -63.37
N LYS A 223 5.28 -55.35 -62.58
CA LYS A 223 6.66 -55.78 -62.70
C LYS A 223 6.77 -56.93 -63.68
N GLY A 224 7.88 -57.07 -64.41
CA GLY A 224 9.05 -56.18 -64.32
C GLY A 224 10.31 -56.99 -64.61
N PRO A 225 10.87 -56.84 -65.83
CA PRO A 225 12.07 -57.53 -66.32
C PRO A 225 13.23 -57.53 -65.32
N TRP A 226 13.45 -56.41 -64.63
CA TRP A 226 14.43 -56.39 -63.56
C TRP A 226 14.21 -55.24 -62.56
N LYS A 227 14.93 -55.31 -61.44
CA LYS A 227 14.81 -54.36 -60.35
C LYS A 227 15.75 -53.20 -60.54
N GLN A 228 15.53 -52.11 -59.82
CA GLN A 228 16.46 -51.00 -59.95
C GLN A 228 17.87 -51.48 -59.62
N GLU A 229 18.82 -51.13 -60.47
CA GLU A 229 20.21 -51.50 -60.26
C GLU A 229 21.12 -50.30 -60.44
N ASN A 230 22.23 -50.30 -59.69
CA ASN A 230 23.16 -49.18 -59.70
C ASN A 230 23.80 -48.97 -61.07
N VAL A 231 23.80 -47.73 -61.52
CA VAL A 231 24.48 -47.36 -62.75
C VAL A 231 25.40 -46.18 -62.49
N GLU A 232 26.27 -45.88 -63.44
CA GLU A 232 27.18 -44.76 -63.32
C GLU A 232 26.42 -43.51 -62.89
N ALA A 233 27.00 -42.73 -61.98
CA ALA A 233 26.36 -41.52 -61.47
C ALA A 233 26.00 -40.56 -62.60
N GLU A 234 26.76 -40.63 -63.69
CA GLU A 234 26.56 -39.77 -64.85
C GLU A 234 25.71 -40.46 -65.92
N ALA A 235 25.18 -41.65 -65.60
CA ALA A 235 24.37 -42.40 -66.55
C ALA A 235 23.16 -41.59 -66.95
N SER A 236 22.86 -41.59 -68.23
CA SER A 236 21.70 -40.87 -68.72
C SER A 236 20.99 -41.57 -69.85
N MET A 237 21.72 -42.40 -70.60
CA MET A 237 21.16 -43.00 -71.80
C MET A 237 20.82 -44.47 -71.60
N VAL A 238 19.66 -44.87 -72.10
CA VAL A 238 19.31 -46.29 -72.12
C VAL A 238 19.00 -46.77 -73.54
N ILE A 239 19.63 -47.87 -73.94
CA ILE A 239 19.38 -48.44 -75.24
C ILE A 239 18.64 -49.75 -75.07
N ALA A 240 17.48 -49.88 -75.70
CA ALA A 240 16.82 -51.16 -75.68
C ALA A 240 17.50 -52.08 -76.69
N VAL A 241 17.80 -53.31 -76.26
CA VAL A 241 18.54 -54.26 -77.08
C VAL A 241 17.66 -55.34 -77.68
N PRO A 242 17.55 -55.41 -79.01
CA PRO A 242 16.75 -56.36 -79.76
C PRO A 242 17.13 -57.82 -79.48
N GLU A 243 16.16 -58.69 -79.59
CA GLU A 243 16.36 -60.12 -79.47
C GLU A 243 17.28 -60.56 -80.60
N PRO A 244 18.05 -61.62 -80.40
CA PRO A 244 18.07 -62.60 -79.33
C PRO A 244 18.69 -62.13 -78.01
N PHE A 245 19.33 -60.96 -77.99
CA PHE A 245 19.97 -60.53 -76.75
C PHE A 245 18.95 -60.09 -75.72
N GLY A 246 18.10 -59.15 -76.12
CA GLY A 246 17.15 -58.56 -75.17
C GLY A 246 17.92 -57.66 -74.22
N GLY A 247 17.23 -57.12 -73.22
CA GLY A 247 17.91 -56.33 -72.19
C GLY A 247 18.17 -54.90 -72.64
N ALA A 248 19.03 -54.19 -71.90
CA ALA A 248 19.28 -52.78 -72.19
C ALA A 248 20.70 -52.34 -71.86
N ILE A 249 21.17 -51.31 -72.56
CA ILE A 249 22.51 -50.77 -72.35
C ILE A 249 22.45 -49.38 -71.75
N ILE A 250 23.17 -49.17 -70.65
CA ILE A 250 23.19 -47.88 -69.97
C ILE A 250 24.52 -47.17 -70.16
N ILE A 251 24.47 -45.92 -70.63
CA ILE A 251 25.68 -45.17 -70.93
C ILE A 251 25.78 -43.88 -70.10
N GLY A 252 26.95 -43.70 -69.46
CA GLY A 252 27.26 -42.49 -68.72
C GLY A 252 28.43 -41.74 -69.35
N GLN A 253 29.34 -41.23 -68.53
CA GLN A 253 30.48 -40.47 -69.01
C GLN A 253 31.68 -41.36 -69.25
N GLU A 254 31.97 -42.23 -68.29
CA GLU A 254 33.17 -43.05 -68.38
C GLU A 254 32.89 -44.53 -68.60
N SER A 255 31.64 -44.96 -68.46
CA SER A 255 31.37 -46.38 -68.55
C SER A 255 30.05 -46.73 -69.21
N ILE A 256 29.99 -47.96 -69.71
CA ILE A 256 28.79 -48.55 -70.27
C ILE A 256 28.48 -49.87 -69.59
N THR A 257 27.22 -50.07 -69.22
CA THR A 257 26.82 -51.34 -68.64
C THR A 257 25.66 -51.94 -69.42
N TYR A 258 25.55 -53.26 -69.36
CA TYR A 258 24.43 -53.96 -69.96
C TYR A 258 23.66 -54.73 -68.92
N HIS A 259 22.35 -54.54 -68.89
CA HIS A 259 21.52 -55.16 -67.87
C HIS A 259 20.49 -56.11 -68.47
N ASN A 260 20.35 -57.27 -67.85
CA ASN A 260 19.36 -58.26 -68.25
C ASN A 260 19.05 -59.18 -67.08
N GLY A 261 17.86 -59.04 -66.51
CA GLY A 261 17.50 -59.78 -65.31
C GLY A 261 18.36 -59.34 -64.13
N ASP A 262 18.95 -60.31 -63.43
CA ASP A 262 19.76 -60.02 -62.25
C ASP A 262 21.25 -59.90 -62.53
N LYS A 263 21.63 -59.92 -63.80
CA LYS A 263 23.04 -59.86 -64.16
C LYS A 263 23.36 -58.64 -65.01
N TYR A 264 24.62 -58.21 -64.97
CA TYR A 264 25.05 -57.15 -65.87
C TYR A 264 26.53 -57.24 -66.22
N LEU A 265 26.87 -56.64 -67.36
CA LEU A 265 28.24 -56.52 -67.83
C LEU A 265 28.67 -55.06 -67.78
N ALA A 266 29.97 -54.81 -67.70
CA ALA A 266 30.44 -53.42 -67.71
C ALA A 266 31.79 -53.24 -68.39
N ILE A 267 31.96 -52.09 -69.02
CA ILE A 267 33.22 -51.67 -69.65
C ILE A 267 33.41 -50.17 -69.47
N ALA A 268 34.66 -49.72 -69.36
CA ALA A 268 34.93 -48.28 -69.24
C ALA A 268 36.09 -47.83 -70.13
N PRO A 269 35.86 -47.65 -71.44
CA PRO A 269 36.82 -47.22 -72.45
C PRO A 269 37.23 -45.77 -72.22
N PRO A 270 38.52 -45.44 -72.34
CA PRO A 270 39.08 -44.11 -72.20
C PRO A 270 38.63 -43.21 -73.36
N ILE A 271 38.20 -43.85 -74.44
CA ILE A 271 37.78 -43.12 -75.63
C ILE A 271 36.42 -42.46 -75.46
N ILE A 272 35.57 -43.03 -74.59
CA ILE A 272 34.31 -42.38 -74.29
C ILE A 272 34.47 -41.51 -73.05
N LYS A 273 35.40 -41.88 -72.17
CA LYS A 273 35.63 -41.10 -70.96
C LYS A 273 36.01 -39.66 -71.26
N GLN A 274 36.72 -39.46 -72.37
CA GLN A 274 37.20 -38.14 -72.78
C GLN A 274 36.11 -37.23 -73.36
N SER A 275 34.92 -37.76 -73.61
CA SER A 275 33.85 -36.95 -74.20
C SER A 275 32.47 -37.40 -73.70
N THR A 276 31.47 -36.56 -73.85
CA THR A 276 30.13 -36.93 -73.39
C THR A 276 29.28 -37.47 -74.53
N ILE A 277 28.84 -38.71 -74.40
CA ILE A 277 28.02 -39.32 -75.45
C ILE A 277 26.64 -38.68 -75.43
N VAL A 278 26.19 -38.26 -76.60
CA VAL A 278 24.92 -37.54 -76.73
C VAL A 278 23.79 -38.46 -77.18
N CYS A 279 24.07 -39.32 -78.14
CA CYS A 279 23.02 -40.16 -78.69
C CYS A 279 23.53 -41.51 -79.17
N HIS A 280 22.60 -42.41 -79.47
CA HIS A 280 22.91 -43.74 -79.93
C HIS A 280 21.98 -44.21 -81.05
N ASN A 281 22.41 -45.23 -81.79
CA ASN A 281 21.55 -45.88 -82.78
C ASN A 281 21.96 -47.33 -83.07
N ARG A 282 20.96 -48.22 -83.08
CA ARG A 282 21.17 -49.63 -83.38
C ARG A 282 21.51 -49.85 -84.85
N VAL A 283 22.54 -50.66 -85.10
CA VAL A 283 22.93 -51.02 -86.46
C VAL A 283 22.57 -52.46 -86.79
N ASP A 284 23.08 -53.38 -85.98
CA ASP A 284 22.89 -54.81 -86.22
C ASP A 284 21.57 -55.27 -85.62
N PRO A 285 20.63 -55.77 -86.43
CA PRO A 285 19.26 -56.11 -86.09
C PRO A 285 19.17 -57.18 -85.00
N ASN A 286 20.30 -57.83 -84.71
CA ASN A 286 20.32 -58.86 -83.67
C ASN A 286 20.66 -58.23 -82.32
N GLY A 287 20.83 -56.91 -82.32
CA GLY A 287 21.09 -56.15 -81.10
C GLY A 287 22.55 -56.23 -80.66
N SER A 288 23.44 -56.62 -81.57
CA SER A 288 24.85 -56.78 -81.23
C SER A 288 25.71 -55.53 -81.44
N ARG A 289 25.26 -54.61 -82.28
CA ARG A 289 26.09 -53.44 -82.62
C ARG A 289 25.31 -52.14 -82.60
N TYR A 290 25.88 -51.16 -81.92
CA TYR A 290 25.28 -49.83 -81.80
C TYR A 290 26.30 -48.74 -82.10
N LEU A 291 25.83 -47.64 -82.67
CA LEU A 291 26.67 -46.46 -82.81
C LEU A 291 26.39 -45.48 -81.70
N LEU A 292 27.46 -44.97 -81.11
CA LEU A 292 27.36 -43.92 -80.10
C LEU A 292 28.11 -42.71 -80.62
N GLY A 293 27.62 -41.52 -80.30
CA GLY A 293 28.39 -40.34 -80.69
C GLY A 293 28.31 -39.22 -79.67
N ASP A 294 29.36 -38.41 -79.63
CA ASP A 294 29.46 -37.28 -78.71
C ASP A 294 29.31 -35.92 -79.40
N MET A 295 29.52 -34.86 -78.62
CA MET A 295 29.45 -33.48 -79.10
C MET A 295 30.81 -32.96 -79.58
N GLU A 296 31.83 -33.80 -79.48
CA GLU A 296 33.19 -33.41 -79.87
C GLU A 296 33.49 -33.89 -81.29
N GLY A 297 32.65 -34.79 -81.80
CA GLY A 297 32.78 -35.29 -83.15
C GLY A 297 33.30 -36.73 -83.23
N ARG A 298 33.30 -37.45 -82.12
CA ARG A 298 33.74 -38.84 -82.16
C ARG A 298 32.56 -39.79 -82.34
N LEU A 299 32.69 -40.72 -83.28
CA LEU A 299 31.69 -41.78 -83.47
C LEU A 299 32.30 -43.09 -83.00
N PHE A 300 31.54 -43.84 -82.22
CA PHE A 300 32.05 -45.06 -81.61
C PHE A 300 31.19 -46.27 -81.97
N MET A 301 31.81 -47.44 -82.03
CA MET A 301 31.05 -48.67 -82.22
C MET A 301 31.01 -49.50 -80.95
N LEU A 302 29.82 -49.72 -80.44
CA LEU A 302 29.64 -50.55 -79.27
C LEU A 302 29.27 -51.95 -79.68
N LEU A 303 30.13 -52.89 -79.36
CA LEU A 303 29.93 -54.28 -79.73
C LEU A 303 29.56 -55.13 -78.54
N LEU A 304 28.48 -55.87 -78.69
CA LEU A 304 28.06 -56.81 -77.65
C LEU A 304 28.51 -58.20 -78.03
N GLU A 305 29.44 -58.74 -77.24
CA GLU A 305 30.02 -60.04 -77.53
C GLU A 305 29.19 -61.12 -76.85
N LYS A 306 28.51 -61.93 -77.64
CA LYS A 306 27.54 -62.89 -77.12
C LYS A 306 28.20 -64.15 -76.59
N GLU A 307 27.53 -64.77 -75.63
CA GLU A 307 27.86 -66.12 -75.17
C GLU A 307 26.71 -67.03 -75.56
N GLU A 308 26.84 -68.32 -75.29
CA GLU A 308 25.75 -69.25 -75.54
C GLU A 308 25.50 -70.16 -74.35
N GLN A 309 24.24 -70.26 -73.95
CA GLN A 309 23.85 -71.07 -72.81
C GLN A 309 23.42 -72.46 -73.21
N MET A 310 23.40 -73.38 -72.24
CA MET A 310 23.04 -74.77 -72.49
C MET A 310 21.58 -74.94 -72.90
N ASP A 311 20.75 -73.97 -72.57
CA ASP A 311 19.33 -74.02 -72.92
C ASP A 311 19.05 -73.32 -74.25
N GLY A 312 20.11 -72.88 -74.92
CA GLY A 312 19.97 -72.19 -76.20
C GLY A 312 19.80 -70.69 -76.04
N THR A 313 19.78 -70.22 -74.80
CA THR A 313 19.60 -68.80 -74.52
C THR A 313 20.82 -67.99 -74.93
N VAL A 314 20.58 -66.85 -75.57
CA VAL A 314 21.65 -65.93 -75.92
C VAL A 314 21.85 -64.92 -74.80
N THR A 315 23.08 -64.81 -74.35
CA THR A 315 23.42 -63.89 -73.27
C THR A 315 24.65 -63.08 -73.65
N LEU A 316 24.95 -62.06 -72.88
CA LEU A 316 26.13 -61.25 -73.16
C LEU A 316 27.34 -61.70 -72.37
N LYS A 317 28.48 -61.78 -73.03
CA LYS A 317 29.73 -62.16 -72.38
C LYS A 317 30.49 -60.93 -71.94
N ASP A 318 30.59 -59.93 -72.81
CA ASP A 318 31.32 -58.72 -72.49
C ASP A 318 30.92 -57.54 -73.38
N LEU A 319 31.51 -56.37 -73.10
CA LEU A 319 31.25 -55.14 -73.86
C LEU A 319 32.54 -54.51 -74.36
N ARG A 320 32.58 -54.16 -75.63
CA ARG A 320 33.75 -53.47 -76.19
C ARG A 320 33.34 -52.26 -77.00
N VAL A 321 34.10 -51.17 -76.87
CA VAL A 321 33.84 -50.00 -77.69
C VAL A 321 35.04 -49.63 -78.51
N GLU A 322 34.84 -49.53 -79.81
CA GLU A 322 35.89 -49.12 -80.73
C GLU A 322 35.64 -47.68 -81.16
N LEU A 323 36.70 -46.94 -81.42
CA LEU A 323 36.52 -45.62 -82.00
C LEU A 323 36.50 -45.76 -83.50
N LEU A 324 35.38 -45.37 -84.11
CA LEU A 324 35.22 -45.53 -85.54
C LEU A 324 35.93 -44.43 -86.31
N GLY A 325 35.83 -43.21 -85.79
CA GLY A 325 36.42 -42.08 -86.47
C GLY A 325 35.70 -40.79 -86.15
N GLU A 326 35.98 -39.75 -86.94
CA GLU A 326 35.42 -38.44 -86.67
C GLU A 326 34.27 -38.09 -87.62
N THR A 327 33.24 -37.50 -87.04
CA THR A 327 32.06 -37.01 -87.74
C THR A 327 31.68 -35.63 -87.22
N SER A 328 30.64 -35.06 -87.79
CA SER A 328 30.04 -33.88 -87.21
C SER A 328 29.34 -34.30 -85.92
N ILE A 329 28.82 -33.32 -85.17
CA ILE A 329 28.22 -33.60 -83.88
C ILE A 329 27.08 -34.59 -83.98
N ALA A 330 27.12 -35.62 -83.14
CA ALA A 330 26.10 -36.64 -83.14
C ALA A 330 24.92 -36.25 -82.26
N GLU A 331 24.08 -35.33 -82.75
CA GLU A 331 22.89 -34.97 -82.02
C GLU A 331 21.90 -36.12 -82.11
N CYS A 332 21.89 -36.74 -83.27
CA CYS A 332 21.07 -37.92 -83.52
C CYS A 332 21.75 -38.82 -84.53
N LEU A 333 21.60 -40.12 -84.34
CA LEU A 333 22.13 -41.10 -85.28
C LEU A 333 21.00 -41.98 -85.79
N THR A 334 20.93 -42.11 -87.10
CA THR A 334 19.95 -42.99 -87.72
C THR A 334 20.61 -43.85 -88.78
N TYR A 335 20.92 -45.10 -88.42
CA TYR A 335 21.55 -46.01 -89.37
C TYR A 335 20.54 -46.30 -90.48
N LEU A 336 20.97 -46.16 -91.73
CA LEU A 336 20.00 -46.20 -92.83
C LEU A 336 19.99 -47.48 -93.65
N ASP A 337 21.16 -47.92 -94.10
CA ASP A 337 21.19 -49.00 -95.09
C ASP A 337 22.23 -50.08 -94.76
N ASN A 338 23.04 -50.45 -95.76
CA ASN A 338 23.95 -51.57 -95.64
C ASN A 338 25.33 -51.13 -95.17
N GLY A 339 25.44 -49.88 -94.71
CA GLY A 339 26.69 -49.37 -94.18
C GLY A 339 26.62 -47.90 -93.79
N VAL A 340 25.75 -47.14 -94.44
CA VAL A 340 25.63 -45.71 -94.17
C VAL A 340 24.74 -45.36 -92.99
N VAL A 341 25.23 -44.43 -92.18
CA VAL A 341 24.49 -43.84 -91.07
C VAL A 341 24.39 -42.34 -91.29
N PHE A 342 23.23 -41.78 -90.98
CA PHE A 342 23.09 -40.34 -91.01
C PHE A 342 23.45 -39.76 -89.66
N VAL A 343 24.38 -38.83 -89.68
CA VAL A 343 24.80 -38.14 -88.48
C VAL A 343 24.16 -36.78 -88.50
N GLY A 344 23.15 -36.58 -87.67
CA GLY A 344 22.42 -35.33 -87.69
C GLY A 344 22.94 -34.43 -86.60
N SER A 345 22.93 -33.14 -86.87
CA SER A 345 23.37 -32.16 -85.90
C SER A 345 22.51 -30.91 -85.94
N ARG A 346 22.12 -30.45 -84.76
CA ARG A 346 21.47 -29.16 -84.63
C ARG A 346 22.50 -28.16 -84.11
N LEU A 347 23.70 -28.67 -83.83
CA LEU A 347 24.79 -27.89 -83.28
C LEU A 347 25.91 -27.71 -84.30
N GLY A 348 25.64 -28.09 -85.54
CA GLY A 348 26.64 -28.11 -86.59
C GLY A 348 26.13 -28.76 -87.85
N ASP A 349 27.04 -29.13 -88.74
CA ASP A 349 26.68 -29.70 -90.03
C ASP A 349 26.30 -31.18 -89.90
N SER A 350 25.56 -31.70 -90.87
CA SER A 350 25.13 -33.09 -90.86
C SER A 350 25.78 -33.86 -92.00
N GLN A 351 25.80 -35.19 -91.91
CA GLN A 351 26.44 -35.97 -92.97
C GLN A 351 26.02 -37.44 -93.03
N LEU A 352 26.33 -38.06 -94.16
CA LEU A 352 26.19 -39.51 -94.31
C LEU A 352 27.57 -40.14 -94.38
N VAL A 353 27.82 -41.09 -93.47
CA VAL A 353 29.11 -41.77 -93.48
C VAL A 353 28.89 -43.27 -93.52
N LYS A 354 29.74 -43.97 -94.25
CA LYS A 354 29.69 -45.41 -94.30
C LYS A 354 30.57 -46.00 -93.22
N LEU A 355 30.11 -47.08 -92.60
CA LEU A 355 30.91 -47.77 -91.60
C LEU A 355 31.56 -48.99 -92.20
N ASN A 356 32.89 -48.95 -92.30
CA ASN A 356 33.63 -50.01 -92.94
C ASN A 356 34.02 -51.09 -91.94
N VAL A 357 34.68 -52.13 -92.42
CA VAL A 357 35.22 -53.18 -91.60
C VAL A 357 36.73 -53.05 -91.62
N ASP A 358 37.26 -52.72 -92.79
CA ASP A 358 38.67 -52.50 -93.00
C ASP A 358 39.01 -51.04 -92.76
N SER A 359 39.95 -50.77 -91.87
CA SER A 359 40.30 -49.41 -91.54
C SER A 359 41.04 -48.73 -92.68
N ASN A 360 40.95 -47.39 -92.71
CA ASN A 360 41.67 -46.59 -93.68
C ASN A 360 43.05 -46.19 -93.16
N GLU A 361 43.73 -45.31 -93.89
CA GLU A 361 45.09 -44.91 -93.55
C GLU A 361 45.18 -44.15 -92.23
N GLN A 362 44.04 -43.67 -91.73
CA GLN A 362 44.00 -42.96 -90.46
C GLN A 362 43.60 -43.90 -89.34
N GLY A 363 43.31 -45.15 -89.69
CA GLY A 363 42.85 -46.14 -88.74
C GLY A 363 41.35 -46.03 -88.51
N SER A 364 40.69 -45.19 -89.32
CA SER A 364 39.27 -44.93 -89.19
C SER A 364 38.42 -45.84 -90.07
N TYR A 365 37.20 -46.11 -89.60
CA TYR A 365 36.24 -46.92 -90.33
C TYR A 365 35.12 -46.06 -90.87
N VAL A 366 35.26 -44.75 -90.72
CA VAL A 366 34.22 -43.80 -91.12
C VAL A 366 34.55 -43.17 -92.46
N VAL A 367 33.71 -43.45 -93.45
CA VAL A 367 33.94 -42.94 -94.79
C VAL A 367 32.82 -42.00 -95.22
N ALA A 368 33.12 -40.71 -95.33
CA ALA A 368 32.09 -39.75 -95.69
C ALA A 368 31.60 -40.01 -97.10
N MET A 369 30.29 -39.93 -97.29
CA MET A 369 29.68 -40.09 -98.60
C MET A 369 29.08 -38.78 -99.07
N GLU A 370 28.23 -38.20 -98.22
CA GLU A 370 27.57 -36.93 -98.52
C GLU A 370 27.56 -36.04 -97.28
N THR A 371 27.55 -34.73 -97.48
CA THR A 371 27.44 -33.80 -96.36
C THR A 371 26.31 -32.80 -96.59
N PHE A 372 25.81 -32.22 -95.50
CA PHE A 372 24.75 -31.24 -95.59
C PHE A 372 25.07 -30.03 -94.71
N THR A 373 24.75 -28.82 -95.18
CA THR A 373 25.14 -27.61 -94.40
C THR A 373 23.98 -27.18 -93.49
N ASN A 374 24.29 -26.81 -92.24
CA ASN A 374 23.23 -26.31 -91.32
C ASN A 374 23.59 -24.88 -90.90
N LEU A 375 22.70 -23.92 -91.17
CA LEU A 375 23.06 -22.47 -91.10
C LEU A 375 22.90 -21.99 -89.65
N GLY A 376 23.19 -22.86 -88.67
CA GLY A 376 22.95 -22.51 -87.28
C GLY A 376 23.56 -23.54 -86.33
N PRO A 377 23.29 -23.39 -85.03
CA PRO A 377 22.53 -22.35 -84.35
C PRO A 377 23.15 -21.01 -84.64
N ILE A 378 22.34 -19.97 -84.74
CA ILE A 378 22.86 -18.65 -85.07
C ILE A 378 23.23 -17.87 -83.81
N VAL A 379 24.50 -17.52 -83.72
CA VAL A 379 25.08 -16.87 -82.56
C VAL A 379 25.08 -15.36 -82.72
N ASP A 380 25.49 -14.90 -83.91
CA ASP A 380 25.53 -13.47 -84.22
C ASP A 380 25.46 -13.24 -85.72
N MET A 381 25.08 -12.02 -86.12
CA MET A 381 24.98 -11.67 -87.55
C MET A 381 25.37 -10.22 -87.85
N CYS A 382 25.99 -10.02 -89.02
CA CYS A 382 26.24 -8.68 -89.53
C CYS A 382 26.17 -8.67 -91.05
N VAL A 383 25.70 -7.56 -91.64
CA VAL A 383 25.61 -7.49 -93.10
C VAL A 383 26.52 -6.42 -93.69
N VAL A 384 27.42 -6.84 -94.56
CA VAL A 384 28.38 -5.96 -95.21
C VAL A 384 28.43 -6.24 -96.71
N ASP A 385 28.41 -5.20 -97.53
CA ASP A 385 28.57 -5.44 -98.97
C ASP A 385 30.05 -5.49 -99.33
N LEU A 386 30.54 -6.71 -99.53
CA LEU A 386 31.95 -6.98 -99.78
C LEU A 386 32.20 -7.09 -101.28
N GLU A 387 31.13 -7.00 -102.05
CA GLU A 387 31.19 -7.16 -103.50
C GLU A 387 31.00 -5.81 -104.19
N ARG A 388 30.40 -4.87 -103.45
CA ARG A 388 30.04 -3.55 -103.94
C ARG A 388 29.06 -3.64 -105.12
N GLN A 389 28.01 -4.42 -104.91
CA GLN A 389 26.98 -4.63 -105.94
C GLN A 389 25.65 -3.98 -105.58
N GLY A 390 25.50 -3.60 -104.31
CA GLY A 390 24.21 -3.11 -103.82
C GLY A 390 23.51 -4.22 -103.06
N GLN A 391 24.13 -5.39 -103.06
CA GLN A 391 23.66 -6.57 -102.35
C GLN A 391 24.57 -6.87 -101.17
N GLY A 392 24.08 -6.66 -99.95
CA GLY A 392 24.90 -6.91 -98.78
C GLY A 392 25.01 -8.40 -98.50
N GLN A 393 26.14 -8.84 -97.96
CA GLN A 393 26.29 -10.24 -97.60
C GLN A 393 26.27 -10.40 -96.10
N LEU A 394 25.64 -11.48 -95.63
CA LEU A 394 25.53 -11.65 -94.20
C LEU A 394 26.59 -12.60 -93.70
N VAL A 395 27.42 -12.10 -92.79
CA VAL A 395 28.46 -12.92 -92.22
C VAL A 395 28.05 -13.26 -90.80
N THR A 396 27.94 -14.55 -90.52
CA THR A 396 27.38 -14.97 -89.25
C THR A 396 28.27 -15.89 -88.46
N CYS A 397 28.08 -15.85 -87.17
CA CYS A 397 28.66 -16.79 -86.23
C CYS A 397 27.66 -17.91 -86.00
N SER A 398 28.05 -19.14 -86.28
CA SER A 398 27.11 -20.25 -86.15
C SER A 398 27.79 -21.56 -85.74
N GLY A 399 26.99 -22.49 -85.26
CA GLY A 399 27.49 -23.83 -84.93
C GLY A 399 28.05 -23.86 -83.52
N ALA A 400 28.55 -25.02 -83.12
CA ALA A 400 29.12 -25.17 -81.79
C ALA A 400 30.24 -26.22 -81.77
N PHE A 401 31.11 -26.11 -80.77
CA PHE A 401 32.20 -27.04 -80.55
C PHE A 401 33.08 -27.12 -81.80
N LYS A 402 33.35 -28.34 -82.25
CA LYS A 402 34.21 -28.56 -83.40
C LYS A 402 33.55 -28.10 -84.68
N GLU A 403 32.23 -27.94 -84.62
CA GLU A 403 31.47 -27.55 -85.79
C GLU A 403 31.26 -26.04 -85.83
N GLY A 404 31.83 -25.33 -84.86
CA GLY A 404 31.68 -23.88 -84.85
C GLY A 404 32.34 -23.32 -86.10
N SER A 405 31.68 -22.33 -86.71
CA SER A 405 32.18 -21.76 -87.96
C SER A 405 31.67 -20.36 -88.23
N LEU A 406 32.30 -19.68 -89.17
CA LEU A 406 31.73 -18.47 -89.72
C LEU A 406 31.09 -18.82 -91.05
N ARG A 407 30.01 -18.14 -91.39
CA ARG A 407 29.39 -18.39 -92.68
C ARG A 407 29.07 -17.09 -93.38
N ILE A 408 29.20 -17.09 -94.70
CA ILE A 408 28.87 -15.91 -95.48
C ILE A 408 27.76 -16.23 -96.45
N ILE A 409 26.62 -15.58 -96.27
CA ILE A 409 25.46 -15.85 -97.10
C ILE A 409 25.19 -14.69 -98.04
N ARG A 410 25.21 -14.97 -99.33
CA ARG A 410 25.07 -13.93 -100.33
C ARG A 410 23.94 -14.22 -101.30
N ASN A 411 23.19 -13.16 -101.66
CA ASN A 411 21.98 -13.35 -102.49
C ASN A 411 22.29 -13.22 -103.98
N GLY A 412 22.81 -14.28 -104.59
CA GLY A 412 23.03 -14.26 -106.05
C GLY A 412 22.34 -15.45 -106.69
N ILE A 413 21.52 -15.23 -107.73
CA ILE A 413 20.93 -16.40 -108.43
C ILE A 413 22.09 -17.21 -108.99
N GLY A 414 22.34 -18.40 -108.44
CA GLY A 414 23.51 -19.18 -108.85
C GLY A 414 23.70 -19.41 -110.33
N ILE A 415 24.96 -19.34 -110.76
CA ILE A 415 25.36 -19.70 -112.11
C ILE A 415 26.01 -21.07 -112.11
N HIS A 416 25.66 -21.88 -113.09
CA HIS A 416 26.27 -23.21 -113.22
C HIS A 416 27.27 -23.21 -114.34
N GLU A 417 28.55 -23.21 -114.01
CA GLU A 417 29.62 -23.11 -115.00
C GLU A 417 30.01 -24.49 -115.53
N HIS A 418 30.05 -24.61 -116.85
CA HIS A 418 30.33 -25.87 -117.53
C HIS A 418 31.71 -25.85 -118.18
N ALA A 419 32.20 -24.66 -118.50
CA ALA A 419 33.48 -24.51 -119.20
C ALA A 419 34.05 -23.11 -119.05
N SER A 420 35.36 -22.98 -119.23
CA SER A 420 36.00 -21.66 -119.31
C SER A 420 37.30 -21.69 -120.09
N ILE A 421 37.61 -20.61 -120.81
CA ILE A 421 38.87 -20.51 -121.54
C ILE A 421 39.62 -19.20 -121.29
N ASP A 422 40.95 -19.31 -121.24
CA ASP A 422 41.81 -18.18 -120.92
C ASP A 422 42.21 -17.36 -122.15
N LEU A 423 41.25 -16.64 -122.71
CA LEU A 423 41.46 -15.84 -123.92
C LEU A 423 41.13 -14.36 -123.70
N PRO A 424 42.08 -13.56 -123.18
CA PRO A 424 41.94 -12.18 -122.75
C PRO A 424 41.87 -11.23 -123.94
N GLY A 425 41.37 -10.02 -123.70
CA GLY A 425 41.33 -8.98 -124.72
C GLY A 425 40.14 -9.13 -125.64
N ILE A 426 39.15 -9.90 -125.20
CA ILE A 426 37.96 -10.20 -126.01
C ILE A 426 37.09 -8.98 -126.14
N LYS A 427 36.56 -8.75 -127.34
CA LYS A 427 35.68 -7.62 -127.61
C LYS A 427 34.35 -8.05 -128.23
N GLY A 428 34.04 -9.33 -128.13
CA GLY A 428 32.80 -9.89 -128.66
C GLY A 428 32.90 -11.39 -128.88
N LEU A 429 31.77 -12.05 -128.97
CA LEU A 429 31.75 -13.50 -129.16
C LEU A 429 30.42 -13.98 -129.77
N TRP A 430 30.51 -14.83 -130.80
CA TRP A 430 29.30 -15.31 -131.47
C TRP A 430 29.46 -16.77 -131.94
N PRO A 431 28.58 -17.67 -131.51
CA PRO A 431 28.45 -19.04 -131.99
C PRO A 431 27.95 -19.08 -133.43
N LEU A 432 28.61 -19.88 -134.26
CA LEU A 432 28.24 -20.04 -135.66
C LEU A 432 27.90 -21.49 -136.02
N ARG A 433 26.85 -21.67 -136.80
CA ARG A 433 26.52 -22.98 -137.35
C ARG A 433 27.11 -23.08 -138.75
N SER A 434 28.27 -23.71 -138.85
CA SER A 434 29.02 -23.71 -140.11
C SER A 434 28.56 -24.84 -141.01
N ASP A 435 27.96 -25.85 -140.40
CA ASP A 435 27.42 -26.98 -141.13
C ASP A 435 25.93 -26.78 -141.36
N PRO A 436 25.50 -26.57 -142.62
CA PRO A 436 24.14 -26.22 -143.00
C PRO A 436 23.14 -27.31 -142.64
N ASN A 437 23.64 -28.51 -142.35
CA ASN A 437 22.78 -29.64 -142.04
C ASN A 437 22.79 -30.00 -140.55
N ARG A 438 23.26 -29.08 -139.70
CA ARG A 438 23.23 -29.32 -138.26
C ARG A 438 22.51 -28.21 -137.51
N GLU A 439 21.79 -28.59 -136.46
CA GLU A 439 21.03 -27.65 -135.63
C GLU A 439 21.93 -26.90 -134.65
N THR A 440 22.94 -27.58 -134.13
CA THR A 440 23.81 -27.03 -133.10
C THR A 440 24.92 -26.16 -133.70
N ASP A 441 25.57 -25.38 -132.84
CA ASP A 441 26.69 -24.55 -133.28
C ASP A 441 27.93 -25.39 -133.51
N ASP A 442 28.67 -25.06 -134.57
CA ASP A 442 29.87 -25.80 -134.92
C ASP A 442 31.12 -25.08 -134.44
N THR A 443 31.07 -23.76 -134.42
CA THR A 443 32.21 -22.97 -134.00
C THR A 443 31.80 -21.85 -133.04
N LEU A 444 32.76 -21.36 -132.27
CA LEU A 444 32.59 -20.13 -131.51
C LEU A 444 33.58 -19.08 -132.00
N VAL A 445 33.06 -17.97 -132.49
CA VAL A 445 33.91 -16.88 -132.95
C VAL A 445 34.13 -15.87 -131.86
N LEU A 446 35.39 -15.53 -131.64
CA LEU A 446 35.77 -14.55 -130.65
C LEU A 446 36.45 -13.37 -131.32
N SER A 447 36.06 -12.17 -130.93
CA SER A 447 36.71 -10.97 -131.43
C SER A 447 37.56 -10.39 -130.32
N PHE A 448 38.64 -9.74 -130.70
CA PHE A 448 39.59 -9.20 -129.74
C PHE A 448 39.99 -7.78 -130.12
N VAL A 449 40.86 -7.19 -129.30
CA VAL A 449 41.33 -5.84 -129.53
C VAL A 449 41.69 -5.55 -130.99
N GLY A 450 42.43 -6.44 -131.63
CA GLY A 450 42.85 -6.23 -133.01
C GLY A 450 42.94 -7.52 -133.80
N GLN A 451 42.19 -8.54 -133.37
CA GLN A 451 42.21 -9.84 -134.04
C GLN A 451 40.96 -10.65 -133.70
N THR A 452 40.84 -11.85 -134.27
CA THR A 452 39.76 -12.76 -133.92
C THR A 452 40.30 -14.18 -133.74
N ARG A 453 39.45 -15.06 -133.23
CA ARG A 453 39.70 -16.50 -133.16
C ARG A 453 38.41 -17.24 -133.51
N VAL A 454 38.55 -18.44 -134.07
CA VAL A 454 37.38 -19.28 -134.27
C VAL A 454 37.63 -20.69 -133.74
N LEU A 455 36.86 -21.07 -132.73
CA LEU A 455 37.03 -22.36 -132.09
C LEU A 455 36.03 -23.38 -132.57
N MET A 456 36.50 -24.49 -133.09
CA MET A 456 35.61 -25.58 -133.52
C MET A 456 35.14 -26.35 -132.29
N LEU A 457 33.87 -26.71 -132.29
CA LEU A 457 33.28 -27.38 -131.15
C LEU A 457 33.13 -28.88 -131.41
N ASN A 458 33.70 -29.68 -130.52
CA ASN A 458 33.66 -31.14 -130.63
C ASN A 458 33.09 -31.72 -129.34
N GLY A 459 31.78 -31.68 -129.22
CA GLY A 459 31.16 -31.99 -127.94
C GLY A 459 31.59 -30.95 -126.92
N GLU A 460 32.07 -31.40 -125.77
CA GLU A 460 32.52 -30.51 -124.71
C GLU A 460 33.88 -29.88 -124.99
N GLU A 461 34.67 -30.51 -125.86
CA GLU A 461 36.03 -30.04 -126.15
C GLU A 461 36.03 -29.07 -127.30
N VAL A 462 37.03 -28.18 -127.35
CA VAL A 462 37.11 -27.26 -128.47
C VAL A 462 38.52 -27.25 -129.05
N GLU A 463 38.65 -26.75 -130.28
CA GLU A 463 39.95 -26.56 -130.92
C GLU A 463 39.90 -25.35 -131.84
N GLU A 464 41.06 -24.75 -132.10
CA GLU A 464 41.10 -23.64 -133.04
C GLU A 464 41.03 -24.13 -134.48
N THR A 465 40.20 -23.47 -135.28
CA THR A 465 40.05 -23.81 -136.68
C THR A 465 40.21 -22.60 -137.59
N GLU A 466 39.91 -22.80 -138.86
CA GLU A 466 39.95 -21.71 -139.84
C GLU A 466 38.88 -21.91 -140.89
N LEU A 467 38.14 -20.86 -141.18
CA LEU A 467 37.12 -20.90 -142.21
C LEU A 467 37.59 -20.03 -143.38
N MET A 468 37.31 -20.45 -144.60
CA MET A 468 37.79 -19.72 -145.78
C MET A 468 37.28 -18.29 -145.83
N GLY A 469 36.04 -18.09 -145.39
CA GLY A 469 35.42 -16.77 -145.42
C GLY A 469 35.63 -15.96 -144.15
N PHE A 470 36.46 -16.47 -143.23
CA PHE A 470 36.63 -15.83 -141.93
C PHE A 470 37.94 -15.06 -141.80
N VAL A 471 37.85 -13.86 -141.24
CA VAL A 471 39.00 -12.99 -141.02
C VAL A 471 39.51 -13.08 -139.58
N ASP A 472 40.83 -13.27 -139.44
CA ASP A 472 41.40 -13.34 -138.10
C ASP A 472 42.55 -12.36 -137.85
N ASP A 473 42.76 -11.42 -138.78
CA ASP A 473 43.76 -10.38 -138.60
C ASP A 473 43.13 -8.98 -138.51
N GLN A 474 41.82 -8.96 -138.26
CA GLN A 474 41.07 -7.71 -138.14
C GLN A 474 40.12 -7.78 -136.95
N GLN A 475 39.80 -6.64 -136.37
CA GLN A 475 38.78 -6.61 -135.34
C GLN A 475 37.40 -6.83 -135.94
N THR A 476 36.60 -7.66 -135.27
CA THR A 476 35.26 -7.98 -135.74
C THR A 476 34.21 -7.35 -134.84
N PHE A 477 33.27 -6.65 -135.48
CA PHE A 477 32.17 -6.00 -134.78
C PHE A 477 30.99 -6.94 -134.58
N PHE A 478 30.79 -7.83 -135.54
CA PHE A 478 29.67 -8.77 -135.47
C PHE A 478 29.96 -10.01 -136.31
N CYS A 479 29.49 -11.16 -135.84
CA CYS A 479 29.60 -12.40 -136.60
C CYS A 479 28.45 -13.32 -136.23
N GLY A 480 27.96 -14.11 -137.19
CA GLY A 480 26.88 -15.04 -136.87
C GLY A 480 26.23 -15.67 -138.09
N ASN A 481 25.10 -16.33 -137.87
CA ASN A 481 24.35 -16.98 -138.94
C ASN A 481 23.31 -16.05 -139.54
N VAL A 482 23.13 -16.16 -140.85
CA VAL A 482 22.10 -15.41 -141.56
C VAL A 482 21.30 -16.31 -142.49
N ALA A 483 20.26 -15.74 -143.10
CA ALA A 483 19.32 -16.46 -143.95
C ALA A 483 19.99 -17.08 -145.16
N HIS A 484 19.34 -18.13 -145.68
CA HIS A 484 19.78 -18.86 -146.86
C HIS A 484 21.07 -19.63 -146.62
N GLN A 485 21.20 -20.22 -145.44
CA GLN A 485 22.34 -21.05 -145.10
C GLN A 485 23.67 -20.33 -145.26
N GLN A 486 23.80 -19.18 -144.61
CA GLN A 486 25.01 -18.39 -144.73
C GLN A 486 25.57 -17.95 -143.37
N LEU A 487 26.87 -17.74 -143.34
CA LEU A 487 27.58 -17.15 -142.21
C LEU A 487 27.92 -15.71 -142.56
N ILE A 488 28.03 -14.85 -141.57
CA ILE A 488 28.44 -13.49 -141.88
C ILE A 488 29.44 -12.96 -140.87
N GLN A 489 30.34 -12.12 -141.34
CA GLN A 489 31.29 -11.45 -140.46
C GLN A 489 31.47 -9.99 -140.88
N ILE A 490 31.36 -9.07 -139.93
CA ILE A 490 31.65 -7.69 -140.20
C ILE A 490 32.83 -7.21 -139.39
N THR A 491 33.86 -6.78 -140.11
CA THR A 491 35.09 -6.29 -139.53
C THR A 491 35.17 -4.81 -139.72
N SER A 492 36.22 -4.20 -139.18
CA SER A 492 36.43 -2.77 -139.40
C SER A 492 36.69 -2.48 -140.88
N ALA A 493 37.11 -3.51 -141.63
CA ALA A 493 37.43 -3.32 -143.03
C ALA A 493 36.24 -3.51 -143.97
N SER A 494 35.43 -4.55 -143.72
CA SER A 494 34.37 -4.89 -144.68
C SER A 494 33.25 -5.77 -144.11
N VAL A 495 32.17 -5.89 -144.89
CA VAL A 495 31.06 -6.80 -144.59
C VAL A 495 31.18 -8.04 -145.47
N ARG A 496 31.41 -9.20 -144.84
CA ARG A 496 31.70 -10.42 -145.58
C ARG A 496 30.60 -11.47 -145.45
N LEU A 497 29.94 -11.78 -146.57
CA LEU A 497 28.88 -12.78 -146.58
C LEU A 497 29.44 -14.11 -147.06
N VAL A 498 29.31 -15.11 -146.21
CA VAL A 498 29.94 -16.41 -146.38
C VAL A 498 28.90 -17.52 -146.47
N SER A 499 29.05 -18.43 -147.43
CA SER A 499 28.11 -19.53 -147.55
C SER A 499 28.54 -20.72 -146.69
N GLN A 500 27.58 -21.32 -145.98
CA GLN A 500 27.90 -22.41 -145.07
C GLN A 500 28.48 -23.62 -145.79
N GLU A 501 27.96 -23.93 -146.97
CA GLU A 501 28.39 -25.13 -147.67
C GLU A 501 29.91 -25.20 -147.88
N PRO A 502 30.54 -24.20 -148.54
CA PRO A 502 31.98 -24.08 -148.68
C PRO A 502 32.65 -23.42 -147.46
N LYS A 503 31.85 -22.81 -146.60
CA LYS A 503 32.37 -22.01 -145.49
C LYS A 503 33.29 -20.94 -146.06
N ALA A 504 32.86 -20.34 -147.17
CA ALA A 504 33.67 -19.39 -147.93
C ALA A 504 32.85 -18.21 -148.46
N LEU A 505 33.53 -17.12 -148.72
CA LEU A 505 32.86 -15.88 -149.10
C LEU A 505 32.16 -15.98 -150.44
N VAL A 506 30.93 -15.45 -150.48
CA VAL A 506 30.18 -15.36 -151.73
C VAL A 506 29.95 -13.91 -152.14
N SER A 507 29.97 -13.00 -151.17
CA SER A 507 29.77 -11.59 -151.46
C SER A 507 30.42 -10.71 -150.42
N GLU A 508 30.93 -9.55 -150.84
CA GLU A 508 31.55 -8.62 -149.90
C GLU A 508 31.13 -7.19 -150.22
N TRP A 509 30.78 -6.44 -149.18
CA TRP A 509 30.40 -5.04 -149.33
C TRP A 509 31.45 -4.13 -148.72
N LYS A 510 31.72 -3.03 -149.39
CA LYS A 510 32.72 -2.07 -148.91
C LYS A 510 32.11 -0.69 -148.81
N GLU A 511 32.46 0.01 -147.73
CA GLU A 511 32.00 1.36 -147.48
C GLU A 511 32.27 2.31 -148.66
N PRO A 512 31.21 2.90 -149.25
CA PRO A 512 31.25 3.87 -150.34
C PRO A 512 32.09 5.11 -150.02
N GLN A 513 32.21 5.45 -148.74
CA GLN A 513 32.98 6.61 -148.32
C GLN A 513 34.45 6.25 -148.05
N ALA A 514 34.79 4.96 -148.23
CA ALA A 514 36.13 4.46 -147.98
C ALA A 514 36.56 4.71 -146.54
N LYS A 515 35.64 4.52 -145.61
CA LYS A 515 35.92 4.69 -144.18
C LYS A 515 35.85 3.34 -143.47
N ASN A 516 36.52 3.24 -142.33
CA ASN A 516 36.50 2.01 -141.55
C ASN A 516 35.21 1.90 -140.76
N ILE A 517 34.70 0.68 -140.63
CA ILE A 517 33.45 0.43 -139.90
C ILE A 517 33.65 0.67 -138.42
N SER A 518 32.75 1.44 -137.83
CA SER A 518 32.84 1.76 -136.41
C SER A 518 31.70 1.10 -135.64
N VAL A 519 30.60 0.84 -136.35
CA VAL A 519 29.46 0.14 -135.75
C VAL A 519 28.90 -0.87 -136.73
N ALA A 520 28.51 -2.05 -136.24
CA ALA A 520 27.86 -3.02 -137.10
C ALA A 520 27.00 -3.99 -136.30
N SER A 521 25.96 -4.52 -136.97
CA SER A 521 25.14 -5.58 -136.43
C SER A 521 24.46 -6.37 -137.55
N CYS A 522 24.37 -7.69 -137.40
CA CYS A 522 23.78 -8.52 -138.43
C CYS A 522 22.52 -9.23 -137.95
N ASN A 523 21.63 -9.53 -138.89
CA ASN A 523 20.46 -10.34 -138.59
C ASN A 523 20.11 -11.22 -139.78
N SER A 524 19.07 -12.02 -139.64
CA SER A 524 18.76 -13.06 -140.62
C SER A 524 18.70 -12.55 -142.06
N SER A 525 17.93 -11.51 -142.33
CA SER A 525 17.69 -11.11 -143.72
C SER A 525 18.48 -9.88 -144.17
N GLN A 526 19.40 -9.38 -143.34
CA GLN A 526 20.12 -8.13 -143.64
C GLN A 526 21.16 -7.76 -142.59
N VAL A 527 21.96 -6.75 -142.90
CA VAL A 527 22.82 -6.14 -141.88
C VAL A 527 22.67 -4.62 -141.86
N VAL A 528 23.10 -4.01 -140.77
CA VAL A 528 23.17 -2.57 -140.69
C VAL A 528 24.58 -2.16 -140.27
N VAL A 529 25.16 -1.19 -140.98
CA VAL A 529 26.50 -0.74 -140.64
C VAL A 529 26.61 0.78 -140.63
N ALA A 530 27.62 1.29 -139.94
CA ALA A 530 27.88 2.72 -139.97
C ALA A 530 29.36 3.04 -139.84
N VAL A 531 29.73 4.17 -140.44
CA VAL A 531 31.06 4.73 -140.31
C VAL A 531 30.95 6.14 -139.75
N GLY A 532 31.08 6.26 -138.44
CA GLY A 532 30.76 7.53 -137.81
C GLY A 532 29.29 7.82 -138.04
N ARG A 533 29.03 8.92 -138.76
CA ARG A 533 27.67 9.37 -139.05
C ARG A 533 26.96 8.57 -140.15
N ALA A 534 27.71 8.10 -141.15
CA ALA A 534 27.05 7.48 -142.30
C ALA A 534 26.45 6.14 -141.93
N LEU A 535 25.24 5.87 -142.43
CA LEU A 535 24.49 4.68 -142.06
C LEU A 535 23.90 3.93 -143.26
N TYR A 536 24.15 2.62 -143.33
CA TYR A 536 23.70 1.81 -144.46
C TYR A 536 22.81 0.63 -144.09
N TYR A 537 21.87 0.32 -144.98
CA TYR A 537 21.02 -0.87 -144.91
C TYR A 537 21.33 -1.81 -146.08
N LEU A 538 21.85 -2.98 -145.76
CA LEU A 538 22.29 -3.94 -146.77
C LEU A 538 21.50 -5.24 -146.63
N GLN A 539 20.80 -5.63 -147.69
CA GLN A 539 19.96 -6.83 -147.64
C GLN A 539 20.77 -8.09 -147.92
N ILE A 540 20.45 -9.17 -147.22
CA ILE A 540 21.10 -10.45 -147.47
C ILE A 540 20.28 -11.34 -148.40
N HIS A 541 20.91 -11.72 -149.50
CA HIS A 541 20.35 -12.61 -150.50
C HIS A 541 21.20 -13.88 -150.48
N PRO A 542 20.74 -15.00 -151.05
CA PRO A 542 21.39 -16.31 -151.04
C PRO A 542 22.89 -16.23 -151.31
N GLN A 543 23.32 -15.33 -152.19
CA GLN A 543 24.75 -15.15 -152.44
C GLN A 543 25.10 -13.69 -152.73
N GLU A 544 24.44 -12.75 -152.05
CA GLU A 544 24.69 -11.33 -152.31
C GLU A 544 24.39 -10.41 -151.13
N LEU A 545 25.27 -9.41 -150.95
CA LEU A 545 24.99 -8.28 -150.07
C LEU A 545 24.55 -7.10 -150.92
N ARG A 546 23.31 -6.68 -150.76
CA ARG A 546 22.77 -5.66 -151.65
C ARG A 546 22.38 -4.40 -150.90
N GLN A 547 23.07 -3.31 -151.18
CA GLN A 547 22.72 -2.06 -150.52
C GLN A 547 21.35 -1.61 -151.00
N ILE A 548 20.45 -1.36 -150.06
CA ILE A 548 19.09 -0.96 -150.39
C ILE A 548 18.94 0.54 -150.24
N SER A 549 19.40 1.05 -149.10
CA SER A 549 19.27 2.46 -148.82
C SER A 549 20.33 2.89 -147.82
N HIS A 550 20.53 4.20 -147.72
CA HIS A 550 21.47 4.75 -146.77
C HIS A 550 21.10 6.16 -146.38
N THR A 551 21.65 6.60 -145.26
CA THR A 551 21.47 7.96 -144.78
C THR A 551 22.70 8.40 -144.01
N GLU A 552 22.58 9.53 -143.34
CA GLU A 552 23.67 10.02 -142.51
C GLU A 552 23.10 10.74 -141.29
N MET A 553 23.64 10.42 -140.13
CA MET A 553 23.19 11.01 -138.88
C MET A 553 23.89 12.34 -138.62
N GLU A 554 23.21 13.24 -137.91
CA GLU A 554 23.82 14.50 -137.52
C GLU A 554 25.07 14.26 -136.66
N HIS A 555 25.01 13.21 -135.84
CA HIS A 555 26.10 12.86 -134.94
C HIS A 555 26.47 11.41 -135.17
N GLU A 556 27.67 11.03 -134.75
CA GLU A 556 28.15 9.68 -134.97
C GLU A 556 27.23 8.64 -134.36
N VAL A 557 27.11 7.51 -135.06
CA VAL A 557 26.35 6.38 -134.57
C VAL A 557 27.15 5.69 -133.48
N ALA A 558 26.52 5.48 -132.33
CA ALA A 558 27.18 4.84 -131.19
C ALA A 558 26.89 3.34 -131.14
N CYS A 559 25.80 2.94 -131.77
CA CYS A 559 25.32 1.56 -131.71
C CYS A 559 24.19 1.32 -132.69
N LEU A 560 24.10 0.10 -133.23
CA LEU A 560 23.03 -0.27 -134.14
C LEU A 560 22.36 -1.59 -133.78
N ASP A 561 21.05 -1.66 -134.00
CA ASP A 561 20.30 -2.91 -133.89
C ASP A 561 19.10 -2.96 -134.81
N ILE A 562 19.06 -3.97 -135.68
CA ILE A 562 17.94 -4.16 -136.58
C ILE A 562 17.33 -5.55 -136.43
N THR A 563 17.39 -6.11 -135.23
CA THR A 563 16.79 -7.40 -134.93
C THR A 563 15.30 -7.38 -135.29
N PRO A 564 14.81 -8.37 -136.06
CA PRO A 564 13.44 -8.50 -136.54
C PRO A 564 12.48 -8.60 -135.37
N LEU A 565 11.34 -7.95 -135.52
CA LEU A 565 10.36 -7.85 -134.46
C LEU A 565 9.06 -8.55 -134.88
N GLY A 566 8.28 -9.00 -133.91
CA GLY A 566 7.02 -9.66 -134.21
C GLY A 566 7.24 -10.94 -135.01
N ASP A 567 6.54 -11.07 -136.13
CA ASP A 567 6.62 -12.25 -136.98
C ASP A 567 7.25 -11.98 -138.35
N SER A 568 8.04 -10.91 -138.44
CA SER A 568 8.68 -10.54 -139.69
C SER A 568 9.69 -11.59 -140.17
N ASN A 569 9.85 -11.70 -141.49
CA ASN A 569 10.71 -12.71 -142.10
C ASN A 569 12.19 -12.32 -142.08
N GLY A 570 12.72 -12.13 -140.87
CA GLY A 570 14.12 -11.85 -140.66
C GLY A 570 14.47 -10.38 -140.82
N LEU A 571 13.47 -9.56 -141.13
CA LEU A 571 13.67 -8.13 -141.36
C LEU A 571 13.02 -7.25 -140.31
N SER A 572 13.80 -6.36 -139.72
CA SER A 572 13.19 -5.37 -138.84
C SER A 572 12.64 -4.23 -139.67
N PRO A 573 11.46 -3.71 -139.35
CA PRO A 573 10.91 -2.49 -139.90
C PRO A 573 11.56 -1.29 -139.24
N LEU A 574 12.26 -1.52 -138.14
CA LEU A 574 12.84 -0.44 -137.34
C LEU A 574 14.35 -0.55 -137.22
N CYS A 575 15.01 0.61 -137.18
CA CYS A 575 16.44 0.66 -136.91
C CYS A 575 16.74 1.40 -135.62
N ALA A 576 17.39 0.72 -134.69
CA ALA A 576 17.78 1.31 -133.42
C ALA A 576 19.12 2.00 -133.55
N ILE A 577 19.16 3.31 -133.27
CA ILE A 577 20.39 4.06 -133.40
C ILE A 577 20.75 4.81 -132.13
N GLY A 578 21.96 4.58 -131.63
CA GLY A 578 22.50 5.38 -130.53
C GLY A 578 23.27 6.54 -131.13
N LEU A 579 23.29 7.70 -130.47
CA LEU A 579 24.00 8.86 -131.00
C LEU A 579 24.93 9.56 -130.02
N TRP A 580 25.98 10.14 -130.58
CA TRP A 580 26.96 10.97 -129.88
C TRP A 580 26.55 12.44 -129.72
N THR A 581 27.40 13.18 -129.00
CA THR A 581 27.32 14.64 -128.88
C THR A 581 26.08 15.16 -128.14
N ASP A 582 24.91 15.00 -128.74
CA ASP A 582 23.68 15.42 -128.10
C ASP A 582 23.26 14.38 -127.07
N ILE A 583 23.71 13.16 -127.30
CA ILE A 583 23.47 12.02 -126.42
C ILE A 583 22.02 11.60 -126.42
N SER A 584 21.70 10.70 -127.33
CA SER A 584 20.32 10.37 -127.63
C SER A 584 20.22 9.01 -128.31
N ALA A 585 19.00 8.54 -128.49
CA ALA A 585 18.73 7.36 -129.29
C ALA A 585 17.46 7.57 -130.08
N ARG A 586 17.42 7.03 -131.29
CA ARG A 586 16.24 7.19 -132.13
C ARG A 586 15.84 5.91 -132.84
N ILE A 587 14.59 5.89 -133.27
CA ILE A 587 14.05 4.81 -134.07
C ILE A 587 13.72 5.30 -135.47
N LEU A 588 14.34 4.67 -136.45
CA LEU A 588 14.04 4.99 -137.82
C LEU A 588 13.30 3.83 -138.48
N LYS A 589 12.56 4.12 -139.54
CA LYS A 589 11.99 3.07 -140.37
C LYS A 589 13.13 2.54 -141.25
N LEU A 590 13.54 1.30 -141.01
CA LEU A 590 14.80 0.79 -141.59
C LEU A 590 14.93 0.92 -143.10
N PRO A 591 13.95 0.51 -143.91
CA PRO A 591 13.98 0.56 -145.36
C PRO A 591 14.38 1.92 -145.94
N SER A 592 14.03 3.01 -145.25
CA SER A 592 14.34 4.34 -145.76
C SER A 592 15.03 5.23 -144.74
N PHE A 593 15.23 4.72 -143.53
CA PHE A 593 15.80 5.49 -142.43
C PHE A 593 14.98 6.75 -142.11
N GLU A 594 13.67 6.59 -142.10
CA GLU A 594 12.74 7.68 -141.79
C GLU A 594 12.52 7.79 -140.28
N LEU A 595 12.60 8.99 -139.73
CA LEU A 595 12.43 9.13 -138.29
C LEU A 595 11.02 8.82 -137.83
N LEU A 596 10.91 7.93 -136.86
CA LEU A 596 9.62 7.58 -136.27
C LEU A 596 9.53 8.10 -134.84
N HIS A 597 10.65 8.02 -134.12
CA HIS A 597 10.68 8.42 -132.72
C HIS A 597 12.09 8.74 -132.24
N LYS A 598 12.22 9.69 -131.31
CA LYS A 598 13.51 9.94 -130.68
C LYS A 598 13.38 10.26 -129.19
N GLU A 599 14.39 9.84 -128.41
CA GLU A 599 14.47 10.10 -126.98
C GLU A 599 15.85 10.64 -126.60
N MET A 600 15.90 11.50 -125.59
CA MET A 600 17.18 11.97 -125.07
C MET A 600 17.66 11.05 -123.95
N LEU A 601 18.96 10.77 -123.91
CA LEU A 601 19.48 9.84 -122.93
C LEU A 601 20.24 10.48 -121.77
N GLY A 602 20.89 11.62 -122.01
CA GLY A 602 21.77 12.18 -121.00
C GLY A 602 22.55 13.39 -121.48
N GLY A 603 23.60 13.73 -120.73
CA GLY A 603 24.42 14.91 -120.98
C GLY A 603 25.76 14.57 -121.62
N GLU A 604 26.71 14.16 -120.78
CA GLU A 604 28.07 13.85 -121.20
C GLU A 604 28.33 12.35 -121.35
N ILE A 605 27.28 11.54 -121.27
CA ILE A 605 27.45 10.09 -121.27
C ILE A 605 26.94 9.42 -122.54
N ILE A 606 27.80 8.65 -123.19
CA ILE A 606 27.50 7.99 -124.45
C ILE A 606 26.94 6.58 -124.26
N PRO A 607 25.87 6.20 -125.00
CA PRO A 607 25.30 4.87 -125.05
C PRO A 607 26.24 3.92 -125.75
N ARG A 608 26.30 2.67 -125.27
CA ARG A 608 27.12 1.66 -125.93
C ARG A 608 26.28 0.51 -126.49
N SER A 609 25.10 0.31 -125.93
CA SER A 609 24.28 -0.83 -126.36
C SER A 609 22.81 -0.49 -126.46
N ILE A 610 22.28 -0.58 -127.68
CA ILE A 610 20.88 -0.30 -127.96
C ILE A 610 20.23 -1.55 -128.55
N LEU A 611 19.10 -1.97 -128.01
CA LEU A 611 18.43 -3.17 -128.51
C LEU A 611 16.95 -2.99 -128.77
N MET A 612 16.46 -3.72 -129.77
CA MET A 612 15.03 -3.94 -129.96
C MET A 612 14.73 -5.42 -129.80
N THR A 613 14.28 -5.80 -128.61
CA THR A 613 14.17 -7.21 -128.27
C THR A 613 12.95 -7.50 -127.40
N THR A 614 12.89 -8.70 -126.85
CA THR A 614 11.73 -9.10 -126.07
C THR A 614 12.07 -9.60 -124.66
N PHE A 615 11.10 -9.40 -123.78
CA PHE A 615 11.07 -9.99 -122.45
C PHE A 615 9.75 -10.71 -122.34
N GLU A 616 9.75 -11.90 -121.75
CA GLU A 616 8.51 -12.67 -121.77
C GLU A 616 8.07 -12.81 -123.22
N SER A 617 6.96 -12.16 -123.57
CA SER A 617 6.42 -12.20 -124.93
C SER A 617 6.18 -10.79 -125.47
N SER A 618 6.69 -9.79 -124.75
CA SER A 618 6.47 -8.37 -125.11
C SER A 618 7.74 -7.72 -125.64
N HIS A 619 7.58 -6.69 -126.46
CA HIS A 619 8.72 -6.01 -127.05
C HIS A 619 9.12 -4.74 -126.29
N TYR A 620 10.42 -4.62 -126.05
CA TYR A 620 11.02 -3.48 -125.35
C TYR A 620 12.25 -2.96 -126.09
N LEU A 621 12.57 -1.69 -125.87
CA LEU A 621 13.84 -1.14 -126.35
C LEU A 621 14.75 -0.87 -125.18
N LEU A 622 16.03 -1.19 -125.36
CA LEU A 622 16.99 -1.03 -124.27
C LEU A 622 18.08 -0.04 -124.67
N CYS A 623 18.67 0.62 -123.67
CA CYS A 623 19.81 1.50 -123.90
C CYS A 623 20.77 1.59 -122.71
N ALA A 624 22.00 1.12 -122.92
CA ALA A 624 23.01 1.12 -121.86
C ALA A 624 24.03 2.24 -122.04
N LEU A 625 24.26 3.01 -120.96
CA LEU A 625 25.15 4.17 -121.01
C LEU A 625 26.41 4.03 -120.17
N GLY A 626 27.47 4.74 -120.60
CA GLY A 626 28.78 4.76 -119.92
C GLY A 626 28.79 5.54 -118.62
N ASP A 627 27.87 5.20 -117.73
CA ASP A 627 27.82 5.76 -116.40
C ASP A 627 27.30 4.68 -115.46
N GLY A 628 27.05 3.52 -116.04
CA GLY A 628 26.64 2.35 -115.28
C GLY A 628 25.12 2.22 -115.18
N ALA A 629 24.39 3.14 -115.81
CA ALA A 629 22.94 3.12 -115.78
C ALA A 629 22.35 2.59 -117.08
N LEU A 630 21.18 1.97 -116.96
CA LEU A 630 20.45 1.48 -118.13
C LEU A 630 19.10 2.15 -118.26
N PHE A 631 18.66 2.32 -119.51
CA PHE A 631 17.29 2.71 -119.78
C PHE A 631 16.52 1.54 -120.37
N TYR A 632 15.23 1.50 -120.07
CA TYR A 632 14.33 0.56 -120.70
C TYR A 632 13.10 1.29 -121.19
N PHE A 633 12.59 0.87 -122.35
CA PHE A 633 11.40 1.49 -122.90
C PHE A 633 10.43 0.42 -123.39
N GLY A 634 9.13 0.69 -123.31
CA GLY A 634 8.19 -0.18 -124.00
C GLY A 634 8.34 0.13 -125.48
N LEU A 635 8.24 -0.88 -126.34
CA LEU A 635 8.42 -0.63 -127.76
C LEU A 635 7.21 -1.01 -128.60
N ASN A 636 6.70 -0.03 -129.34
CA ASN A 636 5.64 -0.27 -130.30
C ASN A 636 6.29 -0.57 -131.64
N ILE A 637 6.38 -1.84 -131.98
CA ILE A 637 7.18 -2.27 -133.11
C ILE A 637 6.58 -1.86 -134.45
N GLU A 638 5.26 -1.77 -134.49
CA GLU A 638 4.55 -1.38 -135.71
C GLU A 638 4.79 0.08 -136.05
N THR A 639 4.83 0.95 -135.04
CA THR A 639 4.95 2.38 -135.28
C THR A 639 6.33 2.95 -134.94
N GLY A 640 7.14 2.19 -134.23
CA GLY A 640 8.49 2.65 -133.86
C GLY A 640 8.46 3.68 -132.75
N LEU A 641 7.48 3.55 -131.86
CA LEU A 641 7.33 4.51 -130.77
C LEU A 641 7.73 3.91 -129.43
N LEU A 642 8.22 4.76 -128.53
CA LEU A 642 8.60 4.32 -127.19
C LEU A 642 7.71 4.93 -126.13
N SER A 643 7.49 4.18 -125.05
CA SER A 643 6.68 4.70 -123.95
C SER A 643 7.05 4.10 -122.59
N ASP A 644 6.63 4.78 -121.53
CA ASP A 644 6.78 4.29 -120.16
C ASP A 644 8.21 3.88 -119.86
N ARG A 645 9.14 4.81 -120.09
CA ARG A 645 10.56 4.52 -119.93
C ARG A 645 10.96 4.38 -118.46
N LYS A 646 12.00 3.60 -118.24
CA LYS A 646 12.55 3.37 -116.91
C LYS A 646 14.04 3.66 -116.90
N LYS A 647 14.57 4.06 -115.75
CA LYS A 647 16.01 4.23 -115.60
C LYS A 647 16.49 3.58 -114.31
N VAL A 648 17.50 2.73 -114.42
CA VAL A 648 18.06 2.03 -113.28
C VAL A 648 19.59 2.08 -113.26
N THR A 649 20.18 1.89 -112.08
CA THR A 649 21.64 1.84 -111.97
C THR A 649 22.10 0.42 -111.71
N LEU A 650 23.02 -0.06 -112.54
CA LEU A 650 23.49 -1.44 -112.47
C LEU A 650 24.90 -1.55 -111.90
N GLY A 651 25.78 -0.69 -112.37
CA GLY A 651 27.20 -0.78 -112.00
C GLY A 651 27.94 0.48 -112.41
N THR A 652 29.18 0.32 -112.87
CA THR A 652 29.97 1.47 -113.30
C THR A 652 30.23 1.48 -114.80
N GLN A 653 30.12 0.31 -115.45
CA GLN A 653 30.50 0.17 -116.85
C GLN A 653 29.34 0.46 -117.79
N PRO A 654 29.64 0.84 -119.05
CA PRO A 654 28.69 1.11 -120.11
C PRO A 654 27.77 -0.05 -120.37
N THR A 655 28.26 -1.25 -120.06
CA THR A 655 27.46 -2.45 -120.12
C THR A 655 27.05 -2.81 -121.54
N VAL A 656 27.31 -4.04 -121.92
CA VAL A 656 26.80 -4.53 -123.18
C VAL A 656 25.56 -5.36 -122.91
N LEU A 657 24.45 -4.97 -123.49
CA LEU A 657 23.21 -5.69 -123.24
C LEU A 657 22.97 -6.70 -124.33
N ARG A 658 22.65 -7.93 -123.91
CA ARG A 658 22.45 -9.00 -124.87
C ARG A 658 21.24 -9.85 -124.52
N THR A 659 20.53 -10.29 -125.55
CA THR A 659 19.34 -11.11 -125.39
C THR A 659 19.67 -12.59 -125.36
N PHE A 660 18.95 -13.33 -124.54
CA PHE A 660 19.05 -14.78 -124.51
C PHE A 660 17.70 -15.39 -124.15
N ARG A 661 17.52 -16.66 -124.46
CA ARG A 661 16.32 -17.34 -124.03
C ARG A 661 16.60 -18.15 -122.77
N SER A 662 15.66 -18.13 -121.84
CA SER A 662 15.81 -18.85 -120.59
C SER A 662 15.12 -20.22 -120.64
N LEU A 663 14.32 -20.51 -119.63
CA LEU A 663 13.67 -21.80 -119.51
C LEU A 663 12.50 -21.91 -120.51
N SER A 664 11.99 -20.76 -120.94
CA SER A 664 10.89 -20.71 -121.88
C SER A 664 10.93 -19.40 -122.66
N THR A 665 10.62 -18.31 -121.97
CA THR A 665 10.56 -16.97 -122.55
C THR A 665 11.92 -16.30 -122.57
N THR A 666 11.99 -15.12 -123.21
CA THR A 666 13.29 -14.45 -123.33
C THR A 666 13.55 -13.43 -122.22
N ASN A 667 14.83 -13.08 -122.08
CA ASN A 667 15.33 -12.09 -121.13
C ASN A 667 16.63 -11.48 -121.65
N VAL A 668 17.22 -10.56 -120.89
CA VAL A 668 18.52 -10.01 -121.29
C VAL A 668 19.51 -10.09 -120.14
N PHE A 669 20.78 -9.94 -120.45
CA PHE A 669 21.82 -9.98 -119.44
C PHE A 669 22.71 -8.75 -119.50
N ALA A 670 23.02 -8.19 -118.33
CA ALA A 670 23.90 -7.03 -118.26
C ALA A 670 25.35 -7.45 -118.24
N CYS A 671 26.03 -7.23 -119.36
CA CYS A 671 27.41 -7.64 -119.46
C CYS A 671 28.29 -6.55 -118.89
N SER A 672 28.45 -6.59 -117.57
CA SER A 672 29.09 -5.49 -116.86
C SER A 672 29.86 -5.96 -115.64
N ASP A 673 30.41 -4.98 -114.93
CA ASP A 673 31.14 -5.19 -113.69
C ASP A 673 30.21 -5.68 -112.59
N ARG A 674 28.91 -5.49 -112.81
CA ARG A 674 27.87 -5.94 -111.91
C ARG A 674 26.90 -6.81 -112.73
N PRO A 675 27.23 -8.09 -112.93
CA PRO A 675 26.66 -9.02 -113.88
C PRO A 675 25.30 -9.53 -113.47
N THR A 676 24.29 -8.67 -113.58
CA THR A 676 22.93 -9.02 -113.23
C THR A 676 22.19 -9.59 -114.43
N VAL A 677 21.05 -10.21 -114.17
CA VAL A 677 20.16 -10.66 -115.23
C VAL A 677 18.84 -9.90 -115.12
N ILE A 678 18.34 -9.43 -116.26
CA ILE A 678 17.12 -8.63 -116.28
C ILE A 678 15.97 -9.39 -116.90
N TYR A 679 14.84 -9.38 -116.22
CA TYR A 679 13.66 -10.11 -116.63
C TYR A 679 12.38 -9.33 -116.34
N SER A 680 11.30 -9.72 -117.00
CA SER A 680 10.02 -9.09 -116.77
C SER A 680 9.24 -9.81 -115.66
N SER A 681 8.56 -9.02 -114.83
CA SER A 681 7.72 -9.57 -113.76
C SER A 681 6.32 -8.97 -113.82
N ASN A 682 6.01 -8.05 -112.90
CA ASN A 682 4.67 -7.48 -112.82
C ASN A 682 4.51 -6.31 -113.78
N HIS A 683 4.53 -6.62 -115.07
CA HIS A 683 4.46 -5.60 -116.12
C HIS A 683 5.56 -4.57 -115.94
N LYS A 684 6.72 -5.03 -115.50
CA LYS A 684 7.87 -4.19 -115.24
C LYS A 684 9.14 -4.97 -115.46
N LEU A 685 10.22 -4.27 -115.82
CA LEU A 685 11.50 -4.94 -115.95
C LEU A 685 12.32 -4.75 -114.70
N VAL A 686 12.67 -5.88 -114.09
CA VAL A 686 13.38 -5.91 -112.82
C VAL A 686 14.61 -6.79 -112.97
N PHE A 687 15.54 -6.70 -112.02
CA PHE A 687 16.74 -7.50 -112.14
C PHE A 687 17.30 -7.92 -110.81
N SER A 688 18.18 -8.92 -110.87
CA SER A 688 18.87 -9.44 -109.70
C SER A 688 20.26 -9.92 -110.08
N ASN A 689 21.21 -9.77 -109.17
CA ASN A 689 22.60 -10.13 -109.44
C ASN A 689 22.81 -11.62 -109.54
N VAL A 690 23.70 -12.02 -110.45
CA VAL A 690 24.10 -13.40 -110.62
C VAL A 690 25.43 -13.64 -109.91
N ASN A 691 25.61 -14.82 -109.34
CA ASN A 691 26.83 -15.14 -108.59
C ASN A 691 28.02 -15.37 -109.51
N LEU A 692 28.45 -14.27 -110.16
CA LEU A 692 29.52 -14.28 -111.14
C LEU A 692 30.38 -13.03 -110.97
N LYS A 693 31.67 -13.14 -111.26
CA LYS A 693 32.59 -12.02 -111.10
C LYS A 693 32.32 -10.86 -112.06
N GLU A 694 32.58 -11.06 -113.35
CA GLU A 694 32.44 -9.99 -114.33
C GLU A 694 32.18 -10.49 -115.74
N VAL A 695 31.35 -9.77 -116.48
CA VAL A 695 31.11 -10.04 -117.88
C VAL A 695 31.20 -8.74 -118.68
N ASN A 696 31.87 -8.76 -119.83
CA ASN A 696 31.90 -7.57 -120.66
C ASN A 696 31.08 -7.78 -121.94
N TYR A 697 30.98 -9.03 -122.39
CA TYR A 697 30.21 -9.40 -123.58
C TYR A 697 29.46 -10.72 -123.36
N MET A 698 28.30 -10.89 -124.00
CA MET A 698 27.53 -12.14 -123.90
C MET A 698 26.94 -12.62 -125.22
N CYS A 699 26.80 -13.93 -125.33
CA CYS A 699 26.01 -14.55 -126.38
C CYS A 699 25.44 -15.86 -125.85
N PRO A 700 24.23 -16.27 -126.27
CA PRO A 700 23.62 -17.54 -125.98
C PRO A 700 24.35 -18.64 -126.72
N LEU A 701 24.46 -19.82 -126.11
CA LEU A 701 25.15 -20.94 -126.74
C LEU A 701 24.29 -22.19 -126.76
N ASN A 702 24.21 -22.79 -127.94
CA ASN A 702 23.50 -24.05 -128.13
C ASN A 702 24.35 -25.00 -128.98
N SER A 703 25.34 -25.62 -128.34
CA SER A 703 26.27 -26.52 -129.00
C SER A 703 25.96 -27.96 -128.62
N ASP A 704 26.81 -28.89 -129.02
CA ASP A 704 26.56 -30.29 -128.69
C ASP A 704 27.02 -30.61 -127.26
N GLY A 705 28.10 -29.96 -126.83
CA GLY A 705 28.60 -30.13 -125.47
C GLY A 705 27.86 -29.20 -124.51
N TYR A 706 27.41 -28.06 -125.05
CA TYR A 706 26.77 -27.05 -124.24
C TYR A 706 25.45 -26.61 -124.90
N PRO A 707 24.45 -27.50 -124.96
CA PRO A 707 23.18 -27.36 -125.69
C PRO A 707 22.28 -26.27 -125.11
N ASP A 708 22.54 -25.88 -123.87
CA ASP A 708 21.73 -24.87 -123.21
C ASP A 708 22.56 -24.09 -122.19
N SER A 709 23.22 -23.04 -122.64
CA SER A 709 24.06 -22.23 -121.78
C SER A 709 24.30 -20.85 -122.39
N LEU A 710 24.85 -19.95 -121.60
CA LEU A 710 25.31 -18.68 -122.13
C LEU A 710 26.82 -18.66 -122.11
N ALA A 711 27.42 -18.00 -123.09
CA ALA A 711 28.85 -17.75 -123.03
C ALA A 711 29.07 -16.32 -122.58
N LEU A 712 29.55 -16.19 -121.36
CA LEU A 712 29.74 -14.90 -120.72
C LEU A 712 31.23 -14.58 -120.67
N ALA A 713 31.64 -13.52 -121.36
CA ALA A 713 33.07 -13.25 -121.41
C ALA A 713 33.40 -11.86 -120.91
N ASN A 714 34.54 -11.76 -120.25
CA ASN A 714 35.09 -10.47 -119.84
C ASN A 714 36.44 -10.28 -120.50
N ASN A 715 37.10 -9.17 -120.20
CA ASN A 715 38.38 -8.84 -120.82
C ASN A 715 39.52 -9.79 -120.42
N SER A 716 39.28 -10.67 -119.47
CA SER A 716 40.29 -11.62 -119.02
C SER A 716 39.97 -13.05 -119.46
N THR A 717 38.81 -13.57 -119.06
CA THR A 717 38.42 -14.95 -119.38
C THR A 717 37.00 -15.07 -119.92
N LEU A 718 36.71 -16.20 -120.57
CA LEU A 718 35.37 -16.54 -121.03
C LEU A 718 34.83 -17.73 -120.24
N THR A 719 33.59 -17.61 -119.76
CA THR A 719 32.95 -18.71 -119.04
C THR A 719 31.61 -19.11 -119.66
N ILE A 720 31.35 -20.40 -119.70
CA ILE A 720 30.11 -20.94 -120.23
C ILE A 720 29.29 -21.56 -119.12
N GLY A 721 28.03 -21.17 -119.00
CA GLY A 721 27.18 -21.71 -117.95
C GLY A 721 25.74 -21.22 -118.02
N THR A 722 24.91 -21.67 -117.10
CA THR A 722 23.49 -21.30 -117.09
C THR A 722 23.17 -20.39 -115.91
N ILE A 723 22.14 -19.56 -116.08
CA ILE A 723 21.68 -18.68 -115.02
C ILE A 723 20.38 -19.21 -114.42
N ASP A 724 20.51 -19.74 -113.21
CA ASP A 724 19.44 -20.59 -112.63
C ASP A 724 18.08 -19.96 -112.34
N GLU A 725 17.98 -19.10 -111.32
CA GLU A 725 16.67 -18.60 -110.82
C GLU A 725 16.14 -19.74 -109.92
N ILE A 726 16.96 -20.75 -109.69
CA ILE A 726 16.59 -21.87 -108.77
C ILE A 726 17.23 -21.56 -107.42
N GLN A 727 18.54 -21.78 -107.31
CA GLN A 727 19.25 -21.38 -106.06
C GLN A 727 19.36 -19.86 -106.06
N LYS A 728 19.02 -19.21 -104.95
CA LYS A 728 19.05 -17.72 -104.88
C LYS A 728 20.01 -17.30 -103.76
N LEU A 729 20.25 -18.20 -102.80
CA LEU A 729 21.21 -17.89 -101.69
C LEU A 729 22.43 -18.78 -101.82
N HIS A 730 23.63 -18.19 -101.71
CA HIS A 730 24.90 -18.98 -101.77
C HIS A 730 25.66 -18.81 -100.46
N ILE A 731 26.14 -19.91 -99.87
CA ILE A 731 26.80 -19.83 -98.53
C ILE A 731 28.25 -20.30 -98.61
N ARG A 732 29.18 -19.51 -98.06
CA ARG A 732 30.61 -19.92 -97.99
C ARG A 732 30.93 -20.16 -96.52
N THR A 733 31.51 -21.32 -96.17
CA THR A 733 31.72 -21.63 -94.73
C THR A 733 33.20 -21.78 -94.39
N VAL A 734 33.66 -21.07 -93.35
CA VAL A 734 35.08 -21.24 -92.88
C VAL A 734 34.98 -21.84 -91.48
N PRO A 735 35.62 -23.00 -91.17
CA PRO A 735 35.43 -23.66 -89.86
C PRO A 735 36.33 -23.13 -88.74
N LEU A 736 35.73 -22.49 -87.73
CA LEU A 736 36.50 -22.01 -86.55
C LEU A 736 37.03 -23.19 -85.75
N TYR A 737 36.24 -24.28 -85.63
CA TYR A 737 36.61 -25.47 -84.81
C TYR A 737 36.40 -25.14 -83.32
N GLU A 738 35.80 -23.97 -83.05
CA GLU A 738 35.52 -23.55 -81.66
C GLU A 738 34.18 -22.79 -81.68
N SER A 739 33.48 -22.73 -80.54
CA SER A 739 32.15 -22.07 -80.55
C SER A 739 32.33 -20.55 -80.72
N PRO A 740 31.66 -19.91 -81.71
CA PRO A 740 31.75 -18.46 -81.88
C PRO A 740 30.91 -17.69 -80.85
N ARG A 741 31.31 -16.45 -80.54
CA ARG A 741 30.58 -15.62 -79.54
C ARG A 741 29.98 -14.37 -80.20
N LYS A 742 30.78 -13.58 -80.92
CA LYS A 742 30.28 -12.29 -81.49
C LYS A 742 30.97 -12.00 -82.83
N ILE A 743 30.32 -11.20 -83.69
CA ILE A 743 30.95 -10.77 -84.98
C ILE A 743 30.77 -9.27 -85.17
N CYS A 744 31.78 -8.57 -85.71
CA CYS A 744 31.66 -7.12 -86.00
C CYS A 744 32.63 -6.78 -87.14
N TYR A 745 32.42 -5.65 -87.83
CA TYR A 745 33.28 -5.29 -88.99
C TYR A 745 33.85 -3.88 -88.82
N GLN A 746 35.15 -3.71 -89.09
CA GLN A 746 35.75 -2.34 -89.04
C GLN A 746 36.00 -1.87 -90.48
N GLU A 747 35.35 -0.78 -90.88
CA GLU A 747 35.53 -0.22 -92.25
C GLU A 747 36.96 0.30 -92.41
N VAL A 748 37.53 0.93 -91.38
CA VAL A 748 38.88 1.55 -91.49
C VAL A 748 39.92 0.47 -91.81
N SER A 749 39.86 -0.67 -91.11
CA SER A 749 40.84 -1.76 -91.32
C SER A 749 40.37 -2.71 -92.41
N GLN A 750 39.11 -2.57 -92.86
CA GLN A 750 38.55 -3.51 -93.87
C GLN A 750 38.71 -4.94 -93.34
N CYS A 751 38.44 -5.15 -92.06
CA CYS A 751 38.64 -6.50 -91.44
C CYS A 751 37.47 -6.85 -90.53
N PHE A 752 37.25 -8.15 -90.30
CA PHE A 752 36.12 -8.60 -89.44
C PHE A 752 36.66 -9.03 -88.07
N GLY A 753 36.01 -8.61 -87.00
CA GLY A 753 36.42 -9.03 -85.65
C GLY A 753 35.54 -10.15 -85.14
N VAL A 754 36.13 -11.26 -84.71
CA VAL A 754 35.32 -12.44 -84.27
C VAL A 754 35.71 -12.84 -82.84
N LEU A 755 34.74 -13.09 -81.97
CA LEU A 755 35.05 -13.58 -80.61
C LEU A 755 34.87 -15.10 -80.63
N SER A 756 35.89 -15.87 -80.23
CA SER A 756 35.80 -17.34 -80.33
C SER A 756 36.13 -18.00 -78.98
N SER A 757 35.31 -18.96 -78.55
CA SER A 757 35.56 -19.66 -77.26
C SER A 757 35.98 -21.11 -77.55
N ARG A 758 37.12 -21.54 -77.00
CA ARG A 758 37.63 -22.91 -77.25
C ARG A 758 37.66 -23.70 -75.94
N ILE A 759 37.10 -24.91 -75.95
CA ILE A 759 37.06 -25.77 -74.72
C ILE A 759 38.50 -26.22 -74.39
N GLU A 760 38.89 -26.17 -73.11
CA GLU A 760 40.23 -26.66 -72.70
C GLU A 760 40.05 -27.73 -71.61
N VAL A 761 40.63 -28.91 -71.81
CA VAL A 761 40.49 -30.04 -70.83
C VAL A 761 41.64 -29.97 -69.82
N GLN A 762 41.41 -30.44 -68.60
CA GLN A 762 42.46 -30.33 -67.54
C GLN A 762 43.14 -31.68 -67.36
N ASP A 763 44.47 -31.72 -67.55
CA ASP A 763 45.26 -32.96 -67.33
C ASP A 763 45.57 -33.10 -65.83
N THR A 764 46.12 -34.25 -65.42
CA THR A 764 46.52 -34.43 -64.00
C THR A 764 47.57 -33.38 -63.66
N SER A 765 48.48 -33.08 -64.59
CA SER A 765 49.50 -32.02 -64.36
C SER A 765 49.47 -31.02 -65.54
N GLY A 766 49.84 -29.77 -65.29
CA GLY A 766 49.82 -28.73 -66.34
C GLY A 766 48.47 -28.05 -66.45
N GLY A 767 47.51 -28.44 -65.61
CA GLY A 767 46.19 -27.78 -65.58
C GLY A 767 45.48 -27.82 -66.92
N THR A 768 44.94 -26.68 -67.37
CA THR A 768 44.15 -26.64 -68.64
C THR A 768 45.05 -26.83 -69.86
N THR A 769 44.58 -27.59 -70.85
CA THR A 769 45.34 -27.78 -72.12
C THR A 769 44.31 -27.78 -73.27
N ALA A 770 44.69 -27.34 -74.47
CA ALA A 770 43.68 -27.23 -75.55
C ALA A 770 43.13 -28.61 -75.89
N LEU A 771 41.80 -28.76 -75.91
CA LEU A 771 41.17 -30.07 -76.26
C LEU A 771 41.45 -30.40 -77.73
N ARG A 772 41.32 -29.41 -78.63
CA ARG A 772 41.48 -29.68 -80.08
C ARG A 772 42.10 -28.45 -80.76
N PRO A 773 42.75 -28.58 -81.94
CA PRO A 773 43.25 -27.41 -82.66
C PRO A 773 42.08 -26.50 -83.05
N SER A 774 42.26 -25.18 -82.93
CA SER A 774 41.16 -24.22 -83.22
C SER A 774 41.69 -23.08 -84.09
N ALA A 775 40.79 -22.33 -84.73
CA ALA A 775 41.22 -21.25 -85.65
C ALA A 775 42.07 -20.21 -84.90
N SER A 776 41.71 -19.92 -83.64
CA SER A 776 42.53 -18.99 -82.83
C SER A 776 43.95 -19.55 -82.65
N THR A 777 44.08 -20.84 -82.34
CA THR A 777 45.43 -21.45 -82.24
C THR A 777 46.12 -21.43 -83.61
N GLN A 778 45.38 -21.75 -84.68
CA GLN A 778 45.95 -21.76 -86.06
C GLN A 778 45.83 -20.36 -86.67
N ALA A 779 46.67 -19.41 -86.23
CA ALA A 779 46.58 -18.02 -86.73
C ALA A 779 47.96 -17.55 -87.20
N LEU A 780 48.00 -16.64 -88.18
CA LEU A 780 49.29 -16.16 -88.73
C LEU A 780 50.08 -15.47 -87.61
N SER A 781 49.41 -14.69 -86.77
CA SER A 781 50.09 -14.02 -85.62
C SER A 781 49.29 -14.27 -84.34
N SER A 782 49.98 -14.44 -83.20
CA SER A 782 49.29 -14.75 -81.92
C SER A 782 49.74 -13.78 -80.82
N SER A 783 48.80 -13.31 -80.00
CA SER A 783 49.14 -12.41 -78.85
C SER A 783 48.30 -12.83 -77.63
N VAL A 784 48.75 -12.47 -76.43
CA VAL A 784 48.01 -12.82 -75.18
C VAL A 784 47.81 -11.56 -74.34
N SER A 785 46.69 -11.49 -73.59
CA SER A 785 46.42 -10.31 -72.73
C SER A 785 47.47 -10.24 -71.61
N SER A 786 48.01 -9.06 -71.34
CA SER A 786 49.02 -8.89 -70.26
C SER A 786 48.40 -8.22 -69.03
N SER A 787 47.07 -8.04 -69.03
CA SER A 787 46.42 -7.31 -67.91
C SER A 787 46.62 -8.07 -66.59
N LYS A 788 47.03 -7.36 -65.53
CA LYS A 788 47.19 -7.98 -64.19
C LYS A 788 46.13 -7.39 -63.25
N LEU A 789 45.16 -6.67 -63.80
CA LEU A 789 44.14 -5.97 -62.97
C LEU A 789 43.35 -6.99 -62.14
N PHE A 790 42.93 -8.10 -62.75
CA PHE A 790 42.12 -9.11 -62.03
C PHE A 790 42.97 -10.34 -61.68
N SER A 791 44.27 -10.30 -61.99
CA SER A 791 45.15 -11.47 -61.75
C SER A 791 45.23 -11.77 -60.25
N SER A 792 45.30 -10.73 -59.40
CA SER A 792 45.39 -10.92 -57.93
C SER A 792 44.11 -11.59 -57.41
N SER A 793 42.95 -11.17 -57.93
CA SER A 793 41.66 -11.70 -57.41
C SER A 793 41.26 -13.00 -58.12
N THR A 794 41.97 -13.40 -59.18
CA THR A 794 41.55 -14.60 -59.96
C THR A 794 41.63 -15.85 -59.06
N ALA A 795 40.62 -16.71 -59.11
CA ALA A 795 40.64 -17.98 -58.35
C ALA A 795 40.18 -19.14 -59.24
N PRO A 796 40.95 -19.56 -60.26
CA PRO A 796 40.52 -20.63 -61.17
C PRO A 796 40.54 -22.01 -60.50
N HIS A 797 39.60 -22.89 -60.87
CA HIS A 797 39.61 -24.28 -60.32
C HIS A 797 40.54 -25.15 -61.16
N GLU A 798 41.85 -24.97 -61.02
CA GLU A 798 42.84 -25.74 -61.83
C GLU A 798 43.25 -27.01 -61.08
N THR A 799 42.69 -27.22 -59.88
CA THR A 799 43.05 -28.42 -59.06
C THR A 799 42.14 -29.60 -59.42
N SER A 800 41.17 -29.40 -60.32
CA SER A 800 40.21 -30.48 -60.64
C SER A 800 40.58 -31.13 -61.98
N PHE A 801 40.84 -32.45 -61.97
CA PHE A 801 41.17 -33.18 -63.22
C PHE A 801 39.92 -33.31 -64.09
N GLY A 802 40.06 -33.12 -65.40
CA GLY A 802 38.91 -33.29 -66.32
C GLY A 802 38.01 -32.07 -66.37
N GLU A 803 38.40 -30.99 -65.67
CA GLU A 803 37.61 -29.73 -65.71
C GLU A 803 37.71 -29.12 -67.12
N GLU A 804 36.62 -28.52 -67.60
CA GLU A 804 36.65 -27.86 -68.94
C GLU A 804 36.37 -26.36 -68.79
N VAL A 805 37.18 -25.53 -69.46
CA VAL A 805 37.00 -24.05 -69.38
C VAL A 805 37.02 -23.49 -70.81
N GLU A 806 36.41 -22.33 -71.03
CA GLU A 806 36.38 -21.71 -72.38
C GLU A 806 37.34 -20.53 -72.42
N VAL A 807 38.23 -20.49 -73.42
CA VAL A 807 39.16 -19.33 -73.57
C VAL A 807 38.63 -18.47 -74.70
N HIS A 808 38.40 -17.17 -74.45
CA HIS A 808 37.79 -16.30 -75.48
C HIS A 808 38.90 -15.55 -76.22
N ASN A 809 38.88 -15.60 -77.55
CA ASN A 809 39.98 -14.98 -78.35
C ASN A 809 39.41 -14.01 -79.38
N LEU A 810 39.94 -12.78 -79.43
CA LEU A 810 39.52 -11.82 -80.49
C LEU A 810 40.29 -12.17 -81.77
N LEU A 811 39.60 -12.30 -82.91
CA LEU A 811 40.29 -12.76 -84.15
C LEU A 811 40.26 -11.66 -85.22
N ILE A 812 41.42 -11.35 -85.80
CA ILE A 812 41.43 -10.38 -86.95
C ILE A 812 41.15 -11.23 -88.19
N ILE A 813 40.07 -10.94 -88.93
CA ILE A 813 39.68 -11.79 -90.08
C ILE A 813 39.68 -10.97 -91.37
N ASP A 814 40.31 -11.48 -92.43
CA ASP A 814 40.36 -10.74 -93.72
C ASP A 814 38.94 -10.61 -94.27
N GLN A 815 38.62 -9.46 -94.86
CA GLN A 815 37.24 -9.23 -95.38
C GLN A 815 36.93 -10.22 -96.51
N HIS A 816 37.90 -10.50 -97.39
CA HIS A 816 37.64 -11.40 -98.54
C HIS A 816 38.16 -12.82 -98.26
N THR A 817 39.41 -12.95 -97.81
CA THR A 817 40.02 -14.28 -97.56
C THR A 817 39.29 -14.98 -96.40
N PHE A 818 38.95 -14.24 -95.35
CA PHE A 818 38.24 -14.80 -94.16
C PHE A 818 39.20 -15.66 -93.33
N GLU A 819 40.50 -15.54 -93.57
CA GLU A 819 41.51 -16.27 -92.76
C GLU A 819 41.73 -15.52 -91.44
N VAL A 820 42.25 -16.19 -90.42
CA VAL A 820 42.55 -15.50 -89.13
C VAL A 820 43.95 -14.88 -89.23
N LEU A 821 44.03 -13.60 -89.58
CA LEU A 821 45.34 -12.91 -89.70
C LEU A 821 46.01 -12.84 -88.32
N HIS A 822 45.24 -12.55 -87.27
CA HIS A 822 45.82 -12.42 -85.91
C HIS A 822 44.86 -12.97 -84.86
N ALA A 823 45.37 -13.53 -83.77
CA ALA A 823 44.50 -14.00 -82.67
C ALA A 823 44.97 -13.36 -81.36
N HIS A 824 44.05 -12.77 -80.59
CA HIS A 824 44.42 -12.22 -79.26
C HIS A 824 43.78 -13.10 -78.19
N GLN A 825 44.57 -13.63 -77.25
CA GLN A 825 44.01 -14.58 -76.26
C GLN A 825 43.74 -13.85 -74.95
N PHE A 826 42.50 -13.89 -74.46
CA PHE A 826 42.16 -13.27 -73.16
C PHE A 826 42.68 -14.16 -72.02
N LEU A 827 42.81 -13.61 -70.81
CA LEU A 827 43.37 -14.37 -69.66
C LEU A 827 42.41 -15.52 -69.31
N GLN A 828 42.95 -16.59 -68.70
CA GLN A 828 42.10 -17.77 -68.36
C GLN A 828 41.01 -17.35 -67.37
N ASN A 829 39.80 -17.88 -67.53
CA ASN A 829 38.65 -17.56 -66.63
C ASN A 829 38.10 -16.17 -66.98
N GLU A 830 38.48 -15.61 -68.13
CA GLU A 830 37.92 -14.30 -68.57
C GLU A 830 37.10 -14.57 -69.84
N TYR A 831 35.84 -14.16 -69.86
CA TYR A 831 34.95 -14.48 -71.02
C TYR A 831 34.55 -13.20 -71.75
N ALA A 832 34.72 -13.18 -73.08
CA ALA A 832 34.31 -11.99 -73.88
C ALA A 832 32.88 -12.18 -74.35
N LEU A 833 31.96 -11.31 -73.92
CA LEU A 833 30.52 -11.52 -74.26
C LEU A 833 30.02 -10.49 -75.28
N SER A 834 30.72 -9.36 -75.45
CA SER A 834 30.21 -8.30 -76.35
C SER A 834 31.29 -7.78 -77.30
N LEU A 835 30.96 -7.58 -78.57
CA LEU A 835 31.93 -6.98 -79.53
C LEU A 835 31.27 -5.79 -80.26
N VAL A 836 31.88 -4.61 -80.20
CA VAL A 836 31.33 -3.42 -80.92
C VAL A 836 32.46 -2.77 -81.74
N SER A 837 32.23 -2.48 -83.02
CA SER A 837 33.26 -1.75 -83.80
C SER A 837 32.72 -0.39 -84.21
N CYS A 838 33.26 0.70 -83.63
CA CYS A 838 32.82 2.08 -84.01
C CYS A 838 33.91 3.07 -83.59
N LYS A 839 33.94 4.25 -84.22
CA LYS A 839 34.89 5.31 -83.76
C LYS A 839 34.40 5.80 -82.40
N LEU A 840 35.30 6.11 -81.47
CA LEU A 840 34.86 6.48 -80.11
C LEU A 840 35.25 7.91 -79.77
N GLY A 841 34.31 8.71 -79.25
CA GLY A 841 34.61 10.09 -78.82
C GLY A 841 35.17 10.94 -79.94
N LYS A 842 36.28 11.64 -79.68
CA LYS A 842 36.87 12.55 -80.69
C LYS A 842 37.86 11.79 -81.58
N ASP A 843 38.07 10.50 -81.32
CA ASP A 843 39.08 9.73 -82.10
C ASP A 843 38.49 9.33 -83.45
N PRO A 844 39.11 9.73 -84.59
CA PRO A 844 38.63 9.36 -85.92
C PRO A 844 38.71 7.86 -86.22
N ASN A 845 39.78 7.19 -85.79
CA ASN A 845 39.97 5.75 -86.13
C ASN A 845 38.85 4.90 -85.52
N THR A 846 38.31 3.96 -86.29
CA THR A 846 37.27 3.03 -85.76
C THR A 846 37.94 2.12 -84.72
N TYR A 847 37.26 1.87 -83.59
CA TYR A 847 37.90 1.07 -82.51
C TYR A 847 37.05 -0.16 -82.19
N PHE A 848 37.68 -1.33 -82.09
CA PHE A 848 36.94 -2.55 -81.68
C PHE A 848 36.86 -2.58 -80.15
N ILE A 849 35.65 -2.63 -79.59
CA ILE A 849 35.50 -2.59 -78.11
C ILE A 849 34.97 -3.95 -77.65
N VAL A 850 35.62 -4.56 -76.66
CA VAL A 850 35.23 -5.91 -76.19
C VAL A 850 34.76 -5.83 -74.74
N GLY A 851 33.61 -6.43 -74.42
CA GLY A 851 33.15 -6.46 -73.02
C GLY A 851 33.50 -7.82 -72.42
N THR A 852 34.29 -7.83 -71.33
CA THR A 852 34.77 -9.12 -70.76
C THR A 852 34.41 -9.20 -69.28
N ALA A 853 34.19 -10.41 -68.78
CA ALA A 853 33.83 -10.60 -67.36
C ALA A 853 34.65 -11.74 -66.75
N MET A 854 34.90 -11.70 -65.44
CA MET A 854 35.62 -12.82 -64.77
C MET A 854 34.58 -13.90 -64.44
N VAL A 855 34.79 -15.13 -64.92
CA VAL A 855 33.78 -16.21 -64.71
C VAL A 855 34.43 -17.33 -63.88
N TYR A 856 33.81 -17.73 -62.79
CA TYR A 856 34.35 -18.82 -61.92
C TYR A 856 33.24 -19.80 -61.57
N PRO A 857 33.52 -21.11 -61.39
CA PRO A 857 32.51 -22.07 -60.95
C PRO A 857 32.00 -21.67 -59.56
N GLU A 858 32.89 -21.20 -58.69
CA GLU A 858 32.50 -20.75 -57.34
C GLU A 858 31.55 -19.54 -57.42
N GLU A 859 31.76 -18.64 -58.38
CA GLU A 859 30.94 -17.39 -58.43
C GLU A 859 29.65 -17.63 -59.20
N ALA A 860 28.50 -17.70 -58.50
CA ALA A 860 27.19 -17.85 -59.18
C ALA A 860 26.90 -16.60 -60.00
N GLU A 861 27.22 -15.42 -59.45
CA GLU A 861 26.99 -14.13 -60.16
C GLU A 861 28.33 -13.42 -60.33
N PRO A 862 28.66 -12.91 -61.54
CA PRO A 862 29.97 -12.28 -61.77
C PRO A 862 30.12 -10.97 -60.99
N LYS A 863 31.24 -10.79 -60.30
CA LYS A 863 31.46 -9.55 -59.49
C LYS A 863 32.52 -8.67 -60.16
N GLN A 864 33.30 -9.24 -61.09
CA GLN A 864 34.42 -8.46 -61.70
C GLN A 864 34.29 -8.47 -63.22
N GLY A 865 34.42 -7.29 -63.86
CA GLY A 865 34.40 -7.22 -65.33
C GLY A 865 35.35 -6.14 -65.82
N ARG A 866 35.83 -6.24 -67.06
CA ARG A 866 36.69 -5.15 -67.60
C ARG A 866 36.27 -4.82 -69.04
N ILE A 867 36.47 -3.57 -69.46
CA ILE A 867 36.16 -3.19 -70.87
C ILE A 867 37.51 -3.01 -71.59
N VAL A 868 37.72 -3.73 -72.69
CA VAL A 868 39.02 -3.65 -73.41
C VAL A 868 38.77 -3.06 -74.80
N VAL A 869 39.53 -2.03 -75.17
CA VAL A 869 39.37 -1.38 -76.50
C VAL A 869 40.58 -1.76 -77.35
N PHE A 870 40.36 -2.19 -78.59
CA PHE A 870 41.47 -2.66 -79.45
C PHE A 870 41.45 -1.92 -80.79
N GLN A 871 42.64 -1.71 -81.38
CA GLN A 871 42.72 -1.04 -82.70
C GLN A 871 43.22 -2.08 -83.72
N TYR A 872 42.50 -2.23 -84.83
CA TYR A 872 42.88 -3.27 -85.83
C TYR A 872 43.85 -2.66 -86.83
N SER A 873 45.14 -3.01 -86.72
CA SER A 873 46.14 -2.53 -87.71
C SER A 873 46.94 -3.72 -88.25
N ASP A 874 46.93 -3.92 -89.57
CA ASP A 874 47.75 -5.00 -90.20
C ASP A 874 47.44 -6.34 -89.53
N GLY A 875 48.48 -7.06 -89.10
CA GLY A 875 48.31 -8.38 -88.45
C GLY A 875 48.55 -8.32 -86.95
N LYS A 876 48.47 -7.12 -86.35
CA LYS A 876 48.78 -6.98 -84.90
C LYS A 876 47.58 -6.37 -84.16
N LEU A 877 47.38 -6.75 -82.90
CA LEU A 877 46.27 -6.18 -82.09
C LEU A 877 46.88 -5.27 -81.00
N GLN A 878 46.41 -4.03 -80.91
CA GLN A 878 46.93 -3.07 -79.89
C GLN A 878 45.78 -2.64 -78.97
N THR A 879 46.00 -2.66 -77.65
CA THR A 879 44.91 -2.31 -76.70
C THR A 879 44.92 -0.80 -76.46
N VAL A 880 43.96 -0.07 -77.04
CA VAL A 880 43.89 1.42 -76.88
C VAL A 880 43.58 1.77 -75.41
N ALA A 881 42.64 1.07 -74.77
CA ALA A 881 42.23 1.46 -73.40
C ALA A 881 41.85 0.24 -72.55
N GLU A 882 42.03 0.34 -71.23
CA GLU A 882 41.58 -0.74 -70.31
C GLU A 882 40.72 -0.11 -69.22
N LYS A 883 39.53 -0.66 -68.96
CA LYS A 883 38.61 -0.04 -67.96
C LYS A 883 38.24 -1.09 -66.90
N GLU A 884 38.19 -0.70 -65.63
CA GLU A 884 37.78 -1.64 -64.54
C GLU A 884 36.32 -1.35 -64.16
N VAL A 885 35.48 -2.38 -64.18
CA VAL A 885 34.02 -2.20 -63.89
C VAL A 885 33.59 -3.26 -62.86
N LYS A 886 32.47 -3.03 -62.17
CA LYS A 886 31.96 -4.04 -61.20
C LYS A 886 30.78 -4.77 -61.85
N GLY A 887 30.80 -6.10 -61.87
CA GLY A 887 29.74 -6.86 -62.56
C GLY A 887 30.20 -7.30 -63.94
N ALA A 888 29.30 -7.80 -64.78
CA ALA A 888 29.70 -8.35 -66.10
C ALA A 888 29.21 -7.47 -67.25
N VAL A 889 30.09 -7.11 -68.19
CA VAL A 889 29.70 -6.29 -69.36
C VAL A 889 29.12 -7.22 -70.43
N TYR A 890 27.92 -7.74 -70.20
CA TYR A 890 27.32 -8.73 -71.14
C TYR A 890 27.05 -8.11 -72.50
N SER A 891 26.51 -6.89 -72.55
CA SER A 891 26.13 -6.29 -73.86
C SER A 891 26.63 -4.84 -73.96
N MET A 892 27.06 -4.42 -75.15
CA MET A 892 27.52 -3.02 -75.36
C MET A 892 26.99 -2.52 -76.70
N VAL A 893 26.73 -1.21 -76.83
CA VAL A 893 26.31 -0.62 -78.14
C VAL A 893 26.89 0.79 -78.24
N GLU A 894 27.05 1.33 -79.46
CA GLU A 894 27.49 2.74 -79.58
C GLU A 894 26.28 3.64 -79.28
N PHE A 895 26.45 4.63 -78.41
CA PHE A 895 25.34 5.58 -78.11
C PHE A 895 25.80 7.01 -78.38
N ASN A 896 25.35 7.62 -79.48
CA ASN A 896 25.69 9.03 -79.80
C ASN A 896 27.22 9.22 -79.80
N GLY A 897 27.97 8.23 -80.32
CA GLY A 897 29.44 8.35 -80.39
C GLY A 897 30.11 8.05 -79.06
N LYS A 898 29.33 7.63 -78.06
CA LYS A 898 29.87 7.30 -76.72
C LYS A 898 29.56 5.84 -76.41
N LEU A 899 30.55 5.07 -75.98
CA LEU A 899 30.31 3.62 -75.75
C LEU A 899 29.26 3.47 -74.64
N LEU A 900 28.27 2.61 -74.85
CA LEU A 900 27.26 2.35 -73.78
C LEU A 900 27.46 0.90 -73.34
N ALA A 901 27.66 0.67 -72.04
CA ALA A 901 27.96 -0.71 -71.56
C ALA A 901 26.91 -1.14 -70.54
N SER A 902 26.31 -2.32 -70.73
CA SER A 902 25.36 -2.86 -69.73
C SER A 902 26.14 -3.81 -68.82
N ILE A 903 26.33 -3.44 -67.56
CA ILE A 903 27.17 -4.27 -66.65
C ILE A 903 26.30 -4.80 -65.50
N ASN A 904 26.15 -6.13 -65.41
CA ASN A 904 25.28 -6.74 -64.37
C ASN A 904 23.88 -6.13 -64.50
N SER A 905 23.34 -5.58 -63.40
CA SER A 905 21.99 -4.96 -63.41
C SER A 905 22.08 -3.46 -63.71
N THR A 906 23.29 -2.94 -63.94
CA THR A 906 23.45 -1.47 -64.13
C THR A 906 23.90 -1.14 -65.56
N VAL A 907 23.21 -0.21 -66.23
CA VAL A 907 23.65 0.22 -67.59
C VAL A 907 24.43 1.53 -67.41
N ARG A 908 25.69 1.56 -67.82
CA ARG A 908 26.54 2.77 -67.57
C ARG A 908 27.06 3.36 -68.90
N LEU A 909 26.83 4.66 -69.12
CA LEU A 909 27.40 5.34 -70.32
C LEU A 909 28.91 5.51 -70.12
N TYR A 910 29.70 5.39 -71.19
CA TYR A 910 31.17 5.61 -71.08
C TYR A 910 31.59 6.68 -72.09
N GLU A 911 32.41 7.64 -71.66
CA GLU A 911 32.82 8.76 -72.55
C GLU A 911 34.30 8.59 -72.91
N TRP A 912 34.62 8.69 -74.20
CA TRP A 912 36.02 8.50 -74.67
C TRP A 912 36.78 9.82 -74.50
N THR A 913 37.84 9.82 -73.68
CA THR A 913 38.64 11.05 -73.43
C THR A 913 39.66 11.25 -74.54
N THR A 914 40.25 12.45 -74.62
CA THR A 914 41.34 12.71 -75.60
C THR A 914 42.55 11.87 -75.21
N GLU A 915 42.59 11.40 -73.96
CA GLU A 915 43.71 10.56 -73.46
C GLU A 915 43.40 9.09 -73.78
N LYS A 916 42.38 8.84 -74.61
CA LYS A 916 42.02 7.46 -75.03
C LYS A 916 41.63 6.59 -73.83
N GLU A 917 40.84 7.13 -72.91
CA GLU A 917 40.35 6.32 -71.75
C GLU A 917 38.83 6.46 -71.65
N LEU A 918 38.15 5.47 -71.04
CA LEU A 918 36.67 5.50 -70.93
C LEU A 918 36.28 5.86 -69.49
N ARG A 919 35.41 6.85 -69.32
CA ARG A 919 34.96 7.27 -67.96
C ARG A 919 33.43 7.19 -67.89
N THR A 920 32.89 6.64 -66.79
CA THR A 920 31.42 6.50 -66.66
C THR A 920 30.77 7.88 -66.63
N GLU A 921 29.70 8.08 -67.41
CA GLU A 921 28.98 9.39 -67.40
C GLU A 921 27.74 9.28 -66.51
N CYS A 922 26.94 8.22 -66.69
CA CYS A 922 25.73 8.01 -65.84
C CYS A 922 25.49 6.50 -65.71
N ASN A 923 24.85 6.07 -64.63
CA ASN A 923 24.52 4.63 -64.44
C ASN A 923 23.04 4.46 -64.12
N HIS A 924 22.34 3.55 -64.81
CA HIS A 924 20.92 3.25 -64.48
C HIS A 924 20.83 1.82 -63.97
N TYR A 925 20.42 1.63 -62.71
CA TYR A 925 20.40 0.27 -62.12
C TYR A 925 18.96 -0.21 -61.88
N ASN A 926 17.95 0.49 -62.42
CA ASN A 926 16.55 0.12 -62.10
C ASN A 926 16.09 -1.01 -63.03
N ASN A 927 16.81 -2.14 -63.03
CA ASN A 927 16.39 -3.33 -63.82
C ASN A 927 16.99 -4.56 -63.12
N ILE A 928 16.29 -5.70 -63.17
CA ILE A 928 16.79 -6.91 -62.45
C ILE A 928 18.11 -7.35 -63.08
N MET A 929 18.18 -7.36 -64.41
CA MET A 929 19.46 -7.69 -65.12
C MET A 929 19.50 -6.92 -66.44
N ALA A 930 20.67 -6.43 -66.85
CA ALA A 930 20.79 -5.77 -68.17
C ALA A 930 21.14 -6.84 -69.21
N LEU A 931 20.16 -7.64 -69.64
CA LEU A 931 20.44 -8.76 -70.57
C LEU A 931 20.98 -8.25 -71.91
N TYR A 932 20.36 -7.22 -72.49
CA TYR A 932 20.79 -6.76 -73.85
C TYR A 932 20.76 -5.24 -73.94
N LEU A 933 21.52 -4.68 -74.88
CA LEU A 933 21.50 -3.21 -75.10
C LEU A 933 21.14 -2.92 -76.55
N LYS A 934 20.10 -2.11 -76.78
CA LYS A 934 19.73 -1.68 -78.16
C LYS A 934 19.57 -0.17 -78.14
N THR A 935 20.21 0.56 -79.07
CA THR A 935 20.14 2.05 -78.98
C THR A 935 19.62 2.67 -80.29
N LYS A 936 18.55 3.45 -80.21
CA LYS A 936 18.08 4.19 -81.41
C LYS A 936 17.91 5.66 -80.99
N GLY A 937 18.58 6.59 -81.67
CA GLY A 937 18.53 8.00 -81.23
C GLY A 937 19.00 8.13 -79.79
N ASP A 938 18.23 8.82 -78.94
CA ASP A 938 18.58 8.93 -77.50
C ASP A 938 17.86 7.83 -76.70
N PHE A 939 17.03 7.03 -77.38
CA PHE A 939 16.24 5.97 -76.69
C PHE A 939 17.08 4.70 -76.52
N ILE A 940 17.08 4.12 -75.32
CA ILE A 940 17.87 2.87 -75.05
C ILE A 940 16.90 1.76 -74.64
N LEU A 941 17.04 0.57 -75.22
CA LEU A 941 16.18 -0.58 -74.85
C LEU A 941 17.01 -1.62 -74.09
N VAL A 942 16.55 -2.04 -72.92
CA VAL A 942 17.33 -3.01 -72.09
C VAL A 942 16.54 -4.31 -71.94
N GLY A 943 17.14 -5.44 -72.31
CA GLY A 943 16.47 -6.75 -72.11
C GLY A 943 16.51 -7.16 -70.65
N ASP A 944 15.48 -7.86 -70.17
CA ASP A 944 15.47 -8.37 -68.77
C ASP A 944 14.78 -9.73 -68.72
N LEU A 945 15.24 -10.62 -67.82
CA LEU A 945 14.58 -11.94 -67.65
C LEU A 945 13.14 -11.76 -67.13
N MET A 946 12.94 -10.88 -66.15
CA MET A 946 11.59 -10.75 -65.54
C MET A 946 11.01 -9.34 -65.73
N ARG A 947 11.82 -8.37 -66.16
CA ARG A 947 11.28 -7.01 -66.43
C ARG A 947 11.04 -6.85 -67.94
N SER A 948 11.33 -7.89 -68.72
CA SER A 948 11.09 -7.85 -70.20
C SER A 948 11.83 -6.67 -70.84
N VAL A 949 11.12 -5.85 -71.62
CA VAL A 949 11.79 -4.73 -72.34
C VAL A 949 11.65 -3.45 -71.50
N LEU A 950 12.77 -2.75 -71.27
CA LEU A 950 12.74 -1.48 -70.48
C LEU A 950 13.25 -0.34 -71.37
N LEU A 951 12.52 0.78 -71.40
CA LEU A 951 12.94 1.93 -72.24
C LEU A 951 13.47 3.06 -71.35
N LEU A 952 14.71 3.50 -71.59
CA LEU A 952 15.27 4.65 -70.84
C LEU A 952 15.85 5.64 -71.87
N ALA A 953 15.58 6.93 -71.72
CA ALA A 953 16.16 7.94 -72.64
C ALA A 953 17.15 8.82 -71.87
N TYR A 954 18.40 8.90 -72.34
CA TYR A 954 19.41 9.76 -71.69
C TYR A 954 19.06 11.22 -71.95
N LYS A 955 19.23 12.09 -70.94
CA LYS A 955 18.99 13.54 -71.16
C LYS A 955 20.34 14.26 -71.07
N PRO A 956 20.78 15.00 -72.12
CA PRO A 956 22.10 15.64 -72.12
C PRO A 956 22.26 16.70 -71.02
N MET A 957 21.24 17.55 -70.83
CA MET A 957 21.31 18.62 -69.79
C MET A 957 21.40 17.98 -68.41
N GLU A 958 20.59 16.95 -68.16
CA GLU A 958 20.63 16.23 -66.86
C GLU A 958 21.99 15.53 -66.71
N GLY A 959 22.48 14.92 -67.80
CA GLY A 959 23.75 14.16 -67.72
C GLY A 959 23.50 12.79 -67.10
N ASN A 960 22.23 12.41 -66.93
CA ASN A 960 21.89 11.12 -66.29
C ASN A 960 20.81 10.39 -67.08
N PHE A 961 20.80 9.05 -67.02
CA PHE A 961 19.76 8.26 -67.72
C PHE A 961 18.41 8.47 -67.05
N GLU A 962 17.32 8.57 -67.85
CA GLU A 962 15.97 8.69 -67.27
C GLU A 962 15.09 7.57 -67.83
N GLU A 963 14.44 6.79 -66.96
CA GLU A 963 13.63 5.63 -67.44
C GLU A 963 12.25 6.13 -67.85
N ILE A 964 11.84 5.84 -69.10
CA ILE A 964 10.54 6.35 -69.61
C ILE A 964 9.46 5.27 -69.45
N ALA A 965 9.77 4.02 -69.80
CA ALA A 965 8.73 2.96 -69.77
C ALA A 965 9.33 1.59 -69.47
N ARG A 966 8.51 0.64 -69.01
CA ARG A 966 8.97 -0.75 -68.75
C ARG A 966 7.83 -1.70 -69.14
N ASP A 967 8.12 -2.97 -69.41
CA ASP A 967 7.03 -3.94 -69.71
C ASP A 967 6.67 -4.67 -68.42
N PHE A 968 5.41 -4.57 -67.98
CA PHE A 968 4.96 -5.23 -66.73
C PHE A 968 5.06 -6.75 -66.87
N ASN A 969 4.71 -7.28 -68.05
CA ASN A 969 4.74 -8.75 -68.26
C ASN A 969 6.16 -9.27 -68.08
N PRO A 970 6.38 -10.39 -67.37
CA PRO A 970 7.72 -10.93 -67.15
C PRO A 970 8.07 -11.93 -68.26
N ASN A 971 8.61 -11.43 -69.36
CA ASN A 971 8.98 -12.32 -70.49
C ASN A 971 10.52 -12.38 -70.56
N TRP A 972 11.09 -13.59 -70.48
CA TRP A 972 12.56 -13.70 -70.65
C TRP A 972 12.86 -13.28 -72.10
N MET A 973 13.91 -12.49 -72.31
CA MET A 973 14.13 -11.96 -73.68
C MET A 973 15.20 -12.78 -74.39
N SER A 974 14.84 -13.50 -75.46
CA SER A 974 15.86 -14.20 -76.27
C SER A 974 16.68 -13.14 -77.01
N ALA A 975 16.02 -12.09 -77.53
CA ALA A 975 16.72 -10.98 -78.22
C ALA A 975 15.86 -9.71 -78.14
N VAL A 976 16.45 -8.53 -78.36
CA VAL A 976 15.66 -7.25 -78.36
C VAL A 976 15.98 -6.44 -79.63
N GLU A 977 14.99 -5.72 -80.16
CA GLU A 977 15.21 -4.83 -81.34
C GLU A 977 14.38 -3.56 -81.15
N ILE A 978 14.84 -2.42 -81.68
CA ILE A 978 14.02 -1.17 -81.60
C ILE A 978 13.31 -0.96 -82.93
N LEU A 979 12.01 -1.26 -83.01
CA LEU A 979 11.22 -1.01 -84.24
C LEU A 979 11.11 0.51 -84.48
N ASP A 980 10.88 1.28 -83.40
CA ASP A 980 10.68 2.75 -83.51
C ASP A 980 11.04 3.38 -82.17
N ASP A 981 11.04 4.71 -82.08
CA ASP A 981 11.48 5.36 -80.83
C ASP A 981 10.59 4.92 -79.66
N ASP A 982 9.27 4.82 -79.87
CA ASP A 982 8.36 4.33 -78.81
C ASP A 982 7.94 2.87 -79.06
N ASN A 983 8.38 2.25 -80.16
CA ASN A 983 7.92 0.87 -80.50
C ASN A 983 9.09 -0.10 -80.45
N PHE A 984 8.97 -1.20 -79.71
CA PHE A 984 10.10 -2.15 -79.57
C PHE A 984 9.65 -3.56 -79.93
N LEU A 985 10.41 -4.25 -80.79
CA LEU A 985 10.07 -5.65 -81.16
C LEU A 985 11.02 -6.58 -80.38
N GLY A 986 10.48 -7.40 -79.48
CA GLY A 986 11.34 -8.24 -78.65
C GLY A 986 11.02 -9.72 -78.76
N ALA A 987 12.02 -10.55 -79.10
CA ALA A 987 11.81 -12.01 -79.14
C ALA A 987 11.86 -12.54 -77.70
N GLU A 988 11.32 -13.73 -77.44
CA GLU A 988 11.25 -14.22 -76.03
C GLU A 988 11.80 -15.64 -75.91
N ASN A 989 12.22 -16.04 -74.70
CA ASN A 989 12.83 -17.38 -74.46
C ASN A 989 11.80 -18.49 -74.72
N ALA A 990 10.50 -18.17 -74.65
CA ALA A 990 9.44 -19.18 -74.82
C ALA A 990 9.06 -19.26 -76.30
N PHE A 991 9.97 -18.84 -77.20
CA PHE A 991 9.73 -18.90 -78.67
C PHE A 991 8.53 -18.04 -79.06
N ASN A 992 8.41 -16.86 -78.45
CA ASN A 992 7.27 -15.95 -78.74
C ASN A 992 7.79 -14.61 -79.27
N LEU A 993 7.18 -14.08 -80.34
CA LEU A 993 7.57 -12.75 -80.85
C LEU A 993 6.47 -11.74 -80.50
N PHE A 994 6.84 -10.65 -79.82
CA PHE A 994 5.84 -9.61 -79.43
C PHE A 994 6.40 -8.22 -79.72
N VAL A 995 5.52 -7.25 -79.98
CA VAL A 995 5.97 -5.84 -80.19
C VAL A 995 5.32 -4.97 -79.11
N CYS A 996 6.13 -4.15 -78.43
CA CYS A 996 5.59 -3.32 -77.31
C CYS A 996 5.59 -1.84 -77.71
N GLN A 997 4.45 -1.16 -77.56
CA GLN A 997 4.33 0.26 -77.93
C GLN A 997 4.04 1.10 -76.68
N LYS A 998 4.79 2.17 -76.46
CA LYS A 998 4.58 3.06 -75.27
C LYS A 998 3.25 3.81 -75.45
N ASP A 999 2.44 3.88 -74.38
CA ASP A 999 1.16 4.63 -74.44
C ASP A 999 1.39 6.09 -74.07
N SER A 1000 1.93 6.89 -75.01
CA SER A 1000 2.16 8.34 -74.76
C SER A 1000 0.81 9.05 -74.54
N ALA A 1001 -0.22 8.69 -75.32
CA ALA A 1001 -1.54 9.35 -75.24
C ALA A 1001 -2.23 9.07 -73.89
N ALA A 1002 -1.87 7.99 -73.21
CA ALA A 1002 -2.59 7.62 -71.96
C ALA A 1002 -2.54 8.74 -70.92
N THR A 1003 -3.70 9.07 -70.33
CA THR A 1003 -3.77 10.12 -69.29
C THR A 1003 -3.01 9.71 -68.03
N THR A 1004 -3.14 8.46 -67.60
CA THR A 1004 -2.50 8.02 -66.33
C THR A 1004 -1.02 7.68 -66.55
N ASP A 1005 -0.18 7.96 -65.54
CA ASP A 1005 1.28 7.70 -65.64
C ASP A 1005 1.56 6.20 -65.79
N GLU A 1006 0.79 5.35 -65.10
CA GLU A 1006 1.07 3.89 -65.11
C GLU A 1006 0.99 3.34 -66.53
N GLU A 1007 -0.03 3.74 -67.30
CA GLU A 1007 -0.15 3.29 -68.71
C GLU A 1007 1.02 3.85 -69.53
N ARG A 1008 1.41 5.10 -69.29
CA ARG A 1008 2.56 5.72 -70.00
C ARG A 1008 3.85 4.95 -69.68
N GLN A 1009 4.01 4.52 -68.42
CA GLN A 1009 5.25 3.82 -67.99
C GLN A 1009 5.15 2.33 -68.29
N HIS A 1010 4.02 1.88 -68.87
CA HIS A 1010 3.90 0.44 -69.25
C HIS A 1010 3.99 0.31 -70.77
N LEU A 1011 4.83 -0.61 -71.25
CA LEU A 1011 4.91 -0.87 -72.71
C LEU A 1011 3.89 -1.95 -73.05
N GLN A 1012 2.71 -1.56 -73.55
CA GLN A 1012 1.65 -2.54 -73.88
C GLN A 1012 2.09 -3.36 -75.10
N GLU A 1013 1.81 -4.66 -75.12
CA GLU A 1013 2.16 -5.49 -76.29
C GLU A 1013 1.01 -5.42 -77.30
N VAL A 1014 1.15 -4.58 -78.32
CA VAL A 1014 0.09 -4.44 -79.37
C VAL A 1014 -0.04 -5.76 -80.12
N GLY A 1015 1.09 -6.40 -80.43
CA GLY A 1015 1.05 -7.66 -81.21
C GLY A 1015 1.58 -8.84 -80.42
N LEU A 1016 0.83 -9.95 -80.40
CA LEU A 1016 1.30 -11.19 -79.72
C LEU A 1016 1.32 -12.32 -80.75
N PHE A 1017 2.46 -13.02 -80.89
CA PHE A 1017 2.56 -14.16 -81.83
C PHE A 1017 3.50 -15.22 -81.26
N HIS A 1018 3.31 -16.49 -81.62
CA HIS A 1018 4.27 -17.54 -81.18
C HIS A 1018 5.10 -17.98 -82.39
N LEU A 1019 6.37 -17.60 -82.43
CA LEU A 1019 7.27 -17.99 -83.55
C LEU A 1019 7.50 -19.51 -83.56
N GLY A 1020 7.65 -20.11 -82.38
CA GLY A 1020 7.98 -21.55 -82.31
C GLY A 1020 9.48 -21.74 -82.42
N GLU A 1021 10.22 -20.64 -82.54
CA GLU A 1021 11.70 -20.70 -82.68
C GLU A 1021 12.33 -19.76 -81.65
N PHE A 1022 13.49 -20.13 -81.10
CA PHE A 1022 14.20 -19.27 -80.12
C PHE A 1022 15.09 -18.30 -80.90
N VAL A 1023 14.82 -16.99 -80.81
CA VAL A 1023 15.60 -16.02 -81.63
C VAL A 1023 16.78 -15.50 -80.80
N ASN A 1024 17.98 -16.03 -81.06
CA ASN A 1024 19.19 -15.62 -80.28
C ASN A 1024 19.55 -14.15 -80.55
N VAL A 1025 19.50 -13.70 -81.81
CA VAL A 1025 20.00 -12.32 -82.11
C VAL A 1025 19.00 -11.55 -82.97
N PHE A 1026 18.95 -10.22 -82.81
CA PHE A 1026 18.07 -9.35 -83.64
C PHE A 1026 18.95 -8.32 -84.35
N CYS A 1027 18.80 -8.17 -85.67
CA CYS A 1027 19.58 -7.16 -86.43
C CYS A 1027 18.71 -6.53 -87.51
N HIS A 1028 19.00 -5.28 -87.90
CA HIS A 1028 18.24 -4.60 -88.99
C HIS A 1028 18.79 -5.01 -90.36
N GLY A 1029 18.02 -4.80 -91.43
CA GLY A 1029 18.51 -5.10 -92.79
C GLY A 1029 17.99 -6.42 -93.35
N SER A 1030 18.05 -6.59 -94.67
CA SER A 1030 17.58 -7.84 -95.33
C SER A 1030 18.60 -8.28 -96.40
N LEU A 1031 18.64 -9.57 -96.71
CA LEU A 1031 19.59 -10.10 -97.74
C LEU A 1031 18.98 -9.98 -99.14
N VAL A 1032 18.86 -8.76 -99.67
CA VAL A 1032 18.33 -8.56 -101.05
C VAL A 1032 19.17 -7.51 -101.79
N MET A 1033 19.28 -7.63 -103.11
CA MET A 1033 20.01 -6.60 -103.91
C MET A 1033 19.16 -5.33 -103.93
N GLN A 1034 19.80 -4.15 -103.86
CA GLN A 1034 19.04 -2.88 -103.84
C GLN A 1034 19.16 -2.20 -105.21
N ASN A 1035 18.03 -2.05 -105.91
CA ASN A 1035 18.03 -1.38 -107.25
C ASN A 1035 17.53 0.06 -107.08
N LEU A 1036 17.25 0.49 -105.85
CA LEU A 1036 16.69 1.84 -105.61
C LEU A 1036 17.04 2.29 -104.19
N PRO A 1042 3.62 -2.35 -99.73
CA PRO A 1042 2.72 -3.13 -98.88
C PRO A 1042 3.25 -3.21 -97.44
N THR A 1043 4.58 -3.29 -97.28
CA THR A 1043 5.18 -3.41 -95.93
C THR A 1043 6.37 -2.44 -95.82
N GLN A 1044 6.72 -1.99 -94.61
CA GLN A 1044 7.79 -0.97 -94.45
C GLN A 1044 8.89 -1.46 -93.51
N GLY A 1045 10.16 -1.33 -93.90
CA GLY A 1045 11.28 -1.69 -92.99
C GLY A 1045 11.71 -3.13 -93.13
N SER A 1046 12.95 -3.45 -92.74
CA SER A 1046 13.42 -4.86 -92.75
C SER A 1046 14.15 -5.20 -91.44
N VAL A 1047 13.74 -6.26 -90.74
CA VAL A 1047 14.46 -6.70 -89.51
C VAL A 1047 14.83 -8.18 -89.69
N LEU A 1048 16.10 -8.55 -89.52
CA LEU A 1048 16.54 -9.95 -89.74
C LEU A 1048 16.84 -10.61 -88.39
N PHE A 1049 16.30 -11.81 -88.15
CA PHE A 1049 16.49 -12.47 -86.83
C PHE A 1049 17.14 -13.85 -87.00
N GLY A 1050 17.97 -14.25 -86.04
CA GLY A 1050 18.67 -15.55 -86.12
C GLY A 1050 18.20 -16.49 -85.03
N THR A 1051 17.97 -17.76 -85.35
CA THR A 1051 17.38 -18.71 -84.35
C THR A 1051 18.33 -19.89 -84.09
N VAL A 1052 18.12 -20.60 -82.98
CA VAL A 1052 18.94 -21.81 -82.63
C VAL A 1052 18.71 -22.88 -83.71
N ASN A 1053 17.52 -22.91 -84.30
CA ASN A 1053 17.22 -23.89 -85.39
C ASN A 1053 18.04 -23.52 -86.63
N GLY A 1054 18.59 -22.31 -86.68
CA GLY A 1054 19.34 -21.85 -87.88
C GLY A 1054 18.42 -21.15 -88.84
N MET A 1055 17.14 -21.01 -88.46
CA MET A 1055 16.16 -20.29 -89.31
C MET A 1055 16.51 -18.79 -89.31
N ILE A 1056 16.42 -18.13 -90.46
CA ILE A 1056 16.62 -16.66 -90.51
C ILE A 1056 15.26 -16.07 -90.89
N GLY A 1057 14.78 -15.05 -90.18
CA GLY A 1057 13.42 -14.54 -90.47
C GLY A 1057 13.38 -13.03 -90.61
N LEU A 1058 12.42 -12.51 -91.37
CA LEU A 1058 12.32 -11.05 -91.59
C LEU A 1058 11.03 -10.51 -90.96
N VAL A 1059 11.15 -9.46 -90.13
CA VAL A 1059 9.94 -8.82 -89.53
C VAL A 1059 9.81 -7.41 -90.14
N THR A 1060 8.63 -7.07 -90.66
CA THR A 1060 8.47 -5.76 -91.33
C THR A 1060 7.26 -5.02 -90.75
N SER A 1061 7.36 -3.70 -90.58
CA SER A 1061 6.20 -2.90 -90.08
C SER A 1061 5.06 -2.98 -91.10
N LEU A 1062 3.81 -3.06 -90.63
CA LEU A 1062 2.67 -3.25 -91.56
C LEU A 1062 1.69 -2.09 -91.46
N SER A 1063 1.21 -1.58 -92.61
CA SER A 1063 0.17 -0.52 -92.59
C SER A 1063 -1.11 -1.13 -92.00
N GLU A 1064 -1.92 -0.34 -91.30
CA GLU A 1064 -3.12 -0.91 -90.63
C GLU A 1064 -4.07 -1.53 -91.67
N SER A 1065 -4.30 -0.84 -92.80
CA SER A 1065 -5.17 -1.37 -93.86
C SER A 1065 -4.57 -2.65 -94.44
N TRP A 1066 -3.26 -2.66 -94.68
CA TRP A 1066 -2.57 -3.87 -95.21
C TRP A 1066 -2.64 -5.01 -94.19
N TYR A 1067 -2.49 -4.70 -92.90
CA TYR A 1067 -2.58 -5.74 -91.85
C TYR A 1067 -3.97 -6.36 -91.88
N ASN A 1068 -5.01 -5.52 -92.03
CA ASN A 1068 -6.41 -6.03 -92.08
C ASN A 1068 -6.57 -6.93 -93.31
N LEU A 1069 -5.99 -6.52 -94.45
CA LEU A 1069 -6.11 -7.31 -95.70
C LEU A 1069 -5.49 -8.68 -95.45
N LEU A 1070 -4.29 -8.70 -94.86
CA LEU A 1070 -3.58 -9.98 -94.62
C LEU A 1070 -4.32 -10.82 -93.57
N LEU A 1071 -4.85 -10.17 -92.52
CA LEU A 1071 -5.53 -10.92 -91.44
C LEU A 1071 -6.77 -11.63 -91.99
N ASP A 1072 -7.55 -10.94 -92.83
CA ASP A 1072 -8.75 -11.55 -93.45
C ASP A 1072 -8.30 -12.71 -94.34
N MET A 1073 -7.23 -12.50 -95.11
CA MET A 1073 -6.70 -13.56 -96.01
C MET A 1073 -6.24 -14.75 -95.16
N GLN A 1074 -5.60 -14.48 -94.02
CA GLN A 1074 -5.07 -15.56 -93.15
C GLN A 1074 -6.22 -16.43 -92.66
N ASN A 1075 -7.33 -15.81 -92.24
CA ASN A 1075 -8.46 -16.61 -91.68
C ASN A 1075 -9.03 -17.54 -92.76
N ARG A 1076 -9.21 -17.03 -93.97
CA ARG A 1076 -9.71 -17.87 -95.10
C ARG A 1076 -8.68 -18.95 -95.44
N LEU A 1077 -7.40 -18.59 -95.46
CA LEU A 1077 -6.33 -19.53 -95.85
C LEU A 1077 -6.27 -20.71 -94.86
N ASN A 1078 -6.40 -20.42 -93.57
CA ASN A 1078 -6.25 -21.49 -92.54
C ASN A 1078 -7.31 -22.58 -92.74
N LYS A 1079 -8.56 -22.19 -93.04
CA LYS A 1079 -9.63 -23.21 -93.14
C LYS A 1079 -9.35 -24.17 -94.30
N VAL A 1080 -8.98 -23.64 -95.47
CA VAL A 1080 -8.72 -24.50 -96.67
C VAL A 1080 -7.46 -25.35 -96.48
N ILE A 1081 -6.40 -24.80 -95.88
CA ILE A 1081 -5.11 -25.55 -95.76
C ILE A 1081 -5.21 -26.51 -94.57
N LYS A 1082 -4.87 -27.78 -94.79
CA LYS A 1082 -4.86 -28.75 -93.65
C LYS A 1082 -3.40 -29.09 -93.35
N SER A 1083 -2.96 -28.87 -92.11
CA SER A 1083 -1.58 -29.23 -91.71
C SER A 1083 -1.48 -30.75 -91.62
N VAL A 1084 -0.27 -31.29 -91.75
CA VAL A 1084 -0.10 -32.76 -91.56
C VAL A 1084 -0.53 -33.06 -90.12
N GLY A 1085 -1.33 -34.11 -89.91
CA GLY A 1085 -1.83 -34.44 -88.56
C GLY A 1085 -3.08 -33.66 -88.21
N LYS A 1086 -3.58 -32.82 -89.11
CA LYS A 1086 -4.81 -32.02 -88.87
C LYS A 1086 -4.66 -31.21 -87.59
N ILE A 1087 -3.47 -30.67 -87.33
CA ILE A 1087 -3.22 -29.86 -86.10
C ILE A 1087 -3.76 -28.45 -86.34
N GLU A 1088 -4.50 -27.90 -85.37
CA GLU A 1088 -5.12 -26.56 -85.54
C GLU A 1088 -4.05 -25.48 -85.68
N HIS A 1089 -4.26 -24.51 -86.57
CA HIS A 1089 -3.31 -23.38 -86.75
C HIS A 1089 -3.24 -22.57 -85.46
N SER A 1090 -4.36 -22.43 -84.74
CA SER A 1090 -4.41 -21.56 -83.55
C SER A 1090 -3.38 -22.01 -82.49
N PHE A 1091 -3.19 -23.31 -82.31
CA PHE A 1091 -2.28 -23.75 -81.21
C PHE A 1091 -0.87 -23.19 -81.43
N TRP A 1092 -0.34 -23.31 -82.66
CA TRP A 1092 1.00 -22.73 -82.97
C TRP A 1092 0.95 -21.20 -82.96
N ARG A 1093 -0.09 -20.61 -83.58
CA ARG A 1093 -0.16 -19.13 -83.70
C ARG A 1093 -0.31 -18.46 -82.34
N SER A 1094 -1.11 -19.03 -81.43
CA SER A 1094 -1.39 -18.36 -80.14
C SER A 1094 -0.12 -18.15 -79.32
N PHE A 1095 0.02 -16.97 -78.71
CA PHE A 1095 1.19 -16.67 -77.83
C PHE A 1095 1.15 -17.68 -76.69
N HIS A 1096 2.29 -18.32 -76.38
CA HIS A 1096 2.27 -19.38 -75.33
C HIS A 1096 3.28 -19.06 -74.23
N THR A 1097 2.80 -18.88 -73.00
CA THR A 1097 3.71 -18.66 -71.84
C THR A 1097 3.17 -19.45 -70.65
N GLU A 1098 4.01 -19.75 -69.66
CA GLU A 1098 3.53 -20.46 -68.45
C GLU A 1098 2.48 -19.57 -67.76
N ARG A 1099 2.74 -18.26 -67.69
CA ARG A 1099 1.80 -17.33 -67.02
C ARG A 1099 0.45 -17.26 -67.76
N LYS A 1100 0.47 -17.17 -69.10
CA LYS A 1100 -0.83 -16.99 -69.81
C LYS A 1100 -0.75 -17.47 -71.27
N THR A 1101 -1.89 -17.80 -71.87
CA THR A 1101 -1.92 -18.17 -73.31
C THR A 1101 -2.86 -17.17 -74.00
N GLU A 1102 -2.39 -16.51 -75.07
CA GLU A 1102 -3.22 -15.47 -75.73
C GLU A 1102 -3.37 -15.78 -77.22
N PRO A 1103 -4.56 -15.63 -77.83
CA PRO A 1103 -4.72 -15.85 -79.27
C PRO A 1103 -3.89 -14.82 -80.05
N ALA A 1104 -3.29 -15.24 -81.17
CA ALA A 1104 -2.39 -14.33 -81.91
C ALA A 1104 -3.15 -13.09 -82.40
N THR A 1105 -2.59 -11.90 -82.18
CA THR A 1105 -3.23 -10.64 -82.65
C THR A 1105 -2.12 -9.64 -83.03
N GLY A 1106 -2.38 -8.76 -84.00
CA GLY A 1106 -1.40 -7.71 -84.35
C GLY A 1106 -0.20 -8.27 -85.11
N PHE A 1107 -0.30 -9.52 -85.56
CA PHE A 1107 0.83 -10.17 -86.27
C PHE A 1107 0.31 -10.98 -87.46
N ILE A 1108 1.10 -11.08 -88.53
CA ILE A 1108 0.68 -11.83 -89.75
C ILE A 1108 1.72 -12.92 -90.04
N ASP A 1109 1.27 -14.15 -90.35
CA ASP A 1109 2.24 -15.20 -90.75
C ASP A 1109 2.43 -15.14 -92.27
N GLY A 1110 3.59 -14.65 -92.72
CA GLY A 1110 3.90 -14.55 -94.16
C GLY A 1110 3.99 -15.91 -94.82
N ASP A 1111 4.50 -16.91 -94.09
CA ASP A 1111 4.69 -18.27 -94.67
C ASP A 1111 3.33 -18.83 -95.12
N LEU A 1112 2.27 -18.58 -94.34
CA LEU A 1112 0.90 -19.01 -94.74
C LEU A 1112 0.50 -18.31 -96.04
N ILE A 1113 0.82 -17.01 -96.17
CA ILE A 1113 0.50 -16.25 -97.41
C ILE A 1113 1.28 -16.88 -98.58
N GLU A 1114 2.54 -17.25 -98.36
CA GLU A 1114 3.35 -17.93 -99.41
C GLU A 1114 2.72 -19.29 -99.73
N SER A 1115 2.18 -19.98 -98.72
CA SER A 1115 1.57 -21.33 -98.91
C SER A 1115 0.35 -21.23 -99.85
N PHE A 1116 -0.27 -20.06 -99.94
CA PHE A 1116 -1.48 -19.90 -100.80
C PHE A 1116 -1.11 -20.23 -102.25
N LEU A 1117 0.08 -19.81 -102.69
CA LEU A 1117 0.53 -20.12 -104.07
C LEU A 1117 0.66 -21.63 -104.25
N ASP A 1118 1.16 -22.33 -103.22
CA ASP A 1118 1.36 -23.80 -103.30
C ASP A 1118 0.03 -24.53 -103.46
N ILE A 1119 -1.04 -24.08 -102.80
CA ILE A 1119 -2.34 -24.82 -102.84
C ILE A 1119 -2.96 -24.78 -104.24
N SER A 1120 -3.82 -25.76 -104.56
CA SER A 1120 -4.43 -25.85 -105.91
C SER A 1120 -5.47 -24.76 -106.14
N ARG A 1121 -5.86 -24.52 -107.39
CA ARG A 1121 -6.82 -23.43 -107.73
C ARG A 1121 -8.18 -23.60 -107.02
N PRO A 1122 -8.79 -24.80 -106.88
CA PRO A 1122 -10.04 -24.91 -106.12
C PRO A 1122 -9.84 -24.48 -104.66
N LYS A 1123 -8.73 -24.88 -104.05
CA LYS A 1123 -8.42 -24.44 -102.65
C LYS A 1123 -8.25 -22.92 -102.64
N MET A 1124 -7.57 -22.37 -103.67
CA MET A 1124 -7.38 -20.90 -103.76
C MET A 1124 -8.75 -20.23 -103.88
N GLN A 1125 -9.67 -20.83 -104.64
CA GLN A 1125 -11.02 -20.25 -104.85
C GLN A 1125 -11.74 -20.18 -103.49
N GLU A 1126 -11.58 -21.20 -102.65
CA GLU A 1126 -12.23 -21.20 -101.31
C GLU A 1126 -11.71 -20.02 -100.49
N VAL A 1127 -10.39 -19.75 -100.55
CA VAL A 1127 -9.82 -18.59 -99.79
C VAL A 1127 -10.42 -17.29 -100.34
N VAL A 1128 -10.45 -17.13 -101.67
CA VAL A 1128 -10.91 -15.86 -102.29
C VAL A 1128 -12.44 -15.74 -102.18
N ALA A 1129 -13.13 -16.82 -101.82
CA ALA A 1129 -14.59 -16.73 -101.64
C ALA A 1129 -14.89 -15.81 -100.46
N ASN A 1130 -15.77 -14.82 -100.65
CA ASN A 1130 -16.15 -13.87 -99.57
C ASN A 1130 -14.91 -13.22 -98.97
N LEU A 1131 -13.90 -12.91 -99.80
CA LEU A 1131 -12.67 -12.25 -99.29
C LEU A 1131 -12.58 -10.82 -99.82
N GLN A 1132 -13.15 -9.86 -99.08
CA GLN A 1132 -13.06 -8.43 -99.47
C GLN A 1132 -12.07 -7.78 -98.50
N TYR A 1133 -11.07 -7.07 -99.03
CA TYR A 1133 -10.01 -6.52 -98.12
C TYR A 1133 -10.08 -5.00 -98.07
N ASP A 1134 -9.95 -4.44 -96.86
CA ASP A 1134 -9.98 -2.96 -96.69
C ASP A 1134 -8.77 -2.34 -97.40
N ASP A 1135 -8.95 -1.15 -97.97
CA ASP A 1135 -7.86 -0.47 -98.73
C ASP A 1135 -7.70 0.94 -98.16
N GLY A 1136 -6.59 1.62 -98.49
CA GLY A 1136 -6.31 2.96 -97.93
C GLY A 1136 -7.42 3.94 -98.25
N SER A 1137 -8.01 3.84 -99.44
CA SER A 1137 -9.16 4.70 -99.82
C SER A 1137 -10.35 4.39 -98.90
N GLY A 1138 -10.34 3.22 -98.25
CA GLY A 1138 -11.47 2.80 -97.39
C GLY A 1138 -12.38 1.84 -98.16
N MET A 1139 -12.06 1.61 -99.43
CA MET A 1139 -12.87 0.68 -100.27
C MET A 1139 -12.57 -0.76 -99.85
N LYS A 1140 -13.57 -1.65 -99.95
CA LYS A 1140 -13.33 -3.09 -99.67
C LYS A 1140 -13.40 -3.82 -101.01
N ARG A 1141 -12.34 -4.55 -101.39
CA ARG A 1141 -12.34 -5.16 -102.75
C ARG A 1141 -12.37 -6.69 -102.66
N GLU A 1142 -13.39 -7.33 -103.24
CA GLU A 1142 -13.40 -8.82 -103.30
C GLU A 1142 -12.37 -9.23 -104.37
N ALA A 1143 -11.67 -10.35 -104.18
CA ALA A 1143 -10.59 -10.70 -105.12
C ALA A 1143 -10.74 -12.10 -105.72
N THR A 1144 -10.36 -12.27 -106.98
CA THR A 1144 -10.35 -13.62 -107.61
C THR A 1144 -9.03 -14.31 -107.23
N ALA A 1145 -8.92 -15.63 -107.46
CA ALA A 1145 -7.68 -16.36 -107.14
C ALA A 1145 -6.46 -15.59 -107.65
N ASP A 1146 -6.50 -15.12 -108.90
CA ASP A 1146 -5.34 -14.41 -109.51
C ASP A 1146 -5.03 -13.14 -108.71
N ASP A 1147 -6.07 -12.40 -108.28
CA ASP A 1147 -5.86 -11.12 -107.55
C ASP A 1147 -5.13 -11.42 -106.22
N LEU A 1148 -5.54 -12.48 -105.53
CA LEU A 1148 -4.86 -12.87 -104.25
C LEU A 1148 -3.41 -13.28 -104.54
N ILE A 1149 -3.18 -13.95 -105.66
CA ILE A 1149 -1.78 -14.35 -106.05
C ILE A 1149 -0.97 -13.06 -106.21
N LYS A 1150 -1.56 -12.03 -106.82
CA LYS A 1150 -0.86 -10.73 -107.01
C LYS A 1150 -0.55 -10.13 -105.65
N VAL A 1151 -1.46 -10.26 -104.68
CA VAL A 1151 -1.24 -9.71 -103.31
C VAL A 1151 -0.02 -10.41 -102.68
N VAL A 1152 0.09 -11.73 -102.87
CA VAL A 1152 1.26 -12.49 -102.33
C VAL A 1152 2.53 -11.95 -103.00
N GLU A 1153 2.47 -11.72 -104.32
CA GLU A 1153 3.65 -11.22 -105.07
C GLU A 1153 4.04 -9.83 -104.53
N GLU A 1154 3.05 -8.98 -104.24
CA GLU A 1154 3.34 -7.61 -103.75
C GLU A 1154 4.09 -7.69 -102.43
N LEU A 1155 3.67 -8.58 -101.52
CA LEU A 1155 4.40 -8.77 -100.24
C LEU A 1155 5.80 -9.33 -100.52
N THR A 1156 5.92 -10.27 -101.45
CA THR A 1156 7.23 -10.96 -101.70
C THR A 1156 8.31 -9.98 -102.16
N ARG A 1157 7.99 -9.05 -103.06
CA ARG A 1157 9.07 -8.16 -103.59
C ARG A 1157 9.67 -7.33 -102.45
N ILE A 1158 8.83 -6.78 -101.57
CA ILE A 1158 9.34 -6.00 -100.40
C ILE A 1158 10.11 -6.94 -99.46
N HIS A 1159 9.59 -8.15 -99.23
CA HIS A 1159 10.26 -9.09 -98.28
C HIS A 1159 11.11 -10.10 -99.06
N ALA B 1064 27.11 -26.77 -68.66
CA ALA B 1064 26.43 -26.72 -67.40
C ALA B 1064 27.07 -25.72 -66.41
N PRO B 1065 27.28 -24.47 -66.81
CA PRO B 1065 27.85 -23.39 -66.02
C PRO B 1065 26.90 -22.89 -64.93
N ILE B 1066 27.48 -22.37 -63.85
CA ILE B 1066 26.72 -21.74 -62.78
C ILE B 1066 26.45 -20.27 -63.08
N ASN B 1067 27.44 -19.61 -63.70
CA ASN B 1067 27.42 -18.17 -63.89
C ASN B 1067 26.46 -17.73 -64.97
N PHE B 1068 25.78 -16.62 -64.71
CA PHE B 1068 24.87 -16.04 -65.69
C PHE B 1068 25.51 -15.83 -67.06
N THR B 1069 26.73 -15.32 -67.10
CA THR B 1069 27.28 -14.91 -68.39
C THR B 1069 27.46 -16.11 -69.31
N SER B 1070 27.90 -17.22 -68.74
CA SER B 1070 28.10 -18.43 -69.51
C SER B 1070 26.76 -19.07 -69.86
N ARG B 1071 25.86 -19.09 -68.89
CA ARG B 1071 24.55 -19.72 -69.07
C ARG B 1071 23.76 -19.00 -70.14
N LEU B 1072 23.83 -17.67 -70.12
CA LEU B 1072 23.08 -16.85 -71.06
C LEU B 1072 23.65 -16.95 -72.47
N ASN B 1073 24.98 -17.01 -72.60
CA ASN B 1073 25.57 -17.15 -73.92
C ASN B 1073 25.23 -18.49 -74.56
N ARG B 1074 25.05 -19.51 -73.73
CA ARG B 1074 24.73 -20.84 -74.22
C ARG B 1074 23.35 -20.89 -74.86
N ARG B 1075 22.51 -19.88 -74.63
CA ARG B 1075 21.16 -19.88 -75.15
C ARG B 1075 21.18 -19.96 -76.67
N ALA B 1076 22.29 -19.53 -77.26
CA ALA B 1076 22.46 -19.49 -78.70
C ALA B 1076 22.37 -20.87 -79.32
N SER B 1077 22.79 -21.88 -78.57
CA SER B 1077 22.78 -23.26 -79.07
C SER B 1077 21.97 -24.17 -78.15
N PHE B 1078 21.68 -23.68 -76.95
CA PHE B 1078 20.94 -24.42 -75.93
C PHE B 1078 19.81 -23.56 -75.38
N PRO B 1079 18.67 -23.51 -76.07
CA PRO B 1079 17.56 -22.58 -75.89
C PRO B 1079 16.84 -22.82 -74.57
N LYS B 1080 15.78 -22.04 -74.34
CA LYS B 1080 14.97 -22.06 -73.12
C LYS B 1080 15.63 -21.30 -71.97
N TYR B 1081 16.91 -21.57 -71.73
CA TYR B 1081 17.62 -20.87 -70.66
C TYR B 1081 19.14 -20.93 -70.83
N GLY B 1082 19.67 -22.08 -71.23
CA GLY B 1082 21.11 -22.26 -71.40
C GLY B 1082 21.74 -23.01 -70.21
N GLY B 1083 22.49 -24.08 -70.50
CA GLY B 1083 23.12 -24.87 -69.45
C GLY B 1083 22.14 -25.88 -68.85
N VAL B 1084 22.20 -26.04 -67.53
CA VAL B 1084 21.37 -27.02 -66.83
C VAL B 1084 20.53 -26.34 -65.75
N ASP B 1085 19.51 -27.05 -65.26
CA ASP B 1085 18.63 -26.61 -64.16
C ASP B 1085 17.64 -25.52 -64.59
N GLY B 1086 18.14 -24.46 -65.21
CA GLY B 1086 17.30 -23.36 -65.62
C GLY B 1086 16.66 -22.70 -64.42
N GLY B 1087 15.33 -22.66 -64.40
CA GLY B 1087 14.60 -22.04 -63.30
C GLY B 1087 14.99 -22.64 -61.96
N CYS B 1088 15.36 -23.92 -61.95
CA CYS B 1088 15.73 -24.62 -60.71
C CYS B 1088 17.02 -24.05 -60.11
N PHE B 1089 17.69 -23.19 -60.88
CA PHE B 1089 18.89 -22.50 -60.45
C PHE B 1089 18.70 -20.98 -60.47
N ASP B 1090 18.05 -20.46 -61.50
CA ASP B 1090 18.01 -19.03 -61.75
C ASP B 1090 17.08 -18.34 -60.76
N ARG B 1091 16.11 -19.08 -60.22
CA ARG B 1091 15.22 -18.54 -59.21
C ARG B 1091 16.00 -18.16 -57.95
N HIS B 1092 17.21 -18.68 -57.80
CA HIS B 1092 18.01 -18.42 -56.61
C HIS B 1092 18.85 -17.15 -56.76
N LEU B 1093 18.78 -16.54 -57.95
CA LEU B 1093 19.51 -15.31 -58.21
C LEU B 1093 18.55 -14.12 -58.12
N ILE B 1094 17.28 -14.39 -58.37
CA ILE B 1094 16.26 -13.33 -58.38
C ILE B 1094 15.47 -13.22 -57.07
N PHE B 1095 15.13 -14.36 -56.47
CA PHE B 1095 14.33 -14.35 -55.24
C PHE B 1095 15.21 -14.32 -54.01
N SER B 1096 16.49 -14.02 -54.24
CA SER B 1096 17.47 -13.84 -53.19
C SER B 1096 17.90 -12.38 -53.12
N ARG B 1097 17.31 -11.52 -53.95
CA ARG B 1097 17.71 -10.12 -54.01
C ARG B 1097 16.52 -9.17 -53.93
N PHE B 1098 15.99 -8.96 -52.73
CA PHE B 1098 14.83 -8.08 -52.55
C PHE B 1098 15.21 -6.66 -52.15
N ARG B 1099 14.57 -5.69 -52.78
CA ARG B 1099 14.78 -4.28 -52.46
C ARG B 1099 13.45 -3.50 -52.43
N PRO B 1100 13.20 -2.71 -51.38
CA PRO B 1100 11.99 -1.95 -51.14
C PRO B 1100 11.79 -0.90 -52.23
N ILE B 1101 10.54 -0.74 -52.68
CA ILE B 1101 10.20 0.27 -53.67
C ILE B 1101 9.20 1.31 -53.16
N SER B 1102 8.15 0.84 -52.48
CA SER B 1102 7.08 1.75 -52.03
C SER B 1102 6.32 1.20 -50.83
N VAL B 1103 5.56 2.06 -50.17
CA VAL B 1103 4.78 1.64 -49.00
C VAL B 1103 3.36 2.21 -49.01
N PHE B 1104 2.39 1.42 -48.56
CA PHE B 1104 1.01 1.87 -48.41
C PHE B 1104 0.71 2.23 -46.95
N ARG B 1105 0.06 3.38 -46.75
CA ARG B 1105 -0.38 3.83 -45.43
C ARG B 1105 -1.83 4.33 -45.50
N GLU B 1106 -2.56 4.27 -44.39
CA GLU B 1106 -3.93 4.80 -44.32
C GLU B 1106 -3.97 6.31 -44.50
N ALA B 1107 -4.94 6.76 -45.30
CA ALA B 1107 -5.13 8.18 -45.50
C ALA B 1107 -5.63 8.82 -44.22
N ASN B 1108 -5.13 10.01 -43.92
CA ASN B 1108 -5.55 10.80 -42.77
C ASN B 1108 -5.19 10.16 -41.43
N GLU B 1109 -4.35 9.13 -41.44
CA GLU B 1109 -3.88 8.54 -40.20
C GLU B 1109 -2.41 8.89 -39.99
N ASP B 1110 -1.97 8.89 -38.73
CA ASP B 1110 -0.57 9.16 -38.44
C ASP B 1110 0.25 7.87 -38.48
N GLU B 1111 -0.38 6.78 -38.02
CA GLU B 1111 0.25 5.47 -37.98
C GLU B 1111 -0.72 4.42 -38.50
N SER B 1112 -0.18 3.40 -39.15
CA SER B 1112 -0.99 2.38 -39.80
C SER B 1112 -1.36 1.21 -38.90
N GLY B 1113 -2.42 0.51 -39.28
CA GLY B 1113 -2.88 -0.66 -38.55
C GLY B 1113 -3.29 -1.80 -39.48
N PHE B 1114 -2.49 -2.09 -40.49
CA PHE B 1114 -2.83 -3.18 -41.41
C PHE B 1114 -2.49 -4.54 -40.79
N THR B 1115 -3.33 -5.54 -41.07
CA THR B 1115 -3.09 -6.90 -40.57
C THR B 1115 -3.01 -7.95 -41.67
N CYS B 1116 -3.55 -7.66 -42.85
CA CYS B 1116 -3.54 -8.61 -43.96
C CYS B 1116 -3.65 -7.92 -45.31
N CYS B 1117 -3.25 -8.62 -46.37
CA CYS B 1117 -3.41 -8.05 -47.71
C CYS B 1117 -3.51 -9.09 -48.83
N ALA B 1118 -4.05 -8.63 -49.96
CA ALA B 1118 -4.12 -9.41 -51.19
C ALA B 1118 -4.21 -8.48 -52.38
N PHE B 1119 -3.71 -8.90 -53.53
CA PHE B 1119 -3.90 -8.11 -54.74
C PHE B 1119 -5.26 -8.45 -55.34
N SER B 1120 -5.92 -7.44 -55.92
CA SER B 1120 -7.23 -7.68 -56.52
C SER B 1120 -7.14 -8.54 -57.78
N ALA B 1121 -8.28 -9.01 -58.24
CA ALA B 1121 -8.34 -9.96 -59.35
C ALA B 1121 -7.64 -9.46 -60.61
N ARG B 1122 -7.74 -8.16 -60.87
CA ARG B 1122 -7.14 -7.58 -62.06
C ARG B 1122 -5.90 -6.78 -61.70
N GLU B 1123 -5.48 -6.90 -60.44
CA GLU B 1123 -4.29 -6.23 -59.91
C GLU B 1123 -4.28 -4.74 -60.25
N ARG B 1124 -5.43 -4.09 -60.09
CA ARG B 1124 -5.53 -2.65 -60.30
C ARG B 1124 -5.25 -1.93 -58.99
N PHE B 1125 -5.43 -2.65 -57.90
CA PHE B 1125 -5.25 -2.11 -56.57
C PHE B 1125 -4.87 -3.21 -55.58
N LEU B 1126 -4.21 -2.81 -54.51
CA LEU B 1126 -3.91 -3.73 -53.42
C LEU B 1126 -4.97 -3.60 -52.35
N MET B 1127 -5.49 -4.74 -51.90
CA MET B 1127 -6.52 -4.76 -50.88
C MET B 1127 -5.91 -5.04 -49.53
N LEU B 1128 -6.14 -4.16 -48.57
CA LEU B 1128 -5.55 -4.36 -47.26
C LEU B 1128 -6.59 -4.31 -46.15
N GLY B 1129 -6.42 -5.17 -45.17
CA GLY B 1129 -7.31 -5.21 -44.03
C GLY B 1129 -6.66 -4.52 -42.84
N THR B 1130 -7.47 -3.85 -42.02
CA THR B 1130 -6.97 -3.13 -40.86
C THR B 1130 -7.26 -3.85 -39.56
N CYS B 1131 -6.65 -3.35 -38.48
CA CYS B 1131 -6.84 -3.88 -37.13
C CYS B 1131 -8.24 -3.57 -36.60
N THR B 1132 -8.93 -2.69 -37.31
CA THR B 1132 -10.25 -2.22 -36.91
C THR B 1132 -11.35 -2.84 -37.73
N GLY B 1133 -11.00 -3.78 -38.61
CA GLY B 1133 -11.99 -4.49 -39.41
C GLY B 1133 -12.37 -3.77 -40.70
N GLN B 1134 -11.51 -2.85 -41.15
CA GLN B 1134 -11.81 -2.14 -42.39
C GLN B 1134 -11.04 -2.72 -43.56
N LEU B 1135 -11.60 -2.54 -44.75
CA LEU B 1135 -10.94 -2.88 -46.00
C LEU B 1135 -10.56 -1.61 -46.74
N LYS B 1136 -9.30 -1.55 -47.16
CA LYS B 1136 -8.86 -0.38 -47.91
C LYS B 1136 -8.24 -0.76 -49.24
N LEU B 1137 -8.65 -0.05 -50.28
CA LEU B 1137 -8.18 -0.34 -51.63
C LEU B 1137 -7.25 0.75 -52.10
N TYR B 1138 -6.05 0.36 -52.52
CA TYR B 1138 -5.04 1.32 -52.96
C TYR B 1138 -4.59 1.12 -54.38
N ASN B 1139 -4.35 2.22 -55.08
CA ASN B 1139 -3.87 2.13 -56.45
C ASN B 1139 -2.55 1.38 -56.47
N VAL B 1140 -2.50 0.31 -57.26
CA VAL B 1140 -1.35 -0.58 -57.29
C VAL B 1140 -0.06 0.13 -57.72
N PHE B 1141 -0.20 1.20 -58.48
CA PHE B 1141 0.96 1.91 -59.01
C PHE B 1141 1.34 3.12 -58.17
N SER B 1142 0.36 3.98 -57.88
CA SER B 1142 0.64 5.25 -57.22
C SER B 1142 0.70 5.18 -55.70
N GLY B 1143 0.07 4.18 -55.10
CA GLY B 1143 0.05 4.07 -53.64
C GLY B 1143 -1.07 4.88 -53.00
N GLN B 1144 -1.92 5.47 -53.84
CA GLN B 1144 -3.02 6.31 -53.37
C GLN B 1144 -4.24 5.50 -52.95
N GLU B 1145 -4.75 5.78 -51.75
CA GLU B 1145 -5.98 5.15 -51.29
C GLU B 1145 -7.15 5.59 -52.16
N GLU B 1146 -7.89 4.62 -52.68
CA GLU B 1146 -9.01 4.92 -53.57
C GLU B 1146 -10.36 4.68 -52.92
N ALA B 1147 -10.42 3.71 -52.01
CA ALA B 1147 -11.69 3.36 -51.39
C ALA B 1147 -11.49 2.75 -50.01
N SER B 1148 -12.52 2.84 -49.17
CA SER B 1148 -12.50 2.25 -47.86
C SER B 1148 -13.88 1.74 -47.46
N TYR B 1149 -13.93 0.50 -46.98
CA TYR B 1149 -15.18 -0.13 -46.60
C TYR B 1149 -15.08 -0.78 -45.22
N ASN B 1150 -16.21 -0.92 -44.55
CA ASN B 1150 -16.24 -1.69 -43.32
C ASN B 1150 -16.57 -3.15 -43.61
N CYS B 1151 -15.84 -4.06 -42.98
CA CYS B 1151 -16.11 -5.49 -43.15
C CYS B 1151 -16.43 -6.16 -41.82
N HIS B 1152 -15.66 -5.81 -40.80
CA HIS B 1152 -15.76 -6.45 -39.50
C HIS B 1152 -15.53 -5.40 -38.41
N ASN B 1153 -15.67 -5.79 -37.15
CA ASN B 1153 -15.42 -4.86 -36.04
C ASN B 1153 -14.06 -5.10 -35.37
N SER B 1154 -13.23 -5.92 -36.01
CA SER B 1154 -11.91 -6.26 -35.48
C SER B 1154 -10.97 -6.63 -36.61
N ALA B 1155 -9.71 -6.83 -36.25
CA ALA B 1155 -8.68 -7.12 -37.23
C ALA B 1155 -9.08 -8.19 -38.22
N ILE B 1156 -8.82 -7.91 -39.49
CA ILE B 1156 -9.09 -8.85 -40.57
C ILE B 1156 -7.92 -9.83 -40.70
N THR B 1157 -8.22 -11.11 -40.64
CA THR B 1157 -7.22 -12.16 -40.70
C THR B 1157 -6.89 -12.54 -42.13
N HIS B 1158 -7.87 -12.40 -43.03
CA HIS B 1158 -7.70 -12.83 -44.42
C HIS B 1158 -8.53 -12.03 -45.42
N LEU B 1159 -7.94 -11.81 -46.60
CA LEU B 1159 -8.63 -11.24 -47.76
C LEU B 1159 -8.30 -12.05 -49.01
N GLU B 1160 -9.31 -12.42 -49.80
CA GLU B 1160 -9.04 -13.11 -51.07
C GLU B 1160 -10.14 -12.88 -52.13
N PRO B 1161 -9.79 -12.31 -53.30
CA PRO B 1161 -10.65 -12.07 -54.43
C PRO B 1161 -10.85 -13.33 -55.26
N SER B 1162 -11.96 -13.39 -55.99
CA SER B 1162 -12.13 -14.41 -57.01
C SER B 1162 -11.31 -14.05 -58.25
N ARG B 1163 -11.12 -15.00 -59.16
CA ARG B 1163 -10.45 -14.72 -60.42
C ARG B 1163 -11.27 -13.76 -61.27
N ASP B 1164 -12.59 -13.85 -61.18
CA ASP B 1164 -13.46 -12.95 -61.93
C ASP B 1164 -13.52 -11.57 -61.29
N GLY B 1165 -13.30 -11.52 -59.98
CA GLY B 1165 -13.23 -10.26 -59.25
C GLY B 1165 -14.59 -9.74 -58.79
N SER B 1166 -15.64 -10.55 -58.98
CA SER B 1166 -16.99 -10.15 -58.60
C SER B 1166 -17.15 -9.96 -57.10
N LEU B 1167 -16.54 -10.85 -56.32
CA LEU B 1167 -16.67 -10.86 -54.87
C LEU B 1167 -15.34 -11.06 -54.15
N LEU B 1168 -15.30 -10.61 -52.91
CA LEU B 1168 -14.16 -10.73 -52.01
C LEU B 1168 -14.50 -11.53 -50.76
N LEU B 1169 -13.62 -12.46 -50.41
CA LEU B 1169 -13.77 -13.21 -49.17
C LEU B 1169 -13.00 -12.51 -48.08
N THR B 1170 -13.68 -12.20 -46.97
CA THR B 1170 -12.98 -11.56 -45.87
C THR B 1170 -13.26 -12.34 -44.59
N SER B 1171 -12.33 -12.28 -43.64
CA SER B 1171 -12.64 -12.79 -42.31
C SER B 1171 -11.84 -12.09 -41.21
N ALA B 1172 -12.41 -12.07 -40.02
CA ALA B 1172 -11.82 -11.44 -38.84
C ALA B 1172 -11.26 -12.45 -37.86
N THR B 1173 -10.36 -11.97 -37.01
CA THR B 1173 -9.76 -12.78 -35.96
C THR B 1173 -10.71 -12.97 -34.78
N TRP B 1174 -11.79 -12.20 -34.76
CA TRP B 1174 -12.71 -12.20 -33.62
C TRP B 1174 -14.12 -11.73 -33.96
N SER B 1175 -14.21 -10.54 -34.55
CA SER B 1175 -15.51 -9.90 -34.78
C SER B 1175 -16.46 -10.74 -35.60
N GLN B 1176 -17.72 -10.74 -35.20
CA GLN B 1176 -18.76 -11.46 -35.94
C GLN B 1176 -19.39 -10.59 -37.02
N PRO B 1177 -19.77 -11.21 -38.14
CA PRO B 1177 -19.51 -12.59 -38.54
C PRO B 1177 -18.03 -12.78 -38.79
N LEU B 1178 -17.48 -13.90 -38.34
CA LEU B 1178 -16.05 -14.13 -38.51
C LEU B 1178 -15.67 -14.09 -39.98
N SER B 1179 -16.46 -14.72 -40.83
CA SER B 1179 -16.22 -14.63 -42.27
C SER B 1179 -17.44 -14.06 -42.97
N ALA B 1180 -17.21 -13.45 -44.11
CA ALA B 1180 -18.33 -12.95 -44.90
C ALA B 1180 -18.00 -12.87 -46.37
N LEU B 1181 -19.04 -12.92 -47.18
CA LEU B 1181 -18.92 -12.69 -48.59
C LEU B 1181 -19.35 -11.28 -48.93
N TRP B 1182 -18.40 -10.49 -49.42
CA TRP B 1182 -18.67 -9.11 -49.79
C TRP B 1182 -18.58 -8.94 -51.29
N GLY B 1183 -19.46 -8.15 -51.86
CA GLY B 1183 -19.39 -7.88 -53.28
C GLY B 1183 -18.28 -6.88 -53.59
N MET B 1184 -17.66 -7.01 -54.74
CA MET B 1184 -16.68 -6.03 -55.18
C MET B 1184 -17.24 -5.22 -56.34
N LYS B 1185 -18.03 -5.86 -57.19
CA LYS B 1185 -18.61 -5.20 -58.34
C LYS B 1185 -19.73 -4.27 -57.93
N SER B 1186 -19.64 -3.02 -58.39
CA SER B 1186 -20.66 -1.98 -58.18
C SER B 1186 -20.83 -1.56 -56.73
N VAL B 1187 -21.36 -2.46 -55.90
CA VAL B 1187 -21.64 -2.15 -54.50
C VAL B 1187 -21.01 -3.14 -53.54
N PHE B 1188 -20.33 -2.63 -52.53
CA PHE B 1188 -19.70 -3.48 -51.53
C PHE B 1188 -20.72 -3.95 -50.49
N ASP B 1189 -21.65 -4.79 -50.92
CA ASP B 1189 -22.70 -5.29 -50.05
C ASP B 1189 -22.36 -6.68 -49.54
N MET B 1190 -23.23 -7.26 -48.72
CA MET B 1190 -22.99 -8.61 -48.21
C MET B 1190 -23.84 -9.65 -48.94
N LYS B 1191 -23.22 -10.77 -49.23
CA LYS B 1191 -23.94 -11.90 -49.80
C LYS B 1191 -24.23 -12.94 -48.73
N HIS B 1192 -23.34 -13.04 -47.74
CA HIS B 1192 -23.53 -14.02 -46.68
C HIS B 1192 -22.67 -13.72 -45.44
N SER B 1193 -23.22 -14.00 -44.26
CA SER B 1193 -22.50 -13.87 -43.00
C SER B 1193 -22.24 -15.22 -42.34
N PHE B 1194 -20.97 -15.55 -42.11
CA PHE B 1194 -20.60 -16.84 -41.52
C PHE B 1194 -19.98 -16.66 -40.13
N THR B 1195 -20.78 -16.90 -39.11
CA THR B 1195 -20.39 -16.56 -37.73
C THR B 1195 -19.52 -17.64 -37.09
N GLU B 1196 -19.28 -18.72 -37.80
CA GLU B 1196 -18.50 -19.81 -37.26
C GLU B 1196 -17.16 -19.99 -37.95
N ASP B 1197 -16.89 -19.20 -38.99
CA ASP B 1197 -15.70 -19.40 -39.80
C ASP B 1197 -14.60 -18.38 -39.54
N HIS B 1198 -13.53 -18.79 -38.88
CA HIS B 1198 -12.39 -17.93 -38.59
C HIS B 1198 -11.68 -17.53 -39.88
N TYR B 1199 -11.39 -18.53 -40.68
CA TYR B 1199 -10.65 -18.36 -41.92
C TYR B 1199 -11.49 -18.74 -43.12
N VAL B 1200 -11.38 -17.98 -44.21
CA VAL B 1200 -12.12 -18.26 -45.44
C VAL B 1200 -11.19 -18.29 -46.65
N GLU B 1201 -11.41 -19.23 -47.57
CA GLU B 1201 -10.57 -19.34 -48.77
C GLU B 1201 -11.31 -19.87 -50.01
N PHE B 1202 -10.95 -19.36 -51.19
CA PHE B 1202 -11.49 -19.89 -52.45
C PHE B 1202 -10.88 -21.23 -52.80
N SER B 1203 -11.67 -22.07 -53.47
CA SER B 1203 -11.14 -23.29 -54.04
C SER B 1203 -10.20 -22.91 -55.19
N LYS B 1204 -9.47 -23.88 -55.73
CA LYS B 1204 -8.42 -23.55 -56.68
C LYS B 1204 -8.81 -23.73 -58.15
N HIS B 1205 -9.81 -24.56 -58.43
CA HIS B 1205 -10.22 -24.79 -59.79
C HIS B 1205 -11.61 -24.20 -60.04
N SER B 1206 -12.56 -24.55 -59.17
CA SER B 1206 -13.92 -24.04 -59.30
C SER B 1206 -14.24 -23.13 -58.12
N GLN B 1207 -14.16 -21.82 -58.36
CA GLN B 1207 -14.16 -20.84 -57.27
C GLN B 1207 -15.53 -20.45 -56.77
N ASP B 1208 -16.56 -21.08 -57.31
CA ASP B 1208 -17.90 -20.84 -56.81
C ASP B 1208 -18.02 -21.48 -55.44
N ARG B 1209 -17.12 -22.42 -55.17
CA ARG B 1209 -17.11 -23.12 -53.89
C ARG B 1209 -16.00 -22.57 -53.00
N VAL B 1210 -16.38 -22.20 -51.78
CA VAL B 1210 -15.48 -21.58 -50.82
C VAL B 1210 -15.42 -22.33 -49.49
N ILE B 1211 -14.22 -22.43 -48.94
CA ILE B 1211 -14.02 -23.17 -47.70
C ILE B 1211 -13.73 -22.25 -46.52
N GLY B 1212 -14.48 -22.45 -45.45
CA GLY B 1212 -14.28 -21.73 -44.20
C GLY B 1212 -13.71 -22.66 -43.13
N THR B 1213 -13.07 -22.08 -42.12
CA THR B 1213 -12.51 -22.90 -41.04
C THR B 1213 -13.05 -22.49 -39.68
N LYS B 1214 -13.59 -23.48 -38.97
CA LYS B 1214 -14.10 -23.34 -37.61
C LYS B 1214 -13.30 -24.19 -36.65
N GLY B 1215 -12.26 -23.64 -36.06
CA GLY B 1215 -11.38 -24.49 -35.27
C GLY B 1215 -10.76 -25.53 -36.19
N ASP B 1216 -11.06 -26.80 -35.93
CA ASP B 1216 -10.54 -27.91 -36.74
C ASP B 1216 -11.58 -28.46 -37.71
N ILE B 1217 -12.65 -27.70 -37.93
CA ILE B 1217 -13.73 -28.12 -38.82
C ILE B 1217 -13.78 -27.33 -40.12
N ALA B 1218 -13.83 -28.04 -41.25
CA ALA B 1218 -13.96 -27.40 -42.54
C ALA B 1218 -15.42 -27.23 -42.93
N HIS B 1219 -15.77 -26.05 -43.43
CA HIS B 1219 -17.12 -25.77 -43.90
C HIS B 1219 -17.09 -25.26 -45.33
N ILE B 1220 -17.68 -26.00 -46.24
CA ILE B 1220 -17.61 -25.61 -47.64
C ILE B 1220 -18.97 -25.17 -48.17
N TYR B 1221 -19.03 -23.95 -48.72
CA TYR B 1221 -20.27 -23.32 -49.18
C TYR B 1221 -20.10 -22.81 -50.61
N ASP B 1222 -21.23 -22.69 -51.34
CA ASP B 1222 -21.23 -22.12 -52.70
C ASP B 1222 -21.73 -20.68 -52.62
N ILE B 1223 -20.89 -19.75 -53.09
CA ILE B 1223 -21.10 -18.32 -52.91
C ILE B 1223 -22.32 -17.71 -53.60
N GLN B 1224 -23.02 -18.49 -54.43
CA GLN B 1224 -24.21 -17.93 -55.08
C GLN B 1224 -25.24 -17.47 -54.05
N THR B 1225 -25.26 -18.13 -52.89
CA THR B 1225 -26.11 -17.74 -51.78
C THR B 1225 -25.33 -17.79 -50.49
N GLY B 1226 -24.21 -18.52 -50.54
CA GLY B 1226 -23.40 -18.81 -49.37
C GLY B 1226 -23.87 -20.08 -48.64
N ASN B 1227 -24.80 -20.82 -49.26
CA ASN B 1227 -25.34 -22.02 -48.64
C ASN B 1227 -24.28 -23.07 -48.37
N LYS B 1228 -24.27 -23.60 -47.15
CA LYS B 1228 -23.33 -24.66 -46.79
C LYS B 1228 -23.65 -25.91 -47.58
N LEU B 1229 -22.62 -26.49 -48.18
CA LEU B 1229 -22.76 -27.64 -49.06
C LEU B 1229 -22.32 -28.91 -48.34
N LEU B 1230 -21.06 -28.90 -47.92
CA LEU B 1230 -20.47 -30.04 -47.25
C LEU B 1230 -19.56 -29.61 -46.11
N THR B 1231 -19.44 -30.47 -45.09
CA THR B 1231 -18.43 -30.25 -44.06
C THR B 1231 -17.51 -31.45 -43.96
N LEU B 1232 -16.31 -31.20 -43.44
CA LEU B 1232 -15.31 -32.25 -43.27
C LEU B 1232 -14.62 -32.11 -41.92
N PHE B 1233 -14.77 -33.09 -41.04
CA PHE B 1233 -14.14 -32.99 -39.73
C PHE B 1233 -14.05 -34.31 -38.97
N ASN B 1234 -13.10 -34.34 -38.03
CA ASN B 1234 -12.92 -35.44 -37.09
C ASN B 1234 -12.00 -35.00 -35.96
N PRO B 1235 -12.53 -34.77 -34.75
CA PRO B 1235 -11.83 -34.30 -33.56
C PRO B 1235 -10.68 -35.20 -33.11
N ASP B 1236 -10.70 -36.47 -33.52
CA ASP B 1236 -9.65 -37.40 -33.10
C ASP B 1236 -8.48 -37.36 -34.08
N LEU B 1237 -8.78 -37.06 -35.33
CA LEU B 1237 -7.75 -36.96 -36.36
C LEU B 1237 -7.17 -35.56 -36.36
N ALA B 1238 -7.95 -34.59 -35.91
CA ALA B 1238 -7.56 -33.19 -35.85
C ALA B 1238 -6.31 -33.00 -35.00
N ASN B 1239 -5.38 -32.18 -35.48
CA ASN B 1239 -4.16 -31.90 -34.72
C ASN B 1239 -4.26 -30.62 -33.88
N ASN B 1240 -5.39 -29.95 -33.96
CA ASN B 1240 -5.65 -28.73 -33.18
C ASN B 1240 -4.59 -27.66 -33.39
N TYR B 1241 -4.36 -27.29 -34.66
CA TYR B 1241 -3.39 -26.25 -35.00
C TYR B 1241 -3.92 -24.85 -34.65
N LYS B 1242 -3.05 -24.03 -34.07
CA LYS B 1242 -3.39 -22.68 -33.63
C LYS B 1242 -3.94 -21.82 -34.76
N ARG B 1243 -3.39 -21.98 -35.96
CA ARG B 1243 -3.80 -21.16 -37.08
C ARG B 1243 -4.37 -22.02 -38.21
N ASN B 1244 -5.10 -23.07 -37.85
CA ASN B 1244 -5.66 -23.94 -38.89
C ASN B 1244 -6.43 -23.13 -39.92
N CYS B 1245 -6.04 -23.33 -41.17
CA CYS B 1245 -6.67 -22.67 -42.30
C CYS B 1245 -7.02 -23.70 -43.37
N ALA B 1246 -8.21 -24.27 -43.28
CA ALA B 1246 -8.58 -25.38 -44.15
C ALA B 1246 -8.49 -24.95 -45.61
N THR B 1247 -7.93 -25.82 -46.45
CA THR B 1247 -7.67 -25.46 -47.84
C THR B 1247 -7.92 -26.61 -48.83
N PHE B 1248 -8.21 -26.25 -50.08
CA PHE B 1248 -8.36 -27.21 -51.17
C PHE B 1248 -7.06 -27.51 -51.90
N ASN B 1249 -6.98 -28.72 -52.46
CA ASN B 1249 -5.88 -29.06 -53.35
C ASN B 1249 -6.20 -28.47 -54.74
N PRO B 1250 -5.24 -28.47 -55.69
CA PRO B 1250 -5.35 -27.89 -57.03
C PRO B 1250 -6.48 -28.48 -57.87
N THR B 1251 -6.94 -29.68 -57.52
CA THR B 1251 -7.99 -30.37 -58.24
C THR B 1251 -9.35 -30.32 -57.52
N ASP B 1252 -9.39 -29.64 -56.39
CA ASP B 1252 -10.60 -29.46 -55.59
C ASP B 1252 -11.33 -30.76 -55.24
N ASP B 1253 -10.58 -31.79 -54.89
CA ASP B 1253 -11.18 -33.05 -54.47
C ASP B 1253 -10.53 -33.60 -53.19
N LEU B 1254 -9.65 -32.77 -52.61
CA LEU B 1254 -9.08 -33.01 -51.30
C LEU B 1254 -9.07 -31.73 -50.51
N VAL B 1255 -9.37 -31.85 -49.24
CA VAL B 1255 -9.24 -30.73 -48.32
C VAL B 1255 -8.25 -31.03 -47.22
N LEU B 1256 -7.35 -30.10 -46.98
CA LEU B 1256 -6.42 -30.23 -45.88
C LEU B 1256 -6.96 -29.43 -44.72
N ASN B 1257 -7.35 -30.13 -43.67
CA ASN B 1257 -7.99 -29.51 -42.54
C ASN B 1257 -7.35 -29.94 -41.24
N ASP B 1258 -6.63 -29.03 -40.63
CA ASP B 1258 -5.97 -29.30 -39.36
C ASP B 1258 -5.03 -30.50 -39.47
N GLY B 1259 -4.33 -30.62 -40.59
CA GLY B 1259 -3.34 -31.68 -40.80
C GLY B 1259 -3.94 -32.95 -41.39
N VAL B 1260 -5.26 -32.98 -41.54
CA VAL B 1260 -5.94 -34.16 -42.06
C VAL B 1260 -6.38 -33.95 -43.50
N LEU B 1261 -6.10 -34.94 -44.35
CA LEU B 1261 -6.57 -34.87 -45.74
C LEU B 1261 -7.92 -35.55 -45.86
N TRP B 1262 -8.89 -34.78 -46.30
CA TRP B 1262 -10.25 -35.24 -46.40
C TRP B 1262 -10.65 -35.60 -47.81
N ASP B 1263 -11.37 -36.71 -47.92
CA ASP B 1263 -11.91 -37.14 -49.20
C ASP B 1263 -13.18 -36.39 -49.50
N VAL B 1264 -13.11 -35.48 -50.47
CA VAL B 1264 -14.22 -34.60 -50.74
C VAL B 1264 -15.37 -35.36 -51.39
N ARG B 1265 -15.13 -36.60 -51.81
CA ARG B 1265 -16.16 -37.43 -52.44
C ARG B 1265 -16.79 -38.46 -51.50
N SER B 1266 -16.43 -38.43 -50.21
CA SER B 1266 -17.02 -39.37 -49.25
C SER B 1266 -17.15 -38.73 -47.89
N ALA B 1267 -16.43 -37.62 -47.72
CA ALA B 1267 -16.33 -36.89 -46.46
C ALA B 1267 -15.72 -37.72 -45.35
N GLN B 1268 -14.93 -38.71 -45.74
CA GLN B 1268 -14.16 -39.48 -44.77
C GLN B 1268 -12.71 -39.03 -44.89
N ALA B 1269 -11.94 -39.20 -43.84
CA ALA B 1269 -10.53 -38.86 -43.97
C ALA B 1269 -9.88 -39.86 -44.91
N ILE B 1270 -8.99 -39.37 -45.76
CA ILE B 1270 -8.26 -40.25 -46.65
C ILE B 1270 -6.92 -40.56 -46.02
N HIS B 1271 -6.41 -39.57 -45.28
CA HIS B 1271 -5.13 -39.68 -44.59
C HIS B 1271 -5.02 -38.64 -43.48
N LYS B 1272 -4.27 -38.97 -42.44
CA LYS B 1272 -3.97 -38.01 -41.38
C LYS B 1272 -2.47 -37.88 -41.20
N PHE B 1273 -1.98 -36.64 -41.25
CA PHE B 1273 -0.56 -36.40 -41.09
C PHE B 1273 -0.22 -36.16 -39.63
N ASP B 1274 1.00 -36.53 -39.25
CA ASP B 1274 1.47 -36.33 -37.88
C ASP B 1274 1.51 -34.85 -37.54
N LYS B 1275 1.32 -34.55 -36.25
CA LYS B 1275 1.34 -33.16 -35.80
C LYS B 1275 2.77 -32.66 -35.67
N PHE B 1276 3.37 -32.34 -36.80
CA PHE B 1276 4.73 -31.82 -36.80
C PHE B 1276 4.79 -30.52 -36.02
N ASN B 1277 3.83 -29.63 -36.29
CA ASN B 1277 3.82 -28.31 -35.68
C ASN B 1277 2.59 -28.08 -34.84
N MET B 1278 2.52 -26.90 -34.23
CA MET B 1278 1.34 -26.53 -33.45
C MET B 1278 0.59 -25.36 -34.06
N ASN B 1279 1.19 -24.68 -35.04
CA ASN B 1279 0.60 -23.48 -35.60
C ASN B 1279 0.13 -23.68 -37.04
N ILE B 1280 1.00 -24.25 -37.87
CA ILE B 1280 0.69 -24.35 -39.30
C ILE B 1280 0.22 -25.73 -39.72
N SER B 1281 -1.01 -25.80 -40.20
CA SER B 1281 -1.63 -27.06 -40.59
C SER B 1281 -1.21 -27.52 -41.99
N GLY B 1282 -0.77 -26.58 -42.82
CA GLY B 1282 -0.22 -26.93 -44.13
C GLY B 1282 -0.87 -26.24 -45.33
N VAL B 1283 -0.17 -26.33 -46.46
CA VAL B 1283 -0.56 -25.73 -47.75
C VAL B 1283 -0.30 -26.70 -48.91
N PHE B 1284 -1.16 -26.68 -49.93
CA PHE B 1284 -0.96 -27.53 -51.10
C PHE B 1284 -0.09 -26.89 -52.18
N HIS B 1285 0.74 -27.73 -52.82
CA HIS B 1285 1.52 -27.32 -53.98
C HIS B 1285 0.66 -27.41 -55.25
N PRO B 1286 0.78 -26.46 -56.19
CA PRO B 1286 0.06 -26.39 -57.45
C PRO B 1286 0.35 -27.55 -58.41
N ASN B 1287 1.41 -28.32 -58.18
CA ASN B 1287 1.71 -29.44 -59.06
C ASN B 1287 0.76 -30.62 -58.88
N GLY B 1288 -0.06 -30.57 -57.84
CA GLY B 1288 -1.07 -31.61 -57.61
C GLY B 1288 -0.45 -32.87 -57.03
N LEU B 1289 0.80 -32.77 -56.61
CA LEU B 1289 1.55 -33.88 -56.05
C LEU B 1289 1.93 -33.65 -54.60
N GLU B 1290 2.49 -32.48 -54.31
CA GLU B 1290 3.06 -32.25 -52.99
C GLU B 1290 2.18 -31.38 -52.10
N VAL B 1291 2.13 -31.72 -50.81
CA VAL B 1291 1.48 -30.90 -49.80
C VAL B 1291 2.42 -30.73 -48.61
N ILE B 1292 2.53 -29.51 -48.11
CA ILE B 1292 3.39 -29.29 -46.94
C ILE B 1292 2.64 -29.11 -45.66
N ILE B 1293 3.11 -29.81 -44.63
CA ILE B 1293 2.56 -29.66 -43.29
C ILE B 1293 3.62 -28.99 -42.42
N ASN B 1294 3.57 -27.67 -42.40
CA ASN B 1294 4.65 -26.86 -41.84
C ASN B 1294 5.95 -27.12 -42.62
N THR B 1295 6.68 -28.18 -42.24
CA THR B 1295 7.95 -28.50 -42.89
C THR B 1295 7.92 -29.80 -43.68
N GLU B 1296 6.98 -30.68 -43.37
CA GLU B 1296 6.99 -31.99 -44.00
C GLU B 1296 6.33 -31.96 -45.35
N ILE B 1297 7.03 -32.46 -46.36
CA ILE B 1297 6.52 -32.51 -47.72
C ILE B 1297 5.99 -33.89 -48.02
N TRP B 1298 4.69 -33.98 -48.18
CA TRP B 1298 4.01 -35.25 -48.38
C TRP B 1298 3.47 -35.38 -49.78
N ASP B 1299 3.40 -36.61 -50.26
CA ASP B 1299 2.76 -36.93 -51.52
C ASP B 1299 1.25 -37.03 -51.31
N LEU B 1300 0.49 -36.10 -51.89
CA LEU B 1300 -0.95 -36.06 -51.64
C LEU B 1300 -1.69 -37.13 -52.41
N ARG B 1301 -0.98 -37.84 -53.29
CA ARG B 1301 -1.57 -38.89 -54.10
C ARG B 1301 -1.43 -40.25 -53.39
N THR B 1302 -0.29 -40.46 -52.72
CA THR B 1302 -0.02 -41.71 -52.02
C THR B 1302 0.10 -41.54 -50.51
N PHE B 1303 0.22 -40.29 -50.06
CA PHE B 1303 0.40 -39.96 -48.65
C PHE B 1303 1.73 -40.43 -48.08
N HIS B 1304 2.71 -40.64 -48.97
CA HIS B 1304 4.06 -40.95 -48.54
C HIS B 1304 4.83 -39.68 -48.20
N LEU B 1305 5.78 -39.78 -47.28
CA LEU B 1305 6.64 -38.62 -47.00
C LEU B 1305 7.74 -38.55 -48.04
N LEU B 1306 7.89 -37.40 -48.68
CA LEU B 1306 8.88 -37.27 -49.74
C LEU B 1306 10.13 -36.53 -49.27
N HIS B 1307 9.92 -35.43 -48.54
CA HIS B 1307 11.03 -34.56 -48.15
C HIS B 1307 10.67 -33.66 -46.98
N THR B 1308 11.66 -33.16 -46.26
CA THR B 1308 11.40 -32.18 -45.21
C THR B 1308 12.30 -30.96 -45.37
N VAL B 1309 11.69 -29.77 -45.25
CA VAL B 1309 12.44 -28.51 -45.29
C VAL B 1309 12.15 -27.65 -44.05
N PRO B 1310 13.07 -27.62 -43.08
CA PRO B 1310 13.00 -26.89 -41.83
C PRO B 1310 12.85 -25.38 -42.01
N ALA B 1311 13.21 -24.88 -43.19
CA ALA B 1311 13.12 -23.46 -43.49
C ALA B 1311 11.67 -23.03 -43.65
N LEU B 1312 10.77 -24.00 -43.76
CA LEU B 1312 9.34 -23.76 -43.90
C LEU B 1312 8.70 -23.64 -42.51
N ASP B 1313 9.50 -23.87 -41.46
CA ASP B 1313 8.99 -23.93 -40.10
C ASP B 1313 8.56 -22.56 -39.63
N GLN B 1314 7.27 -22.43 -39.34
CA GLN B 1314 6.67 -21.15 -38.97
C GLN B 1314 6.63 -20.19 -40.13
N CYS B 1315 6.76 -20.70 -41.34
CA CYS B 1315 6.69 -19.83 -42.50
C CYS B 1315 5.35 -20.01 -43.21
N ARG B 1316 4.64 -18.92 -43.43
CA ARG B 1316 3.32 -18.96 -44.05
C ARG B 1316 3.48 -19.10 -45.56
N VAL B 1317 3.91 -20.28 -45.99
CA VAL B 1317 4.33 -20.48 -47.37
C VAL B 1317 3.19 -20.76 -48.34
N VAL B 1318 3.10 -19.92 -49.36
CA VAL B 1318 2.11 -20.03 -50.42
C VAL B 1318 2.80 -19.94 -51.77
N PHE B 1319 2.09 -20.28 -52.84
CA PHE B 1319 2.69 -20.29 -54.17
C PHE B 1319 2.24 -19.16 -55.08
N ASN B 1320 3.07 -18.86 -56.07
CA ASN B 1320 2.74 -17.86 -57.09
C ASN B 1320 1.87 -18.45 -58.19
N HIS B 1321 1.49 -17.60 -59.14
CA HIS B 1321 0.62 -17.98 -60.25
C HIS B 1321 1.12 -19.20 -61.02
N THR B 1322 2.41 -19.22 -61.30
CA THR B 1322 2.99 -20.26 -62.16
C THR B 1322 3.35 -21.53 -61.39
N GLY B 1323 3.32 -21.46 -60.06
CA GLY B 1323 3.69 -22.61 -59.24
C GLY B 1323 5.18 -22.91 -59.30
N THR B 1324 5.98 -21.86 -59.45
CA THR B 1324 7.43 -22.00 -59.55
C THR B 1324 8.12 -21.36 -58.35
N VAL B 1325 7.39 -20.49 -57.67
CA VAL B 1325 7.90 -19.77 -56.52
C VAL B 1325 7.00 -19.95 -55.32
N MET B 1326 7.58 -20.27 -54.17
CA MET B 1326 6.81 -20.32 -52.95
C MET B 1326 7.45 -19.38 -51.93
N TYR B 1327 6.63 -18.72 -51.13
CA TYR B 1327 7.14 -17.70 -50.22
C TYR B 1327 6.23 -17.51 -49.02
N GLY B 1328 6.75 -16.90 -47.96
CA GLY B 1328 5.91 -16.60 -46.82
C GLY B 1328 6.65 -15.87 -45.69
N ALA B 1329 5.87 -15.27 -44.79
CA ALA B 1329 6.40 -14.59 -43.61
C ALA B 1329 6.63 -15.57 -42.49
N MET B 1330 7.51 -15.21 -41.57
CA MET B 1330 7.72 -16.04 -40.39
C MET B 1330 6.71 -15.71 -39.30
N LEU B 1331 6.26 -16.73 -38.58
CA LEU B 1331 5.30 -16.59 -37.50
C LEU B 1331 6.00 -16.52 -36.16
N GLN B 1332 5.33 -15.92 -35.18
CA GLN B 1332 5.83 -15.80 -33.82
C GLN B 1332 7.21 -16.46 -33.67
N SER B 1346 1.02 -9.95 -30.72
CA SER B 1346 1.75 -9.76 -31.97
C SER B 1346 2.64 -10.96 -32.29
N PRO B 1347 2.05 -12.12 -32.58
CA PRO B 1347 2.71 -13.40 -32.83
C PRO B 1347 3.30 -13.47 -34.22
N PHE B 1348 4.27 -12.59 -34.49
CA PHE B 1348 4.86 -12.52 -35.82
C PHE B 1348 6.38 -12.53 -35.76
N GLY B 1349 7.02 -13.09 -36.80
CA GLY B 1349 8.47 -13.04 -36.91
C GLY B 1349 8.86 -11.71 -37.53
N SER B 1350 10.17 -11.47 -37.66
CA SER B 1350 10.68 -10.19 -38.15
C SER B 1350 11.27 -10.26 -39.55
N SER B 1351 11.04 -11.39 -40.23
CA SER B 1351 11.60 -11.64 -41.56
C SER B 1351 10.67 -12.50 -42.39
N PHE B 1352 10.98 -12.64 -43.68
CA PHE B 1352 10.22 -13.54 -44.55
C PHE B 1352 11.16 -14.30 -45.45
N ARG B 1353 10.68 -15.42 -45.99
CA ARG B 1353 11.53 -16.25 -46.85
C ARG B 1353 10.91 -16.53 -48.20
N THR B 1354 11.78 -16.86 -49.15
CA THR B 1354 11.38 -17.36 -50.46
C THR B 1354 11.98 -18.73 -50.69
N PHE B 1355 11.25 -19.56 -51.44
CA PHE B 1355 11.61 -20.96 -51.68
C PHE B 1355 11.49 -21.33 -53.15
N ASN B 1356 12.26 -22.30 -53.57
CA ASN B 1356 12.16 -22.85 -54.91
C ASN B 1356 11.09 -23.93 -54.95
N ALA B 1357 10.00 -23.69 -55.69
CA ALA B 1357 8.86 -24.59 -55.68
C ALA B 1357 9.21 -25.98 -56.19
N THR B 1358 10.35 -26.09 -56.87
CA THR B 1358 10.79 -27.36 -57.43
C THR B 1358 10.82 -28.44 -56.36
N ASP B 1359 11.34 -28.09 -55.19
CA ASP B 1359 11.52 -29.04 -54.10
C ASP B 1359 11.46 -28.35 -52.74
N TYR B 1360 10.99 -27.11 -52.72
CA TYR B 1360 10.91 -26.29 -51.52
C TYR B 1360 12.27 -25.89 -50.97
N LYS B 1361 13.32 -26.13 -51.75
CA LYS B 1361 14.65 -25.71 -51.35
C LYS B 1361 14.63 -24.20 -51.11
N PRO B 1362 14.98 -23.73 -49.91
CA PRO B 1362 14.93 -22.34 -49.53
C PRO B 1362 15.86 -21.54 -50.40
N ILE B 1363 15.42 -20.37 -50.82
CA ILE B 1363 16.22 -19.49 -51.63
C ILE B 1363 16.92 -18.44 -50.78
N ALA B 1364 16.16 -17.78 -49.94
CA ALA B 1364 16.72 -16.73 -49.11
C ALA B 1364 15.84 -16.36 -47.94
N THR B 1365 16.47 -15.78 -46.93
CA THR B 1365 15.75 -15.11 -45.87
C THR B 1365 15.96 -13.61 -46.06
N ILE B 1366 14.88 -12.87 -46.09
CA ILE B 1366 14.96 -11.44 -46.33
C ILE B 1366 14.97 -10.70 -45.00
N ASP B 1367 16.04 -9.95 -44.78
CA ASP B 1367 16.30 -9.32 -43.49
C ASP B 1367 15.55 -8.01 -43.37
N VAL B 1368 14.26 -8.12 -43.11
CA VAL B 1368 13.37 -6.97 -43.01
C VAL B 1368 13.58 -6.19 -41.71
N LYS B 1369 13.77 -6.92 -40.62
CA LYS B 1369 13.92 -6.35 -39.28
C LYS B 1369 12.66 -5.62 -38.83
N ARG B 1370 11.51 -6.16 -39.20
CA ARG B 1370 10.21 -5.63 -38.80
C ARG B 1370 9.25 -6.79 -38.64
N ASN B 1371 8.44 -6.78 -37.59
CA ASN B 1371 7.48 -7.86 -37.43
C ASN B 1371 6.47 -7.88 -38.57
N ILE B 1372 6.32 -9.04 -39.21
CA ILE B 1372 5.48 -9.15 -40.41
C ILE B 1372 4.15 -9.80 -40.14
N PHE B 1373 3.09 -9.04 -40.37
CA PHE B 1373 1.73 -9.49 -40.13
C PHE B 1373 1.23 -10.36 -41.28
N ASP B 1374 1.57 -9.95 -42.51
CA ASP B 1374 1.15 -10.71 -43.70
C ASP B 1374 2.00 -10.39 -44.91
N LEU B 1375 1.73 -11.10 -46.01
CA LEU B 1375 2.37 -10.80 -47.28
C LEU B 1375 1.72 -11.50 -48.47
N CYS B 1376 1.87 -10.91 -49.65
CA CYS B 1376 1.41 -11.56 -50.89
C CYS B 1376 2.24 -11.13 -52.10
N THR B 1377 2.29 -11.98 -53.12
CA THR B 1377 2.95 -11.63 -54.38
C THR B 1377 1.91 -11.32 -55.44
N ASP B 1378 2.39 -10.87 -56.59
CA ASP B 1378 1.50 -10.60 -57.71
C ASP B 1378 1.63 -11.68 -58.78
N THR B 1379 0.79 -11.59 -59.82
CA THR B 1379 0.76 -12.59 -60.89
C THR B 1379 2.08 -12.61 -61.65
N LYS B 1380 2.67 -11.44 -61.81
CA LYS B 1380 3.85 -11.25 -62.62
C LYS B 1380 5.15 -11.39 -61.83
N ASP B 1381 5.07 -11.72 -60.54
CA ASP B 1381 6.26 -11.86 -59.71
C ASP B 1381 7.17 -10.64 -59.79
N CYS B 1382 6.58 -9.47 -59.69
CA CYS B 1382 7.35 -8.24 -59.73
C CYS B 1382 7.60 -7.73 -58.33
N TYR B 1383 6.53 -7.53 -57.56
CA TYR B 1383 6.71 -7.00 -56.20
C TYR B 1383 5.97 -7.85 -55.17
N LEU B 1384 6.62 -8.05 -54.03
CA LEU B 1384 5.97 -8.72 -52.91
C LEU B 1384 5.53 -7.70 -51.88
N ALA B 1385 4.25 -7.75 -51.54
CA ALA B 1385 3.63 -6.80 -50.62
C ALA B 1385 3.67 -7.33 -49.21
N VAL B 1386 4.46 -6.70 -48.35
CA VAL B 1386 4.68 -7.23 -47.00
C VAL B 1386 4.20 -6.24 -45.94
N ILE B 1387 3.34 -6.71 -45.04
CA ILE B 1387 2.87 -5.84 -43.95
C ILE B 1387 3.77 -5.94 -42.75
N GLU B 1388 4.48 -4.84 -42.49
CA GLU B 1388 5.55 -4.73 -41.52
C GLU B 1388 5.20 -3.77 -40.40
N ASN B 1389 5.53 -4.12 -39.17
CA ASN B 1389 5.26 -3.23 -38.05
C ASN B 1389 6.46 -2.32 -37.76
N GLN B 1390 6.27 -1.03 -37.97
CA GLN B 1390 7.35 -0.05 -37.82
C GLN B 1390 7.34 0.51 -36.41
N GLY B 1391 6.42 0.02 -35.58
CA GLY B 1391 6.22 0.49 -34.22
C GLY B 1391 6.81 -0.48 -33.20
N SER B 1392 6.14 -0.64 -32.07
CA SER B 1392 6.66 -1.44 -30.96
C SER B 1392 5.90 -2.75 -30.80
N MET B 1393 5.03 -3.04 -31.78
CA MET B 1393 4.21 -4.25 -31.78
C MET B 1393 3.24 -4.31 -30.61
N ASP B 1394 2.81 -3.15 -30.13
CA ASP B 1394 1.83 -3.06 -29.06
C ASP B 1394 0.41 -3.14 -29.60
N ALA B 1395 -0.57 -3.12 -28.69
CA ALA B 1395 -1.97 -3.05 -29.08
C ALA B 1395 -2.29 -1.70 -29.71
N LEU B 1396 -1.70 -0.63 -29.16
CA LEU B 1396 -1.95 0.71 -29.67
C LEU B 1396 -0.71 1.32 -30.29
N ASN B 1397 0.44 1.09 -29.65
CA ASN B 1397 1.70 1.65 -30.16
C ASN B 1397 2.27 0.75 -31.24
N MET B 1398 1.62 0.77 -32.39
CA MET B 1398 1.98 -0.07 -33.53
C MET B 1398 1.85 0.73 -34.81
N ASP B 1399 2.62 0.34 -35.82
CA ASP B 1399 2.52 1.00 -37.11
C ASP B 1399 2.70 0.01 -38.24
N THR B 1400 1.64 -0.70 -38.60
CA THR B 1400 1.77 -1.75 -39.59
C THR B 1400 1.46 -1.24 -40.98
N VAL B 1401 2.49 -1.21 -41.80
CA VAL B 1401 2.42 -0.61 -43.13
C VAL B 1401 2.68 -1.68 -44.15
N CYS B 1402 2.27 -1.47 -45.38
CA CYS B 1402 2.54 -2.49 -46.38
C CYS B 1402 3.64 -2.06 -47.33
N ARG B 1403 4.83 -2.59 -47.10
CA ARG B 1403 6.01 -2.22 -47.84
C ARG B 1403 6.28 -3.23 -48.95
N LEU B 1404 6.43 -2.74 -50.17
CA LEU B 1404 6.60 -3.62 -51.30
C LEU B 1404 8.06 -3.69 -51.72
N TYR B 1405 8.54 -4.91 -51.92
CA TYR B 1405 9.90 -5.17 -52.34
C TYR B 1405 9.92 -5.75 -53.74
N GLU B 1406 10.88 -5.33 -54.55
CA GLU B 1406 11.04 -5.92 -55.87
C GLU B 1406 11.87 -7.18 -55.77
N VAL B 1407 11.41 -8.22 -56.45
CA VAL B 1407 12.12 -9.49 -56.44
C VAL B 1407 13.61 -9.30 -56.70
N LYS C 24 34.89 -24.60 -113.93
CA LYS C 24 35.38 -25.66 -114.80
C LYS C 24 36.24 -25.12 -115.93
N LYS C 25 37.44 -25.68 -116.09
CA LYS C 25 38.33 -25.28 -117.17
C LYS C 25 38.07 -26.10 -118.43
N LEU C 26 38.16 -25.43 -119.57
CA LEU C 26 38.04 -26.07 -120.89
C LEU C 26 39.35 -26.01 -121.65
N VAL C 27 39.74 -27.14 -122.23
CA VAL C 27 40.96 -27.22 -123.01
C VAL C 27 40.71 -26.97 -124.49
N ILE C 28 41.53 -26.08 -125.06
CA ILE C 28 41.50 -25.83 -126.48
C ILE C 28 42.63 -26.58 -127.15
N LYS C 29 42.28 -27.51 -128.02
CA LYS C 29 43.28 -28.31 -128.71
C LYS C 29 43.71 -27.60 -129.98
N ASN C 30 44.93 -27.92 -130.45
CA ASN C 30 45.45 -27.29 -131.66
C ASN C 30 45.25 -25.79 -131.56
N PHE C 31 45.61 -25.22 -130.42
CA PHE C 31 45.28 -23.83 -130.15
C PHE C 31 46.19 -22.83 -130.84
N ARG C 32 45.94 -22.63 -132.11
CA ARG C 32 46.58 -21.58 -132.86
C ARG C 32 46.06 -20.25 -132.30
N ASP C 33 46.96 -19.33 -131.96
CA ASP C 33 46.51 -18.09 -131.34
C ASP C 33 47.30 -16.88 -131.82
N ARG C 34 46.89 -15.72 -131.34
CA ARG C 34 47.59 -14.47 -131.59
C ARG C 34 47.47 -13.56 -130.36
N PRO C 35 48.15 -13.91 -129.25
CA PRO C 35 48.08 -13.23 -127.96
C PRO C 35 48.62 -11.81 -128.07
N ARG C 36 49.47 -11.59 -129.07
CA ARG C 36 50.00 -10.26 -129.31
C ARG C 36 49.64 -9.79 -130.71
N LEU C 37 48.65 -8.92 -130.77
CA LEU C 37 48.17 -8.33 -132.01
C LEU C 37 49.23 -7.35 -132.50
N PRO C 38 49.27 -7.01 -133.79
CA PRO C 38 50.29 -6.19 -134.41
C PRO C 38 50.56 -4.96 -133.58
N ASP C 39 51.84 -4.68 -133.35
CA ASP C 39 52.24 -3.54 -132.53
C ASP C 39 51.73 -2.25 -133.13
N ASN C 40 51.70 -2.18 -134.46
CA ASN C 40 51.23 -0.98 -135.13
C ASN C 40 49.76 -0.72 -134.85
N TYR C 41 48.97 -1.77 -134.66
CA TYR C 41 47.55 -1.58 -134.38
C TYR C 41 47.40 -0.86 -133.05
N THR C 42 48.14 -1.34 -132.05
CA THR C 42 48.11 -0.74 -130.72
C THR C 42 48.58 0.71 -130.77
N GLN C 43 49.66 0.93 -131.51
CA GLN C 43 50.21 2.27 -131.62
C GLN C 43 49.34 3.19 -132.46
N ASP C 44 48.65 2.62 -133.46
CA ASP C 44 47.79 3.42 -134.33
C ASP C 44 46.59 3.93 -133.57
N THR C 45 46.01 3.09 -132.72
CA THR C 45 44.89 3.53 -131.90
C THR C 45 45.36 4.59 -130.92
N TRP C 46 46.57 4.42 -130.40
CA TRP C 46 47.13 5.38 -129.46
C TRP C 46 47.37 6.72 -130.15
N ARG C 47 47.94 6.68 -131.35
CA ARG C 47 48.22 7.89 -132.11
C ARG C 47 46.95 8.65 -132.46
N LYS C 48 45.91 7.93 -132.89
CA LYS C 48 44.66 8.60 -133.25
C LYS C 48 44.07 9.32 -132.05
N LEU C 49 44.15 8.68 -130.89
CA LEU C 49 43.63 9.25 -129.66
C LEU C 49 44.46 10.44 -129.19
N HIS C 50 45.77 10.35 -129.36
CA HIS C 50 46.63 11.49 -129.05
C HIS C 50 46.26 12.65 -129.95
N GLU C 51 46.13 12.38 -131.24
CA GLU C 51 45.77 13.40 -132.21
C GLU C 51 44.39 13.98 -131.93
N ALA C 52 43.46 13.12 -131.50
CA ALA C 52 42.12 13.59 -131.17
C ALA C 52 42.17 14.59 -130.04
N VAL C 53 43.01 14.33 -129.03
CA VAL C 53 43.15 15.29 -127.95
C VAL C 53 43.67 16.61 -128.49
N ARG C 54 44.68 16.54 -129.36
CA ARG C 54 45.24 17.74 -129.96
C ARG C 54 44.20 18.45 -130.83
N ALA C 55 43.34 17.67 -131.48
CA ALA C 55 42.28 18.21 -132.31
C ALA C 55 41.21 18.92 -131.47
N VAL C 56 40.96 18.41 -130.27
CA VAL C 56 40.03 19.03 -129.34
C VAL C 56 40.59 20.33 -128.80
N GLN C 57 41.90 20.32 -128.51
CA GLN C 57 42.59 21.49 -127.98
C GLN C 57 42.36 22.69 -128.87
N SER C 58 42.27 23.87 -128.25
CA SER C 58 41.98 25.11 -128.97
C SER C 58 40.57 25.11 -129.57
N SER C 59 39.74 24.16 -129.14
CA SER C 59 38.34 24.05 -129.55
C SER C 59 38.17 23.89 -131.06
N THR C 60 39.04 23.11 -131.68
CA THR C 60 38.93 22.83 -133.10
C THR C 60 38.21 21.50 -133.38
N SER C 61 37.96 21.24 -134.66
CA SER C 61 37.26 20.03 -135.09
C SER C 61 38.16 18.81 -135.04
N ILE C 62 37.55 17.62 -135.10
CA ILE C 62 38.31 16.38 -135.01
C ILE C 62 38.30 15.63 -136.34
N ARG C 63 39.49 15.27 -136.81
CA ARG C 63 39.65 14.56 -138.08
C ARG C 63 39.02 13.16 -138.06
N TYR C 64 39.09 12.52 -136.91
CA TYR C 64 38.56 11.18 -136.74
C TYR C 64 37.15 11.25 -136.16
N ASN C 65 36.32 10.26 -136.48
CA ASN C 65 34.97 10.25 -135.94
C ASN C 65 35.00 9.87 -134.46
N LEU C 66 34.04 10.39 -133.71
CA LEU C 66 34.01 10.15 -132.26
C LEU C 66 33.88 8.68 -131.91
N GLU C 67 33.07 7.95 -132.68
CA GLU C 67 32.90 6.52 -132.42
C GLU C 67 34.16 5.74 -132.76
N GLU C 68 34.83 6.13 -133.85
CA GLU C 68 36.05 5.45 -134.26
C GLU C 68 37.10 5.58 -133.17
N LEU C 69 37.18 6.76 -132.59
CA LEU C 69 38.12 7.02 -131.51
C LEU C 69 37.72 6.28 -130.26
N TYR C 70 36.42 6.26 -129.97
CA TYR C 70 35.96 5.51 -128.81
C TYR C 70 36.40 4.06 -128.92
N GLN C 71 36.21 3.45 -130.08
CA GLN C 71 36.60 2.06 -130.25
C GLN C 71 38.10 1.93 -130.08
N ALA C 72 38.85 2.93 -130.55
CA ALA C 72 40.30 2.94 -130.34
C ALA C 72 40.63 2.91 -128.85
N VAL C 73 39.80 3.55 -128.03
CA VAL C 73 40.01 3.56 -126.58
C VAL C 73 39.71 2.20 -125.99
N GLU C 74 38.56 1.63 -126.38
CA GLU C 74 38.18 0.30 -125.90
C GLU C 74 39.23 -0.73 -126.28
N ASN C 75 39.80 -0.56 -127.48
CA ASN C 75 40.82 -1.45 -128.00
C ASN C 75 42.15 -1.28 -127.29
N LEU C 76 42.56 -0.02 -127.09
CA LEU C 76 43.85 0.25 -126.48
C LEU C 76 43.86 -0.10 -125.01
N CYS C 77 42.76 0.17 -124.31
CA CYS C 77 42.73 0.01 -122.86
C CYS C 77 42.69 -1.46 -122.44
N SER C 78 43.81 -2.13 -122.63
CA SER C 78 43.95 -3.54 -122.31
C SER C 78 44.83 -3.76 -121.08
N HIS C 79 45.23 -5.01 -120.88
CA HIS C 79 45.95 -5.38 -119.67
C HIS C 79 47.37 -4.83 -119.69
N LYS C 80 47.64 -3.93 -118.75
CA LYS C 80 48.92 -3.25 -118.64
C LYS C 80 49.21 -2.39 -119.87
N VAL C 81 48.16 -2.04 -120.61
CA VAL C 81 48.29 -1.16 -121.77
C VAL C 81 47.64 0.18 -121.50
N SER C 82 46.54 0.18 -120.74
CA SER C 82 45.77 1.38 -120.43
C SER C 82 46.59 2.60 -119.98
N PRO C 83 47.63 2.46 -119.14
CA PRO C 83 48.46 3.56 -118.65
C PRO C 83 49.00 4.42 -119.79
N MET C 84 49.18 3.81 -120.96
CA MET C 84 49.68 4.55 -122.11
C MET C 84 48.77 5.70 -122.46
N LEU C 85 47.47 5.43 -122.43
CA LEU C 85 46.50 6.39 -122.90
C LEU C 85 46.26 7.48 -121.89
N TYR C 86 46.23 7.10 -120.62
CA TYR C 86 45.99 8.08 -119.56
C TYR C 86 47.15 9.05 -119.48
N LYS C 87 48.37 8.52 -119.51
CA LYS C 87 49.55 9.38 -119.45
C LYS C 87 49.61 10.29 -120.66
N GLN C 88 49.25 9.77 -121.84
CA GLN C 88 49.32 10.58 -123.04
C GLN C 88 48.29 11.69 -123.07
N LEU C 89 47.06 11.41 -122.62
CA LEU C 89 46.04 12.46 -122.63
C LEU C 89 46.35 13.45 -121.53
N ARG C 90 46.93 12.97 -120.43
CA ARG C 90 47.23 13.83 -119.31
C ARG C 90 48.31 14.83 -119.69
N GLN C 91 49.35 14.36 -120.36
CA GLN C 91 50.41 15.27 -120.78
C GLN C 91 49.92 16.23 -121.84
N ALA C 92 49.11 15.73 -122.76
CA ALA C 92 48.61 16.58 -123.82
C ALA C 92 47.67 17.65 -123.25
N CYS C 93 46.84 17.26 -122.29
CA CYS C 93 45.94 18.21 -121.65
C CYS C 93 46.74 19.24 -120.85
N GLU C 94 47.81 18.78 -120.20
CA GLU C 94 48.68 19.66 -119.45
C GLU C 94 49.34 20.69 -120.35
N ASP C 95 49.78 20.26 -121.53
CA ASP C 95 50.43 21.17 -122.47
C ASP C 95 49.48 22.30 -122.87
N HIS C 96 48.23 21.94 -123.11
CA HIS C 96 47.20 22.90 -123.50
C HIS C 96 46.89 23.85 -122.36
N VAL C 97 46.73 23.30 -121.17
CA VAL C 97 46.46 24.12 -119.99
C VAL C 97 47.58 25.11 -119.74
N GLN C 98 48.82 24.66 -119.89
CA GLN C 98 49.97 25.53 -119.72
C GLN C 98 49.97 26.62 -120.80
N ALA C 99 49.63 26.26 -122.03
CA ALA C 99 49.54 27.24 -123.11
C ALA C 99 48.50 28.31 -122.79
N GLN C 100 47.43 27.89 -122.11
CA GLN C 100 46.31 28.78 -121.76
C GLN C 100 46.62 29.75 -120.63
N ILE C 101 47.83 29.70 -120.08
CA ILE C 101 48.21 30.70 -119.09
C ILE C 101 48.60 32.00 -119.79
N LEU C 102 49.18 31.89 -120.99
CA LEU C 102 49.79 33.00 -121.69
C LEU C 102 48.84 34.16 -122.05
N PRO C 103 47.58 33.90 -122.46
CA PRO C 103 46.59 34.91 -122.83
C PRO C 103 46.24 35.83 -121.68
N PHE C 104 46.62 35.44 -120.46
CA PHE C 104 46.30 36.22 -119.27
C PHE C 104 47.53 36.89 -118.67
N ARG C 105 48.68 36.67 -119.28
CA ARG C 105 49.93 37.23 -118.76
C ARG C 105 50.10 38.64 -119.31
N GLU C 106 49.28 39.54 -118.81
CA GLU C 106 49.13 40.89 -119.32
C GLU C 106 48.89 41.88 -118.19
N ASP C 107 49.09 43.16 -118.46
CA ASP C 107 48.83 44.21 -117.48
C ASP C 107 47.46 44.85 -117.67
N SER C 108 46.67 44.26 -118.55
CA SER C 108 45.35 44.77 -118.90
C SER C 108 44.28 44.38 -117.88
N LEU C 109 44.29 45.07 -116.74
CA LEU C 109 43.30 44.80 -115.68
C LEU C 109 41.94 45.39 -116.07
N ASP C 110 41.32 44.81 -117.08
CA ASP C 110 40.00 45.19 -117.52
C ASP C 110 38.97 44.33 -116.79
N SER C 111 38.24 44.94 -115.86
CA SER C 111 37.35 44.24 -114.96
C SER C 111 36.21 43.51 -115.67
N VAL C 112 35.99 43.83 -116.93
CA VAL C 112 34.94 43.16 -117.70
C VAL C 112 35.54 42.17 -118.69
N LEU C 113 36.52 42.63 -119.46
CA LEU C 113 37.11 41.78 -120.51
C LEU C 113 37.95 40.65 -119.93
N PHE C 114 38.75 40.94 -118.91
CA PHE C 114 39.60 39.90 -118.34
C PHE C 114 38.74 38.75 -117.83
N LEU C 115 37.67 39.11 -117.11
CA LEU C 115 36.81 38.12 -116.52
C LEU C 115 36.14 37.28 -117.61
N LYS C 116 35.74 37.93 -118.69
CA LYS C 116 35.15 37.20 -119.81
C LYS C 116 36.14 36.17 -120.36
N LYS C 117 37.40 36.60 -120.55
CA LYS C 117 38.42 35.73 -121.10
C LYS C 117 38.71 34.50 -120.25
N ILE C 118 38.81 34.69 -118.93
CA ILE C 118 39.15 33.58 -118.05
C ILE C 118 37.96 32.65 -117.84
N ASN C 119 36.77 33.22 -117.79
CA ASN C 119 35.57 32.40 -117.69
C ASN C 119 35.39 31.58 -118.95
N THR C 120 35.67 32.20 -120.09
CA THR C 120 35.59 31.50 -121.36
C THR C 120 36.60 30.37 -121.38
N CYS C 121 37.81 30.65 -120.93
CA CYS C 121 38.85 29.64 -120.86
C CYS C 121 38.34 28.42 -120.09
N TRP C 122 37.76 28.63 -118.91
CA TRP C 122 37.22 27.53 -118.12
C TRP C 122 36.07 26.81 -118.80
N GLN C 123 35.14 27.57 -119.38
CA GLN C 123 33.97 26.94 -120.02
C GLN C 123 34.36 26.18 -121.27
N ASP C 124 35.33 26.69 -122.02
CA ASP C 124 35.83 26.02 -123.20
C ASP C 124 36.62 24.78 -122.79
N HIS C 125 37.37 24.92 -121.70
CA HIS C 125 38.13 23.79 -121.17
C HIS C 125 37.19 22.70 -120.75
N CYS C 126 36.13 23.04 -120.04
CA CYS C 126 35.15 22.06 -119.61
C CYS C 126 34.59 21.31 -120.80
N ARG C 127 34.23 22.05 -121.85
CA ARG C 127 33.67 21.44 -123.04
C ARG C 127 34.68 20.50 -123.69
N GLN C 128 35.93 20.93 -123.74
CA GLN C 128 36.99 20.12 -124.31
C GLN C 128 37.27 18.87 -123.49
N MET C 129 37.17 18.99 -122.16
CA MET C 129 37.36 17.84 -121.29
C MET C 129 36.20 16.87 -121.41
N ILE C 130 35.01 17.40 -121.68
CA ILE C 130 33.85 16.58 -121.94
C ILE C 130 34.01 15.83 -123.25
N MET C 131 34.48 16.54 -124.29
CA MET C 131 34.72 15.91 -125.58
C MET C 131 35.75 14.80 -125.44
N ILE C 132 36.84 15.08 -124.75
CA ILE C 132 37.87 14.08 -124.55
C ILE C 132 37.36 12.95 -123.67
N ARG C 133 36.70 13.30 -122.58
CA ARG C 133 36.18 12.26 -121.69
C ARG C 133 35.19 11.38 -122.42
N SER C 134 34.37 11.97 -123.28
CA SER C 134 33.38 11.22 -124.04
C SER C 134 34.06 10.21 -124.96
N ILE C 135 35.10 10.66 -125.64
CA ILE C 135 35.89 9.80 -126.52
C ILE C 135 36.59 8.72 -125.70
N PHE C 136 37.10 9.13 -124.55
CA PHE C 136 37.88 8.30 -123.64
C PHE C 136 37.03 7.79 -122.48
N LEU C 137 35.72 7.73 -122.67
CA LEU C 137 34.84 7.33 -121.59
C LEU C 137 35.13 5.91 -121.12
N PHE C 138 35.54 5.04 -122.03
CA PHE C 138 35.89 3.68 -121.64
C PHE C 138 37.09 3.69 -120.70
N LEU C 139 38.12 4.47 -121.04
CA LEU C 139 39.29 4.62 -120.18
C LEU C 139 38.86 5.19 -118.83
N ASP C 140 38.01 6.22 -118.88
CA ASP C 140 37.62 6.97 -117.70
C ASP C 140 36.91 6.08 -116.70
N ARG C 141 36.06 5.18 -117.17
CA ARG C 141 35.25 4.35 -116.29
C ARG C 141 35.94 3.05 -115.90
N THR C 142 37.16 2.82 -116.39
CA THR C 142 37.86 1.59 -116.09
C THR C 142 39.18 1.88 -115.40
N TYR C 143 40.23 2.05 -116.19
CA TYR C 143 41.57 2.30 -115.67
C TYR C 143 41.59 3.43 -114.65
N VAL C 144 40.89 4.51 -114.98
CA VAL C 144 40.94 5.71 -114.14
C VAL C 144 39.97 5.65 -112.96
N LEU C 145 38.70 5.36 -113.25
CA LEU C 145 37.70 5.33 -112.18
C LEU C 145 38.03 4.30 -111.11
N GLN C 146 38.39 3.09 -111.52
CA GLN C 146 38.64 2.03 -110.57
C GLN C 146 40.10 2.06 -110.13
N ASN C 147 40.50 3.17 -109.52
CA ASN C 147 41.90 3.34 -109.05
C ASN C 147 41.95 4.49 -108.06
N SER C 148 42.55 4.26 -106.89
CA SER C 148 42.70 5.37 -105.90
C SER C 148 43.59 6.45 -106.52
N THR C 149 43.18 7.72 -106.42
CA THR C 149 43.98 8.85 -106.96
C THR C 149 44.31 8.61 -108.45
N LEU C 150 43.35 8.12 -109.23
CA LEU C 150 43.35 8.39 -110.70
C LEU C 150 42.20 9.38 -111.02
N PRO C 151 42.39 10.74 -111.08
CA PRO C 151 41.27 11.62 -111.30
C PRO C 151 40.69 11.39 -112.70
N SER C 152 39.39 11.63 -112.84
CA SER C 152 38.71 11.45 -114.13
C SER C 152 39.27 12.43 -115.14
N ILE C 153 38.93 12.27 -116.41
CA ILE C 153 39.47 13.19 -117.41
C ILE C 153 39.10 14.62 -117.08
N TRP C 154 37.84 14.82 -116.67
CA TRP C 154 37.38 16.15 -116.28
C TRP C 154 38.10 16.62 -115.02
N ASP C 155 38.22 15.72 -114.02
CA ASP C 155 38.87 16.07 -112.76
C ASP C 155 40.32 16.44 -112.98
N MET C 156 40.98 15.72 -113.87
CA MET C 156 42.38 15.97 -114.16
C MET C 156 42.52 17.28 -114.90
N GLY C 157 41.60 17.54 -115.83
CA GLY C 157 41.59 18.81 -116.52
C GLY C 157 41.36 19.92 -115.51
N LEU C 158 40.49 19.67 -114.54
CA LEU C 158 40.18 20.63 -113.48
C LEU C 158 41.42 20.92 -112.65
N GLU C 159 42.11 19.87 -112.21
CA GLU C 159 43.28 20.04 -111.38
C GLU C 159 44.38 20.75 -112.13
N LEU C 160 44.56 20.41 -113.40
CA LEU C 160 45.58 21.07 -114.21
C LEU C 160 45.22 22.53 -114.45
N PHE C 161 43.94 22.78 -114.71
CA PHE C 161 43.47 24.12 -115.01
C PHE C 161 43.79 25.07 -113.86
N ARG C 162 43.50 24.65 -112.64
CA ARG C 162 43.79 25.51 -111.50
C ARG C 162 45.27 25.50 -111.15
N THR C 163 45.94 24.38 -111.38
CA THR C 163 47.36 24.27 -111.05
C THR C 163 48.20 25.24 -111.86
N HIS C 164 47.88 25.41 -113.14
CA HIS C 164 48.71 26.24 -114.00
C HIS C 164 48.10 27.59 -114.38
N ILE C 165 46.77 27.68 -114.48
CA ILE C 165 46.17 28.93 -114.96
C ILE C 165 45.68 29.77 -113.81
N ILE C 166 44.78 29.24 -113.01
CA ILE C 166 44.17 30.05 -111.96
C ILE C 166 45.19 30.40 -110.88
N SER C 167 46.05 29.45 -110.55
CA SER C 167 47.09 29.67 -109.54
C SER C 167 48.12 30.71 -109.98
N ASP C 168 48.16 31.03 -111.27
CA ASP C 168 49.14 31.99 -111.77
C ASP C 168 48.91 33.33 -111.11
N LYS C 169 50.00 33.95 -110.64
CA LYS C 169 49.90 35.22 -109.95
C LYS C 169 49.11 36.25 -110.72
N MET C 170 49.29 36.28 -112.05
CA MET C 170 48.62 37.29 -112.85
C MET C 170 47.13 36.98 -112.96
N VAL C 171 46.82 35.70 -113.13
CA VAL C 171 45.44 35.29 -113.33
C VAL C 171 44.61 35.44 -112.08
N GLN C 172 45.13 34.98 -110.94
CA GLN C 172 44.35 35.04 -109.72
C GLN C 172 44.20 36.48 -109.26
N SER C 173 45.22 37.31 -109.51
CA SER C 173 45.15 38.69 -109.07
C SER C 173 44.10 39.45 -109.86
N LYS C 174 44.09 39.23 -111.18
CA LYS C 174 43.16 39.95 -112.03
C LYS C 174 41.75 39.39 -111.91
N THR C 175 41.65 38.09 -111.68
CA THR C 175 40.33 37.48 -111.55
C THR C 175 39.65 38.03 -110.31
N ILE C 176 40.35 38.05 -109.18
CA ILE C 176 39.71 38.47 -107.95
C ILE C 176 39.52 39.98 -107.92
N ASP C 177 40.48 40.73 -108.48
CA ASP C 177 40.36 42.18 -108.50
C ASP C 177 39.23 42.60 -109.43
N GLY C 178 39.11 41.92 -110.56
CA GLY C 178 38.04 42.27 -111.50
C GLY C 178 36.69 42.07 -110.83
N ILE C 179 36.53 40.95 -110.12
CA ILE C 179 35.27 40.63 -109.49
C ILE C 179 34.94 41.61 -108.35
N LEU C 180 35.90 41.84 -107.46
CA LEU C 180 35.62 42.69 -106.30
C LEU C 180 35.51 44.16 -106.69
N LEU C 181 36.21 44.58 -107.74
CA LEU C 181 36.11 45.95 -108.20
C LEU C 181 34.73 46.24 -108.76
N LEU C 182 34.16 45.28 -109.50
CA LEU C 182 32.79 45.47 -109.96
C LEU C 182 31.83 45.51 -108.77
N ILE C 183 32.11 44.70 -107.75
CA ILE C 183 31.25 44.68 -106.57
C ILE C 183 31.28 46.01 -105.81
N GLU C 184 32.46 46.58 -105.58
CA GLU C 184 32.52 47.83 -104.84
C GLU C 184 31.86 48.95 -105.63
N ARG C 185 31.93 48.86 -106.96
CA ARG C 185 31.26 49.83 -107.80
C ARG C 185 29.75 49.70 -107.66
N GLU C 186 29.26 48.46 -107.63
CA GLU C 186 27.84 48.19 -107.47
C GLU C 186 27.32 48.79 -106.17
N ARG C 187 28.10 48.67 -105.09
CA ARG C 187 27.70 49.22 -103.80
C ARG C 187 27.60 50.74 -103.85
N SER C 188 28.38 51.36 -104.72
CA SER C 188 28.36 52.81 -104.88
C SER C 188 27.22 53.29 -105.77
N GLY C 189 26.46 52.36 -106.34
CA GLY C 189 25.33 52.70 -107.20
C GLY C 189 25.62 52.55 -108.69
N GLU C 190 26.75 51.95 -109.04
CA GLU C 190 27.09 51.74 -110.44
C GLU C 190 26.41 50.52 -111.02
N ALA C 191 26.22 50.53 -112.32
CA ALA C 191 25.70 49.36 -113.03
C ALA C 191 26.86 48.48 -113.48
N VAL C 192 26.86 47.22 -113.06
CA VAL C 192 27.96 46.32 -113.38
C VAL C 192 27.46 45.02 -113.98
N ASP C 193 28.38 44.28 -114.58
CA ASP C 193 28.04 43.01 -115.20
C ASP C 193 27.95 41.89 -114.17
N ARG C 194 26.76 41.77 -113.56
CA ARG C 194 26.56 40.74 -112.54
C ARG C 194 26.56 39.35 -113.17
N SER C 195 26.35 39.29 -114.48
CA SER C 195 26.39 38.04 -115.20
C SER C 195 27.80 37.47 -115.20
N LEU C 196 28.81 38.36 -115.15
CA LEU C 196 30.18 37.90 -115.05
C LEU C 196 30.48 37.55 -113.61
N LEU C 197 29.97 38.35 -112.69
CA LEU C 197 30.27 38.06 -111.30
C LEU C 197 29.77 36.66 -110.97
N ARG C 198 28.60 36.33 -111.50
CA ARG C 198 28.00 35.02 -111.30
C ARG C 198 28.81 33.90 -111.93
N SER C 199 29.15 34.05 -113.21
CA SER C 199 29.85 32.99 -113.93
C SER C 199 31.28 32.80 -113.43
N LEU C 200 31.93 33.91 -113.06
CA LEU C 200 33.33 33.87 -112.66
C LEU C 200 33.50 33.28 -111.29
N LEU C 201 32.57 33.58 -110.40
CA LEU C 201 32.62 33.01 -109.07
C LEU C 201 32.22 31.54 -109.12
N GLY C 202 31.37 31.19 -110.08
CA GLY C 202 31.06 29.79 -110.34
C GLY C 202 32.32 29.06 -110.79
N MET C 203 33.11 29.71 -111.64
CA MET C 203 34.39 29.18 -112.10
C MET C 203 35.38 28.98 -110.96
N LEU C 204 35.52 29.99 -110.10
CA LEU C 204 36.43 29.86 -108.96
C LEU C 204 35.95 28.80 -107.99
N SER C 205 34.64 28.63 -107.89
CA SER C 205 34.07 27.59 -107.05
C SER C 205 34.44 26.21 -107.59
N ASP C 206 34.29 26.02 -108.90
CA ASP C 206 34.57 24.73 -109.53
C ASP C 206 36.03 24.31 -109.32
N LEU C 207 36.93 25.28 -109.38
CA LEU C 207 38.35 24.99 -109.24
C LEU C 207 38.78 24.92 -107.78
N GLN C 208 37.84 25.16 -106.87
CA GLN C 208 38.12 25.21 -105.44
C GLN C 208 39.19 26.25 -105.11
N VAL C 209 39.10 27.40 -105.74
CA VAL C 209 40.03 28.50 -105.51
C VAL C 209 39.35 29.68 -104.83
N TYR C 210 38.04 29.80 -105.03
CA TYR C 210 37.27 30.91 -104.47
C TYR C 210 37.61 31.15 -103.01
N LYS C 211 37.61 30.09 -102.22
CA LYS C 211 37.80 30.16 -100.78
C LYS C 211 39.19 30.65 -100.38
N ASP C 212 40.17 30.47 -101.25
CA ASP C 212 41.55 30.80 -100.91
C ASP C 212 42.02 32.14 -101.48
N SER C 213 41.62 32.45 -102.71
CA SER C 213 42.13 33.64 -103.39
C SER C 213 41.14 34.80 -103.40
N PHE C 214 39.85 34.51 -103.47
CA PHE C 214 38.88 35.58 -103.64
C PHE C 214 38.24 36.02 -102.34
N GLU C 215 37.65 35.08 -101.62
CA GLU C 215 36.77 35.43 -100.51
C GLU C 215 37.45 36.32 -99.47
N LEU C 216 38.71 36.04 -99.16
CA LEU C 216 39.37 36.80 -98.09
C LEU C 216 39.62 38.24 -98.49
N LYS C 217 40.23 38.46 -99.66
CA LYS C 217 40.47 39.84 -100.11
C LYS C 217 39.15 40.55 -100.30
N PHE C 218 38.18 39.80 -100.80
CA PHE C 218 36.84 40.32 -101.05
C PHE C 218 36.17 40.78 -99.77
N LEU C 219 36.14 39.95 -98.73
CA LEU C 219 35.40 40.31 -97.54
C LEU C 219 36.07 41.47 -96.81
N GLU C 220 37.41 41.54 -96.90
CA GLU C 220 38.10 42.62 -96.23
C GLU C 220 37.76 43.96 -96.86
N GLU C 221 37.72 44.02 -98.20
CA GLU C 221 37.38 45.25 -98.89
C GLU C 221 35.91 45.57 -98.76
N THR C 222 35.09 44.53 -98.79
CA THR C 222 33.64 44.69 -98.72
C THR C 222 33.22 45.18 -97.36
N ASN C 223 33.86 44.68 -96.32
CA ASN C 223 33.57 45.09 -94.95
C ASN C 223 34.00 46.55 -94.73
N CYS C 224 35.07 46.96 -95.41
CA CYS C 224 35.52 48.34 -95.34
C CYS C 224 34.48 49.27 -95.95
N LEU C 225 33.84 48.82 -97.03
CA LEU C 225 32.79 49.62 -97.66
C LEU C 225 31.62 49.79 -96.70
N TYR C 226 31.27 48.73 -95.98
CA TYR C 226 30.14 48.81 -95.07
C TYR C 226 30.39 49.87 -94.02
N ALA C 227 31.62 49.92 -93.51
CA ALA C 227 31.99 50.92 -92.52
C ALA C 227 31.88 52.33 -93.09
N ALA C 228 32.36 52.51 -94.31
CA ALA C 228 32.29 53.81 -94.98
C ALA C 228 30.85 54.21 -95.26
N GLU C 229 30.02 53.24 -95.64
CA GLU C 229 28.64 53.50 -95.98
C GLU C 229 27.86 54.00 -94.78
N GLY C 230 28.10 53.40 -93.62
CA GLY C 230 27.39 53.81 -92.40
C GLY C 230 27.71 55.25 -92.05
N GLN C 231 29.00 55.58 -92.02
CA GLN C 231 29.45 56.90 -91.60
C GLN C 231 28.97 57.99 -92.55
N ARG C 232 28.88 57.65 -93.85
CA ARG C 232 28.47 58.64 -94.83
C ARG C 232 26.95 58.75 -94.96
N LEU C 233 26.29 57.61 -95.15
CA LEU C 233 24.88 57.61 -95.51
C LEU C 233 23.99 58.24 -94.45
N MET C 234 24.33 58.01 -93.17
CA MET C 234 23.52 58.53 -92.08
C MET C 234 23.52 60.06 -92.05
N GLN C 235 24.54 60.66 -92.65
CA GLN C 235 24.70 62.10 -92.60
C GLN C 235 24.33 62.78 -93.92
N GLU C 236 23.80 62.01 -94.87
CA GLU C 236 23.44 62.59 -96.16
C GLU C 236 22.02 63.14 -96.20
N ARG C 237 21.04 62.31 -95.90
CA ARG C 237 19.64 62.73 -96.05
C ARG C 237 19.08 63.37 -94.79
N GLU C 238 19.68 64.49 -94.39
CA GLU C 238 19.21 65.27 -93.26
C GLU C 238 18.99 64.43 -92.00
N VAL C 239 19.97 63.61 -91.63
CA VAL C 239 19.85 62.75 -90.46
C VAL C 239 18.53 61.99 -90.48
N PRO C 240 18.37 61.07 -91.43
CA PRO C 240 17.16 60.37 -91.80
C PRO C 240 16.83 59.28 -90.79
N GLU C 241 15.66 58.68 -90.95
CA GLU C 241 15.36 57.47 -90.21
C GLU C 241 16.26 56.37 -90.77
N TYR C 242 17.49 56.33 -90.25
CA TYR C 242 18.57 55.57 -90.84
C TYR C 242 18.32 54.08 -90.90
N LEU C 243 17.43 53.58 -90.07
CA LEU C 243 17.15 52.16 -90.05
C LEU C 243 16.64 51.70 -91.42
N ASN C 244 16.11 52.62 -92.21
CA ASN C 244 15.66 52.29 -93.55
C ASN C 244 16.86 51.97 -94.45
N HIS C 245 17.98 52.64 -94.19
CA HIS C 245 19.22 52.41 -94.94
C HIS C 245 19.86 51.11 -94.47
N VAL C 246 19.69 50.81 -93.19
CA VAL C 246 20.28 49.60 -92.62
C VAL C 246 19.63 48.39 -93.27
N SER C 247 18.30 48.39 -93.34
CA SER C 247 17.58 47.30 -93.94
C SER C 247 17.83 47.26 -95.44
N LYS C 248 17.82 48.41 -96.09
CA LYS C 248 18.03 48.44 -97.54
C LYS C 248 19.36 47.83 -97.92
N ARG C 249 20.43 48.25 -97.23
CA ARG C 249 21.77 47.82 -97.57
C ARG C 249 22.03 46.35 -97.22
N LEU C 250 21.48 45.89 -96.10
CA LEU C 250 21.65 44.49 -95.72
C LEU C 250 20.86 43.59 -96.66
N GLU C 251 19.64 43.99 -97.02
CA GLU C 251 18.82 43.21 -97.92
C GLU C 251 19.48 43.09 -99.29
N GLU C 252 20.06 44.20 -99.76
CA GLU C 252 20.76 44.19 -101.04
C GLU C 252 21.94 43.21 -100.99
N GLU C 253 22.65 43.18 -99.86
CA GLU C 253 23.72 42.19 -99.72
C GLU C 253 23.13 40.79 -99.71
N GLY C 254 21.99 40.65 -99.06
CA GLY C 254 21.27 39.38 -98.99
C GLY C 254 20.96 38.84 -100.39
N ASP C 255 20.70 39.74 -101.33
CA ASP C 255 20.45 39.32 -102.70
C ASP C 255 21.75 38.99 -103.43
N ARG C 256 22.80 39.78 -103.18
CA ARG C 256 24.08 39.60 -103.88
C ARG C 256 24.77 38.31 -103.46
N VAL C 257 24.57 37.90 -102.20
CA VAL C 257 25.13 36.66 -101.70
C VAL C 257 24.46 35.43 -102.30
N ILE C 258 23.33 35.65 -102.95
CA ILE C 258 22.64 34.58 -103.66
C ILE C 258 22.94 34.68 -105.15
N THR C 259 22.93 35.91 -105.66
CA THR C 259 23.04 36.18 -107.08
C THR C 259 24.37 35.72 -107.66
N TYR C 260 25.48 35.99 -106.96
CA TYR C 260 26.78 35.63 -107.51
C TYR C 260 27.83 35.13 -106.51
N LEU C 261 27.75 35.56 -105.25
CA LEU C 261 28.75 35.11 -104.27
C LEU C 261 28.38 33.75 -103.72
N ASP C 262 29.37 33.06 -103.17
CA ASP C 262 29.07 31.85 -102.42
C ASP C 262 28.37 32.26 -101.13
N HIS C 263 27.13 31.79 -100.96
CA HIS C 263 26.26 32.26 -99.90
C HIS C 263 26.78 31.96 -98.52
N SER C 264 27.75 31.06 -98.40
CA SER C 264 28.34 30.75 -97.11
C SER C 264 29.12 31.94 -96.56
N THR C 265 29.44 32.88 -97.46
CA THR C 265 30.16 34.11 -97.10
C THR C 265 29.22 35.13 -96.48
N GLN C 266 27.91 34.89 -96.64
CA GLN C 266 26.90 35.82 -96.19
C GLN C 266 26.99 36.14 -94.71
N LYS C 267 27.29 35.13 -93.90
CA LYS C 267 27.26 35.31 -92.46
C LYS C 267 28.13 36.48 -91.98
N PRO C 268 29.43 36.52 -92.29
CA PRO C 268 30.32 37.60 -91.92
C PRO C 268 30.03 38.90 -92.66
N LEU C 269 29.43 38.83 -93.85
CA LEU C 269 29.15 40.07 -94.55
C LEU C 269 27.95 40.79 -93.95
N ILE C 270 26.89 40.05 -93.67
CA ILE C 270 25.68 40.67 -93.16
C ILE C 270 25.88 41.07 -91.70
N ALA C 271 26.69 40.29 -90.98
CA ALA C 271 27.05 40.66 -89.62
C ALA C 271 27.78 41.99 -89.64
N CYS C 272 28.67 42.17 -90.61
CA CYS C 272 29.40 43.42 -90.73
C CYS C 272 28.50 44.56 -91.18
N VAL C 273 27.50 44.27 -92.02
CA VAL C 273 26.59 45.32 -92.45
C VAL C 273 25.81 45.87 -91.26
N GLU C 274 25.26 44.97 -90.44
CA GLU C 274 24.48 45.45 -89.32
C GLU C 274 25.36 46.12 -88.28
N LYS C 275 26.54 45.55 -88.03
CA LYS C 275 27.44 46.13 -87.07
C LYS C 275 27.86 47.53 -87.48
N GLN C 276 28.14 47.72 -88.77
CA GLN C 276 28.60 49.01 -89.27
C GLN C 276 27.48 50.02 -89.48
N LEU C 277 26.28 49.56 -89.83
CA LEU C 277 25.22 50.50 -90.15
C LEU C 277 24.27 50.73 -88.96
N LEU C 278 24.12 49.74 -88.09
CA LEU C 278 23.21 49.86 -86.95
C LEU C 278 23.96 49.92 -85.63
N GLY C 279 24.89 48.99 -85.44
CA GLY C 279 25.61 48.85 -84.19
C GLY C 279 26.40 50.12 -83.84
N GLU C 280 27.23 50.55 -84.77
CA GLU C 280 28.07 51.73 -84.58
C GLU C 280 27.24 52.99 -84.42
N HIS C 281 26.02 52.96 -84.91
CA HIS C 281 25.15 54.14 -84.91
C HIS C 281 23.97 53.98 -83.96
N LEU C 282 24.04 53.02 -83.04
CA LEU C 282 22.92 52.81 -82.10
C LEU C 282 22.51 54.09 -81.41
N THR C 283 23.45 54.74 -80.75
CA THR C 283 23.11 55.89 -79.94
C THR C 283 22.97 57.15 -80.79
N ALA C 284 23.62 57.16 -81.95
CA ALA C 284 23.50 58.29 -82.86
C ALA C 284 22.07 58.41 -83.35
N ILE C 285 21.46 57.27 -83.67
CA ILE C 285 20.10 57.24 -84.18
C ILE C 285 19.09 57.49 -83.07
N LEU C 286 19.29 56.86 -81.91
CA LEU C 286 18.37 57.02 -80.80
C LEU C 286 18.34 58.46 -80.32
N GLN C 287 19.52 59.07 -80.19
CA GLN C 287 19.60 60.44 -79.69
C GLN C 287 18.99 61.45 -80.66
N LYS C 288 19.16 61.21 -81.96
CA LYS C 288 18.64 62.14 -82.95
C LYS C 288 17.16 61.94 -83.24
N GLY C 289 16.69 60.69 -83.21
CA GLY C 289 15.33 60.41 -83.66
C GLY C 289 14.31 60.08 -82.57
N LEU C 290 14.73 59.40 -81.49
CA LEU C 290 13.73 58.85 -80.59
C LEU C 290 12.97 59.91 -79.80
N ASP C 291 13.66 60.94 -79.32
CA ASP C 291 12.99 61.94 -78.49
C ASP C 291 11.88 62.63 -79.26
N HIS C 292 12.13 62.90 -80.53
CA HIS C 292 11.14 63.51 -81.41
C HIS C 292 9.95 62.58 -81.62
N LEU C 293 10.24 61.34 -81.96
CA LEU C 293 9.20 60.38 -82.29
C LEU C 293 8.32 60.11 -81.08
N LEU C 294 8.91 60.07 -79.89
CA LEU C 294 8.14 59.84 -78.68
C LEU C 294 7.20 61.00 -78.42
N ASP C 295 7.67 62.21 -78.62
CA ASP C 295 6.86 63.39 -78.35
C ASP C 295 5.67 63.50 -79.31
N GLU C 296 5.89 63.12 -80.56
CA GLU C 296 4.84 63.17 -81.58
C GLU C 296 4.03 61.88 -81.63
N ASN C 297 4.39 60.91 -80.78
CA ASN C 297 3.78 59.60 -80.79
C ASN C 297 3.78 59.00 -82.19
N ARG C 298 4.92 59.09 -82.87
CA ARG C 298 5.04 58.55 -84.21
C ARG C 298 5.26 57.04 -84.15
N VAL C 299 4.17 56.34 -83.86
CA VAL C 299 4.18 54.92 -83.57
C VAL C 299 4.87 54.04 -84.63
N PRO C 300 4.60 54.20 -85.93
CA PRO C 300 5.20 53.43 -87.01
C PRO C 300 6.73 53.45 -86.96
N ASP C 301 7.29 54.59 -86.56
CA ASP C 301 8.73 54.75 -86.55
C ASP C 301 9.31 54.28 -85.23
N LEU C 302 8.54 54.46 -84.16
CA LEU C 302 8.94 53.98 -82.86
C LEU C 302 8.96 52.46 -82.86
N ALA C 303 8.00 51.87 -83.57
CA ALA C 303 7.92 50.42 -83.69
C ALA C 303 9.13 49.88 -84.41
N GLN C 304 9.55 50.56 -85.47
CA GLN C 304 10.72 50.11 -86.20
C GLN C 304 11.96 50.18 -85.31
N MET C 305 12.11 51.27 -84.57
CA MET C 305 13.28 51.42 -83.72
C MET C 305 13.33 50.37 -82.63
N TYR C 306 12.19 50.09 -82.00
CA TYR C 306 12.15 49.04 -81.00
C TYR C 306 12.56 47.70 -81.58
N GLN C 307 11.98 47.36 -82.74
CA GLN C 307 12.20 46.07 -83.38
C GLN C 307 13.63 45.90 -83.90
N LEU C 308 14.19 46.96 -84.49
CA LEU C 308 15.52 46.88 -85.10
C LEU C 308 16.62 46.92 -84.06
N PHE C 309 16.43 47.72 -83.02
CA PHE C 309 17.43 47.82 -81.98
C PHE C 309 17.20 46.70 -80.97
N SER C 310 17.50 45.47 -81.41
CA SER C 310 17.26 44.29 -80.61
C SER C 310 18.32 43.20 -80.84
N ARG C 311 19.40 43.53 -81.55
CA ARG C 311 20.39 42.53 -81.93
C ARG C 311 21.83 42.86 -81.51
N VAL C 312 22.58 43.48 -82.42
CA VAL C 312 24.04 43.59 -82.31
C VAL C 312 24.50 44.27 -81.02
N ARG C 313 23.82 45.34 -80.63
CA ARG C 313 24.19 46.07 -79.43
C ARG C 313 23.15 45.92 -78.33
N GLY C 314 22.26 44.95 -78.46
CA GLY C 314 21.19 44.77 -77.50
C GLY C 314 20.03 45.71 -77.82
N GLY C 315 20.34 47.00 -77.89
CA GLY C 315 19.38 48.02 -78.31
C GLY C 315 18.46 48.46 -77.18
N GLN C 316 17.87 47.47 -76.51
CA GLN C 316 17.03 47.72 -75.36
C GLN C 316 17.90 48.30 -74.26
N GLN C 317 17.27 48.99 -73.32
CA GLN C 317 17.97 49.72 -72.27
C GLN C 317 18.44 51.08 -72.79
N ALA C 318 19.16 51.08 -73.91
CA ALA C 318 19.48 52.35 -74.58
C ALA C 318 18.18 53.07 -74.98
N LEU C 319 17.23 52.30 -75.49
CA LEU C 319 15.90 52.80 -75.81
C LEU C 319 15.19 53.27 -74.54
N LEU C 320 15.39 52.52 -73.46
CA LEU C 320 14.74 52.78 -72.18
C LEU C 320 15.24 54.07 -71.56
N GLN C 321 16.53 54.35 -71.72
CA GLN C 321 17.13 55.52 -71.11
C GLN C 321 16.61 56.82 -71.73
N HIS C 322 16.52 56.88 -73.05
CA HIS C 322 16.01 58.09 -73.68
C HIS C 322 14.53 58.24 -73.41
N TRP C 323 13.83 57.11 -73.41
CA TRP C 323 12.41 57.08 -73.13
C TRP C 323 12.11 57.57 -71.71
N SER C 324 12.88 57.08 -70.74
CA SER C 324 12.71 57.48 -69.36
C SER C 324 12.96 58.97 -69.16
N GLU C 325 14.01 59.49 -69.80
CA GLU C 325 14.33 60.90 -69.68
C GLU C 325 13.18 61.77 -70.17
N TYR C 326 12.57 61.36 -71.28
CA TYR C 326 11.40 62.06 -71.80
C TYR C 326 10.30 62.11 -70.75
N ILE C 327 9.99 60.98 -70.16
CA ILE C 327 8.87 60.91 -69.23
C ILE C 327 9.09 61.78 -68.02
N LYS C 328 10.26 61.68 -67.42
CA LYS C 328 10.55 62.44 -66.22
C LYS C 328 10.58 63.93 -66.50
N THR C 329 11.13 64.31 -67.64
CA THR C 329 11.23 65.72 -68.00
C THR C 329 9.84 66.34 -68.15
N PHE C 330 8.99 65.68 -68.91
CA PHE C 330 7.66 66.18 -69.22
C PHE C 330 6.71 66.03 -68.04
N GLY C 331 6.79 64.89 -67.36
CA GLY C 331 5.94 64.66 -66.21
C GLY C 331 6.24 65.63 -65.08
N THR C 332 7.53 65.92 -64.87
CA THR C 332 7.93 66.85 -63.84
C THR C 332 7.36 68.22 -64.11
N ALA C 333 7.40 68.64 -65.37
CA ALA C 333 6.92 69.96 -65.76
C ALA C 333 5.47 70.21 -65.34
N ILE C 334 4.67 69.16 -65.21
CA ILE C 334 3.29 69.33 -64.83
C ILE C 334 3.14 69.40 -63.31
N VAL C 335 3.71 68.42 -62.63
CA VAL C 335 3.56 68.32 -61.19
C VAL C 335 4.27 69.43 -60.43
N ILE C 336 5.38 69.91 -61.00
CA ILE C 336 6.23 70.90 -60.36
C ILE C 336 5.67 72.32 -60.46
N ASN C 337 4.59 72.52 -61.22
CA ASN C 337 4.07 73.86 -61.45
C ASN C 337 2.61 74.05 -60.97
N PRO C 338 2.42 74.53 -59.73
CA PRO C 338 1.15 74.78 -59.05
C PRO C 338 0.27 75.80 -59.77
N GLU C 339 0.87 76.59 -60.66
CA GLU C 339 0.12 77.59 -61.41
C GLU C 339 -0.99 76.95 -62.25
N LYS C 340 -0.83 75.66 -62.54
CA LYS C 340 -1.82 74.92 -63.30
C LYS C 340 -2.44 73.82 -62.44
N ASP C 341 -2.41 74.02 -61.12
CA ASP C 341 -2.90 73.03 -60.17
C ASP C 341 -4.27 72.47 -60.54
N LYS C 342 -5.17 73.33 -60.97
CA LYS C 342 -6.54 72.93 -61.26
C LYS C 342 -6.62 71.82 -62.31
N ASP C 343 -5.61 71.72 -63.17
CA ASP C 343 -5.58 70.72 -64.24
C ASP C 343 -4.46 69.71 -64.03
N MET C 344 -3.76 69.81 -62.90
CA MET C 344 -2.55 69.02 -62.67
C MET C 344 -2.84 67.53 -62.65
N VAL C 345 -3.97 67.14 -62.07
CA VAL C 345 -4.32 65.73 -61.98
C VAL C 345 -4.60 65.18 -63.36
N GLN C 346 -5.35 65.93 -64.16
CA GLN C 346 -5.74 65.49 -65.49
C GLN C 346 -4.55 65.49 -66.44
N ASP C 347 -3.63 66.43 -66.27
CA ASP C 347 -2.45 66.49 -67.13
C ASP C 347 -1.48 65.35 -66.81
N LEU C 348 -1.33 65.02 -65.53
CA LEU C 348 -0.47 63.90 -65.15
C LEU C 348 -1.06 62.58 -65.60
N LEU C 349 -2.38 62.44 -65.50
CA LEU C 349 -3.05 61.24 -65.96
C LEU C 349 -2.95 61.10 -67.47
N ASP C 350 -3.05 62.22 -68.19
CA ASP C 350 -2.94 62.20 -69.64
C ASP C 350 -1.54 61.81 -70.07
N PHE C 351 -0.53 62.31 -69.35
CA PHE C 351 0.85 61.98 -69.66
C PHE C 351 1.10 60.51 -69.40
N LYS C 352 0.55 59.98 -68.32
CA LYS C 352 0.69 58.57 -67.99
C LYS C 352 0.11 57.69 -69.09
N ASP C 353 -1.07 58.05 -69.59
CA ASP C 353 -1.69 57.25 -70.64
C ASP C 353 -0.93 57.35 -71.95
N LYS C 354 -0.41 58.53 -72.28
CA LYS C 354 0.36 58.70 -73.50
C LYS C 354 1.57 57.79 -73.50
N VAL C 355 2.26 57.73 -72.36
CA VAL C 355 3.43 56.88 -72.23
C VAL C 355 3.07 55.41 -72.35
N ASP C 356 2.00 55.02 -71.66
CA ASP C 356 1.58 53.62 -71.67
C ASP C 356 1.13 53.21 -73.07
N HIS C 357 0.49 54.14 -73.79
CA HIS C 357 0.06 53.88 -75.16
C HIS C 357 1.27 53.58 -76.04
N VAL C 358 2.31 54.40 -75.93
CA VAL C 358 3.51 54.19 -76.72
C VAL C 358 4.11 52.81 -76.47
N ILE C 359 4.19 52.42 -75.22
CA ILE C 359 4.77 51.13 -74.92
C ILE C 359 3.91 49.99 -75.41
N GLU C 360 2.60 50.10 -75.24
CA GLU C 360 1.71 49.05 -75.71
C GLU C 360 1.79 48.82 -77.22
N VAL C 361 1.80 49.91 -77.99
CA VAL C 361 1.68 49.79 -79.44
C VAL C 361 2.99 49.58 -80.19
N CYS C 362 4.07 50.25 -79.80
CA CYS C 362 5.31 50.14 -80.55
C CYS C 362 6.44 49.42 -79.82
N PHE C 363 6.44 49.43 -78.50
CA PHE C 363 7.49 48.74 -77.76
C PHE C 363 7.00 47.38 -77.30
N GLN C 364 5.86 46.98 -77.83
CA GLN C 364 5.30 45.64 -77.68
C GLN C 364 5.14 45.23 -76.22
N LYS C 365 4.76 46.18 -75.37
CA LYS C 365 4.55 45.91 -73.95
C LYS C 365 5.79 45.32 -73.28
N ASN C 366 6.98 45.74 -73.70
CA ASN C 366 8.21 45.27 -73.10
C ASN C 366 8.28 45.70 -71.63
N GLU C 367 8.49 44.72 -70.76
CA GLU C 367 8.43 44.92 -69.30
C GLU C 367 9.45 45.93 -68.79
N ARG C 368 10.50 46.17 -69.58
CA ARG C 368 11.51 47.13 -69.21
C ARG C 368 10.91 48.52 -69.09
N PHE C 369 9.93 48.79 -69.94
CA PHE C 369 9.34 50.11 -70.03
C PHE C 369 8.06 50.15 -69.21
N VAL C 370 7.38 49.01 -69.10
CA VAL C 370 6.13 48.98 -68.36
C VAL C 370 6.37 49.21 -66.87
N ASN C 371 7.37 48.51 -66.32
CA ASN C 371 7.66 48.62 -64.90
C ASN C 371 8.28 49.97 -64.57
N LEU C 372 9.08 50.50 -65.50
CA LEU C 372 9.76 51.76 -65.25
C LEU C 372 8.77 52.91 -65.34
N MET C 373 7.81 52.83 -66.26
CA MET C 373 6.81 53.88 -66.37
C MET C 373 6.21 54.16 -65.01
N LYS C 374 5.74 53.11 -64.34
CA LYS C 374 5.11 53.29 -63.05
C LYS C 374 6.07 53.93 -62.04
N GLU C 375 7.31 53.45 -62.00
CA GLU C 375 8.28 53.97 -61.04
C GLU C 375 8.62 55.43 -61.29
N SER C 376 8.74 55.80 -62.57
CA SER C 376 9.06 57.19 -62.93
C SER C 376 7.94 58.11 -62.53
N PHE C 377 6.70 57.66 -62.75
CA PHE C 377 5.54 58.47 -62.40
C PHE C 377 5.37 58.59 -60.90
N GLU C 378 5.60 57.51 -60.15
CA GLU C 378 5.49 57.63 -58.69
C GLU C 378 6.53 58.63 -58.19
N THR C 379 7.72 58.59 -58.79
CA THR C 379 8.83 59.43 -58.35
C THR C 379 8.53 60.92 -58.47
N PHE C 380 7.95 61.36 -59.59
CA PHE C 380 7.68 62.79 -59.71
C PHE C 380 6.25 63.20 -59.35
N ILE C 381 5.29 62.29 -59.40
CA ILE C 381 3.94 62.69 -59.03
C ILE C 381 3.93 63.17 -57.58
N ASN C 382 4.62 62.45 -56.70
CA ASN C 382 4.75 62.88 -55.32
C ASN C 382 5.91 63.88 -55.17
N LYS C 383 5.81 65.01 -55.86
CA LYS C 383 6.86 66.03 -55.86
C LYS C 383 6.49 67.23 -54.98
N ARG C 384 5.20 67.49 -54.86
CA ARG C 384 4.72 68.61 -54.07
C ARG C 384 4.34 68.05 -52.70
N PRO C 385 4.00 68.90 -51.70
CA PRO C 385 3.54 68.48 -50.39
C PRO C 385 2.11 67.96 -50.48
N ASN C 386 1.96 66.88 -51.26
CA ASN C 386 0.71 66.22 -51.53
C ASN C 386 -0.38 67.11 -52.11
N LYS C 387 0.00 67.97 -53.05
CA LYS C 387 -0.99 68.84 -53.67
C LYS C 387 -2.09 68.05 -54.41
N PRO C 388 -1.76 67.01 -55.20
CA PRO C 388 -2.69 66.22 -55.98
C PRO C 388 -3.85 65.68 -55.15
N ALA C 389 -3.63 65.41 -53.86
CA ALA C 389 -4.71 64.86 -53.04
C ALA C 389 -5.84 65.86 -52.85
N GLU C 390 -5.49 67.14 -52.76
CA GLU C 390 -6.50 68.18 -52.60
C GLU C 390 -7.28 68.30 -53.88
N LEU C 391 -6.54 68.25 -55.00
CA LEU C 391 -7.13 68.37 -56.31
C LEU C 391 -8.03 67.18 -56.61
N ILE C 392 -7.62 66.00 -56.17
CA ILE C 392 -8.44 64.81 -56.33
C ILE C 392 -9.72 64.95 -55.54
N ALA C 393 -9.64 65.40 -54.30
CA ALA C 393 -10.86 65.58 -53.51
C ALA C 393 -11.80 66.56 -54.17
N LYS C 394 -11.26 67.65 -54.69
CA LYS C 394 -12.11 68.69 -55.29
C LYS C 394 -12.64 68.26 -56.66
N HIS C 395 -11.83 67.54 -57.43
CA HIS C 395 -12.22 67.13 -58.75
C HIS C 395 -13.31 66.06 -58.71
N VAL C 396 -13.22 65.14 -57.76
CA VAL C 396 -14.25 64.10 -57.64
C VAL C 396 -15.51 64.69 -57.01
N ASP C 397 -15.33 65.60 -56.04
CA ASP C 397 -16.45 66.23 -55.38
C ASP C 397 -17.21 67.17 -56.31
N SER C 398 -16.48 67.82 -57.22
CA SER C 398 -17.11 68.71 -58.18
C SER C 398 -18.02 67.93 -59.13
N LYS C 399 -17.51 66.80 -59.64
CA LYS C 399 -18.29 65.98 -60.54
C LYS C 399 -19.50 65.39 -59.82
N LEU C 400 -19.33 65.07 -58.55
CA LEU C 400 -20.36 64.45 -57.73
C LEU C 400 -21.40 65.43 -57.18
N ARG C 401 -21.18 66.73 -57.37
CA ARG C 401 -22.13 67.72 -56.87
C ARG C 401 -23.36 67.76 -57.78
N ALA C 402 -24.56 67.71 -57.19
CA ALA C 402 -25.77 67.71 -58.02
C ALA C 402 -25.88 68.99 -58.84
N GLY C 403 -25.47 70.11 -58.27
CA GLY C 403 -25.51 71.36 -59.01
C GLY C 403 -24.54 71.29 -60.16
N ASN C 404 -25.02 71.57 -61.37
CA ASN C 404 -24.21 71.45 -62.58
C ASN C 404 -23.57 70.07 -62.70
N LYS C 405 -24.33 69.03 -62.35
CA LYS C 405 -23.86 67.66 -62.44
C LYS C 405 -23.77 67.14 -63.85
N GLU C 406 -22.99 66.07 -64.03
CA GLU C 406 -22.90 65.35 -65.30
C GLU C 406 -24.24 64.69 -65.61
N ALA C 407 -24.93 64.28 -64.55
CA ALA C 407 -26.27 63.69 -64.59
C ALA C 407 -26.31 62.28 -65.13
N THR C 408 -25.14 61.66 -65.30
CA THR C 408 -25.10 60.26 -65.69
C THR C 408 -24.10 59.52 -64.82
N ASP C 409 -24.31 58.21 -64.65
CA ASP C 409 -23.42 57.41 -63.84
C ASP C 409 -22.17 57.00 -64.60
N GLU C 410 -22.30 56.89 -65.91
CA GLU C 410 -21.16 56.50 -66.72
C GLU C 410 -20.06 57.56 -66.64
N GLU C 411 -20.48 58.83 -66.68
CA GLU C 411 -19.53 59.93 -66.59
C GLU C 411 -18.99 60.12 -65.18
N LEU C 412 -19.86 59.94 -64.17
CA LEU C 412 -19.39 60.11 -62.80
C LEU C 412 -18.37 59.03 -62.45
N GLU C 413 -18.64 57.80 -62.89
CA GLU C 413 -17.74 56.69 -62.61
C GLU C 413 -16.46 56.83 -63.42
N ARG C 414 -16.58 57.24 -64.68
CA ARG C 414 -15.41 57.38 -65.52
C ARG C 414 -14.45 58.40 -64.94
N THR C 415 -14.98 59.55 -64.51
CA THR C 415 -14.12 60.59 -64.00
C THR C 415 -13.61 60.31 -62.59
N LEU C 416 -14.43 59.69 -61.74
CA LEU C 416 -13.94 59.46 -60.38
C LEU C 416 -12.86 58.41 -60.40
N ASP C 417 -12.97 57.46 -61.31
CA ASP C 417 -11.97 56.41 -61.41
C ASP C 417 -10.64 56.98 -61.89
N LYS C 418 -10.66 57.72 -62.99
CA LYS C 418 -9.42 58.25 -63.53
C LYS C 418 -8.77 59.21 -62.55
N ILE C 419 -9.58 60.03 -61.91
CA ILE C 419 -9.08 61.03 -60.97
C ILE C 419 -8.49 60.37 -59.73
N MET C 420 -9.21 59.38 -59.19
CA MET C 420 -8.79 58.67 -57.98
C MET C 420 -7.57 57.79 -58.21
N ILE C 421 -7.34 57.33 -59.45
CA ILE C 421 -6.16 56.51 -59.73
C ILE C 421 -4.86 57.22 -59.38
N LEU C 422 -4.81 58.54 -59.57
CA LEU C 422 -3.61 59.29 -59.25
C LEU C 422 -3.38 59.36 -57.74
N PHE C 423 -4.41 59.02 -56.97
CA PHE C 423 -4.37 59.06 -55.51
C PHE C 423 -3.41 58.01 -54.96
N ARG C 424 -3.07 57.03 -55.79
CA ARG C 424 -2.23 55.92 -55.34
C ARG C 424 -0.75 56.19 -55.62
N PHE C 425 -0.44 57.36 -56.20
CA PHE C 425 0.95 57.72 -56.53
C PHE C 425 1.52 58.77 -55.58
N ILE C 426 0.77 59.07 -54.52
CA ILE C 426 1.13 60.14 -53.60
C ILE C 426 1.10 59.74 -52.13
N HIS C 427 1.76 60.55 -51.30
CA HIS C 427 1.76 60.36 -49.85
C HIS C 427 1.06 61.53 -49.16
N GLY C 428 0.51 61.29 -47.97
CA GLY C 428 -0.23 62.32 -47.24
C GLY C 428 -1.69 62.34 -47.64
N LYS C 429 -2.25 61.15 -47.76
CA LYS C 429 -3.63 60.94 -48.19
C LYS C 429 -4.65 61.62 -47.27
N ASP C 430 -4.19 62.12 -46.13
CA ASP C 430 -4.99 62.89 -45.19
C ASP C 430 -5.55 64.15 -45.84
N VAL C 431 -4.85 64.67 -46.83
CA VAL C 431 -5.31 65.88 -47.51
C VAL C 431 -6.62 65.60 -48.19
N PHE C 432 -6.72 64.47 -48.86
CA PHE C 432 -7.95 64.13 -49.52
C PHE C 432 -9.06 64.03 -48.49
N GLU C 433 -8.81 63.26 -47.43
CA GLU C 433 -9.86 63.02 -46.44
C GLU C 433 -10.29 64.33 -45.76
N ALA C 434 -9.34 65.17 -45.40
CA ALA C 434 -9.63 66.42 -44.70
C ALA C 434 -10.50 67.36 -45.53
N PHE C 435 -10.23 67.41 -46.83
CA PHE C 435 -10.99 68.29 -47.71
C PHE C 435 -12.29 67.60 -48.17
N TYR C 436 -12.18 66.33 -48.53
CA TYR C 436 -13.31 65.53 -49.01
C TYR C 436 -14.45 65.51 -48.00
N LYS C 437 -14.11 65.27 -46.73
CA LYS C 437 -15.14 65.18 -45.70
C LYS C 437 -15.91 66.49 -45.51
N LYS C 438 -15.33 67.61 -45.93
CA LYS C 438 -16.02 68.89 -45.79
C LYS C 438 -17.10 69.04 -46.85
N ASP C 439 -16.76 68.65 -48.08
CA ASP C 439 -17.72 68.75 -49.18
C ASP C 439 -18.67 67.56 -49.16
N LEU C 440 -18.19 66.44 -48.63
CA LEU C 440 -19.04 65.27 -48.44
C LEU C 440 -20.13 65.62 -47.45
N ALA C 441 -19.75 66.29 -46.35
CA ALA C 441 -20.72 66.68 -45.36
C ALA C 441 -21.80 67.55 -45.98
N LYS C 442 -21.40 68.45 -46.86
CA LYS C 442 -22.39 69.29 -47.53
C LYS C 442 -23.37 68.44 -48.33
N ARG C 443 -22.84 67.50 -49.11
CA ARG C 443 -23.69 66.65 -49.95
C ARG C 443 -24.65 65.81 -49.13
N LEU C 444 -24.21 65.39 -47.96
CA LEU C 444 -25.02 64.52 -47.11
C LEU C 444 -26.05 65.27 -46.27
N LEU C 445 -26.02 66.61 -46.30
CA LEU C 445 -26.90 67.41 -45.46
C LEU C 445 -27.79 68.35 -46.27
N VAL C 446 -27.16 69.13 -47.14
CA VAL C 446 -27.85 70.20 -47.85
C VAL C 446 -27.77 70.00 -49.36
N GLY C 447 -28.92 69.94 -50.01
CA GLY C 447 -28.95 69.70 -51.43
C GLY C 447 -28.75 68.22 -51.70
N LYS C 448 -28.29 67.88 -52.91
CA LYS C 448 -28.19 66.50 -53.32
C LYS C 448 -26.84 66.18 -53.93
N SER C 449 -26.47 64.90 -53.89
CA SER C 449 -25.33 64.41 -54.65
C SER C 449 -25.78 64.09 -56.07
N ALA C 450 -24.85 64.09 -57.01
CA ALA C 450 -25.14 63.72 -58.39
C ALA C 450 -25.60 62.27 -58.48
N SER C 451 -25.01 61.42 -57.65
CA SER C 451 -25.40 60.02 -57.57
C SER C 451 -24.92 59.37 -56.28
N VAL C 452 -25.80 58.62 -55.65
CA VAL C 452 -25.45 57.88 -54.43
C VAL C 452 -24.45 56.78 -54.73
N ASP C 453 -24.63 56.11 -55.88
CA ASP C 453 -23.73 55.04 -56.25
C ASP C 453 -22.34 55.57 -56.52
N ALA C 454 -22.24 56.74 -57.15
CA ALA C 454 -20.93 57.35 -57.41
C ALA C 454 -20.23 57.71 -56.10
N GLU C 455 -21.00 58.17 -55.12
CA GLU C 455 -20.44 58.53 -53.83
C GLU C 455 -19.90 57.28 -53.12
N LYS C 456 -20.66 56.19 -53.18
CA LYS C 456 -20.24 54.93 -52.59
C LYS C 456 -19.04 54.34 -53.34
N SER C 457 -19.01 54.55 -54.66
CA SER C 457 -17.91 54.06 -55.48
C SER C 457 -16.60 54.68 -55.04
N MET C 458 -16.62 55.99 -54.76
CA MET C 458 -15.43 56.66 -54.28
C MET C 458 -14.93 56.06 -52.98
N LEU C 459 -15.84 55.76 -52.07
CA LEU C 459 -15.42 55.19 -50.79
C LEU C 459 -14.74 53.85 -51.00
N SER C 460 -15.27 53.06 -51.93
CA SER C 460 -14.66 51.76 -52.26
C SER C 460 -13.27 51.94 -52.85
N LYS C 461 -13.15 52.90 -53.78
CA LYS C 461 -11.87 53.17 -54.44
C LYS C 461 -10.83 53.67 -53.44
N LEU C 462 -11.31 54.43 -52.45
CA LEU C 462 -10.41 54.95 -51.41
C LEU C 462 -9.92 53.85 -50.48
N LYS C 463 -10.77 52.91 -50.12
CA LYS C 463 -10.35 51.83 -49.24
C LYS C 463 -9.19 51.05 -49.86
N HIS C 464 -9.27 50.82 -51.16
CA HIS C 464 -8.23 50.09 -51.84
C HIS C 464 -6.93 50.89 -51.85
N GLU C 465 -5.83 50.22 -51.49
CA GLU C 465 -4.51 50.82 -51.42
C GLU C 465 -4.40 51.90 -50.33
N CYS C 466 -5.35 51.92 -49.40
CA CYS C 466 -5.25 52.79 -48.23
C CYS C 466 -5.51 52.01 -46.94
N GLY C 467 -6.47 51.10 -46.98
CA GLY C 467 -6.92 50.38 -45.81
C GLY C 467 -8.34 50.80 -45.46
N ALA C 468 -9.13 49.88 -44.94
CA ALA C 468 -10.53 50.17 -44.62
C ALA C 468 -10.66 51.32 -43.65
N ALA C 469 -9.69 51.46 -42.76
CA ALA C 469 -9.70 52.53 -41.76
C ALA C 469 -9.79 53.91 -42.41
N PHE C 470 -9.24 54.04 -43.61
CA PHE C 470 -9.18 55.32 -44.31
C PHE C 470 -10.54 55.96 -44.44
N THR C 471 -11.55 55.16 -44.75
CA THR C 471 -12.89 55.69 -45.01
C THR C 471 -13.83 55.42 -43.86
N SER C 472 -13.29 55.00 -42.71
CA SER C 472 -14.16 54.62 -41.59
C SER C 472 -15.09 55.78 -41.21
N LYS C 473 -14.52 56.97 -41.10
CA LYS C 473 -15.30 58.14 -40.74
C LYS C 473 -16.20 58.55 -41.90
N LEU C 474 -15.69 58.46 -43.12
CA LEU C 474 -16.42 58.91 -44.31
C LEU C 474 -17.65 58.06 -44.55
N GLU C 475 -17.51 56.75 -44.35
CA GLU C 475 -18.62 55.82 -44.51
C GLU C 475 -19.61 55.99 -43.37
N GLY C 476 -19.09 56.22 -42.17
CA GLY C 476 -19.93 56.47 -41.01
C GLY C 476 -20.80 57.71 -41.22
N MET C 477 -20.24 58.73 -41.86
CA MET C 477 -21.00 59.94 -42.16
C MET C 477 -22.24 59.60 -42.99
N PHE C 478 -22.05 58.75 -44.00
CA PHE C 478 -23.19 58.30 -44.80
C PHE C 478 -24.20 57.55 -43.94
N LYS C 479 -23.70 56.61 -43.13
CA LYS C 479 -24.56 55.78 -42.29
C LYS C 479 -25.44 56.62 -41.38
N ASP C 480 -24.89 57.70 -40.83
CA ASP C 480 -25.63 58.57 -39.94
C ASP C 480 -26.89 59.12 -40.57
N MET C 481 -26.85 59.37 -41.88
CA MET C 481 -27.98 59.97 -42.55
C MET C 481 -29.05 58.93 -42.84
N GLU C 482 -28.63 57.68 -43.03
CA GLU C 482 -29.58 56.60 -43.22
C GLU C 482 -30.29 56.34 -41.90
N LEU C 483 -29.56 56.48 -40.81
CA LEU C 483 -30.13 56.34 -39.47
C LEU C 483 -31.07 57.51 -39.18
N SER C 484 -30.69 58.70 -39.64
CA SER C 484 -31.50 59.89 -39.44
C SER C 484 -32.84 59.77 -40.16
N LYS C 485 -32.83 59.16 -41.34
CA LYS C 485 -34.07 58.99 -42.09
C LYS C 485 -35.12 58.24 -41.27
N ASP C 486 -34.72 57.17 -40.59
CA ASP C 486 -35.67 56.44 -39.76
C ASP C 486 -36.07 57.27 -38.53
N ILE C 487 -35.10 57.97 -37.97
CA ILE C 487 -35.34 58.75 -36.76
C ILE C 487 -36.33 59.89 -36.98
N MET C 488 -36.17 60.63 -38.07
CA MET C 488 -37.05 61.76 -38.35
C MET C 488 -38.48 61.31 -38.61
N VAL C 489 -38.64 60.09 -39.15
CA VAL C 489 -39.98 59.54 -39.32
C VAL C 489 -40.63 59.27 -37.98
N HIS C 490 -39.87 58.66 -37.07
CA HIS C 490 -40.39 58.34 -35.76
C HIS C 490 -40.67 59.60 -34.95
N PHE C 491 -39.87 60.64 -35.15
CA PHE C 491 -40.08 61.88 -34.42
C PHE C 491 -41.37 62.55 -34.84
N LYS C 492 -41.69 62.51 -36.13
CA LYS C 492 -42.97 63.04 -36.59
C LYS C 492 -44.14 62.22 -36.02
N GLN C 493 -43.95 60.90 -35.93
CA GLN C 493 -44.99 60.04 -35.37
C GLN C 493 -45.26 60.41 -33.92
N HIS C 494 -44.21 60.76 -33.18
CA HIS C 494 -44.35 61.18 -31.79
C HIS C 494 -44.93 62.59 -31.70
N MET C 495 -44.53 63.46 -32.63
CA MET C 495 -45.00 64.84 -32.68
C MET C 495 -46.52 64.91 -32.88
N GLN C 496 -47.05 63.96 -33.63
CA GLN C 496 -48.48 63.92 -33.92
C GLN C 496 -49.32 63.60 -32.68
N ASN C 497 -48.67 63.11 -31.63
CA ASN C 497 -49.38 62.77 -30.40
C ASN C 497 -49.32 63.90 -29.38
N GLN C 498 -48.84 65.06 -29.82
CA GLN C 498 -48.76 66.26 -28.97
C GLN C 498 -50.02 67.10 -29.10
N SER C 499 -51.01 66.55 -29.81
CA SER C 499 -52.36 67.12 -30.02
C SER C 499 -52.43 68.06 -31.22
N ASP C 500 -51.32 68.69 -31.56
CA ASP C 500 -51.26 69.56 -32.72
C ASP C 500 -49.81 69.73 -33.13
N SER C 501 -49.55 70.49 -34.18
CA SER C 501 -48.18 70.74 -34.61
C SER C 501 -48.04 72.12 -35.24
N GLY C 502 -46.81 72.60 -35.32
CA GLY C 502 -46.54 73.91 -35.91
C GLY C 502 -46.58 73.82 -37.42
N PRO C 503 -46.40 74.97 -38.09
CA PRO C 503 -46.41 75.15 -39.54
C PRO C 503 -45.13 74.63 -40.19
N ILE C 504 -44.16 74.27 -39.37
CA ILE C 504 -42.86 73.86 -39.86
C ILE C 504 -42.74 72.34 -39.94
N ASP C 505 -42.53 71.82 -41.14
CA ASP C 505 -42.41 70.38 -41.32
C ASP C 505 -40.98 69.96 -41.01
N LEU C 506 -40.71 69.77 -39.72
CA LEU C 506 -39.35 69.54 -39.23
C LEU C 506 -38.86 68.10 -39.39
N THR C 507 -37.61 67.99 -39.85
CA THR C 507 -36.83 66.76 -39.81
C THR C 507 -35.50 67.04 -39.13
N VAL C 508 -34.80 65.98 -38.69
CA VAL C 508 -33.48 66.19 -38.10
C VAL C 508 -32.41 65.25 -38.63
N ASN C 509 -31.25 65.84 -38.93
CA ASN C 509 -30.05 65.09 -39.27
C ASN C 509 -29.17 64.95 -38.04
N ILE C 510 -28.95 63.72 -37.59
CA ILE C 510 -28.16 63.49 -36.39
C ILE C 510 -26.79 62.92 -36.76
N LEU C 511 -25.76 63.72 -36.50
CA LEU C 511 -24.41 63.46 -36.99
C LEU C 511 -23.50 62.94 -35.88
N THR C 512 -22.79 61.84 -36.13
CA THR C 512 -21.85 61.34 -35.14
C THR C 512 -20.62 62.26 -35.06
N MET C 513 -20.29 62.75 -33.86
CA MET C 513 -19.15 63.67 -33.74
C MET C 513 -17.82 63.04 -34.15
N GLY C 514 -17.73 61.72 -34.00
CA GLY C 514 -16.51 61.01 -34.34
C GLY C 514 -16.36 60.73 -35.83
N TYR C 515 -17.40 61.04 -36.62
CA TYR C 515 -17.35 60.79 -38.06
C TYR C 515 -17.31 62.09 -38.86
N TRP C 516 -18.06 63.09 -38.39
CA TRP C 516 -18.23 64.33 -39.13
C TRP C 516 -17.19 65.37 -38.72
N PRO C 517 -16.94 66.39 -39.57
CA PRO C 517 -16.13 67.55 -39.29
C PRO C 517 -16.69 68.32 -38.11
N THR C 518 -15.83 68.99 -37.36
CA THR C 518 -16.29 69.86 -36.28
C THR C 518 -16.91 71.12 -36.89
N TYR C 519 -18.08 71.51 -36.39
CA TYR C 519 -18.74 72.70 -36.89
C TYR C 519 -18.98 73.70 -35.79
N THR C 520 -18.97 74.98 -36.14
CA THR C 520 -19.23 76.04 -35.18
C THR C 520 -20.72 76.40 -35.21
N PRO C 521 -21.43 76.23 -34.08
CA PRO C 521 -22.83 76.55 -33.91
C PRO C 521 -23.01 78.05 -33.72
N MET C 522 -24.20 78.53 -34.03
CA MET C 522 -24.56 79.90 -33.71
C MET C 522 -25.95 79.93 -33.10
N GLU C 523 -26.12 80.73 -32.05
CA GLU C 523 -27.45 80.91 -31.47
C GLU C 523 -28.14 82.00 -32.25
N VAL C 524 -29.22 81.64 -32.93
CA VAL C 524 -29.86 82.55 -33.86
C VAL C 524 -31.32 82.75 -33.52
N HIS C 525 -31.91 83.79 -34.08
CA HIS C 525 -33.29 84.13 -33.78
C HIS C 525 -34.28 83.28 -34.56
N LEU C 526 -34.38 82.02 -34.19
CA LEU C 526 -35.29 81.09 -34.85
C LEU C 526 -36.73 81.43 -34.53
N THR C 527 -37.61 81.17 -35.48
CA THR C 527 -39.04 81.29 -35.26
C THR C 527 -39.40 80.45 -34.03
N PRO C 528 -40.21 80.96 -33.09
CA PRO C 528 -40.65 80.28 -31.88
C PRO C 528 -41.10 78.84 -32.16
N GLU C 529 -41.73 78.63 -33.31
CA GLU C 529 -42.17 77.30 -33.70
C GLU C 529 -41.00 76.38 -33.96
N MET C 530 -39.93 76.93 -34.55
CA MET C 530 -38.73 76.16 -34.83
C MET C 530 -38.02 75.78 -33.54
N ILE C 531 -38.05 76.71 -32.58
CA ILE C 531 -37.40 76.47 -31.30
C ILE C 531 -38.11 75.35 -30.56
N LYS C 532 -39.44 75.42 -30.51
CA LYS C 532 -40.20 74.40 -29.84
C LYS C 532 -40.01 73.03 -30.48
N LEU C 533 -40.04 72.99 -31.81
CA LEU C 533 -39.96 71.73 -32.51
C LEU C 533 -38.58 71.08 -32.43
N GLN C 534 -37.50 71.88 -32.52
CA GLN C 534 -36.18 71.27 -32.45
C GLN C 534 -35.89 70.82 -31.03
N GLU C 535 -36.49 71.48 -30.05
CA GLU C 535 -36.31 71.09 -28.66
C GLU C 535 -37.04 69.78 -28.41
N VAL C 536 -38.22 69.64 -29.00
CA VAL C 536 -38.97 68.41 -28.91
C VAL C 536 -38.24 67.26 -29.59
N PHE C 537 -37.70 67.49 -30.78
CA PHE C 537 -36.96 66.45 -31.47
C PHE C 537 -35.71 66.06 -30.69
N LYS C 538 -35.06 67.05 -30.07
CA LYS C 538 -33.94 66.76 -29.19
C LYS C 538 -34.39 65.87 -28.04
N ALA C 539 -35.52 66.22 -27.44
CA ALA C 539 -36.09 65.46 -26.33
C ALA C 539 -36.45 64.05 -26.76
N PHE C 540 -36.93 63.89 -27.99
CA PHE C 540 -37.29 62.58 -28.50
C PHE C 540 -36.04 61.72 -28.62
N TYR C 541 -34.99 62.27 -29.20
CA TYR C 541 -33.77 61.50 -29.41
C TYR C 541 -33.17 61.05 -28.10
N LEU C 542 -33.12 61.99 -27.15
CA LEU C 542 -32.45 61.74 -25.90
C LEU C 542 -33.33 60.98 -24.93
N GLY C 543 -34.53 60.62 -25.38
CA GLY C 543 -35.41 59.77 -24.61
C GLY C 543 -35.28 58.33 -25.08
N LYS C 544 -34.48 58.13 -26.14
CA LYS C 544 -34.24 56.82 -26.73
C LYS C 544 -32.77 56.48 -26.55
N HIS C 545 -31.94 57.51 -26.64
CA HIS C 545 -30.50 57.40 -26.52
C HIS C 545 -30.03 58.44 -25.51
N SER C 546 -30.32 58.18 -24.25
CA SER C 546 -30.08 59.14 -23.18
C SER C 546 -28.62 59.18 -22.78
N GLY C 547 -28.26 60.19 -21.99
CA GLY C 547 -26.88 60.36 -21.53
C GLY C 547 -26.07 61.10 -22.58
N ARG C 548 -26.79 61.61 -23.57
CA ARG C 548 -26.22 62.31 -24.71
C ARG C 548 -26.64 63.76 -24.74
N LYS C 549 -25.91 64.53 -25.53
CA LYS C 549 -26.30 65.88 -25.86
C LYS C 549 -26.24 66.08 -27.37
N LEU C 550 -27.16 66.89 -27.89
CA LEU C 550 -27.15 67.23 -29.29
C LEU C 550 -26.80 68.70 -29.50
N GLN C 551 -25.77 68.93 -30.29
CA GLN C 551 -25.29 70.27 -30.57
C GLN C 551 -25.88 70.77 -31.89
N TRP C 552 -26.88 71.63 -31.81
CA TRP C 552 -27.56 72.09 -33.01
C TRP C 552 -26.66 72.99 -33.83
N GLN C 553 -26.59 72.72 -35.12
CA GLN C 553 -25.79 73.50 -36.04
C GLN C 553 -26.67 74.30 -36.98
N THR C 554 -26.87 75.55 -36.63
CA THR C 554 -27.77 76.42 -37.37
C THR C 554 -27.17 76.83 -38.70
N THR C 555 -25.87 76.60 -38.84
CA THR C 555 -25.15 76.86 -40.07
C THR C 555 -25.35 75.76 -41.11
N LEU C 556 -25.69 74.55 -40.65
CA LEU C 556 -25.82 73.41 -41.55
C LEU C 556 -27.27 73.18 -41.99
N GLY C 557 -28.21 73.62 -41.16
CA GLY C 557 -29.62 73.39 -41.44
C GLY C 557 -30.10 74.17 -42.66
N HIS C 558 -31.20 73.71 -43.26
CA HIS C 558 -31.78 74.33 -44.45
C HIS C 558 -33.30 74.24 -44.43
N ALA C 559 -33.95 75.05 -45.26
CA ALA C 559 -35.40 75.14 -45.26
C ALA C 559 -35.97 75.45 -46.63
N VAL C 560 -37.27 75.21 -46.79
CA VAL C 560 -37.97 75.66 -47.99
C VAL C 560 -38.90 76.80 -47.62
N LEU C 561 -38.64 77.96 -48.20
CA LEU C 561 -39.35 79.18 -47.85
C LEU C 561 -40.20 79.67 -49.01
N LYS C 562 -41.45 79.97 -48.73
CA LYS C 562 -42.37 80.50 -49.74
C LYS C 562 -42.45 82.02 -49.62
N ALA C 563 -42.24 82.71 -50.74
CA ALA C 563 -42.28 84.16 -50.77
C ALA C 563 -43.39 84.67 -51.68
N GLU C 564 -44.09 85.70 -51.22
CA GLU C 564 -45.19 86.28 -52.00
C GLU C 564 -44.74 87.44 -52.85
N PHE C 565 -44.88 87.27 -54.16
CA PHE C 565 -44.45 88.27 -55.12
C PHE C 565 -45.65 88.78 -55.91
N LYS C 566 -45.43 89.76 -56.77
CA LYS C 566 -46.49 90.27 -57.62
C LYS C 566 -46.97 89.21 -58.60
N GLU C 567 -46.13 88.21 -58.84
CA GLU C 567 -46.41 87.13 -59.78
C GLU C 567 -46.88 85.85 -59.09
N GLY C 568 -47.16 85.93 -57.79
CA GLY C 568 -47.64 84.76 -57.04
C GLY C 568 -46.64 84.31 -55.97
N LYS C 569 -47.02 83.28 -55.22
CA LYS C 569 -46.21 82.77 -54.13
C LYS C 569 -45.33 81.60 -54.55
N LYS C 570 -44.02 81.85 -54.62
CA LYS C 570 -43.06 80.84 -55.10
C LYS C 570 -42.15 80.36 -53.99
N GLU C 571 -41.71 79.11 -54.09
CA GLU C 571 -40.84 78.51 -53.07
C GLU C 571 -39.37 78.55 -53.47
N PHE C 572 -38.51 78.70 -52.47
CA PHE C 572 -37.07 78.66 -52.67
C PHE C 572 -36.41 77.66 -51.73
N GLN C 573 -35.33 77.07 -52.19
CA GLN C 573 -34.50 76.24 -51.32
C GLN C 573 -33.42 77.13 -50.73
N VAL C 574 -33.53 77.37 -49.44
CA VAL C 574 -32.70 78.33 -48.75
C VAL C 574 -31.98 77.70 -47.57
N SER C 575 -30.85 78.27 -47.18
CA SER C 575 -30.17 77.81 -45.98
C SER C 575 -30.93 78.33 -44.76
N LEU C 576 -30.65 77.79 -43.59
CA LEU C 576 -31.28 78.31 -42.38
C LEU C 576 -31.00 79.79 -42.26
N PHE C 577 -29.75 80.17 -42.50
CA PHE C 577 -29.35 81.57 -42.38
C PHE C 577 -30.04 82.41 -43.44
N GLN C 578 -30.15 81.89 -44.67
CA GLN C 578 -30.89 82.61 -45.71
C GLN C 578 -32.35 82.73 -45.33
N THR C 579 -32.89 81.70 -44.68
CA THR C 579 -34.27 81.71 -44.25
C THR C 579 -34.50 82.83 -43.26
N LEU C 580 -33.60 82.96 -42.29
CA LEU C 580 -33.72 84.01 -41.29
C LEU C 580 -33.60 85.39 -41.94
N VAL C 581 -32.70 85.49 -42.92
CA VAL C 581 -32.51 86.75 -43.62
C VAL C 581 -33.76 87.14 -44.38
N LEU C 582 -34.34 86.20 -45.11
CA LEU C 582 -35.54 86.48 -45.87
C LEU C 582 -36.77 86.63 -45.00
N LEU C 583 -36.86 85.84 -43.94
CA LEU C 583 -38.01 85.88 -43.05
C LEU C 583 -38.07 87.23 -42.35
N MET C 584 -36.91 87.84 -42.14
CA MET C 584 -36.81 89.17 -41.55
C MET C 584 -37.46 90.25 -42.42
N PHE C 585 -37.67 89.93 -43.70
CA PHE C 585 -38.28 90.87 -44.62
C PHE C 585 -39.76 90.57 -44.83
N ASN C 586 -40.38 89.78 -43.95
CA ASN C 586 -41.79 89.48 -44.14
C ASN C 586 -42.72 90.48 -43.48
N GLU C 587 -42.14 91.48 -42.82
CA GLU C 587 -42.90 92.56 -42.18
C GLU C 587 -42.76 93.84 -43.00
N GLY C 588 -41.62 93.98 -43.64
CA GLY C 588 -41.24 95.18 -44.37
C GLY C 588 -39.81 95.01 -44.86
N ASP C 589 -39.27 96.03 -45.51
CA ASP C 589 -37.92 95.93 -46.04
C ASP C 589 -37.17 97.26 -45.98
N GLY C 590 -36.06 97.36 -46.71
CA GLY C 590 -35.23 98.56 -46.65
C GLY C 590 -34.29 98.49 -45.45
N PHE C 591 -33.86 97.28 -45.13
CA PHE C 591 -32.98 97.04 -43.98
C PHE C 591 -31.53 97.03 -44.41
N SER C 592 -30.65 97.48 -43.52
CA SER C 592 -29.22 97.42 -43.80
C SER C 592 -28.68 96.03 -43.50
N PHE C 593 -27.50 95.72 -44.02
CA PHE C 593 -26.82 94.49 -43.70
C PHE C 593 -26.63 94.35 -42.20
N GLU C 594 -26.10 95.38 -41.57
CA GLU C 594 -25.86 95.35 -40.12
C GLU C 594 -27.14 95.04 -39.35
N GLU C 595 -28.26 95.66 -39.76
CA GLU C 595 -29.53 95.42 -39.10
C GLU C 595 -30.00 93.99 -39.24
N ILE C 596 -29.81 93.40 -40.43
CA ILE C 596 -30.18 92.01 -40.62
C ILE C 596 -29.31 91.09 -39.78
N LYS C 597 -28.01 91.38 -39.74
CA LYS C 597 -27.09 90.57 -38.94
C LYS C 597 -27.58 90.48 -37.50
N MET C 598 -27.93 91.62 -36.92
CA MET C 598 -28.41 91.68 -35.55
C MET C 598 -29.76 91.00 -35.42
N ALA C 599 -30.63 91.22 -36.41
CA ALA C 599 -31.99 90.69 -36.41
C ALA C 599 -32.02 89.17 -36.54
N THR C 600 -31.08 88.60 -37.27
CA THR C 600 -31.05 87.17 -37.49
C THR C 600 -30.12 86.46 -36.51
N GLY C 601 -29.17 87.21 -35.94
CA GLY C 601 -28.26 86.66 -34.94
C GLY C 601 -27.16 85.80 -35.56
N ILE C 602 -26.72 86.14 -36.76
CA ILE C 602 -25.70 85.34 -37.43
C ILE C 602 -24.43 86.15 -37.66
N GLU C 603 -23.37 85.46 -38.03
CA GLU C 603 -22.09 86.12 -38.28
C GLU C 603 -22.14 86.95 -39.55
N ASP C 604 -21.27 87.95 -39.65
CA ASP C 604 -21.27 88.80 -40.82
C ASP C 604 -20.80 88.05 -42.05
N SER C 605 -19.85 87.16 -41.85
CA SER C 605 -19.34 86.34 -42.95
C SER C 605 -20.47 85.49 -43.51
N GLU C 606 -21.27 84.92 -42.62
CA GLU C 606 -22.40 84.09 -43.01
C GLU C 606 -23.46 84.92 -43.70
N LEU C 607 -23.72 86.13 -43.18
CA LEU C 607 -24.72 87.00 -43.76
C LEU C 607 -24.31 87.49 -45.14
N ARG C 608 -23.02 87.80 -45.31
CA ARG C 608 -22.54 88.26 -46.61
C ARG C 608 -22.79 87.21 -47.66
N ARG C 609 -22.55 85.93 -47.33
CA ARG C 609 -22.80 84.86 -48.28
C ARG C 609 -24.30 84.70 -48.56
N THR C 610 -25.13 84.83 -47.53
CA THR C 610 -26.57 84.64 -47.75
C THR C 610 -27.11 85.73 -48.65
N LEU C 611 -26.65 86.96 -48.45
CA LEU C 611 -27.12 88.09 -49.25
C LEU C 611 -26.43 88.14 -50.61
N GLN C 612 -25.20 87.62 -50.68
CA GLN C 612 -24.48 87.57 -51.94
C GLN C 612 -25.24 86.74 -52.95
N SER C 613 -25.92 85.70 -52.49
CA SER C 613 -26.75 84.92 -53.42
C SER C 613 -28.14 85.56 -53.57
N LEU C 614 -28.79 85.81 -52.45
CA LEU C 614 -30.19 86.23 -52.44
C LEU C 614 -30.44 87.53 -53.20
N ALA C 615 -29.49 88.47 -53.12
CA ALA C 615 -29.68 89.78 -53.71
C ALA C 615 -28.75 90.10 -54.89
N CYS C 616 -28.03 89.09 -55.40
CA CYS C 616 -27.12 89.32 -56.51
C CYS C 616 -27.28 88.33 -57.66
N GLY C 617 -27.67 87.09 -57.34
CA GLY C 617 -27.64 86.03 -58.33
C GLY C 617 -28.92 85.93 -59.13
N LYS C 618 -29.19 84.74 -59.67
CA LYS C 618 -30.37 84.52 -60.49
C LYS C 618 -31.58 84.26 -59.61
N ALA C 619 -32.77 84.56 -60.13
CA ALA C 619 -33.99 84.36 -59.36
C ALA C 619 -33.89 85.05 -58.01
N ARG C 620 -33.49 86.32 -58.04
CA ARG C 620 -33.28 87.10 -56.84
C ARG C 620 -34.55 87.19 -56.02
N VAL C 621 -34.40 87.07 -54.71
CA VAL C 621 -35.53 87.21 -53.80
C VAL C 621 -35.50 88.62 -53.22
N LEU C 622 -34.29 89.09 -52.95
CA LEU C 622 -34.05 90.44 -52.47
C LEU C 622 -33.31 91.23 -53.53
N ILE C 623 -33.41 92.54 -53.47
CA ILE C 623 -32.59 93.39 -54.33
C ILE C 623 -31.65 94.25 -53.50
N LYS C 624 -30.38 94.23 -53.83
CA LYS C 624 -29.42 95.10 -53.17
C LYS C 624 -29.34 96.43 -53.90
N SER C 625 -29.58 97.53 -53.19
CA SER C 625 -29.57 98.85 -53.81
C SER C 625 -28.21 99.25 -54.41
N PRO C 626 -27.08 99.10 -53.71
CA PRO C 626 -25.74 99.34 -54.23
C PRO C 626 -25.27 98.17 -55.07
N LYS C 627 -25.85 98.05 -56.26
CA LYS C 627 -25.63 96.89 -57.12
C LYS C 627 -24.15 96.52 -57.22
N GLY C 628 -23.88 95.24 -56.98
CA GLY C 628 -22.52 94.70 -57.01
C GLY C 628 -22.55 93.24 -56.53
N LYS C 629 -21.41 92.58 -56.55
CA LYS C 629 -21.36 91.17 -56.15
C LYS C 629 -21.12 90.99 -54.65
N GLU C 630 -20.36 91.89 -54.05
CA GLU C 630 -20.01 91.77 -52.63
C GLU C 630 -20.97 92.55 -51.73
N VAL C 631 -21.05 92.15 -50.48
CA VAL C 631 -21.97 92.75 -49.52
C VAL C 631 -21.28 93.46 -48.36
N GLU C 632 -21.63 94.72 -48.15
CA GLU C 632 -21.08 95.58 -47.10
C GLU C 632 -22.08 95.85 -45.98
N ASP C 633 -21.56 96.31 -44.84
CA ASP C 633 -22.36 96.61 -43.65
C ASP C 633 -23.48 97.63 -43.91
N GLY C 634 -23.21 98.60 -44.78
CA GLY C 634 -24.17 99.67 -45.03
C GLY C 634 -25.13 99.37 -46.17
N ASP C 635 -25.01 98.20 -46.79
CA ASP C 635 -25.86 97.87 -47.94
C ASP C 635 -27.32 97.78 -47.54
N LYS C 636 -28.18 98.39 -48.34
CA LYS C 636 -29.62 98.39 -48.10
C LYS C 636 -30.34 97.37 -48.98
N PHE C 637 -31.21 96.58 -48.36
CA PHE C 637 -31.92 95.54 -49.08
C PHE C 637 -33.43 95.71 -49.08
N ILE C 638 -34.02 95.51 -50.25
CA ILE C 638 -35.46 95.56 -50.42
C ILE C 638 -35.96 94.24 -51.02
N PHE C 639 -37.26 93.98 -50.87
CA PHE C 639 -37.85 92.76 -51.40
C PHE C 639 -38.09 92.82 -52.90
N ASN C 640 -37.74 91.75 -53.60
CA ASN C 640 -37.93 91.69 -55.05
C ASN C 640 -39.37 91.37 -55.40
N GLY C 641 -40.27 92.34 -55.21
CA GLY C 641 -41.67 92.15 -55.54
C GLY C 641 -41.82 91.81 -57.02
N GLU C 642 -40.93 92.39 -57.84
CA GLU C 642 -40.92 92.15 -59.28
C GLU C 642 -40.14 90.88 -59.62
N PHE C 643 -40.64 89.76 -59.13
CA PHE C 643 -40.00 88.46 -59.33
C PHE C 643 -40.71 87.66 -60.39
N LYS C 644 -40.06 87.45 -61.51
CA LYS C 644 -40.67 86.70 -62.59
C LYS C 644 -39.96 85.37 -62.80
N HIS C 645 -40.60 84.28 -62.37
CA HIS C 645 -40.02 82.95 -62.49
C HIS C 645 -41.12 81.89 -62.41
N LYS C 646 -40.89 80.76 -63.06
CA LYS C 646 -41.87 79.69 -63.11
C LYS C 646 -41.54 78.49 -62.22
N LEU C 647 -40.27 78.38 -61.81
CA LEU C 647 -39.84 77.20 -61.05
C LEU C 647 -40.14 77.36 -59.57
N PHE C 648 -40.57 76.27 -58.95
CA PHE C 648 -40.77 76.23 -57.51
C PHE C 648 -39.63 75.49 -56.84
N ARG C 649 -39.28 75.93 -55.63
CA ARG C 649 -38.17 75.40 -54.87
C ARG C 649 -36.88 75.65 -55.63
N ILE C 650 -36.71 76.90 -56.02
CA ILE C 650 -35.53 77.36 -56.75
C ILE C 650 -34.32 77.34 -55.83
N LYS C 651 -33.21 76.78 -56.30
CA LYS C 651 -32.02 76.72 -55.46
C LYS C 651 -31.30 78.05 -55.45
N ILE C 652 -31.28 78.69 -54.28
CA ILE C 652 -30.62 79.97 -54.09
C ILE C 652 -29.55 79.80 -53.00
N ASN C 653 -29.43 78.58 -52.50
CA ASN C 653 -28.54 78.22 -51.41
C ASN C 653 -27.29 77.48 -51.86
N GLN C 654 -26.75 77.86 -53.01
CA GLN C 654 -25.53 77.24 -53.50
C GLN C 654 -24.39 77.40 -52.50
N ILE C 655 -24.41 78.51 -51.77
CA ILE C 655 -23.37 78.81 -50.79
C ILE C 655 -23.25 77.76 -49.70
N GLN C 656 -24.32 77.01 -49.45
CA GLN C 656 -24.32 76.00 -48.40
C GLN C 656 -23.97 74.61 -48.96
N MET C 657 -23.68 74.55 -50.27
CA MET C 657 -23.19 73.29 -50.89
C MET C 657 -22.01 73.62 -51.80
N LYS C 658 -21.40 74.81 -51.62
CA LYS C 658 -20.25 75.24 -52.47
C LYS C 658 -19.09 75.70 -51.58
N GLU C 659 -17.84 75.42 -51.99
CA GLU C 659 -16.66 75.74 -51.14
C GLU C 659 -16.40 77.26 -51.06
N THR C 660 -15.78 77.70 -49.96
CA THR C 660 -15.26 79.08 -49.79
C THR C 660 -13.82 79.03 -49.25
N VAL C 661 -13.06 80.12 -49.41
CA VAL C 661 -11.63 80.14 -49.00
C VAL C 661 -11.47 79.77 -47.51
N GLU C 662 -12.30 80.32 -46.63
CA GLU C 662 -12.18 80.07 -45.20
C GLU C 662 -12.24 78.57 -44.91
N GLU C 663 -13.08 77.87 -45.67
CA GLU C 663 -13.25 76.44 -45.50
C GLU C 663 -12.01 75.67 -45.93
N GLN C 664 -11.35 76.13 -47.01
CA GLN C 664 -10.11 75.53 -47.46
C GLN C 664 -9.03 75.67 -46.40
N VAL C 665 -9.03 76.81 -45.72
CA VAL C 665 -8.07 77.05 -44.65
C VAL C 665 -8.31 76.10 -43.48
N SER C 666 -9.57 75.91 -43.10
CA SER C 666 -9.90 75.01 -42.01
C SER C 666 -9.52 73.56 -42.34
N THR C 667 -9.76 73.15 -43.60
CA THR C 667 -9.42 71.79 -44.01
C THR C 667 -7.90 71.63 -44.10
N THR C 668 -7.20 72.71 -44.46
CA THR C 668 -5.74 72.70 -44.50
C THR C 668 -5.18 72.51 -43.09
N GLU C 669 -5.79 73.21 -42.11
CA GLU C 669 -5.34 73.11 -40.73
C GLU C 669 -5.58 71.70 -40.20
N ARG C 670 -6.70 71.09 -40.59
CA ARG C 670 -6.98 69.72 -40.15
C ARG C 670 -5.89 68.77 -40.63
N VAL C 671 -5.42 68.98 -41.86
CA VAL C 671 -4.33 68.14 -42.37
C VAL C 671 -3.09 68.32 -41.54
N PHE C 672 -2.75 69.57 -41.25
CA PHE C 672 -1.58 69.87 -40.46
C PHE C 672 -1.67 69.19 -39.10
N GLN C 673 -2.80 69.34 -38.42
CA GLN C 673 -2.98 68.80 -37.09
C GLN C 673 -2.96 67.28 -37.08
N ASP C 674 -3.49 66.66 -38.13
CA ASP C 674 -3.49 65.20 -38.22
C ASP C 674 -2.07 64.70 -38.45
N ARG C 675 -1.30 65.43 -39.25
CA ARG C 675 0.09 65.08 -39.46
C ARG C 675 0.88 65.23 -38.17
N GLN C 676 0.56 66.28 -37.40
CA GLN C 676 1.24 66.52 -36.13
C GLN C 676 0.94 65.42 -35.13
N TYR C 677 -0.28 64.90 -35.16
CA TYR C 677 -0.63 63.75 -34.32
C TYR C 677 0.18 62.52 -34.71
N GLN C 678 0.20 62.21 -36.00
CA GLN C 678 0.85 60.99 -36.46
C GLN C 678 2.31 60.95 -36.09
N ILE C 679 2.99 62.09 -36.13
CA ILE C 679 4.40 62.15 -35.80
C ILE C 679 4.66 62.09 -34.29
N ASP C 680 3.58 62.22 -33.50
CA ASP C 680 3.68 62.09 -32.05
C ASP C 680 3.39 60.65 -31.67
N ALA C 681 2.38 60.07 -32.34
CA ALA C 681 2.00 58.67 -32.15
C ALA C 681 3.08 57.77 -32.74
N ALA C 682 3.66 58.20 -33.85
CA ALA C 682 4.75 57.49 -34.47
C ALA C 682 5.99 57.77 -33.66
N ILE C 683 7.08 57.06 -33.92
CA ILE C 683 8.29 57.15 -33.10
C ILE C 683 8.10 56.30 -31.84
N VAL C 684 6.95 56.52 -31.18
CA VAL C 684 6.51 55.68 -30.07
C VAL C 684 6.14 54.30 -30.61
N ARG C 685 5.52 54.28 -31.79
CA ARG C 685 5.16 53.05 -32.51
C ARG C 685 6.33 52.55 -33.35
N ILE C 686 7.48 53.19 -33.19
CA ILE C 686 8.75 52.83 -33.82
C ILE C 686 9.73 52.64 -32.67
N MET C 687 10.87 52.03 -32.94
CA MET C 687 11.91 51.78 -31.94
C MET C 687 11.65 50.47 -31.20
N LYS C 688 10.40 50.24 -30.80
CA LYS C 688 10.08 49.02 -30.07
C LYS C 688 10.53 47.76 -30.83
N MET C 689 10.38 47.78 -32.15
CA MET C 689 10.77 46.65 -33.00
C MET C 689 12.18 46.82 -33.55
N ARG C 690 12.79 47.95 -33.21
CA ARG C 690 14.12 48.35 -33.68
C ARG C 690 14.83 49.05 -32.54
N LYS C 691 15.27 48.27 -31.55
CA LYS C 691 15.64 48.84 -30.26
C LYS C 691 16.69 49.94 -30.39
N THR C 692 17.66 49.74 -31.28
CA THR C 692 18.66 50.76 -31.55
C THR C 692 18.45 51.32 -32.95
N LEU C 693 18.21 52.62 -33.04
CA LEU C 693 17.87 53.23 -34.33
C LEU C 693 18.12 54.75 -34.30
N GLY C 694 18.82 55.28 -35.31
CA GLY C 694 19.16 56.70 -35.35
C GLY C 694 18.15 57.58 -36.09
N HIS C 695 18.45 58.88 -36.14
CA HIS C 695 17.60 59.90 -36.76
C HIS C 695 17.33 59.64 -38.24
N ASN C 696 18.37 59.25 -38.97
CA ASN C 696 18.26 59.05 -40.41
C ASN C 696 17.44 57.81 -40.74
N LEU C 697 17.31 56.93 -39.76
CA LEU C 697 16.54 55.72 -39.92
C LEU C 697 15.14 55.96 -39.42
N LEU C 698 15.01 56.84 -38.43
CA LEU C 698 13.70 57.14 -37.86
C LEU C 698 12.86 57.90 -38.86
N VAL C 699 13.47 58.85 -39.56
CA VAL C 699 12.76 59.57 -40.60
C VAL C 699 12.38 58.62 -41.74
N SER C 700 13.22 57.61 -41.98
CA SER C 700 12.97 56.62 -43.01
C SER C 700 11.82 55.69 -42.61
N GLU C 701 11.78 55.29 -41.35
CA GLU C 701 10.70 54.46 -40.84
C GLU C 701 9.40 55.26 -40.82
N LEU C 702 9.52 56.55 -40.51
CA LEU C 702 8.39 57.46 -40.51
C LEU C 702 7.87 57.72 -41.92
N TYR C 703 8.77 57.75 -42.91
CA TYR C 703 8.32 57.87 -44.28
C TYR C 703 7.29 56.77 -44.55
N ASN C 704 7.63 55.55 -44.15
CA ASN C 704 6.76 54.40 -44.36
C ASN C 704 5.59 54.29 -43.38
N GLN C 705 5.78 54.72 -42.13
CA GLN C 705 4.73 54.57 -41.11
C GLN C 705 3.68 55.69 -41.19
N LEU C 706 4.11 56.89 -41.52
CA LEU C 706 3.23 58.05 -41.57
C LEU C 706 2.48 58.09 -42.89
N LYS C 707 1.30 58.70 -42.89
CA LYS C 707 0.63 58.96 -44.16
C LYS C 707 1.42 59.99 -44.96
N PHE C 708 2.05 60.92 -44.27
CA PHE C 708 2.89 61.96 -44.88
C PHE C 708 4.22 62.04 -44.12
N PRO C 709 5.37 61.95 -44.82
CA PRO C 709 6.71 62.05 -44.28
C PRO C 709 6.92 63.33 -43.50
N VAL C 710 7.72 63.26 -42.43
CA VAL C 710 7.93 64.42 -41.57
C VAL C 710 9.31 65.04 -41.79
N LYS C 711 9.33 66.36 -41.84
CA LYS C 711 10.57 67.13 -41.96
C LYS C 711 11.37 67.00 -40.67
N PRO C 712 12.70 67.09 -40.73
CA PRO C 712 13.62 66.99 -39.60
C PRO C 712 13.35 68.05 -38.54
N GLY C 713 12.76 69.18 -38.93
CA GLY C 713 12.44 70.23 -37.96
C GLY C 713 11.42 69.73 -36.96
N ASP C 714 10.25 69.30 -37.46
CA ASP C 714 9.19 68.78 -36.60
C ASP C 714 9.62 67.49 -35.91
N LEU C 715 10.41 66.68 -36.60
CA LEU C 715 10.84 65.41 -36.07
C LEU C 715 11.73 65.59 -34.85
N LYS C 716 12.69 66.50 -34.91
CA LYS C 716 13.56 66.75 -33.77
C LYS C 716 12.76 67.27 -32.58
N LYS C 717 11.77 68.12 -32.84
CA LYS C 717 10.95 68.67 -31.76
C LYS C 717 10.14 67.58 -31.06
N ARG C 718 9.56 66.67 -31.85
CA ARG C 718 8.77 65.59 -31.27
C ARG C 718 9.66 64.62 -30.50
N ILE C 719 10.86 64.40 -31.00
CA ILE C 719 11.80 63.52 -30.33
C ILE C 719 12.11 64.02 -28.93
N GLU C 720 12.39 65.32 -28.80
CA GLU C 720 12.74 65.86 -27.50
C GLU C 720 11.60 65.70 -26.50
N SER C 721 10.37 65.93 -26.96
CA SER C 721 9.21 65.80 -26.09
C SER C 721 8.95 64.33 -25.72
N LEU C 722 9.24 63.43 -26.66
CA LEU C 722 9.07 62.00 -26.43
C LEU C 722 10.12 61.46 -25.48
N ILE C 723 11.27 62.14 -25.41
CA ILE C 723 12.28 61.78 -24.42
C ILE C 723 11.84 62.21 -23.04
N ASP C 724 11.31 63.43 -22.92
CA ASP C 724 10.81 63.92 -21.63
C ASP C 724 9.68 63.04 -21.10
N ARG C 725 8.90 62.46 -22.00
CA ARG C 725 7.77 61.61 -21.64
C ARG C 725 8.11 60.11 -21.57
N ASP C 726 9.40 59.79 -21.61
CA ASP C 726 9.90 58.41 -21.47
C ASP C 726 9.37 57.41 -22.50
N TYR C 727 9.30 57.81 -23.76
CA TYR C 727 8.98 56.87 -24.83
C TYR C 727 10.26 56.41 -25.49
N MET C 728 11.23 57.31 -25.55
CA MET C 728 12.50 57.05 -26.21
C MET C 728 13.62 57.79 -25.46
N GLU C 729 14.86 57.37 -25.66
CA GLU C 729 15.98 58.06 -25.07
C GLU C 729 17.16 58.10 -26.03
N ARG C 730 18.09 59.01 -25.82
CA ARG C 730 19.29 59.05 -26.64
C ARG C 730 20.34 58.06 -26.16
N ASP C 731 21.15 57.56 -27.10
CA ASP C 731 22.22 56.62 -26.76
C ASP C 731 23.49 56.95 -27.55
N LYS C 732 24.54 56.17 -27.30
CA LYS C 732 25.81 56.25 -28.02
C LYS C 732 26.43 57.65 -27.99
N ASP C 733 26.16 58.42 -26.94
CA ASP C 733 26.69 59.78 -26.83
C ASP C 733 26.50 60.56 -28.13
N ASN C 734 25.33 60.42 -28.75
CA ASN C 734 25.09 61.03 -30.04
C ASN C 734 23.65 61.57 -30.14
N PRO C 735 23.47 62.88 -30.39
CA PRO C 735 22.20 63.57 -30.50
C PRO C 735 21.22 62.90 -31.47
N ASN C 736 21.75 62.15 -32.44
CA ASN C 736 20.91 61.50 -33.45
C ASN C 736 20.79 59.99 -33.28
N GLN C 737 21.19 59.46 -32.13
CA GLN C 737 21.05 58.03 -31.88
C GLN C 737 20.05 57.77 -30.76
N TYR C 738 19.06 56.93 -31.04
CA TYR C 738 17.99 56.72 -30.08
C TYR C 738 17.79 55.27 -29.69
N HIS C 739 17.18 55.06 -28.52
CA HIS C 739 16.83 53.73 -28.05
C HIS C 739 15.43 53.73 -27.45
N TYR C 740 14.71 52.62 -27.67
CA TYR C 740 13.37 52.44 -27.11
C TYR C 740 13.40 52.45 -25.58
N VAL C 741 12.42 53.13 -24.96
CA VAL C 741 12.30 53.09 -23.52
C VAL C 741 11.12 52.23 -23.08
N ALA C 742 11.41 51.25 -22.23
CA ALA C 742 10.40 50.34 -21.72
C ALA C 742 10.01 50.70 -20.30
N LYS D 27 -50.50 86.02 -44.35
CA LYS D 27 -50.54 87.45 -44.07
C LYS D 27 -49.13 88.01 -43.95
N LYS D 28 -48.17 87.20 -44.37
CA LYS D 28 -46.75 87.56 -44.32
C LYS D 28 -46.16 87.40 -45.72
N ARG D 29 -45.13 88.17 -46.05
CA ARG D 29 -44.50 87.98 -47.36
C ARG D 29 -43.72 86.66 -47.44
N PHE D 30 -43.22 86.18 -46.30
CA PHE D 30 -42.47 84.92 -46.29
C PHE D 30 -43.00 83.95 -45.24
N GLU D 31 -43.08 82.68 -45.62
CA GLU D 31 -43.48 81.60 -44.71
C GLU D 31 -42.68 80.32 -44.97
N VAL D 32 -42.18 79.71 -43.90
CA VAL D 32 -41.42 78.46 -44.02
C VAL D 32 -42.36 77.26 -44.06
N LYS D 33 -42.12 76.36 -45.00
CA LYS D 33 -42.94 75.16 -45.12
C LYS D 33 -42.15 73.92 -44.67
N LYS D 34 -40.86 73.90 -44.98
CA LYS D 34 -40.01 72.76 -44.64
C LYS D 34 -38.82 73.24 -43.85
N TRP D 35 -38.35 72.42 -42.91
CA TRP D 35 -37.13 72.73 -42.18
C TRP D 35 -36.36 71.48 -41.80
N ASN D 36 -35.12 71.39 -42.26
CA ASN D 36 -34.27 70.26 -41.95
C ASN D 36 -33.16 70.70 -40.99
N ALA D 37 -33.35 70.41 -39.71
CA ALA D 37 -32.42 70.85 -38.69
C ALA D 37 -31.27 69.85 -38.60
N VAL D 38 -30.10 70.33 -38.21
CA VAL D 38 -28.92 69.47 -38.12
C VAL D 38 -28.27 69.59 -36.75
N ALA D 39 -27.90 68.46 -36.15
CA ALA D 39 -27.21 68.48 -34.85
C ALA D 39 -26.11 67.44 -34.77
N LEU D 40 -25.10 67.75 -33.96
CA LEU D 40 -24.01 66.80 -33.70
C LEU D 40 -24.27 66.00 -32.43
N TRP D 41 -24.08 64.70 -32.56
CA TRP D 41 -24.39 63.70 -31.55
C TRP D 41 -23.19 63.16 -30.82
N ALA D 42 -23.19 63.31 -29.50
CA ALA D 42 -22.09 62.73 -28.69
C ALA D 42 -22.53 61.99 -27.44
N TRP D 43 -21.85 60.89 -27.13
CA TRP D 43 -22.13 60.17 -25.85
C TRP D 43 -21.57 61.03 -24.73
N ASP D 44 -22.37 61.94 -24.18
CA ASP D 44 -21.79 62.69 -23.03
C ASP D 44 -21.55 61.52 -22.09
N ILE D 45 -22.59 60.72 -21.76
CA ILE D 45 -22.51 59.44 -20.98
C ILE D 45 -21.69 59.64 -19.72
N VAL D 46 -21.73 60.83 -19.13
CA VAL D 46 -20.83 61.10 -17.97
C VAL D 46 -19.44 60.61 -18.43
N VAL D 47 -19.08 60.93 -19.68
CA VAL D 47 -17.82 60.46 -20.35
C VAL D 47 -16.81 61.55 -20.12
N ASP D 48 -17.14 62.46 -19.22
CA ASP D 48 -16.12 63.45 -18.81
C ASP D 48 -15.31 62.59 -17.85
N ASN D 49 -14.64 61.56 -18.38
CA ASN D 49 -13.93 60.52 -17.59
C ASN D 49 -13.13 59.70 -18.60
N CYS D 50 -12.49 58.61 -18.19
CA CYS D 50 -11.53 57.87 -19.02
C CYS D 50 -11.55 56.37 -18.78
N ALA D 51 -11.39 55.61 -19.87
CA ALA D 51 -11.27 54.14 -19.83
C ALA D 51 -10.00 53.68 -19.13
N ILE D 52 -8.90 54.37 -19.37
CA ILE D 52 -7.66 54.02 -18.71
C ILE D 52 -7.08 55.26 -18.08
N CYS D 53 -7.38 55.47 -16.79
CA CYS D 53 -7.09 56.72 -16.10
C CYS D 53 -8.12 57.10 -15.04
N ARG D 54 -9.38 56.80 -15.32
CA ARG D 54 -10.50 57.18 -14.45
C ARG D 54 -10.81 58.66 -14.48
N ASN D 55 -9.84 59.48 -14.09
CA ASN D 55 -10.05 60.90 -13.84
C ASN D 55 -10.73 61.62 -14.99
N HIS D 56 -11.50 62.65 -14.62
CA HIS D 56 -12.25 63.50 -15.52
C HIS D 56 -11.35 64.03 -16.62
N ILE D 57 -11.87 64.08 -17.86
CA ILE D 57 -11.07 64.50 -19.00
C ILE D 57 -10.63 65.95 -18.95
N MET D 58 -11.36 66.80 -18.23
CA MET D 58 -10.98 68.20 -18.10
C MET D 58 -10.05 68.43 -16.91
N ASP D 59 -9.76 67.35 -16.19
CA ASP D 59 -8.81 67.39 -15.10
C ASP D 59 -7.45 67.03 -15.67
N LEU D 60 -6.44 67.00 -14.82
CA LEU D 60 -5.10 66.65 -15.27
C LEU D 60 -4.94 65.12 -15.29
N CYS D 61 -4.29 64.61 -16.32
CA CYS D 61 -4.22 63.16 -16.57
C CYS D 61 -3.25 62.42 -15.66
N ILE D 62 -3.41 62.54 -14.36
CA ILE D 62 -2.58 61.88 -13.37
C ILE D 62 -1.12 62.36 -13.43
N GLU D 63 -0.47 62.10 -14.57
CA GLU D 63 0.93 62.42 -14.80
C GLU D 63 1.16 63.91 -14.99
N CYS D 64 0.07 64.67 -15.08
CA CYS D 64 0.14 66.13 -15.14
C CYS D 64 -0.31 66.78 -13.83
N GLN D 65 -0.66 65.96 -12.83
CA GLN D 65 -1.07 66.49 -11.52
C GLN D 65 0.16 66.79 -10.69
N ALA D 66 1.29 66.34 -11.22
CA ALA D 66 2.60 66.48 -10.62
C ALA D 66 3.62 66.46 -11.74
N ASN D 67 4.84 66.86 -11.47
CA ASN D 67 5.84 66.88 -12.53
C ASN D 67 6.35 65.48 -12.83
N GLN D 68 5.50 64.70 -13.50
CA GLN D 68 5.80 63.31 -13.86
C GLN D 68 6.09 63.19 -15.34
N ALA D 69 5.06 63.36 -16.16
CA ALA D 69 5.26 63.36 -17.60
C ALA D 69 5.68 64.75 -18.06
N SER D 70 5.21 65.76 -17.34
CA SER D 70 5.51 67.14 -17.65
C SER D 70 5.17 68.08 -16.51
N ALA D 71 5.93 69.17 -16.38
CA ALA D 71 5.58 70.22 -15.44
C ALA D 71 4.47 71.10 -16.01
N THR D 72 4.31 71.04 -17.33
CA THR D 72 3.37 71.90 -18.03
C THR D 72 1.97 71.31 -18.00
N SER D 73 1.31 71.44 -16.86
CA SER D 73 -0.01 70.86 -16.66
C SER D 73 -1.06 71.51 -17.57
N GLU D 74 -0.77 72.74 -17.98
CA GLU D 74 -1.66 73.51 -18.84
C GLU D 74 -1.63 73.01 -20.30
N GLU D 75 -0.66 72.15 -20.62
CA GLU D 75 -0.52 71.63 -21.97
C GLU D 75 -1.20 70.29 -22.13
N CYS D 76 -1.94 69.86 -21.11
CA CYS D 76 -2.61 68.59 -21.18
C CYS D 76 -3.93 68.72 -21.93
N THR D 77 -4.05 68.01 -23.04
CA THR D 77 -5.17 68.18 -23.97
C THR D 77 -6.17 67.02 -23.95
N VAL D 78 -7.28 67.24 -24.64
CA VAL D 78 -8.39 66.29 -24.74
C VAL D 78 -8.62 65.86 -26.18
N ALA D 79 -8.85 64.56 -26.39
CA ALA D 79 -9.05 64.00 -27.72
C ALA D 79 -10.40 63.31 -27.84
N TRP D 80 -10.93 63.24 -29.08
CA TRP D 80 -12.17 62.52 -29.37
C TRP D 80 -11.92 61.25 -30.17
N GLY D 81 -12.76 60.23 -29.94
CA GLY D 81 -12.67 58.97 -30.67
C GLY D 81 -13.73 58.86 -31.78
N VAL D 82 -14.11 57.62 -32.09
CA VAL D 82 -15.08 57.36 -33.16
C VAL D 82 -16.35 56.73 -32.63
N CYS D 83 -16.55 56.79 -31.33
CA CYS D 83 -17.72 56.19 -30.68
C CYS D 83 -18.43 57.16 -29.77
N ASN D 84 -18.61 58.39 -30.24
CA ASN D 84 -19.38 59.42 -29.55
C ASN D 84 -18.83 59.79 -28.16
N HIS D 85 -17.51 59.75 -27.96
CA HIS D 85 -16.97 60.12 -26.65
C HIS D 85 -15.55 60.65 -26.72
N ALA D 86 -15.12 61.28 -25.62
CA ALA D 86 -13.77 61.84 -25.49
C ALA D 86 -12.96 61.19 -24.39
N PHE D 87 -11.68 61.55 -24.36
CA PHE D 87 -10.71 61.06 -23.38
C PHE D 87 -9.50 62.00 -23.30
N HIS D 88 -8.68 61.91 -22.26
CA HIS D 88 -7.46 62.72 -22.27
C HIS D 88 -6.57 62.25 -23.40
N PHE D 89 -5.86 63.19 -24.01
CA PHE D 89 -4.92 62.86 -25.04
C PHE D 89 -3.80 61.98 -24.47
N HIS D 90 -3.23 62.42 -23.35
CA HIS D 90 -2.05 61.78 -22.76
C HIS D 90 -2.31 60.41 -22.17
N CYS D 91 -3.43 60.23 -21.47
CA CYS D 91 -3.59 59.01 -20.70
C CYS D 91 -3.93 57.83 -21.59
N ILE D 92 -4.28 58.11 -22.84
CA ILE D 92 -4.56 57.06 -23.81
C ILE D 92 -3.37 56.82 -24.75
N SER D 93 -2.75 57.89 -25.25
CA SER D 93 -1.64 57.76 -26.19
C SER D 93 -0.39 57.19 -25.53
N ARG D 94 -0.32 57.27 -24.20
CA ARG D 94 0.82 56.73 -23.47
C ARG D 94 0.92 55.21 -23.57
N TRP D 95 -0.14 54.55 -24.02
CA TRP D 95 -0.13 53.09 -24.08
C TRP D 95 0.32 52.59 -25.44
N LEU D 96 0.65 53.49 -26.35
CA LEU D 96 1.09 53.11 -27.68
C LEU D 96 2.40 52.31 -27.62
N LYS D 97 3.24 52.62 -26.64
CA LYS D 97 4.50 51.93 -26.45
C LYS D 97 4.30 50.52 -25.89
N THR D 98 3.11 50.26 -25.36
CA THR D 98 2.79 49.01 -24.69
C THR D 98 2.11 48.04 -25.64
N MET E 20 -61.19 43.32 -33.73
CA MET E 20 -62.08 44.23 -34.46
C MET E 20 -63.24 44.67 -33.60
N SER E 21 -63.10 44.44 -32.30
CA SER E 21 -64.14 44.77 -31.34
C SER E 21 -64.10 46.24 -30.98
N TYR E 22 -64.52 47.07 -31.93
CA TYR E 22 -64.52 48.51 -31.75
C TYR E 22 -65.71 48.92 -30.91
N ASN E 23 -65.51 49.91 -30.05
CA ASN E 23 -66.56 50.35 -29.14
C ASN E 23 -66.69 51.87 -29.05
N TYR E 24 -67.88 52.31 -28.66
CA TYR E 24 -68.21 53.71 -28.48
C TYR E 24 -68.54 53.98 -27.02
N VAL E 25 -67.90 54.97 -26.42
CA VAL E 25 -68.07 55.21 -24.99
C VAL E 25 -68.61 56.60 -24.69
N VAL E 26 -69.71 56.66 -23.94
CA VAL E 26 -70.29 57.92 -23.49
C VAL E 26 -70.63 57.94 -22.02
N THR E 27 -70.84 59.14 -21.51
CA THR E 27 -71.39 59.33 -20.18
C THR E 27 -72.90 59.44 -20.25
N ALA E 28 -73.60 58.50 -19.62
CA ALA E 28 -75.05 58.50 -19.60
C ALA E 28 -75.54 59.46 -18.53
N GLN E 29 -74.79 59.52 -17.44
CA GLN E 29 -75.06 60.41 -16.31
C GLN E 29 -73.78 61.06 -15.83
N LYS E 30 -73.78 62.38 -15.84
CA LYS E 30 -72.62 63.14 -15.40
C LYS E 30 -72.23 62.72 -13.99
N PRO E 31 -70.92 62.68 -13.69
CA PRO E 31 -70.37 62.33 -12.41
C PRO E 31 -70.85 63.34 -11.39
N THR E 32 -70.96 62.89 -10.15
CA THR E 32 -71.48 63.80 -9.10
C THR E 32 -70.45 63.92 -7.98
N ALA E 33 -69.70 62.85 -7.67
CA ALA E 33 -68.88 62.85 -6.44
C ALA E 33 -68.06 64.13 -6.26
N VAL E 34 -68.26 64.73 -5.08
CA VAL E 34 -67.54 65.97 -4.66
C VAL E 34 -66.11 65.55 -4.32
N ASN E 35 -65.25 65.57 -5.34
CA ASN E 35 -63.83 65.24 -5.18
C ASN E 35 -63.08 66.43 -4.61
N GLY E 36 -63.48 66.88 -3.43
CA GLY E 36 -62.94 68.09 -2.84
C GLY E 36 -63.63 69.32 -3.42
N CYS E 37 -63.25 70.48 -2.92
CA CYS E 37 -63.79 71.75 -3.39
C CYS E 37 -62.82 72.89 -3.17
N VAL E 38 -63.06 73.99 -3.88
CA VAL E 38 -62.25 75.19 -3.73
C VAL E 38 -63.14 76.41 -3.56
N THR E 39 -62.78 77.27 -2.61
CA THR E 39 -63.53 78.51 -2.39
C THR E 39 -62.62 79.71 -2.33
N GLY E 40 -63.16 80.87 -2.65
CA GLY E 40 -62.39 82.11 -2.71
C GLY E 40 -63.07 83.18 -3.54
N HIS E 41 -62.29 83.89 -4.33
CA HIS E 41 -62.78 85.00 -5.14
C HIS E 41 -62.36 84.84 -6.59
N PHE E 42 -62.92 83.83 -7.25
CA PHE E 42 -62.47 83.42 -8.58
C PHE E 42 -63.17 84.16 -9.70
N THR E 43 -64.48 84.39 -9.55
CA THR E 43 -65.26 84.96 -10.64
C THR E 43 -65.14 86.48 -10.66
N SER E 44 -64.84 87.04 -9.51
CA SER E 44 -64.58 88.47 -9.37
C SER E 44 -63.86 88.71 -8.07
N ALA E 45 -63.32 89.91 -7.89
CA ALA E 45 -62.65 90.28 -6.65
C ALA E 45 -63.62 90.27 -5.46
N GLU E 46 -64.87 90.64 -5.74
CA GLU E 46 -65.88 90.78 -4.68
C GLU E 46 -66.69 89.50 -4.44
N ASP E 47 -66.90 88.71 -5.48
CA ASP E 47 -67.76 87.53 -5.37
C ASP E 47 -67.26 86.50 -4.38
N LEU E 48 -68.19 85.81 -3.75
CA LEU E 48 -67.87 84.64 -2.93
C LEU E 48 -68.10 83.38 -3.76
N ASN E 49 -67.01 82.68 -4.06
CA ASN E 49 -67.09 81.56 -4.99
C ASN E 49 -66.91 80.19 -4.36
N LEU E 50 -67.45 79.20 -5.06
CA LEU E 50 -67.26 77.79 -4.75
C LEU E 50 -67.13 76.97 -6.03
N LEU E 51 -66.11 76.13 -6.11
CA LEU E 51 -65.93 75.26 -7.24
C LEU E 51 -66.11 73.81 -6.82
N ILE E 52 -66.98 73.09 -7.51
CA ILE E 52 -67.26 71.70 -7.18
C ILE E 52 -66.46 70.78 -8.08
N ALA E 53 -65.67 69.90 -7.45
CA ALA E 53 -64.83 68.98 -8.20
C ALA E 53 -65.60 67.75 -8.65
N LYS E 54 -65.59 67.48 -9.94
CA LYS E 54 -66.24 66.30 -10.49
C LYS E 54 -65.30 65.50 -11.38
N ASN E 55 -64.26 64.93 -10.76
CA ASN E 55 -63.25 64.16 -11.47
C ASN E 55 -62.48 64.99 -12.49
N THR E 56 -63.03 65.07 -13.70
CA THR E 56 -62.38 65.76 -14.82
C THR E 56 -63.04 67.11 -15.07
N ARG E 57 -64.14 67.37 -14.37
CA ARG E 57 -64.93 68.58 -14.57
C ARG E 57 -64.99 69.48 -13.34
N LEU E 58 -65.28 70.74 -13.58
CA LEU E 58 -65.48 71.72 -12.53
C LEU E 58 -66.72 72.58 -12.75
N GLU E 59 -67.52 72.70 -11.71
CA GLU E 59 -68.68 73.58 -11.76
C GLU E 59 -68.46 74.78 -10.86
N ILE E 60 -68.48 75.97 -11.45
CA ILE E 60 -68.22 77.19 -10.73
C ILE E 60 -69.53 77.81 -10.27
N TYR E 61 -69.62 78.06 -8.97
CA TYR E 61 -70.80 78.66 -8.35
C TYR E 61 -70.44 79.95 -7.60
N VAL E 62 -71.44 80.81 -7.44
CA VAL E 62 -71.32 81.98 -6.59
C VAL E 62 -72.39 81.90 -5.50
N VAL E 63 -72.02 82.23 -4.26
CA VAL E 63 -73.00 82.13 -3.19
C VAL E 63 -73.58 83.50 -2.87
N THR E 64 -74.89 83.55 -2.78
CA THR E 64 -75.62 84.76 -2.47
C THR E 64 -76.62 84.46 -1.35
N ALA E 65 -77.31 85.47 -0.86
CA ALA E 65 -78.28 85.27 0.22
C ALA E 65 -79.34 84.23 -0.16
N GLU E 66 -79.68 84.19 -1.43
CA GLU E 66 -80.72 83.31 -1.96
C GLU E 66 -80.29 81.85 -2.10
N GLY E 67 -78.99 81.58 -1.93
CA GLY E 67 -78.48 80.21 -2.09
C GLY E 67 -77.25 80.16 -2.98
N LEU E 68 -76.88 78.96 -3.41
CA LEU E 68 -75.70 78.79 -4.25
C LEU E 68 -76.11 78.71 -5.72
N ARG E 69 -75.65 79.66 -6.52
CA ARG E 69 -76.07 79.74 -7.91
C ARG E 69 -74.91 79.44 -8.85
N PRO E 70 -75.16 78.73 -9.96
CA PRO E 70 -74.18 78.35 -10.96
C PRO E 70 -73.68 79.56 -11.72
N VAL E 71 -72.42 79.51 -12.12
CA VAL E 71 -71.81 80.54 -12.95
C VAL E 71 -71.37 79.95 -14.28
N LYS E 72 -70.54 78.92 -14.21
CA LYS E 72 -69.96 78.33 -15.41
C LYS E 72 -69.55 76.88 -15.23
N GLU E 73 -69.88 76.04 -16.21
CA GLU E 73 -69.43 74.65 -16.23
C GLU E 73 -68.25 74.49 -17.20
N VAL E 74 -67.14 73.96 -16.70
CA VAL E 74 -65.96 73.75 -17.54
C VAL E 74 -65.42 72.33 -17.40
N GLY E 75 -64.56 71.92 -18.34
CA GLY E 75 -63.92 70.62 -18.25
C GLY E 75 -62.47 70.66 -18.70
N MET E 76 -61.69 69.70 -18.21
CA MET E 76 -60.28 69.56 -18.55
C MET E 76 -60.01 68.16 -19.05
N TYR E 77 -59.08 68.01 -20.00
CA TYR E 77 -58.74 66.67 -20.46
C TYR E 77 -57.81 65.99 -19.47
N GLY E 78 -58.39 65.55 -18.35
CA GLY E 78 -57.64 64.84 -17.33
C GLY E 78 -58.29 64.91 -15.95
N LYS E 79 -58.10 63.87 -15.17
CA LYS E 79 -58.52 63.83 -13.77
C LYS E 79 -57.73 64.85 -12.98
N ILE E 80 -58.39 65.57 -12.09
CA ILE E 80 -57.70 66.58 -11.30
C ILE E 80 -57.26 66.07 -9.93
N ALA E 81 -55.98 66.27 -9.62
CA ALA E 81 -55.42 65.89 -8.34
C ALA E 81 -55.33 67.10 -7.41
N VAL E 82 -55.00 68.26 -7.98
CA VAL E 82 -54.84 69.49 -7.21
C VAL E 82 -55.67 70.61 -7.79
N MET E 83 -56.36 71.34 -6.92
CA MET E 83 -57.06 72.55 -7.31
C MET E 83 -57.07 73.54 -6.15
N GLU E 84 -56.63 74.78 -6.43
CA GLU E 84 -56.57 75.81 -5.38
C GLU E 84 -56.58 77.23 -5.96
N LEU E 85 -57.05 78.18 -5.16
CA LEU E 85 -57.05 79.59 -5.56
C LEU E 85 -55.94 80.41 -4.88
N PHE E 86 -55.34 81.32 -5.64
CA PHE E 86 -54.27 82.17 -5.10
C PHE E 86 -54.21 83.56 -5.73
N ARG E 87 -53.56 84.49 -5.04
CA ARG E 87 -53.40 85.86 -5.55
C ARG E 87 -51.94 86.32 -5.48
N PRO E 88 -51.15 86.13 -6.55
CA PRO E 88 -49.72 86.29 -6.63
C PRO E 88 -49.26 87.74 -6.63
N LYS E 89 -49.59 88.46 -5.56
CA LYS E 89 -49.12 89.83 -5.35
C LYS E 89 -49.46 90.78 -6.51
N GLY E 90 -50.70 91.28 -6.52
CA GLY E 90 -51.09 92.30 -7.49
C GLY E 90 -52.39 91.99 -8.21
N GLU E 91 -52.84 90.75 -8.17
CA GLU E 91 -54.09 90.39 -8.82
C GLU E 91 -55.27 90.78 -7.93
N SER E 92 -56.35 91.26 -8.54
CA SER E 92 -57.57 91.60 -7.82
C SER E 92 -58.46 90.37 -7.67
N LYS E 93 -58.32 89.44 -8.61
CA LYS E 93 -59.09 88.20 -8.61
C LYS E 93 -58.19 87.06 -8.20
N ASP E 94 -58.76 86.00 -7.67
CA ASP E 94 -57.98 84.80 -7.45
C ASP E 94 -57.68 84.12 -8.78
N LEU E 95 -56.52 83.51 -8.88
CA LEU E 95 -56.21 82.64 -10.01
C LEU E 95 -56.34 81.21 -9.56
N LEU E 96 -56.74 80.34 -10.47
CA LEU E 96 -56.95 78.94 -10.12
C LEU E 96 -55.81 78.07 -10.64
N PHE E 97 -55.17 77.35 -9.73
CA PHE E 97 -54.12 76.43 -10.13
C PHE E 97 -54.68 75.02 -10.18
N ILE E 98 -54.42 74.31 -11.27
CA ILE E 98 -54.83 72.93 -11.39
C ILE E 98 -53.72 72.01 -11.85
N LEU E 99 -53.60 70.87 -11.18
CA LEU E 99 -52.69 69.81 -11.61
C LEU E 99 -53.45 68.50 -11.81
N THR E 100 -53.30 67.91 -12.98
CA THR E 100 -53.98 66.67 -13.28
C THR E 100 -53.25 65.46 -12.71
N ALA E 101 -53.92 64.31 -12.76
CA ALA E 101 -53.36 63.04 -12.31
C ALA E 101 -52.25 62.56 -13.24
N LYS E 102 -52.14 63.20 -14.40
CA LYS E 102 -51.12 62.90 -15.40
C LYS E 102 -49.98 63.89 -15.26
N TYR E 103 -50.04 64.69 -14.19
CA TYR E 103 -49.08 65.72 -13.84
C TYR E 103 -49.06 66.91 -14.79
N ASN E 104 -50.19 67.26 -15.39
CA ASN E 104 -50.22 68.43 -16.25
C ASN E 104 -50.78 69.64 -15.51
N ALA E 105 -49.90 70.59 -15.23
CA ALA E 105 -50.21 71.75 -14.41
C ALA E 105 -50.68 72.91 -15.26
N CYS E 106 -51.49 73.79 -14.68
CA CYS E 106 -51.83 75.05 -15.32
C CYS E 106 -52.23 76.15 -14.33
N ILE E 107 -52.06 77.40 -14.76
CA ILE E 107 -52.57 78.57 -14.04
C ILE E 107 -53.67 79.23 -14.84
N LEU E 108 -54.83 79.38 -14.22
CA LEU E 108 -56.04 79.81 -14.90
C LEU E 108 -56.62 81.12 -14.39
N GLU E 109 -57.00 81.99 -15.32
CA GLU E 109 -57.70 83.21 -14.98
C GLU E 109 -59.15 83.18 -15.46
N TYR E 110 -60.07 83.55 -14.57
CA TYR E 110 -61.47 83.65 -14.92
C TYR E 110 -61.69 84.92 -15.74
N LYS E 111 -62.37 84.78 -16.88
CA LYS E 111 -62.68 85.93 -17.70
C LYS E 111 -64.15 85.97 -18.08
N GLN E 112 -64.80 87.09 -17.76
CA GLN E 112 -66.19 87.26 -18.11
C GLN E 112 -66.44 88.48 -18.99
N SER E 113 -66.61 88.23 -20.28
CA SER E 113 -66.87 89.28 -21.25
C SER E 113 -68.35 89.55 -21.31
N GLY E 114 -68.87 90.22 -20.29
CA GLY E 114 -70.32 90.39 -20.17
C GLY E 114 -70.97 89.06 -19.88
N GLU E 115 -71.84 88.61 -20.79
CA GLU E 115 -72.52 87.34 -20.61
C GLU E 115 -71.63 86.15 -20.97
N SER E 116 -70.52 86.40 -21.65
CA SER E 116 -69.65 85.33 -22.12
C SER E 116 -68.56 84.96 -21.11
N ILE E 117 -68.66 83.76 -20.56
CA ILE E 117 -67.74 83.33 -19.51
C ILE E 117 -66.86 82.16 -19.97
N ASP E 118 -65.55 82.31 -19.77
CA ASP E 118 -64.61 81.25 -20.08
C ASP E 118 -63.36 81.35 -19.19
N ILE E 119 -62.43 80.42 -19.37
CA ILE E 119 -61.19 80.43 -18.59
C ILE E 119 -59.97 80.59 -19.49
N ILE E 120 -59.13 81.57 -19.15
CA ILE E 120 -57.93 81.84 -19.91
C ILE E 120 -56.71 81.24 -19.25
N THR E 121 -55.96 80.45 -20.02
CA THR E 121 -54.77 79.82 -19.49
C THR E 121 -53.61 80.80 -19.55
N ARG E 122 -52.93 80.97 -18.42
CA ARG E 122 -51.79 81.87 -18.36
C ARG E 122 -50.49 81.09 -18.36
N ALA E 123 -50.54 79.89 -17.81
CA ALA E 123 -49.37 79.03 -17.77
C ALA E 123 -49.80 77.57 -17.83
N HIS E 124 -48.94 76.72 -18.40
CA HIS E 124 -49.20 75.30 -18.42
C HIS E 124 -47.94 74.47 -18.71
N GLY E 125 -47.93 73.23 -18.23
CA GLY E 125 -46.84 72.30 -18.51
C GLY E 125 -46.83 71.11 -17.54
N ASN E 126 -46.10 70.05 -17.93
CA ASN E 126 -46.03 68.85 -17.10
C ASN E 126 -45.01 68.97 -15.98
N VAL E 127 -45.36 68.45 -14.80
CA VAL E 127 -44.48 68.50 -13.63
C VAL E 127 -44.17 67.12 -13.04
N GLN E 128 -44.05 66.11 -13.90
CA GLN E 128 -43.73 64.75 -13.45
C GLN E 128 -42.23 64.49 -13.43
N ASP E 129 -41.78 63.70 -12.45
CA ASP E 129 -40.41 63.23 -12.41
C ASP E 129 -40.25 61.92 -13.20
N ARG E 130 -39.37 61.95 -14.19
CA ARG E 130 -39.20 60.83 -15.13
C ARG E 130 -38.72 59.55 -14.45
N ILE E 131 -37.72 59.66 -13.59
CA ILE E 131 -37.14 58.48 -12.95
C ILE E 131 -37.35 58.49 -11.44
N GLY E 132 -37.97 57.43 -10.94
CA GLY E 132 -38.27 57.28 -9.52
C GLY E 132 -39.65 56.68 -9.35
N ARG E 133 -40.15 56.70 -8.11
CA ARG E 133 -41.46 56.15 -7.83
C ARG E 133 -42.27 57.13 -6.96
N PRO E 134 -43.54 57.33 -7.29
CA PRO E 134 -44.46 58.31 -6.73
C PRO E 134 -44.78 58.03 -5.27
N SER E 135 -45.17 59.07 -4.54
CA SER E 135 -45.57 58.97 -3.15
C SER E 135 -46.83 58.13 -2.97
N GLU E 136 -46.87 57.38 -1.88
CA GLU E 136 -48.04 56.57 -1.54
C GLU E 136 -49.22 57.44 -1.12
N THR E 137 -48.95 58.73 -0.90
CA THR E 137 -49.98 59.68 -0.51
C THR E 137 -50.71 60.22 -1.74
N GLY E 138 -50.17 59.94 -2.91
CA GLY E 138 -50.72 60.48 -4.15
C GLY E 138 -50.19 61.88 -4.38
N ILE E 139 -50.82 62.61 -5.29
CA ILE E 139 -50.36 63.95 -5.62
C ILE E 139 -50.97 64.99 -4.70
N ILE E 140 -50.14 65.60 -3.87
CA ILE E 140 -50.59 66.59 -2.91
C ILE E 140 -50.00 67.96 -3.25
N GLY E 141 -50.87 68.93 -3.54
CA GLY E 141 -50.39 70.25 -3.93
C GLY E 141 -50.93 71.36 -3.03
N ILE E 142 -50.02 72.19 -2.53
CA ILE E 142 -50.36 73.27 -1.62
C ILE E 142 -49.73 74.61 -2.04
N ILE E 143 -50.42 75.70 -1.76
CA ILE E 143 -49.92 77.02 -2.16
C ILE E 143 -49.52 77.93 -1.01
N ASP E 144 -48.35 78.51 -1.16
CA ASP E 144 -47.80 79.51 -0.25
C ASP E 144 -48.77 80.67 -0.07
N PRO E 145 -49.15 81.04 1.17
CA PRO E 145 -50.06 82.14 1.45
C PRO E 145 -49.52 83.47 0.94
N GLU E 146 -48.19 83.53 0.75
CA GLU E 146 -47.55 84.71 0.17
C GLU E 146 -47.43 84.54 -1.34
N CYS E 147 -47.93 83.40 -1.82
CA CYS E 147 -48.00 83.05 -3.22
C CYS E 147 -46.68 83.16 -3.97
N ARG E 148 -45.58 82.72 -3.36
CA ARG E 148 -44.31 82.70 -4.06
C ARG E 148 -44.24 81.49 -4.99
N MET E 149 -44.76 80.37 -4.51
CA MET E 149 -44.68 79.11 -5.24
C MET E 149 -45.76 78.15 -4.78
N ILE E 150 -46.03 77.16 -5.61
CA ILE E 150 -46.83 76.01 -5.20
C ILE E 150 -45.90 74.84 -4.95
N GLY E 151 -46.07 74.23 -3.78
CA GLY E 151 -45.23 73.09 -3.41
C GLY E 151 -46.03 71.80 -3.48
N LEU E 152 -45.39 70.73 -3.93
CA LEU E 152 -46.10 69.46 -4.07
C LEU E 152 -45.30 68.26 -3.60
N ARG E 153 -45.97 67.35 -2.91
CA ARG E 153 -45.37 66.08 -2.55
C ARG E 153 -45.77 65.05 -3.59
N LEU E 154 -44.81 64.70 -4.45
CA LEU E 154 -45.14 63.89 -5.62
C LEU E 154 -44.45 62.53 -5.59
N TYR E 155 -43.17 62.54 -5.24
CA TYR E 155 -42.33 61.35 -5.29
C TYR E 155 -41.66 61.06 -3.95
N ASP E 156 -41.21 59.83 -3.77
CA ASP E 156 -40.58 59.44 -2.51
C ASP E 156 -39.32 60.28 -2.24
N GLY E 157 -39.40 61.12 -1.20
CA GLY E 157 -38.30 62.03 -0.87
C GLY E 157 -38.22 63.26 -1.78
N LEU E 158 -39.20 63.44 -2.65
CA LEU E 158 -39.18 64.54 -3.62
C LEU E 158 -40.33 65.52 -3.49
N PHE E 159 -39.97 66.77 -3.21
CA PHE E 159 -40.92 67.86 -3.09
C PHE E 159 -40.70 68.85 -4.22
N LYS E 160 -41.71 69.03 -5.05
CA LYS E 160 -41.58 69.87 -6.23
C LYS E 160 -42.16 71.26 -5.97
N VAL E 161 -41.40 72.29 -6.28
CA VAL E 161 -41.86 73.66 -6.12
C VAL E 161 -41.83 74.45 -7.42
N ILE E 162 -42.96 75.07 -7.74
CA ILE E 162 -43.11 75.86 -8.96
C ILE E 162 -43.50 77.29 -8.65
N PRO E 163 -42.69 78.28 -9.02
CA PRO E 163 -42.95 79.69 -8.81
C PRO E 163 -44.29 80.08 -9.39
N LEU E 164 -45.11 80.77 -8.61
CA LEU E 164 -46.41 81.23 -9.08
C LEU E 164 -46.28 82.61 -9.66
N ASP E 165 -45.50 82.69 -10.73
CA ASP E 165 -45.18 83.95 -11.36
C ASP E 165 -46.13 84.22 -12.52
N ARG E 166 -45.94 85.36 -13.18
CA ARG E 166 -46.73 85.70 -14.35
C ARG E 166 -45.97 85.27 -15.59
N ASP E 167 -44.65 85.27 -15.48
CA ASP E 167 -43.79 84.96 -16.63
C ASP E 167 -43.40 83.49 -16.69
N ASN E 168 -43.79 82.71 -15.69
CA ASN E 168 -43.44 81.29 -15.67
C ASN E 168 -44.48 80.51 -16.45
N LYS E 169 -44.56 80.78 -17.75
CA LYS E 169 -45.59 80.24 -18.60
C LYS E 169 -45.48 78.72 -18.74
N GLU E 170 -44.25 78.22 -18.74
CA GLU E 170 -44.00 76.80 -18.86
C GLU E 170 -44.08 76.08 -17.51
N LEU E 171 -44.28 76.85 -16.45
CA LEU E 171 -44.31 76.32 -15.09
C LEU E 171 -43.06 75.53 -14.75
N LYS E 172 -41.89 76.15 -14.95
CA LYS E 172 -40.64 75.50 -14.61
C LYS E 172 -40.66 75.09 -13.15
N ALA E 173 -40.29 73.85 -12.89
CA ALA E 173 -40.33 73.30 -11.54
C ALA E 173 -38.94 73.04 -11.00
N PHE E 174 -38.81 73.16 -9.68
CA PHE E 174 -37.57 72.90 -8.98
C PHE E 174 -37.75 71.77 -7.98
N ASN E 175 -36.71 70.98 -7.76
CA ASN E 175 -36.78 69.79 -6.93
C ASN E 175 -36.01 69.88 -5.62
N ILE E 176 -36.73 69.91 -4.50
CA ILE E 176 -36.10 69.96 -3.19
C ILE E 176 -36.10 68.56 -2.57
N ARG E 177 -34.94 68.08 -2.16
CA ARG E 177 -34.86 66.76 -1.52
C ARG E 177 -35.38 66.83 -0.09
N LEU E 178 -36.28 65.92 0.26
CA LEU E 178 -36.93 65.90 1.56
C LEU E 178 -36.40 64.80 2.46
N GLU E 179 -36.04 65.16 3.69
CA GLU E 179 -35.57 64.18 4.68
C GLU E 179 -36.71 63.30 5.15
N GLU E 180 -37.89 63.89 5.30
CA GLU E 180 -39.07 63.16 5.71
C GLU E 180 -39.67 62.47 4.50
N LEU E 181 -39.08 61.33 4.16
CA LEU E 181 -39.37 60.64 2.92
C LEU E 181 -40.84 60.28 2.83
N HIS E 182 -41.43 59.95 3.98
CA HIS E 182 -42.82 59.54 4.09
C HIS E 182 -43.60 60.50 4.98
N VAL E 183 -44.55 61.19 4.37
CA VAL E 183 -45.34 62.19 5.10
C VAL E 183 -46.81 61.83 5.01
N ILE E 184 -47.61 62.42 5.88
CA ILE E 184 -49.04 62.17 5.87
C ILE E 184 -49.80 63.35 5.27
N ASP E 185 -49.53 64.56 5.78
CA ASP E 185 -50.24 65.76 5.34
C ASP E 185 -49.37 67.01 5.41
N VAL E 186 -49.21 67.68 4.28
CA VAL E 186 -48.41 68.91 4.21
C VAL E 186 -49.28 70.10 3.86
N LYS E 187 -49.13 71.21 4.61
CA LYS E 187 -49.81 72.47 4.32
C LYS E 187 -48.87 73.65 4.54
N PHE E 188 -49.00 74.71 3.76
CA PHE E 188 -48.20 75.90 4.01
C PHE E 188 -48.65 76.57 5.29
N LEU E 189 -47.67 77.02 6.07
CA LEU E 189 -47.88 77.54 7.41
C LEU E 189 -48.05 79.05 7.47
N TYR E 190 -48.79 79.52 8.48
CA TYR E 190 -48.99 80.93 8.76
C TYR E 190 -48.18 81.39 9.97
N GLY E 191 -47.95 82.70 10.07
CA GLY E 191 -47.22 83.27 11.20
C GLY E 191 -45.73 83.36 10.91
N CYS E 192 -45.37 83.25 9.65
CA CYS E 192 -43.97 83.31 9.23
C CYS E 192 -43.85 84.04 7.90
N GLN E 193 -42.87 84.92 7.78
CA GLN E 193 -42.64 85.69 6.56
C GLN E 193 -42.11 84.81 5.44
N ALA E 194 -41.54 83.67 5.84
CA ALA E 194 -40.95 82.74 4.89
C ALA E 194 -42.03 81.78 4.40
N PRO E 195 -41.87 81.19 3.21
CA PRO E 195 -42.78 80.24 2.61
C PRO E 195 -42.63 78.88 3.27
N THR E 196 -43.02 78.82 4.53
CA THR E 196 -42.84 77.61 5.30
C THR E 196 -44.02 76.67 5.20
N ILE E 197 -43.74 75.41 5.49
CA ILE E 197 -44.73 74.33 5.50
C ILE E 197 -44.74 73.61 6.81
N CYS E 198 -45.94 73.36 7.34
CA CYS E 198 -46.12 72.57 8.53
C CYS E 198 -46.75 71.25 8.15
N PHE E 199 -46.23 70.16 8.67
CA PHE E 199 -46.73 68.88 8.22
C PHE E 199 -46.65 67.78 9.27
N VAL E 200 -47.48 66.76 9.06
CA VAL E 200 -47.48 65.55 9.86
C VAL E 200 -46.79 64.46 9.06
N TYR E 201 -45.81 63.80 9.68
CA TYR E 201 -45.05 62.79 8.97
C TYR E 201 -44.67 61.61 9.86
N GLN E 202 -44.26 60.52 9.22
CA GLN E 202 -43.93 59.29 9.94
C GLN E 202 -42.44 58.97 9.90
N ASP E 203 -41.84 58.80 11.07
CA ASP E 203 -40.44 58.41 11.16
C ASP E 203 -40.29 57.41 12.35
N PRO E 204 -39.08 56.97 12.72
CA PRO E 204 -38.80 56.01 13.77
C PRO E 204 -39.26 56.47 15.16
N GLN E 205 -39.57 57.75 15.30
CA GLN E 205 -40.01 58.30 16.58
C GLN E 205 -41.53 58.32 16.68
N GLY E 206 -42.19 57.76 15.67
CA GLY E 206 -43.65 57.79 15.60
C GLY E 206 -44.08 58.97 14.74
N ARG E 207 -45.33 59.41 14.90
CA ARG E 207 -45.77 60.53 14.10
C ARG E 207 -45.46 61.84 14.79
N HIS E 208 -44.93 62.77 14.01
CA HIS E 208 -44.52 64.07 14.51
C HIS E 208 -44.98 65.20 13.62
N VAL E 209 -45.08 66.40 14.19
CA VAL E 209 -45.34 67.59 13.41
C VAL E 209 -44.08 68.40 13.30
N LYS E 210 -43.73 68.79 12.09
CA LYS E 210 -42.50 69.53 11.85
C LYS E 210 -42.73 70.65 10.84
N THR E 211 -41.81 71.61 10.82
CA THR E 211 -41.88 72.66 9.82
C THR E 211 -40.57 72.87 9.09
N TYR E 212 -40.67 73.49 7.91
CA TYR E 212 -39.48 73.94 7.16
C TYR E 212 -39.82 75.05 6.18
N GLU E 213 -38.77 75.74 5.74
CA GLU E 213 -38.87 76.77 4.69
C GLU E 213 -38.47 76.23 3.33
N VAL E 214 -39.38 76.28 2.37
CA VAL E 214 -39.05 75.79 1.04
C VAL E 214 -38.21 76.81 0.30
N SER E 215 -37.23 76.34 -0.45
CA SER E 215 -36.42 77.24 -1.27
C SER E 215 -36.19 76.62 -2.64
N LEU E 216 -36.94 77.13 -3.63
CA LEU E 216 -36.93 76.57 -4.98
C LEU E 216 -35.67 76.89 -5.74
N ARG E 217 -35.05 78.02 -5.41
CA ARG E 217 -33.83 78.44 -6.10
C ARG E 217 -32.62 77.71 -5.55
N GLU E 218 -32.68 77.37 -4.26
CA GLU E 218 -31.60 76.65 -3.60
C GLU E 218 -31.79 75.15 -3.70
N LYS E 219 -33.03 74.72 -3.91
CA LYS E 219 -33.39 73.31 -3.93
C LYS E 219 -33.08 72.67 -2.59
N GLU E 220 -33.42 73.39 -1.52
CA GLU E 220 -33.13 72.98 -0.15
C GLU E 220 -34.24 73.37 0.82
N PHE E 221 -34.33 72.66 1.95
CA PHE E 221 -35.25 73.05 3.02
C PHE E 221 -34.52 73.70 4.18
N ASN E 222 -34.84 74.96 4.42
CA ASN E 222 -34.21 75.72 5.49
C ASN E 222 -35.08 75.64 6.75
N LYS E 223 -34.48 75.86 7.92
CA LYS E 223 -35.29 75.88 9.13
C LYS E 223 -35.76 77.30 9.42
N GLY E 224 -36.94 77.47 10.04
CA GLY E 224 -37.82 76.38 10.49
C GLY E 224 -38.58 76.84 11.72
N PRO E 225 -39.86 77.19 11.59
CA PRO E 225 -40.75 77.67 12.64
C PRO E 225 -40.70 76.82 13.91
N TRP E 226 -40.64 75.49 13.78
CA TRP E 226 -40.42 74.63 14.93
C TRP E 226 -39.87 73.25 14.56
N LYS E 227 -39.44 72.52 15.59
CA LYS E 227 -38.81 71.22 15.44
C LYS E 227 -39.84 70.13 15.45
N GLN E 228 -39.49 68.92 15.01
CA GLN E 228 -40.45 67.85 15.06
C GLN E 228 -40.91 67.66 16.50
N GLU E 229 -42.22 67.55 16.68
CA GLU E 229 -42.78 67.35 18.01
C GLU E 229 -43.81 66.23 17.99
N ASN E 230 -43.91 65.53 19.12
CA ASN E 230 -44.79 64.37 19.22
C ASN E 230 -46.26 64.74 19.05
N VAL E 231 -46.95 63.98 18.21
CA VAL E 231 -48.38 64.13 18.04
C VAL E 231 -49.06 62.79 18.20
N GLU E 232 -50.38 62.82 18.32
CA GLU E 232 -51.15 61.59 18.46
C GLU E 232 -50.73 60.58 17.40
N ALA E 233 -50.61 59.31 17.79
CA ALA E 233 -50.20 58.25 16.88
C ALA E 233 -51.09 58.18 15.65
N GLU E 234 -52.34 58.60 15.81
CA GLU E 234 -53.34 58.57 14.75
C GLU E 234 -53.44 59.93 14.05
N ALA E 235 -52.55 60.85 14.40
CA ALA E 235 -52.55 62.19 13.81
C ALA E 235 -52.36 62.09 12.32
N SER E 236 -53.14 62.86 11.58
CA SER E 236 -53.01 62.84 10.13
C SER E 236 -53.24 64.21 9.51
N MET E 237 -53.99 65.05 10.20
CA MET E 237 -54.39 66.34 9.61
C MET E 237 -53.63 67.50 10.21
N VAL E 238 -53.18 68.42 9.35
CA VAL E 238 -52.60 69.67 9.82
C VAL E 238 -53.34 70.88 9.28
N ILE E 239 -53.71 71.79 10.17
CA ILE E 239 -54.38 73.02 9.76
C ILE E 239 -53.44 74.19 9.97
N ALA E 240 -53.18 74.94 8.91
CA ALA E 240 -52.40 76.16 9.08
C ALA E 240 -53.31 77.22 9.69
N VAL E 241 -52.83 77.91 10.72
CA VAL E 241 -53.61 78.89 11.44
C VAL E 241 -53.23 80.33 11.12
N PRO E 242 -54.14 81.11 10.53
CA PRO E 242 -53.95 82.49 10.14
C PRO E 242 -53.57 83.39 11.29
N GLU E 243 -52.82 84.44 10.98
CA GLU E 243 -52.45 85.46 11.94
C GLU E 243 -53.73 86.15 12.40
N PRO E 244 -53.75 86.69 13.62
CA PRO E 244 -52.67 86.90 14.58
C PRO E 244 -52.19 85.66 15.32
N PHE E 245 -52.89 84.53 15.20
CA PHE E 245 -52.46 83.34 15.95
C PHE E 245 -51.20 82.73 15.37
N GLY E 246 -51.25 82.43 14.08
CA GLY E 246 -50.14 81.73 13.44
C GLY E 246 -50.14 80.29 13.92
N GLY E 247 -49.13 79.52 13.52
CA GLY E 247 -49.00 78.15 14.04
C GLY E 247 -49.88 77.17 13.29
N ALA E 248 -50.05 75.97 13.86
CA ALA E 248 -50.81 74.93 13.18
C ALA E 248 -51.54 74.00 14.16
N ILE E 249 -52.63 73.40 13.68
CA ILE E 249 -53.43 72.48 14.49
C ILE E 249 -53.34 71.06 13.95
N ILE E 250 -53.01 70.12 14.82
CA ILE E 250 -52.87 68.72 14.44
C ILE E 250 -54.01 67.87 14.99
N ILE E 251 -54.67 67.14 14.10
CA ILE E 251 -55.84 66.34 14.49
C ILE E 251 -55.65 64.85 14.22
N GLY E 252 -55.92 64.04 15.25
CA GLY E 252 -55.89 62.58 15.15
C GLY E 252 -57.28 62.00 15.38
N GLN E 253 -57.34 60.89 16.12
CA GLN E 253 -58.61 60.22 16.38
C GLN E 253 -59.26 60.72 17.66
N GLU E 254 -58.46 60.84 18.72
CA GLU E 254 -59.02 61.20 20.02
C GLU E 254 -58.60 62.58 20.50
N SER E 255 -57.62 63.20 19.84
CA SER E 255 -57.12 64.47 20.35
C SER E 255 -56.73 65.47 19.27
N ILE E 256 -56.74 66.73 19.68
CA ILE E 256 -56.27 67.84 18.87
C ILE E 256 -55.19 68.63 19.60
N THR E 257 -54.11 68.95 18.92
CA THR E 257 -53.07 69.77 19.51
C THR E 257 -52.80 70.99 18.64
N TYR E 258 -52.32 72.05 19.28
CA TYR E 258 -51.90 73.25 18.57
C TYR E 258 -50.44 73.53 18.81
N HIS E 259 -49.69 73.73 17.74
CA HIS E 259 -48.25 73.94 17.86
C HIS E 259 -47.81 75.30 17.35
N ASN E 260 -46.93 75.94 18.10
CA ASN E 260 -46.37 77.22 17.72
C ASN E 260 -45.04 77.43 18.44
N GLY E 261 -43.94 77.35 17.71
CA GLY E 261 -42.61 77.42 18.31
C GLY E 261 -42.37 76.21 19.20
N ASP E 262 -41.93 76.45 20.44
CA ASP E 262 -41.61 75.36 21.35
C ASP E 262 -42.75 75.00 22.29
N LYS E 263 -43.93 75.58 22.08
CA LYS E 263 -45.06 75.33 22.96
C LYS E 263 -46.22 74.70 22.22
N TYR E 264 -47.07 73.99 22.94
CA TYR E 264 -48.30 73.48 22.36
C TYR E 264 -49.43 73.32 23.36
N LEU E 265 -50.65 73.34 22.85
CA LEU E 265 -51.87 73.11 23.62
C LEU E 265 -52.49 71.79 23.20
N ALA E 266 -53.28 71.17 24.08
CA ALA E 266 -53.95 69.93 23.70
C ALA E 266 -55.32 69.77 24.34
N ILE E 267 -56.24 69.13 23.60
CA ILE E 267 -57.57 68.77 24.07
C ILE E 267 -57.98 67.42 23.50
N ALA E 268 -58.77 66.65 24.25
CA ALA E 268 -59.25 65.36 23.74
C ALA E 268 -60.74 65.13 24.01
N PRO E 269 -61.63 65.74 23.22
CA PRO E 269 -63.08 65.66 23.31
C PRO E 269 -63.57 64.25 22.94
N PRO E 270 -64.53 63.69 23.69
CA PRO E 270 -65.14 62.40 23.46
C PRO E 270 -65.98 62.42 22.18
N ILE E 271 -66.35 63.62 21.76
CA ILE E 271 -67.20 63.78 20.59
C ILE E 271 -66.43 63.54 19.29
N ILE E 272 -65.12 63.78 19.31
CA ILE E 272 -64.32 63.45 18.13
C ILE E 272 -63.74 62.06 18.29
N LYS E 273 -63.53 61.63 19.54
CA LYS E 273 -62.97 60.30 19.80
C LYS E 273 -63.84 59.20 19.20
N GLN E 274 -65.15 59.42 19.18
CA GLN E 274 -66.11 58.45 18.68
C GLN E 274 -66.15 58.33 17.15
N SER E 275 -65.47 59.21 16.43
CA SER E 275 -65.50 59.18 14.97
C SER E 275 -64.17 59.67 14.37
N THR E 276 -63.92 59.35 13.12
CA THR E 276 -62.68 59.78 12.51
C THR E 276 -62.87 61.05 11.69
N ILE E 277 -62.16 62.11 12.06
CA ILE E 277 -62.28 63.37 11.35
C ILE E 277 -61.62 63.24 9.99
N VAL E 278 -62.34 63.64 8.95
CA VAL E 278 -61.89 63.50 7.58
C VAL E 278 -61.28 64.78 7.04
N CYS E 279 -61.92 65.91 7.31
CA CYS E 279 -61.47 67.16 6.74
C CYS E 279 -61.76 68.36 7.63
N HIS E 280 -61.17 69.49 7.29
CA HIS E 280 -61.33 70.72 8.04
C HIS E 280 -61.48 71.95 7.15
N ASN E 281 -62.01 73.03 7.71
CA ASN E 281 -62.05 74.32 7.01
C ASN E 281 -62.09 75.52 7.95
N ARG E 282 -61.26 76.51 7.66
CA ARG E 282 -61.21 77.74 8.45
C ARG E 282 -62.46 78.61 8.23
N VAL E 283 -63.03 79.10 9.33
CA VAL E 283 -64.18 79.99 9.27
C VAL E 283 -63.81 81.42 9.62
N ASP E 284 -63.25 81.59 10.81
CA ASP E 284 -62.92 82.91 11.33
C ASP E 284 -61.54 83.34 10.82
N PRO E 285 -61.45 84.44 10.05
CA PRO E 285 -60.28 84.92 9.34
C PRO E 285 -59.10 85.22 10.27
N ASN E 286 -59.37 85.28 11.58
CA ASN E 286 -58.33 85.55 12.55
C ASN E 286 -57.69 84.24 13.02
N GLY E 287 -58.16 83.13 12.45
CA GLY E 287 -57.63 81.80 12.75
C GLY E 287 -58.15 81.23 14.05
N SER E 288 -59.25 81.76 14.56
CA SER E 288 -59.80 81.32 15.84
C SER E 288 -60.82 80.19 15.74
N ARG E 289 -61.44 80.01 14.58
CA ARG E 289 -62.52 79.03 14.45
C ARG E 289 -62.40 78.19 13.19
N TYR E 290 -62.51 76.87 13.37
CA TYR E 290 -62.44 75.92 12.27
C TYR E 290 -63.57 74.92 12.34
N LEU E 291 -64.03 74.47 11.18
CA LEU E 291 -64.97 73.36 11.13
C LEU E 291 -64.26 72.06 10.86
N LEU E 292 -64.60 71.04 11.63
CA LEU E 292 -64.08 69.70 11.41
C LEU E 292 -65.26 68.79 11.11
N GLY E 293 -65.07 67.80 10.25
CA GLY E 293 -66.14 66.85 10.05
C GLY E 293 -65.65 65.44 9.81
N ASP E 294 -66.47 64.47 10.19
CA ASP E 294 -66.16 63.04 10.04
C ASP E 294 -66.97 62.36 8.94
N MET E 295 -66.80 61.04 8.84
CA MET E 295 -67.51 60.21 7.88
C MET E 295 -68.83 59.66 8.43
N GLU E 296 -69.13 60.00 9.67
CA GLU E 296 -70.34 59.51 10.33
C GLU E 296 -71.45 60.55 10.23
N GLY E 297 -71.08 61.78 9.88
CA GLY E 297 -72.04 62.86 9.70
C GLY E 297 -72.01 63.90 10.81
N ARG E 298 -70.96 63.89 11.64
CA ARG E 298 -70.87 64.92 12.68
C ARG E 298 -70.02 66.10 12.22
N LEU E 299 -70.55 67.31 12.44
CA LEU E 299 -69.79 68.53 12.17
C LEU E 299 -69.44 69.17 13.50
N PHE E 300 -68.19 69.57 13.64
CA PHE E 300 -67.69 70.09 14.92
C PHE E 300 -67.11 71.49 14.76
N MET E 301 -67.19 72.30 15.81
CA MET E 301 -66.53 73.60 15.82
C MET E 301 -65.34 73.59 16.74
N LEU E 302 -64.17 73.84 16.16
CA LEU E 302 -62.95 73.93 16.93
C LEU E 302 -62.64 75.39 17.22
N LEU E 303 -62.65 75.73 18.50
CA LEU E 303 -62.43 77.10 18.92
C LEU E 303 -61.07 77.26 19.58
N LEU E 304 -60.32 78.24 19.10
CA LEU E 304 -59.03 78.56 19.70
C LEU E 304 -59.20 79.75 20.62
N GLU E 305 -59.01 79.51 21.91
CA GLU E 305 -59.21 80.55 22.91
C GLU E 305 -57.90 81.27 23.14
N LYS E 306 -57.86 82.53 22.72
CA LYS E 306 -56.62 83.30 22.72
C LYS E 306 -56.26 83.85 24.09
N GLU E 307 -54.96 84.04 24.30
CA GLU E 307 -54.43 84.77 25.44
C GLU E 307 -53.79 86.05 24.90
N GLU E 308 -53.30 86.90 25.79
CA GLU E 308 -52.57 88.09 25.36
C GLU E 308 -51.27 88.25 26.13
N GLN E 309 -50.19 88.49 25.39
CA GLN E 309 -48.87 88.63 26.00
C GLN E 309 -48.52 90.09 26.24
N MET E 310 -47.53 90.31 27.09
CA MET E 310 -47.10 91.67 27.47
C MET E 310 -46.49 92.44 26.30
N ASP E 311 -46.02 91.71 25.28
CA ASP E 311 -45.42 92.34 24.11
C ASP E 311 -46.44 92.54 23.00
N GLY E 312 -47.71 92.25 23.29
CA GLY E 312 -48.77 92.41 22.32
C GLY E 312 -48.97 91.17 21.46
N THR E 313 -48.16 90.15 21.70
CA THR E 313 -48.24 88.91 20.92
C THR E 313 -49.51 88.13 21.25
N VAL E 314 -50.16 87.62 20.21
CA VAL E 314 -51.32 86.76 20.38
C VAL E 314 -50.90 85.31 20.45
N THR E 315 -51.32 84.64 21.51
CA THR E 315 -50.98 83.23 21.71
C THR E 315 -52.23 82.45 22.04
N LEU E 316 -52.12 81.13 22.06
CA LEU E 316 -53.26 80.30 22.38
C LEU E 316 -53.26 79.90 23.85
N LYS E 317 -54.43 80.00 24.49
CA LYS E 317 -54.58 79.61 25.88
C LYS E 317 -55.05 78.17 25.99
N ASP E 318 -56.04 77.81 25.18
CA ASP E 318 -56.57 76.45 25.22
C ASP E 318 -57.34 76.09 23.95
N LEU E 319 -57.81 74.85 23.88
CA LEU E 319 -58.57 74.33 22.73
C LEU E 319 -59.89 73.71 23.17
N ARG E 320 -60.98 74.09 22.49
CA ARG E 320 -62.28 73.51 22.79
C ARG E 320 -63.00 73.08 21.52
N VAL E 321 -63.66 71.92 21.57
CA VAL E 321 -64.43 71.48 20.42
C VAL E 321 -65.88 71.29 20.80
N GLU E 322 -66.77 71.95 20.07
CA GLU E 322 -68.20 71.80 20.28
C GLU E 322 -68.77 70.94 19.16
N LEU E 323 -69.81 70.18 19.46
CA LEU E 323 -70.51 69.48 18.40
C LEU E 323 -71.59 70.40 17.85
N LEU E 324 -71.48 70.73 16.56
CA LEU E 324 -72.42 71.66 15.95
C LEU E 324 -73.71 70.96 15.60
N GLY E 325 -73.61 69.74 15.09
CA GLY E 325 -74.80 69.03 14.66
C GLY E 325 -74.49 68.02 13.57
N GLU E 326 -75.54 67.53 12.93
CA GLU E 326 -75.37 66.50 11.91
C GLU E 326 -75.50 67.03 10.50
N THR E 327 -74.60 66.55 9.64
CA THR E 327 -74.57 66.85 8.21
C THR E 327 -74.32 65.58 7.42
N SER E 328 -74.29 65.72 6.10
CA SER E 328 -73.82 64.63 5.26
C SER E 328 -72.33 64.48 5.48
N ILE E 329 -71.73 63.45 4.88
CA ILE E 329 -70.32 63.17 5.10
C ILE E 329 -69.43 64.33 4.72
N ALA E 330 -68.54 64.70 5.63
CA ALA E 330 -67.64 65.81 5.40
C ALA E 330 -66.39 65.37 4.67
N GLU E 331 -66.51 65.12 3.37
CA GLU E 331 -65.34 64.77 2.57
C GLU E 331 -64.50 66.03 2.40
N CYS E 332 -65.19 67.16 2.24
CA CYS E 332 -64.55 68.45 2.17
C CYS E 332 -65.46 69.52 2.73
N LEU E 333 -64.87 70.50 3.39
CA LEU E 333 -65.61 71.62 3.91
C LEU E 333 -65.08 72.92 3.33
N THR E 334 -65.97 73.74 2.81
CA THR E 334 -65.60 75.05 2.29
C THR E 334 -66.54 76.11 2.82
N TYR E 335 -66.12 76.83 3.85
CA TYR E 335 -66.94 77.89 4.42
C TYR E 335 -67.09 78.98 3.38
N LEU E 336 -68.32 79.41 3.12
CA LEU E 336 -68.56 80.29 1.97
C LEU E 336 -68.80 81.75 2.31
N ASP E 337 -69.72 82.02 3.22
CA ASP E 337 -70.18 83.40 3.43
C ASP E 337 -70.25 83.80 4.90
N ASN E 338 -71.37 84.39 5.30
CA ASN E 338 -71.52 84.98 6.63
C ASN E 338 -72.11 83.98 7.62
N GLY E 339 -72.19 82.71 7.23
CA GLY E 339 -72.69 81.67 8.11
C GLY E 339 -72.77 80.30 7.44
N VAL E 340 -72.95 80.28 6.13
CA VAL E 340 -73.08 79.03 5.39
C VAL E 340 -71.75 78.37 5.01
N VAL E 341 -71.70 77.06 5.23
CA VAL E 341 -70.60 76.21 4.80
C VAL E 341 -71.12 75.16 3.85
N PHE E 342 -70.35 74.87 2.80
CA PHE E 342 -70.69 73.77 1.93
C PHE E 342 -70.05 72.49 2.44
N VAL E 343 -70.89 71.50 2.65
CA VAL E 343 -70.44 70.19 3.08
C VAL E 343 -70.45 69.28 1.87
N GLY E 344 -69.28 68.99 1.35
CA GLY E 344 -69.21 68.19 0.14
C GLY E 344 -68.96 66.75 0.49
N SER E 345 -69.52 65.85 -0.31
CA SER E 345 -69.33 64.44 -0.11
C SER E 345 -69.18 63.70 -1.42
N ARG E 346 -68.20 62.81 -1.48
CA ARG E 346 -68.09 61.89 -2.59
C ARG E 346 -68.60 60.54 -2.14
N LEU E 347 -68.97 60.46 -0.87
CA LEU E 347 -69.42 59.23 -0.23
C LEU E 347 -70.91 59.31 0.10
N GLY E 348 -71.56 60.35 -0.41
CA GLY E 348 -72.95 60.62 -0.06
C GLY E 348 -73.41 61.96 -0.60
N ASP E 349 -74.51 62.47 -0.09
CA ASP E 349 -75.11 63.71 -0.59
C ASP E 349 -74.37 64.92 -0.03
N SER E 350 -74.51 66.06 -0.71
CA SER E 350 -73.84 67.30 -0.29
C SER E 350 -74.87 68.33 0.15
N GLN E 351 -74.44 69.34 0.89
CA GLN E 351 -75.40 70.35 1.35
C GLN E 351 -74.78 71.67 1.78
N LEU E 352 -75.63 72.69 1.90
CA LEU E 352 -75.26 73.97 2.49
C LEU E 352 -75.96 74.13 3.83
N VAL E 353 -75.17 74.33 4.88
CA VAL E 353 -75.75 74.53 6.20
C VAL E 353 -75.23 75.81 6.82
N LYS E 354 -76.09 76.52 7.51
CA LYS E 354 -75.69 77.73 8.23
C LYS E 354 -75.25 77.38 9.63
N LEU E 355 -74.20 78.04 10.10
CA LEU E 355 -73.73 77.83 11.47
C LEU E 355 -74.23 78.95 12.36
N ASN E 356 -75.12 78.60 13.29
CA ASN E 356 -75.75 79.58 14.15
C ASN E 356 -74.91 79.81 15.40
N VAL E 357 -75.39 80.71 16.25
CA VAL E 357 -74.80 80.97 17.55
C VAL E 357 -75.76 80.46 18.60
N ASP E 358 -77.05 80.66 18.35
CA ASP E 358 -78.11 80.19 19.21
C ASP E 358 -78.55 78.80 18.78
N SER E 359 -78.51 77.85 19.71
CA SER E 359 -78.86 76.48 19.40
C SER E 359 -80.35 76.32 19.12
N ASN E 360 -80.69 75.30 18.35
CA ASN E 360 -82.08 74.96 18.07
C ASN E 360 -82.63 73.98 19.10
N GLU E 361 -83.83 73.47 18.85
CA GLU E 361 -84.51 72.59 19.80
C GLU E 361 -83.78 71.25 20.00
N GLN E 362 -82.86 70.93 19.10
CA GLN E 362 -82.08 69.70 19.20
C GLN E 362 -80.73 69.97 19.85
N GLY E 363 -80.48 71.24 20.15
CA GLY E 363 -79.20 71.67 20.70
C GLY E 363 -78.17 71.89 19.62
N SER E 364 -78.61 71.82 18.36
CA SER E 364 -77.74 71.95 17.20
C SER E 364 -77.63 73.38 16.70
N TYR E 365 -76.48 73.69 16.12
CA TYR E 365 -76.22 75.00 15.53
C TYR E 365 -76.18 74.89 14.01
N VAL E 366 -76.53 73.73 13.49
CA VAL E 366 -76.48 73.48 12.06
C VAL E 366 -77.86 73.58 11.42
N VAL E 367 -78.02 74.55 10.55
CA VAL E 367 -79.31 74.79 9.90
C VAL E 367 -79.21 74.58 8.40
N ALA E 368 -79.83 73.52 7.91
CA ALA E 368 -79.76 73.23 6.49
C ALA E 368 -80.46 74.31 5.68
N MET E 369 -79.83 74.71 4.58
CA MET E 369 -80.40 75.71 3.69
C MET E 369 -80.75 75.07 2.36
N GLU E 370 -79.78 74.39 1.76
CA GLU E 370 -79.97 73.72 0.47
C GLU E 370 -79.28 72.36 0.50
N THR E 371 -79.79 71.41 -0.29
CA THR E 371 -79.14 70.11 -0.40
C THR E 371 -78.93 69.75 -1.86
N PHE E 372 -77.97 68.85 -2.11
CA PHE E 372 -77.68 68.41 -3.46
C PHE E 372 -77.55 66.89 -3.49
N THR E 373 -78.06 66.25 -4.55
CA THR E 373 -78.04 64.76 -4.58
C THR E 373 -76.80 64.27 -5.32
N ASN E 374 -76.14 63.23 -4.78
CA ASN E 374 -74.96 62.63 -5.46
C ASN E 374 -75.27 61.17 -5.77
N LEU E 375 -75.21 60.79 -7.05
CA LEU E 375 -75.77 59.50 -7.52
C LEU E 375 -74.73 58.39 -7.30
N GLY E 376 -73.92 58.48 -6.25
CA GLY E 376 -72.83 57.53 -6.05
C GLY E 376 -72.19 57.69 -4.67
N PRO E 377 -71.09 56.96 -4.43
CA PRO E 377 -70.43 55.99 -5.28
C PRO E 377 -71.40 54.88 -5.63
N ILE E 378 -71.28 54.33 -6.83
CA ILE E 378 -72.20 53.29 -7.26
C ILE E 378 -71.70 51.91 -6.89
N VAL E 379 -72.50 51.21 -6.09
CA VAL E 379 -72.16 49.93 -5.53
C VAL E 379 -72.70 48.79 -6.39
N ASP E 380 -73.96 48.94 -6.80
CA ASP E 380 -74.62 47.94 -7.65
C ASP E 380 -75.78 48.56 -8.43
N MET E 381 -76.19 47.91 -9.52
CA MET E 381 -77.30 48.41 -10.34
C MET E 381 -78.16 47.30 -10.93
N CYS E 382 -79.47 47.57 -11.04
CA CYS E 382 -80.38 46.69 -11.78
C CYS E 382 -81.48 47.51 -12.44
N VAL E 383 -81.94 47.07 -13.61
CA VAL E 383 -83.01 47.80 -14.30
C VAL E 383 -84.29 46.98 -14.42
N VAL E 384 -85.37 47.54 -13.88
CA VAL E 384 -86.68 46.90 -13.88
C VAL E 384 -87.76 47.90 -14.29
N ASP E 385 -88.65 47.51 -15.19
CA ASP E 385 -89.76 48.40 -15.52
C ASP E 385 -90.90 48.23 -14.54
N LEU E 386 -91.00 49.17 -13.61
CA LEU E 386 -91.95 49.12 -12.52
C LEU E 386 -93.20 49.92 -12.86
N GLU E 387 -93.16 50.57 -14.03
CA GLU E 387 -94.24 51.43 -14.49
C GLU E 387 -95.01 50.77 -15.61
N ARG E 388 -94.38 49.79 -16.26
CA ARG E 388 -94.90 49.09 -17.42
C ARG E 388 -95.17 50.07 -18.57
N GLN E 389 -94.17 50.88 -18.87
CA GLN E 389 -94.25 51.88 -19.93
C GLN E 389 -93.38 51.53 -21.14
N GLY E 390 -92.44 50.61 -20.94
CA GLY E 390 -91.44 50.32 -21.97
C GLY E 390 -90.12 51.00 -21.60
N GLN E 391 -90.18 51.77 -20.52
CA GLN E 391 -89.03 52.48 -19.98
C GLN E 391 -88.61 51.83 -18.66
N GLY E 392 -87.46 51.18 -18.64
CA GLY E 392 -87.01 50.51 -17.42
C GLY E 392 -86.44 51.54 -16.45
N GLN E 393 -86.58 51.29 -15.16
CA GLN E 393 -86.02 52.19 -14.15
C GLN E 393 -84.83 51.53 -13.49
N LEU E 394 -83.81 52.31 -13.20
CA LEU E 394 -82.61 51.74 -12.62
C LEU E 394 -82.61 51.94 -11.12
N VAL E 395 -82.57 50.83 -10.39
CA VAL E 395 -82.53 50.89 -8.96
C VAL E 395 -81.12 50.54 -8.53
N THR E 396 -80.48 51.45 -7.81
CA THR E 396 -79.08 51.28 -7.50
C THR E 396 -78.78 51.35 -6.02
N CYS E 397 -77.68 50.69 -5.67
CA CYS E 397 -77.08 50.79 -4.36
C CYS E 397 -75.99 51.84 -4.44
N SER E 398 -76.09 52.87 -3.60
CA SER E 398 -75.11 53.96 -3.67
C SER E 398 -74.85 54.60 -2.31
N GLY E 399 -73.74 55.32 -2.23
CA GLY E 399 -73.42 56.09 -1.02
C GLY E 399 -72.69 55.21 -0.01
N ALA E 400 -72.36 55.79 1.14
CA ALA E 400 -71.67 55.04 2.19
C ALA E 400 -72.03 55.55 3.57
N PHE E 401 -71.82 54.70 4.56
CA PHE E 401 -72.06 55.03 5.97
C PHE E 401 -73.49 55.51 6.16
N LYS E 402 -73.66 56.64 6.84
CA LYS E 402 -74.97 57.19 7.14
C LYS E 402 -75.66 57.68 5.88
N GLU E 403 -74.88 57.89 4.82
CA GLU E 403 -75.39 58.40 3.57
C GLU E 403 -75.74 57.27 2.62
N GLY E 404 -75.54 56.03 3.06
CA GLY E 404 -75.86 54.91 2.19
C GLY E 404 -77.34 54.92 1.89
N SER E 405 -77.69 54.64 0.63
CA SER E 405 -79.08 54.69 0.20
C SER E 405 -79.36 53.86 -1.03
N LEU E 406 -80.64 53.63 -1.29
CA LEU E 406 -81.06 53.11 -2.59
C LEU E 406 -81.57 54.27 -3.41
N ARG E 407 -81.37 54.22 -4.71
CA ARG E 407 -81.89 55.26 -5.57
C ARG E 407 -82.59 54.68 -6.77
N ILE E 408 -83.67 55.33 -7.20
CA ILE E 408 -84.38 54.89 -8.38
C ILE E 408 -84.35 55.96 -9.44
N ILE E 409 -83.71 55.67 -10.56
CA ILE E 409 -83.57 56.65 -11.62
C ILE E 409 -84.44 56.29 -12.82
N ARG E 410 -85.33 57.19 -13.18
CA ARG E 410 -86.30 56.92 -14.23
C ARG E 410 -86.25 57.97 -15.32
N ASN E 411 -86.38 57.54 -16.58
CA ASN E 411 -86.22 58.47 -17.72
C ASN E 411 -87.57 59.05 -18.15
N GLY E 412 -88.03 60.08 -17.45
CA GLY E 412 -89.27 60.77 -17.88
C GLY E 412 -88.99 62.25 -18.03
N ILE E 413 -89.34 62.86 -19.18
CA ILE E 413 -89.19 64.33 -19.30
C ILE E 413 -90.08 64.95 -18.22
N GLY E 414 -89.48 65.55 -17.19
CA GLY E 414 -90.26 66.06 -16.06
C GLY E 414 -91.42 66.97 -16.39
N ILE E 415 -92.51 66.79 -15.65
CA ILE E 415 -93.67 67.66 -15.71
C ILE E 415 -93.67 68.59 -14.50
N HIS E 416 -93.98 69.85 -14.73
CA HIS E 416 -94.06 70.81 -13.63
C HIS E 416 -95.51 71.12 -13.34
N GLU E 417 -96.02 70.59 -12.23
CA GLU E 417 -97.42 70.73 -11.89
C GLU E 417 -97.67 71.99 -11.08
N HIS E 418 -98.65 72.78 -11.53
CA HIS E 418 -98.98 74.06 -10.91
C HIS E 418 -100.30 74.01 -10.16
N ALA E 419 -101.17 73.08 -10.54
CA ALA E 419 -102.50 72.98 -9.94
C ALA E 419 -103.13 71.61 -10.20
N SER E 420 -104.08 71.23 -9.35
CA SER E 420 -104.89 70.04 -9.61
C SER E 420 -106.25 70.12 -8.92
N ILE E 421 -107.27 69.53 -9.55
CA ILE E 421 -108.60 69.49 -8.95
C ILE E 421 -109.24 68.08 -8.97
N ASP E 422 -109.97 67.78 -7.91
CA ASP E 422 -110.56 66.45 -7.72
C ASP E 422 -111.94 66.34 -8.35
N LEU E 423 -112.00 66.31 -9.68
CA LEU E 423 -113.26 66.25 -10.41
C LEU E 423 -113.31 65.05 -11.37
N PRO E 424 -113.70 63.86 -10.86
CA PRO E 424 -113.71 62.57 -11.53
C PRO E 424 -114.82 62.46 -12.55
N GLY E 425 -114.67 61.49 -13.47
CA GLY E 425 -115.72 61.21 -14.46
C GLY E 425 -115.65 62.14 -15.65
N ILE E 426 -114.51 62.82 -15.79
CA ILE E 426 -114.31 63.82 -16.85
C ILE E 426 -114.22 63.14 -18.21
N LYS E 427 -114.88 63.75 -19.21
CA LYS E 427 -114.87 63.22 -20.56
C LYS E 427 -114.41 64.27 -21.59
N GLY E 428 -113.79 65.34 -21.10
CA GLY E 428 -113.29 66.40 -21.96
C GLY E 428 -113.09 67.70 -21.17
N LEU E 429 -112.29 68.61 -21.71
CA LEU E 429 -112.02 69.87 -21.05
C LEU E 429 -111.54 70.94 -22.03
N TRP E 430 -112.12 72.14 -21.94
CA TRP E 430 -111.77 73.23 -22.84
C TRP E 430 -111.81 74.59 -22.15
N PRO E 431 -110.71 75.34 -22.16
CA PRO E 431 -110.61 76.73 -21.73
C PRO E 431 -111.38 77.66 -22.67
N LEU E 432 -112.16 78.55 -22.09
CA LEU E 432 -112.94 79.53 -22.85
C LEU E 432 -112.60 80.97 -22.47
N ARG E 433 -112.51 81.82 -23.49
CA ARG E 433 -112.35 83.26 -23.27
C ARG E 433 -113.72 83.91 -23.33
N SER E 434 -114.33 84.14 -22.18
CA SER E 434 -115.72 84.59 -22.12
C SER E 434 -115.79 86.10 -22.23
N ASP E 435 -114.69 86.76 -21.90
CA ASP E 435 -114.60 88.21 -22.00
C ASP E 435 -113.94 88.58 -23.33
N PRO E 436 -114.68 89.20 -24.26
CA PRO E 436 -114.26 89.50 -25.61
C PRO E 436 -113.07 90.46 -25.64
N ASN E 437 -112.83 91.14 -24.52
CA ASN E 437 -111.75 92.12 -24.44
C ASN E 437 -110.54 91.62 -23.66
N ARG E 438 -110.45 90.30 -23.45
CA ARG E 438 -109.28 89.74 -22.76
C ARG E 438 -108.60 88.66 -23.59
N GLU E 439 -107.27 88.62 -23.51
CA GLU E 439 -106.46 87.64 -24.22
C GLU E 439 -106.48 86.27 -23.56
N THR E 440 -106.50 86.26 -22.23
CA THR E 440 -106.42 85.03 -21.44
C THR E 440 -107.76 84.34 -21.32
N ASP E 441 -107.73 83.08 -20.90
CA ASP E 441 -108.97 82.33 -20.67
C ASP E 441 -109.64 82.78 -19.39
N ASP E 442 -110.97 82.86 -19.44
CA ASP E 442 -111.75 83.29 -18.29
C ASP E 442 -112.33 82.12 -17.54
N THR E 443 -112.67 81.05 -18.27
CA THR E 443 -113.25 79.88 -17.65
C THR E 443 -112.62 78.60 -18.17
N LEU E 444 -112.75 77.53 -17.40
CA LEU E 444 -112.42 76.19 -17.87
C LEU E 444 -113.67 75.33 -17.88
N VAL E 445 -114.04 74.84 -19.05
CA VAL E 445 -115.21 73.98 -19.17
C VAL E 445 -114.81 72.52 -19.10
N LEU E 446 -115.50 71.79 -18.24
CA LEU E 446 -115.25 70.36 -18.07
C LEU E 446 -116.49 69.58 -18.46
N SER E 447 -116.30 68.52 -19.22
CA SER E 447 -117.41 67.63 -19.57
C SER E 447 -117.25 66.35 -18.79
N PHE E 448 -118.36 65.72 -18.47
CA PHE E 448 -118.36 64.51 -17.66
C PHE E 448 -119.29 63.47 -18.26
N VAL E 449 -119.36 62.33 -17.60
CA VAL E 449 -120.19 61.21 -18.05
C VAL E 449 -121.58 61.65 -18.51
N GLY E 450 -122.26 62.50 -17.74
CA GLY E 450 -123.61 62.94 -18.10
C GLY E 450 -123.88 64.37 -17.66
N GLN E 451 -122.83 65.17 -17.53
CA GLN E 451 -122.97 66.55 -17.10
C GLN E 451 -121.74 67.38 -17.47
N THR E 452 -121.77 68.68 -17.15
CA THR E 452 -120.60 69.54 -17.34
C THR E 452 -120.39 70.42 -16.12
N ARG E 453 -119.25 71.10 -16.09
CA ARG E 453 -118.94 72.15 -15.12
C ARG E 453 -118.23 73.28 -15.82
N VAL E 454 -118.39 74.50 -15.33
CA VAL E 454 -117.60 75.62 -15.83
C VAL E 454 -116.96 76.38 -14.69
N LEU E 455 -115.63 76.39 -14.66
CA LEU E 455 -114.89 77.03 -13.59
C LEU E 455 -114.36 78.39 -14.02
N MET E 456 -114.72 79.44 -13.28
CA MET E 456 -114.21 80.76 -13.55
C MET E 456 -112.79 80.87 -13.00
N LEU E 457 -111.92 81.51 -13.76
CA LEU E 457 -110.52 81.62 -13.39
C LEU E 457 -110.20 83.00 -12.82
N ASN E 458 -109.67 83.02 -11.60
CA ASN E 458 -109.31 84.26 -10.93
C ASN E 458 -107.85 84.20 -10.52
N GLY E 459 -106.96 84.47 -11.48
CA GLY E 459 -105.55 84.23 -11.27
C GLY E 459 -105.34 82.73 -11.08
N GLU E 460 -104.64 82.36 -10.02
CA GLU E 460 -104.36 80.96 -9.73
C GLU E 460 -105.57 80.22 -9.16
N GLU E 461 -106.52 80.97 -8.58
CA GLU E 461 -107.67 80.36 -7.92
C GLU E 461 -108.82 80.18 -8.90
N VAL E 462 -109.70 79.21 -8.64
CA VAL E 462 -110.85 79.04 -9.50
C VAL E 462 -112.13 78.94 -8.69
N GLU E 463 -113.26 79.15 -9.35
CA GLU E 463 -114.58 78.96 -8.73
C GLU E 463 -115.58 78.49 -9.76
N GLU E 464 -116.64 77.83 -9.33
CA GLU E 464 -117.68 77.42 -10.27
C GLU E 464 -118.57 78.59 -10.64
N THR E 465 -118.87 78.71 -11.92
CA THR E 465 -119.73 79.77 -12.42
C THR E 465 -120.84 79.22 -13.31
N GLU E 466 -121.58 80.14 -13.93
CA GLU E 466 -122.63 79.77 -14.86
C GLU E 466 -122.72 80.79 -15.99
N LEU E 467 -122.79 80.29 -17.22
CA LEU E 467 -122.94 81.16 -18.37
C LEU E 467 -124.33 80.94 -18.95
N MET E 468 -124.97 82.01 -19.42
CA MET E 468 -126.34 81.91 -19.92
C MET E 468 -126.47 80.92 -21.09
N GLY E 469 -125.46 80.88 -21.94
CA GLY E 469 -125.49 80.03 -23.11
C GLY E 469 -124.88 78.64 -22.86
N PHE E 470 -124.55 78.33 -21.62
CA PHE E 470 -123.86 77.08 -21.29
C PHE E 470 -124.77 76.04 -20.67
N VAL E 471 -124.63 74.80 -21.13
CA VAL E 471 -125.40 73.66 -20.64
C VAL E 471 -124.61 72.83 -19.63
N ASP E 472 -125.23 72.54 -18.49
CA ASP E 472 -124.55 71.72 -17.49
C ASP E 472 -125.33 70.49 -17.04
N ASP E 473 -126.41 70.16 -17.76
CA ASP E 473 -127.17 68.95 -17.48
C ASP E 473 -127.11 67.96 -18.65
N GLN E 474 -126.16 68.18 -19.54
CA GLN E 474 -125.96 67.32 -20.71
C GLN E 474 -124.49 67.03 -20.91
N GLN E 475 -124.18 65.90 -21.52
CA GLN E 475 -122.80 65.61 -21.88
C GLN E 475 -122.36 66.49 -23.04
N THR E 476 -121.16 67.04 -22.93
CA THR E 476 -120.60 67.91 -23.96
C THR E 476 -119.48 67.24 -24.73
N PHE E 477 -119.58 67.27 -26.05
CA PHE E 477 -118.59 66.69 -26.94
C PHE E 477 -117.47 67.67 -27.24
N PHE E 478 -117.81 68.94 -27.31
CA PHE E 478 -116.84 69.98 -27.63
C PHE E 478 -117.29 71.33 -27.09
N CYS E 479 -116.33 72.14 -26.66
CA CYS E 479 -116.62 73.50 -26.23
C CYS E 479 -115.39 74.38 -26.45
N GLY E 480 -115.59 75.64 -26.78
CA GLY E 480 -114.44 76.53 -26.98
C GLY E 480 -114.80 77.85 -27.63
N ASN E 481 -113.77 78.59 -28.04
CA ASN E 481 -113.93 79.89 -28.69
C ASN E 481 -114.02 79.75 -30.19
N VAL E 482 -114.86 80.57 -30.80
CA VAL E 482 -114.99 80.62 -32.25
C VAL E 482 -114.95 82.07 -32.76
N ALA E 483 -114.95 82.23 -34.07
CA ALA E 483 -114.82 83.51 -34.74
C ALA E 483 -115.96 84.47 -34.41
N HIS E 484 -115.66 85.76 -34.54
CA HIS E 484 -116.60 86.85 -34.30
C HIS E 484 -116.98 86.98 -32.84
N GLN E 485 -115.99 86.80 -31.95
CA GLN E 485 -116.20 86.96 -30.53
C GLN E 485 -117.32 86.09 -29.98
N GLN E 486 -117.23 84.79 -30.22
CA GLN E 486 -118.27 83.87 -29.77
C GLN E 486 -117.71 82.65 -29.05
N LEU E 487 -118.53 82.10 -28.17
CA LEU E 487 -118.28 80.84 -27.50
C LEU E 487 -119.14 79.77 -28.13
N ILE E 488 -118.70 78.53 -28.11
CA ILE E 488 -119.56 77.49 -28.65
C ILE E 488 -119.56 76.25 -27.77
N GLN E 489 -120.69 75.57 -27.71
CA GLN E 489 -120.80 74.29 -27.01
C GLN E 489 -121.63 73.30 -27.81
N ILE E 490 -121.09 72.10 -27.99
CA ILE E 490 -121.87 71.04 -28.61
C ILE E 490 -122.11 69.90 -27.65
N THR E 491 -123.38 69.65 -27.40
CA THR E 491 -123.81 68.60 -26.50
C THR E 491 -124.43 67.47 -27.30
N SER E 492 -124.82 66.42 -26.62
CA SER E 492 -125.52 65.33 -27.30
C SER E 492 -126.87 65.81 -27.84
N ALA E 493 -127.39 66.91 -27.30
CA ALA E 493 -128.69 67.40 -27.73
C ALA E 493 -128.61 68.39 -28.89
N SER E 494 -127.65 69.31 -28.85
CA SER E 494 -127.63 70.39 -29.85
C SER E 494 -126.29 71.11 -30.00
N VAL E 495 -126.20 71.92 -31.06
CA VAL E 495 -125.06 72.80 -31.28
C VAL E 495 -125.42 74.23 -30.90
N ARG E 496 -124.78 74.76 -29.86
CA ARG E 496 -125.16 76.05 -29.30
C ARG E 496 -124.11 77.13 -29.52
N LEU E 497 -124.46 78.15 -30.30
CA LEU E 497 -123.55 79.25 -30.58
C LEU E 497 -123.87 80.42 -29.65
N VAL E 498 -122.88 80.81 -28.87
CA VAL E 498 -123.01 81.77 -27.79
C VAL E 498 -122.15 83.01 -28.03
N SER E 499 -122.71 84.19 -27.81
CA SER E 499 -121.92 85.41 -27.99
C SER E 499 -121.21 85.78 -26.70
N GLN E 500 -119.93 86.16 -26.81
CA GLN E 500 -119.13 86.47 -25.63
C GLN E 500 -119.67 87.65 -24.85
N GLU E 501 -120.16 88.68 -25.55
CA GLU E 501 -120.60 89.88 -24.88
C GLU E 501 -121.66 89.63 -23.79
N PRO E 502 -122.81 89.00 -24.11
CA PRO E 502 -123.81 88.56 -23.14
C PRO E 502 -123.49 87.21 -22.51
N LYS E 503 -122.52 86.49 -23.08
CA LYS E 503 -122.23 85.12 -22.67
C LYS E 503 -123.51 84.30 -22.77
N ALA E 504 -124.25 84.52 -23.85
CA ALA E 504 -125.58 83.93 -24.05
C ALA E 504 -125.81 83.50 -25.49
N LEU E 505 -126.73 82.56 -25.67
CA LEU E 505 -126.96 81.96 -26.98
C LEU E 505 -127.52 82.94 -27.98
N VAL E 506 -126.96 82.89 -29.20
CA VAL E 506 -127.47 83.68 -30.32
C VAL E 506 -128.04 82.80 -31.42
N SER E 507 -127.59 81.55 -31.49
CA SER E 507 -128.08 80.63 -32.50
C SER E 507 -127.94 79.18 -32.05
N GLU E 508 -128.88 78.33 -32.46
CA GLU E 508 -128.81 76.92 -32.11
C GLU E 508 -129.20 76.06 -33.29
N TRP E 509 -128.43 75.01 -33.54
CA TRP E 509 -128.71 74.08 -34.62
C TRP E 509 -129.12 72.73 -34.06
N LYS E 510 -130.11 72.12 -34.70
CA LYS E 510 -130.60 70.82 -34.27
C LYS E 510 -130.56 69.82 -35.40
N GLU E 511 -130.16 68.60 -35.08
CA GLU E 511 -130.07 67.51 -36.04
C GLU E 511 -131.39 67.30 -36.82
N PRO E 512 -131.36 67.43 -38.15
CA PRO E 512 -132.48 67.21 -39.07
C PRO E 512 -133.09 65.81 -38.97
N GLN E 513 -132.29 64.84 -38.54
CA GLN E 513 -132.76 63.46 -38.40
C GLN E 513 -133.34 63.21 -37.01
N ALA E 514 -133.32 64.23 -36.15
CA ALA E 514 -133.79 64.12 -34.77
C ALA E 514 -133.05 63.05 -34.00
N LYS E 515 -131.74 62.96 -34.22
CA LYS E 515 -130.89 62.00 -33.52
C LYS E 515 -129.94 62.73 -32.58
N ASN E 516 -129.47 62.02 -31.57
CA ASN E 516 -128.52 62.60 -30.62
C ASN E 516 -127.12 62.64 -31.22
N ILE E 517 -126.37 63.70 -30.91
CA ILE E 517 -125.01 63.86 -31.41
C ILE E 517 -124.08 62.83 -30.79
N SER E 518 -123.31 62.15 -31.64
CA SER E 518 -122.39 61.13 -31.17
C SER E 518 -120.96 61.58 -31.37
N VAL E 519 -120.75 62.47 -32.33
CA VAL E 519 -119.42 63.03 -32.58
C VAL E 519 -119.54 64.52 -32.87
N ALA E 520 -118.60 65.32 -32.33
CA ALA E 520 -118.58 66.73 -32.66
C ALA E 520 -117.20 67.34 -32.48
N SER E 521 -116.93 68.40 -33.25
CA SER E 521 -115.72 69.20 -33.09
C SER E 521 -115.94 70.61 -33.63
N CYS E 522 -115.40 71.61 -32.94
CA CYS E 522 -115.58 73.00 -33.36
C CYS E 522 -114.27 73.65 -33.74
N ASN E 523 -114.35 74.65 -34.63
CA ASN E 523 -113.20 75.46 -34.96
C ASN E 523 -113.64 76.90 -35.23
N SER E 524 -112.67 77.77 -35.53
CA SER E 524 -112.94 79.19 -35.62
C SER E 524 -114.13 79.57 -36.50
N SER E 525 -114.16 79.08 -37.74
CA SER E 525 -115.17 79.56 -38.69
C SER E 525 -116.33 78.59 -38.93
N GLN E 526 -116.39 77.49 -38.16
CA GLN E 526 -117.41 76.46 -38.41
C GLN E 526 -117.35 75.31 -37.40
N VAL E 527 -118.34 74.43 -37.45
CA VAL E 527 -118.27 73.16 -36.72
C VAL E 527 -118.59 71.98 -37.62
N VAL E 528 -118.19 70.80 -37.18
CA VAL E 528 -118.60 69.57 -37.86
C VAL E 528 -119.23 68.62 -36.85
N VAL E 529 -120.38 68.07 -37.21
CA VAL E 529 -121.06 67.14 -36.31
C VAL E 529 -121.55 65.90 -37.02
N ALA E 530 -121.78 64.83 -36.26
CA ALA E 530 -122.36 63.63 -36.82
C ALA E 530 -123.24 62.88 -35.83
N VAL E 531 -124.23 62.19 -36.39
CA VAL E 531 -125.09 61.29 -35.63
C VAL E 531 -125.00 59.91 -36.24
N GLY E 532 -124.13 59.08 -35.67
CA GLY E 532 -123.82 57.83 -36.32
C GLY E 532 -123.20 58.12 -37.68
N ARG E 533 -123.88 57.70 -38.74
CA ARG E 533 -123.41 57.86 -40.11
C ARG E 533 -123.59 59.28 -40.66
N ALA E 534 -124.65 59.98 -40.26
CA ALA E 534 -124.95 61.26 -40.89
C ALA E 534 -123.93 62.31 -40.49
N LEU E 535 -123.51 63.13 -41.45
CA LEU E 535 -122.44 64.11 -41.24
C LEU E 535 -122.78 65.50 -41.76
N TYR E 536 -122.60 66.53 -40.91
CA TYR E 536 -122.96 67.90 -41.28
C TYR E 536 -121.82 68.90 -41.18
N TYR E 537 -121.84 69.88 -42.08
CA TYR E 537 -120.94 71.04 -42.06
C TYR E 537 -121.73 72.32 -41.80
N LEU E 538 -121.47 72.94 -40.66
CA LEU E 538 -122.23 74.13 -40.24
C LEU E 538 -121.28 75.32 -40.10
N GLN E 539 -121.55 76.39 -40.84
CA GLN E 539 -120.68 77.56 -40.81
C GLN E 539 -121.02 78.48 -39.66
N ILE E 540 -119.99 79.08 -39.05
CA ILE E 540 -120.21 80.05 -37.99
C ILE E 540 -120.16 81.49 -38.51
N HIS E 541 -121.26 82.19 -38.28
CA HIS E 541 -121.43 83.59 -38.63
C HIS E 541 -121.57 84.36 -37.31
N PRO E 542 -121.41 85.69 -37.31
CA PRO E 542 -121.41 86.54 -36.12
C PRO E 542 -122.54 86.20 -35.15
N GLN E 543 -123.71 85.83 -35.66
CA GLN E 543 -124.80 85.41 -34.79
C GLN E 543 -125.64 84.30 -35.41
N GLU E 544 -125.00 83.37 -36.12
CA GLU E 544 -125.74 82.29 -36.78
C GLU E 544 -124.94 81.01 -37.01
N LEU E 545 -125.61 79.87 -36.81
CA LEU E 545 -125.10 78.58 -37.26
C LEU E 545 -125.81 78.21 -38.55
N ARG E 546 -125.07 78.14 -39.64
CA ARG E 546 -125.69 77.93 -40.94
C ARG E 546 -125.25 76.64 -41.59
N GLN E 547 -126.18 75.72 -41.77
CA GLN E 547 -125.83 74.47 -42.42
C GLN E 547 -125.49 74.74 -43.87
N ILE E 548 -124.32 74.30 -44.30
CA ILE E 548 -123.86 74.53 -45.66
C ILE E 548 -124.07 73.30 -46.51
N SER E 549 -123.66 72.16 -45.97
CA SER E 549 -123.76 70.91 -46.69
C SER E 549 -123.77 69.74 -45.73
N HIS E 550 -124.18 68.59 -46.23
CA HIS E 550 -124.18 67.39 -45.42
C HIS E 550 -124.07 66.14 -46.29
N THR E 551 -123.68 65.05 -45.65
CA THR E 551 -123.60 63.76 -46.32
C THR E 551 -123.88 62.65 -45.32
N GLU E 552 -123.63 61.43 -45.73
CA GLU E 552 -123.80 60.29 -44.83
C GLU E 552 -122.75 59.23 -45.15
N MET E 553 -122.10 58.73 -44.11
CA MET E 553 -121.06 57.71 -44.26
C MET E 553 -121.66 56.32 -44.34
N GLU E 554 -120.97 55.42 -45.02
CA GLU E 554 -121.40 54.03 -45.07
C GLU E 554 -121.43 53.41 -43.67
N HIS E 555 -120.49 53.84 -42.83
CA HIS E 555 -120.38 53.34 -41.47
C HIS E 555 -120.37 54.53 -40.51
N GLU E 556 -120.65 54.26 -39.25
CA GLU E 556 -120.73 55.32 -38.27
C GLU E 556 -119.44 56.11 -38.17
N VAL E 557 -119.57 57.41 -37.96
CA VAL E 557 -118.43 58.27 -37.73
C VAL E 557 -117.89 58.03 -36.32
N ALA E 558 -116.60 57.78 -36.22
CA ALA E 558 -115.95 57.51 -34.94
C ALA E 558 -115.32 58.77 -34.34
N CYS E 559 -115.03 59.73 -35.20
CA CYS E 559 -114.31 60.94 -34.81
C CYS E 559 -114.30 61.96 -35.93
N LEU E 560 -114.31 63.25 -35.57
CA LEU E 560 -114.24 64.32 -36.54
C LEU E 560 -113.20 65.38 -36.20
N ASP E 561 -112.56 65.92 -37.23
CA ASP E 561 -111.67 67.08 -37.09
C ASP E 561 -111.63 67.94 -38.34
N ILE E 562 -111.98 69.21 -38.18
CA ILE E 562 -111.92 70.16 -39.29
C ILE E 562 -111.05 71.37 -38.96
N THR E 563 -110.03 71.16 -38.13
CA THR E 563 -109.08 72.22 -37.79
C THR E 563 -108.47 72.81 -39.05
N PRO E 564 -108.48 74.15 -39.20
CA PRO E 564 -107.98 74.88 -40.36
C PRO E 564 -106.51 74.62 -40.56
N LEU E 565 -106.11 74.50 -41.81
CA LEU E 565 -104.75 74.15 -42.18
C LEU E 565 -104.10 75.28 -42.95
N GLY E 566 -102.78 75.36 -42.90
CA GLY E 566 -102.06 76.40 -43.62
C GLY E 566 -102.43 77.78 -43.10
N ASP E 567 -102.80 78.68 -44.01
CA ASP E 567 -103.16 80.05 -43.67
C ASP E 567 -104.64 80.36 -43.89
N SER E 568 -105.48 79.33 -43.90
CA SER E 568 -106.91 79.52 -44.11
C SER E 568 -107.58 80.33 -43.00
N ASN E 569 -108.63 81.07 -43.36
CA ASN E 569 -109.32 81.95 -42.43
C ASN E 569 -110.30 81.22 -41.51
N GLY E 570 -109.77 80.29 -40.73
CA GLY E 570 -110.54 79.55 -39.74
C GLY E 570 -111.28 78.35 -40.32
N LEU E 571 -111.13 78.15 -41.62
CA LEU E 571 -111.84 77.06 -42.32
C LEU E 571 -110.90 75.99 -42.85
N SER E 572 -111.18 74.74 -42.50
CA SER E 572 -110.43 73.66 -43.11
C SER E 572 -111.05 73.33 -44.46
N PRO E 573 -110.25 73.08 -45.49
CA PRO E 573 -110.66 72.55 -46.76
C PRO E 573 -110.90 71.05 -46.65
N LEU E 574 -110.43 70.46 -45.56
CA LEU E 574 -110.48 69.01 -45.37
C LEU E 574 -111.27 68.61 -44.14
N CYS E 575 -111.95 67.47 -44.23
CA CYS E 575 -112.63 66.89 -43.09
C CYS E 575 -112.05 65.53 -42.73
N ALA E 576 -111.55 65.41 -41.50
CA ALA E 576 -110.99 64.15 -41.01
C ALA E 576 -112.10 63.30 -40.43
N ILE E 577 -112.28 62.09 -40.98
CA ILE E 577 -113.33 61.20 -40.49
C ILE E 577 -112.80 59.83 -40.12
N GLY E 578 -113.09 59.41 -38.88
CA GLY E 578 -112.80 58.04 -38.45
C GLY E 578 -114.04 57.20 -38.73
N LEU E 579 -113.88 55.93 -39.06
CA LEU E 579 -115.04 55.07 -39.35
C LEU E 579 -115.05 53.73 -38.63
N TRP E 580 -116.27 53.26 -38.37
CA TRP E 580 -116.57 51.96 -37.79
C TRP E 580 -116.62 50.81 -38.81
N THR E 581 -116.80 49.60 -38.28
CA THR E 581 -117.06 48.38 -39.05
C THR E 581 -115.92 47.93 -39.95
N ASP E 582 -115.62 48.70 -40.99
CA ASP E 582 -114.51 48.36 -41.88
C ASP E 582 -113.20 48.77 -41.23
N ILE E 583 -113.30 49.76 -40.35
CA ILE E 583 -112.18 50.27 -39.57
C ILE E 583 -111.19 51.02 -40.44
N SER E 584 -111.42 52.31 -40.56
CA SER E 584 -110.74 53.12 -41.55
C SER E 584 -110.80 54.59 -41.18
N ALA E 585 -110.06 55.41 -41.93
CA ALA E 585 -110.17 56.86 -41.82
C ALA E 585 -110.07 57.47 -43.21
N ARG E 586 -110.80 58.55 -43.44
CA ARG E 586 -110.76 59.19 -44.74
C ARG E 586 -110.70 60.70 -44.66
N ILE E 587 -110.26 61.29 -45.76
CA ILE E 587 -110.23 62.72 -45.92
C ILE E 587 -111.22 63.16 -46.97
N LEU E 588 -112.15 64.02 -46.58
CA LEU E 588 -113.09 64.57 -47.53
C LEU E 588 -112.82 66.05 -47.73
N LYS E 589 -113.24 66.58 -48.87
CA LYS E 589 -113.23 68.03 -49.06
C LYS E 589 -114.42 68.59 -48.31
N LEU E 590 -114.15 69.35 -47.24
CA LEU E 590 -115.18 69.70 -46.26
C LEU E 590 -116.44 70.37 -46.83
N PRO E 591 -116.33 71.40 -47.69
CA PRO E 591 -117.46 72.11 -48.27
C PRO E 591 -118.51 71.21 -48.92
N SER E 592 -118.08 70.06 -49.47
CA SER E 592 -119.04 69.18 -50.15
C SER E 592 -118.93 67.73 -49.69
N PHE E 593 -117.99 67.45 -48.78
CA PHE E 593 -117.74 66.09 -48.32
C PHE E 593 -117.37 65.14 -49.47
N GLU E 594 -116.53 65.64 -50.36
CA GLU E 594 -116.03 64.86 -51.50
C GLU E 594 -114.80 64.05 -51.12
N LEU E 595 -114.78 62.77 -51.48
CA LEU E 595 -113.65 61.94 -51.10
C LEU E 595 -112.37 62.36 -51.81
N LEU E 596 -111.32 62.59 -51.03
CA LEU E 596 -110.01 62.91 -51.57
C LEU E 596 -109.04 61.77 -51.35
N HIS E 597 -109.14 61.14 -50.17
CA HIS E 597 -108.21 60.07 -49.79
C HIS E 597 -108.79 59.17 -48.71
N LYS E 598 -108.44 57.88 -48.74
CA LYS E 598 -108.82 56.98 -47.65
C LYS E 598 -107.71 55.99 -47.32
N GLU E 599 -107.61 55.63 -46.03
CA GLU E 599 -106.66 54.64 -45.53
C GLU E 599 -107.36 53.62 -44.64
N MET E 600 -106.87 52.38 -44.63
CA MET E 600 -107.38 51.37 -43.71
C MET E 600 -106.57 51.38 -42.42
N LEU E 601 -107.24 51.22 -41.29
CA LEU E 601 -106.56 51.31 -40.00
C LEU E 601 -106.32 49.96 -39.31
N GLY E 602 -107.22 49.01 -39.52
CA GLY E 602 -107.13 47.77 -38.75
C GLY E 602 -108.30 46.83 -38.99
N GLY E 603 -108.47 45.88 -38.09
CA GLY E 603 -109.49 44.83 -38.20
C GLY E 603 -110.66 45.06 -37.27
N GLU E 604 -110.50 44.68 -36.01
CA GLU E 604 -111.54 44.76 -34.99
C GLU E 604 -111.40 45.98 -34.07
N ILE E 605 -110.48 46.88 -34.39
CA ILE E 605 -110.17 47.99 -33.50
C ILE E 605 -110.63 49.34 -34.05
N ILE E 606 -111.39 50.06 -33.26
CA ILE E 606 -111.98 51.34 -33.64
C ILE E 606 -111.11 52.53 -33.23
N PRO E 607 -110.92 53.51 -34.14
CA PRO E 607 -110.24 54.78 -33.89
C PRO E 607 -111.05 55.65 -32.96
N ARG E 608 -110.39 56.37 -32.07
CA ARG E 608 -111.09 57.30 -31.19
C ARG E 608 -110.68 58.75 -31.44
N SER E 609 -109.49 58.97 -31.99
CA SER E 609 -109.01 60.33 -32.18
C SER E 609 -108.29 60.52 -33.51
N ILE E 610 -108.86 61.39 -34.34
CA ILE E 610 -108.32 61.70 -35.66
C ILE E 610 -108.02 63.20 -35.72
N LEU E 611 -106.82 63.56 -36.12
CA LEU E 611 -106.45 64.98 -36.19
C LEU E 611 -105.82 65.39 -37.50
N MET E 612 -106.05 66.63 -37.88
CA MET E 612 -105.28 67.31 -38.93
C MET E 612 -104.57 68.50 -38.30
N THR E 613 -103.31 68.32 -37.97
CA THR E 613 -102.58 69.29 -37.16
C THR E 613 -101.12 69.41 -37.58
N THR E 614 -100.33 70.11 -36.77
CA THR E 614 -98.94 70.34 -37.10
C THR E 614 -97.95 69.90 -36.04
N PHE E 615 -96.76 69.55 -36.51
CA PHE E 615 -95.58 69.34 -35.69
C PHE E 615 -94.50 70.22 -36.25
N GLU E 616 -93.73 70.88 -35.40
CA GLU E 616 -92.79 71.84 -35.92
C GLU E 616 -93.57 72.85 -36.77
N SER E 617 -93.35 72.83 -38.07
CA SER E 617 -94.03 73.72 -39.01
C SER E 617 -94.68 72.94 -40.14
N SER E 618 -94.74 71.61 -40.00
CA SER E 618 -95.26 70.74 -41.05
C SER E 618 -96.60 70.13 -40.65
N HIS E 619 -97.42 69.78 -41.66
CA HIS E 619 -98.74 69.21 -41.39
C HIS E 619 -98.76 67.69 -41.45
N TYR E 620 -99.40 67.09 -40.45
CA TYR E 620 -99.55 65.66 -40.31
C TYR E 620 -100.98 65.28 -39.96
N LEU E 621 -101.38 64.06 -40.30
CA LEU E 621 -102.65 63.52 -39.84
C LEU E 621 -102.40 62.41 -38.82
N LEU E 622 -103.20 62.40 -37.77
CA LEU E 622 -103.02 61.43 -36.69
C LEU E 622 -104.24 60.55 -36.55
N CYS E 623 -104.03 59.33 -36.07
CA CYS E 623 -105.14 58.42 -35.77
C CYS E 623 -104.84 57.46 -34.62
N ALA E 624 -105.61 57.59 -33.53
CA ALA E 624 -105.42 56.75 -32.35
C ALA E 624 -106.47 55.65 -32.24
N LEU E 625 -106.02 54.41 -32.05
CA LEU E 625 -106.92 53.25 -32.00
C LEU E 625 -107.01 52.57 -30.65
N GLY E 626 -108.16 51.93 -30.40
CA GLY E 626 -108.44 51.19 -29.16
C GLY E 626 -107.71 49.87 -29.04
N ASP E 627 -106.38 49.94 -29.19
CA ASP E 627 -105.52 48.79 -28.98
C ASP E 627 -104.20 49.31 -28.43
N GLY E 628 -104.17 50.63 -28.24
CA GLY E 628 -103.02 51.29 -27.63
C GLY E 628 -101.99 51.75 -28.65
N ALA E 629 -102.29 51.56 -29.94
CA ALA E 629 -101.39 51.97 -31.00
C ALA E 629 -101.86 53.24 -31.70
N LEU E 630 -100.90 54.00 -32.20
CA LEU E 630 -101.19 55.23 -32.95
C LEU E 630 -100.66 55.13 -34.37
N PHE E 631 -101.38 55.77 -35.29
CA PHE E 631 -100.88 55.99 -36.63
C PHE E 631 -100.54 57.45 -36.84
N TYR E 632 -99.52 57.68 -37.66
CA TYR E 632 -99.19 59.03 -38.09
C TYR E 632 -99.02 59.05 -39.60
N PHE E 633 -99.47 60.14 -40.22
CA PHE E 633 -99.34 60.26 -41.66
C PHE E 633 -98.82 61.65 -42.02
N GLY E 634 -98.06 61.76 -43.10
CA GLY E 634 -97.78 63.09 -43.63
C GLY E 634 -99.06 63.57 -44.28
N LEU E 635 -99.36 64.86 -44.16
CA LEU E 635 -100.60 65.36 -44.73
C LEU E 635 -100.40 66.45 -45.78
N ASN E 636 -100.93 66.20 -46.96
CA ASN E 636 -100.94 67.19 -48.02
C ASN E 636 -102.25 67.95 -47.92
N ILE E 637 -102.19 69.13 -47.31
CA ILE E 637 -103.40 69.84 -46.94
C ILE E 637 -104.16 70.38 -48.15
N GLU E 638 -103.42 70.71 -49.21
CA GLU E 638 -104.02 71.23 -50.43
C GLU E 638 -104.84 70.18 -51.16
N THR E 639 -104.34 68.94 -51.17
CA THR E 639 -105.00 67.88 -51.94
C THR E 639 -105.74 66.86 -51.07
N GLY E 640 -105.47 66.86 -49.77
CA GLY E 640 -106.13 65.93 -48.87
C GLY E 640 -105.57 64.52 -48.98
N LEU E 641 -104.28 64.43 -49.28
CA LEU E 641 -103.65 63.13 -49.46
C LEU E 641 -102.72 62.79 -48.30
N LEU E 642 -102.58 61.50 -48.02
CA LEU E 642 -101.67 61.05 -46.98
C LEU E 642 -100.51 60.24 -47.54
N SER E 643 -99.37 60.33 -46.87
CA SER E 643 -98.19 59.57 -47.31
C SER E 643 -97.23 59.23 -46.17
N ASP E 644 -96.38 58.25 -46.42
CA ASP E 644 -95.30 57.88 -45.50
C ASP E 644 -95.83 57.64 -44.08
N ARG E 645 -96.82 56.76 -43.96
CA ARG E 645 -97.46 56.50 -42.69
C ARG E 645 -96.56 55.74 -41.74
N LYS E 646 -96.80 55.95 -40.44
CA LYS E 646 -96.07 55.28 -39.38
C LYS E 646 -97.04 54.62 -38.42
N LYS E 647 -96.61 53.56 -37.76
CA LYS E 647 -97.40 52.93 -36.72
C LYS E 647 -96.54 52.63 -35.49
N VAL E 648 -96.99 53.10 -34.33
CA VAL E 648 -96.28 52.90 -33.08
C VAL E 648 -97.20 52.41 -31.96
N THR E 649 -96.62 51.78 -30.94
CA THR E 649 -97.39 51.36 -29.78
C THR E 649 -97.08 52.23 -28.58
N LEU E 650 -98.11 52.80 -27.97
CA LEU E 650 -97.95 53.73 -26.86
C LEU E 650 -98.34 53.13 -25.52
N GLY E 651 -99.46 52.43 -25.50
CA GLY E 651 -100.02 51.92 -24.25
C GLY E 651 -101.11 50.90 -24.52
N THR E 652 -102.15 50.93 -23.70
CA THR E 652 -103.28 50.00 -23.88
C THR E 652 -104.56 50.73 -24.29
N GLN E 653 -104.65 52.03 -24.01
CA GLN E 653 -105.90 52.76 -24.22
C GLN E 653 -105.98 53.36 -25.62
N PRO E 654 -107.21 53.64 -26.10
CA PRO E 654 -107.51 54.23 -27.39
C PRO E 654 -106.83 55.57 -27.56
N THR E 655 -106.55 56.22 -26.43
CA THR E 655 -105.78 57.46 -26.44
C THR E 655 -106.50 58.59 -27.12
N VAL E 656 -106.59 59.72 -26.43
CA VAL E 656 -107.09 60.91 -27.07
C VAL E 656 -105.92 61.79 -27.45
N LEU E 657 -105.80 62.09 -28.73
CA LEU E 657 -104.66 62.88 -29.17
C LEU E 657 -105.04 64.34 -29.25
N ARG E 658 -104.20 65.19 -28.68
CA ARG E 658 -104.50 66.62 -28.66
C ARG E 658 -103.26 67.45 -28.97
N THR E 659 -103.49 68.54 -29.69
CA THR E 659 -102.42 69.45 -30.09
C THR E 659 -102.18 70.53 -29.04
N PHE E 660 -100.92 70.90 -28.86
CA PHE E 660 -100.57 72.02 -28.01
C PHE E 660 -99.32 72.70 -28.56
N ARG E 661 -99.08 73.94 -28.15
CA ARG E 661 -97.83 74.59 -28.52
C ARG E 661 -96.84 74.50 -27.38
N SER E 662 -95.58 74.25 -27.72
CA SER E 662 -94.53 74.14 -26.71
C SER E 662 -93.79 75.45 -26.54
N LEU E 663 -92.46 75.37 -26.57
CA LEU E 663 -91.61 76.55 -26.35
C LEU E 663 -91.63 77.48 -27.56
N SER E 664 -91.97 76.92 -28.71
CA SER E 664 -92.04 77.69 -29.96
C SER E 664 -93.01 77.04 -30.93
N THR E 665 -92.61 75.89 -31.45
CA THR E 665 -93.39 75.14 -32.44
C THR E 665 -94.41 74.22 -31.78
N THR E 666 -95.26 73.59 -32.60
CA THR E 666 -96.31 72.75 -32.04
C THR E 666 -95.93 71.28 -31.92
N ASN E 667 -96.70 70.56 -31.10
CA ASN E 667 -96.55 69.13 -30.86
C ASN E 667 -97.90 68.54 -30.41
N VAL E 668 -97.94 67.24 -30.14
CA VAL E 668 -99.17 66.65 -29.63
C VAL E 668 -98.88 65.83 -28.37
N PHE E 669 -99.92 65.52 -27.63
CA PHE E 669 -99.76 64.73 -26.42
C PHE E 669 -100.69 63.51 -26.44
N ALA E 670 -100.17 62.37 -26.02
CA ALA E 670 -100.97 61.15 -25.95
C ALA E 670 -101.70 61.07 -24.63
N CYS E 671 -103.00 61.29 -24.68
CA CYS E 671 -103.80 61.28 -23.48
C CYS E 671 -104.20 59.86 -23.17
N SER E 672 -103.31 59.16 -22.50
CA SER E 672 -103.46 57.73 -22.30
C SER E 672 -102.88 57.23 -20.98
N ASP E 673 -102.95 55.92 -20.81
CA ASP E 673 -102.40 55.22 -19.66
C ASP E 673 -100.88 55.32 -19.65
N ARG E 674 -100.32 55.64 -20.80
CA ARG E 674 -98.88 55.82 -20.99
C ARG E 674 -98.68 57.22 -21.59
N PRO E 675 -98.67 58.25 -20.74
CA PRO E 675 -98.79 59.66 -21.07
C PRO E 675 -97.51 60.23 -21.65
N THR E 676 -97.24 59.88 -22.91
CA THR E 676 -96.05 60.38 -23.59
C THR E 676 -96.36 61.67 -24.34
N VAL E 677 -95.30 62.36 -24.76
CA VAL E 677 -95.42 63.52 -25.62
C VAL E 677 -94.77 63.23 -26.96
N ILE E 678 -95.46 63.59 -28.05
CA ILE E 678 -94.97 63.30 -29.39
C ILE E 678 -94.53 64.56 -30.10
N TYR E 679 -93.34 64.50 -30.68
CA TYR E 679 -92.74 65.64 -31.34
C TYR E 679 -91.97 65.23 -32.59
N SER E 680 -91.70 66.19 -33.46
CA SER E 680 -90.94 65.93 -34.67
C SER E 680 -89.44 66.13 -34.42
N SER E 681 -88.63 65.25 -35.01
CA SER E 681 -87.18 65.36 -34.92
C SER E 681 -86.54 65.30 -36.31
N ASN E 682 -85.93 64.18 -36.65
CA ASN E 682 -85.23 64.06 -37.92
C ASN E 682 -86.19 63.67 -39.05
N HIS E 683 -87.08 64.58 -39.39
CA HIS E 683 -88.11 64.34 -40.40
C HIS E 683 -88.92 63.11 -40.05
N LYS E 684 -89.17 62.93 -38.76
CA LYS E 684 -89.90 61.79 -38.24
C LYS E 684 -90.61 62.17 -36.96
N LEU E 685 -91.71 61.51 -36.67
CA LEU E 685 -92.40 61.74 -35.41
C LEU E 685 -92.00 60.70 -34.39
N VAL E 686 -91.43 61.18 -33.29
CA VAL E 686 -90.90 60.35 -32.23
C VAL E 686 -91.50 60.78 -30.90
N PHE E 687 -91.37 59.95 -29.88
CA PHE E 687 -91.95 60.32 -28.60
C PHE E 687 -91.17 59.79 -27.41
N SER E 688 -91.47 60.39 -26.26
CA SER E 688 -90.86 59.99 -25.00
C SER E 688 -91.85 60.20 -23.86
N ASN E 689 -91.78 59.32 -22.86
CA ASN E 689 -92.70 59.35 -21.74
C ASN E 689 -92.49 60.55 -20.84
N VAL E 690 -93.59 61.09 -20.32
CA VAL E 690 -93.57 62.19 -19.37
C VAL E 690 -93.77 61.62 -17.96
N ASN E 691 -93.12 62.22 -16.97
CA ASN E 691 -93.19 61.74 -15.60
C ASN E 691 -94.54 62.07 -14.96
N LEU E 692 -95.58 61.42 -15.47
CA LEU E 692 -96.95 61.64 -15.05
C LEU E 692 -97.71 60.31 -15.00
N LYS E 693 -98.66 60.19 -14.09
CA LYS E 693 -99.41 58.93 -13.93
C LYS E 693 -100.29 58.58 -15.12
N GLU E 694 -101.36 59.36 -15.34
CA GLU E 694 -102.31 59.05 -16.42
C GLU E 694 -103.06 60.28 -16.91
N VAL E 695 -103.33 60.31 -18.20
CA VAL E 695 -104.16 61.34 -18.81
C VAL E 695 -105.18 60.69 -19.74
N ASN E 696 -106.42 61.11 -19.69
CA ASN E 696 -107.41 60.60 -20.64
C ASN E 696 -107.81 61.66 -21.66
N TYR E 697 -107.74 62.94 -21.25
CA TYR E 697 -108.07 64.07 -22.10
C TYR E 697 -107.09 65.23 -21.88
N MET E 698 -106.82 66.03 -22.93
CA MET E 698 -105.93 67.20 -22.80
C MET E 698 -106.42 68.44 -23.53
N CYS E 699 -106.06 69.59 -22.98
CA CYS E 699 -106.19 70.86 -23.67
C CYS E 699 -105.08 71.80 -23.19
N PRO E 700 -104.56 72.68 -24.06
CA PRO E 700 -103.62 73.73 -23.72
C PRO E 700 -104.31 74.80 -22.90
N LEU E 701 -103.59 75.38 -21.95
CA LEU E 701 -104.16 76.41 -21.10
C LEU E 701 -103.31 77.68 -21.09
N ASN E 702 -103.97 78.80 -21.32
CA ASN E 702 -103.34 80.12 -21.26
C ASN E 702 -104.21 81.08 -20.46
N SER E 703 -104.15 80.96 -19.14
CA SER E 703 -104.96 81.77 -18.24
C SER E 703 -104.07 82.82 -17.55
N ASP E 704 -104.63 83.54 -16.60
CA ASP E 704 -103.83 84.55 -15.91
C ASP E 704 -102.95 83.92 -14.82
N GLY E 705 -103.47 82.88 -14.18
CA GLY E 705 -102.69 82.16 -13.17
C GLY E 705 -101.80 81.11 -13.83
N TYR E 706 -102.25 80.60 -14.97
CA TYR E 706 -101.54 79.55 -15.67
C TYR E 706 -101.37 79.92 -17.16
N PRO E 707 -100.56 80.95 -17.46
CA PRO E 707 -100.38 81.57 -18.78
C PRO E 707 -99.71 80.65 -19.79
N ASP E 708 -99.05 79.60 -19.30
CA ASP E 708 -98.35 78.68 -20.17
C ASP E 708 -98.30 77.29 -19.55
N SER E 709 -99.34 76.50 -19.79
CA SER E 709 -99.42 75.15 -19.24
C SER E 709 -100.41 74.30 -20.03
N LEU E 710 -100.40 73.00 -19.78
CA LEU E 710 -101.44 72.13 -20.31
C LEU E 710 -102.33 71.68 -19.18
N ALA E 711 -103.61 71.51 -19.48
CA ALA E 711 -104.49 70.88 -18.51
C ALA E 711 -104.69 69.43 -18.92
N LEU E 712 -104.11 68.54 -18.13
CA LEU E 712 -104.10 67.12 -18.41
C LEU E 712 -105.04 66.41 -17.45
N ALA E 713 -106.10 65.81 -17.97
CA ALA E 713 -107.07 65.22 -17.07
C ALA E 713 -107.29 63.75 -17.35
N ASN E 714 -107.51 63.00 -16.28
CA ASN E 714 -107.89 61.60 -16.38
C ASN E 714 -109.26 61.40 -15.74
N ASN E 715 -109.73 60.16 -15.71
CA ASN E 715 -111.05 59.88 -15.17
C ASN E 715 -111.18 60.11 -13.66
N SER E 716 -110.05 60.38 -12.99
CA SER E 716 -110.07 60.62 -11.55
C SER E 716 -109.81 62.10 -11.21
N THR E 717 -108.66 62.62 -11.65
CA THR E 717 -108.29 64.01 -11.34
C THR E 717 -107.80 64.79 -12.57
N LEU E 718 -107.80 66.12 -12.44
CA LEU E 718 -107.24 67.02 -13.45
C LEU E 718 -105.99 67.69 -12.92
N THR E 719 -104.93 67.71 -13.71
CA THR E 719 -103.69 68.39 -13.32
C THR E 719 -103.24 69.40 -14.38
N ILE E 720 -102.75 70.55 -13.90
CA ILE E 720 -102.26 71.60 -14.77
C ILE E 720 -100.75 71.74 -14.60
N GLY E 721 -100.02 71.73 -15.71
CA GLY E 721 -98.56 71.84 -15.64
C GLY E 721 -97.90 71.90 -17.01
N THR E 722 -96.57 72.00 -17.02
CA THR E 722 -95.83 72.09 -18.27
C THR E 722 -95.00 70.84 -18.52
N ILE E 723 -94.75 70.55 -19.80
CA ILE E 723 -93.93 69.41 -20.18
C ILE E 723 -92.55 69.89 -20.62
N ASP E 724 -91.57 69.65 -19.75
CA ASP E 724 -90.25 70.32 -19.88
C ASP E 724 -89.40 70.05 -21.11
N GLU E 725 -88.88 68.82 -21.29
CA GLU E 725 -87.93 68.48 -22.39
C GLU E 725 -86.53 68.93 -21.98
N ILE E 726 -86.43 69.86 -21.02
CA ILE E 726 -85.09 70.30 -20.50
C ILE E 726 -84.40 69.16 -19.74
N GLN E 727 -85.15 68.41 -18.91
CA GLN E 727 -84.53 67.35 -18.07
C GLN E 727 -85.34 66.06 -18.24
N LYS E 728 -84.69 64.89 -18.18
CA LYS E 728 -85.44 63.64 -18.47
C LYS E 728 -85.13 62.51 -17.48
N LEU E 729 -84.26 62.69 -16.48
CA LEU E 729 -83.97 61.66 -15.48
C LEU E 729 -84.29 62.14 -14.08
N HIS E 730 -85.25 61.46 -13.46
CA HIS E 730 -85.71 61.80 -12.12
C HIS E 730 -85.23 60.76 -11.13
N ILE E 731 -84.70 61.21 -10.01
CA ILE E 731 -84.16 60.28 -9.03
C ILE E 731 -84.88 60.32 -7.70
N ARG E 732 -85.40 59.16 -7.30
CA ARG E 732 -85.96 59.01 -5.97
C ARG E 732 -84.88 58.46 -5.05
N THR E 733 -84.68 59.11 -3.90
CA THR E 733 -83.67 58.67 -2.96
C THR E 733 -84.33 58.04 -1.75
N VAL E 734 -83.88 56.84 -1.38
CA VAL E 734 -84.39 56.13 -0.23
C VAL E 734 -83.26 55.75 0.73
N PRO E 735 -82.94 56.60 1.71
CA PRO E 735 -81.86 56.47 2.66
C PRO E 735 -81.91 55.16 3.40
N LEU E 736 -80.77 54.48 3.53
CA LEU E 736 -80.65 53.27 4.29
C LEU E 736 -79.93 53.55 5.60
N TYR E 737 -79.05 54.55 5.55
CA TYR E 737 -78.17 54.93 6.67
C TYR E 737 -77.13 53.86 6.95
N GLU E 738 -76.94 52.99 5.98
CA GLU E 738 -75.93 51.96 6.01
C GLU E 738 -75.41 51.75 4.61
N SER E 739 -74.14 51.41 4.47
CA SER E 739 -73.60 51.16 3.14
C SER E 739 -74.30 49.92 2.56
N PRO E 740 -74.83 49.99 1.33
CA PRO E 740 -75.42 48.90 0.60
C PRO E 740 -74.30 48.06 -0.02
N ARG E 741 -74.64 46.85 -0.46
CA ARG E 741 -73.67 46.01 -1.16
C ARG E 741 -74.17 45.49 -2.51
N LYS E 742 -75.36 44.92 -2.56
CA LYS E 742 -75.87 44.31 -3.79
C LYS E 742 -77.37 44.51 -3.96
N ILE E 743 -77.82 44.51 -5.23
CA ILE E 743 -79.26 44.54 -5.51
C ILE E 743 -79.66 43.56 -6.62
N CYS E 744 -80.81 42.91 -6.44
CA CYS E 744 -81.39 42.05 -7.45
C CYS E 744 -82.91 42.13 -7.42
N TYR E 745 -83.58 41.65 -8.47
CA TYR E 745 -85.03 41.71 -8.50
C TYR E 745 -85.67 40.33 -8.65
N GLN E 746 -86.77 40.11 -7.94
CA GLN E 746 -87.57 38.90 -8.09
C GLN E 746 -89.00 39.23 -8.48
N GLU E 747 -89.45 38.61 -9.58
CA GLU E 747 -90.78 38.84 -10.12
C GLU E 747 -91.87 38.12 -9.32
N VAL E 748 -91.46 37.15 -8.51
CA VAL E 748 -92.41 36.34 -7.75
C VAL E 748 -92.99 37.10 -6.56
N SER E 749 -92.10 37.74 -5.79
CA SER E 749 -92.50 38.50 -4.62
C SER E 749 -92.78 39.96 -4.95
N GLN E 750 -92.48 40.34 -6.19
CA GLN E 750 -92.59 41.74 -6.63
C GLN E 750 -91.81 42.64 -5.68
N CYS E 751 -90.55 42.26 -5.46
CA CYS E 751 -89.67 42.96 -4.54
C CYS E 751 -88.23 42.92 -5.03
N PHE E 752 -87.41 43.78 -4.45
CA PHE E 752 -85.98 43.75 -4.70
C PHE E 752 -85.28 43.12 -3.52
N GLY E 753 -84.22 42.38 -3.81
CA GLY E 753 -83.37 41.85 -2.77
C GLY E 753 -82.16 42.73 -2.63
N VAL E 754 -81.89 43.18 -1.42
CA VAL E 754 -80.75 44.05 -1.20
C VAL E 754 -79.84 43.56 -0.09
N LEU E 755 -78.55 43.52 -0.38
CA LEU E 755 -77.58 43.23 0.66
C LEU E 755 -77.04 44.55 1.16
N SER E 756 -76.86 44.66 2.46
CA SER E 756 -76.34 45.88 3.07
C SER E 756 -75.49 45.59 4.29
N SER E 757 -74.75 46.59 4.75
CA SER E 757 -73.86 46.44 5.90
C SER E 757 -73.95 47.62 6.87
N ARG E 758 -74.30 47.33 8.12
CA ARG E 758 -74.38 48.35 9.16
C ARG E 758 -73.23 48.18 10.13
N ILE E 759 -72.88 49.24 10.85
CA ILE E 759 -71.73 49.18 11.73
C ILE E 759 -72.07 49.18 13.21
N GLU E 760 -71.54 48.18 13.91
CA GLU E 760 -71.61 48.11 15.35
C GLU E 760 -70.23 48.42 15.90
N VAL E 761 -70.16 49.01 17.09
CA VAL E 761 -68.87 49.34 17.71
C VAL E 761 -68.75 48.77 19.11
N GLN E 762 -67.52 48.54 19.55
CA GLN E 762 -67.29 48.00 20.89
C GLN E 762 -67.16 49.07 21.94
N ASP E 763 -67.78 48.81 23.08
CA ASP E 763 -67.64 49.66 24.25
C ASP E 763 -66.99 48.84 25.37
N THR E 764 -67.39 49.08 26.61
CA THR E 764 -66.67 48.51 27.73
C THR E 764 -67.05 47.07 28.04
N SER E 765 -68.18 46.60 27.50
CA SER E 765 -68.61 45.22 27.79
C SER E 765 -69.61 44.67 26.79
N GLY E 766 -69.49 43.37 26.48
CA GLY E 766 -70.49 42.68 25.67
C GLY E 766 -70.20 42.69 24.17
N GLY E 767 -69.01 43.15 23.79
CA GLY E 767 -68.64 43.21 22.38
C GLY E 767 -69.29 44.41 21.70
N THR E 768 -69.66 44.25 20.43
CA THR E 768 -70.15 45.37 19.66
C THR E 768 -71.62 45.66 19.88
N THR E 769 -72.02 46.90 19.60
CA THR E 769 -73.40 47.34 19.62
C THR E 769 -73.65 48.37 18.51
N ALA E 770 -74.89 48.47 18.04
CA ALA E 770 -75.17 49.36 16.92
C ALA E 770 -74.69 50.77 17.18
N LEU E 771 -73.99 51.33 16.19
CA LEU E 771 -73.51 52.70 16.25
C LEU E 771 -74.67 53.67 16.01
N ARG E 772 -75.58 53.26 15.14
CA ARG E 772 -76.74 54.07 14.78
C ARG E 772 -77.83 53.15 14.20
N PRO E 773 -79.08 53.61 14.16
CA PRO E 773 -80.19 53.01 13.45
C PRO E 773 -79.95 52.99 11.94
N SER E 774 -80.52 51.99 11.28
CA SER E 774 -80.47 51.90 9.82
C SER E 774 -81.65 51.09 9.32
N ALA E 775 -81.85 51.10 8.00
CA ALA E 775 -83.00 50.42 7.38
C ALA E 775 -83.07 48.94 7.71
N SER E 776 -81.91 48.30 7.88
CA SER E 776 -81.86 46.87 8.16
C SER E 776 -82.34 46.52 9.56
N THR E 777 -82.47 47.53 10.43
CA THR E 777 -83.01 47.28 11.75
C THR E 777 -84.36 47.97 11.88
N GLN E 778 -84.54 49.03 11.10
CA GLN E 778 -85.79 49.78 11.06
C GLN E 778 -86.71 49.18 10.01
N ALA E 779 -87.07 47.92 10.23
CA ALA E 779 -87.82 47.14 9.26
C ALA E 779 -89.20 46.81 9.77
N LEU E 780 -90.11 46.48 8.86
CA LEU E 780 -91.45 46.04 9.23
C LEU E 780 -91.41 44.64 9.83
N SER E 781 -90.35 43.91 9.49
CA SER E 781 -90.14 42.53 9.94
C SER E 781 -88.65 42.22 9.93
N SER E 782 -88.21 41.31 10.79
CA SER E 782 -86.80 40.97 10.83
C SER E 782 -86.54 39.56 11.33
N SER E 783 -85.34 39.07 11.03
CA SER E 783 -84.87 37.75 11.46
C SER E 783 -83.36 37.69 11.49
N VAL E 784 -82.81 36.62 12.05
CA VAL E 784 -81.37 36.40 12.06
C VAL E 784 -81.04 34.97 11.68
N SER E 785 -79.94 34.78 10.98
CA SER E 785 -79.46 33.45 10.63
C SER E 785 -79.20 32.61 11.86
N SER E 786 -79.59 31.35 11.80
CA SER E 786 -79.38 30.41 12.89
C SER E 786 -78.30 29.39 12.57
N SER E 787 -77.58 29.61 11.48
CA SER E 787 -76.56 28.65 11.06
C SER E 787 -75.47 28.48 12.10
N LYS E 788 -75.08 27.24 12.34
CA LYS E 788 -74.01 26.92 13.28
C LYS E 788 -72.84 26.28 12.55
N LEU E 789 -72.87 26.34 11.22
CA LEU E 789 -71.89 25.67 10.38
C LEU E 789 -70.45 26.06 10.73
N PHE E 790 -70.23 27.33 11.05
CA PHE E 790 -68.89 27.79 11.40
C PHE E 790 -68.83 28.30 12.83
N SER E 791 -69.68 27.74 13.70
CA SER E 791 -69.72 28.15 15.10
C SER E 791 -68.42 27.81 15.82
N SER E 792 -67.89 26.63 15.56
CA SER E 792 -66.70 26.15 16.26
C SER E 792 -65.43 26.85 15.79
N SER E 793 -65.51 27.52 14.64
CA SER E 793 -64.36 28.15 14.03
C SER E 793 -64.38 29.68 14.08
N THR E 794 -65.35 30.26 14.77
CA THR E 794 -65.45 31.71 14.81
C THR E 794 -64.96 32.28 16.14
N ALA E 795 -63.85 33.02 16.08
CA ALA E 795 -63.25 33.60 17.27
C ALA E 795 -62.77 35.03 17.04
N PRO E 796 -63.70 35.97 16.81
CA PRO E 796 -63.48 37.38 16.50
C PRO E 796 -62.98 38.18 17.69
N HIS E 797 -62.35 39.32 17.40
CA HIS E 797 -61.83 40.22 18.43
C HIS E 797 -62.94 41.08 19.03
N GLU E 798 -63.76 40.46 19.87
CA GLU E 798 -64.92 41.13 20.47
C GLU E 798 -64.59 41.74 21.82
N THR E 799 -63.30 41.79 22.15
CA THR E 799 -62.82 42.32 23.42
C THR E 799 -61.83 43.47 23.22
N SER E 800 -62.08 44.33 22.23
CA SER E 800 -61.19 45.44 21.92
C SER E 800 -61.96 46.77 21.81
N PHE E 801 -61.81 47.62 22.82
CA PHE E 801 -62.56 48.86 22.89
C PHE E 801 -62.30 49.75 21.69
N GLY E 802 -63.36 50.28 21.09
CA GLY E 802 -63.24 51.20 19.96
C GLY E 802 -63.26 50.49 18.61
N GLU E 803 -63.20 49.16 18.64
CA GLU E 803 -63.20 48.36 17.41
C GLU E 803 -64.60 48.26 16.83
N GLU E 804 -64.69 48.00 15.52
CA GLU E 804 -65.99 47.93 14.86
C GLU E 804 -66.17 46.66 14.03
N VAL E 805 -67.42 46.27 13.83
CA VAL E 805 -67.76 45.12 13.01
C VAL E 805 -68.83 45.47 11.99
N GLU E 806 -68.72 44.90 10.80
CA GLU E 806 -69.76 45.01 9.80
C GLU E 806 -70.82 43.93 10.03
N VAL E 807 -72.07 44.35 10.05
CA VAL E 807 -73.19 43.42 10.16
C VAL E 807 -73.96 43.41 8.87
N HIS E 808 -74.01 42.26 8.22
CA HIS E 808 -74.63 42.20 6.92
C HIS E 808 -76.04 41.63 6.99
N ASN E 809 -76.89 42.10 6.09
CA ASN E 809 -78.29 41.71 6.05
C ASN E 809 -78.77 41.48 4.62
N LEU E 810 -79.73 40.58 4.45
CA LEU E 810 -80.49 40.51 3.20
C LEU E 810 -81.87 41.09 3.42
N LEU E 811 -82.21 42.11 2.66
CA LEU E 811 -83.46 42.80 2.86
C LEU E 811 -84.49 42.45 1.79
N ILE E 812 -85.74 42.38 2.20
CA ILE E 812 -86.85 42.28 1.25
C ILE E 812 -87.40 43.68 1.05
N ILE E 813 -87.21 44.23 -0.15
CA ILE E 813 -87.55 45.61 -0.44
C ILE E 813 -88.75 45.73 -1.37
N ASP E 814 -89.79 46.42 -0.91
CA ASP E 814 -90.99 46.58 -1.72
C ASP E 814 -90.65 47.26 -3.04
N GLN E 815 -91.09 46.71 -4.16
CA GLN E 815 -90.69 47.27 -5.46
C GLN E 815 -91.30 48.64 -5.75
N HIS E 816 -92.34 49.02 -5.01
CA HIS E 816 -93.00 50.30 -5.27
C HIS E 816 -92.69 51.31 -4.18
N THR E 817 -92.60 50.82 -2.94
CA THR E 817 -92.42 51.69 -1.79
C THR E 817 -90.95 51.77 -1.36
N PHE E 818 -90.21 50.71 -1.64
CA PHE E 818 -88.80 50.58 -1.30
C PHE E 818 -88.51 50.64 0.20
N GLU E 819 -89.54 50.38 1.00
CA GLU E 819 -89.38 50.17 2.42
C GLU E 819 -88.87 48.77 2.68
N VAL E 820 -88.26 48.55 3.84
CA VAL E 820 -87.80 47.22 4.16
C VAL E 820 -88.94 46.40 4.75
N LEU E 821 -89.39 45.40 3.98
CA LEU E 821 -90.51 44.57 4.38
C LEU E 821 -90.00 43.49 5.32
N HIS E 822 -88.73 43.15 5.16
CA HIS E 822 -88.06 42.20 6.04
C HIS E 822 -86.56 42.43 6.05
N ALA E 823 -85.96 42.34 7.23
CA ALA E 823 -84.51 42.39 7.34
C ALA E 823 -83.94 41.14 7.98
N HIS E 824 -83.17 40.37 7.21
CA HIS E 824 -82.55 39.16 7.72
C HIS E 824 -81.07 39.36 7.98
N GLN E 825 -80.69 39.29 9.24
CA GLN E 825 -79.32 39.51 9.63
C GLN E 825 -78.49 38.23 9.56
N PHE E 826 -77.28 38.34 9.07
CA PHE E 826 -76.38 37.21 9.00
C PHE E 826 -75.60 37.08 10.30
N LEU E 827 -74.79 36.04 10.44
CA LEU E 827 -74.11 35.81 11.71
C LEU E 827 -73.10 36.94 11.96
N GLN E 828 -72.82 37.20 13.22
CA GLN E 828 -71.85 38.26 13.52
C GLN E 828 -70.54 37.93 12.81
N ASN E 829 -69.96 38.95 12.15
CA ASN E 829 -68.73 38.81 11.36
C ASN E 829 -68.94 37.98 10.10
N GLU E 830 -70.20 37.74 9.73
CA GLU E 830 -70.50 37.11 8.44
C GLU E 830 -70.84 38.18 7.41
N TYR E 831 -70.09 38.16 6.33
CA TYR E 831 -70.29 39.11 5.25
C TYR E 831 -71.18 38.53 4.17
N ALA E 832 -72.01 39.36 3.56
CA ALA E 832 -72.83 38.96 2.44
C ALA E 832 -72.27 39.61 1.18
N LEU E 833 -71.51 38.84 0.43
CA LEU E 833 -70.65 39.36 -0.62
C LEU E 833 -71.31 39.34 -1.99
N SER E 834 -72.26 38.43 -2.19
CA SER E 834 -72.86 38.25 -3.51
C SER E 834 -74.35 37.95 -3.44
N LEU E 835 -75.10 38.43 -4.44
CA LEU E 835 -76.54 38.19 -4.51
C LEU E 835 -76.99 37.82 -5.92
N VAL E 836 -77.73 36.71 -6.02
CA VAL E 836 -78.29 36.26 -7.31
C VAL E 836 -79.80 35.97 -7.21
N SER E 837 -80.57 36.46 -8.18
CA SER E 837 -81.99 36.16 -8.22
C SER E 837 -82.34 35.27 -9.40
N CYS E 838 -82.73 34.03 -9.10
CA CYS E 838 -83.06 33.07 -10.15
C CYS E 838 -83.71 31.82 -9.60
N LYS E 839 -84.33 31.03 -10.48
CA LYS E 839 -84.75 29.69 -10.13
C LYS E 839 -83.68 28.71 -10.58
N LEU E 840 -83.52 27.62 -9.85
CA LEU E 840 -82.48 26.66 -10.17
C LEU E 840 -83.00 25.25 -10.38
N GLY E 841 -82.31 24.49 -11.23
CA GLY E 841 -82.58 23.08 -11.41
C GLY E 841 -84.00 22.83 -11.90
N LYS E 842 -84.72 21.97 -11.18
CA LYS E 842 -86.08 21.61 -11.54
C LYS E 842 -87.10 22.33 -10.66
N ASP E 843 -86.60 23.25 -9.85
CA ASP E 843 -87.42 23.97 -8.89
C ASP E 843 -87.91 25.30 -9.49
N PRO E 844 -89.22 25.45 -9.75
CA PRO E 844 -89.84 26.56 -10.44
C PRO E 844 -89.77 27.88 -9.66
N ASN E 845 -89.42 27.79 -8.38
CA ASN E 845 -89.40 28.98 -7.53
C ASN E 845 -88.14 29.83 -7.73
N THR E 846 -88.34 31.13 -7.88
CA THR E 846 -87.22 32.04 -7.95
C THR E 846 -86.74 32.34 -6.53
N TYR E 847 -85.44 32.18 -6.30
CA TYR E 847 -84.88 32.41 -4.98
C TYR E 847 -83.80 33.48 -5.00
N PHE E 848 -83.57 34.10 -3.84
CA PHE E 848 -82.42 34.97 -3.69
C PHE E 848 -81.28 34.20 -3.06
N ILE E 849 -80.18 34.14 -3.77
CA ILE E 849 -79.05 33.36 -3.32
C ILE E 849 -77.98 34.31 -2.81
N VAL E 850 -77.56 34.11 -1.57
CA VAL E 850 -76.56 35.00 -1.00
C VAL E 850 -75.26 34.27 -0.71
N GLY E 851 -74.18 34.82 -1.26
CA GLY E 851 -72.86 34.29 -1.04
C GLY E 851 -72.27 35.00 0.16
N THR E 852 -71.87 34.22 1.16
CA THR E 852 -71.35 34.83 2.38
C THR E 852 -69.97 34.31 2.73
N ALA E 853 -69.36 34.96 3.71
CA ALA E 853 -68.05 34.56 4.20
C ALA E 853 -67.85 34.92 5.66
N MET E 854 -66.98 34.16 6.32
CA MET E 854 -66.58 34.50 7.68
C MET E 854 -65.30 35.31 7.63
N VAL E 855 -65.39 36.57 8.01
CA VAL E 855 -64.27 37.50 7.82
C VAL E 855 -63.78 38.05 9.15
N TYR E 856 -62.47 37.93 9.38
CA TYR E 856 -61.89 38.37 10.63
C TYR E 856 -60.67 39.27 10.39
N PRO E 857 -60.35 40.19 11.31
CA PRO E 857 -59.19 41.08 11.31
C PRO E 857 -57.84 40.37 11.17
N GLU E 858 -57.76 39.11 11.59
CA GLU E 858 -56.51 38.37 11.50
C GLU E 858 -56.35 37.58 10.20
N GLU E 859 -57.41 37.51 9.39
CA GLU E 859 -57.38 36.68 8.19
C GLU E 859 -57.20 37.48 6.92
N ALA E 860 -55.97 37.50 6.40
CA ALA E 860 -55.66 38.22 5.16
C ALA E 860 -56.49 37.63 4.02
N GLU E 861 -56.70 36.34 4.09
CA GLU E 861 -57.55 35.64 3.13
C GLU E 861 -58.47 34.72 3.93
N PRO E 862 -59.76 34.64 3.56
CA PRO E 862 -60.79 33.85 4.20
C PRO E 862 -60.63 32.38 3.91
N LYS E 863 -61.06 31.56 4.86
CA LYS E 863 -61.02 30.11 4.68
C LYS E 863 -62.41 29.49 4.61
N GLN E 864 -63.40 30.18 5.16
CA GLN E 864 -64.74 29.62 5.23
C GLN E 864 -65.82 30.59 4.80
N GLY E 865 -66.88 30.03 4.22
CA GLY E 865 -68.06 30.77 3.80
C GLY E 865 -69.14 29.81 3.34
N ARG E 866 -70.21 30.33 2.77
CA ARG E 866 -71.32 29.48 2.37
C ARG E 866 -72.21 30.13 1.31
N ILE E 867 -73.02 29.31 0.66
CA ILE E 867 -74.03 29.81 -0.27
C ILE E 867 -75.42 29.53 0.30
N VAL E 868 -76.16 30.57 0.62
CA VAL E 868 -77.44 30.39 1.27
C VAL E 868 -78.58 30.86 0.38
N VAL E 869 -79.56 29.99 0.18
CA VAL E 869 -80.68 30.30 -0.68
C VAL E 869 -81.90 30.65 0.16
N PHE E 870 -82.53 31.79 -0.14
CA PHE E 870 -83.70 32.25 0.60
C PHE E 870 -84.91 32.50 -0.28
N GLN E 871 -86.10 32.34 0.29
CA GLN E 871 -87.34 32.63 -0.42
C GLN E 871 -88.07 33.84 0.16
N TYR E 872 -88.42 34.78 -0.71
CA TYR E 872 -89.13 35.99 -0.29
C TYR E 872 -90.62 35.73 -0.15
N SER E 873 -91.06 35.42 1.06
CA SER E 873 -92.44 35.06 1.30
C SER E 873 -93.11 36.09 2.20
N ASP E 874 -93.97 36.92 1.62
CA ASP E 874 -94.61 38.00 2.35
C ASP E 874 -93.61 38.82 3.18
N GLY E 875 -93.77 38.78 4.50
CA GLY E 875 -92.94 39.58 5.42
C GLY E 875 -91.83 38.74 6.08
N LYS E 876 -91.59 37.55 5.55
CA LYS E 876 -90.58 36.66 6.12
C LYS E 876 -89.56 36.22 5.08
N LEU E 877 -88.32 36.06 5.50
CA LEU E 877 -87.32 35.49 4.63
C LEU E 877 -87.07 34.05 5.03
N GLN E 878 -87.48 33.11 4.18
CA GLN E 878 -87.37 31.70 4.52
C GLN E 878 -86.09 31.10 3.99
N THR E 879 -85.30 30.50 4.88
CA THR E 879 -84.08 29.84 4.44
C THR E 879 -84.46 28.55 3.71
N VAL E 880 -83.87 28.36 2.54
CA VAL E 880 -84.15 27.22 1.71
C VAL E 880 -82.98 26.24 1.72
N ALA E 881 -81.77 26.78 1.61
CA ALA E 881 -80.57 25.95 1.52
C ALA E 881 -79.36 26.63 2.14
N GLU E 882 -78.41 25.83 2.64
CA GLU E 882 -77.16 26.34 3.23
C GLU E 882 -75.97 25.48 2.83
N LYS E 883 -75.28 25.86 1.76
CA LYS E 883 -74.18 25.05 1.24
C LYS E 883 -72.82 25.52 1.74
N GLU E 884 -72.07 24.61 2.35
CA GLU E 884 -70.72 24.90 2.80
C GLU E 884 -69.77 24.99 1.63
N VAL E 885 -68.90 25.99 1.64
CA VAL E 885 -67.84 26.07 0.64
C VAL E 885 -66.50 26.26 1.32
N LYS E 886 -65.42 26.00 0.60
CA LYS E 886 -64.10 26.22 1.15
C LYS E 886 -63.52 27.54 0.63
N GLY E 887 -63.45 28.52 1.51
CA GLY E 887 -63.11 29.90 1.14
C GLY E 887 -64.34 30.80 1.21
N ALA E 888 -64.19 32.04 0.78
CA ALA E 888 -65.27 33.03 0.81
C ALA E 888 -66.00 33.09 -0.52
N VAL E 889 -67.33 33.14 -0.49
CA VAL E 889 -68.07 33.27 -1.74
C VAL E 889 -68.15 34.74 -2.12
N TYR E 890 -67.30 35.16 -3.05
CA TYR E 890 -67.16 36.58 -3.33
C TYR E 890 -68.10 37.01 -4.45
N SER E 891 -68.40 36.09 -5.36
CA SER E 891 -69.24 36.42 -6.52
C SER E 891 -70.07 35.25 -6.97
N MET E 892 -71.30 35.52 -7.42
CA MET E 892 -72.15 34.46 -7.94
C MET E 892 -72.98 34.95 -9.11
N VAL E 893 -73.19 34.07 -10.08
CA VAL E 893 -74.03 34.35 -11.23
C VAL E 893 -74.94 33.18 -11.58
N GLU E 894 -75.97 33.47 -12.37
CA GLU E 894 -76.80 32.41 -12.94
C GLU E 894 -76.06 31.75 -14.10
N PHE E 895 -76.13 30.42 -14.18
CA PHE E 895 -75.47 29.71 -15.26
C PHE E 895 -76.23 28.48 -15.74
N ASN E 896 -77.01 28.63 -16.80
CA ASN E 896 -77.76 27.53 -17.39
C ASN E 896 -78.62 26.75 -16.39
N GLY E 897 -79.31 27.46 -15.48
CA GLY E 897 -80.18 26.81 -14.51
C GLY E 897 -79.42 26.34 -13.26
N LYS E 898 -78.12 26.58 -13.26
CA LYS E 898 -77.26 26.18 -12.16
C LYS E 898 -76.68 27.40 -11.47
N LEU E 899 -76.17 27.21 -10.26
CA LEU E 899 -75.59 28.32 -9.50
C LEU E 899 -74.07 28.30 -9.64
N LEU E 900 -73.53 29.32 -10.26
CA LEU E 900 -72.09 29.40 -10.46
C LEU E 900 -71.51 30.39 -9.48
N ALA E 901 -70.57 29.93 -8.65
CA ALA E 901 -70.05 30.78 -7.59
C ALA E 901 -68.53 30.79 -7.54
N SER E 902 -67.99 31.95 -7.21
CA SER E 902 -66.56 32.12 -7.00
C SER E 902 -66.22 32.11 -5.53
N ILE E 903 -65.43 31.14 -5.12
CA ILE E 903 -65.04 30.98 -3.74
C ILE E 903 -63.52 31.07 -3.62
N ASN E 904 -63.03 32.22 -3.16
CA ASN E 904 -61.63 32.58 -3.25
C ASN E 904 -61.15 32.52 -4.70
N SER E 905 -60.26 31.58 -4.99
CA SER E 905 -59.70 31.44 -6.33
C SER E 905 -60.47 30.42 -7.16
N THR E 906 -61.32 29.63 -6.52
CA THR E 906 -61.94 28.53 -7.22
C THR E 906 -63.34 28.90 -7.70
N VAL E 907 -63.58 28.69 -8.98
CA VAL E 907 -64.91 28.88 -9.54
C VAL E 907 -65.62 27.52 -9.51
N ARG E 908 -66.72 27.46 -8.76
CA ARG E 908 -67.41 26.20 -8.54
C ARG E 908 -68.84 26.24 -9.06
N LEU E 909 -69.20 25.23 -9.83
CA LEU E 909 -70.55 25.14 -10.37
C LEU E 909 -71.39 24.18 -9.57
N TYR E 910 -72.52 24.67 -9.07
CA TYR E 910 -73.38 23.90 -8.20
C TYR E 910 -74.72 23.55 -8.86
N GLU E 911 -75.14 22.31 -8.68
CA GLU E 911 -76.43 21.84 -9.16
C GLU E 911 -77.47 21.93 -8.05
N TRP E 912 -78.63 22.48 -8.37
CA TRP E 912 -79.75 22.51 -7.44
C TRP E 912 -80.60 21.28 -7.65
N THR E 913 -80.77 20.51 -6.59
CA THR E 913 -81.50 19.24 -6.68
C THR E 913 -82.94 19.42 -6.25
N THR E 914 -83.72 18.35 -6.38
CA THR E 914 -85.12 18.36 -6.00
C THR E 914 -85.29 18.38 -4.48
N GLU E 915 -84.16 18.26 -3.77
CA GLU E 915 -84.12 18.30 -2.32
C GLU E 915 -83.95 19.74 -1.84
N LYS E 916 -83.88 20.67 -2.79
CA LYS E 916 -83.68 22.09 -2.52
C LYS E 916 -82.36 22.39 -1.84
N GLU E 917 -81.28 21.84 -2.37
CA GLU E 917 -79.94 22.10 -1.87
C GLU E 917 -78.93 22.03 -3.01
N LEU E 918 -77.79 22.69 -2.84
CA LEU E 918 -76.74 22.72 -3.84
C LEU E 918 -75.72 21.60 -3.66
N ARG E 919 -75.19 21.11 -4.78
CA ARG E 919 -74.07 20.18 -4.77
C ARG E 919 -73.07 20.55 -5.87
N THR E 920 -71.77 20.45 -5.58
CA THR E 920 -70.78 20.87 -6.57
C THR E 920 -70.64 19.84 -7.67
N GLU E 921 -70.72 20.30 -8.91
CA GLU E 921 -70.53 19.44 -10.07
C GLU E 921 -69.08 19.47 -10.53
N CYS E 922 -68.55 20.68 -10.67
CA CYS E 922 -67.22 20.87 -11.21
C CYS E 922 -66.63 22.22 -10.84
N ASN E 923 -65.33 22.39 -11.10
CA ASN E 923 -64.69 23.66 -10.78
C ASN E 923 -63.45 23.97 -11.63
N HIS E 924 -62.93 25.17 -11.44
CA HIS E 924 -61.68 25.62 -12.07
C HIS E 924 -60.98 26.63 -11.16
N TYR E 925 -59.66 26.52 -11.07
CA TYR E 925 -58.92 27.42 -10.18
C TYR E 925 -57.56 27.82 -10.71
N ASN E 926 -57.42 27.93 -12.03
CA ASN E 926 -56.14 28.32 -12.59
C ASN E 926 -56.05 29.84 -12.69
N ASN E 927 -56.04 30.48 -11.53
CA ASN E 927 -56.05 31.94 -11.42
C ASN E 927 -55.46 32.37 -10.09
N ILE E 928 -55.45 33.67 -9.83
CA ILE E 928 -54.94 34.17 -8.56
C ILE E 928 -56.08 34.35 -7.56
N MET E 929 -57.10 35.08 -7.97
CA MET E 929 -58.34 35.22 -7.19
C MET E 929 -59.50 35.46 -8.15
N ALA E 930 -60.57 34.70 -8.00
CA ALA E 930 -61.68 34.81 -8.95
C ALA E 930 -62.57 35.98 -8.57
N LEU E 931 -62.11 37.17 -8.96
CA LEU E 931 -62.68 38.43 -8.49
C LEU E 931 -64.09 38.69 -9.01
N TYR E 932 -64.31 38.38 -10.28
CA TYR E 932 -65.63 38.63 -10.87
C TYR E 932 -66.15 37.44 -11.65
N LEU E 933 -67.47 37.38 -11.79
CA LEU E 933 -68.11 36.42 -12.66
C LEU E 933 -69.19 37.07 -13.52
N LYS E 934 -69.17 36.75 -14.81
CA LYS E 934 -70.25 37.08 -15.73
C LYS E 934 -70.48 35.89 -16.67
N THR E 935 -71.71 35.65 -17.07
CA THR E 935 -71.99 34.52 -17.94
C THR E 935 -72.76 34.86 -19.20
N LYS E 936 -72.58 34.02 -20.21
CA LYS E 936 -73.32 34.09 -21.46
C LYS E 936 -73.39 32.70 -22.08
N GLY E 937 -74.54 32.06 -21.99
CA GLY E 937 -74.63 30.68 -22.44
C GLY E 937 -73.69 29.81 -21.62
N ASP E 938 -72.83 29.06 -22.30
CA ASP E 938 -71.90 28.15 -21.63
C ASP E 938 -70.57 28.84 -21.29
N PHE E 939 -70.44 30.11 -21.67
CA PHE E 939 -69.19 30.83 -21.44
C PHE E 939 -69.20 31.57 -20.12
N ILE E 940 -68.05 31.53 -19.46
CA ILE E 940 -67.87 32.23 -18.18
C ILE E 940 -66.70 33.22 -18.25
N LEU E 941 -66.99 34.46 -17.89
CA LEU E 941 -65.96 35.48 -17.80
C LEU E 941 -65.52 35.68 -16.35
N VAL E 942 -64.25 35.42 -16.09
CA VAL E 942 -63.74 35.53 -14.74
C VAL E 942 -62.75 36.69 -14.64
N GLY E 943 -63.02 37.61 -13.72
CA GLY E 943 -62.12 38.73 -13.49
C GLY E 943 -61.11 38.36 -12.43
N ASP E 944 -59.93 38.97 -12.46
CA ASP E 944 -58.90 38.67 -11.46
C ASP E 944 -58.24 39.94 -10.93
N LEU E 945 -57.28 39.75 -10.01
CA LEU E 945 -56.52 40.83 -9.37
C LEU E 945 -55.28 41.21 -10.17
N MET E 946 -54.74 40.24 -10.89
CA MET E 946 -53.51 40.47 -11.64
C MET E 946 -53.44 39.56 -12.86
N ARG E 947 -54.58 39.33 -13.48
CA ARG E 947 -54.69 38.47 -14.65
C ARG E 947 -55.76 38.99 -15.59
N SER E 948 -56.29 40.18 -15.31
CA SER E 948 -57.31 40.78 -16.16
C SER E 948 -58.55 39.91 -16.33
N VAL E 949 -58.84 39.58 -17.58
CA VAL E 949 -60.01 38.79 -17.91
C VAL E 949 -59.63 37.38 -18.35
N LEU E 950 -60.31 36.39 -17.78
CA LEU E 950 -60.10 34.99 -18.11
C LEU E 950 -61.39 34.39 -18.69
N LEU E 951 -61.27 33.55 -19.71
CA LEU E 951 -62.44 32.90 -20.28
C LEU E 951 -62.47 31.39 -20.05
N LEU E 952 -63.52 30.93 -19.38
CA LEU E 952 -63.76 29.52 -19.16
C LEU E 952 -65.01 29.10 -19.92
N ALA E 953 -65.16 27.80 -20.16
CA ALA E 953 -66.40 27.31 -20.72
C ALA E 953 -66.80 26.00 -20.08
N TYR E 954 -68.10 25.80 -19.92
CA TYR E 954 -68.62 24.55 -19.37
C TYR E 954 -68.77 23.50 -20.45
N LYS E 955 -68.27 22.31 -20.18
CA LYS E 955 -68.34 21.21 -21.13
C LYS E 955 -69.19 20.06 -20.58
N PRO E 956 -70.52 20.06 -20.81
CA PRO E 956 -71.51 19.17 -20.25
C PRO E 956 -71.27 17.72 -20.66
N MET E 957 -70.52 17.54 -21.75
CA MET E 957 -70.18 16.20 -22.23
C MET E 957 -69.17 15.53 -21.31
N GLU E 958 -68.40 16.35 -20.60
CA GLU E 958 -67.41 15.85 -19.66
C GLU E 958 -67.90 16.04 -18.24
N GLY E 959 -68.77 17.03 -18.05
CA GLY E 959 -69.25 17.39 -16.72
C GLY E 959 -68.20 18.19 -15.98
N ASN E 960 -67.45 18.99 -16.73
CA ASN E 960 -66.37 19.76 -16.14
C ASN E 960 -66.13 21.06 -16.89
N PHE E 961 -65.15 21.84 -16.42
CA PHE E 961 -64.79 23.10 -17.05
C PHE E 961 -63.56 22.99 -17.91
N GLU E 962 -63.51 23.79 -18.96
CA GLU E 962 -62.34 23.92 -19.80
C GLU E 962 -61.88 25.37 -19.87
N GLU E 963 -60.58 25.59 -19.76
CA GLU E 963 -60.02 26.91 -19.90
C GLU E 963 -59.85 27.22 -21.38
N ILE E 964 -60.45 28.31 -21.84
CA ILE E 964 -60.46 28.62 -23.26
C ILE E 964 -59.38 29.62 -23.62
N ALA E 965 -59.34 30.72 -22.88
CA ALA E 965 -58.38 31.78 -23.17
C ALA E 965 -58.21 32.71 -21.97
N ARG E 966 -57.09 33.42 -21.95
CA ARG E 966 -56.86 34.44 -20.94
C ARG E 966 -56.19 35.66 -21.54
N ASP E 967 -56.39 36.81 -20.91
CA ASP E 967 -55.62 38.02 -21.20
C ASP E 967 -54.25 37.94 -20.52
N PHE E 968 -53.18 38.07 -21.28
CA PHE E 968 -51.83 37.91 -20.73
C PHE E 968 -51.43 39.09 -19.85
N ASN E 969 -52.16 40.20 -19.97
CA ASN E 969 -51.87 41.41 -19.20
C ASN E 969 -52.46 41.31 -17.79
N PRO E 970 -51.65 41.47 -16.73
CA PRO E 970 -52.00 41.32 -15.32
C PRO E 970 -52.76 42.52 -14.79
N ASN E 971 -53.90 42.81 -15.40
CA ASN E 971 -54.71 43.94 -14.98
C ASN E 971 -55.50 43.61 -13.72
N TRP E 972 -55.62 44.58 -12.82
CA TRP E 972 -56.45 44.42 -11.62
C TRP E 972 -57.83 44.95 -11.93
N MET E 973 -58.78 44.04 -12.15
CA MET E 973 -60.08 44.44 -12.63
C MET E 973 -60.89 45.13 -11.56
N SER E 974 -61.59 46.19 -11.95
CA SER E 974 -62.50 46.88 -11.06
C SER E 974 -63.92 46.37 -11.30
N ALA E 975 -64.16 45.91 -12.53
CA ALA E 975 -65.42 45.31 -12.94
C ALA E 975 -65.25 44.64 -14.32
N VAL E 976 -66.09 43.65 -14.63
CA VAL E 976 -66.04 43.02 -15.96
C VAL E 976 -67.44 42.87 -16.59
N GLU E 977 -67.47 42.66 -17.91
CA GLU E 977 -68.70 42.34 -18.65
C GLU E 977 -68.40 41.53 -19.92
N ILE E 978 -69.39 40.76 -20.40
CA ILE E 978 -69.24 40.03 -21.66
C ILE E 978 -69.86 40.78 -22.82
N LEU E 979 -69.07 41.02 -23.86
CA LEU E 979 -69.55 41.74 -25.03
C LEU E 979 -70.05 40.75 -26.08
N ASP E 980 -69.30 39.65 -26.23
CA ASP E 980 -69.66 38.58 -27.16
C ASP E 980 -68.97 37.28 -26.72
N ASP E 981 -69.19 36.20 -27.46
CA ASP E 981 -68.63 34.90 -27.11
C ASP E 981 -67.10 34.91 -27.03
N ASP E 982 -66.46 35.71 -27.87
CA ASP E 982 -65.01 35.83 -27.86
C ASP E 982 -64.55 37.23 -27.48
N ASN E 983 -65.45 38.04 -26.91
CA ASN E 983 -65.15 39.44 -26.65
C ASN E 983 -65.53 39.89 -25.26
N PHE E 984 -64.54 40.37 -24.52
CA PHE E 984 -64.76 40.70 -23.12
C PHE E 984 -64.39 42.14 -22.84
N LEU E 985 -65.35 42.86 -22.29
CA LEU E 985 -65.19 44.28 -21.98
C LEU E 985 -65.04 44.43 -20.48
N GLY E 986 -64.13 45.28 -20.05
CA GLY E 986 -63.99 45.48 -18.62
C GLY E 986 -63.15 46.70 -18.30
N ALA E 987 -62.95 46.93 -17.02
CA ALA E 987 -62.20 48.08 -16.57
C ALA E 987 -61.38 47.71 -15.36
N GLU E 988 -60.26 48.41 -15.19
CA GLU E 988 -59.32 48.09 -14.12
C GLU E 988 -59.17 49.20 -13.09
N ASN E 989 -58.34 48.91 -12.09
CA ASN E 989 -58.14 49.80 -10.95
C ASN E 989 -57.24 50.96 -11.30
N ALA E 990 -56.74 50.96 -12.52
CA ALA E 990 -55.89 52.02 -13.03
C ALA E 990 -56.73 53.07 -13.76
N PHE E 991 -58.07 52.96 -13.59
CA PHE E 991 -59.03 53.92 -14.15
C PHE E 991 -59.08 53.84 -15.68
N ASN E 992 -58.87 52.64 -16.22
CA ASN E 992 -58.94 52.42 -17.66
C ASN E 992 -60.05 51.44 -18.05
N LEU E 993 -60.53 51.60 -19.28
CA LEU E 993 -61.46 50.67 -19.93
C LEU E 993 -60.73 49.95 -21.06
N PHE E 994 -61.01 48.66 -21.25
CA PHE E 994 -60.46 47.97 -22.40
C PHE E 994 -61.34 46.82 -22.88
N VAL E 995 -61.14 46.42 -24.12
CA VAL E 995 -61.82 45.26 -24.66
C VAL E 995 -60.84 44.29 -25.30
N CYS E 996 -60.94 43.02 -24.91
CA CYS E 996 -60.09 41.97 -25.45
C CYS E 996 -60.86 41.00 -26.33
N GLN E 997 -60.20 40.46 -27.34
CA GLN E 997 -60.80 39.47 -28.23
C GLN E 997 -59.95 38.21 -28.32
N LYS E 998 -60.61 37.05 -28.20
CA LYS E 998 -59.89 35.79 -28.36
C LYS E 998 -59.44 35.66 -29.81
N ASP E 999 -58.16 35.37 -30.00
CA ASP E 999 -57.65 35.30 -31.37
C ASP E 999 -57.93 33.94 -32.00
N SER E 1000 -59.18 33.75 -32.42
CA SER E 1000 -59.63 32.49 -32.99
C SER E 1000 -59.01 32.24 -34.37
N ALA E 1001 -58.49 33.31 -34.97
CA ALA E 1001 -57.88 33.26 -36.30
C ALA E 1001 -56.40 32.91 -36.21
N ALA E 1002 -55.93 32.67 -34.99
CA ALA E 1002 -54.54 32.38 -34.71
C ALA E 1002 -54.08 31.02 -35.22
N THR E 1003 -52.75 30.84 -35.25
CA THR E 1003 -52.16 29.59 -35.73
C THR E 1003 -51.74 28.68 -34.58
N THR E 1004 -51.24 29.26 -33.49
CA THR E 1004 -50.80 28.45 -32.35
C THR E 1004 -51.67 28.65 -31.12
N ASP E 1005 -51.35 27.93 -30.05
CA ASP E 1005 -52.16 27.93 -28.84
C ASP E 1005 -51.84 29.15 -27.97
N GLU E 1006 -50.60 29.62 -28.03
CA GLU E 1006 -50.24 30.81 -27.29
C GLU E 1006 -51.16 31.94 -27.71
N GLU E 1007 -51.44 31.99 -29.00
CA GLU E 1007 -52.28 33.02 -29.59
C GLU E 1007 -53.77 32.72 -29.42
N ARG E 1008 -54.21 31.48 -29.68
CA ARG E 1008 -55.63 31.14 -29.61
C ARG E 1008 -56.16 31.28 -28.19
N GLN E 1009 -55.32 31.01 -27.21
CA GLN E 1009 -55.71 31.08 -25.81
C GLN E 1009 -55.46 32.46 -25.23
N HIS E 1010 -55.17 33.43 -26.09
CA HIS E 1010 -54.95 34.78 -25.63
C HIS E 1010 -56.16 35.67 -25.92
N LEU E 1011 -56.68 36.30 -24.89
CA LEU E 1011 -57.70 37.32 -25.06
C LEU E 1011 -56.97 38.63 -25.30
N GLN E 1012 -56.73 38.92 -26.56
CA GLN E 1012 -55.85 40.00 -26.97
C GLN E 1012 -56.53 41.35 -26.90
N GLU E 1013 -55.87 42.31 -26.25
CA GLU E 1013 -56.43 43.65 -26.18
C GLU E 1013 -56.64 44.18 -27.59
N VAL E 1014 -57.86 44.63 -27.87
CA VAL E 1014 -58.18 45.21 -29.16
C VAL E 1014 -58.29 46.69 -29.02
N GLY E 1015 -59.03 47.11 -28.01
CA GLY E 1015 -59.21 48.52 -27.73
C GLY E 1015 -58.68 48.86 -26.35
N LEU E 1016 -58.18 50.07 -26.22
CA LEU E 1016 -57.65 50.58 -24.96
C LEU E 1016 -58.08 52.04 -24.80
N PHE E 1017 -58.72 52.35 -23.67
CA PHE E 1017 -59.20 53.72 -23.46
C PHE E 1017 -59.16 54.08 -21.99
N HIS E 1018 -58.65 55.27 -21.68
CA HIS E 1018 -58.62 55.71 -20.29
C HIS E 1018 -59.86 56.51 -19.94
N LEU E 1019 -60.48 56.19 -18.81
CA LEU E 1019 -61.68 56.90 -18.38
C LEU E 1019 -61.36 57.97 -17.36
N GLY E 1020 -60.46 57.65 -16.44
CA GLY E 1020 -60.20 58.53 -15.30
C GLY E 1020 -61.17 58.18 -14.18
N GLU E 1021 -62.04 57.22 -14.47
CA GLU E 1021 -63.05 56.73 -13.55
C GLU E 1021 -62.81 55.29 -13.17
N PHE E 1022 -63.11 54.97 -11.92
CA PHE E 1022 -63.02 53.61 -11.43
C PHE E 1022 -64.38 52.95 -11.54
N VAL E 1023 -64.50 52.03 -12.50
CA VAL E 1023 -65.79 51.39 -12.76
C VAL E 1023 -66.02 50.30 -11.75
N ASN E 1024 -67.15 50.33 -11.07
CA ASN E 1024 -67.44 49.33 -10.07
C ASN E 1024 -68.50 48.34 -10.54
N VAL E 1025 -69.42 48.81 -11.36
CA VAL E 1025 -70.56 48.00 -11.76
C VAL E 1025 -70.80 48.00 -13.26
N PHE E 1026 -71.00 46.80 -13.83
CA PHE E 1026 -71.48 46.67 -15.22
C PHE E 1026 -72.85 46.00 -15.26
N CYS E 1027 -73.68 46.42 -16.21
CA CYS E 1027 -74.96 45.76 -16.49
C CYS E 1027 -75.46 46.18 -17.88
N HIS E 1028 -76.05 45.25 -18.61
CA HIS E 1028 -76.59 45.59 -19.93
C HIS E 1028 -77.97 46.25 -19.77
N GLY E 1029 -78.24 47.27 -20.60
CA GLY E 1029 -79.51 47.98 -20.58
C GLY E 1029 -79.29 49.49 -20.48
N SER E 1030 -80.35 50.26 -20.72
CA SER E 1030 -80.23 51.72 -20.65
C SER E 1030 -81.57 52.37 -20.28
N LEU E 1031 -81.50 53.59 -19.75
CA LEU E 1031 -82.70 54.30 -19.36
C LEU E 1031 -83.35 55.06 -20.49
N VAL E 1032 -83.92 54.31 -21.41
CA VAL E 1032 -84.62 54.86 -22.56
C VAL E 1032 -86.01 54.27 -22.64
N MET E 1033 -86.90 54.94 -23.33
CA MET E 1033 -88.24 54.39 -23.53
C MET E 1033 -88.26 53.60 -24.82
N GLN E 1034 -88.55 52.31 -24.72
CA GLN E 1034 -88.51 51.42 -25.87
C GLN E 1034 -89.79 51.45 -26.68
N ASN E 1035 -89.72 52.07 -27.85
CA ASN E 1035 -90.89 52.21 -28.72
C ASN E 1035 -90.72 51.41 -30.01
N LEU E 1036 -89.77 50.49 -30.03
CA LEU E 1036 -89.53 49.66 -31.20
C LEU E 1036 -88.62 48.48 -30.86
N PRO E 1042 -75.57 53.05 -36.29
CA PRO E 1042 -74.16 53.41 -36.12
C PRO E 1042 -73.51 52.56 -35.05
N THR E 1043 -74.28 52.18 -34.03
CA THR E 1043 -73.74 51.39 -32.94
C THR E 1043 -74.75 50.38 -32.43
N GLN E 1044 -74.27 49.32 -31.77
CA GLN E 1044 -75.14 48.23 -31.30
C GLN E 1044 -74.96 47.89 -29.83
N GLY E 1045 -76.03 47.41 -29.20
CA GLY E 1045 -75.95 46.93 -27.82
C GLY E 1045 -76.07 48.08 -26.82
N SER E 1046 -75.86 47.78 -25.54
CA SER E 1046 -75.97 48.80 -24.51
C SER E 1046 -75.39 48.35 -23.16
N VAL E 1047 -74.06 48.38 -23.04
CA VAL E 1047 -73.46 48.01 -21.75
C VAL E 1047 -73.34 49.23 -20.85
N LEU E 1048 -74.08 49.22 -19.74
CA LEU E 1048 -74.11 50.36 -18.84
C LEU E 1048 -73.14 50.11 -17.69
N PHE E 1049 -72.49 51.16 -17.23
CA PHE E 1049 -71.65 50.95 -16.06
C PHE E 1049 -71.69 52.09 -15.07
N GLY E 1050 -71.46 51.78 -13.81
CA GLY E 1050 -71.44 52.80 -12.76
C GLY E 1050 -70.05 52.90 -12.15
N THR E 1051 -69.69 54.11 -11.73
CA THR E 1051 -68.38 54.33 -11.14
C THR E 1051 -68.48 54.84 -9.73
N VAL E 1052 -67.32 54.97 -9.10
CA VAL E 1052 -67.22 55.42 -7.72
C VAL E 1052 -67.59 56.89 -7.54
N ASN E 1053 -67.71 57.62 -8.65
CA ASN E 1053 -68.04 59.04 -8.57
C ASN E 1053 -69.48 59.34 -8.95
N GLY E 1054 -70.32 58.31 -9.06
CA GLY E 1054 -71.72 58.51 -9.38
C GLY E 1054 -71.93 58.65 -10.88
N MET E 1055 -70.87 58.44 -11.64
CA MET E 1055 -70.95 58.54 -13.07
C MET E 1055 -71.56 57.26 -13.62
N ILE E 1056 -72.44 57.39 -14.60
CA ILE E 1056 -72.92 56.20 -15.28
C ILE E 1056 -72.56 56.29 -16.75
N GLY E 1057 -71.78 55.33 -17.23
CA GLY E 1057 -71.36 55.34 -18.61
C GLY E 1057 -72.14 54.34 -19.42
N LEU E 1058 -71.93 54.36 -20.73
CA LEU E 1058 -72.59 53.43 -21.63
C LEU E 1058 -71.69 53.09 -22.82
N VAL E 1059 -71.47 51.80 -23.03
CA VAL E 1059 -70.58 51.35 -24.09
C VAL E 1059 -71.33 50.51 -25.12
N THR E 1060 -71.22 50.90 -26.38
CA THR E 1060 -71.90 50.20 -27.47
C THR E 1060 -70.90 49.78 -28.55
N SER E 1061 -71.23 48.72 -29.29
CA SER E 1061 -70.35 48.20 -30.34
C SER E 1061 -70.42 49.06 -31.60
N LEU E 1062 -69.30 49.16 -32.30
CA LEU E 1062 -69.25 49.89 -33.57
C LEU E 1062 -68.91 49.00 -34.76
N SER E 1063 -69.42 49.39 -35.92
CA SER E 1063 -69.01 48.77 -37.18
C SER E 1063 -67.65 49.33 -37.57
N GLU E 1064 -67.00 48.69 -38.53
CA GLU E 1064 -65.68 49.13 -38.96
C GLU E 1064 -65.74 50.54 -39.56
N SER E 1065 -66.80 50.81 -40.32
CA SER E 1065 -66.94 52.10 -40.98
C SER E 1065 -67.29 53.20 -39.99
N TRP E 1066 -68.12 52.90 -39.01
CA TRP E 1066 -68.48 53.91 -38.02
C TRP E 1066 -67.37 54.17 -37.03
N TYR E 1067 -66.55 53.15 -36.75
CA TYR E 1067 -65.38 53.38 -35.94
C TYR E 1067 -64.45 54.38 -36.61
N ASN E 1068 -64.16 54.16 -37.89
CA ASN E 1068 -63.27 55.06 -38.62
C ASN E 1068 -63.90 56.44 -38.82
N LEU E 1069 -65.22 56.46 -38.98
CA LEU E 1069 -65.94 57.71 -39.13
C LEU E 1069 -65.72 58.59 -37.91
N LEU E 1070 -65.96 57.99 -36.75
CA LEU E 1070 -65.89 58.69 -35.49
C LEU E 1070 -64.45 58.93 -35.08
N LEU E 1071 -63.55 58.03 -35.49
CA LEU E 1071 -62.14 58.16 -35.14
C LEU E 1071 -61.54 59.40 -35.78
N ASP E 1072 -61.85 59.62 -37.05
CA ASP E 1072 -61.35 60.80 -37.74
C ASP E 1072 -62.03 62.05 -37.20
N MET E 1073 -63.30 61.89 -36.81
CA MET E 1073 -64.05 62.97 -36.20
C MET E 1073 -63.40 63.43 -34.89
N GLN E 1074 -62.97 62.47 -34.06
CA GLN E 1074 -62.34 62.82 -32.79
C GLN E 1074 -61.08 63.63 -33.00
N ASN E 1075 -60.30 63.25 -34.01
CA ASN E 1075 -59.03 63.92 -34.26
C ASN E 1075 -59.25 65.37 -34.65
N ARG E 1076 -60.34 65.64 -35.36
CA ARG E 1076 -60.68 67.00 -35.76
C ARG E 1076 -61.28 67.78 -34.60
N LEU E 1077 -62.11 67.12 -33.81
CA LEU E 1077 -62.81 67.78 -32.71
C LEU E 1077 -61.86 68.31 -31.65
N ASN E 1078 -60.81 67.56 -31.37
CA ASN E 1078 -59.88 67.95 -30.32
C ASN E 1078 -59.01 69.14 -30.73
N LYS E 1079 -59.12 69.56 -31.98
CA LYS E 1079 -58.35 70.70 -32.44
C LYS E 1079 -58.99 72.01 -32.01
N VAL E 1080 -60.32 72.03 -31.90
CA VAL E 1080 -61.01 73.26 -31.56
C VAL E 1080 -61.64 73.19 -30.17
N ILE E 1081 -61.91 71.99 -29.68
CA ILE E 1081 -62.52 71.90 -28.36
C ILE E 1081 -61.41 71.95 -27.33
N LYS E 1082 -61.08 73.18 -26.95
CA LYS E 1082 -59.96 73.46 -26.08
C LYS E 1082 -60.32 73.15 -24.64
N SER E 1083 -59.38 72.56 -23.93
CA SER E 1083 -59.55 72.25 -22.52
C SER E 1083 -59.18 73.43 -21.65
N VAL E 1084 -59.62 73.38 -20.41
CA VAL E 1084 -59.15 74.33 -19.43
C VAL E 1084 -57.68 74.05 -19.17
N GLY E 1085 -56.86 75.09 -19.22
CA GLY E 1085 -55.44 74.94 -18.96
C GLY E 1085 -54.65 74.52 -20.19
N LYS E 1086 -55.32 74.41 -21.34
CA LYS E 1086 -54.65 73.98 -22.56
C LYS E 1086 -53.95 72.65 -22.33
N ILE E 1087 -54.65 71.72 -21.69
CA ILE E 1087 -54.11 70.40 -21.42
C ILE E 1087 -54.52 69.47 -22.55
N GLU E 1088 -53.54 68.82 -23.16
CA GLU E 1088 -53.77 67.97 -24.34
C GLU E 1088 -54.71 66.82 -24.05
N HIS E 1089 -55.56 66.50 -25.03
CA HIS E 1089 -56.49 65.39 -24.94
C HIS E 1089 -55.77 64.05 -24.96
N SER E 1090 -54.55 64.06 -25.46
CA SER E 1090 -53.76 62.86 -25.59
C SER E 1090 -53.33 62.35 -24.22
N PHE E 1091 -53.43 63.18 -23.19
CA PHE E 1091 -53.09 62.72 -21.85
C PHE E 1091 -54.23 61.92 -21.24
N TRP E 1092 -55.41 62.50 -21.17
CA TRP E 1092 -56.54 61.82 -20.57
C TRP E 1092 -56.90 60.56 -21.31
N ARG E 1093 -56.90 60.61 -22.63
CA ARG E 1093 -57.35 59.47 -23.42
C ARG E 1093 -56.38 58.27 -23.33
N SER E 1094 -55.13 58.50 -22.93
CA SER E 1094 -54.14 57.43 -22.98
C SER E 1094 -54.35 56.40 -21.88
N PHE E 1095 -54.32 55.14 -22.29
CA PHE E 1095 -54.48 54.01 -21.39
C PHE E 1095 -53.26 53.93 -20.49
N HIS E 1096 -53.46 54.13 -19.20
CA HIS E 1096 -52.34 54.30 -18.29
C HIS E 1096 -52.32 53.23 -17.21
N THR E 1097 -51.32 52.35 -17.26
CA THR E 1097 -51.20 51.26 -16.29
C THR E 1097 -49.87 51.34 -15.56
N GLU E 1098 -49.64 50.39 -14.68
CA GLU E 1098 -48.42 50.32 -13.90
C GLU E 1098 -47.20 49.98 -14.76
N ARG E 1099 -47.44 49.42 -15.95
CA ARG E 1099 -46.35 48.92 -16.79
C ARG E 1099 -46.17 49.70 -18.09
N LYS E 1100 -47.27 50.19 -18.65
CA LYS E 1100 -47.22 50.86 -19.96
C LYS E 1100 -48.21 52.00 -20.08
N THR E 1101 -47.92 52.93 -20.98
CA THR E 1101 -48.87 53.96 -21.36
C THR E 1101 -49.12 53.89 -22.85
N GLU E 1102 -50.39 53.84 -23.25
CA GLU E 1102 -50.74 53.79 -24.67
C GLU E 1102 -51.86 54.77 -25.00
N PRO E 1103 -51.85 55.39 -26.18
CA PRO E 1103 -52.86 56.29 -26.68
C PRO E 1103 -54.15 55.51 -26.93
N ALA E 1104 -55.28 56.18 -26.83
CA ALA E 1104 -56.54 55.49 -27.02
C ALA E 1104 -56.64 54.89 -28.41
N THR E 1105 -57.16 53.67 -28.45
CA THR E 1105 -57.39 52.98 -29.72
C THR E 1105 -58.53 51.98 -29.59
N GLY E 1106 -59.27 51.78 -30.66
CA GLY E 1106 -60.34 50.79 -30.69
C GLY E 1106 -61.61 51.33 -30.03
N PHE E 1107 -61.50 52.54 -29.48
CA PHE E 1107 -62.60 53.19 -28.79
C PHE E 1107 -62.85 54.59 -29.31
N ILE E 1108 -64.10 55.01 -29.22
CA ILE E 1108 -64.48 56.37 -29.51
C ILE E 1108 -64.88 57.14 -28.26
N ASP E 1109 -64.31 58.31 -28.07
CA ASP E 1109 -64.73 59.20 -26.99
C ASP E 1109 -66.01 59.90 -27.40
N GLY E 1110 -67.13 59.35 -26.97
CA GLY E 1110 -68.42 59.80 -27.44
C GLY E 1110 -68.83 61.09 -26.77
N ASP E 1111 -68.10 61.47 -25.71
CA ASP E 1111 -68.40 62.71 -25.01
C ASP E 1111 -67.80 63.84 -25.82
N LEU E 1112 -66.66 63.57 -26.44
CA LEU E 1112 -66.04 64.52 -27.36
C LEU E 1112 -66.94 64.69 -28.58
N ILE E 1113 -67.52 63.58 -29.05
CA ILE E 1113 -68.40 63.61 -30.21
C ILE E 1113 -69.60 64.50 -29.92
N GLU E 1114 -70.23 64.30 -28.76
CA GLU E 1114 -71.38 65.12 -28.37
C GLU E 1114 -71.00 66.58 -28.19
N SER E 1115 -69.80 66.82 -27.67
CA SER E 1115 -69.30 68.16 -27.35
C SER E 1115 -69.18 69.04 -28.58
N PHE E 1116 -69.27 68.44 -29.76
CA PHE E 1116 -69.21 69.20 -31.00
C PHE E 1116 -70.30 70.27 -31.05
N LEU E 1117 -71.46 69.98 -30.50
CA LEU E 1117 -72.59 70.88 -30.59
C LEU E 1117 -72.46 72.07 -29.64
N ASP E 1118 -71.43 72.06 -28.80
CA ASP E 1118 -71.22 73.13 -27.82
C ASP E 1118 -70.17 74.15 -28.25
N ILE E 1119 -69.77 74.12 -29.53
CA ILE E 1119 -68.82 75.12 -30.03
C ILE E 1119 -69.46 75.98 -31.12
N SER E 1120 -68.90 77.16 -31.34
CA SER E 1120 -69.42 78.09 -32.34
C SER E 1120 -69.20 77.59 -33.76
N ARG E 1121 -70.10 77.95 -34.68
CA ARG E 1121 -70.04 77.51 -36.07
C ARG E 1121 -68.66 77.61 -36.74
N PRO E 1122 -67.92 78.74 -36.64
CA PRO E 1122 -66.61 78.92 -37.25
C PRO E 1122 -65.65 77.79 -36.87
N LYS E 1123 -65.80 77.28 -35.64
CA LYS E 1123 -64.95 76.21 -35.17
C LYS E 1123 -65.49 74.87 -35.62
N MET E 1124 -66.77 74.82 -35.90
CA MET E 1124 -67.32 73.63 -36.53
C MET E 1124 -66.80 73.49 -37.95
N GLN E 1125 -66.63 74.62 -38.63
CA GLN E 1125 -66.10 74.61 -39.98
C GLN E 1125 -64.64 74.15 -39.98
N GLU E 1126 -63.91 74.49 -38.92
CA GLU E 1126 -62.54 74.03 -38.76
C GLU E 1126 -62.49 72.51 -38.53
N VAL E 1127 -63.45 71.99 -37.78
CA VAL E 1127 -63.49 70.55 -37.51
C VAL E 1127 -63.73 69.76 -38.77
N VAL E 1128 -64.65 70.26 -39.60
CA VAL E 1128 -65.04 69.51 -40.83
C VAL E 1128 -64.10 69.87 -41.99
N ALA E 1129 -62.98 70.53 -41.70
CA ALA E 1129 -62.03 70.79 -42.80
C ALA E 1129 -61.41 69.45 -43.22
N ASN E 1130 -61.55 69.08 -44.50
CA ASN E 1130 -60.99 67.80 -45.03
C ASN E 1130 -61.54 66.63 -44.20
N LEU E 1131 -62.79 66.70 -43.76
CA LEU E 1131 -63.36 65.62 -42.91
C LEU E 1131 -64.23 64.70 -43.78
N GLN E 1132 -63.59 63.77 -44.49
CA GLN E 1132 -64.34 62.80 -45.33
C GLN E 1132 -64.39 61.49 -44.54
N TYR E 1133 -65.58 60.91 -44.38
CA TYR E 1133 -65.69 59.71 -43.52
C TYR E 1133 -66.04 58.47 -44.34
N ASP E 1134 -65.37 57.35 -44.05
CA ASP E 1134 -65.64 56.08 -44.79
C ASP E 1134 -67.06 55.61 -44.50
N ASP E 1135 -67.72 55.00 -45.48
CA ASP E 1135 -69.13 54.56 -45.34
C ASP E 1135 -69.21 53.08 -45.72
N GLY E 1136 -70.30 52.40 -45.39
CA GLY E 1136 -70.43 50.95 -45.65
C GLY E 1136 -70.28 50.64 -47.13
N SER E 1137 -70.79 51.52 -48.00
CA SER E 1137 -70.62 51.35 -49.47
C SER E 1137 -69.14 51.45 -49.83
N GLY E 1138 -68.33 52.05 -48.95
CA GLY E 1138 -66.89 52.26 -49.22
C GLY E 1138 -66.65 53.67 -49.71
N MET E 1139 -67.73 54.45 -49.86
CA MET E 1139 -67.61 55.85 -50.31
C MET E 1139 -67.07 56.72 -49.16
N LYS E 1140 -66.29 57.75 -49.48
CA LYS E 1140 -65.82 58.70 -48.44
C LYS E 1140 -66.59 60.01 -48.64
N ARG E 1141 -67.30 60.49 -47.62
CA ARG E 1141 -68.15 61.70 -47.84
C ARG E 1141 -67.64 62.89 -47.01
N GLU E 1142 -67.31 64.00 -47.68
CA GLU E 1142 -66.85 65.22 -46.96
C GLU E 1142 -67.96 65.73 -46.04
N ALA E 1143 -67.62 66.58 -45.06
CA ALA E 1143 -68.63 67.03 -44.07
C ALA E 1143 -68.65 68.55 -43.92
N THR E 1144 -69.75 69.10 -43.42
CA THR E 1144 -69.86 70.56 -43.16
C THR E 1144 -70.36 70.73 -41.72
N ALA E 1145 -70.19 71.92 -41.13
CA ALA E 1145 -70.61 72.17 -39.73
C ALA E 1145 -71.92 71.43 -39.42
N ASP E 1146 -72.88 71.45 -40.35
CA ASP E 1146 -74.19 70.87 -40.10
C ASP E 1146 -74.20 69.36 -40.34
N ASP E 1147 -73.40 68.92 -41.30
CA ASP E 1147 -73.30 67.49 -41.60
C ASP E 1147 -72.79 66.74 -40.40
N LEU E 1148 -71.85 67.34 -39.69
CA LEU E 1148 -71.23 66.65 -38.59
C LEU E 1148 -72.16 66.64 -37.38
N ILE E 1149 -73.04 67.63 -37.28
CA ILE E 1149 -74.07 67.63 -36.25
C ILE E 1149 -74.98 66.43 -36.47
N LYS E 1150 -75.35 66.19 -37.74
CA LYS E 1150 -76.18 65.03 -38.08
C LYS E 1150 -75.53 63.74 -37.59
N VAL E 1151 -74.19 63.67 -37.69
CA VAL E 1151 -73.45 62.50 -37.19
C VAL E 1151 -73.63 62.35 -35.69
N VAL E 1152 -73.55 63.45 -34.95
CA VAL E 1152 -73.74 63.39 -33.52
C VAL E 1152 -75.15 62.88 -33.20
N GLU E 1153 -76.14 63.40 -33.95
CA GLU E 1153 -77.53 63.02 -33.74
C GLU E 1153 -77.76 61.54 -33.98
N GLU E 1154 -77.10 60.96 -34.99
CA GLU E 1154 -77.25 59.54 -35.28
C GLU E 1154 -76.79 58.68 -34.11
N LEU E 1155 -75.74 59.12 -33.43
CA LEU E 1155 -75.29 58.37 -32.25
C LEU E 1155 -76.17 58.68 -31.05
N THR E 1156 -76.58 59.95 -30.93
CA THR E 1156 -77.32 60.43 -29.77
C THR E 1156 -78.65 59.70 -29.60
N ARG E 1157 -79.32 59.42 -30.72
CA ARG E 1157 -80.63 58.78 -30.68
C ARG E 1157 -80.55 57.28 -30.39
N ILE E 1158 -79.35 56.71 -30.38
CA ILE E 1158 -79.18 55.30 -30.11
C ILE E 1158 -78.72 55.05 -28.68
N HIS E 1159 -77.71 55.81 -28.24
CA HIS E 1159 -77.15 55.61 -26.90
C HIS E 1159 -77.83 56.53 -25.88
N ALA F 1064 -60.17 50.00 6.80
CA ALA F 1064 -58.83 49.47 6.76
C ALA F 1064 -58.75 47.98 7.11
N PRO F 1065 -59.54 47.11 6.45
CA PRO F 1065 -59.58 45.67 6.63
C PRO F 1065 -58.34 44.97 6.10
N ILE F 1066 -58.02 43.82 6.70
CA ILE F 1066 -56.94 42.96 6.22
C ILE F 1066 -57.44 42.02 5.12
N ASN F 1067 -58.67 41.54 5.27
CA ASN F 1067 -59.20 40.49 4.42
C ASN F 1067 -59.55 40.97 3.03
N PHE F 1068 -59.26 40.13 2.04
CA PHE F 1068 -59.62 40.44 0.66
C PHE F 1068 -61.09 40.82 0.48
N THR F 1069 -62.00 40.08 1.11
CA THR F 1069 -63.40 40.29 0.79
C THR F 1069 -63.87 41.67 1.18
N SER F 1070 -63.39 42.14 2.32
CA SER F 1070 -63.75 43.47 2.81
C SER F 1070 -63.03 44.54 2.00
N ARG F 1071 -61.75 44.30 1.72
CA ARG F 1071 -60.93 45.25 1.00
C ARG F 1071 -61.45 45.47 -0.40
N LEU F 1072 -61.86 44.38 -1.04
CA LEU F 1072 -62.34 44.42 -2.41
C LEU F 1072 -63.72 45.08 -2.50
N ASN F 1073 -64.58 44.83 -1.52
CA ASN F 1073 -65.90 45.47 -1.54
C ASN F 1073 -65.79 46.97 -1.35
N ARG F 1074 -64.78 47.40 -0.61
CA ARG F 1074 -64.58 48.82 -0.34
C ARG F 1074 -64.22 49.59 -1.61
N ARG F 1075 -63.83 48.89 -2.68
CA ARG F 1075 -63.40 49.55 -3.90
C ARG F 1075 -64.52 50.41 -4.46
N ALA F 1076 -65.76 50.05 -4.10
CA ALA F 1076 -66.95 50.73 -4.57
C ALA F 1076 -66.98 52.19 -4.14
N SER F 1077 -66.38 52.50 -3.00
CA SER F 1077 -66.36 53.86 -2.50
C SER F 1077 -64.94 54.34 -2.24
N PHE F 1078 -64.00 53.40 -2.22
CA PHE F 1078 -62.59 53.67 -1.99
C PHE F 1078 -61.74 53.00 -3.07
N PRO F 1079 -61.58 53.64 -4.23
CA PRO F 1079 -61.05 53.11 -5.47
C PRO F 1079 -59.56 52.81 -5.37
N LYS F 1080 -58.96 52.36 -6.47
CA LYS F 1080 -57.56 51.97 -6.58
C LYS F 1080 -57.32 50.56 -6.02
N TYR F 1081 -57.81 50.30 -4.82
CA TYR F 1081 -57.64 48.98 -4.23
C TYR F 1081 -58.66 48.67 -3.13
N GLY F 1082 -58.96 49.67 -2.29
CA GLY F 1082 -59.89 49.50 -1.17
C GLY F 1082 -59.18 49.29 0.16
N GLY F 1083 -59.54 50.10 1.17
CA GLY F 1083 -58.91 50.01 2.49
C GLY F 1083 -57.59 50.77 2.53
N VAL F 1084 -56.58 50.18 3.19
CA VAL F 1084 -55.29 50.83 3.36
C VAL F 1084 -54.17 49.96 2.81
N ASP F 1085 -52.98 50.56 2.62
CA ASP F 1085 -51.77 49.88 2.16
C ASP F 1085 -51.80 49.50 0.67
N GLY F 1086 -52.85 48.83 0.25
CA GLY F 1086 -52.98 48.41 -1.13
C GLY F 1086 -51.87 47.44 -1.48
N GLY F 1087 -51.07 47.75 -2.49
CA GLY F 1087 -49.99 46.89 -2.92
C GLY F 1087 -49.04 46.55 -1.76
N CYS F 1088 -48.90 47.48 -0.81
CA CYS F 1088 -48.00 47.28 0.33
C CYS F 1088 -48.48 46.14 1.24
N PHE F 1089 -49.69 45.67 0.98
CA PHE F 1089 -50.29 44.55 1.68
C PHE F 1089 -50.62 43.40 0.75
N ASP F 1090 -51.16 43.72 -0.43
CA ASP F 1090 -51.72 42.69 -1.33
C ASP F 1090 -50.62 41.87 -1.99
N ARG F 1091 -49.43 42.47 -2.09
CA ARG F 1091 -48.28 41.75 -2.65
C ARG F 1091 -47.90 40.56 -1.76
N HIS F 1092 -48.38 40.56 -0.52
CA HIS F 1092 -48.04 39.51 0.42
C HIS F 1092 -49.00 38.33 0.32
N LEU F 1093 -50.03 38.48 -0.52
CA LEU F 1093 -51.01 37.43 -0.74
C LEU F 1093 -50.70 36.70 -2.04
N ILE F 1094 -50.05 37.40 -2.96
CA ILE F 1094 -49.75 36.85 -4.28
C ILE F 1094 -48.32 36.30 -4.40
N PHE F 1095 -47.34 36.98 -3.81
CA PHE F 1095 -45.95 36.55 -3.92
C PHE F 1095 -45.56 35.63 -2.79
N SER F 1096 -46.58 35.16 -2.07
CA SER F 1096 -46.44 34.18 -1.03
C SER F 1096 -47.05 32.84 -1.44
N ARG F 1097 -47.57 32.76 -2.67
CA ARG F 1097 -48.24 31.56 -3.13
C ARG F 1097 -47.73 31.08 -4.49
N PHE F 1098 -46.58 30.44 -4.51
CA PHE F 1098 -46.00 29.97 -5.77
C PHE F 1098 -46.33 28.51 -6.06
N ARG F 1099 -46.68 28.24 -7.32
CA ARG F 1099 -46.96 26.88 -7.77
C ARG F 1099 -46.36 26.62 -9.16
N PRO F 1100 -45.66 25.50 -9.34
CA PRO F 1100 -44.96 25.12 -10.55
C PRO F 1100 -45.95 24.89 -11.69
N ILE F 1101 -45.58 25.35 -12.89
CA ILE F 1101 -46.41 25.15 -14.08
C ILE F 1101 -45.72 24.34 -15.17
N SER F 1102 -44.44 24.64 -15.44
CA SER F 1102 -43.73 23.98 -16.54
C SER F 1102 -42.22 24.01 -16.33
N VAL F 1103 -41.50 23.17 -17.09
CA VAL F 1103 -40.04 23.12 -16.99
C VAL F 1103 -39.36 23.06 -18.35
N PHE F 1104 -38.22 23.75 -18.48
CA PHE F 1104 -37.41 23.69 -19.69
C PHE F 1104 -36.23 22.71 -19.53
N ARG F 1105 -36.02 21.87 -20.53
CA ARG F 1105 -34.88 20.94 -20.57
C ARG F 1105 -34.22 20.98 -21.95
N GLU F 1106 -32.92 20.64 -22.01
CA GLU F 1106 -32.20 20.58 -23.29
C GLU F 1106 -32.73 19.48 -24.19
N ALA F 1107 -32.89 19.80 -25.48
CA ALA F 1107 -33.32 18.82 -26.45
C ALA F 1107 -32.23 17.77 -26.65
N ASN F 1108 -32.66 16.52 -26.77
CA ASN F 1108 -31.75 15.40 -27.05
C ASN F 1108 -30.79 15.10 -25.90
N GLU F 1109 -31.01 15.71 -24.73
CA GLU F 1109 -30.20 15.38 -23.56
C GLU F 1109 -31.02 14.59 -22.56
N ASP F 1110 -30.34 13.80 -21.73
CA ASP F 1110 -31.03 13.03 -20.70
C ASP F 1110 -31.19 13.86 -19.43
N GLU F 1111 -30.18 14.67 -19.14
CA GLU F 1111 -30.14 15.52 -17.96
C GLU F 1111 -29.65 16.91 -18.34
N SER F 1112 -30.18 17.92 -17.66
CA SER F 1112 -29.90 19.31 -18.00
C SER F 1112 -28.67 19.88 -17.30
N GLY F 1113 -28.13 20.95 -17.87
CA GLY F 1113 -26.98 21.62 -17.30
C GLY F 1113 -27.10 23.14 -17.39
N PHE F 1114 -28.26 23.69 -17.04
CA PHE F 1114 -28.44 25.14 -17.09
C PHE F 1114 -27.79 25.81 -15.89
N THR F 1115 -27.22 27.00 -16.10
CA THR F 1115 -26.61 27.76 -15.01
C THR F 1115 -27.19 29.15 -14.83
N CYS F 1116 -27.83 29.69 -15.87
CA CYS F 1116 -28.39 31.04 -15.80
C CYS F 1116 -29.53 31.22 -16.79
N CYS F 1117 -30.37 32.23 -16.55
CA CYS F 1117 -31.44 32.52 -17.51
C CYS F 1117 -31.92 33.97 -17.49
N ALA F 1118 -32.57 34.35 -18.59
CA ALA F 1118 -33.24 35.65 -18.72
C ALA F 1118 -34.34 35.55 -19.75
N PHE F 1119 -35.38 36.35 -19.62
CA PHE F 1119 -36.40 36.41 -20.66
C PHE F 1119 -35.94 37.37 -21.74
N SER F 1120 -36.26 37.07 -23.01
CA SER F 1120 -35.86 37.93 -24.11
C SER F 1120 -36.61 39.25 -24.10
N ALA F 1121 -36.14 40.21 -24.88
CA ALA F 1121 -36.67 41.57 -24.87
C ALA F 1121 -38.17 41.63 -25.13
N ARG F 1122 -38.67 40.75 -25.99
CA ARG F 1122 -40.09 40.74 -26.31
C ARG F 1122 -40.79 39.56 -25.66
N GLU F 1123 -40.07 38.88 -24.78
CA GLU F 1123 -40.56 37.73 -24.03
C GLU F 1123 -41.25 36.71 -24.94
N ARG F 1124 -40.62 36.42 -26.07
CA ARG F 1124 -41.12 35.41 -26.99
C ARG F 1124 -40.52 34.07 -26.63
N PHE F 1125 -39.38 34.12 -25.96
CA PHE F 1125 -38.64 32.94 -25.56
C PHE F 1125 -37.83 33.19 -24.30
N LEU F 1126 -37.52 32.11 -23.59
CA LEU F 1126 -36.64 32.19 -22.45
C LEU F 1126 -35.23 31.84 -22.89
N MET F 1127 -34.26 32.65 -22.48
CA MET F 1127 -32.87 32.43 -22.84
C MET F 1127 -32.15 31.77 -21.69
N LEU F 1128 -31.55 30.62 -21.94
CA LEU F 1128 -30.86 29.92 -20.87
C LEU F 1128 -29.42 29.60 -21.23
N GLY F 1129 -28.55 29.72 -20.25
CA GLY F 1129 -27.14 29.40 -20.45
C GLY F 1129 -26.83 28.04 -19.84
N THR F 1130 -25.92 27.30 -20.47
CA THR F 1130 -25.56 25.97 -20.01
C THR F 1130 -24.20 25.94 -19.32
N CYS F 1131 -23.90 24.80 -18.70
CA CYS F 1131 -22.63 24.56 -18.01
C CYS F 1131 -21.48 24.44 -19.01
N THR F 1132 -21.84 24.30 -20.28
CA THR F 1132 -20.89 24.07 -21.35
C THR F 1132 -20.67 25.33 -22.18
N GLY F 1133 -21.28 26.44 -21.78
CA GLY F 1133 -21.08 27.70 -22.47
C GLY F 1133 -22.02 27.91 -23.65
N GLN F 1134 -23.13 27.18 -23.68
CA GLN F 1134 -24.08 27.34 -24.77
C GLN F 1134 -25.26 28.21 -24.35
N LEU F 1135 -25.87 28.84 -25.35
CA LEU F 1135 -27.09 29.59 -25.18
C LEU F 1135 -28.24 28.85 -25.86
N LYS F 1136 -29.33 28.67 -25.13
CA LYS F 1136 -30.48 28.00 -25.71
C LYS F 1136 -31.74 28.84 -25.57
N LEU F 1137 -32.48 28.93 -26.67
CA LEU F 1137 -33.68 29.74 -26.71
C LEU F 1137 -34.91 28.85 -26.78
N TYR F 1138 -35.83 29.05 -25.84
CA TYR F 1138 -37.03 28.22 -25.77
C TYR F 1138 -38.31 29.01 -25.90
N ASN F 1139 -39.29 28.43 -26.58
CA ASN F 1139 -40.57 29.08 -26.71
C ASN F 1139 -41.17 29.33 -25.35
N VAL F 1140 -41.50 30.58 -25.07
CA VAL F 1140 -41.95 30.99 -23.75
C VAL F 1140 -43.25 30.30 -23.32
N PHE F 1141 -44.04 29.86 -24.30
CA PHE F 1141 -45.33 29.26 -24.02
C PHE F 1141 -45.27 27.73 -24.04
N SER F 1142 -44.70 27.16 -25.11
CA SER F 1142 -44.73 25.72 -25.30
C SER F 1142 -43.60 24.95 -24.59
N GLY F 1143 -42.50 25.61 -24.29
CA GLY F 1143 -41.36 24.94 -23.67
C GLY F 1143 -40.44 24.28 -24.69
N GLN F 1144 -40.73 24.48 -25.97
CA GLN F 1144 -39.95 23.86 -27.04
C GLN F 1144 -38.68 24.63 -27.36
N GLU F 1145 -37.55 23.92 -27.40
CA GLU F 1145 -36.29 24.54 -27.81
C GLU F 1145 -36.38 24.97 -29.27
N GLU F 1146 -36.05 26.23 -29.53
CA GLU F 1146 -36.12 26.77 -30.88
C GLU F 1146 -34.75 27.00 -31.51
N ALA F 1147 -33.77 27.33 -30.68
CA ALA F 1147 -32.44 27.64 -31.19
C ALA F 1147 -31.35 27.34 -30.16
N SER F 1148 -30.14 27.11 -30.65
CA SER F 1148 -29.00 26.88 -29.78
C SER F 1148 -27.73 27.48 -30.40
N TYR F 1149 -27.00 28.22 -29.59
CA TYR F 1149 -25.78 28.90 -30.04
C TYR F 1149 -24.62 28.66 -29.07
N ASN F 1150 -23.40 28.75 -29.58
CA ASN F 1150 -22.24 28.71 -28.70
C ASN F 1150 -21.86 30.13 -28.29
N CYS F 1151 -21.56 30.33 -27.02
CA CYS F 1151 -21.12 31.64 -26.54
C CYS F 1151 -19.75 31.56 -25.89
N HIS F 1152 -19.54 30.53 -25.08
CA HIS F 1152 -18.33 30.39 -24.31
C HIS F 1152 -17.95 28.91 -24.25
N ASN F 1153 -16.81 28.60 -23.62
CA ASN F 1153 -16.40 27.20 -23.49
C ASN F 1153 -16.64 26.67 -22.08
N SER F 1154 -17.38 27.42 -21.29
CA SER F 1154 -17.68 27.03 -19.91
C SER F 1154 -18.98 27.67 -19.45
N ALA F 1155 -19.42 27.29 -18.26
CA ALA F 1155 -20.70 27.74 -17.72
C ALA F 1155 -20.89 29.24 -17.86
N ILE F 1156 -22.08 29.60 -18.33
CA ILE F 1156 -22.46 31.01 -18.47
C ILE F 1156 -22.98 31.52 -17.13
N THR F 1157 -22.40 32.62 -16.66
CA THR F 1157 -22.75 33.20 -15.37
C THR F 1157 -23.92 34.17 -15.50
N HIS F 1158 -24.03 34.80 -16.67
CA HIS F 1158 -25.06 35.83 -16.88
C HIS F 1158 -25.53 35.95 -18.32
N LEU F 1159 -26.83 36.22 -18.47
CA LEU F 1159 -27.45 36.58 -19.75
C LEU F 1159 -28.36 37.80 -19.59
N GLU F 1160 -28.23 38.79 -20.47
CA GLU F 1160 -29.15 39.93 -20.41
C GLU F 1160 -29.36 40.62 -21.77
N PRO F 1161 -30.60 40.68 -22.27
CA PRO F 1161 -31.00 41.32 -23.51
C PRO F 1161 -31.15 42.82 -23.33
N SER F 1162 -31.02 43.57 -24.43
CA SER F 1162 -31.40 44.98 -24.43
C SER F 1162 -32.91 45.11 -24.50
N ARG F 1163 -33.44 46.30 -24.21
CA ARG F 1163 -34.87 46.55 -24.38
C ARG F 1163 -35.29 46.45 -25.84
N ASP F 1164 -34.40 46.84 -26.75
CA ASP F 1164 -34.69 46.77 -28.17
C ASP F 1164 -34.57 45.33 -28.69
N GLY F 1165 -33.73 44.54 -28.02
CA GLY F 1165 -33.58 43.12 -28.34
C GLY F 1165 -32.56 42.86 -29.45
N SER F 1166 -31.85 43.89 -29.88
CA SER F 1166 -30.87 43.76 -30.95
C SER F 1166 -29.70 42.85 -30.56
N LEU F 1167 -29.24 43.00 -29.33
CA LEU F 1167 -28.06 42.27 -28.84
C LEU F 1167 -28.27 41.69 -27.45
N LEU F 1168 -27.49 40.65 -27.16
CA LEU F 1168 -27.46 39.96 -25.88
C LEU F 1168 -26.10 40.05 -25.20
N LEU F 1169 -26.10 40.36 -23.92
CA LEU F 1169 -24.87 40.35 -23.15
C LEU F 1169 -24.71 38.98 -22.50
N THR F 1170 -23.57 38.35 -22.71
CA THR F 1170 -23.33 37.07 -22.08
C THR F 1170 -21.99 37.09 -21.37
N SER F 1171 -21.85 36.29 -20.33
CA SER F 1171 -20.53 36.07 -19.76
C SER F 1171 -20.38 34.72 -19.08
N ALA F 1172 -19.15 34.23 -19.04
CA ALA F 1172 -18.81 32.94 -18.46
C ALA F 1172 -18.13 33.08 -17.11
N THR F 1173 -18.15 31.99 -16.34
CA THR F 1173 -17.49 31.93 -15.05
C THR F 1173 -15.99 31.72 -15.19
N TRP F 1174 -15.55 31.39 -16.39
CA TRP F 1174 -14.14 31.06 -16.62
C TRP F 1174 -13.69 31.25 -18.06
N SER F 1175 -14.40 30.64 -19.00
CA SER F 1175 -13.98 30.61 -20.39
C SER F 1175 -13.79 31.99 -21.00
N GLN F 1176 -12.72 32.13 -21.78
CA GLN F 1176 -12.46 33.37 -22.48
C GLN F 1176 -13.13 33.44 -23.85
N PRO F 1177 -13.58 34.62 -24.25
CA PRO F 1177 -13.64 35.86 -23.49
C PRO F 1177 -14.67 35.74 -22.39
N LEU F 1178 -14.34 36.25 -21.21
CA LEU F 1178 -15.26 36.11 -20.08
C LEU F 1178 -16.59 36.74 -20.39
N SER F 1179 -16.59 37.92 -21.01
CA SER F 1179 -17.83 38.54 -21.46
C SER F 1179 -17.79 38.79 -22.94
N ALA F 1180 -18.95 38.85 -23.56
CA ALA F 1180 -19.01 39.16 -24.97
C ALA F 1180 -20.33 39.79 -25.36
N LEU F 1181 -20.30 40.54 -26.44
CA LEU F 1181 -21.50 41.08 -27.04
C LEU F 1181 -21.89 40.24 -28.23
N TRP F 1182 -23.04 39.59 -28.13
CA TRP F 1182 -23.55 38.76 -29.21
C TRP F 1182 -24.78 39.40 -29.83
N GLY F 1183 -24.90 39.30 -31.14
CA GLY F 1183 -26.09 39.81 -31.81
C GLY F 1183 -27.25 38.86 -31.62
N MET F 1184 -28.46 39.40 -31.54
CA MET F 1184 -29.65 38.56 -31.52
C MET F 1184 -30.42 38.67 -32.82
N LYS F 1185 -30.39 39.86 -33.41
CA LYS F 1185 -31.09 40.10 -34.66
C LYS F 1185 -30.38 39.45 -35.83
N SER F 1186 -31.13 38.67 -36.62
CA SER F 1186 -30.65 38.01 -37.83
C SER F 1186 -29.58 36.95 -37.60
N VAL F 1187 -28.39 37.39 -37.18
CA VAL F 1187 -27.26 36.49 -37.01
C VAL F 1187 -26.64 36.61 -35.62
N PHE F 1188 -26.43 35.46 -34.97
CA PHE F 1188 -25.82 35.44 -33.64
C PHE F 1188 -24.29 35.55 -33.75
N ASP F 1189 -23.83 36.72 -34.18
CA ASP F 1189 -22.40 36.97 -34.35
C ASP F 1189 -21.84 37.72 -33.16
N MET F 1190 -20.54 37.99 -33.17
CA MET F 1190 -19.92 38.74 -32.09
C MET F 1190 -19.67 40.19 -32.46
N LYS F 1191 -19.93 41.08 -31.53
CA LYS F 1191 -19.62 42.49 -31.69
C LYS F 1191 -18.35 42.84 -30.94
N HIS F 1192 -18.11 42.14 -29.82
CA HIS F 1192 -16.92 42.42 -29.02
C HIS F 1192 -16.61 41.30 -28.04
N SER F 1193 -15.31 41.06 -27.84
CA SER F 1193 -14.84 40.07 -26.85
C SER F 1193 -14.11 40.75 -25.68
N PHE F 1194 -14.61 40.54 -24.47
CA PHE F 1194 -14.02 41.15 -23.27
C PHE F 1194 -13.41 40.10 -22.35
N THR F 1195 -12.09 39.99 -22.40
CA THR F 1195 -11.39 38.89 -21.74
C THR F 1195 -11.12 39.16 -20.25
N GLU F 1196 -11.51 40.33 -19.80
CA GLU F 1196 -11.26 40.70 -18.42
C GLU F 1196 -12.53 40.83 -17.59
N ASP F 1197 -13.69 40.66 -18.23
CA ASP F 1197 -14.96 40.92 -17.55
C ASP F 1197 -15.71 39.65 -17.17
N HIS F 1198 -15.73 39.34 -15.88
CA HIS F 1198 -16.44 38.17 -15.37
C HIS F 1198 -17.95 38.34 -15.56
N TYR F 1199 -18.44 39.49 -15.15
CA TYR F 1199 -19.87 39.78 -15.17
C TYR F 1199 -20.16 40.96 -16.10
N VAL F 1200 -21.25 40.89 -16.84
CA VAL F 1200 -21.63 41.97 -17.75
C VAL F 1200 -23.10 42.37 -17.52
N GLU F 1201 -23.40 43.68 -17.56
CA GLU F 1201 -24.77 44.16 -17.36
C GLU F 1201 -25.10 45.43 -18.13
N PHE F 1202 -26.35 45.54 -18.61
CA PHE F 1202 -26.82 46.79 -19.23
C PHE F 1202 -27.07 47.89 -18.21
N SER F 1203 -26.86 49.13 -18.64
CA SER F 1203 -27.26 50.26 -17.81
C SER F 1203 -28.79 50.29 -17.78
N LYS F 1204 -29.36 51.16 -16.95
CA LYS F 1204 -30.80 51.10 -16.71
C LYS F 1204 -31.61 52.12 -17.50
N HIS F 1205 -30.99 53.21 -17.92
CA HIS F 1205 -31.71 54.23 -18.66
C HIS F 1205 -31.23 54.28 -20.10
N SER F 1206 -29.90 54.37 -20.28
CA SER F 1206 -29.32 54.41 -21.63
C SER F 1206 -28.51 53.15 -21.87
N GLN F 1207 -29.10 52.19 -22.59
CA GLN F 1207 -28.56 50.84 -22.67
C GLN F 1207 -27.48 50.64 -23.71
N ASP F 1208 -27.08 51.73 -24.35
CA ASP F 1208 -25.98 51.64 -25.29
C ASP F 1208 -24.70 51.47 -24.49
N ARG F 1209 -24.77 51.83 -23.21
CA ARG F 1209 -23.62 51.72 -22.32
C ARG F 1209 -23.77 50.50 -21.42
N VAL F 1210 -22.73 49.68 -21.41
CA VAL F 1210 -22.73 48.41 -20.68
C VAL F 1210 -21.56 48.30 -19.71
N ILE F 1211 -21.84 47.76 -18.53
CA ILE F 1211 -20.82 47.63 -17.50
C ILE F 1211 -20.37 46.20 -17.28
N GLY F 1212 -19.05 46.00 -17.32
CA GLY F 1212 -18.44 44.72 -17.05
C GLY F 1212 -17.73 44.73 -15.69
N THR F 1213 -17.51 43.55 -15.11
CA THR F 1213 -16.82 43.49 -13.83
C THR F 1213 -15.58 42.60 -13.90
N LYS F 1214 -14.45 43.17 -13.50
CA LYS F 1214 -13.16 42.49 -13.41
C LYS F 1214 -12.69 42.45 -11.97
N GLY F 1215 -13.03 41.39 -11.25
CA GLY F 1215 -12.71 41.41 -9.82
C GLY F 1215 -13.48 42.56 -9.19
N ASP F 1216 -12.75 43.52 -8.62
CA ASP F 1216 -13.36 44.68 -7.98
C ASP F 1216 -13.31 45.93 -8.87
N ILE F 1217 -13.04 45.74 -10.16
CA ILE F 1217 -12.94 46.86 -11.11
C ILE F 1217 -14.12 46.92 -12.08
N ALA F 1218 -14.73 48.10 -12.19
CA ALA F 1218 -15.81 48.30 -13.15
C ALA F 1218 -15.26 48.78 -14.48
N HIS F 1219 -15.77 48.20 -15.57
CA HIS F 1219 -15.39 48.59 -16.93
C HIS F 1219 -16.62 48.92 -17.75
N ILE F 1220 -16.74 50.16 -18.16
CA ILE F 1220 -17.94 50.57 -18.87
C ILE F 1220 -17.64 50.88 -20.35
N TYR F 1221 -18.37 50.20 -21.24
CA TYR F 1221 -18.14 50.29 -22.69
C TYR F 1221 -19.45 50.60 -23.41
N ASP F 1222 -19.36 51.20 -24.61
CA ASP F 1222 -20.54 51.46 -25.46
C ASP F 1222 -20.59 50.40 -26.55
N ILE F 1223 -21.69 49.66 -26.61
CA ILE F 1223 -21.84 48.47 -27.45
C ILE F 1223 -21.80 48.69 -28.95
N GLN F 1224 -21.78 49.95 -29.41
CA GLN F 1224 -21.71 50.17 -30.85
C GLN F 1224 -20.46 49.56 -31.45
N THR F 1225 -19.39 49.47 -30.66
CA THR F 1225 -18.15 48.83 -31.06
C THR F 1225 -17.64 47.96 -29.92
N GLY F 1226 -18.14 48.26 -28.72
CA GLY F 1226 -17.67 47.65 -27.48
C GLY F 1226 -16.49 48.42 -26.88
N ASN F 1227 -16.18 49.59 -27.44
CA ASN F 1227 -15.06 50.38 -26.96
C ASN F 1227 -15.20 50.78 -25.50
N LYS F 1228 -14.14 50.57 -24.72
CA LYS F 1228 -14.14 50.97 -23.32
C LYS F 1228 -14.18 52.48 -23.22
N LEU F 1229 -15.09 52.98 -22.38
CA LEU F 1229 -15.34 54.40 -22.23
C LEU F 1229 -14.71 54.91 -20.95
N LEU F 1230 -15.16 54.33 -19.84
CA LEU F 1230 -14.67 54.73 -18.52
C LEU F 1230 -14.49 53.53 -17.61
N THR F 1231 -13.57 53.65 -16.66
CA THR F 1231 -13.46 52.64 -15.61
C THR F 1231 -13.60 53.29 -14.25
N LEU F 1232 -13.99 52.48 -13.27
CA LEU F 1232 -14.17 52.95 -11.90
C LEU F 1232 -13.62 51.93 -10.91
N PHE F 1233 -12.59 52.30 -10.16
CA PHE F 1233 -12.01 51.36 -9.21
C PHE F 1233 -11.13 51.99 -8.13
N ASN F 1234 -10.98 51.25 -7.03
CA ASN F 1234 -10.07 51.59 -5.95
C ASN F 1234 -9.90 50.37 -5.02
N PRO F 1235 -8.75 49.71 -5.06
CA PRO F 1235 -8.41 48.50 -4.31
C PRO F 1235 -8.50 48.67 -2.80
N ASP F 1236 -8.44 49.91 -2.30
CA ASP F 1236 -8.50 50.14 -0.86
C ASP F 1236 -9.94 50.30 -0.40
N LEU F 1237 -10.79 50.80 -1.29
CA LEU F 1237 -12.20 50.97 -0.98
C LEU F 1237 -12.95 49.68 -1.28
N ALA F 1238 -12.41 48.89 -2.20
CA ALA F 1238 -12.99 47.62 -2.61
C ALA F 1238 -13.16 46.67 -1.43
N ASN F 1239 -14.31 46.01 -1.36
CA ASN F 1239 -14.55 45.05 -0.29
C ASN F 1239 -14.22 43.60 -0.70
N ASN F 1240 -13.79 43.42 -1.94
CA ASN F 1240 -13.40 42.11 -2.46
C ASN F 1240 -14.50 41.06 -2.31
N TYR F 1241 -15.68 41.37 -2.84
CA TYR F 1241 -16.81 40.44 -2.80
C TYR F 1241 -16.62 39.28 -3.80
N LYS F 1242 -16.95 38.07 -3.34
CA LYS F 1242 -16.79 36.85 -4.13
C LYS F 1242 -17.55 36.91 -5.45
N ARG F 1243 -18.73 37.51 -5.44
CA ARG F 1243 -19.57 37.56 -6.62
C ARG F 1243 -19.82 39.01 -7.05
N ASN F 1244 -18.81 39.87 -6.89
CA ASN F 1244 -19.01 41.26 -7.27
C ASN F 1244 -19.55 41.37 -8.70
N CYS F 1245 -20.66 42.08 -8.81
CA CYS F 1245 -21.32 42.32 -10.08
C CYS F 1245 -21.62 43.81 -10.23
N ALA F 1246 -20.67 44.56 -10.79
CA ALA F 1246 -20.80 46.01 -10.83
C ALA F 1246 -22.07 46.41 -11.58
N THR F 1247 -22.80 47.38 -11.03
CA THR F 1247 -24.09 47.76 -11.58
C THR F 1247 -24.36 49.27 -11.56
N PHE F 1248 -25.22 49.72 -12.47
CA PHE F 1248 -25.68 51.12 -12.52
C PHE F 1248 -26.91 51.37 -11.67
N ASN F 1249 -27.05 52.62 -11.21
CA ASN F 1249 -28.28 53.05 -10.57
C ASN F 1249 -29.30 53.39 -11.67
N PRO F 1250 -30.59 53.63 -11.34
CA PRO F 1250 -31.68 53.89 -12.26
C PRO F 1250 -31.47 55.14 -13.13
N THR F 1251 -30.59 56.03 -12.71
CA THR F 1251 -30.31 57.26 -13.44
C THR F 1251 -28.96 57.23 -14.17
N ASP F 1252 -28.29 56.08 -14.12
CA ASP F 1252 -27.01 55.86 -14.80
C ASP F 1252 -25.95 56.93 -14.51
N ASP F 1253 -25.85 57.37 -13.27
CA ASP F 1253 -24.82 58.32 -12.88
C ASP F 1253 -24.10 57.90 -11.60
N LEU F 1254 -24.42 56.70 -11.15
CA LEU F 1254 -23.72 56.04 -10.06
C LEU F 1254 -23.49 54.59 -10.41
N VAL F 1255 -22.32 54.10 -10.06
CA VAL F 1255 -22.03 52.68 -10.19
C VAL F 1255 -21.71 52.06 -8.85
N LEU F 1256 -22.34 50.94 -8.56
CA LEU F 1256 -22.01 50.21 -7.36
C LEU F 1256 -21.06 49.10 -7.72
N ASN F 1257 -19.85 49.22 -7.21
CA ASN F 1257 -18.79 48.31 -7.56
C ASN F 1257 -18.07 47.80 -6.34
N ASP F 1258 -18.31 46.54 -6.02
CA ASP F 1258 -17.68 45.90 -4.88
C ASP F 1258 -17.98 46.64 -3.58
N GLY F 1259 -19.21 47.15 -3.45
CA GLY F 1259 -19.66 47.83 -2.24
C GLY F 1259 -19.38 49.33 -2.26
N VAL F 1260 -18.70 49.81 -3.30
CA VAL F 1260 -18.35 51.21 -3.38
C VAL F 1260 -19.23 51.93 -4.40
N LEU F 1261 -19.75 53.09 -4.02
CA LEU F 1261 -20.52 53.90 -4.96
C LEU F 1261 -19.62 54.88 -5.67
N TRP F 1262 -19.59 54.77 -6.98
CA TRP F 1262 -18.71 55.57 -7.80
C TRP F 1262 -19.42 56.73 -8.47
N ASP F 1263 -18.77 57.88 -8.47
CA ASP F 1263 -19.28 59.05 -9.16
C ASP F 1263 -18.97 58.96 -10.64
N VAL F 1264 -19.98 58.72 -11.44
CA VAL F 1264 -19.76 58.46 -12.85
C VAL F 1264 -19.35 59.74 -13.58
N ARG F 1265 -19.46 60.89 -12.91
CA ARG F 1265 -19.07 62.16 -13.50
C ARG F 1265 -17.70 62.68 -13.04
N SER F 1266 -16.97 61.88 -12.27
CA SER F 1266 -15.63 62.30 -11.84
C SER F 1266 -14.71 61.09 -11.73
N ALA F 1267 -15.32 59.92 -11.70
CA ALA F 1267 -14.65 58.64 -11.51
C ALA F 1267 -13.95 58.55 -10.17
N GLN F 1268 -14.44 59.33 -9.20
CA GLN F 1268 -13.96 59.23 -7.84
C GLN F 1268 -15.04 58.53 -7.03
N ALA F 1269 -14.66 57.88 -5.95
CA ALA F 1269 -15.69 57.28 -5.11
C ALA F 1269 -16.52 58.38 -4.49
N ILE F 1270 -17.82 58.19 -4.42
CA ILE F 1270 -18.68 59.17 -3.77
C ILE F 1270 -18.92 58.71 -2.35
N HIS F 1271 -18.96 57.38 -2.19
CA HIS F 1271 -19.18 56.75 -0.89
C HIS F 1271 -18.71 55.31 -0.91
N LYS F 1272 -18.29 54.81 0.24
CA LYS F 1272 -17.93 53.40 0.39
C LYS F 1272 -18.74 52.77 1.51
N PHE F 1273 -19.42 51.67 1.21
CA PHE F 1273 -20.22 50.98 2.21
C PHE F 1273 -19.39 49.94 2.93
N ASP F 1274 -19.73 49.69 4.19
CA ASP F 1274 -19.05 48.67 4.98
C ASP F 1274 -19.23 47.29 4.38
N LYS F 1275 -18.24 46.43 4.58
CA LYS F 1275 -18.30 45.07 4.06
C LYS F 1275 -19.20 44.20 4.91
N PHE F 1276 -20.50 44.36 4.75
CA PHE F 1276 -21.46 43.57 5.49
C PHE F 1276 -21.28 42.09 5.16
N ASN F 1277 -21.16 41.80 3.87
CA ASN F 1277 -21.07 40.42 3.42
C ASN F 1277 -19.76 40.13 2.71
N MET F 1278 -19.59 38.88 2.27
CA MET F 1278 -18.41 38.52 1.51
C MET F 1278 -18.74 38.10 0.09
N ASN F 1279 -20.03 37.90 -0.21
CA ASN F 1279 -20.44 37.41 -1.52
C ASN F 1279 -21.17 38.45 -2.33
N ILE F 1280 -22.16 39.10 -1.72
CA ILE F 1280 -23.02 40.02 -2.46
C ILE F 1280 -22.66 41.48 -2.25
N SER F 1281 -22.26 42.15 -3.35
CA SER F 1281 -21.83 43.54 -3.30
C SER F 1281 -23.01 44.52 -3.32
N GLY F 1282 -24.15 44.08 -3.82
CA GLY F 1282 -25.36 44.89 -3.74
C GLY F 1282 -26.07 45.15 -5.07
N VAL F 1283 -27.31 45.62 -4.96
CA VAL F 1283 -28.20 45.93 -6.08
C VAL F 1283 -28.97 47.25 -5.84
N PHE F 1284 -29.21 48.01 -6.91
CA PHE F 1284 -29.98 49.25 -6.79
C PHE F 1284 -31.48 49.06 -6.89
N HIS F 1285 -32.22 49.84 -6.10
CA HIS F 1285 -33.68 49.90 -6.18
C HIS F 1285 -34.09 50.88 -7.29
N PRO F 1286 -35.13 50.58 -8.08
CA PRO F 1286 -35.67 51.38 -9.17
C PRO F 1286 -36.23 52.75 -8.73
N ASN F 1287 -36.47 52.94 -7.43
CA ASN F 1287 -37.01 54.22 -6.97
C ASN F 1287 -35.96 55.33 -6.99
N GLY F 1288 -34.70 54.98 -7.22
CA GLY F 1288 -33.64 55.99 -7.33
C GLY F 1288 -33.22 56.52 -5.97
N LEU F 1289 -33.69 55.85 -4.93
CA LEU F 1289 -33.40 56.25 -3.55
C LEU F 1289 -32.61 55.20 -2.80
N GLU F 1290 -33.05 53.95 -2.88
CA GLU F 1290 -32.47 52.90 -2.06
C GLU F 1290 -31.51 51.99 -2.81
N VAL F 1291 -30.44 51.60 -2.14
CA VAL F 1291 -29.51 50.58 -2.65
C VAL F 1291 -29.22 49.56 -1.57
N ILE F 1292 -29.26 48.28 -1.92
CA ILE F 1292 -28.97 47.25 -0.92
C ILE F 1292 -27.60 46.64 -1.06
N ILE F 1293 -26.92 46.52 0.07
CA ILE F 1293 -25.63 45.86 0.12
C ILE F 1293 -25.81 44.57 0.90
N ASN F 1294 -26.13 43.50 0.19
CA ASN F 1294 -26.58 42.26 0.79
C ASN F 1294 -27.87 42.51 1.60
N THR F 1295 -27.73 42.97 2.84
CA THR F 1295 -28.89 43.20 3.70
C THR F 1295 -29.10 44.67 4.05
N GLU F 1296 -28.07 45.47 3.93
CA GLU F 1296 -28.17 46.86 4.38
C GLU F 1296 -28.79 47.74 3.32
N ILE F 1297 -29.82 48.47 3.70
CA ILE F 1297 -30.53 49.36 2.80
C ILE F 1297 -30.04 50.78 3.02
N TRP F 1298 -29.36 51.31 2.03
CA TRP F 1298 -28.75 52.62 2.10
C TRP F 1298 -29.44 53.61 1.20
N ASP F 1299 -29.39 54.87 1.60
CA ASP F 1299 -29.87 55.97 0.79
C ASP F 1299 -28.79 56.37 -0.22
N LEU F 1300 -29.02 56.13 -1.50
CA LEU F 1300 -27.98 56.37 -2.50
C LEU F 1300 -27.81 57.86 -2.80
N ARG F 1301 -28.71 58.68 -2.25
CA ARG F 1301 -28.66 60.12 -2.47
C ARG F 1301 -27.83 60.80 -1.37
N THR F 1302 -27.95 60.29 -0.13
CA THR F 1302 -27.23 60.85 1.02
C THR F 1302 -26.22 59.89 1.62
N PHE F 1303 -26.31 58.61 1.24
CA PHE F 1303 -25.46 57.55 1.76
C PHE F 1303 -25.69 57.26 3.24
N HIS F 1304 -26.88 57.62 3.73
CA HIS F 1304 -27.29 57.27 5.08
C HIS F 1304 -27.85 55.85 5.11
N LEU F 1305 -27.70 55.17 6.25
CA LEU F 1305 -28.33 53.86 6.40
C LEU F 1305 -29.78 54.04 6.77
N LEU F 1306 -30.69 53.41 6.02
CA LEU F 1306 -32.12 53.57 6.27
C LEU F 1306 -32.72 52.38 6.99
N HIS F 1307 -32.36 51.19 6.56
CA HIS F 1307 -32.98 49.97 7.09
C HIS F 1307 -32.13 48.73 6.82
N THR F 1308 -32.33 47.67 7.59
CA THR F 1308 -31.66 46.41 7.30
C THR F 1308 -32.66 45.25 7.26
N VAL F 1309 -32.54 44.41 6.23
CA VAL F 1309 -33.37 43.22 6.11
C VAL F 1309 -32.53 41.95 5.94
N PRO F 1310 -32.35 41.15 7.01
CA PRO F 1310 -31.57 39.93 7.08
C PRO F 1310 -32.04 38.86 6.09
N ALA F 1311 -33.28 38.98 5.62
CA ALA F 1311 -33.85 38.01 4.69
C ALA F 1311 -33.23 38.17 3.30
N LEU F 1312 -32.50 39.26 3.11
CA LEU F 1312 -31.81 39.53 1.85
C LEU F 1312 -30.43 38.90 1.87
N ASP F 1313 -30.06 38.31 3.01
CA ASP F 1313 -28.71 37.79 3.20
C ASP F 1313 -28.48 36.55 2.34
N GLN F 1314 -27.53 36.65 1.43
CA GLN F 1314 -27.25 35.59 0.45
C GLN F 1314 -28.37 35.45 -0.54
N CYS F 1315 -29.22 36.47 -0.67
CA CYS F 1315 -30.28 36.40 -1.64
C CYS F 1315 -29.96 37.29 -2.84
N ARG F 1316 -30.00 36.72 -4.04
CA ARG F 1316 -29.66 37.46 -5.25
C ARG F 1316 -30.85 38.33 -5.67
N VAL F 1317 -31.10 39.37 -4.89
CA VAL F 1317 -32.33 40.14 -5.03
C VAL F 1317 -32.30 41.19 -6.12
N VAL F 1318 -33.24 41.08 -7.04
CA VAL F 1318 -33.41 42.01 -8.16
C VAL F 1318 -34.86 42.46 -8.22
N PHE F 1319 -35.14 43.48 -9.01
CA PHE F 1319 -36.49 44.03 -9.08
C PHE F 1319 -37.22 43.72 -10.39
N ASN F 1320 -38.56 43.77 -10.33
CA ASN F 1320 -39.40 43.60 -11.51
C ASN F 1320 -39.54 44.89 -12.29
N HIS F 1321 -40.26 44.82 -13.41
CA HIS F 1321 -40.46 45.96 -14.30
C HIS F 1321 -41.00 47.20 -13.59
N THR F 1322 -41.98 47.00 -12.72
CA THR F 1322 -42.67 48.11 -12.10
C THR F 1322 -41.96 48.64 -10.85
N GLY F 1323 -40.96 47.90 -10.37
CA GLY F 1323 -40.24 48.27 -9.16
C GLY F 1323 -41.09 48.12 -7.91
N THR F 1324 -41.99 47.14 -7.92
CA THR F 1324 -42.89 46.89 -6.81
C THR F 1324 -42.59 45.55 -6.15
N VAL F 1325 -41.87 44.71 -6.87
CA VAL F 1325 -41.53 43.38 -6.40
C VAL F 1325 -40.04 43.16 -6.51
N MET F 1326 -39.44 42.64 -5.44
CA MET F 1326 -38.04 42.25 -5.49
C MET F 1326 -37.93 40.78 -5.10
N TYR F 1327 -37.02 40.06 -5.74
CA TYR F 1327 -36.94 38.62 -5.53
C TYR F 1327 -35.54 38.09 -5.83
N GLY F 1328 -35.23 36.90 -5.33
CA GLY F 1328 -33.96 36.29 -5.66
C GLY F 1328 -33.76 34.91 -5.04
N ALA F 1329 -32.78 34.17 -5.57
CA ALA F 1329 -32.42 32.85 -5.07
C ALA F 1329 -31.43 32.99 -3.93
N MET F 1330 -31.37 31.96 -3.08
CA MET F 1330 -30.38 31.96 -2.02
C MET F 1330 -29.05 31.40 -2.51
N LEU F 1331 -27.96 31.96 -2.02
CA LEU F 1331 -26.62 31.56 -2.38
C LEU F 1331 -26.06 30.59 -1.35
N GLN F 1332 -25.08 29.79 -1.77
CA GLN F 1332 -24.39 28.83 -0.91
C GLN F 1332 -24.92 28.90 0.53
N SER F 1346 -20.84 23.87 -6.35
CA SER F 1346 -22.26 24.15 -6.41
C SER F 1346 -22.70 25.03 -5.23
N PRO F 1347 -22.23 26.29 -5.18
CA PRO F 1347 -22.45 27.26 -4.13
C PRO F 1347 -23.83 27.88 -4.20
N PHE F 1348 -24.86 27.06 -4.04
CA PHE F 1348 -26.24 27.53 -4.17
C PHE F 1348 -27.10 27.08 -3.00
N GLY F 1349 -28.09 27.90 -2.65
CA GLY F 1349 -29.06 27.50 -1.64
C GLY F 1349 -30.14 26.65 -2.28
N SER F 1350 -31.09 26.16 -1.49
CA SER F 1350 -32.13 25.25 -1.98
C SER F 1350 -33.51 25.88 -2.05
N SER F 1351 -33.56 27.20 -1.90
CA SER F 1351 -34.83 27.94 -1.90
C SER F 1351 -34.64 29.34 -2.47
N PHE F 1352 -35.76 30.04 -2.68
CA PHE F 1352 -35.70 31.43 -3.14
C PHE F 1352 -36.73 32.26 -2.39
N ARG F 1353 -36.53 33.57 -2.37
CA ARG F 1353 -37.45 34.45 -1.65
C ARG F 1353 -38.01 35.56 -2.51
N THR F 1354 -39.14 36.08 -2.06
CA THR F 1354 -39.75 37.28 -2.63
C THR F 1354 -39.90 38.34 -1.55
N PHE F 1355 -39.79 39.60 -1.96
CA PHE F 1355 -39.79 40.75 -1.05
C PHE F 1355 -40.72 41.85 -1.55
N ASN F 1356 -41.23 42.64 -0.61
CA ASN F 1356 -42.01 43.81 -0.95
C ASN F 1356 -41.09 45.00 -1.19
N ALA F 1357 -41.06 45.50 -2.43
CA ALA F 1357 -40.11 46.54 -2.82
C ALA F 1357 -40.33 47.82 -2.03
N THR F 1358 -41.49 47.95 -1.38
CA THR F 1358 -41.81 49.15 -0.62
C THR F 1358 -40.72 49.44 0.41
N ASP F 1359 -40.25 48.39 1.09
CA ASP F 1359 -39.28 48.53 2.16
C ASP F 1359 -38.41 47.28 2.30
N TYR F 1360 -38.47 46.40 1.31
CA TYR F 1360 -37.75 45.13 1.28
C TYR F 1360 -38.28 44.15 2.32
N LYS F 1361 -39.42 44.45 2.93
CA LYS F 1361 -40.03 43.53 3.86
C LYS F 1361 -40.25 42.20 3.14
N PRO F 1362 -39.70 41.09 3.64
CA PRO F 1362 -39.78 39.79 3.02
C PRO F 1362 -41.22 39.35 2.95
N ILE F 1363 -41.59 38.75 1.83
CA ILE F 1363 -42.94 38.24 1.66
C ILE F 1363 -43.01 36.77 1.97
N ALA F 1364 -42.11 35.99 1.38
CA ALA F 1364 -42.12 34.55 1.58
C ALA F 1364 -40.82 33.90 1.19
N THR F 1365 -40.60 32.73 1.77
CA THR F 1365 -39.56 31.83 1.31
C THR F 1365 -40.25 30.67 0.60
N ILE F 1366 -39.83 30.39 -0.61
CA ILE F 1366 -40.47 29.35 -1.39
C ILE F 1366 -39.69 28.05 -1.24
N ASP F 1367 -40.37 27.04 -0.74
CA ASP F 1367 -39.74 25.78 -0.38
C ASP F 1367 -39.56 24.86 -1.57
N VAL F 1368 -38.57 25.18 -2.38
CA VAL F 1368 -38.28 24.46 -3.61
C VAL F 1368 -37.65 23.10 -3.34
N LYS F 1369 -36.75 23.05 -2.37
CA LYS F 1369 -35.99 21.85 -2.02
C LYS F 1369 -35.11 21.37 -3.17
N ARG F 1370 -34.54 22.34 -3.90
CA ARG F 1370 -33.61 22.07 -5.00
C ARG F 1370 -32.59 23.17 -5.03
N ASN F 1371 -31.32 22.85 -5.23
CA ASN F 1371 -30.32 23.90 -5.31
C ASN F 1371 -30.56 24.80 -6.51
N ILE F 1372 -30.63 26.11 -6.28
CA ILE F 1372 -30.99 27.06 -7.33
C ILE F 1372 -29.80 27.83 -7.87
N PHE F 1373 -29.55 27.63 -9.16
CA PHE F 1373 -28.44 28.25 -9.85
C PHE F 1373 -28.76 29.69 -10.24
N ASP F 1374 -29.99 29.91 -10.68
CA ASP F 1374 -30.43 31.26 -11.07
C ASP F 1374 -31.94 31.40 -11.10
N LEU F 1375 -32.40 32.63 -11.36
CA LEU F 1375 -33.81 32.88 -11.55
C LEU F 1375 -34.11 34.26 -12.15
N CYS F 1376 -35.25 34.36 -12.83
CA CYS F 1376 -35.72 35.65 -13.32
C CYS F 1376 -37.25 35.71 -13.42
N THR F 1377 -37.80 36.93 -13.33
CA THR F 1377 -39.24 37.12 -13.53
C THR F 1377 -39.51 37.71 -14.90
N ASP F 1378 -40.78 37.83 -15.25
CA ASP F 1378 -41.17 38.45 -16.51
C ASP F 1378 -41.74 39.85 -16.28
N THR F 1379 -42.04 40.55 -17.36
CA THR F 1379 -42.54 41.92 -17.29
C THR F 1379 -43.89 41.97 -16.60
N LYS F 1380 -44.70 40.95 -16.84
CA LYS F 1380 -46.07 40.90 -16.37
C LYS F 1380 -46.22 40.22 -15.01
N ASP F 1381 -45.10 39.84 -14.38
CA ASP F 1381 -45.16 39.17 -13.08
C ASP F 1381 -46.11 37.99 -13.07
N CYS F 1382 -46.01 37.16 -14.09
CA CYS F 1382 -46.85 35.98 -14.17
C CYS F 1382 -46.09 34.76 -13.69
N TYR F 1383 -44.93 34.49 -14.29
CA TYR F 1383 -44.17 33.31 -13.89
C TYR F 1383 -42.72 33.64 -13.58
N LEU F 1384 -42.18 33.03 -12.53
CA LEU F 1384 -40.77 33.15 -12.21
C LEU F 1384 -40.02 31.91 -12.66
N ALA F 1385 -38.99 32.14 -13.48
CA ALA F 1385 -38.20 31.07 -14.07
C ALA F 1385 -37.01 30.75 -13.19
N VAL F 1386 -37.02 29.56 -12.57
CA VAL F 1386 -36.00 29.21 -11.59
C VAL F 1386 -35.19 28.00 -12.04
N ILE F 1387 -33.86 28.14 -12.08
CA ILE F 1387 -33.01 27.00 -12.45
C ILE F 1387 -32.62 26.19 -11.24
N GLU F 1388 -33.17 24.98 -11.18
CA GLU F 1388 -33.10 24.08 -10.05
C GLU F 1388 -32.33 22.82 -10.37
N ASN F 1389 -31.51 22.36 -9.44
CA ASN F 1389 -30.76 21.13 -9.65
C ASN F 1389 -31.52 19.92 -9.11
N GLN F 1390 -31.92 19.04 -10.02
CA GLN F 1390 -32.73 17.87 -9.68
C GLN F 1390 -31.82 16.68 -9.40
N GLY F 1391 -30.52 16.91 -9.51
CA GLY F 1391 -29.51 15.86 -9.35
C GLY F 1391 -28.83 15.94 -7.99
N SER F 1392 -27.53 15.65 -7.95
CA SER F 1392 -26.79 15.57 -6.70
C SER F 1392 -25.84 16.76 -6.53
N MET F 1393 -25.97 17.75 -7.41
CA MET F 1393 -25.14 18.95 -7.40
C MET F 1393 -23.66 18.65 -7.61
N ASP F 1394 -23.38 17.58 -8.36
CA ASP F 1394 -22.01 17.23 -8.70
C ASP F 1394 -21.54 17.98 -9.94
N ALA F 1395 -20.29 17.75 -10.32
CA ALA F 1395 -19.76 18.30 -11.57
C ALA F 1395 -20.40 17.63 -12.77
N LEU F 1396 -20.66 16.33 -12.66
CA LEU F 1396 -21.26 15.59 -13.77
C LEU F 1396 -22.64 15.09 -13.40
N ASN F 1397 -22.80 14.60 -12.17
CA ASN F 1397 -24.08 14.06 -11.73
C ASN F 1397 -24.98 15.19 -11.25
N MET F 1398 -25.46 15.97 -12.22
CA MET F 1398 -26.29 17.13 -11.95
C MET F 1398 -27.40 17.21 -12.99
N ASP F 1399 -28.50 17.84 -12.62
CA ASP F 1399 -29.60 18.01 -13.56
C ASP F 1399 -30.28 19.35 -13.36
N THR F 1400 -29.71 20.40 -13.93
CA THR F 1400 -30.24 21.74 -13.66
C THR F 1400 -31.23 22.15 -14.72
N VAL F 1401 -32.49 22.26 -14.31
CA VAL F 1401 -33.60 22.49 -15.21
C VAL F 1401 -34.21 23.83 -14.86
N CYS F 1402 -34.95 24.42 -15.77
CA CYS F 1402 -35.57 25.69 -15.43
C CYS F 1402 -37.07 25.54 -15.22
N ARG F 1403 -37.45 25.51 -13.95
CA ARG F 1403 -38.84 25.26 -13.57
C ARG F 1403 -39.53 26.58 -13.28
N LEU F 1404 -40.67 26.79 -13.91
CA LEU F 1404 -41.40 28.04 -13.78
C LEU F 1404 -42.56 27.90 -12.83
N TYR F 1405 -42.64 28.86 -11.90
CA TYR F 1405 -43.70 28.91 -10.91
C TYR F 1405 -44.60 30.11 -11.15
N GLU F 1406 -45.90 29.92 -10.98
CA GLU F 1406 -46.82 31.03 -11.07
C GLU F 1406 -46.88 31.77 -9.76
N VAL F 1407 -46.83 33.09 -9.82
CA VAL F 1407 -46.89 33.91 -8.61
C VAL F 1407 -48.02 33.47 -7.71
N LYS G 24 -99.37 69.89 -6.72
CA LYS G 24 -100.01 71.06 -6.14
C LYS G 24 -101.53 70.97 -6.24
N LYS G 25 -102.21 71.17 -5.12
CA LYS G 25 -103.67 71.16 -5.08
C LYS G 25 -104.23 72.55 -5.36
N LEU G 26 -105.33 72.60 -6.11
CA LEU G 26 -106.06 73.84 -6.39
C LEU G 26 -107.43 73.82 -5.75
N VAL G 27 -107.78 74.93 -5.10
CA VAL G 27 -109.07 75.05 -4.46
C VAL G 27 -110.10 75.70 -5.36
N ILE G 28 -111.27 75.06 -5.45
CA ILE G 28 -112.40 75.61 -6.18
C ILE G 28 -113.36 76.25 -5.20
N LYS G 29 -113.54 77.56 -5.32
CA LYS G 29 -114.43 78.28 -4.44
C LYS G 29 -115.84 78.26 -4.99
N ASN G 30 -116.83 78.41 -4.11
CA ASN G 30 -118.23 78.40 -4.53
C ASN G 30 -118.46 77.20 -5.42
N PHE G 31 -117.97 76.04 -4.99
CA PHE G 31 -117.97 74.88 -5.87
C PHE G 31 -119.31 74.18 -5.99
N ARG G 32 -120.18 74.76 -6.79
CA ARG G 32 -121.42 74.12 -7.17
C ARG G 32 -121.06 72.91 -8.02
N ASP G 33 -121.60 71.74 -7.70
CA ASP G 33 -121.21 70.55 -8.45
C ASP G 33 -122.37 69.60 -8.68
N ARG G 34 -122.11 68.54 -9.41
CA ARG G 34 -123.07 67.47 -9.64
C ARG G 34 -122.32 66.13 -9.71
N PRO G 35 -121.81 65.63 -8.57
CA PRO G 35 -120.99 64.43 -8.46
C PRO G 35 -121.79 63.20 -8.85
N ARG G 36 -123.11 63.30 -8.74
CA ARG G 36 -123.99 62.21 -9.13
C ARG G 36 -124.95 62.67 -10.21
N LEU G 37 -124.65 62.29 -11.43
CA LEU G 37 -125.45 62.61 -12.60
C LEU G 37 -126.73 61.77 -12.52
N PRO G 38 -127.81 62.17 -13.19
CA PRO G 38 -129.12 61.56 -13.10
C PRO G 38 -129.02 60.04 -13.22
N ASP G 39 -129.68 59.34 -12.31
CA ASP G 39 -129.62 57.89 -12.29
C ASP G 39 -130.14 57.30 -13.59
N ASN G 40 -131.14 57.97 -14.18
CA ASN G 40 -131.69 57.49 -15.43
C ASN G 40 -130.68 57.54 -16.56
N TYR G 41 -129.77 58.51 -16.53
CA TYR G 41 -128.76 58.61 -17.56
C TYR G 41 -127.87 57.37 -17.52
N THR G 42 -127.43 57.02 -16.32
CA THR G 42 -126.58 55.85 -16.12
C THR G 42 -127.31 54.59 -16.56
N GLN G 43 -128.58 54.48 -16.16
CA GLN G 43 -129.37 53.31 -16.49
C GLN G 43 -129.73 53.28 -17.97
N ASP G 44 -129.91 54.43 -18.59
CA ASP G 44 -130.27 54.49 -20.00
C ASP G 44 -129.12 54.03 -20.87
N THR G 45 -127.90 54.42 -20.51
CA THR G 45 -126.74 53.94 -21.25
C THR G 45 -126.58 52.45 -21.08
N TRP G 46 -126.86 51.97 -19.87
CA TRP G 46 -126.78 50.54 -19.57
C TRP G 46 -127.81 49.77 -20.38
N ARG G 47 -129.04 50.27 -20.41
CA ARG G 47 -130.12 49.63 -21.14
C ARG G 47 -129.84 49.56 -22.63
N LYS G 48 -129.33 50.65 -23.20
CA LYS G 48 -129.04 50.66 -24.64
C LYS G 48 -127.99 49.61 -24.98
N LEU G 49 -126.99 49.49 -24.11
CA LEU G 49 -125.92 48.53 -24.31
C LEU G 49 -126.40 47.10 -24.13
N HIS G 50 -127.29 46.88 -23.17
CA HIS G 50 -127.89 45.57 -22.99
C HIS G 50 -128.67 45.21 -24.25
N GLU G 51 -129.48 46.15 -24.72
CA GLU G 51 -130.27 45.93 -25.92
C GLU G 51 -129.40 45.72 -27.14
N ALA G 52 -128.28 46.44 -27.22
CA ALA G 52 -127.36 46.27 -28.33
C ALA G 52 -126.82 44.85 -28.37
N VAL G 53 -126.50 44.30 -27.21
CA VAL G 53 -126.04 42.92 -27.17
C VAL G 53 -127.13 42.00 -27.69
N ARG G 54 -128.37 42.23 -27.24
CA ARG G 54 -129.49 41.42 -27.70
C ARG G 54 -129.72 41.61 -29.20
N ALA G 55 -129.47 42.82 -29.69
CA ALA G 55 -129.61 43.11 -31.11
C ALA G 55 -128.54 42.41 -31.94
N VAL G 56 -127.34 42.25 -31.37
CA VAL G 56 -126.26 41.53 -32.03
C VAL G 56 -126.56 40.04 -32.07
N GLN G 57 -127.12 39.53 -30.97
CA GLN G 57 -127.46 38.13 -30.86
C GLN G 57 -128.35 37.68 -32.02
N SER G 58 -128.15 36.45 -32.46
CA SER G 58 -128.86 35.90 -33.62
C SER G 58 -128.48 36.62 -34.92
N SER G 59 -127.39 37.38 -34.87
CA SER G 59 -126.82 38.09 -36.02
C SER G 59 -127.80 39.05 -36.68
N THR G 60 -128.57 39.76 -35.85
CA THR G 60 -129.50 40.77 -36.36
C THR G 60 -128.90 42.18 -36.31
N SER G 61 -129.64 43.14 -36.88
CA SER G 61 -129.19 44.53 -36.95
C SER G 61 -129.36 45.23 -35.60
N ILE G 62 -128.70 46.38 -35.46
CA ILE G 62 -128.74 47.12 -34.20
C ILE G 62 -129.52 48.42 -34.36
N ARG G 63 -130.48 48.64 -33.46
CA ARG G 63 -131.33 49.82 -33.47
C ARG G 63 -130.54 51.10 -33.20
N TYR G 64 -129.54 51.00 -32.34
CA TYR G 64 -128.72 52.14 -31.96
C TYR G 64 -127.46 52.18 -32.83
N ASN G 65 -126.93 53.37 -33.06
CA ASN G 65 -125.70 53.47 -33.84
C ASN G 65 -124.51 52.98 -33.03
N LEU G 66 -123.51 52.45 -33.72
CA LEU G 66 -122.35 51.88 -33.04
C LEU G 66 -121.60 52.92 -32.23
N GLU G 67 -121.48 54.13 -32.74
CA GLU G 67 -120.78 55.19 -32.03
C GLU G 67 -121.57 55.65 -30.81
N GLU G 68 -122.90 55.70 -30.94
CA GLU G 68 -123.75 56.13 -29.84
C GLU G 68 -123.59 55.16 -28.69
N LEU G 69 -123.54 53.88 -29.01
CA LEU G 69 -123.38 52.84 -28.01
C LEU G 69 -121.98 52.90 -27.43
N TYR G 70 -120.98 53.13 -28.27
CA TYR G 70 -119.63 53.25 -27.75
C TYR G 70 -119.56 54.34 -26.70
N GLN G 71 -120.15 55.49 -27.00
CA GLN G 71 -120.12 56.59 -26.04
C GLN G 71 -120.86 56.18 -24.77
N ALA G 72 -121.93 55.41 -24.92
CA ALA G 72 -122.65 54.89 -23.76
C ALA G 72 -121.72 54.04 -22.90
N VAL G 73 -120.80 53.33 -23.52
CA VAL G 73 -119.84 52.50 -22.79
C VAL G 73 -118.83 53.37 -22.06
N GLU G 74 -118.28 54.35 -22.78
CA GLU G 74 -117.30 55.27 -22.17
C GLU G 74 -117.94 56.01 -21.00
N ASN G 75 -119.22 56.33 -21.15
CA ASN G 75 -119.97 57.04 -20.12
C ASN G 75 -120.29 56.14 -18.92
N LEU G 76 -120.73 54.92 -19.20
CA LEU G 76 -121.13 54.02 -18.13
C LEU G 76 -119.93 53.51 -17.35
N CYS G 77 -118.83 53.25 -18.03
CA CYS G 77 -117.67 52.63 -17.39
C CYS G 77 -116.93 53.59 -16.48
N SER G 78 -117.56 53.92 -15.36
CA SER G 78 -117.00 54.84 -14.38
C SER G 78 -116.54 54.13 -13.12
N HIS G 79 -116.29 54.90 -12.08
CA HIS G 79 -115.71 54.37 -10.86
C HIS G 79 -116.72 53.54 -10.09
N LYS G 80 -116.44 52.24 -9.98
CA LYS G 80 -117.32 51.27 -9.34
C LYS G 80 -118.65 51.15 -10.07
N VAL G 81 -118.68 51.55 -11.34
CA VAL G 81 -119.87 51.43 -12.16
C VAL G 81 -119.66 50.38 -13.25
N SER G 82 -118.42 50.31 -13.76
CA SER G 82 -118.07 49.40 -14.86
C SER G 82 -118.57 47.95 -14.71
N PRO G 83 -118.52 47.32 -13.50
CA PRO G 83 -118.95 45.95 -13.27
C PRO G 83 -120.37 45.71 -13.77
N MET G 84 -121.19 46.76 -13.80
CA MET G 84 -122.57 46.63 -14.27
C MET G 84 -122.61 46.15 -15.71
N LEU G 85 -121.72 46.71 -16.52
CA LEU G 85 -121.77 46.46 -17.94
C LEU G 85 -121.17 45.12 -18.29
N TYR G 86 -120.09 44.76 -17.59
CA TYR G 86 -119.44 43.50 -17.87
C TYR G 86 -120.34 42.34 -17.47
N LYS G 87 -120.95 42.44 -16.30
CA LYS G 87 -121.85 41.40 -15.84
C LYS G 87 -123.05 41.27 -16.77
N GLN G 88 -123.56 42.41 -17.23
CA GLN G 88 -124.74 42.39 -18.09
C GLN G 88 -124.46 41.80 -19.46
N LEU G 89 -123.31 42.13 -20.04
CA LEU G 89 -123.00 41.58 -21.35
C LEU G 89 -122.64 40.12 -21.22
N ARG G 90 -122.03 39.77 -20.09
CA ARG G 90 -121.61 38.40 -19.86
C ARG G 90 -122.81 37.49 -19.74
N GLN G 91 -123.81 37.92 -18.98
CA GLN G 91 -125.01 37.12 -18.83
C GLN G 91 -125.78 37.04 -20.13
N ALA G 92 -125.86 38.16 -20.84
CA ALA G 92 -126.59 38.18 -22.10
C ALA G 92 -125.90 37.28 -23.13
N CYS G 93 -124.57 37.32 -23.15
CA CYS G 93 -123.81 36.48 -24.07
C CYS G 93 -123.98 35.01 -23.70
N GLU G 94 -124.01 34.73 -22.39
CA GLU G 94 -124.22 33.38 -21.90
C GLU G 94 -125.58 32.85 -22.31
N ASP G 95 -126.61 33.69 -22.23
CA ASP G 95 -127.96 33.28 -22.60
C ASP G 95 -128.02 32.85 -24.06
N HIS G 96 -127.33 33.61 -24.91
CA HIS G 96 -127.27 33.33 -26.34
C HIS G 96 -126.50 32.06 -26.61
N VAL G 97 -125.35 31.92 -25.97
CA VAL G 97 -124.54 30.72 -26.12
C VAL G 97 -125.31 29.48 -25.71
N GLN G 98 -126.04 29.57 -24.60
CA GLN G 98 -126.85 28.45 -24.14
C GLN G 98 -127.96 28.14 -25.14
N ALA G 99 -128.57 29.18 -25.70
CA ALA G 99 -129.61 28.99 -26.72
C ALA G 99 -129.05 28.26 -27.93
N GLN G 100 -127.77 28.52 -28.24
CA GLN G 100 -127.10 27.95 -29.39
C GLN G 100 -126.71 26.48 -29.23
N ILE G 101 -127.02 25.90 -28.08
CA ILE G 101 -126.77 24.47 -27.92
C ILE G 101 -127.90 23.68 -28.59
N LEU G 102 -129.10 24.24 -28.58
CA LEU G 102 -130.31 23.54 -29.00
C LEU G 102 -130.34 23.07 -30.46
N PRO G 103 -129.82 23.86 -31.43
CA PRO G 103 -129.78 23.52 -32.85
C PRO G 103 -128.96 22.27 -33.13
N PHE G 104 -128.17 21.83 -32.15
CA PHE G 104 -127.32 20.67 -32.32
C PHE G 104 -127.79 19.47 -31.51
N ARG G 105 -128.88 19.65 -30.77
CA ARG G 105 -129.39 18.57 -29.93
C ARG G 105 -130.31 17.68 -30.76
N GLU G 106 -129.68 16.92 -31.66
CA GLU G 106 -130.36 16.15 -32.69
C GLU G 106 -129.65 14.83 -32.92
N ASP G 107 -130.34 13.89 -33.56
CA ASP G 107 -129.74 12.60 -33.91
C ASP G 107 -129.24 12.58 -35.35
N SER G 108 -129.25 13.73 -35.99
CA SER G 108 -128.88 13.88 -37.38
C SER G 108 -127.36 13.94 -37.57
N LEU G 109 -126.70 12.80 -37.47
CA LEU G 109 -125.24 12.75 -37.66
C LEU G 109 -124.88 12.84 -39.13
N ASP G 110 -125.10 14.02 -39.69
CA ASP G 110 -124.74 14.33 -41.07
C ASP G 110 -123.34 14.92 -41.08
N SER G 111 -122.38 14.14 -41.58
CA SER G 111 -120.97 14.48 -41.52
C SER G 111 -120.61 15.76 -42.27
N VAL G 112 -121.51 16.24 -43.12
CA VAL G 112 -121.27 17.46 -43.85
C VAL G 112 -122.10 18.62 -43.29
N LEU G 113 -123.40 18.38 -43.10
CA LEU G 113 -124.29 19.44 -42.64
C LEU G 113 -124.06 19.81 -41.17
N PHE G 114 -123.84 18.82 -40.31
CA PHE G 114 -123.63 19.11 -38.91
C PHE G 114 -122.42 20.00 -38.74
N LEU G 115 -121.34 19.64 -39.45
CA LEU G 115 -120.10 20.37 -39.33
C LEU G 115 -120.27 21.80 -39.83
N LYS G 116 -121.03 21.96 -40.90
CA LYS G 116 -121.31 23.30 -41.41
C LYS G 116 -122.03 24.13 -40.35
N LYS G 117 -123.03 23.54 -39.70
CA LYS G 117 -123.83 24.25 -38.70
C LYS G 117 -123.02 24.70 -37.51
N ILE G 118 -122.15 23.82 -36.99
CA ILE G 118 -121.37 24.16 -35.80
C ILE G 118 -120.24 25.13 -36.13
N ASN G 119 -119.64 24.98 -37.30
CA ASN G 119 -118.62 25.92 -37.73
C ASN G 119 -119.23 27.29 -37.92
N THR G 120 -120.43 27.32 -38.49
CA THR G 120 -121.13 28.58 -38.70
C THR G 120 -121.44 29.21 -37.36
N CYS G 121 -121.90 28.40 -36.43
CA CYS G 121 -122.19 28.89 -35.08
C CYS G 121 -120.96 29.60 -34.51
N TRP G 122 -119.79 28.98 -34.59
CA TRP G 122 -118.57 29.59 -34.09
C TRP G 122 -118.19 30.85 -34.85
N GLN G 123 -118.27 30.81 -36.18
CA GLN G 123 -117.87 31.97 -36.98
C GLN G 123 -118.83 33.13 -36.80
N ASP G 124 -120.11 32.85 -36.64
CA ASP G 124 -121.10 33.87 -36.38
C ASP G 124 -120.94 34.42 -34.97
N HIS G 125 -120.60 33.53 -34.05
CA HIS G 125 -120.35 33.94 -32.67
C HIS G 125 -119.16 34.87 -32.63
N CYS G 126 -118.08 34.51 -33.32
CA CYS G 126 -116.90 35.35 -33.36
C CYS G 126 -117.24 36.73 -33.87
N ARG G 127 -118.02 36.79 -34.95
CA ARG G 127 -118.41 38.08 -35.53
C ARG G 127 -119.23 38.88 -34.54
N GLN G 128 -120.15 38.20 -33.85
CA GLN G 128 -120.98 38.86 -32.86
C GLN G 128 -120.18 39.35 -31.66
N MET G 129 -119.16 38.58 -31.26
CA MET G 129 -118.30 39.00 -30.16
C MET G 129 -117.42 40.16 -30.58
N ILE G 130 -117.06 40.21 -31.85
CA ILE G 130 -116.33 41.34 -32.39
C ILE G 130 -117.20 42.59 -32.40
N MET G 131 -118.45 42.43 -32.85
CA MET G 131 -119.39 43.55 -32.86
C MET G 131 -119.59 44.08 -31.44
N ILE G 132 -119.82 43.18 -30.49
CA ILE G 132 -119.99 43.58 -29.12
C ILE G 132 -118.71 44.17 -28.55
N ARG G 133 -117.58 43.51 -28.78
CA ARG G 133 -116.33 44.02 -28.27
C ARG G 133 -116.03 45.39 -28.84
N SER G 134 -116.34 45.60 -30.12
CA SER G 134 -116.10 46.87 -30.76
C SER G 134 -116.92 47.98 -30.10
N ILE G 135 -118.19 47.69 -29.83
CA ILE G 135 -119.07 48.62 -29.13
C ILE G 135 -118.57 48.85 -27.73
N PHE G 136 -118.13 47.78 -27.09
CA PHE G 136 -117.69 47.75 -25.70
C PHE G 136 -116.17 47.79 -25.60
N LEU G 137 -115.51 48.30 -26.64
CA LEU G 137 -114.06 48.30 -26.66
C LEU G 137 -113.49 49.11 -25.49
N PHE G 138 -114.16 50.18 -25.09
CA PHE G 138 -113.70 50.96 -23.96
C PHE G 138 -113.71 50.11 -22.68
N LEU G 139 -114.81 49.38 -22.46
CA LEU G 139 -114.90 48.48 -21.31
C LEU G 139 -113.79 47.44 -21.39
N ASP G 140 -113.62 46.88 -22.58
CA ASP G 140 -112.71 45.76 -22.80
C ASP G 140 -111.28 46.13 -22.46
N ARG G 141 -110.88 47.35 -22.83
CA ARG G 141 -109.50 47.78 -22.63
C ARG G 141 -109.25 48.43 -21.27
N THR G 142 -110.28 48.53 -20.45
CA THR G 142 -110.14 49.17 -19.15
C THR G 142 -110.49 48.20 -18.04
N TYR G 143 -111.76 48.17 -17.66
CA TYR G 143 -112.23 47.33 -16.57
C TYR G 143 -111.81 45.88 -16.74
N VAL G 144 -111.94 45.38 -17.96
CA VAL G 144 -111.69 43.97 -18.22
C VAL G 144 -110.21 43.67 -18.45
N LEU G 145 -109.56 44.41 -19.36
CA LEU G 145 -108.16 44.16 -19.67
C LEU G 145 -107.26 44.31 -18.46
N GLN G 146 -107.46 45.40 -17.71
CA GLN G 146 -106.59 45.69 -16.58
C GLN G 146 -107.14 45.02 -15.33
N ASN G 147 -107.23 43.69 -15.37
CA ASN G 147 -107.80 42.93 -14.22
C ASN G 147 -107.42 41.45 -14.38
N SER G 148 -106.80 40.86 -13.35
CA SER G 148 -106.48 39.41 -13.40
C SER G 148 -107.78 38.62 -13.57
N THR G 149 -107.81 37.66 -14.49
CA THR G 149 -109.01 36.81 -14.72
C THR G 149 -110.25 37.68 -14.93
N LEU G 150 -110.13 38.76 -15.73
CA LEU G 150 -111.30 39.32 -16.46
C LEU G 150 -111.13 39.01 -17.96
N PRO G 151 -111.67 37.91 -18.55
CA PRO G 151 -111.41 37.64 -19.96
C PRO G 151 -112.04 38.71 -20.82
N SER G 152 -111.44 38.97 -21.98
CA SER G 152 -111.95 39.98 -22.91
C SER G 152 -113.31 39.57 -23.42
N ILE G 153 -114.01 40.46 -24.10
CA ILE G 153 -115.35 40.10 -24.57
C ILE G 153 -115.28 38.88 -25.48
N TRP G 154 -114.28 38.85 -26.36
CA TRP G 154 -114.08 37.71 -27.24
C TRP G 154 -113.69 36.47 -26.45
N ASP G 155 -112.77 36.63 -25.48
CA ASP G 155 -112.30 35.50 -24.68
C ASP G 155 -113.45 34.91 -23.86
N MET G 156 -114.32 35.78 -23.35
CA MET G 156 -115.44 35.34 -22.56
C MET G 156 -116.44 34.63 -23.43
N GLY G 157 -116.66 35.17 -24.63
CA GLY G 157 -117.53 34.51 -25.59
C GLY G 157 -116.96 33.16 -25.95
N LEU G 158 -115.63 33.09 -26.07
CA LEU G 158 -114.93 31.86 -26.37
C LEU G 158 -115.13 30.84 -25.28
N GLU G 159 -114.92 31.26 -24.03
CA GLU G 159 -115.05 30.35 -22.90
C GLU G 159 -116.48 29.86 -22.75
N LEU G 160 -117.44 30.76 -22.94
CA LEU G 160 -118.83 30.36 -22.86
C LEU G 160 -119.20 29.42 -23.99
N PHE G 161 -118.70 29.71 -25.19
CA PHE G 161 -119.02 28.94 -26.37
C PHE G 161 -118.62 27.48 -26.16
N ARG G 162 -117.41 27.26 -25.67
CA ARG G 162 -116.98 25.89 -25.45
C ARG G 162 -117.60 25.29 -24.19
N THR G 163 -117.86 26.12 -23.19
CA THR G 163 -118.43 25.64 -21.94
C THR G 163 -119.81 25.04 -22.15
N HIS G 164 -120.63 25.67 -22.99
CA HIS G 164 -122.01 25.23 -23.15
C HIS G 164 -122.30 24.51 -24.47
N ILE G 165 -121.61 24.88 -25.55
CA ILE G 165 -121.96 24.29 -26.84
C ILE G 165 -121.04 23.14 -27.20
N ILE G 166 -119.75 23.41 -27.28
CA ILE G 166 -118.81 22.38 -27.73
C ILE G 166 -118.72 21.24 -26.72
N SER G 167 -118.72 21.58 -25.44
CA SER G 167 -118.66 20.58 -24.37
C SER G 167 -119.90 19.70 -24.33
N ASP G 168 -120.99 20.11 -24.98
CA ASP G 168 -122.20 19.33 -24.96
C ASP G 168 -121.96 17.96 -25.56
N LYS G 169 -122.43 16.92 -24.90
CA LYS G 169 -122.20 15.56 -25.34
C LYS G 169 -122.60 15.36 -26.80
N MET G 170 -123.71 15.98 -27.22
CA MET G 170 -124.20 15.79 -28.57
C MET G 170 -123.31 16.50 -29.57
N VAL G 171 -122.87 17.71 -29.20
CA VAL G 171 -122.09 18.53 -30.09
C VAL G 171 -120.69 17.98 -30.29
N GLN G 172 -120.03 17.61 -29.20
CA GLN G 172 -118.66 17.13 -29.33
C GLN G 172 -118.63 15.78 -30.01
N SER G 173 -119.66 14.97 -29.79
CA SER G 173 -119.68 13.65 -30.39
C SER G 173 -119.87 13.75 -31.88
N LYS G 174 -120.78 14.62 -32.32
CA LYS G 174 -121.05 14.75 -33.73
C LYS G 174 -119.97 15.53 -34.44
N THR G 175 -119.36 16.49 -33.75
CA THR G 175 -118.30 17.27 -34.37
C THR G 175 -117.12 16.37 -34.67
N ILE G 176 -116.70 15.57 -33.68
CA ILE G 176 -115.51 14.76 -33.89
C ILE G 176 -115.80 13.58 -34.82
N ASP G 177 -117.01 13.01 -34.72
CA ASP G 177 -117.35 11.90 -35.58
C ASP G 177 -117.49 12.36 -37.03
N GLY G 178 -118.08 13.54 -37.22
CA GLY G 178 -118.23 14.05 -38.57
C GLY G 178 -116.87 14.23 -39.21
N ILE G 179 -115.93 14.80 -38.47
CA ILE G 179 -114.60 15.08 -38.98
C ILE G 179 -113.84 13.80 -39.28
N LEU G 180 -113.80 12.87 -38.32
CA LEU G 180 -113.01 11.66 -38.52
C LEU G 180 -113.64 10.71 -39.52
N LEU G 181 -114.97 10.73 -39.64
CA LEU G 181 -115.66 9.89 -40.62
C LEU G 181 -115.32 10.35 -42.04
N LEU G 182 -115.26 11.66 -42.26
CA LEU G 182 -114.85 12.14 -43.57
C LEU G 182 -113.39 11.76 -43.83
N ILE G 183 -112.56 11.79 -42.80
CA ILE G 183 -111.15 11.43 -42.95
C ILE G 183 -110.97 9.96 -43.31
N GLU G 184 -111.68 9.05 -42.64
CA GLU G 184 -111.51 7.63 -42.96
C GLU G 184 -112.02 7.34 -44.37
N ARG G 185 -113.03 8.09 -44.79
CA ARG G 185 -113.53 7.95 -46.15
C ARG G 185 -112.48 8.40 -47.16
N GLU G 186 -111.82 9.51 -46.85
CA GLU G 186 -110.77 10.04 -47.71
C GLU G 186 -109.65 9.03 -47.90
N ARG G 187 -109.29 8.33 -46.82
CA ARG G 187 -108.22 7.32 -46.87
C ARG G 187 -108.63 6.16 -47.77
N SER G 188 -109.93 5.90 -47.87
CA SER G 188 -110.45 4.82 -48.70
C SER G 188 -110.56 5.23 -50.18
N GLY G 189 -110.27 6.50 -50.47
CA GLY G 189 -110.33 7.00 -51.86
C GLY G 189 -111.58 7.82 -52.16
N GLU G 190 -112.35 8.16 -51.14
CA GLU G 190 -113.55 8.96 -51.33
C GLU G 190 -113.22 10.45 -51.43
N ALA G 191 -114.09 11.19 -52.11
CA ALA G 191 -113.98 12.64 -52.16
C ALA G 191 -114.77 13.25 -51.02
N VAL G 192 -114.10 14.04 -50.18
CA VAL G 192 -114.74 14.62 -49.02
C VAL G 192 -114.52 16.12 -48.94
N ASP G 193 -115.32 16.77 -48.11
CA ASP G 193 -115.23 18.22 -47.95
C ASP G 193 -114.08 18.60 -47.02
N ARG G 194 -112.88 18.70 -47.60
CA ARG G 194 -111.70 19.06 -46.79
C ARG G 194 -111.79 20.49 -46.31
N SER G 195 -112.63 21.30 -46.96
CA SER G 195 -112.84 22.67 -46.55
C SER G 195 -113.53 22.72 -45.20
N LEU G 196 -114.34 21.71 -44.90
CA LEU G 196 -114.96 21.63 -43.59
C LEU G 196 -113.97 21.08 -42.61
N LEU G 197 -113.19 20.09 -43.03
CA LEU G 197 -112.25 19.51 -42.09
C LEU G 197 -111.31 20.59 -41.61
N ARG G 198 -110.91 21.47 -42.52
CA ARG G 198 -110.03 22.58 -42.19
C ARG G 198 -110.68 23.59 -41.26
N SER G 199 -111.88 24.04 -41.59
CA SER G 199 -112.55 25.07 -40.80
C SER G 199 -112.98 24.56 -39.43
N LEU G 200 -113.39 23.30 -39.38
CA LEU G 200 -113.92 22.72 -38.15
C LEU G 200 -112.83 22.43 -37.16
N LEU G 201 -111.69 21.98 -37.66
CA LEU G 201 -110.56 21.73 -36.79
C LEU G 201 -109.95 23.04 -36.33
N GLY G 202 -110.06 24.08 -37.17
CA GLY G 202 -109.68 25.41 -36.78
C GLY G 202 -110.57 25.88 -35.61
N MET G 203 -111.86 25.58 -35.72
CA MET G 203 -112.83 25.90 -34.67
C MET G 203 -112.50 25.17 -33.36
N LEU G 204 -112.23 23.87 -33.44
CA LEU G 204 -111.89 23.12 -32.24
C LEU G 204 -110.58 23.60 -31.64
N SER G 205 -109.67 24.04 -32.50
CA SER G 205 -108.40 24.60 -32.03
C SER G 205 -108.63 25.90 -31.25
N ASP G 206 -109.48 26.78 -31.80
CA ASP G 206 -109.75 28.07 -31.15
C ASP G 206 -110.35 27.89 -29.75
N LEU G 207 -111.21 26.88 -29.61
CA LEU G 207 -111.88 26.64 -28.34
C LEU G 207 -111.02 25.81 -27.39
N GLN G 208 -109.84 25.40 -27.86
CA GLN G 208 -108.95 24.53 -27.09
C GLN G 208 -109.63 23.23 -26.71
N VAL G 209 -110.39 22.65 -27.64
CA VAL G 209 -111.07 21.38 -27.43
C VAL G 209 -110.48 20.28 -28.28
N TYR G 210 -109.89 20.65 -29.41
CA TYR G 210 -109.32 19.68 -30.34
C TYR G 210 -108.50 18.62 -29.62
N LYS G 211 -107.59 19.07 -28.76
CA LYS G 211 -106.66 18.19 -28.08
C LYS G 211 -107.33 17.20 -27.12
N ASP G 212 -108.53 17.53 -26.65
CA ASP G 212 -109.19 16.69 -25.64
C ASP G 212 -110.27 15.79 -26.24
N SER G 213 -111.04 16.30 -27.19
CA SER G 213 -112.18 15.55 -27.70
C SER G 213 -111.93 14.91 -29.05
N PHE G 214 -111.13 15.54 -29.90
CA PHE G 214 -110.97 15.05 -31.26
C PHE G 214 -109.75 14.19 -31.45
N GLU G 215 -108.58 14.74 -31.11
CA GLU G 215 -107.33 14.11 -31.50
C GLU G 215 -107.20 12.66 -31.05
N LEU G 216 -107.64 12.37 -29.83
CA LEU G 216 -107.45 11.02 -29.32
C LEU G 216 -108.32 9.98 -30.04
N LYS G 217 -109.61 10.26 -30.17
CA LYS G 217 -110.48 9.32 -30.88
C LYS G 217 -110.02 9.23 -32.33
N PHE G 218 -109.61 10.37 -32.87
CA PHE G 218 -109.15 10.44 -34.24
C PHE G 218 -107.90 9.60 -34.48
N LEU G 219 -106.88 9.73 -33.64
CA LEU G 219 -105.65 9.02 -33.90
C LEU G 219 -105.84 7.53 -33.72
N GLU G 220 -106.72 7.13 -32.79
CA GLU G 220 -106.93 5.72 -32.57
C GLU G 220 -107.58 5.06 -33.78
N GLU G 221 -108.56 5.74 -34.38
CA GLU G 221 -109.23 5.19 -35.56
C GLU G 221 -108.34 5.29 -36.78
N THR G 222 -107.58 6.37 -36.86
CA THR G 222 -106.72 6.63 -38.00
C THR G 222 -105.57 5.63 -38.03
N ASN G 223 -105.04 5.29 -36.86
CA ASN G 223 -103.96 4.33 -36.75
C ASN G 223 -104.45 2.93 -37.10
N CYS G 224 -105.73 2.65 -36.80
CA CYS G 224 -106.33 1.38 -37.16
C CYS G 224 -106.42 1.25 -38.68
N LEU G 225 -106.72 2.36 -39.35
CA LEU G 225 -106.79 2.34 -40.81
C LEU G 225 -105.42 2.03 -41.38
N TYR G 226 -104.37 2.61 -40.80
CA TYR G 226 -103.03 2.38 -41.32
C TYR G 226 -102.69 0.90 -41.27
N ALA G 227 -103.08 0.25 -40.17
CA ALA G 227 -102.83 -1.18 -40.03
C ALA G 227 -103.58 -1.98 -41.08
N ALA G 228 -104.83 -1.62 -41.31
CA ALA G 228 -105.66 -2.28 -42.31
C ALA G 228 -105.12 -2.06 -43.71
N GLU G 229 -104.64 -0.85 -43.97
CA GLU G 229 -104.13 -0.48 -45.29
C GLU G 229 -102.91 -1.29 -45.65
N GLY G 230 -102.01 -1.50 -44.69
CA GLY G 230 -100.80 -2.27 -44.94
C GLY G 230 -101.13 -3.70 -45.33
N GLN G 231 -101.97 -4.33 -44.51
CA GLN G 231 -102.29 -5.74 -44.71
C GLN G 231 -103.02 -5.98 -46.02
N ARG G 232 -103.85 -5.02 -46.44
CA ARG G 232 -104.62 -5.16 -47.65
C ARG G 232 -103.83 -4.76 -48.90
N LEU G 233 -103.26 -3.55 -48.88
CA LEU G 233 -102.68 -2.97 -50.08
C LEU G 233 -101.53 -3.80 -50.64
N MET G 234 -100.72 -4.36 -49.76
CA MET G 234 -99.55 -5.14 -50.20
C MET G 234 -99.97 -6.37 -51.00
N GLN G 235 -101.20 -6.83 -50.79
CA GLN G 235 -101.66 -8.06 -51.40
C GLN G 235 -102.61 -7.80 -52.58
N GLU G 236 -102.80 -6.53 -52.95
CA GLU G 236 -103.71 -6.22 -54.04
C GLU G 236 -103.04 -6.25 -55.41
N ARG G 237 -101.99 -5.45 -55.59
CA ARG G 237 -101.38 -5.33 -56.92
C ARG G 237 -100.29 -6.35 -57.16
N GLU G 238 -100.67 -7.62 -57.15
CA GLU G 238 -99.74 -8.72 -57.45
C GLU G 238 -98.43 -8.64 -56.66
N VAL G 239 -98.53 -8.45 -55.35
CA VAL G 239 -97.33 -8.35 -54.52
C VAL G 239 -96.33 -7.35 -55.11
N PRO G 240 -96.70 -6.07 -55.14
CA PRO G 240 -96.05 -4.97 -55.82
C PRO G 240 -94.80 -4.52 -55.09
N GLU G 241 -94.03 -3.63 -55.72
CA GLU G 241 -92.96 -2.96 -55.00
C GLU G 241 -93.61 -2.06 -53.98
N TYR G 242 -93.95 -2.64 -52.83
CA TYR G 242 -94.82 -2.02 -51.85
C TYR G 242 -94.31 -0.72 -51.28
N LEU G 243 -93.00 -0.51 -51.35
CA LEU G 243 -92.43 0.70 -50.80
C LEU G 243 -93.01 1.93 -51.49
N ASN G 244 -93.55 1.76 -52.70
CA ASN G 244 -94.19 2.85 -53.39
C ASN G 244 -95.49 3.25 -52.70
N HIS G 245 -96.16 2.26 -52.10
CA HIS G 245 -97.39 2.50 -51.36
C HIS G 245 -97.07 3.10 -50.00
N VAL G 246 -95.92 2.73 -49.46
CA VAL G 246 -95.51 3.22 -48.15
C VAL G 246 -95.27 4.72 -48.25
N SER G 247 -94.52 5.12 -49.28
CA SER G 247 -94.23 6.52 -49.49
C SER G 247 -95.49 7.29 -49.88
N LYS G 248 -96.30 6.71 -50.76
CA LYS G 248 -97.52 7.39 -51.21
C LYS G 248 -98.43 7.69 -50.03
N ARG G 249 -98.67 6.70 -49.18
CA ARG G 249 -99.59 6.84 -48.08
C ARG G 249 -99.08 7.77 -46.99
N LEU G 250 -97.79 7.70 -46.70
CA LEU G 250 -97.21 8.57 -45.68
C LEU G 250 -97.19 10.02 -46.17
N GLU G 251 -96.84 10.22 -47.45
CA GLU G 251 -96.81 11.56 -48.01
C GLU G 251 -98.20 12.19 -48.01
N GLU G 252 -99.20 11.38 -48.35
CA GLU G 252 -100.58 11.87 -48.32
C GLU G 252 -100.97 12.29 -46.91
N GLU G 253 -100.54 11.53 -45.90
CA GLU G 253 -100.81 11.94 -44.53
C GLU G 253 -100.05 13.22 -44.23
N GLY G 254 -98.83 13.32 -44.75
CA GLY G 254 -98.00 14.50 -44.59
C GLY G 254 -98.70 15.75 -45.11
N ASP G 255 -99.52 15.60 -46.15
CA ASP G 255 -100.27 16.73 -46.66
C ASP G 255 -101.51 17.02 -45.82
N ARG G 256 -102.17 15.96 -45.34
CA ARG G 256 -103.40 16.10 -44.56
C ARG G 256 -103.14 16.73 -43.20
N VAL G 257 -101.97 16.45 -42.63
CA VAL G 257 -101.58 17.02 -41.35
C VAL G 257 -101.28 18.51 -41.45
N ILE G 258 -101.16 19.00 -42.68
CA ILE G 258 -100.97 20.42 -42.91
C ILE G 258 -102.29 21.05 -43.34
N THR G 259 -103.01 20.33 -44.20
CA THR G 259 -104.22 20.82 -44.83
C THR G 259 -105.33 21.13 -43.83
N TYR G 260 -105.55 20.23 -42.85
CA TYR G 260 -106.63 20.45 -41.92
C TYR G 260 -106.37 20.02 -40.46
N LEU G 261 -105.50 19.05 -40.24
CA LEU G 261 -105.24 18.60 -38.86
C LEU G 261 -104.24 19.51 -38.20
N ASP G 262 -104.21 19.50 -36.87
CA ASP G 262 -103.14 20.16 -36.16
C ASP G 262 -101.86 19.36 -36.39
N HIS G 263 -100.86 19.98 -36.99
CA HIS G 263 -99.67 19.29 -37.47
C HIS G 263 -98.87 18.65 -36.36
N SER G 264 -99.12 19.05 -35.12
CA SER G 264 -98.40 18.45 -33.99
C SER G 264 -98.80 16.99 -33.82
N THR G 265 -99.93 16.60 -34.44
CA THR G 265 -100.44 15.24 -34.39
C THR G 265 -99.69 14.36 -35.39
N GLN G 266 -98.96 14.99 -36.30
CA GLN G 266 -98.28 14.30 -37.38
C GLN G 266 -97.31 13.24 -36.88
N LYS G 267 -96.61 13.54 -35.79
CA LYS G 267 -95.56 12.64 -35.34
C LYS G 267 -96.05 11.21 -35.10
N PRO G 268 -97.07 10.97 -34.27
CA PRO G 268 -97.63 9.66 -34.03
C PRO G 268 -98.37 9.09 -35.23
N LEU G 269 -98.88 9.94 -36.12
CA LEU G 269 -99.59 9.40 -37.27
C LEU G 269 -98.63 8.84 -38.30
N ILE G 270 -97.57 9.59 -38.59
CA ILE G 270 -96.64 9.15 -39.62
C ILE G 270 -95.78 8.02 -39.09
N ALA G 271 -95.51 8.03 -37.78
CA ALA G 271 -94.80 6.92 -37.17
C ALA G 271 -95.63 5.65 -37.33
N CYS G 272 -96.94 5.76 -37.14
CA CYS G 272 -97.82 4.63 -37.31
C CYS G 272 -97.94 4.20 -38.76
N VAL G 273 -97.89 5.16 -39.68
CA VAL G 273 -97.96 4.79 -41.09
C VAL G 273 -96.75 3.96 -41.48
N GLU G 274 -95.56 4.39 -41.10
CA GLU G 274 -94.38 3.64 -41.49
C GLU G 274 -94.32 2.31 -40.76
N LYS G 275 -94.67 2.30 -39.48
CA LYS G 275 -94.66 1.06 -38.71
C LYS G 275 -95.63 0.05 -39.31
N GLN G 276 -96.81 0.50 -39.72
CA GLN G 276 -97.81 -0.41 -40.25
C GLN G 276 -97.60 -0.79 -41.71
N LEU G 277 -97.01 0.10 -42.51
CA LEU G 277 -96.87 -0.18 -43.93
C LEU G 277 -95.48 -0.73 -44.29
N LEU G 278 -94.45 -0.35 -43.53
CA LEU G 278 -93.09 -0.79 -43.82
C LEU G 278 -92.56 -1.74 -42.74
N GLY G 279 -92.72 -1.35 -41.49
CA GLY G 279 -92.17 -2.11 -40.36
C GLY G 279 -92.74 -3.53 -40.31
N GLU G 280 -94.07 -3.62 -40.28
CA GLU G 280 -94.75 -4.90 -40.20
C GLU G 280 -94.49 -5.77 -41.42
N HIS G 281 -94.12 -5.14 -42.52
CA HIS G 281 -93.93 -5.83 -43.78
C HIS G 281 -92.46 -5.88 -44.21
N LEU G 282 -91.53 -5.62 -43.28
CA LEU G 282 -90.12 -5.62 -43.63
C LEU G 282 -89.70 -6.90 -44.34
N THR G 283 -89.96 -8.04 -43.70
CA THR G 283 -89.47 -9.29 -44.24
C THR G 283 -90.38 -9.81 -45.34
N ALA G 284 -91.65 -9.39 -45.33
CA ALA G 284 -92.56 -9.79 -46.39
C ALA G 284 -92.11 -9.22 -47.72
N ILE G 285 -91.66 -7.97 -47.71
CA ILE G 285 -91.22 -7.29 -48.90
C ILE G 285 -89.86 -7.81 -49.36
N LEU G 286 -88.94 -7.95 -48.40
CA LEU G 286 -87.60 -8.41 -48.73
C LEU G 286 -87.61 -9.82 -49.32
N GLN G 287 -88.40 -10.69 -48.70
CA GLN G 287 -88.46 -12.08 -49.16
C GLN G 287 -89.10 -12.21 -50.53
N LYS G 288 -90.10 -11.39 -50.81
CA LYS G 288 -90.80 -11.46 -52.08
C LYS G 288 -90.08 -10.73 -53.21
N GLY G 289 -89.41 -9.62 -52.89
CA GLY G 289 -88.86 -8.78 -53.95
C GLY G 289 -87.34 -8.79 -54.09
N LEU G 290 -86.61 -8.93 -53.00
CA LEU G 290 -85.16 -8.68 -53.08
C LEU G 290 -84.41 -9.74 -53.89
N ASP G 291 -84.76 -11.01 -53.73
CA ASP G 291 -84.02 -12.07 -54.42
C ASP G 291 -84.12 -11.90 -55.92
N HIS G 292 -85.30 -11.52 -56.39
CA HIS G 292 -85.54 -11.26 -57.80
C HIS G 292 -84.73 -10.07 -58.30
N LEU G 293 -84.80 -8.97 -57.56
CA LEU G 293 -84.16 -7.74 -57.96
C LEU G 293 -82.64 -7.91 -58.01
N LEU G 294 -82.10 -8.68 -57.06
CA LEU G 294 -80.66 -8.91 -57.02
C LEU G 294 -80.22 -9.71 -58.24
N ASP G 295 -81.00 -10.72 -58.61
CA ASP G 295 -80.64 -11.57 -59.73
C ASP G 295 -80.69 -10.83 -61.06
N GLU G 296 -81.65 -9.92 -61.19
CA GLU G 296 -81.79 -9.13 -62.41
C GLU G 296 -80.98 -7.85 -62.36
N ASN G 297 -80.30 -7.61 -61.24
CA ASN G 297 -79.56 -6.37 -61.01
C ASN G 297 -80.44 -5.17 -61.26
N ARG G 298 -81.66 -5.20 -60.73
CA ARG G 298 -82.58 -4.09 -60.89
C ARG G 298 -82.25 -2.98 -59.92
N VAL G 299 -81.18 -2.26 -60.24
CA VAL G 299 -80.57 -1.28 -59.37
C VAL G 299 -81.53 -0.21 -58.81
N PRO G 300 -82.38 0.43 -59.63
CA PRO G 300 -83.33 1.45 -59.20
C PRO G 300 -84.23 0.97 -58.05
N ASP G 301 -84.58 -0.31 -58.07
CA ASP G 301 -85.49 -0.86 -57.06
C ASP G 301 -84.70 -1.33 -55.85
N LEU G 302 -83.50 -1.82 -56.10
CA LEU G 302 -82.62 -2.24 -55.02
C LEU G 302 -82.22 -1.02 -54.21
N ALA G 303 -82.00 0.09 -54.90
CA ALA G 303 -81.64 1.34 -54.25
C ALA G 303 -82.75 1.82 -53.35
N GLN G 304 -84.00 1.72 -53.82
CA GLN G 304 -85.11 2.13 -52.99
C GLN G 304 -85.21 1.26 -51.75
N MET G 305 -85.04 -0.04 -51.90
CA MET G 305 -85.16 -0.95 -50.77
C MET G 305 -84.07 -0.69 -49.74
N TYR G 306 -82.84 -0.47 -50.20
CA TYR G 306 -81.77 -0.16 -49.26
C TYR G 306 -82.08 1.12 -48.50
N GLN G 307 -82.49 2.15 -49.21
CA GLN G 307 -82.75 3.47 -48.63
C GLN G 307 -83.95 3.48 -47.67
N LEU G 308 -85.02 2.79 -48.05
CA LEU G 308 -86.25 2.80 -47.26
C LEU G 308 -86.15 1.90 -46.04
N PHE G 309 -85.48 0.77 -46.18
CA PHE G 309 -85.32 -0.14 -45.07
C PHE G 309 -84.12 0.29 -44.24
N SER G 310 -84.28 1.42 -43.55
CA SER G 310 -83.21 2.02 -42.78
C SER G 310 -83.71 2.72 -41.51
N ARG G 311 -84.98 2.52 -41.16
CA ARG G 311 -85.57 3.25 -40.04
C ARG G 311 -86.21 2.36 -38.97
N VAL G 312 -87.52 2.13 -39.10
CA VAL G 312 -88.34 1.57 -38.02
C VAL G 312 -87.85 0.21 -37.52
N ARG G 313 -87.45 -0.66 -38.44
CA ARG G 313 -86.97 -1.98 -38.06
C ARG G 313 -85.49 -2.15 -38.32
N GLY G 314 -84.78 -1.05 -38.52
CA GLY G 314 -83.36 -1.11 -38.85
C GLY G 314 -83.18 -1.37 -40.33
N GLY G 315 -83.77 -2.46 -40.81
CA GLY G 315 -83.80 -2.79 -42.24
C GLY G 315 -82.53 -3.47 -42.70
N GLN G 316 -81.40 -2.86 -42.35
CA GLN G 316 -80.10 -3.43 -42.66
C GLN G 316 -79.96 -4.72 -41.87
N GLN G 317 -79.06 -5.60 -42.33
CA GLN G 317 -78.91 -6.94 -41.76
C GLN G 317 -79.96 -7.88 -42.33
N ALA G 318 -81.23 -7.49 -42.25
CA ALA G 318 -82.28 -8.25 -42.94
C ALA G 318 -82.01 -8.25 -44.45
N LEU G 319 -81.60 -7.09 -44.96
CA LEU G 319 -81.18 -6.96 -46.36
C LEU G 319 -79.94 -7.81 -46.63
N LEU G 320 -79.04 -7.82 -45.65
CA LEU G 320 -77.76 -8.52 -45.75
C LEU G 320 -77.96 -10.02 -45.81
N GLN G 321 -78.93 -10.53 -45.05
CA GLN G 321 -79.17 -11.97 -44.98
C GLN G 321 -79.68 -12.54 -46.29
N HIS G 322 -80.63 -11.85 -46.93
CA HIS G 322 -81.14 -12.36 -48.19
C HIS G 322 -80.09 -12.20 -49.27
N TRP G 323 -79.36 -11.09 -49.22
CA TRP G 323 -78.29 -10.81 -50.14
C TRP G 323 -77.18 -11.87 -50.06
N SER G 324 -76.78 -12.21 -48.82
CA SER G 324 -75.75 -13.21 -48.61
C SER G 324 -76.17 -14.58 -49.12
N GLU G 325 -77.43 -14.95 -48.87
CA GLU G 325 -77.93 -16.24 -49.32
C GLU G 325 -77.86 -16.36 -50.84
N TYR G 326 -78.19 -15.27 -51.53
CA TYR G 326 -78.09 -15.23 -52.98
C TYR G 326 -76.66 -15.51 -53.42
N ILE G 327 -75.71 -14.83 -52.81
CA ILE G 327 -74.32 -14.95 -53.25
C ILE G 327 -73.79 -16.34 -53.06
N LYS G 328 -74.02 -16.91 -51.87
CA LYS G 328 -73.50 -18.24 -51.58
C LYS G 328 -74.15 -19.29 -52.45
N THR G 329 -75.45 -19.15 -52.69
CA THR G 329 -76.16 -20.13 -53.51
C THR G 329 -75.63 -20.15 -54.94
N PHE G 330 -75.49 -18.97 -55.53
CA PHE G 330 -75.07 -18.85 -56.92
C PHE G 330 -73.57 -19.08 -57.08
N GLY G 331 -72.79 -18.55 -56.15
CA GLY G 331 -71.35 -18.72 -56.19
C GLY G 331 -70.96 -20.18 -56.04
N THR G 332 -71.65 -20.89 -55.13
CA THR G 332 -71.39 -22.29 -54.90
C THR G 332 -71.64 -23.09 -56.16
N ALA G 333 -72.71 -22.77 -56.86
CA ALA G 333 -73.10 -23.48 -58.08
C ALA G 333 -71.98 -23.50 -59.12
N ILE G 334 -71.11 -22.51 -59.11
CA ILE G 334 -70.04 -22.45 -60.09
C ILE G 334 -68.84 -23.26 -59.62
N VAL G 335 -68.39 -23.01 -58.41
CA VAL G 335 -67.19 -23.63 -57.88
C VAL G 335 -67.37 -25.12 -57.63
N ILE G 336 -68.60 -25.52 -57.29
CA ILE G 336 -68.90 -26.89 -56.91
C ILE G 336 -69.04 -27.82 -58.11
N ASN G 337 -69.02 -27.29 -59.33
CA ASN G 337 -69.25 -28.09 -60.53
C ASN G 337 -68.09 -28.09 -61.53
N PRO G 338 -67.16 -29.07 -61.42
CA PRO G 338 -65.96 -29.27 -62.24
C PRO G 338 -66.27 -29.46 -63.72
N GLU G 339 -67.51 -29.79 -64.04
CA GLU G 339 -67.91 -29.98 -65.44
C GLU G 339 -67.69 -28.72 -66.26
N LYS G 340 -67.64 -27.58 -65.58
CA LYS G 340 -67.41 -26.30 -66.23
C LYS G 340 -66.08 -25.71 -65.78
N ASP G 341 -65.16 -26.56 -65.34
CA ASP G 341 -63.88 -26.13 -64.80
C ASP G 341 -63.19 -25.11 -65.66
N LYS G 342 -63.22 -25.32 -66.98
CA LYS G 342 -62.49 -24.45 -67.90
C LYS G 342 -62.91 -22.99 -67.80
N ASP G 343 -64.14 -22.75 -67.35
CA ASP G 343 -64.68 -21.39 -67.22
C ASP G 343 -64.91 -21.00 -65.76
N MET G 344 -64.52 -21.87 -64.84
CA MET G 344 -64.84 -21.69 -63.44
C MET G 344 -64.23 -20.42 -62.86
N VAL G 345 -63.01 -20.11 -63.26
CA VAL G 345 -62.34 -18.92 -62.75
C VAL G 345 -63.04 -17.67 -63.22
N GLN G 346 -63.41 -17.65 -64.50
CA GLN G 346 -64.05 -16.49 -65.09
C GLN G 346 -65.48 -16.32 -64.58
N ASP G 347 -66.17 -17.42 -64.33
CA ASP G 347 -67.52 -17.35 -63.82
C ASP G 347 -67.55 -16.88 -62.37
N LEU G 348 -66.59 -17.33 -61.55
CA LEU G 348 -66.51 -16.87 -60.18
C LEU G 348 -66.12 -15.41 -60.10
N LEU G 349 -65.21 -14.98 -60.97
CA LEU G 349 -64.82 -13.57 -61.03
C LEU G 349 -65.98 -12.70 -61.49
N ASP G 350 -66.76 -13.20 -62.44
CA ASP G 350 -67.91 -12.44 -62.94
C ASP G 350 -68.96 -12.30 -61.84
N PHE G 351 -69.17 -13.37 -61.07
CA PHE G 351 -70.13 -13.33 -60.00
C PHE G 351 -69.68 -12.35 -58.91
N LYS G 352 -68.38 -12.35 -58.63
CA LYS G 352 -67.84 -11.42 -57.64
C LYS G 352 -68.07 -9.97 -58.05
N ASP G 353 -67.82 -9.67 -59.33
CA ASP G 353 -68.02 -8.30 -59.80
C ASP G 353 -69.48 -7.90 -59.80
N LYS G 354 -70.37 -8.83 -60.17
CA LYS G 354 -71.80 -8.54 -60.18
C LYS G 354 -72.27 -8.15 -58.78
N VAL G 355 -71.81 -8.89 -57.79
CA VAL G 355 -72.18 -8.61 -56.40
C VAL G 355 -71.63 -7.27 -55.94
N ASP G 356 -70.36 -7.01 -56.26
CA ASP G 356 -69.73 -5.77 -55.85
C ASP G 356 -70.39 -4.57 -56.54
N HIS G 357 -70.81 -4.76 -57.79
CA HIS G 357 -71.51 -3.72 -58.53
C HIS G 357 -72.80 -3.35 -57.83
N VAL G 358 -73.57 -4.35 -57.42
CA VAL G 358 -74.83 -4.11 -56.73
C VAL G 358 -74.61 -3.31 -55.46
N ILE G 359 -73.61 -3.67 -54.69
CA ILE G 359 -73.37 -2.96 -53.45
C ILE G 359 -72.90 -1.53 -53.70
N GLU G 360 -72.03 -1.35 -54.67
CA GLU G 360 -71.54 -0.01 -54.98
C GLU G 360 -72.66 0.94 -55.40
N VAL G 361 -73.55 0.47 -56.27
CA VAL G 361 -74.53 1.37 -56.88
C VAL G 361 -75.82 1.57 -56.08
N CYS G 362 -76.37 0.51 -55.48
CA CYS G 362 -77.65 0.64 -54.79
C CYS G 362 -77.57 0.53 -53.27
N PHE G 363 -76.58 -0.18 -52.75
CA PHE G 363 -76.46 -0.30 -51.30
C PHE G 363 -75.45 0.68 -50.76
N GLN G 364 -75.04 1.60 -51.63
CA GLN G 364 -74.22 2.76 -51.27
C GLN G 364 -72.91 2.37 -50.60
N LYS G 365 -72.32 1.26 -51.04
CA LYS G 365 -71.06 0.79 -50.48
C LYS G 365 -71.13 0.57 -48.98
N ASN G 366 -72.27 0.10 -48.48
CA ASN G 366 -72.42 -0.18 -47.07
C ASN G 366 -71.49 -1.31 -46.64
N GLU G 367 -70.67 -1.05 -45.62
CA GLU G 367 -69.61 -1.95 -45.19
C GLU G 367 -70.13 -3.31 -44.75
N ARG G 368 -71.41 -3.39 -44.41
CA ARG G 368 -72.01 -4.66 -44.01
C ARG G 368 -71.95 -5.66 -45.14
N PHE G 369 -72.08 -5.15 -46.36
CA PHE G 369 -72.17 -5.99 -47.53
C PHE G 369 -70.79 -6.10 -48.18
N VAL G 370 -69.99 -5.05 -48.04
CA VAL G 370 -68.67 -5.06 -48.66
C VAL G 370 -67.77 -6.10 -48.00
N ASN G 371 -67.76 -6.10 -46.68
CA ASN G 371 -66.90 -7.02 -45.94
C ASN G 371 -67.40 -8.45 -46.05
N LEU G 372 -68.72 -8.62 -46.10
CA LEU G 372 -69.30 -9.95 -46.16
C LEU G 372 -69.09 -10.55 -47.55
N MET G 373 -69.18 -9.73 -48.59
CA MET G 373 -68.97 -10.23 -49.94
C MET G 373 -67.67 -11.00 -49.99
N LYS G 374 -66.59 -10.38 -49.52
CA LYS G 374 -65.28 -11.03 -49.56
C LYS G 374 -65.29 -12.34 -48.78
N GLU G 375 -65.87 -12.32 -47.57
CA GLU G 375 -65.88 -13.52 -46.73
C GLU G 375 -66.69 -14.66 -47.36
N SER G 376 -67.82 -14.32 -47.98
CA SER G 376 -68.67 -15.33 -48.60
C SER G 376 -67.95 -15.97 -49.77
N PHE G 377 -67.25 -15.15 -50.55
CA PHE G 377 -66.52 -15.65 -51.70
C PHE G 377 -65.33 -16.49 -51.29
N GLU G 378 -64.60 -16.08 -50.26
CA GLU G 378 -63.48 -16.92 -49.81
C GLU G 378 -64.00 -18.27 -49.36
N THR G 379 -65.15 -18.26 -48.68
CA THR G 379 -65.74 -19.47 -48.12
C THR G 379 -66.05 -20.53 -49.17
N PHE G 380 -66.67 -20.12 -50.29
CA PHE G 380 -67.00 -21.13 -51.30
C PHE G 380 -66.00 -21.25 -52.45
N ILE G 381 -65.19 -20.22 -52.70
CA ILE G 381 -64.22 -20.37 -53.77
C ILE G 381 -63.26 -21.51 -53.45
N ASN G 382 -62.83 -21.59 -52.20
CA ASN G 382 -61.98 -22.69 -51.77
C ASN G 382 -62.84 -23.89 -51.37
N LYS G 383 -63.62 -24.42 -52.32
CA LYS G 383 -64.54 -25.53 -52.07
C LYS G 383 -63.99 -26.85 -52.62
N ARG G 384 -63.21 -26.76 -53.68
CA ARG G 384 -62.63 -27.94 -54.32
C ARG G 384 -61.22 -28.10 -53.76
N PRO G 385 -60.52 -29.21 -54.04
CA PRO G 385 -59.14 -29.44 -53.65
C PRO G 385 -58.20 -28.57 -54.48
N ASN G 386 -58.39 -27.26 -54.34
CA ASN G 386 -57.66 -26.23 -55.03
C ASN G 386 -57.69 -26.33 -56.55
N LYS G 387 -58.86 -26.64 -57.10
CA LYS G 387 -58.98 -26.72 -58.55
C LYS G 387 -58.66 -25.40 -59.26
N PRO G 388 -59.15 -24.24 -58.78
CA PRO G 388 -58.95 -22.93 -59.36
C PRO G 388 -57.49 -22.60 -59.62
N ALA G 389 -56.57 -23.13 -58.80
CA ALA G 389 -55.16 -22.82 -58.98
C ALA G 389 -54.62 -23.40 -60.28
N GLU G 390 -55.12 -24.58 -60.66
CA GLU G 390 -54.70 -25.22 -61.90
C GLU G 390 -55.22 -24.42 -63.06
N LEU G 391 -56.48 -24.00 -62.93
CA LEU G 391 -57.15 -23.23 -63.95
C LEU G 391 -56.49 -21.88 -64.12
N ILE G 392 -56.08 -21.27 -63.02
CA ILE G 392 -55.37 -20.01 -63.07
C ILE G 392 -54.06 -20.16 -63.80
N ALA G 393 -53.30 -21.21 -63.48
CA ALA G 393 -52.03 -21.42 -64.16
C ALA G 393 -52.23 -21.60 -65.66
N LYS G 394 -53.26 -22.35 -66.04
CA LYS G 394 -53.49 -22.62 -67.44
C LYS G 394 -54.07 -21.42 -68.17
N HIS G 395 -54.94 -20.67 -67.50
CA HIS G 395 -55.58 -19.52 -68.11
C HIS G 395 -54.59 -18.38 -68.34
N VAL G 396 -53.67 -18.17 -67.40
CA VAL G 396 -52.67 -17.11 -67.58
C VAL G 396 -51.62 -17.56 -68.59
N ASP G 397 -51.25 -18.85 -68.54
CA ASP G 397 -50.26 -19.39 -69.45
C ASP G 397 -50.77 -19.44 -70.88
N SER G 398 -52.06 -19.69 -71.05
CA SER G 398 -52.66 -19.72 -72.38
C SER G 398 -52.60 -18.33 -73.01
N LYS G 399 -52.98 -17.32 -72.26
CA LYS G 399 -52.94 -15.95 -72.77
C LYS G 399 -51.51 -15.51 -73.07
N LEU G 400 -50.58 -15.99 -72.27
CA LEU G 400 -49.17 -15.62 -72.38
C LEU G 400 -48.42 -16.40 -73.45
N ARG G 401 -49.06 -17.40 -74.05
CA ARG G 401 -48.40 -18.19 -75.08
C ARG G 401 -48.34 -17.41 -76.38
N ALA G 402 -47.17 -17.34 -77.03
CA ALA G 402 -47.06 -16.57 -78.27
C ALA G 402 -47.97 -17.12 -79.36
N GLY G 403 -48.11 -18.44 -79.40
CA GLY G 403 -48.99 -19.05 -80.39
C GLY G 403 -50.42 -18.66 -80.09
N ASN G 404 -51.10 -18.11 -81.08
CA ASN G 404 -52.47 -17.61 -80.91
C ASN G 404 -52.56 -16.61 -79.75
N LYS G 405 -51.54 -15.75 -79.63
CA LYS G 405 -51.50 -14.74 -78.58
C LYS G 405 -52.47 -13.59 -78.81
N GLU G 406 -52.77 -12.87 -77.74
CA GLU G 406 -53.58 -11.65 -77.81
C GLU G 406 -52.82 -10.58 -78.58
N ALA G 407 -51.49 -10.61 -78.46
CA ALA G 407 -50.56 -9.74 -79.17
C ALA G 407 -50.54 -8.31 -78.67
N THR G 408 -51.20 -8.05 -77.54
CA THR G 408 -51.12 -6.74 -76.93
C THR G 408 -50.85 -6.88 -75.44
N ASP G 409 -50.23 -5.87 -74.85
CA ASP G 409 -49.93 -5.91 -73.42
C ASP G 409 -51.14 -5.52 -72.58
N GLU G 410 -52.02 -4.70 -73.14
CA GLU G 410 -53.20 -4.28 -72.40
C GLU G 410 -54.08 -5.48 -72.12
N GLU G 411 -54.23 -6.37 -73.11
CA GLU G 411 -55.04 -7.57 -72.94
C GLU G 411 -54.35 -8.62 -72.07
N LEU G 412 -53.03 -8.76 -72.22
CA LEU G 412 -52.34 -9.74 -71.40
C LEU G 412 -52.38 -9.35 -69.94
N GLU G 413 -52.20 -8.06 -69.66
CA GLU G 413 -52.23 -7.56 -68.29
C GLU G 413 -53.64 -7.61 -67.74
N ARG G 414 -54.61 -7.24 -68.55
CA ARG G 414 -55.99 -7.24 -68.09
C ARG G 414 -56.42 -8.64 -67.67
N THR G 415 -56.10 -9.64 -68.49
CA THR G 415 -56.53 -10.99 -68.19
C THR G 415 -55.70 -11.64 -67.10
N LEU G 416 -54.39 -11.36 -67.05
CA LEU G 416 -53.61 -12.03 -66.02
C LEU G 416 -53.97 -11.48 -64.65
N ASP G 417 -54.33 -10.21 -64.61
CA ASP G 417 -54.70 -9.59 -63.35
C ASP G 417 -56.02 -10.18 -62.85
N LYS G 418 -57.04 -10.18 -63.70
CA LYS G 418 -58.33 -10.66 -63.25
C LYS G 418 -58.26 -12.14 -62.88
N ILE G 419 -57.53 -12.91 -63.67
CA ILE G 419 -57.41 -14.34 -63.44
C ILE G 419 -56.64 -14.62 -62.15
N MET G 420 -55.53 -13.91 -61.95
CA MET G 420 -54.68 -14.10 -60.77
C MET G 420 -55.34 -13.62 -59.48
N ILE G 421 -56.27 -12.66 -59.57
CA ILE G 421 -56.95 -12.19 -58.36
C ILE G 421 -57.67 -13.31 -57.62
N LEU G 422 -58.21 -14.28 -58.36
CA LEU G 422 -58.91 -15.40 -57.72
C LEU G 422 -57.92 -16.31 -56.98
N PHE G 423 -56.64 -16.15 -57.26
CA PHE G 423 -55.57 -16.96 -56.67
C PHE G 423 -55.44 -16.68 -55.18
N ARG G 424 -56.00 -15.55 -54.74
CA ARG G 424 -55.87 -15.13 -53.36
C ARG G 424 -57.03 -15.61 -52.49
N PHE G 425 -57.97 -16.34 -53.10
CA PHE G 425 -59.16 -16.84 -52.39
C PHE G 425 -59.08 -18.35 -52.14
N ILE G 426 -57.93 -18.93 -52.42
CA ILE G 426 -57.75 -20.38 -52.36
C ILE G 426 -56.53 -20.82 -51.58
N HIS G 427 -56.53 -22.10 -51.17
CA HIS G 427 -55.38 -22.71 -50.49
C HIS G 427 -54.77 -23.81 -51.35
N GLY G 428 -53.49 -24.09 -51.16
CA GLY G 428 -52.79 -25.09 -51.95
C GLY G 428 -52.21 -24.49 -53.22
N LYS G 429 -51.63 -23.30 -53.07
CA LYS G 429 -51.06 -22.52 -54.15
C LYS G 429 -49.95 -23.27 -54.92
N ASP G 430 -49.53 -24.41 -54.37
CA ASP G 430 -48.55 -25.29 -55.00
C ASP G 430 -49.06 -25.80 -56.34
N VAL G 431 -50.38 -25.90 -56.49
CA VAL G 431 -50.95 -26.38 -57.74
C VAL G 431 -50.58 -25.42 -58.86
N PHE G 432 -50.72 -24.15 -58.61
CA PHE G 432 -50.37 -23.17 -59.62
C PHE G 432 -48.91 -23.32 -59.98
N GLU G 433 -48.05 -23.34 -58.97
CA GLU G 433 -46.61 -23.37 -59.23
C GLU G 433 -46.21 -24.64 -59.97
N ALA G 434 -46.75 -25.79 -59.54
CA ALA G 434 -46.39 -27.08 -60.14
C ALA G 434 -46.77 -27.15 -61.61
N PHE G 435 -47.92 -26.59 -61.97
CA PHE G 435 -48.36 -26.59 -63.36
C PHE G 435 -47.74 -25.45 -64.15
N TYR G 436 -47.71 -24.27 -63.55
CA TYR G 436 -47.18 -23.06 -64.16
C TYR G 436 -45.73 -23.25 -64.59
N LYS G 437 -44.91 -23.82 -63.71
CA LYS G 437 -43.49 -24.00 -64.02
C LYS G 437 -43.26 -24.94 -65.21
N LYS G 438 -44.23 -25.78 -65.53
CA LYS G 438 -44.08 -26.69 -66.67
C LYS G 438 -44.28 -25.94 -67.98
N ASP G 439 -45.28 -25.08 -68.02
CA ASP G 439 -45.57 -24.31 -69.22
C ASP G 439 -44.65 -23.10 -69.30
N LEU G 440 -44.21 -22.61 -68.15
CA LEU G 440 -43.23 -21.55 -68.09
C LEU G 440 -41.93 -22.04 -68.70
N ALA G 441 -41.54 -23.25 -68.32
CA ALA G 441 -40.31 -23.82 -68.85
C ALA G 441 -40.37 -23.90 -70.36
N LYS G 442 -41.52 -24.26 -70.90
CA LYS G 442 -41.67 -24.30 -72.36
C LYS G 442 -41.44 -22.92 -72.96
N ARG G 443 -42.08 -21.91 -72.37
CA ARG G 443 -41.97 -20.55 -72.90
C ARG G 443 -40.55 -20.02 -72.86
N LEU G 444 -39.80 -20.43 -71.83
CA LEU G 444 -38.44 -19.95 -71.64
C LEU G 444 -37.40 -20.71 -72.48
N LEU G 445 -37.83 -21.78 -73.17
CA LEU G 445 -36.88 -22.61 -73.91
C LEU G 445 -37.24 -22.70 -75.39
N VAL G 446 -38.48 -23.04 -75.69
CA VAL G 446 -38.90 -23.33 -77.05
C VAL G 446 -40.02 -22.40 -77.49
N GLY G 447 -39.80 -21.68 -78.58
CA GLY G 447 -40.79 -20.73 -79.05
C GLY G 447 -40.69 -19.46 -78.23
N LYS G 448 -41.77 -18.69 -78.20
CA LYS G 448 -41.74 -17.37 -77.56
C LYS G 448 -42.93 -17.18 -76.61
N SER G 449 -42.76 -16.29 -75.65
CA SER G 449 -43.88 -15.81 -74.85
C SER G 449 -44.58 -14.69 -75.60
N ALA G 450 -45.85 -14.45 -75.26
CA ALA G 450 -46.59 -13.35 -75.85
C ALA G 450 -45.98 -12.01 -75.47
N SER G 451 -45.47 -11.92 -74.24
CA SER G 451 -44.79 -10.73 -73.75
C SER G 451 -43.92 -11.03 -72.54
N VAL G 452 -42.71 -10.51 -72.55
CA VAL G 452 -41.80 -10.66 -71.42
C VAL G 452 -42.33 -9.89 -70.21
N ASP G 453 -42.87 -8.71 -70.45
CA ASP G 453 -43.40 -7.90 -69.36
C ASP G 453 -44.59 -8.57 -68.70
N ALA G 454 -45.44 -9.22 -69.51
CA ALA G 454 -46.59 -9.93 -68.96
C ALA G 454 -46.14 -11.11 -68.09
N GLU G 455 -45.07 -11.78 -68.51
CA GLU G 455 -44.54 -12.90 -67.75
C GLU G 455 -43.97 -12.43 -66.41
N LYS G 456 -43.26 -11.30 -66.44
CA LYS G 456 -42.72 -10.72 -65.21
C LYS G 456 -43.83 -10.20 -64.31
N SER G 457 -44.90 -9.67 -64.92
CA SER G 457 -46.03 -9.16 -64.18
C SER G 457 -46.66 -10.26 -63.34
N MET G 458 -46.81 -11.44 -63.93
CA MET G 458 -47.36 -12.58 -63.20
C MET G 458 -46.52 -12.91 -61.99
N LEU G 459 -45.20 -12.90 -62.15
CA LEU G 459 -44.32 -13.23 -61.02
C LEU G 459 -44.52 -12.23 -59.89
N SER G 460 -44.67 -10.96 -60.24
CA SER G 460 -44.92 -9.92 -59.23
C SER G 460 -46.25 -10.14 -58.53
N LYS G 461 -47.29 -10.46 -59.30
CA LYS G 461 -48.62 -10.69 -58.77
C LYS G 461 -48.64 -11.91 -57.84
N LEU G 462 -47.83 -12.90 -58.20
CA LEU G 462 -47.73 -14.12 -57.39
C LEU G 462 -47.02 -13.87 -56.07
N LYS G 463 -45.97 -13.06 -56.06
CA LYS G 463 -45.26 -12.78 -54.82
C LYS G 463 -46.20 -12.15 -53.80
N HIS G 464 -47.07 -11.26 -54.27
CA HIS G 464 -48.00 -10.61 -53.36
C HIS G 464 -49.01 -11.60 -52.81
N GLU G 465 -49.20 -11.57 -51.50
CA GLU G 465 -50.11 -12.46 -50.80
C GLU G 465 -49.67 -13.93 -50.84
N CYS G 466 -48.41 -14.17 -51.19
CA CYS G 466 -47.82 -15.51 -51.10
C CYS G 466 -46.49 -15.49 -50.37
N GLY G 467 -45.70 -14.47 -50.63
CA GLY G 467 -44.34 -14.38 -50.11
C GLY G 467 -43.35 -14.51 -51.26
N ALA G 468 -42.23 -13.82 -51.16
CA ALA G 468 -41.23 -13.82 -52.22
C ALA G 468 -40.75 -15.22 -52.55
N ALA G 469 -40.70 -16.08 -51.53
CA ALA G 469 -40.25 -17.45 -51.70
C ALA G 469 -41.06 -18.19 -52.76
N PHE G 470 -42.33 -17.82 -52.90
CA PHE G 470 -43.26 -18.50 -53.80
C PHE G 470 -42.72 -18.56 -55.22
N THR G 471 -42.11 -17.47 -55.69
CA THR G 471 -41.66 -17.38 -57.06
C THR G 471 -40.16 -17.52 -57.16
N SER G 472 -39.50 -17.93 -56.08
CA SER G 472 -38.04 -17.97 -56.08
C SER G 472 -37.52 -18.84 -57.22
N LYS G 473 -38.12 -20.01 -57.39
CA LYS G 473 -37.71 -20.92 -58.44
C LYS G 473 -38.14 -20.39 -59.80
N LEU G 474 -39.34 -19.81 -59.86
CA LEU G 474 -39.92 -19.36 -61.12
C LEU G 474 -39.12 -18.18 -61.69
N GLU G 475 -38.69 -17.28 -60.81
CA GLU G 475 -37.88 -16.14 -61.21
C GLU G 475 -36.49 -16.59 -61.60
N GLY G 476 -35.95 -17.57 -60.85
CA GLY G 476 -34.65 -18.14 -61.14
C GLY G 476 -34.64 -18.78 -62.52
N MET G 477 -35.75 -19.41 -62.90
CA MET G 477 -35.86 -20.01 -64.23
C MET G 477 -35.64 -18.95 -65.31
N PHE G 478 -36.26 -17.80 -65.13
CA PHE G 478 -36.06 -16.69 -66.07
C PHE G 478 -34.59 -16.26 -66.09
N LYS G 479 -34.03 -16.06 -64.89
CA LYS G 479 -32.65 -15.60 -64.75
C LYS G 479 -31.67 -16.51 -65.49
N ASP G 480 -31.90 -17.82 -65.43
CA ASP G 480 -31.03 -18.78 -66.08
C ASP G 480 -30.90 -18.54 -67.57
N MET G 481 -31.98 -18.06 -68.20
CA MET G 481 -31.96 -17.86 -69.63
C MET G 481 -31.25 -16.58 -70.00
N GLU G 482 -31.30 -15.60 -69.11
CA GLU G 482 -30.57 -14.37 -69.33
C GLU G 482 -29.08 -14.65 -69.20
N LEU G 483 -28.74 -15.55 -68.27
CA LEU G 483 -27.36 -15.98 -68.09
C LEU G 483 -26.91 -16.80 -69.30
N SER G 484 -27.81 -17.63 -69.82
CA SER G 484 -27.50 -18.46 -70.98
C SER G 484 -27.20 -17.61 -72.20
N LYS G 485 -27.93 -16.50 -72.36
CA LYS G 485 -27.70 -15.60 -73.49
C LYS G 485 -26.25 -15.14 -73.56
N ASP G 486 -25.68 -14.76 -72.42
CA ASP G 486 -24.28 -14.35 -72.42
C ASP G 486 -23.35 -15.54 -72.65
N ILE G 487 -23.70 -16.68 -72.08
CA ILE G 487 -22.88 -17.88 -72.17
C ILE G 487 -22.77 -18.39 -73.60
N MET G 488 -23.90 -18.45 -74.31
CA MET G 488 -23.90 -18.97 -75.68
C MET G 488 -23.10 -18.06 -76.62
N VAL G 489 -23.07 -16.76 -76.32
CA VAL G 489 -22.24 -15.85 -77.10
C VAL G 489 -20.76 -16.16 -76.91
N HIS G 490 -20.37 -16.37 -75.64
CA HIS G 490 -18.98 -16.65 -75.34
C HIS G 490 -18.56 -18.01 -75.89
N PHE G 491 -19.48 -18.97 -75.91
CA PHE G 491 -19.16 -20.27 -76.43
C PHE G 491 -18.88 -20.23 -77.92
N LYS G 492 -19.65 -19.44 -78.66
CA LYS G 492 -19.38 -19.26 -80.07
C LYS G 492 -18.03 -18.58 -80.29
N GLN G 493 -17.70 -17.62 -79.43
CA GLN G 493 -16.41 -16.92 -79.52
C GLN G 493 -15.26 -17.90 -79.34
N HIS G 494 -15.45 -18.87 -78.44
CA HIS G 494 -14.43 -19.90 -78.21
C HIS G 494 -14.41 -20.92 -79.35
N MET G 495 -15.58 -21.23 -79.88
CA MET G 495 -15.73 -22.19 -80.98
C MET G 495 -15.00 -21.72 -82.23
N GLN G 496 -14.97 -20.40 -82.43
CA GLN G 496 -14.33 -19.81 -83.60
C GLN G 496 -12.80 -19.97 -83.56
N ASN G 497 -12.26 -20.32 -82.40
CA ASN G 497 -10.82 -20.50 -82.25
C ASN G 497 -10.42 -21.96 -82.40
N GLN G 498 -11.36 -22.79 -82.83
CA GLN G 498 -11.10 -24.21 -83.05
C GLN G 498 -10.69 -24.47 -84.49
N SER G 499 -10.47 -23.39 -85.23
CA SER G 499 -9.98 -23.35 -86.62
C SER G 499 -11.09 -23.45 -87.66
N ASP G 500 -12.19 -24.08 -87.30
CA ASP G 500 -13.35 -24.20 -88.17
C ASP G 500 -14.57 -24.52 -87.32
N SER G 501 -15.72 -24.65 -87.97
CA SER G 501 -16.94 -25.00 -87.25
C SER G 501 -17.88 -25.83 -88.12
N GLY G 502 -18.82 -26.52 -87.47
CA GLY G 502 -19.78 -27.33 -88.19
C GLY G 502 -20.88 -26.46 -88.80
N PRO G 503 -21.81 -27.08 -89.53
CA PRO G 503 -22.94 -26.46 -90.22
C PRO G 503 -24.04 -26.05 -89.25
N ILE G 504 -23.91 -26.47 -88.00
CA ILE G 504 -24.94 -26.25 -87.00
C ILE G 504 -24.64 -25.02 -86.15
N ASP G 505 -25.53 -24.03 -86.21
CA ASP G 505 -25.33 -22.81 -85.43
C ASP G 505 -25.83 -23.04 -84.01
N LEU G 506 -24.97 -23.64 -83.19
CA LEU G 506 -25.36 -24.09 -81.85
C LEU G 506 -25.37 -23.01 -80.79
N THR G 507 -26.43 -23.03 -79.98
CA THR G 507 -26.52 -22.28 -78.73
C THR G 507 -26.88 -23.23 -77.60
N VAL G 508 -26.68 -22.81 -76.36
CA VAL G 508 -27.08 -23.66 -75.24
C VAL G 508 -27.86 -22.93 -74.15
N ASN G 509 -28.94 -23.57 -73.72
CA ASN G 509 -29.71 -23.13 -72.56
C ASN G 509 -29.29 -23.91 -71.32
N ILE G 510 -28.72 -23.22 -70.34
CA ILE G 510 -28.24 -23.89 -69.14
C ILE G 510 -29.17 -23.63 -67.96
N LEU G 511 -29.83 -24.69 -67.51
CA LEU G 511 -30.94 -24.61 -66.55
C LEU G 511 -30.51 -25.02 -65.16
N THR G 512 -30.81 -24.21 -64.15
CA THR G 512 -30.48 -24.60 -62.77
C THR G 512 -31.42 -25.72 -62.30
N MET G 513 -30.85 -26.83 -61.83
CA MET G 513 -31.70 -27.95 -61.42
C MET G 513 -32.63 -27.60 -60.25
N GLY G 514 -32.21 -26.66 -59.43
CA GLY G 514 -32.99 -26.25 -58.27
C GLY G 514 -34.12 -25.28 -58.62
N TYR G 515 -34.17 -24.82 -59.88
CA TYR G 515 -35.21 -23.88 -60.29
C TYR G 515 -36.20 -24.51 -61.27
N TRP G 516 -35.69 -25.35 -62.16
CA TRP G 516 -36.49 -25.92 -63.25
C TRP G 516 -37.10 -27.26 -62.85
N PRO G 517 -38.15 -27.70 -63.53
CA PRO G 517 -38.76 -29.00 -63.43
C PRO G 517 -37.75 -30.09 -63.79
N THR G 518 -37.90 -31.26 -63.19
CA THR G 518 -37.07 -32.39 -63.56
C THR G 518 -37.50 -32.90 -64.93
N TYR G 519 -36.53 -33.15 -65.80
CA TYR G 519 -36.85 -33.65 -67.13
C TYR G 519 -36.15 -34.98 -67.40
N THR G 520 -36.79 -35.83 -68.19
CA THR G 520 -36.21 -37.10 -68.57
C THR G 520 -35.44 -36.97 -69.88
N PRO G 521 -34.12 -37.22 -69.88
CA PRO G 521 -33.25 -37.17 -71.02
C PRO G 521 -33.42 -38.42 -71.87
N MET G 522 -33.07 -38.32 -73.14
CA MET G 522 -33.00 -39.48 -74.01
C MET G 522 -31.71 -39.44 -74.81
N GLU G 523 -31.05 -40.57 -74.93
CA GLU G 523 -29.88 -40.65 -75.79
C GLU G 523 -30.35 -40.93 -77.20
N VAL G 524 -30.12 -39.97 -78.09
CA VAL G 524 -30.69 -40.04 -79.43
C VAL G 524 -29.61 -39.97 -80.49
N HIS G 525 -29.97 -40.33 -81.71
CA HIS G 525 -29.01 -40.37 -82.80
C HIS G 525 -28.76 -39.01 -83.41
N LEU G 526 -28.06 -38.17 -82.66
CA LEU G 526 -27.76 -36.82 -83.12
C LEU G 526 -26.75 -36.86 -84.25
N THR G 527 -26.86 -35.91 -85.16
CA THR G 527 -25.87 -35.71 -86.21
C THR G 527 -24.50 -35.58 -85.53
N PRO G 528 -23.45 -36.25 -86.03
CA PRO G 528 -22.10 -36.21 -85.51
C PRO G 528 -21.63 -34.80 -85.21
N GLU G 529 -22.06 -33.85 -86.04
CA GLU G 529 -21.70 -32.44 -85.83
C GLU G 529 -22.35 -31.90 -84.56
N MET G 530 -23.58 -32.33 -84.29
CA MET G 530 -24.30 -31.90 -83.09
C MET G 530 -23.64 -32.48 -81.86
N ILE G 531 -23.18 -33.72 -81.98
CA ILE G 531 -22.54 -34.39 -80.85
C ILE G 531 -21.25 -33.67 -80.50
N LYS G 532 -20.43 -33.38 -81.50
CA LYS G 532 -19.17 -32.70 -81.27
C LYS G 532 -19.39 -31.32 -80.66
N LEU G 533 -20.36 -30.59 -81.20
CA LEU G 533 -20.57 -29.23 -80.75
C LEU G 533 -21.16 -29.13 -79.35
N GLN G 534 -22.09 -30.03 -79.00
CA GLN G 534 -22.66 -29.95 -77.66
C GLN G 534 -21.66 -30.41 -76.63
N GLU G 535 -20.74 -31.30 -77.04
CA GLU G 535 -19.69 -31.76 -76.14
C GLU G 535 -18.70 -30.64 -75.89
N VAL G 536 -18.41 -29.88 -76.95
CA VAL G 536 -17.53 -28.72 -76.83
C VAL G 536 -18.15 -27.65 -75.94
N PHE G 537 -19.44 -27.37 -76.14
CA PHE G 537 -20.12 -26.38 -75.31
C PHE G 537 -20.16 -26.83 -73.86
N LYS G 538 -20.36 -28.13 -73.64
CA LYS G 538 -20.30 -28.68 -72.29
C LYS G 538 -18.92 -28.43 -71.70
N ALA G 539 -17.88 -28.73 -72.49
CA ALA G 539 -16.50 -28.53 -72.08
C ALA G 539 -16.21 -27.07 -71.78
N PHE G 540 -16.80 -26.16 -72.55
CA PHE G 540 -16.59 -24.74 -72.32
C PHE G 540 -17.19 -24.33 -70.98
N TYR G 541 -18.42 -24.77 -70.72
CA TYR G 541 -19.08 -24.38 -69.48
C TYR G 541 -18.34 -24.89 -68.28
N LEU G 542 -17.92 -26.15 -68.35
CA LEU G 542 -17.31 -26.81 -67.21
C LEU G 542 -15.85 -26.45 -67.09
N GLY G 543 -15.37 -25.57 -67.98
CA GLY G 543 -14.02 -25.06 -67.88
C GLY G 543 -14.05 -23.69 -67.21
N LYS G 544 -15.26 -23.20 -66.94
CA LYS G 544 -15.48 -21.91 -66.30
C LYS G 544 -16.13 -22.14 -64.95
N HIS G 545 -16.99 -23.15 -64.90
CA HIS G 545 -17.73 -23.54 -63.72
C HIS G 545 -17.55 -25.04 -63.52
N SER G 546 -16.36 -25.41 -63.08
CA SER G 546 -15.96 -26.81 -62.98
C SER G 546 -16.55 -27.46 -61.74
N GLY G 547 -16.47 -28.79 -61.69
CA GLY G 547 -16.99 -29.55 -60.56
C GLY G 547 -18.47 -29.83 -60.76
N ARG G 548 -18.92 -29.51 -61.96
CA ARG G 548 -20.32 -29.62 -62.37
C ARG G 548 -20.50 -30.66 -63.46
N LYS G 549 -21.74 -31.07 -63.64
CA LYS G 549 -22.14 -31.87 -64.78
C LYS G 549 -23.35 -31.25 -65.45
N LEU G 550 -23.42 -31.38 -66.76
CA LEU G 550 -24.58 -30.91 -67.50
C LEU G 550 -25.36 -32.07 -68.09
N GLN G 551 -26.63 -32.14 -67.75
CA GLN G 551 -27.51 -33.20 -68.23
C GLN G 551 -28.28 -32.74 -69.45
N TRP G 552 -27.86 -33.19 -70.63
CA TRP G 552 -28.47 -32.74 -71.86
C TRP G 552 -29.88 -33.29 -71.99
N GLN G 553 -30.82 -32.40 -72.32
CA GLN G 553 -32.21 -32.77 -72.49
C GLN G 553 -32.61 -32.67 -73.94
N THR G 554 -32.59 -33.80 -74.62
CA THR G 554 -32.84 -33.86 -76.04
C THR G 554 -34.31 -33.65 -76.34
N THR G 555 -35.13 -33.77 -75.31
CA THR G 555 -36.56 -33.53 -75.39
C THR G 555 -36.90 -32.05 -75.39
N LEU G 556 -36.02 -31.22 -74.82
CA LEU G 556 -36.29 -29.79 -74.68
C LEU G 556 -35.69 -28.97 -75.82
N GLY G 557 -34.63 -29.50 -76.43
CA GLY G 557 -33.93 -28.76 -77.48
C GLY G 557 -34.78 -28.61 -78.73
N HIS G 558 -34.43 -27.62 -79.55
CA HIS G 558 -35.15 -27.33 -80.79
C HIS G 558 -34.20 -26.83 -81.88
N ALA G 559 -34.66 -26.86 -83.12
CA ALA G 559 -33.81 -26.53 -84.26
C ALA G 559 -34.59 -25.91 -85.42
N VAL G 560 -33.86 -25.26 -86.31
CA VAL G 560 -34.46 -24.79 -87.56
C VAL G 560 -33.95 -25.64 -88.71
N LEU G 561 -34.88 -26.33 -89.36
CA LEU G 561 -34.53 -27.30 -90.39
C LEU G 561 -35.03 -26.85 -91.75
N LYS G 562 -34.14 -26.88 -92.74
CA LYS G 562 -34.50 -26.52 -94.11
C LYS G 562 -34.80 -27.78 -94.92
N ALA G 563 -35.95 -27.79 -95.58
CA ALA G 563 -36.37 -28.94 -96.37
C ALA G 563 -36.52 -28.56 -97.84
N GLU G 564 -36.04 -29.43 -98.73
CA GLU G 564 -36.13 -29.18 -100.17
C GLU G 564 -37.37 -29.78 -100.79
N PHE G 565 -38.22 -28.92 -101.33
CA PHE G 565 -39.47 -29.34 -101.92
C PHE G 565 -39.48 -28.99 -103.40
N LYS G 566 -40.55 -29.39 -104.10
CA LYS G 566 -40.68 -29.05 -105.51
C LYS G 566 -40.83 -27.54 -105.70
N GLU G 567 -41.24 -26.86 -104.64
CA GLU G 567 -41.47 -25.42 -104.66
C GLU G 567 -40.31 -24.63 -104.06
N GLY G 568 -39.18 -25.29 -103.79
CA GLY G 568 -38.02 -24.62 -103.24
C GLY G 568 -37.68 -25.09 -101.83
N LYS G 569 -36.60 -24.55 -101.26
CA LYS G 569 -36.13 -24.96 -99.93
C LYS G 569 -36.65 -24.04 -98.84
N LYS G 570 -37.55 -24.56 -98.00
CA LYS G 570 -38.19 -23.77 -96.96
C LYS G 570 -37.78 -24.23 -95.57
N GLU G 571 -37.77 -23.30 -94.63
CA GLU G 571 -37.36 -23.60 -93.25
C GLU G 571 -38.55 -23.83 -92.34
N PHE G 572 -38.35 -24.72 -91.36
CA PHE G 572 -39.36 -24.99 -90.34
C PHE G 572 -38.77 -24.87 -88.94
N GLN G 573 -39.60 -24.46 -88.00
CA GLN G 573 -39.21 -24.48 -86.60
C GLN G 573 -39.67 -25.80 -86.02
N VAL G 574 -38.69 -26.65 -85.71
CA VAL G 574 -38.95 -28.02 -85.32
C VAL G 574 -38.32 -28.33 -83.97
N SER G 575 -38.86 -29.32 -83.27
CA SER G 575 -38.25 -29.78 -82.04
C SER G 575 -37.02 -30.60 -82.39
N LEU G 576 -36.15 -30.88 -81.42
CA LEU G 576 -35.02 -31.75 -81.68
C LEU G 576 -35.51 -33.09 -82.20
N PHE G 577 -36.55 -33.62 -81.56
CA PHE G 577 -37.08 -34.91 -81.96
C PHE G 577 -37.72 -34.84 -83.34
N GLN G 578 -38.42 -33.74 -83.65
CA GLN G 578 -38.96 -33.56 -85.00
C GLN G 578 -37.83 -33.45 -86.01
N THR G 579 -36.73 -32.81 -85.60
CA THR G 579 -35.58 -32.65 -86.47
C THR G 579 -35.03 -34.01 -86.83
N LEU G 580 -34.87 -34.89 -85.83
CA LEU G 580 -34.35 -36.22 -86.08
C LEU G 580 -35.29 -37.01 -86.97
N VAL G 581 -36.60 -36.83 -86.74
CA VAL G 581 -37.59 -37.53 -87.54
C VAL G 581 -37.51 -37.09 -88.99
N LEU G 582 -37.45 -35.79 -89.23
CA LEU G 582 -37.38 -35.26 -90.57
C LEU G 582 -36.03 -35.51 -91.23
N LEU G 583 -34.97 -35.41 -90.45
CA LEU G 583 -33.63 -35.58 -90.98
C LEU G 583 -33.44 -37.02 -91.46
N MET G 584 -34.14 -37.94 -90.82
CA MET G 584 -34.13 -39.35 -91.21
C MET G 584 -34.71 -39.57 -92.61
N PHE G 585 -35.45 -38.58 -93.12
CA PHE G 585 -36.04 -38.68 -94.44
C PHE G 585 -35.22 -37.92 -95.48
N ASN G 586 -33.97 -37.58 -95.17
CA ASN G 586 -33.18 -36.83 -96.14
C ASN G 586 -32.40 -37.72 -97.10
N GLU G 587 -32.54 -39.03 -96.93
CA GLU G 587 -31.91 -40.01 -97.81
C GLU G 587 -32.96 -40.66 -98.71
N GLY G 588 -34.18 -40.76 -98.18
CA GLY G 588 -35.29 -41.44 -98.83
C GLY G 588 -36.46 -41.45 -97.86
N ASP G 589 -37.56 -42.08 -98.25
CA ASP G 589 -38.74 -42.10 -97.40
C ASP G 589 -39.52 -43.41 -97.52
N GLY G 590 -40.76 -43.42 -97.03
CA GLY G 590 -41.55 -44.64 -97.02
C GLY G 590 -41.19 -45.49 -95.79
N PHE G 591 -40.86 -44.81 -94.70
CA PHE G 591 -40.47 -45.47 -93.47
C PHE G 591 -41.65 -45.64 -92.54
N SER G 592 -41.65 -46.72 -91.76
CA SER G 592 -42.70 -46.91 -90.77
C SER G 592 -42.40 -46.11 -89.51
N PHE G 593 -43.42 -45.92 -88.68
CA PHE G 593 -43.24 -45.29 -87.38
C PHE G 593 -42.18 -46.02 -86.56
N GLU G 594 -42.31 -47.34 -86.46
CA GLU G 594 -41.37 -48.14 -85.69
C GLU G 594 -39.94 -47.94 -86.17
N GLU G 595 -39.75 -47.91 -87.49
CA GLU G 595 -38.43 -47.71 -88.06
C GLU G 595 -37.84 -46.34 -87.71
N ILE G 596 -38.69 -45.31 -87.74
CA ILE G 596 -38.23 -43.97 -87.37
C ILE G 596 -37.86 -43.93 -85.89
N LYS G 597 -38.67 -44.55 -85.05
CA LYS G 597 -38.41 -44.59 -83.62
C LYS G 597 -37.01 -45.13 -83.34
N MET G 598 -36.69 -46.26 -83.99
CA MET G 598 -35.38 -46.88 -83.82
C MET G 598 -34.27 -46.02 -84.43
N ALA G 599 -34.57 -45.44 -85.59
CA ALA G 599 -33.60 -44.63 -86.33
C ALA G 599 -33.25 -43.33 -85.61
N THR G 600 -34.21 -42.76 -84.90
CA THR G 600 -33.98 -41.50 -84.22
C THR G 600 -33.61 -41.72 -82.75
N GLY G 601 -33.96 -42.88 -82.20
CA GLY G 601 -33.61 -43.21 -80.83
C GLY G 601 -34.48 -42.51 -79.80
N ILE G 602 -35.75 -42.27 -80.13
CA ILE G 602 -36.63 -41.57 -79.21
C ILE G 602 -37.79 -42.46 -78.79
N GLU G 603 -38.52 -42.02 -77.77
CA GLU G 603 -39.66 -42.76 -77.25
C GLU G 603 -40.81 -42.74 -78.24
N ASP G 604 -41.69 -43.74 -78.15
CA ASP G 604 -42.81 -43.81 -79.08
C ASP G 604 -43.79 -42.69 -78.83
N SER G 605 -43.97 -42.35 -77.56
CA SER G 605 -44.86 -41.25 -77.20
C SER G 605 -44.36 -39.96 -77.82
N GLU G 606 -43.05 -39.74 -77.75
CA GLU G 606 -42.45 -38.56 -78.33
C GLU G 606 -42.56 -38.57 -79.85
N LEU G 607 -42.36 -39.72 -80.46
CA LEU G 607 -42.43 -39.84 -81.90
C LEU G 607 -43.86 -39.63 -82.40
N ARG G 608 -44.85 -40.14 -81.67
CA ARG G 608 -46.23 -39.97 -82.07
C ARG G 608 -46.57 -38.50 -82.13
N ARG G 609 -46.12 -37.73 -81.15
CA ARG G 609 -46.37 -36.29 -81.16
C ARG G 609 -45.64 -35.60 -82.30
N THR G 610 -44.40 -36.00 -82.58
CA THR G 610 -43.65 -35.34 -83.65
C THR G 610 -44.31 -35.58 -85.00
N LEU G 611 -44.79 -36.81 -85.22
CA LEU G 611 -45.42 -37.16 -86.48
C LEU G 611 -46.86 -36.67 -86.53
N GLN G 612 -47.50 -36.57 -85.37
CA GLN G 612 -48.86 -36.07 -85.31
C GLN G 612 -48.94 -34.65 -85.85
N SER G 613 -47.89 -33.86 -85.63
CA SER G 613 -47.87 -32.53 -86.21
C SER G 613 -47.33 -32.56 -87.64
N LEU G 614 -46.16 -33.18 -87.82
CA LEU G 614 -45.44 -33.12 -89.09
C LEU G 614 -46.24 -33.69 -90.26
N ALA G 615 -47.00 -34.76 -90.01
CA ALA G 615 -47.69 -35.44 -91.08
C ALA G 615 -49.22 -35.34 -91.02
N CYS G 616 -49.75 -34.47 -90.16
CA CYS G 616 -51.21 -34.33 -90.05
C CYS G 616 -51.69 -32.87 -90.11
N GLY G 617 -50.87 -31.94 -89.62
CA GLY G 617 -51.33 -30.57 -89.43
C GLY G 617 -51.13 -29.72 -90.67
N LYS G 618 -51.03 -28.40 -90.46
CA LYS G 618 -50.89 -27.46 -91.56
C LYS G 618 -49.43 -27.38 -91.97
N ALA G 619 -49.18 -27.00 -93.23
CA ALA G 619 -47.81 -26.91 -93.73
C ALA G 619 -47.07 -28.21 -93.48
N ARG G 620 -47.69 -29.32 -93.86
CA ARG G 620 -47.12 -30.64 -93.62
C ARG G 620 -45.77 -30.79 -94.29
N VAL G 621 -44.85 -31.42 -93.58
CA VAL G 621 -43.53 -31.69 -94.15
C VAL G 621 -43.51 -33.13 -94.63
N LEU G 622 -44.16 -33.99 -93.87
CA LEU G 622 -44.33 -35.40 -94.19
C LEU G 622 -45.79 -35.68 -94.48
N ILE G 623 -46.06 -36.74 -95.23
CA ILE G 623 -47.43 -37.19 -95.40
C ILE G 623 -47.61 -38.59 -94.83
N LYS G 624 -48.62 -38.75 -93.99
CA LYS G 624 -48.94 -40.07 -93.47
C LYS G 624 -49.92 -40.78 -94.40
N SER G 625 -49.55 -41.97 -94.86
CA SER G 625 -50.38 -42.71 -95.80
C SER G 625 -51.77 -43.08 -95.25
N PRO G 626 -51.88 -43.65 -94.03
CA PRO G 626 -53.13 -43.95 -93.37
C PRO G 626 -53.72 -42.70 -92.73
N LYS G 627 -54.23 -41.82 -93.58
CA LYS G 627 -54.68 -40.50 -93.16
C LYS G 627 -55.53 -40.56 -91.89
N GLY G 628 -55.17 -39.74 -90.92
CA GLY G 628 -55.84 -39.66 -89.63
C GLY G 628 -55.06 -38.75 -88.70
N LYS G 629 -55.57 -38.52 -87.49
CA LYS G 629 -54.91 -37.62 -86.56
C LYS G 629 -53.87 -38.32 -85.69
N GLU G 630 -54.13 -39.58 -85.34
CA GLU G 630 -53.24 -40.33 -84.44
C GLU G 630 -52.22 -41.16 -85.21
N VAL G 631 -51.12 -41.47 -84.56
CA VAL G 631 -50.02 -42.20 -85.19
C VAL G 631 -49.75 -43.58 -84.56
N GLU G 632 -49.75 -44.60 -85.42
CA GLU G 632 -49.53 -45.99 -85.03
C GLU G 632 -48.17 -46.53 -85.47
N ASP G 633 -47.76 -47.64 -84.86
CA ASP G 633 -46.46 -48.27 -85.15
C ASP G 633 -46.28 -48.64 -86.62
N GLY G 634 -47.36 -49.04 -87.28
CA GLY G 634 -47.28 -49.49 -88.66
C GLY G 634 -47.48 -48.39 -89.69
N ASP G 635 -47.68 -47.16 -89.22
CA ASP G 635 -47.94 -46.06 -90.15
C ASP G 635 -46.74 -45.77 -91.04
N LYS G 636 -47.00 -45.60 -92.34
CA LYS G 636 -45.96 -45.32 -93.31
C LYS G 636 -45.89 -43.83 -93.66
N PHE G 637 -44.68 -43.28 -93.65
CA PHE G 637 -44.50 -41.87 -93.92
C PHE G 637 -43.65 -41.59 -95.15
N ILE G 638 -44.12 -40.64 -95.95
CA ILE G 638 -43.39 -40.18 -97.12
C ILE G 638 -43.16 -38.68 -97.06
N PHE G 639 -42.21 -38.18 -97.82
CA PHE G 639 -41.90 -36.76 -97.84
C PHE G 639 -42.90 -35.95 -98.65
N ASN G 640 -43.33 -34.80 -98.10
CA ASN G 640 -44.28 -33.96 -98.81
C ASN G 640 -43.60 -33.10 -99.86
N GLY G 641 -43.19 -33.73 -100.95
CA GLY G 641 -42.54 -33.01 -102.04
C GLY G 641 -43.48 -31.92 -102.57
N GLU G 642 -44.78 -32.19 -102.54
CA GLU G 642 -45.79 -31.26 -102.99
C GLU G 642 -46.16 -30.28 -101.87
N PHE G 643 -45.18 -29.49 -101.45
CA PHE G 643 -45.35 -28.53 -100.38
C PHE G 643 -45.48 -27.13 -100.92
N LYS G 644 -46.66 -26.55 -100.77
CA LYS G 644 -46.90 -25.21 -101.26
C LYS G 644 -47.11 -24.23 -100.11
N HIS G 645 -46.10 -23.41 -99.85
CA HIS G 645 -46.16 -22.44 -98.77
C HIS G 645 -45.14 -21.32 -98.99
N LYS G 646 -45.45 -20.13 -98.50
CA LYS G 646 -44.59 -18.97 -98.69
C LYS G 646 -43.79 -18.58 -97.44
N LEU G 647 -44.21 -19.05 -96.27
CA LEU G 647 -43.57 -18.63 -95.03
C LEU G 647 -42.33 -19.45 -94.73
N PHE G 648 -41.30 -18.79 -94.23
CA PHE G 648 -40.09 -19.46 -93.78
C PHE G 648 -40.05 -19.54 -92.27
N ARG G 649 -39.48 -20.62 -91.76
CA ARG G 649 -39.43 -20.91 -90.34
C ARG G 649 -40.85 -21.06 -89.81
N ILE G 650 -41.60 -21.91 -90.50
CA ILE G 650 -42.97 -22.24 -90.14
C ILE G 650 -43.01 -23.04 -88.86
N LYS G 651 -43.86 -22.66 -87.93
CA LYS G 651 -43.93 -23.38 -86.67
C LYS G 651 -44.73 -24.67 -86.81
N ILE G 652 -44.05 -25.80 -86.68
CA ILE G 652 -44.66 -27.12 -86.77
C ILE G 652 -44.43 -27.85 -85.45
N ASN G 653 -43.79 -27.16 -84.51
CA ASN G 653 -43.40 -27.70 -83.21
C ASN G 653 -44.28 -27.22 -82.08
N GLN G 654 -45.59 -27.08 -82.33
CA GLN G 654 -46.51 -26.66 -81.28
C GLN G 654 -46.48 -27.64 -80.12
N ILE G 655 -46.23 -28.90 -80.42
CA ILE G 655 -46.21 -29.95 -79.41
C ILE G 655 -45.17 -29.72 -78.32
N GLN G 656 -44.12 -28.94 -78.63
CA GLN G 656 -43.07 -28.68 -77.67
C GLN G 656 -43.29 -27.38 -76.90
N MET G 657 -44.43 -26.72 -77.18
CA MET G 657 -44.83 -25.51 -76.41
C MET G 657 -46.32 -25.65 -76.05
N LYS G 658 -46.89 -26.86 -76.15
CA LYS G 658 -48.34 -27.09 -75.86
C LYS G 658 -48.49 -28.24 -74.87
N GLU G 659 -49.47 -28.16 -73.96
CA GLU G 659 -49.63 -29.20 -72.90
C GLU G 659 -50.15 -30.52 -73.47
N THR G 660 -49.82 -31.63 -72.79
CA THR G 660 -50.40 -32.98 -73.07
C THR G 660 -50.84 -33.62 -71.75
N VAL G 661 -51.72 -34.63 -71.82
CA VAL G 661 -52.28 -35.26 -70.58
C VAL G 661 -51.15 -35.79 -69.67
N GLU G 662 -50.15 -36.47 -70.23
CA GLU G 662 -49.09 -37.05 -69.43
C GLU G 662 -48.41 -35.98 -68.58
N GLU G 663 -48.28 -34.79 -69.14
CA GLU G 663 -47.65 -33.68 -68.46
C GLU G 663 -48.50 -33.18 -67.28
N GLN G 664 -49.82 -33.17 -67.47
CA GLN G 664 -50.74 -32.80 -66.40
C GLN G 664 -50.64 -33.77 -65.24
N VAL G 665 -50.44 -35.05 -65.57
CA VAL G 665 -50.28 -36.07 -64.54
C VAL G 665 -49.01 -35.86 -63.75
N SER G 666 -47.90 -35.55 -64.45
CA SER G 666 -46.64 -35.31 -63.78
C SER G 666 -46.70 -34.08 -62.87
N THR G 667 -47.38 -33.02 -63.34
CA THR G 667 -47.52 -31.82 -62.53
C THR G 667 -48.45 -32.06 -61.35
N THR G 668 -49.45 -32.93 -61.53
CA THR G 668 -50.34 -33.32 -60.45
C THR G 668 -49.57 -34.07 -59.36
N GLU G 669 -48.68 -34.97 -59.79
CA GLU G 669 -47.88 -35.73 -58.84
C GLU G 669 -46.94 -34.82 -58.07
N ARG G 670 -46.38 -33.80 -58.75
CA ARG G 670 -45.51 -32.87 -58.06
C ARG G 670 -46.25 -32.16 -56.94
N VAL G 671 -47.52 -31.80 -57.18
CA VAL G 671 -48.31 -31.16 -56.14
C VAL G 671 -48.49 -32.10 -54.96
N PHE G 672 -48.83 -33.35 -55.26
CA PHE G 672 -49.02 -34.35 -54.22
C PHE G 672 -47.75 -34.49 -53.38
N GLN G 673 -46.61 -34.64 -54.04
CA GLN G 673 -45.35 -34.87 -53.35
C GLN G 673 -44.94 -33.64 -52.53
N ASP G 674 -45.22 -32.45 -53.03
CA ASP G 674 -44.88 -31.23 -52.30
C ASP G 674 -45.76 -31.11 -51.06
N ARG G 675 -47.03 -31.50 -51.19
CA ARG G 675 -47.93 -31.49 -50.04
C ARG G 675 -47.47 -32.52 -49.01
N GLN G 676 -47.00 -33.67 -49.49
CA GLN G 676 -46.52 -34.72 -48.60
C GLN G 676 -45.27 -34.28 -47.84
N TYR G 677 -44.42 -33.51 -48.49
CA TYR G 677 -43.27 -32.93 -47.82
C TYR G 677 -43.69 -31.96 -46.73
N GLN G 678 -44.59 -31.04 -47.06
CA GLN G 678 -44.97 -30.00 -46.12
C GLN G 678 -45.57 -30.58 -44.84
N ILE G 679 -46.33 -31.66 -44.96
CA ILE G 679 -46.94 -32.28 -43.80
C ILE G 679 -45.95 -33.09 -42.98
N ASP G 680 -44.75 -33.32 -43.52
CA ASP G 680 -43.68 -34.00 -42.80
C ASP G 680 -42.81 -32.95 -42.11
N ALA G 681 -42.54 -31.86 -42.83
CA ALA G 681 -41.79 -30.73 -42.30
C ALA G 681 -42.63 -29.99 -41.26
N ALA G 682 -43.93 -29.93 -41.49
CA ALA G 682 -44.85 -29.33 -40.54
C ALA G 682 -45.05 -30.34 -39.44
N ILE G 683 -45.70 -29.94 -38.36
CA ILE G 683 -45.85 -30.78 -37.16
C ILE G 683 -44.54 -30.70 -36.37
N VAL G 684 -43.43 -30.91 -37.07
CA VAL G 684 -42.09 -30.70 -36.52
C VAL G 684 -41.89 -29.20 -36.29
N ARG G 685 -42.39 -28.38 -37.22
CA ARG G 685 -42.38 -26.93 -37.13
C ARG G 685 -43.57 -26.40 -36.32
N ILE G 686 -44.31 -27.32 -35.73
CA ILE G 686 -45.45 -27.06 -34.85
C ILE G 686 -45.12 -27.79 -33.55
N MET G 687 -45.84 -27.47 -32.47
CA MET G 687 -45.62 -28.10 -31.17
C MET G 687 -44.55 -27.37 -30.38
N LYS G 688 -43.46 -27.03 -31.02
CA LYS G 688 -42.37 -26.35 -30.33
C LYS G 688 -42.85 -25.07 -29.65
N MET G 689 -43.75 -24.34 -30.30
CA MET G 689 -44.30 -23.10 -29.75
C MET G 689 -45.61 -23.35 -29.00
N ARG G 690 -46.04 -24.61 -29.00
CA ARG G 690 -47.30 -25.04 -28.41
C ARG G 690 -47.06 -26.41 -27.78
N LYS G 691 -46.37 -26.44 -26.64
CA LYS G 691 -45.79 -27.68 -26.15
C LYS G 691 -46.82 -28.78 -25.99
N THR G 692 -48.02 -28.42 -25.52
CA THR G 692 -49.10 -29.38 -25.41
C THR G 692 -50.19 -29.04 -26.43
N LEU G 693 -50.47 -29.97 -27.33
CA LEU G 693 -51.41 -29.69 -28.42
C LEU G 693 -51.96 -30.99 -29.03
N GLY G 694 -53.29 -31.07 -29.18
CA GLY G 694 -53.93 -32.29 -29.69
C GLY G 694 -54.12 -32.33 -31.21
N HIS G 695 -54.70 -33.43 -31.69
CA HIS G 695 -54.94 -33.67 -33.12
C HIS G 695 -55.81 -32.62 -33.78
N ASN G 696 -56.88 -32.21 -33.08
CA ASN G 696 -57.84 -31.26 -33.64
C ASN G 696 -57.24 -29.86 -33.73
N LEU G 697 -56.18 -29.64 -32.98
CA LEU G 697 -55.51 -28.36 -32.98
C LEU G 697 -54.34 -28.42 -33.95
N LEU G 698 -53.77 -29.61 -34.13
CA LEU G 698 -52.65 -29.80 -35.02
C LEU G 698 -53.11 -29.64 -36.46
N VAL G 699 -54.27 -30.21 -36.78
CA VAL G 699 -54.82 -30.03 -38.11
C VAL G 699 -55.19 -28.57 -38.35
N SER G 700 -55.58 -27.87 -37.29
CA SER G 700 -55.92 -26.45 -37.37
C SER G 700 -54.68 -25.60 -37.59
N GLU G 701 -53.59 -25.93 -36.89
CA GLU G 701 -52.33 -25.23 -37.06
C GLU G 701 -51.77 -25.52 -38.45
N LEU G 702 -51.97 -26.74 -38.91
CA LEU G 702 -51.55 -27.16 -40.24
C LEU G 702 -52.36 -26.48 -41.33
N TYR G 703 -53.64 -26.25 -41.07
CA TYR G 703 -54.43 -25.48 -42.02
C TYR G 703 -53.72 -24.17 -42.32
N ASN G 704 -53.27 -23.49 -41.27
CA ASN G 704 -52.60 -22.21 -41.39
C ASN G 704 -51.12 -22.31 -41.81
N GLN G 705 -50.42 -23.37 -41.39
CA GLN G 705 -48.99 -23.50 -41.70
C GLN G 705 -48.72 -24.06 -43.10
N LEU G 706 -49.58 -24.97 -43.55
CA LEU G 706 -49.41 -25.63 -44.84
C LEU G 706 -49.96 -24.75 -45.96
N LYS G 707 -49.43 -24.90 -47.16
CA LYS G 707 -50.05 -24.26 -48.30
C LYS G 707 -51.41 -24.87 -48.58
N PHE G 708 -51.54 -26.18 -48.32
CA PHE G 708 -52.78 -26.91 -48.49
C PHE G 708 -53.04 -27.76 -47.23
N PRO G 709 -54.22 -27.65 -46.60
CA PRO G 709 -54.66 -28.38 -45.42
C PRO G 709 -54.54 -29.88 -45.63
N VAL G 710 -54.22 -30.61 -44.57
CA VAL G 710 -54.03 -32.05 -44.66
C VAL G 710 -55.18 -32.83 -44.05
N LYS G 711 -55.61 -33.86 -44.75
CA LYS G 711 -56.64 -34.76 -44.28
C LYS G 711 -56.13 -35.57 -43.09
N PRO G 712 -56.99 -35.98 -42.16
CA PRO G 712 -56.67 -36.75 -40.98
C PRO G 712 -56.02 -38.10 -41.30
N GLY G 713 -56.28 -38.63 -42.49
CA GLY G 713 -55.66 -39.88 -42.90
C GLY G 713 -54.14 -39.73 -43.01
N ASP G 714 -53.70 -38.79 -43.85
CA ASP G 714 -52.28 -38.53 -44.02
C ASP G 714 -51.66 -37.97 -42.74
N LEU G 715 -52.43 -37.18 -42.01
CA LEU G 715 -51.92 -36.57 -40.79
C LEU G 715 -51.58 -37.60 -39.74
N LYS G 716 -52.47 -38.57 -39.53
CA LYS G 716 -52.20 -39.61 -38.55
C LYS G 716 -50.98 -40.43 -38.93
N LYS G 717 -50.82 -40.70 -40.23
CA LYS G 717 -49.68 -41.47 -40.69
C LYS G 717 -48.36 -40.74 -40.45
N ARG G 718 -48.35 -39.43 -40.72
CA ARG G 718 -47.13 -38.65 -40.52
C ARG G 718 -46.82 -38.52 -39.04
N ILE G 719 -47.86 -38.42 -38.21
CA ILE G 719 -47.65 -38.33 -36.78
C ILE G 719 -46.94 -39.56 -36.25
N GLU G 720 -47.38 -40.75 -36.67
CA GLU G 720 -46.76 -41.97 -36.16
C GLU G 720 -45.29 -42.05 -36.54
N SER G 721 -44.96 -41.64 -37.77
CA SER G 721 -43.57 -41.67 -38.22
C SER G 721 -42.73 -40.62 -37.49
N LEU G 722 -43.35 -39.48 -37.17
CA LEU G 722 -42.67 -38.40 -36.46
C LEU G 722 -42.44 -38.77 -34.99
N ILE G 723 -43.26 -39.66 -34.47
CA ILE G 723 -43.04 -40.18 -33.12
C ILE G 723 -41.85 -41.14 -33.12
N ASP G 724 -41.79 -42.02 -34.11
CA ASP G 724 -40.68 -42.95 -34.23
C ASP G 724 -39.34 -42.21 -34.40
N ARG G 725 -39.39 -41.05 -35.04
CA ARG G 725 -38.20 -40.25 -35.30
C ARG G 725 -37.93 -39.18 -34.23
N ASP G 726 -38.64 -39.26 -33.11
CA ASP G 726 -38.45 -38.36 -31.96
C ASP G 726 -38.62 -36.88 -32.25
N TYR G 727 -39.65 -36.51 -33.01
CA TYR G 727 -39.98 -35.10 -33.18
C TYR G 727 -41.12 -34.73 -32.24
N MET G 728 -41.99 -35.70 -32.02
CA MET G 728 -43.18 -35.52 -31.20
C MET G 728 -43.49 -36.80 -30.45
N GLU G 729 -44.26 -36.71 -29.38
CA GLU G 729 -44.70 -37.90 -28.65
C GLU G 729 -46.13 -37.75 -28.18
N ARG G 730 -46.78 -38.86 -27.87
CA ARG G 730 -48.14 -38.80 -27.33
C ARG G 730 -48.12 -38.56 -25.83
N ASP G 731 -49.16 -37.88 -25.34
CA ASP G 731 -49.30 -37.61 -23.91
C ASP G 731 -50.74 -37.82 -23.45
N LYS G 732 -50.97 -37.61 -22.14
CA LYS G 732 -52.29 -37.67 -21.53
C LYS G 732 -53.04 -38.97 -21.79
N ASP G 733 -52.29 -40.06 -21.98
CA ASP G 733 -52.91 -41.36 -22.24
C ASP G 733 -53.99 -41.25 -23.32
N ASN G 734 -53.72 -40.48 -24.37
CA ASN G 734 -54.72 -40.22 -25.40
C ASN G 734 -54.07 -40.21 -26.80
N PRO G 735 -54.53 -41.07 -27.71
CA PRO G 735 -54.05 -41.21 -29.08
C PRO G 735 -53.99 -39.89 -29.85
N ASN G 736 -54.82 -38.92 -29.45
CA ASN G 736 -54.90 -37.64 -30.14
C ASN G 736 -54.27 -36.47 -29.38
N GLN G 737 -53.50 -36.77 -28.32
CA GLN G 737 -52.83 -35.71 -27.57
C GLN G 737 -51.32 -35.82 -27.75
N TYR G 738 -50.69 -34.72 -28.15
CA TYR G 738 -49.27 -34.75 -28.47
C TYR G 738 -48.45 -33.73 -27.69
N HIS G 739 -47.16 -34.02 -27.57
CA HIS G 739 -46.22 -33.10 -26.94
C HIS G 739 -44.92 -33.01 -27.75
N TYR G 740 -44.35 -31.80 -27.80
CA TYR G 740 -43.07 -31.59 -28.47
C TYR G 740 -41.94 -32.39 -27.85
N VAL G 741 -41.09 -33.00 -28.68
CA VAL G 741 -39.92 -33.69 -28.18
C VAL G 741 -38.65 -32.90 -28.43
N ALA G 742 -37.91 -32.64 -27.36
CA ALA G 742 -36.67 -31.88 -27.44
C ALA G 742 -35.46 -32.82 -27.34
N LYS H 27 -27.14 -31.50 -100.94
CA LYS H 27 -27.31 -32.78 -101.61
C LYS H 27 -28.23 -33.69 -100.80
N LYS H 28 -28.88 -33.10 -99.81
CA LYS H 28 -29.81 -33.80 -98.93
C LYS H 28 -31.16 -33.10 -98.96
N ARG H 29 -32.24 -33.84 -98.72
CA ARG H 29 -33.55 -33.18 -98.67
C ARG H 29 -33.70 -32.29 -97.44
N PHE H 30 -33.02 -32.65 -96.35
CA PHE H 30 -33.10 -31.85 -95.13
C PHE H 30 -31.73 -31.47 -94.59
N GLU H 31 -31.61 -30.23 -94.13
CA GLU H 31 -30.39 -29.74 -93.50
C GLU H 31 -30.69 -28.80 -92.32
N VAL H 32 -30.03 -29.02 -91.19
CA VAL H 32 -30.21 -28.16 -90.03
C VAL H 32 -29.34 -26.92 -90.11
N LYS H 33 -29.93 -25.76 -89.83
CA LYS H 33 -29.19 -24.50 -89.86
C LYS H 33 -28.98 -23.97 -88.45
N LYS H 34 -29.98 -24.15 -87.59
CA LYS H 34 -29.92 -23.65 -86.22
C LYS H 34 -30.18 -24.78 -85.25
N TRP H 35 -29.53 -24.76 -84.10
CA TRP H 35 -29.80 -25.74 -83.05
C TRP H 35 -29.62 -25.14 -81.66
N ASN H 36 -30.68 -25.19 -80.88
CA ASN H 36 -30.64 -24.68 -79.52
C ASN H 36 -30.71 -25.84 -78.54
N ALA H 37 -29.56 -26.24 -78.01
CA ALA H 37 -29.48 -27.38 -77.12
C ALA H 37 -29.82 -26.96 -75.71
N VAL H 38 -30.36 -27.87 -74.92
CA VAL H 38 -30.76 -27.56 -73.56
C VAL H 38 -30.15 -28.56 -72.57
N ALA H 39 -29.62 -28.07 -71.46
CA ALA H 39 -29.06 -28.96 -70.44
C ALA H 39 -29.36 -28.48 -69.03
N LEU H 40 -29.52 -29.50 -68.14
CA LEU H 40 -29.70 -29.19 -66.73
C LEU H 40 -28.38 -29.15 -65.99
N TRP H 41 -28.21 -28.09 -65.22
CA TRP H 41 -26.98 -27.73 -64.53
C TRP H 41 -27.01 -28.02 -63.03
N ALA H 42 -26.05 -28.83 -62.59
CA ALA H 42 -25.95 -29.11 -61.14
C ALA H 42 -24.53 -29.04 -60.58
N TRP H 43 -24.39 -28.51 -59.36
CA TRP H 43 -23.07 -28.54 -58.68
C TRP H 43 -22.80 -29.98 -58.26
N ASP H 44 -22.18 -30.78 -59.13
CA ASP H 44 -21.87 -32.14 -58.63
C ASP H 44 -20.98 -31.75 -57.44
N ILE H 45 -19.90 -31.01 -57.66
CA ILE H 45 -18.99 -30.42 -56.63
C ILE H 45 -18.59 -31.47 -55.61
N VAL H 46 -18.47 -32.74 -56.03
CA VAL H 46 -18.21 -33.81 -55.03
C VAL H 46 -19.25 -33.56 -53.92
N VAL H 47 -20.50 -33.25 -54.31
CA VAL H 47 -21.61 -32.86 -53.38
C VAL H 47 -22.37 -34.15 -53.11
N ASP H 48 -21.72 -35.24 -53.48
CA ASP H 48 -22.26 -36.54 -53.07
C ASP H 48 -21.87 -36.54 -51.59
N ASN H 49 -22.17 -35.44 -50.88
CA ASN H 49 -21.78 -35.25 -49.46
C ASN H 49 -22.80 -34.31 -48.79
N CYS H 50 -22.62 -33.96 -47.52
CA CYS H 50 -23.60 -33.20 -46.74
C CYS H 50 -23.00 -32.11 -45.86
N ALA H 51 -23.70 -30.97 -45.79
CA ALA H 51 -23.33 -29.85 -44.91
C ALA H 51 -23.44 -30.19 -43.44
N ILE H 52 -24.47 -30.94 -43.08
CA ILE H 52 -24.62 -31.36 -41.68
C ILE H 52 -24.84 -32.85 -41.66
N CYS H 53 -23.75 -33.60 -41.47
CA CYS H 53 -23.77 -35.06 -41.64
C CYS H 53 -22.47 -35.63 -42.17
N ARG H 54 -21.83 -34.89 -43.08
CA ARG H 54 -20.61 -35.33 -43.77
C ARG H 54 -20.86 -36.42 -44.80
N ASN H 55 -21.38 -37.55 -44.34
CA ASN H 55 -21.47 -38.76 -45.13
C ASN H 55 -22.12 -38.56 -46.50
N HIS H 56 -21.68 -39.36 -47.46
CA HIS H 56 -22.15 -39.35 -48.84
C HIS H 56 -23.67 -39.45 -48.88
N ILE H 57 -24.28 -38.70 -49.79
CA ILE H 57 -25.74 -38.65 -49.88
C ILE H 57 -26.38 -39.97 -50.29
N MET H 58 -25.63 -40.82 -50.99
CA MET H 58 -26.17 -42.12 -51.39
C MET H 58 -25.88 -43.19 -50.34
N ASP H 59 -25.22 -42.78 -49.25
CA ASP H 59 -24.98 -43.66 -48.13
C ASP H 59 -26.12 -43.45 -47.15
N LEU H 60 -26.09 -44.16 -46.05
CA LEU H 60 -27.12 -44.02 -45.04
C LEU H 60 -26.81 -42.83 -44.12
N CYS H 61 -27.82 -42.05 -43.77
CA CYS H 61 -27.64 -40.79 -43.06
C CYS H 61 -27.35 -40.94 -41.58
N ILE H 62 -26.30 -41.69 -41.25
CA ILE H 62 -25.88 -41.91 -39.86
C ILE H 62 -26.94 -42.66 -39.05
N GLU H 63 -28.10 -42.04 -38.88
CA GLU H 63 -29.20 -42.57 -38.09
C GLU H 63 -29.90 -43.73 -38.79
N CYS H 64 -29.52 -43.99 -40.04
CA CYS H 64 -30.02 -45.15 -40.78
C CYS H 64 -28.95 -46.23 -40.94
N GLN H 65 -27.76 -46.00 -40.37
CA GLN H 65 -26.69 -47.00 -40.43
C GLN H 65 -26.88 -48.01 -39.32
N ALA H 66 -27.84 -47.70 -38.45
CA ALA H 66 -28.21 -48.50 -37.30
C ALA H 66 -29.65 -48.17 -36.98
N ASN H 67 -30.30 -48.98 -36.17
CA ASN H 67 -31.69 -48.73 -35.85
C ASN H 67 -31.82 -47.58 -34.85
N GLN H 68 -31.61 -46.36 -35.35
CA GLN H 68 -31.66 -45.15 -34.54
C GLN H 68 -32.92 -44.36 -34.85
N ALA H 69 -32.97 -43.76 -36.05
CA ALA H 69 -34.17 -43.06 -36.47
C ALA H 69 -35.15 -44.06 -37.08
N SER H 70 -34.61 -45.12 -37.67
CA SER H 70 -35.42 -46.15 -38.31
C SER H 70 -34.61 -47.41 -38.59
N ALA H 71 -35.27 -48.56 -38.55
CA ALA H 71 -34.66 -49.81 -38.98
C ALA H 71 -34.68 -49.90 -40.50
N THR H 72 -35.54 -49.11 -41.12
CA THR H 72 -35.74 -49.15 -42.57
C THR H 72 -34.71 -48.30 -43.29
N SER H 73 -33.51 -48.83 -43.40
CA SER H 73 -32.40 -48.10 -43.99
C SER H 73 -32.65 -47.85 -45.48
N GLU H 74 -33.46 -48.70 -46.09
CA GLU H 74 -33.80 -48.61 -47.50
C GLU H 74 -34.77 -47.46 -47.79
N GLU H 75 -35.34 -46.87 -46.75
CA GLU H 75 -36.30 -45.79 -46.91
C GLU H 75 -35.62 -44.43 -46.78
N CYS H 76 -34.31 -44.41 -46.70
CA CYS H 76 -33.59 -43.16 -46.56
C CYS H 76 -33.40 -42.51 -47.92
N THR H 77 -33.97 -41.32 -48.09
CA THR H 77 -34.03 -40.66 -49.40
C THR H 77 -33.09 -39.45 -49.52
N VAL H 78 -33.00 -38.95 -50.75
CA VAL H 78 -32.15 -37.83 -51.10
C VAL H 78 -32.97 -36.66 -51.64
N ALA H 79 -32.62 -35.43 -51.21
CA ALA H 79 -33.34 -34.24 -51.61
C ALA H 79 -32.43 -33.23 -52.30
N TRP H 80 -33.02 -32.38 -53.16
CA TRP H 80 -32.29 -31.30 -53.83
C TRP H 80 -32.68 -29.92 -53.30
N GLY H 81 -31.72 -29.00 -53.30
CA GLY H 81 -31.96 -27.63 -52.86
C GLY H 81 -32.13 -26.66 -54.03
N VAL H 82 -31.79 -25.40 -53.80
CA VAL H 82 -31.94 -24.35 -54.81
C VAL H 82 -30.60 -23.75 -55.23
N CYS H 83 -29.52 -24.44 -54.88
CA CYS H 83 -28.17 -23.97 -55.17
C CYS H 83 -27.33 -25.03 -55.86
N ASN H 84 -27.92 -25.71 -56.83
CA ASN H 84 -27.23 -26.69 -57.67
C ASN H 84 -26.62 -27.87 -56.90
N HIS H 85 -27.25 -28.31 -55.81
CA HIS H 85 -26.71 -29.45 -55.06
C HIS H 85 -27.76 -30.24 -54.31
N ALA H 86 -27.36 -31.45 -53.87
CA ALA H 86 -28.23 -32.35 -53.11
C ALA H 86 -27.72 -32.63 -51.71
N PHE H 87 -28.55 -33.29 -50.94
CA PHE H 87 -28.26 -33.69 -49.55
C PHE H 87 -29.20 -34.83 -49.12
N HIS H 88 -28.89 -35.53 -48.03
CA HIS H 88 -29.85 -36.52 -47.55
C HIS H 88 -31.09 -35.80 -47.09
N PHE H 89 -32.24 -36.44 -47.31
CA PHE H 89 -33.49 -35.89 -46.82
C PHE H 89 -33.48 -35.80 -45.30
N HIS H 90 -33.11 -36.90 -44.66
CA HIS H 90 -33.20 -37.03 -43.21
C HIS H 90 -32.21 -36.17 -42.43
N CYS H 91 -30.97 -36.08 -42.90
CA CYS H 91 -29.95 -35.45 -42.07
C CYS H 91 -30.08 -33.94 -42.06
N ILE H 92 -30.89 -33.42 -42.97
CA ILE H 92 -31.16 -31.99 -43.02
C ILE H 92 -32.51 -31.63 -42.38
N SER H 93 -33.55 -32.41 -42.67
CA SER H 93 -34.89 -32.11 -42.15
C SER H 93 -34.98 -32.35 -40.65
N ARG H 94 -34.05 -33.14 -40.10
CA ARG H 94 -34.03 -33.41 -38.68
C ARG H 94 -33.75 -32.16 -37.84
N TRP H 95 -33.25 -31.11 -38.46
CA TRP H 95 -32.89 -29.90 -37.73
C TRP H 95 -34.04 -28.90 -37.66
N LEU H 96 -35.18 -29.25 -38.26
CA LEU H 96 -36.33 -28.36 -38.26
C LEU H 96 -36.84 -28.12 -36.84
N LYS H 97 -36.70 -29.13 -35.98
CA LYS H 97 -37.13 -29.03 -34.59
C LYS H 97 -36.18 -28.14 -33.77
N THR H 98 -35.00 -27.87 -34.32
CA THR H 98 -33.95 -27.13 -33.62
C THR H 98 -33.98 -25.66 -34.01
N MET I 20 16.94 14.59 79.11
CA MET I 20 17.12 14.59 80.57
C MET I 20 16.88 15.99 81.13
N SER I 21 16.28 16.83 80.32
CA SER I 21 16.00 18.21 80.70
C SER I 21 14.77 18.31 81.57
N TYR I 22 14.90 17.85 82.80
CA TYR I 22 13.81 17.84 83.75
C TYR I 22 13.62 19.24 84.32
N ASN I 23 12.37 19.62 84.55
CA ASN I 23 12.06 20.95 85.04
C ASN I 23 11.01 20.97 86.14
N TYR I 24 11.05 22.03 86.93
CA TYR I 24 10.13 22.28 88.04
C TYR I 24 9.32 23.53 87.76
N VAL I 25 7.99 23.41 87.86
CA VAL I 25 7.12 24.53 87.48
C VAL I 25 6.25 24.99 88.64
N VAL I 26 6.32 26.29 88.95
CA VAL I 26 5.47 26.90 89.97
C VAL I 26 4.80 28.18 89.51
N THR I 27 3.79 28.59 90.26
CA THR I 27 3.19 29.89 90.11
C THR I 27 3.86 30.88 91.05
N ALA I 28 4.50 31.91 90.48
CA ALA I 28 5.17 32.93 91.26
C ALA I 28 4.15 33.95 91.74
N GLN I 29 3.16 34.20 90.89
CA GLN I 29 2.07 35.11 91.17
C GLN I 29 0.74 34.50 90.73
N LYS I 30 -0.17 34.37 91.68
CA LYS I 30 -1.48 33.80 91.38
C LYS I 30 -2.14 34.58 90.25
N PRO I 31 -2.89 33.90 89.38
CA PRO I 31 -3.60 34.46 88.26
C PRO I 31 -4.63 35.43 88.80
N THR I 32 -4.95 36.43 88.00
CA THR I 32 -5.91 37.46 88.46
C THR I 32 -7.08 37.53 87.48
N ALA I 33 -6.86 37.32 86.18
CA ALA I 33 -7.92 37.63 85.19
C ALA I 33 -9.28 37.07 85.58
N VAL I 34 -10.26 38.00 85.60
CA VAL I 34 -11.67 37.69 85.90
C VAL I 34 -12.25 36.97 84.68
N ASN I 35 -12.11 35.64 84.67
CA ASN I 35 -12.63 34.81 83.59
C ASN I 35 -14.12 34.57 83.77
N GLY I 36 -14.88 35.66 83.80
CA GLY I 36 -16.30 35.60 84.10
C GLY I 36 -16.52 35.54 85.61
N CYS I 37 -17.78 35.53 86.02
CA CYS I 37 -18.15 35.46 87.42
C CYS I 37 -19.52 34.84 87.60
N VAL I 38 -19.78 34.39 88.83
CA VAL I 38 -21.08 33.84 89.18
C VAL I 38 -21.61 34.47 90.46
N THR I 39 -22.89 34.82 90.46
CA THR I 39 -23.51 35.39 91.65
C THR I 39 -24.81 34.68 91.99
N GLY I 40 -25.19 34.73 93.27
CA GLY I 40 -26.39 34.04 93.73
C GLY I 40 -26.35 33.83 95.24
N HIS I 41 -26.79 32.65 95.67
CA HIS I 41 -26.89 32.32 97.09
C HIS I 41 -26.18 31.00 97.39
N PHE I 42 -24.86 31.01 97.26
CA PHE I 42 -24.06 29.79 97.31
C PHE I 42 -23.63 29.41 98.72
N THR I 43 -23.25 30.41 99.52
CA THR I 43 -22.69 30.12 100.84
C THR I 43 -23.80 29.89 101.86
N SER I 44 -24.96 30.45 101.60
CA SER I 44 -26.14 30.24 102.41
C SER I 44 -27.37 30.64 101.61
N ALA I 45 -28.55 30.28 102.09
CA ALA I 45 -29.79 30.68 101.45
C ALA I 45 -29.98 32.19 101.45
N GLU I 46 -29.50 32.84 102.51
CA GLU I 46 -29.70 34.27 102.69
C GLU I 46 -28.57 35.13 102.12
N ASP I 47 -27.34 34.60 102.13
CA ASP I 47 -26.18 35.39 101.71
C ASP I 47 -26.23 35.83 100.26
N LEU I 48 -25.66 36.99 100.00
CA LEU I 48 -25.45 37.47 98.64
C LEU I 48 -24.02 37.15 98.21
N ASN I 49 -23.87 36.24 97.26
CA ASN I 49 -22.55 35.73 96.92
C ASN I 49 -22.03 36.18 95.56
N LEU I 50 -20.71 36.15 95.46
CA LEU I 50 -19.99 36.36 94.21
C LEU I 50 -18.78 35.42 94.13
N LEU I 51 -18.63 34.75 93.01
CA LEU I 51 -17.48 33.88 92.79
C LEU I 51 -16.63 34.44 91.66
N ILE I 52 -15.35 34.62 91.94
CA ILE I 52 -14.43 35.17 90.95
C ILE I 52 -13.67 34.07 90.25
N ALA I 53 -13.77 34.04 88.92
CA ALA I 53 -13.12 33.01 88.13
C ALA I 53 -11.66 33.33 87.86
N LYS I 54 -10.77 32.43 88.25
CA LYS I 54 -9.34 32.60 88.00
C LYS I 54 -8.75 31.37 87.31
N ASN I 55 -9.17 31.15 86.06
CA ASN I 55 -8.73 30.01 85.27
C ASN I 55 -9.11 28.67 85.90
N THR I 56 -8.25 28.18 86.79
CA THR I 56 -8.43 26.88 87.42
C THR I 56 -8.91 27.03 88.87
N ARG I 57 -8.96 28.27 89.33
CA ARG I 57 -9.32 28.57 90.71
C ARG I 57 -10.58 29.41 90.84
N LEU I 58 -11.20 29.32 92.01
CA LEU I 58 -12.36 30.12 92.35
C LEU I 58 -12.25 30.75 93.73
N GLU I 59 -12.53 32.04 93.80
CA GLU I 59 -12.57 32.73 95.08
C GLU I 59 -14.01 33.11 95.42
N ILE I 60 -14.49 32.60 96.54
CA ILE I 60 -15.86 32.81 96.96
C ILE I 60 -15.93 34.00 97.90
N TYR I 61 -16.77 34.97 97.56
CA TYR I 61 -16.97 36.17 98.35
C TYR I 61 -18.43 36.34 98.74
N VAL I 62 -18.66 37.07 99.82
CA VAL I 62 -20.00 37.50 100.23
C VAL I 62 -20.03 39.02 100.27
N VAL I 63 -21.10 39.61 99.75
CA VAL I 63 -21.16 41.07 99.76
C VAL I 63 -22.02 41.58 100.90
N THR I 64 -21.48 42.56 101.61
CA THR I 64 -22.16 43.17 102.74
C THR I 64 -22.09 44.69 102.56
N ALA I 65 -22.73 45.43 103.46
CA ALA I 65 -22.73 46.89 103.36
C ALA I 65 -21.31 47.46 103.37
N GLU I 66 -20.41 46.78 104.09
CA GLU I 66 -19.03 47.21 104.25
C GLU I 66 -18.15 46.93 103.04
N GLY I 67 -18.65 46.19 102.06
CA GLY I 67 -17.85 45.85 100.89
C GLY I 67 -17.91 44.35 100.58
N LEU I 68 -17.02 43.89 99.71
CA LEU I 68 -16.99 42.50 99.30
C LEU I 68 -15.94 41.75 100.12
N ARG I 69 -16.38 40.77 100.90
CA ARG I 69 -15.49 40.06 101.80
C ARG I 69 -15.31 38.60 101.36
N PRO I 70 -14.10 38.06 101.49
CA PRO I 70 -13.74 36.70 101.13
C PRO I 70 -14.41 35.70 102.06
N VAL I 71 -14.74 34.54 101.51
CA VAL I 71 -15.30 33.44 102.26
C VAL I 71 -14.36 32.23 102.20
N LYS I 72 -14.08 31.79 100.98
CA LYS I 72 -13.29 30.58 100.78
C LYS I 72 -12.56 30.56 99.43
N GLU I 73 -11.29 30.17 99.45
CA GLU I 73 -10.53 29.96 98.22
C GLU I 73 -10.44 28.47 97.90
N VAL I 74 -10.86 28.10 96.69
CA VAL I 74 -10.81 26.70 96.27
C VAL I 74 -10.15 26.56 94.91
N GLY I 75 -9.76 25.33 94.56
CA GLY I 75 -9.21 25.06 93.24
C GLY I 75 -9.67 23.73 92.67
N MET I 76 -9.63 23.62 91.35
CA MET I 76 -10.01 22.41 90.65
C MET I 76 -8.89 21.99 89.70
N TYR I 77 -8.71 20.69 89.52
CA TYR I 77 -7.69 20.24 88.58
C TYR I 77 -8.18 20.37 87.15
N GLY I 78 -8.22 21.60 86.65
CA GLY I 78 -8.63 21.87 85.29
C GLY I 78 -9.13 23.30 85.09
N LYS I 79 -8.92 23.82 83.89
CA LYS I 79 -9.46 25.11 83.49
C LYS I 79 -10.96 25.03 83.42
N ILE I 80 -11.65 26.06 83.91
CA ILE I 80 -13.10 26.06 83.89
C ILE I 80 -13.69 26.77 82.69
N ALA I 81 -14.60 26.08 82.01
CA ALA I 81 -15.31 26.64 80.86
C ALA I 81 -16.69 27.13 81.27
N VAL I 82 -17.34 26.39 82.17
CA VAL I 82 -18.69 26.72 82.61
C VAL I 82 -18.77 26.77 84.13
N MET I 83 -19.42 27.81 84.63
CA MET I 83 -19.72 27.92 86.05
C MET I 83 -21.05 28.66 86.25
N GLU I 84 -21.96 28.05 87.01
CA GLU I 84 -23.27 28.65 87.26
C GLU I 84 -23.94 28.12 88.53
N LEU I 85 -24.82 28.94 89.12
CA LEU I 85 -25.58 28.52 90.30
C LEU I 85 -27.04 28.16 89.97
N PHE I 86 -27.54 27.11 90.63
CA PHE I 86 -28.92 26.68 90.41
C PHE I 86 -29.57 26.07 91.66
N ARG I 87 -30.90 26.01 91.66
CA ARG I 87 -31.65 25.42 92.76
C ARG I 87 -32.69 24.42 92.27
N PRO I 88 -32.35 23.13 92.19
CA PRO I 88 -33.09 22.06 91.53
C PRO I 88 -34.32 21.60 92.33
N LYS I 89 -35.25 22.53 92.55
CA LYS I 89 -36.52 22.23 93.19
C LYS I 89 -36.40 21.57 94.55
N GLY I 90 -36.16 22.36 95.59
CA GLY I 90 -36.15 21.85 96.96
C GLY I 90 -34.94 22.28 97.77
N GLU I 91 -33.88 22.73 97.10
CA GLU I 91 -32.70 23.16 97.82
C GLU I 91 -32.90 24.59 98.34
N SER I 92 -32.40 24.85 99.55
CA SER I 92 -32.45 26.18 100.12
C SER I 92 -31.26 27.03 99.68
N LYS I 93 -30.17 26.35 99.36
CA LYS I 93 -28.95 27.00 98.90
C LYS I 93 -28.80 26.75 97.40
N ASP I 94 -28.09 27.63 96.73
CA ASP I 94 -27.74 27.35 95.35
C ASP I 94 -26.68 26.26 95.29
N LEU I 95 -26.74 25.43 94.26
CA LEU I 95 -25.67 24.49 93.98
C LEU I 95 -24.86 25.03 92.83
N LEU I 96 -23.57 24.75 92.82
CA LEU I 96 -22.69 25.26 91.78
C LEU I 96 -22.34 24.17 90.77
N PHE I 97 -22.63 24.43 89.51
CA PHE I 97 -22.26 23.51 88.46
C PHE I 97 -20.99 23.99 87.79
N ILE I 98 -20.04 23.09 87.62
CA ILE I 98 -18.80 23.42 86.91
C ILE I 98 -18.44 22.40 85.84
N LEU I 99 -18.07 22.90 84.68
CA LEU I 99 -17.52 22.06 83.61
C LEU I 99 -16.15 22.56 83.19
N THR I 100 -15.18 21.68 83.20
CA THR I 100 -13.83 22.05 82.81
C THR I 100 -13.63 22.05 81.29
N ALA I 101 -12.51 22.60 80.86
CA ALA I 101 -12.12 22.64 79.46
C ALA I 101 -11.80 21.24 78.91
N LYS I 102 -11.66 20.28 79.83
CA LYS I 102 -11.39 18.90 79.50
C LYS I 102 -12.68 18.10 79.53
N TYR I 103 -13.80 18.84 79.66
CA TYR I 103 -15.16 18.33 79.71
C TYR I 103 -15.48 17.52 80.97
N ASN I 104 -14.86 17.86 82.10
CA ASN I 104 -15.20 17.15 83.33
C ASN I 104 -16.17 17.96 84.16
N ALA I 105 -17.40 17.47 84.24
CA ALA I 105 -18.51 18.16 84.88
C ALA I 105 -18.64 17.78 86.35
N CYS I 106 -19.18 18.69 87.15
CA CYS I 106 -19.55 18.34 88.52
C CYS I 106 -20.67 19.23 89.09
N ILE I 107 -21.37 18.69 90.07
CA ILE I 107 -22.34 19.46 90.86
C ILE I 107 -21.85 19.58 92.29
N LEU I 108 -21.75 20.82 92.75
CA LEU I 108 -21.11 21.14 94.01
C LEU I 108 -22.03 21.79 95.04
N GLU I 109 -21.94 21.31 96.28
CA GLU I 109 -22.66 21.93 97.38
C GLU I 109 -21.70 22.60 98.36
N TYR I 110 -22.01 23.84 98.73
CA TYR I 110 -21.23 24.54 99.73
C TYR I 110 -21.56 24.01 101.11
N LYS I 111 -20.53 23.69 101.89
CA LYS I 111 -20.74 23.20 103.23
C LYS I 111 -19.87 23.95 104.25
N GLN I 112 -20.51 24.53 105.25
CA GLN I 112 -19.79 25.24 106.29
C GLN I 112 -20.04 24.68 107.67
N SER I 113 -19.08 23.89 108.16
CA SER I 113 -19.17 23.28 109.46
C SER I 113 -18.62 24.25 110.51
N GLY I 114 -19.39 25.28 110.81
CA GLY I 114 -18.92 26.35 111.67
C GLY I 114 -17.83 27.13 110.96
N GLU I 115 -16.62 27.13 111.50
CA GLU I 115 -15.51 27.85 110.89
C GLU I 115 -14.91 27.08 109.71
N SER I 116 -15.24 25.80 109.58
CA SER I 116 -14.64 24.96 108.56
C SER I 116 -15.45 24.95 107.26
N ILE I 117 -14.87 25.52 106.20
CA ILE I 117 -15.56 25.67 104.93
C ILE I 117 -14.92 24.84 103.83
N ASP I 118 -15.74 24.06 103.13
CA ASP I 118 -15.27 23.27 102.00
C ASP I 118 -16.41 23.04 101.00
N ILE I 119 -16.11 22.35 99.91
CA ILE I 119 -17.13 22.03 98.90
C ILE I 119 -17.31 20.53 98.74
N ILE I 120 -18.57 20.11 98.82
CA ILE I 120 -18.92 18.70 98.71
C ILE I 120 -19.42 18.38 97.31
N THR I 121 -18.81 17.37 96.70
CA THR I 121 -19.21 16.98 95.36
C THR I 121 -20.40 16.05 95.44
N ARG I 122 -21.45 16.36 94.70
CA ARG I 122 -22.65 15.53 94.71
C ARG I 122 -22.72 14.70 93.45
N ALA I 123 -22.16 15.23 92.37
CA ALA I 123 -22.13 14.52 91.09
C ALA I 123 -20.89 14.91 90.31
N HIS I 124 -20.39 13.99 89.50
CA HIS I 124 -19.26 14.28 88.62
C HIS I 124 -19.12 13.28 87.48
N GLY I 125 -18.52 13.72 86.38
CA GLY I 125 -18.23 12.85 85.24
C GLY I 125 -17.94 13.63 83.96
N ASN I 126 -17.35 12.96 82.98
CA ASN I 126 -16.98 13.59 81.72
C ASN I 126 -18.16 13.67 80.75
N VAL I 127 -18.28 14.81 80.06
CA VAL I 127 -19.36 15.02 79.10
C VAL I 127 -18.86 15.35 77.68
N GLN I 128 -17.75 14.76 77.28
CA GLN I 128 -17.21 14.97 75.94
C GLN I 128 -17.73 13.96 74.92
N ASP I 129 -17.94 14.43 73.69
CA ASP I 129 -18.26 13.54 72.58
C ASP I 129 -17.00 12.99 71.91
N ARG I 130 -16.89 11.66 71.90
CA ARG I 130 -15.68 10.99 71.42
C ARG I 130 -15.39 11.24 69.93
N ILE I 131 -16.41 11.16 69.09
CA ILE I 131 -16.20 11.31 67.65
C ILE I 131 -16.94 12.53 67.11
N GLY I 132 -16.19 13.42 66.47
CA GLY I 132 -16.71 14.65 65.91
C GLY I 132 -15.74 15.79 66.15
N ARG I 133 -16.19 17.01 65.88
CA ARG I 133 -15.34 18.18 66.09
C ARG I 133 -16.13 19.27 66.83
N PRO I 134 -15.49 19.91 67.83
CA PRO I 134 -16.06 20.86 68.78
C PRO I 134 -16.49 22.15 68.11
N SER I 135 -17.43 22.83 68.74
CA SER I 135 -17.93 24.12 68.27
C SER I 135 -16.86 25.19 68.29
N GLU I 136 -16.90 26.08 67.29
CA GLU I 136 -15.98 27.21 67.20
C GLU I 136 -16.27 28.25 68.27
N THR I 137 -17.41 28.10 68.94
CA THR I 137 -17.81 29.00 70.02
C THR I 137 -17.17 28.59 71.34
N GLY I 138 -16.57 27.40 71.36
CA GLY I 138 -16.02 26.85 72.59
C GLY I 138 -17.13 26.19 73.41
N ILE I 139 -16.84 25.92 74.67
CA ILE I 139 -17.80 25.23 75.52
C ILE I 139 -18.74 26.22 76.19
N ILE I 140 -20.01 26.18 75.80
CA ILE I 140 -21.02 27.09 76.34
C ILE I 140 -22.05 26.32 77.14
N GLY I 141 -22.17 26.62 78.43
CA GLY I 141 -23.10 25.89 79.29
C GLY I 141 -24.10 26.81 79.97
N ILE I 142 -25.38 26.46 79.84
CA ILE I 142 -26.47 27.25 80.41
C ILE I 142 -27.46 26.39 81.20
N ILE I 143 -28.05 26.96 82.24
CA ILE I 143 -28.98 26.22 83.08
C ILE I 143 -30.43 26.68 83.00
N ASP I 144 -31.31 25.70 82.84
CA ASP I 144 -32.75 25.88 82.85
C ASP I 144 -33.19 26.58 84.13
N PRO I 145 -33.95 27.70 84.07
CA PRO I 145 -34.45 28.44 85.21
C PRO I 145 -35.34 27.56 86.08
N GLU I 146 -35.91 26.50 85.49
CA GLU I 146 -36.71 25.54 86.24
C GLU I 146 -35.83 24.40 86.72
N CYS I 147 -34.55 24.50 86.40
CA CYS I 147 -33.50 23.58 86.80
C CYS I 147 -33.79 22.13 86.48
N ARG I 148 -34.33 21.83 85.30
CA ARG I 148 -34.52 20.45 84.91
C ARG I 148 -33.22 19.85 84.41
N MET I 149 -32.45 20.65 83.68
CA MET I 149 -31.21 20.19 83.08
C MET I 149 -30.29 21.36 82.76
N ILE I 150 -29.02 21.04 82.57
CA ILE I 150 -28.08 21.99 82.02
C ILE I 150 -27.83 21.64 80.55
N GLY I 151 -27.96 22.64 79.70
CA GLY I 151 -27.76 22.43 78.27
C GLY I 151 -26.45 23.04 77.82
N LEU I 152 -25.77 22.37 76.90
CA LEU I 152 -24.48 22.88 76.45
C LEU I 152 -24.27 22.77 74.95
N ARG I 153 -23.71 23.81 74.36
CA ARG I 153 -23.29 23.77 72.96
C ARG I 153 -21.82 23.39 72.90
N LEU I 154 -21.56 22.15 72.52
CA LEU I 154 -20.21 21.62 72.63
C LEU I 154 -19.61 21.28 71.28
N TYR I 155 -20.40 20.63 70.44
CA TYR I 155 -19.93 20.12 69.14
C TYR I 155 -20.78 20.64 68.00
N ASP I 156 -20.24 20.57 66.78
CA ASP I 156 -20.95 21.06 65.60
C ASP I 156 -22.26 20.31 65.39
N GLY I 157 -23.38 21.02 65.59
CA GLY I 157 -24.71 20.41 65.49
C GLY I 157 -25.11 19.59 66.72
N LEU I 158 -24.30 19.65 67.77
CA LEU I 158 -24.54 18.83 68.96
C LEU I 158 -24.76 19.64 70.24
N PHE I 159 -25.94 19.48 70.80
CA PHE I 159 -26.33 20.12 72.05
C PHE I 159 -26.50 19.07 73.13
N LYS I 160 -25.70 19.18 74.18
CA LYS I 160 -25.71 18.16 75.22
C LYS I 160 -26.54 18.63 76.42
N VAL I 161 -27.44 17.78 76.87
CA VAL I 161 -28.26 18.10 78.04
C VAL I 161 -28.12 17.07 79.15
N ILE I 162 -27.85 17.58 80.35
CA ILE I 162 -27.66 16.74 81.54
C ILE I 162 -28.65 17.10 82.63
N PRO I 163 -29.52 16.19 83.06
CA PRO I 163 -30.49 16.39 84.12
C PRO I 163 -29.81 16.88 85.38
N LEU I 164 -30.33 17.94 85.97
CA LEU I 164 -29.77 18.46 87.21
C LEU I 164 -30.48 17.83 88.40
N ASP I 165 -30.33 16.52 88.49
CA ASP I 165 -31.01 15.73 89.49
C ASP I 165 -30.12 15.55 90.72
N ARG I 166 -30.64 14.85 91.71
CA ARG I 166 -29.87 14.53 92.90
C ARG I 166 -29.25 13.16 92.74
N ASP I 167 -29.93 12.30 91.96
CA ASP I 167 -29.50 10.93 91.78
C ASP I 167 -28.62 10.74 90.54
N ASN I 168 -28.44 11.80 89.75
CA ASN I 168 -27.63 11.70 88.55
C ASN I 168 -26.17 11.94 88.89
N LYS I 169 -25.62 11.04 89.71
CA LYS I 169 -24.28 11.20 90.26
C LYS I 169 -23.22 11.16 89.19
N GLU I 170 -23.44 10.35 88.16
CA GLU I 170 -22.50 10.21 87.05
C GLU I 170 -22.70 11.30 86.00
N LEU I 171 -23.72 12.12 86.18
CA LEU I 171 -24.07 13.17 85.22
C LEU I 171 -24.31 12.61 83.82
N LYS I 172 -25.17 11.60 83.72
CA LYS I 172 -25.49 11.02 82.43
C LYS I 172 -26.00 12.11 81.50
N ALA I 173 -25.44 12.16 80.30
CA ALA I 173 -25.78 13.20 79.34
C ALA I 173 -26.55 12.64 78.15
N PHE I 174 -27.40 13.48 77.58
CA PHE I 174 -28.20 13.13 76.42
C PHE I 174 -27.87 14.09 75.27
N ASN I 175 -27.92 13.58 74.04
CA ASN I 175 -27.51 14.34 72.86
C ASN I 175 -28.66 14.72 71.93
N ILE I 176 -28.94 16.02 71.85
CA ILE I 176 -29.99 16.51 70.96
C ILE I 176 -29.36 17.08 69.69
N ARG I 177 -29.80 16.62 68.53
CA ARG I 177 -29.26 17.13 67.28
C ARG I 177 -29.84 18.50 66.98
N LEU I 178 -28.97 19.46 66.65
CA LEU I 178 -29.37 20.84 66.42
C LEU I 178 -29.34 21.22 64.95
N GLU I 179 -30.43 21.80 64.46
CA GLU I 179 -30.51 22.27 63.08
C GLU I 179 -29.61 23.49 62.87
N GLU I 180 -29.56 24.36 63.86
CA GLU I 180 -28.72 25.54 63.80
C GLU I 180 -27.29 25.15 64.17
N LEU I 181 -26.60 24.62 63.19
CA LEU I 181 -25.30 23.99 63.39
C LEU I 181 -24.31 24.98 63.99
N HIS I 182 -24.44 26.23 63.56
CA HIS I 182 -23.56 27.32 63.98
C HIS I 182 -24.35 28.40 64.71
N VAL I 183 -24.05 28.57 65.99
CA VAL I 183 -24.77 29.55 66.80
C VAL I 183 -23.79 30.54 67.38
N ILE I 184 -24.30 31.67 67.86
CA ILE I 184 -23.45 32.67 68.47
C ILE I 184 -23.59 32.67 69.99
N ASP I 185 -24.83 32.74 70.47
CA ASP I 185 -25.08 32.80 71.91
C ASP I 185 -26.41 32.15 72.30
N VAL I 186 -26.33 31.16 73.19
CA VAL I 186 -27.52 30.45 73.65
C VAL I 186 -27.76 30.69 75.14
N LYS I 187 -29.00 31.02 75.51
CA LYS I 187 -29.41 31.17 76.90
C LYS I 187 -30.79 30.57 77.14
N PHE I 188 -31.03 30.00 78.32
CA PHE I 188 -32.37 29.53 78.61
C PHE I 188 -33.33 30.69 78.77
N LEU I 189 -34.52 30.53 78.22
CA LEU I 189 -35.52 31.58 78.11
C LEU I 189 -36.53 31.60 79.26
N TYR I 190 -37.05 32.79 79.54
CA TYR I 190 -38.09 33.00 80.54
C TYR I 190 -39.46 33.26 79.90
N GLY I 191 -40.52 33.05 80.66
CA GLY I 191 -41.87 33.30 80.16
C GLY I 191 -42.49 32.05 79.55
N CYS I 192 -41.88 30.90 79.83
CA CYS I 192 -42.36 29.63 79.30
C CYS I 192 -42.19 28.53 80.34
N GLN I 193 -43.20 27.69 80.48
CA GLN I 193 -43.18 26.60 81.45
C GLN I 193 -42.21 25.50 81.01
N ALA I 194 -41.89 25.49 79.73
CA ALA I 194 -41.01 24.49 79.15
C ALA I 194 -39.57 24.98 79.27
N PRO I 195 -38.60 24.07 79.30
CA PRO I 195 -37.17 24.35 79.37
C PRO I 195 -36.66 24.85 78.03
N THR I 196 -37.11 26.04 77.65
CA THR I 196 -36.78 26.57 76.34
C THR I 196 -35.52 27.39 76.36
N ILE I 197 -34.92 27.53 75.19
CA ILE I 197 -33.73 28.31 74.96
C ILE I 197 -33.93 29.33 73.86
N CYS I 198 -33.48 30.54 74.11
CA CYS I 198 -33.50 31.60 73.12
C CYS I 198 -32.08 31.88 72.69
N PHE I 199 -31.86 31.99 71.40
CA PHE I 199 -30.48 32.14 70.95
C PHE I 199 -30.32 32.93 69.67
N VAL I 200 -29.10 33.45 69.48
CA VAL I 200 -28.70 34.12 68.26
C VAL I 200 -27.84 33.17 67.45
N TYR I 201 -28.17 33.00 66.18
CA TYR I 201 -27.43 32.06 65.35
C TYR I 201 -27.28 32.53 63.92
N GLN I 202 -26.37 31.89 63.20
CA GLN I 202 -26.05 32.29 61.83
C GLN I 202 -26.51 31.25 60.81
N ASP I 203 -27.31 31.68 59.85
CA ASP I 203 -27.75 30.80 58.76
C ASP I 203 -27.77 31.64 57.45
N PRO I 204 -28.23 31.09 56.31
CA PRO I 204 -28.27 31.75 55.00
C PRO I 204 -29.13 33.01 54.97
N GLN I 205 -29.95 33.21 55.99
CA GLN I 205 -30.82 34.38 56.05
C GLN I 205 -30.18 35.50 56.86
N GLY I 206 -28.93 35.30 57.27
CA GLY I 206 -28.23 36.25 58.11
C GLY I 206 -28.37 35.84 59.57
N ARG I 207 -28.19 36.78 60.49
CA ARG I 207 -28.31 36.42 61.89
C ARG I 207 -29.75 36.58 62.34
N HIS I 208 -30.23 35.56 63.06
CA HIS I 208 -31.60 35.53 63.55
C HIS I 208 -31.68 35.11 64.99
N VAL I 209 -32.78 35.47 65.65
CA VAL I 209 -33.06 34.98 66.98
C VAL I 209 -34.16 33.96 66.93
N LYS I 210 -33.93 32.82 67.54
CA LYS I 210 -34.88 31.72 67.52
C LYS I 210 -35.01 31.06 68.88
N THR I 211 -36.09 30.32 69.07
CA THR I 211 -36.25 29.57 70.30
C THR I 211 -36.61 28.11 70.06
N TYR I 212 -36.36 27.28 71.07
CA TYR I 212 -36.81 25.89 71.08
C TYR I 212 -36.89 25.32 72.48
N GLU I 213 -37.62 24.22 72.60
CA GLU I 213 -37.72 23.44 73.85
C GLU I 213 -36.80 22.25 73.84
N VAL I 214 -35.88 22.18 74.81
CA VAL I 214 -34.96 21.06 74.87
C VAL I 214 -35.66 19.84 75.46
N SER I 215 -35.39 18.67 74.91
CA SER I 215 -35.95 17.45 75.49
C SER I 215 -34.87 16.37 75.53
N LEU I 216 -34.34 16.14 76.72
CA LEU I 216 -33.22 15.23 76.92
C LEU I 216 -33.63 13.77 76.80
N ARG I 217 -34.88 13.47 77.13
CA ARG I 217 -35.36 12.10 77.06
C ARG I 217 -35.72 11.71 75.64
N GLU I 218 -36.17 12.71 74.86
CA GLU I 218 -36.54 12.49 73.46
C GLU I 218 -35.35 12.68 72.54
N LYS I 219 -34.34 13.43 73.01
CA LYS I 219 -33.18 13.80 72.21
C LYS I 219 -33.62 14.60 70.98
N GLU I 220 -34.54 15.54 71.21
CA GLU I 220 -35.14 16.35 70.15
C GLU I 220 -35.42 17.78 70.61
N PHE I 221 -35.50 18.70 69.65
CA PHE I 221 -35.92 20.06 69.96
C PHE I 221 -37.36 20.33 69.52
N ASN I 222 -38.20 20.62 70.48
CA ASN I 222 -39.62 20.87 70.21
C ASN I 222 -39.84 22.37 70.07
N LYS I 223 -40.90 22.77 69.40
CA LYS I 223 -41.20 24.20 69.31
C LYS I 223 -42.12 24.61 70.45
N GLY I 224 -42.03 25.85 70.94
CA GLY I 224 -41.10 26.88 70.45
C GLY I 224 -41.74 28.25 70.63
N PRO I 225 -41.31 29.01 71.64
CA PRO I 225 -41.79 30.34 72.01
C PRO I 225 -41.92 31.29 70.81
N TRP I 226 -40.96 31.26 69.89
CA TRP I 226 -41.09 32.01 68.65
C TRP I 226 -40.19 31.49 67.53
N LYS I 227 -40.44 31.99 66.32
CA LYS I 227 -39.74 31.57 65.11
C LYS I 227 -38.51 32.40 64.90
N GLN I 228 -37.61 31.94 64.04
CA GLN I 228 -36.43 32.74 63.77
C GLN I 228 -36.87 34.11 63.26
N GLU I 229 -36.28 35.15 63.81
CA GLU I 229 -36.60 36.51 63.39
C GLU I 229 -35.33 37.31 63.15
N ASN I 230 -35.40 38.25 62.22
CA ASN I 230 -34.24 39.04 61.82
C ASN I 230 -33.72 39.90 62.96
N VAL I 231 -32.41 39.85 63.16
CA VAL I 231 -31.75 40.71 64.13
C VAL I 231 -30.59 41.43 63.48
N GLU I 232 -30.06 42.43 64.16
CA GLU I 232 -28.92 43.17 63.65
C GLU I 232 -27.83 42.21 63.16
N ALA I 233 -27.22 42.53 62.02
CA ALA I 233 -26.18 41.68 61.44
C ALA I 233 -25.04 41.44 62.42
N GLU I 234 -24.83 42.38 63.33
CA GLU I 234 -23.78 42.32 64.32
C GLU I 234 -24.29 41.77 65.65
N ALA I 235 -25.54 41.32 65.67
CA ALA I 235 -26.14 40.78 66.88
C ALA I 235 -25.35 39.58 67.36
N SER I 236 -25.11 39.53 68.67
CA SER I 236 -24.38 38.41 69.23
C SER I 236 -24.89 38.01 70.61
N MET I 237 -25.49 38.95 71.31
CA MET I 237 -25.88 38.69 72.70
C MET I 237 -27.37 38.48 72.86
N VAL I 238 -27.74 37.47 73.65
CA VAL I 238 -29.15 37.29 74.01
C VAL I 238 -29.35 37.31 75.51
N ILE I 239 -30.30 38.11 75.97
CA ILE I 239 -30.61 38.18 77.39
C ILE I 239 -31.97 37.56 77.62
N ALA I 240 -32.05 36.57 78.49
CA ALA I 240 -33.34 36.04 78.84
C ALA I 240 -33.99 37.01 79.84
N VAL I 241 -35.25 37.34 79.60
CA VAL I 241 -35.97 38.32 80.42
C VAL I 241 -36.97 37.69 81.37
N PRO I 242 -36.77 37.84 82.69
CA PRO I 242 -37.59 37.30 83.75
C PRO I 242 -39.04 37.77 83.68
N GLU I 243 -39.94 36.93 84.14
CA GLU I 243 -41.35 37.26 84.25
C GLU I 243 -41.48 38.43 85.23
N PRO I 244 -42.52 39.25 85.09
CA PRO I 244 -43.69 39.17 84.23
C PRO I 244 -43.46 39.48 82.75
N PHE I 245 -42.28 39.99 82.38
CA PHE I 245 -42.06 40.33 80.98
C PHE I 245 -41.91 39.09 80.11
N GLY I 246 -40.97 38.24 80.50
CA GLY I 246 -40.66 37.08 79.67
C GLY I 246 -39.92 37.55 78.43
N GLY I 247 -39.64 36.63 77.50
CA GLY I 247 -39.04 37.03 76.23
C GLY I 247 -37.53 37.20 76.35
N ALA I 248 -36.93 37.83 75.33
CA ALA I 248 -35.47 37.96 75.30
C ALA I 248 -35.02 39.25 74.60
N ILE I 249 -33.83 39.73 74.99
CA ILE I 249 -33.25 40.93 74.41
C ILE I 249 -32.02 40.62 73.57
N ILE I 250 -31.99 41.10 72.34
CA ILE I 250 -30.88 40.85 71.45
C ILE I 250 -30.05 42.11 71.22
N ILE I 251 -28.74 42.01 71.45
CA ILE I 251 -27.86 43.16 71.35
C ILE I 251 -26.76 42.98 70.29
N GLY I 252 -26.65 43.98 69.41
CA GLY I 252 -25.59 44.02 68.40
C GLY I 252 -24.66 45.20 68.64
N GLN I 253 -24.26 45.87 67.55
CA GLN I 253 -23.34 46.99 67.66
C GLN I 253 -24.08 48.31 67.80
N GLU I 254 -25.10 48.51 66.98
CA GLU I 254 -25.81 49.78 66.97
C GLU I 254 -27.22 49.71 67.51
N SER I 255 -27.75 48.50 67.72
CA SER I 255 -29.15 48.41 68.12
C SER I 255 -29.44 47.28 69.09
N ILE I 256 -30.54 47.46 69.82
CA ILE I 256 -31.09 46.45 70.71
C ILE I 256 -32.54 46.16 70.36
N THR I 257 -32.88 44.88 70.30
CA THR I 257 -34.28 44.52 70.06
C THR I 257 -34.79 43.60 71.16
N TYR I 258 -36.10 43.62 71.38
CA TYR I 258 -36.73 42.71 72.32
C TYR I 258 -37.74 41.85 71.62
N HIS I 259 -37.65 40.54 71.82
CA HIS I 259 -38.53 39.62 71.13
C HIS I 259 -39.39 38.82 72.09
N ASN I 260 -40.67 38.69 71.73
CA ASN I 260 -41.63 37.90 72.51
C ASN I 260 -42.79 37.48 71.62
N GLY I 261 -42.84 36.20 71.30
CA GLY I 261 -43.84 35.70 70.34
C GLY I 261 -43.60 36.27 68.95
N ASP I 262 -44.64 36.82 68.34
CA ASP I 262 -44.54 37.35 66.99
C ASP I 262 -44.27 38.86 66.94
N LYS I 263 -44.01 39.47 68.09
CA LYS I 263 -43.78 40.90 68.14
C LYS I 263 -42.39 41.24 68.66
N TYR I 264 -41.89 42.42 68.28
CA TYR I 264 -40.64 42.89 68.85
C TYR I 264 -40.56 44.41 68.91
N LEU I 265 -39.72 44.89 69.82
CA LEU I 265 -39.41 46.31 69.97
C LEU I 265 -37.97 46.56 69.57
N ALA I 266 -37.64 47.80 69.16
CA ALA I 266 -36.26 48.10 68.82
C ALA I 266 -35.86 49.53 69.16
N ILE I 267 -34.57 49.69 69.53
CA ILE I 267 -33.96 50.99 69.79
C ILE I 267 -32.52 50.98 69.30
N ALA I 268 -32.01 52.13 68.85
CA ALA I 268 -30.62 52.22 68.42
C ALA I 268 -29.91 53.48 68.95
N PRO I 269 -29.49 53.48 70.22
CA PRO I 269 -28.80 54.55 70.91
C PRO I 269 -27.39 54.76 70.34
N PRO I 270 -26.96 56.01 70.13
CA PRO I 270 -25.65 56.39 69.64
C PRO I 270 -24.58 56.06 70.66
N ILE I 271 -25.00 55.91 71.92
CA ILE I 271 -24.08 55.65 73.01
C ILE I 271 -23.57 54.21 73.00
N ILE I 272 -24.35 53.29 72.44
CA ILE I 272 -23.87 51.92 72.29
C ILE I 272 -23.25 51.76 70.90
N LYS I 273 -23.73 52.54 69.95
CA LYS I 273 -23.21 52.46 68.58
C LYS I 273 -21.71 52.73 68.54
N GLN I 274 -21.24 53.61 69.41
CA GLN I 274 -19.84 54.01 69.46
C GLN I 274 -18.90 52.96 70.07
N SER I 275 -19.44 51.90 70.66
CA SER I 275 -18.62 50.87 71.28
C SER I 275 -19.25 49.49 71.17
N THR I 276 -18.46 48.44 71.36
CA THR I 276 -19.01 47.10 71.27
C THR I 276 -19.35 46.54 72.64
N ILE I 277 -20.63 46.21 72.84
CA ILE I 277 -21.08 45.68 74.12
C ILE I 277 -20.54 44.26 74.26
N VAL I 278 -19.92 43.99 75.40
CA VAL I 278 -19.27 42.70 75.65
C VAL I 278 -20.16 41.78 76.48
N CYS I 279 -20.79 42.33 77.51
CA CYS I 279 -21.57 41.48 78.42
C CYS I 279 -22.75 42.22 79.03
N HIS I 280 -23.63 41.46 79.67
CA HIS I 280 -24.82 42.00 80.30
C HIS I 280 -25.11 41.34 81.65
N ASN I 281 -25.92 42.03 82.46
CA ASN I 281 -26.42 41.43 83.71
C ASN I 281 -27.75 42.02 84.17
N ARG I 282 -28.67 41.16 84.56
CA ARG I 282 -29.98 41.57 85.06
C ARG I 282 -29.87 42.21 86.45
N VAL I 283 -30.55 43.34 86.63
CA VAL I 283 -30.59 44.01 87.93
C VAL I 283 -31.95 43.88 88.59
N ASP I 284 -32.98 44.32 87.87
CA ASP I 284 -34.34 44.34 88.41
C ASP I 284 -35.01 42.99 88.18
N PRO I 285 -35.39 42.27 89.25
CA PRO I 285 -35.89 40.90 89.27
C PRO I 285 -37.15 40.73 88.44
N ASN I 286 -37.78 41.84 88.05
CA ASN I 286 -38.99 41.78 87.25
C ASN I 286 -38.63 41.80 85.76
N GLY I 287 -37.33 41.82 85.47
CA GLY I 287 -36.82 41.78 84.11
C GLY I 287 -36.89 43.12 83.40
N SER I 288 -37.02 44.20 84.17
CA SER I 288 -37.15 45.54 83.58
C SER I 288 -35.83 46.27 83.38
N ARG I 289 -34.79 45.89 84.11
CA ARG I 289 -33.53 46.64 84.04
C ARG I 289 -32.32 45.74 83.94
N TYR I 290 -31.44 46.06 82.98
CA TYR I 290 -30.22 45.31 82.75
C TYR I 290 -29.02 46.24 82.62
N LEU I 291 -27.87 45.78 83.06
CA LEU I 291 -26.64 46.49 82.81
C LEU I 291 -25.91 45.92 81.61
N LEU I 292 -25.46 46.79 80.73
CA LEU I 292 -24.65 46.40 79.58
C LEU I 292 -23.31 47.09 79.71
N GLY I 293 -22.24 46.43 79.28
CA GLY I 293 -20.96 47.13 79.28
C GLY I 293 -20.09 46.73 78.11
N ASP I 294 -19.23 47.67 77.70
CA ASP I 294 -18.32 47.47 76.58
C ASP I 294 -16.85 47.31 77.02
N MET I 295 -15.95 47.24 76.02
CA MET I 295 -14.52 47.13 76.25
C MET I 295 -13.82 48.48 76.33
N GLU I 296 -14.59 49.56 76.18
CA GLU I 296 -14.04 50.91 76.21
C GLU I 296 -14.20 51.52 77.59
N GLY I 297 -15.03 50.90 78.43
CA GLY I 297 -15.23 51.34 79.79
C GLY I 297 -16.59 52.00 80.04
N ARG I 298 -17.52 51.88 79.09
CA ARG I 298 -18.84 52.45 79.32
C ARG I 298 -19.80 51.43 79.90
N LEU I 299 -20.52 51.85 80.95
CA LEU I 299 -21.57 51.03 81.53
C LEU I 299 -22.91 51.67 81.21
N PHE I 300 -23.86 50.86 80.75
CA PHE I 300 -25.15 51.38 80.29
C PHE I 300 -26.30 50.73 81.04
N MET I 301 -27.39 51.47 81.19
CA MET I 301 -28.61 50.90 81.75
C MET I 301 -29.67 50.72 80.70
N LEU I 302 -30.08 49.48 80.49
CA LEU I 302 -31.14 49.18 79.55
C LEU I 302 -32.45 49.03 80.29
N LEU I 303 -33.38 49.92 79.98
CA LEU I 303 -34.67 49.94 80.64
C LEU I 303 -35.77 49.45 79.73
N LEU I 304 -36.55 48.50 80.22
CA LEU I 304 -37.69 48.01 79.50
C LEU I 304 -38.95 48.66 80.03
N GLU I 305 -39.57 49.47 79.18
CA GLU I 305 -40.74 50.24 79.59
C GLU I 305 -41.99 49.42 79.29
N LYS I 306 -42.66 48.98 80.36
CA LYS I 306 -43.77 48.05 80.23
C LYS I 306 -45.07 48.73 79.81
N GLU I 307 -45.92 47.96 79.15
CA GLU I 307 -47.30 48.34 78.89
C GLU I 307 -48.19 47.39 79.68
N GLU I 308 -49.50 47.61 79.63
CA GLU I 308 -50.44 46.69 80.27
C GLU I 308 -51.58 46.32 79.34
N GLN I 309 -51.85 45.02 79.23
CA GLN I 309 -52.90 44.52 78.37
C GLN I 309 -54.21 44.32 79.10
N MET I 310 -55.30 44.22 78.35
CA MET I 310 -56.63 44.06 78.91
C MET I 310 -56.82 42.74 79.64
N ASP I 311 -55.99 41.75 79.31
CA ASP I 311 -56.06 40.45 79.95
C ASP I 311 -55.12 40.34 81.14
N GLY I 312 -54.49 41.45 81.50
CA GLY I 312 -53.56 41.49 82.63
C GLY I 312 -52.14 41.12 82.23
N THR I 313 -51.94 40.82 80.96
CA THR I 313 -50.62 40.44 80.46
C THR I 313 -49.67 41.62 80.45
N VAL I 314 -48.44 41.38 80.90
CA VAL I 314 -47.39 42.39 80.85
C VAL I 314 -46.61 42.27 79.54
N THR I 315 -46.52 43.38 78.82
CA THR I 315 -45.82 43.41 77.55
C THR I 315 -44.86 44.59 77.53
N LEU I 316 -44.01 44.64 76.52
CA LEU I 316 -43.08 45.75 76.41
C LEU I 316 -43.59 46.83 75.47
N LYS I 317 -43.46 48.08 75.89
CA LYS I 317 -43.88 49.22 75.09
C LYS I 317 -42.71 49.75 74.27
N ASP I 318 -41.56 49.90 74.91
CA ASP I 318 -40.39 50.42 74.22
C ASP I 318 -39.09 50.08 74.95
N LEU I 319 -37.97 50.46 74.34
CA LEU I 319 -36.63 50.23 74.89
C LEU I 319 -35.82 51.51 74.98
N ARG I 320 -35.20 51.76 76.14
CA ARG I 320 -34.35 52.92 76.30
C ARG I 320 -33.02 52.55 76.94
N VAL I 321 -31.94 53.15 76.46
CA VAL I 321 -30.64 52.91 77.08
C VAL I 321 -30.03 54.21 77.56
N GLU I 322 -29.69 54.24 78.83
CA GLU I 322 -29.03 55.39 79.42
C GLU I 322 -27.55 55.08 79.61
N LEU I 323 -26.69 56.08 79.50
CA LEU I 323 -25.30 55.88 79.86
C LEU I 323 -25.13 56.14 81.34
N LEU I 324 -24.71 55.12 82.07
CA LEU I 324 -24.58 55.26 83.51
C LEU I 324 -23.30 55.96 83.89
N GLY I 325 -22.23 55.64 83.18
CA GLY I 325 -20.93 56.23 83.51
C GLY I 325 -19.79 55.33 83.11
N GLU I 326 -18.60 55.65 83.61
CA GLU I 326 -17.41 54.90 83.23
C GLU I 326 -16.95 53.92 84.30
N THR I 327 -16.56 52.74 83.85
CA THR I 327 -16.02 51.67 84.68
C THR I 327 -14.81 51.05 83.99
N SER I 328 -14.21 50.08 84.65
CA SER I 328 -13.21 49.26 83.99
C SER I 328 -13.93 48.38 82.97
N ILE I 329 -13.17 47.63 82.18
CA ILE I 329 -13.75 46.83 81.11
C ILE I 329 -14.78 45.84 81.62
N ALA I 330 -15.94 45.84 81.00
CA ALA I 330 -17.01 44.95 81.41
C ALA I 330 -16.88 43.59 80.73
N GLU I 331 -15.95 42.77 81.19
CA GLU I 331 -15.82 41.42 80.66
C GLU I 331 -17.00 40.60 81.17
N CYS I 332 -17.36 40.87 82.41
CA CYS I 332 -18.53 40.25 83.03
C CYS I 332 -19.15 41.19 84.04
N LEU I 333 -20.47 41.15 84.12
CA LEU I 333 -21.19 41.95 85.10
C LEU I 333 -22.03 41.04 85.98
N THR I 334 -21.89 41.23 87.29
CA THR I 334 -22.69 40.47 88.25
C THR I 334 -23.28 41.41 89.29
N TYR I 335 -24.53 41.79 89.12
CA TYR I 335 -25.19 42.66 90.07
C TYR I 335 -25.32 41.92 91.39
N LEU I 336 -24.90 42.56 92.49
CA LEU I 336 -24.78 41.82 93.74
C LEU I 336 -25.86 42.10 94.77
N ASP I 337 -26.12 43.37 95.06
CA ASP I 337 -26.98 43.72 96.19
C ASP I 337 -28.03 44.78 95.87
N ASN I 338 -28.13 45.79 96.73
CA ASN I 338 -29.18 46.79 96.65
C ASN I 338 -28.75 48.00 95.82
N GLY I 339 -27.62 47.88 95.13
CA GLY I 339 -27.14 48.96 94.27
C GLY I 339 -25.79 48.66 93.63
N VAL I 340 -24.97 47.84 94.28
CA VAL I 340 -23.65 47.52 93.79
C VAL I 340 -23.60 46.39 92.78
N VAL I 341 -22.83 46.63 91.71
CA VAL I 341 -22.53 45.62 90.69
C VAL I 341 -21.03 45.41 90.65
N PHE I 342 -20.62 44.16 90.48
CA PHE I 342 -19.22 43.87 90.27
C PHE I 342 -18.91 43.91 88.80
N VAL I 343 -17.93 44.73 88.45
CA VAL I 343 -17.48 44.83 87.08
C VAL I 343 -16.19 44.07 86.98
N GLY I 344 -16.23 42.90 86.35
CA GLY I 344 -15.06 42.07 86.28
C GLY I 344 -14.36 42.27 84.96
N SER I 345 -13.05 42.18 84.98
CA SER I 345 -12.26 42.31 83.78
C SER I 345 -11.10 41.34 83.75
N ARG I 346 -10.91 40.69 82.62
CA ARG I 346 -9.71 39.91 82.38
C ARG I 346 -8.78 40.71 81.49
N LEU I 347 -9.25 41.88 81.08
CA LEU I 347 -8.52 42.76 80.17
C LEU I 347 -8.07 44.03 80.88
N GLY I 348 -8.21 44.02 82.21
CA GLY I 348 -7.94 45.21 83.00
C GLY I 348 -8.35 45.01 84.45
N ASP I 349 -8.47 46.11 85.18
CA ASP I 349 -8.79 46.06 86.61
C ASP I 349 -10.28 45.82 86.83
N SER I 350 -10.64 45.34 88.02
CA SER I 350 -12.03 45.06 88.35
C SER I 350 -12.51 45.99 89.46
N GLN I 351 -13.82 46.14 89.62
CA GLN I 351 -14.32 47.04 90.65
C GLN I 351 -15.77 46.80 91.07
N LEU I 352 -16.14 47.38 92.20
CA LEU I 352 -17.52 47.43 92.66
C LEU I 352 -18.04 48.86 92.55
N VAL I 353 -19.11 49.04 91.81
CA VAL I 353 -19.70 50.36 91.68
C VAL I 353 -21.18 50.32 92.04
N LYS I 354 -21.65 51.36 92.71
CA LYS I 354 -23.05 51.48 93.03
C LYS I 354 -23.79 52.20 91.92
N LEU I 355 -25.00 51.76 91.61
CA LEU I 355 -25.82 52.42 90.62
C LEU I 355 -26.85 53.31 91.30
N ASN I 356 -26.70 54.61 91.12
CA ASN I 356 -27.55 55.57 91.78
C ASN I 356 -28.79 55.87 90.94
N VAL I 357 -29.65 56.72 91.46
CA VAL I 357 -30.81 57.21 90.76
C VAL I 357 -30.58 58.68 90.44
N ASP I 358 -29.99 59.37 91.41
CA ASP I 358 -29.63 60.77 91.27
C ASP I 358 -28.22 60.90 90.70
N SER I 359 -28.09 61.62 89.60
CA SER I 359 -26.79 61.75 88.95
C SER I 359 -25.84 62.62 89.77
N ASN I 360 -24.55 62.40 89.57
CA ASN I 360 -23.51 63.19 90.21
C ASN I 360 -23.13 64.39 89.34
N GLU I 361 -22.08 65.10 89.75
CA GLU I 361 -21.67 66.32 89.07
C GLU I 361 -21.18 66.09 87.64
N GLN I 362 -20.89 64.82 87.30
CA GLN I 362 -20.46 64.47 85.95
C GLN I 362 -21.64 63.97 85.13
N GLY I 363 -22.81 63.90 85.77
CA GLY I 363 -24.00 63.36 85.12
C GLY I 363 -24.05 61.85 85.20
N SER I 364 -23.10 61.27 85.96
CA SER I 364 -22.97 59.83 86.08
C SER I 364 -23.75 59.26 87.26
N TYR I 365 -24.18 58.02 87.11
CA TYR I 365 -24.88 57.30 88.16
C TYR I 365 -24.01 56.20 88.74
N VAL I 366 -22.75 56.18 88.32
CA VAL I 366 -21.82 55.14 88.75
C VAL I 366 -20.90 55.64 89.86
N VAL I 367 -21.03 55.04 91.03
CA VAL I 367 -20.24 55.45 92.18
C VAL I 367 -19.32 54.33 92.63
N ALA I 368 -18.02 54.52 92.44
CA ALA I 368 -17.08 53.48 92.81
C ALA I 368 -17.06 53.29 94.32
N MET I 369 -17.05 52.03 94.75
CA MET I 369 -16.98 51.70 96.17
C MET I 369 -15.64 51.05 96.50
N GLU I 370 -15.30 50.01 95.74
CA GLU I 370 -14.04 49.28 95.93
C GLU I 370 -13.43 48.95 94.58
N THR I 371 -12.11 48.83 94.53
CA THR I 371 -11.44 48.41 93.30
C THR I 371 -10.50 47.25 93.57
N PHE I 372 -10.19 46.50 92.52
CA PHE I 372 -9.29 45.37 92.63
C PHE I 372 -8.26 45.39 91.50
N THR I 373 -7.01 45.05 91.79
CA THR I 373 -5.96 45.16 90.73
C THR I 373 -5.80 43.81 90.02
N ASN I 374 -5.69 43.83 88.68
CA ASN I 374 -5.46 42.57 87.92
C ASN I 374 -4.12 42.69 87.18
N LEU I 375 -3.19 41.78 87.44
CA LEU I 375 -1.76 41.95 87.03
C LEU I 375 -1.61 41.48 85.58
N GLY I 376 -2.62 41.66 84.73
CA GLY I 376 -2.58 41.14 83.38
C GLY I 376 -3.74 41.66 82.54
N PRO I 377 -3.88 41.13 81.32
CA PRO I 377 -3.05 40.15 80.64
C PRO I 377 -1.64 40.68 80.53
N ILE I 378 -0.65 39.78 80.59
CA ILE I 378 0.74 40.22 80.55
C ILE I 378 1.25 40.26 79.12
N VAL I 379 1.68 41.45 78.70
CA VAL I 379 2.11 41.71 77.36
C VAL I 379 3.62 41.60 77.23
N ASP I 380 4.33 42.16 78.20
CA ASP I 380 5.79 42.10 78.22
C ASP I 380 6.33 42.30 79.64
N MET I 381 7.58 41.87 79.88
CA MET I 381 8.19 42.00 81.20
C MET I 381 9.70 42.29 81.15
N CYS I 382 10.18 43.09 82.09
CA CYS I 382 11.61 43.28 82.29
C CYS I 382 11.92 43.49 83.77
N VAL I 383 13.09 43.03 84.22
CA VAL I 383 13.46 43.21 85.63
C VAL I 383 14.68 44.09 85.80
N VAL I 384 14.51 45.18 86.54
CA VAL I 384 15.57 46.14 86.81
C VAL I 384 15.61 46.50 88.29
N ASP I 385 16.79 46.52 88.89
CA ASP I 385 16.86 46.97 90.27
C ASP I 385 16.99 48.49 90.33
N LEU I 386 15.87 49.13 90.66
CA LEU I 386 15.75 50.57 90.66
C LEU I 386 15.96 51.13 92.06
N GLU I 387 16.14 50.22 93.01
CA GLU I 387 16.29 50.56 94.42
C GLU I 387 17.73 50.35 94.86
N ARG I 388 18.46 49.53 94.11
CA ARG I 388 19.82 49.13 94.40
C ARG I 388 19.91 48.41 95.75
N GLN I 389 19.02 47.42 95.92
CA GLN I 389 18.96 46.63 97.15
C GLN I 389 19.44 45.20 96.95
N GLY I 390 19.54 44.77 95.70
CA GLY I 390 19.82 43.36 95.40
C GLY I 390 18.54 42.66 95.01
N GLN I 391 17.44 43.41 95.11
CA GLN I 391 16.11 42.92 94.74
C GLN I 391 15.65 43.63 93.49
N GLY I 392 15.55 42.90 92.37
CA GLY I 392 15.14 43.52 91.12
C GLY I 392 13.63 43.72 91.12
N GLN I 393 13.16 44.76 90.44
CA GLN I 393 11.74 45.01 90.33
C GLN I 393 11.27 44.72 88.93
N LEU I 394 10.09 44.13 88.80
CA LEU I 394 9.62 43.78 87.48
C LEU I 394 8.65 44.82 86.96
N VAL I 395 9.01 45.41 85.82
CA VAL I 395 8.17 46.41 85.21
C VAL I 395 7.52 45.77 84.00
N THR I 396 6.20 45.75 83.98
CA THR I 396 5.48 45.01 82.96
C THR I 396 4.49 45.84 82.20
N CYS I 397 4.25 45.40 80.97
CA CYS I 397 3.18 45.90 80.14
C CYS I 397 1.97 45.00 80.33
N SER I 398 0.85 45.56 80.75
CA SER I 398 -0.32 44.74 81.02
C SER I 398 -1.63 45.47 80.74
N GLY I 399 -2.70 44.69 80.62
CA GLY I 399 -4.04 45.26 80.45
C GLY I 399 -4.32 45.55 78.98
N ALA I 400 -5.51 46.08 78.71
CA ALA I 400 -5.88 46.42 77.34
C ALA I 400 -6.83 47.62 77.29
N PHE I 401 -6.87 48.27 76.13
CA PHE I 401 -7.74 49.39 75.87
C PHE I 401 -7.52 50.49 76.91
N LYS I 402 -8.60 50.98 77.51
CA LYS I 402 -8.52 52.05 78.49
C LYS I 402 -7.85 51.59 79.77
N GLU I 403 -7.80 50.28 79.95
CA GLU I 403 -7.22 49.71 81.16
C GLU I 403 -5.76 49.36 80.95
N GLY I 404 -5.23 49.65 79.77
CA GLY I 404 -3.82 49.35 79.52
C GLY I 404 -2.97 50.16 80.48
N SER I 405 -1.93 49.54 81.02
CA SER I 405 -1.08 50.20 82.00
C SER I 405 0.31 49.59 82.10
N LEU I 406 1.21 50.31 82.75
CA LEU I 406 2.46 49.72 83.18
C LEU I 406 2.35 49.39 84.65
N ARG I 407 3.00 48.33 85.07
CA ARG I 407 2.99 47.99 86.49
C ARG I 407 4.37 47.67 86.98
N ILE I 408 4.65 48.04 88.22
CA ILE I 408 5.94 47.74 88.82
C ILE I 408 5.75 46.87 90.04
N ILE I 409 6.27 45.64 89.97
CA ILE I 409 6.11 44.70 91.06
C ILE I 409 7.41 44.49 91.80
N ARG I 410 7.40 44.78 93.10
CA ARG I 410 8.62 44.71 93.89
C ARG I 410 8.45 43.82 95.10
N ASN I 411 9.51 43.05 95.41
CA ASN I 411 9.41 42.03 96.49
C ASN I 411 9.87 42.61 97.83
N GLY I 412 8.99 43.35 98.51
CA GLY I 412 9.32 43.83 99.87
C GLY I 412 8.24 43.40 100.84
N ILE I 413 8.62 42.78 101.96
CA ILE I 413 7.58 42.45 102.99
C ILE I 413 6.98 43.78 103.44
N GLY I 414 5.72 44.05 103.09
CA GLY I 414 5.12 45.35 103.38
C GLY I 414 5.21 45.83 104.80
N ILE I 415 5.45 47.14 104.94
CA ILE I 415 5.40 47.82 106.22
C ILE I 415 4.10 48.61 106.35
N HIS I 416 3.50 48.54 107.51
CA HIS I 416 2.27 49.29 107.76
C HIS I 416 2.58 50.48 108.64
N GLU I 417 2.58 51.67 108.05
CA GLU I 417 2.95 52.88 108.77
C GLU I 417 1.75 53.53 109.45
N HIS I 418 1.90 53.81 110.74
CA HIS I 418 0.83 54.35 111.56
C HIS I 418 1.07 55.82 111.91
N ALA I 419 2.34 56.23 111.89
CA ALA I 419 2.70 57.59 112.27
C ALA I 419 4.08 57.96 111.76
N SER I 420 4.34 59.27 111.63
CA SER I 420 5.69 59.76 111.34
C SER I 420 5.90 61.19 111.82
N ILE I 421 7.13 61.50 112.25
CA ILE I 421 7.46 62.86 112.68
C ILE I 421 8.73 63.41 112.03
N ASP I 422 8.71 64.70 111.74
CA ASP I 422 9.81 65.38 111.04
C ASP I 422 10.88 65.90 111.99
N LEU I 423 11.64 64.99 112.58
CA LEU I 423 12.68 65.35 113.56
C LEU I 423 14.07 64.82 113.14
N PRO I 424 14.79 65.56 112.30
CA PRO I 424 16.05 65.20 111.66
C PRO I 424 17.21 65.25 112.64
N GLY I 425 18.31 64.58 112.28
CA GLY I 425 19.54 64.62 113.08
C GLY I 425 19.51 63.65 114.24
N ILE I 426 18.58 62.68 114.16
CA ILE I 426 18.37 61.70 115.23
C ILE I 426 19.54 60.75 115.30
N LYS I 427 19.97 60.44 116.53
CA LYS I 427 21.07 59.51 116.75
C LYS I 427 20.69 58.36 117.70
N GLY I 428 19.39 58.18 117.90
CA GLY I 428 18.88 57.12 118.77
C GLY I 428 17.46 57.43 119.24
N LEU I 429 16.75 56.41 119.68
CA LEU I 429 15.37 56.57 120.15
C LEU I 429 14.94 55.45 121.09
N TRP I 430 14.33 55.82 122.22
CA TRP I 430 13.91 54.81 123.19
C TRP I 430 12.60 55.22 123.89
N PRO I 431 11.56 54.38 123.83
CA PRO I 431 10.33 54.48 124.57
C PRO I 431 10.55 54.27 126.07
N LEU I 432 9.97 55.14 126.88
CA LEU I 432 10.08 55.07 128.33
C LEU I 432 8.71 54.96 129.01
N ARG I 433 8.63 54.10 130.01
CA ARG I 433 7.44 54.02 130.85
C ARG I 433 7.67 54.86 132.09
N SER I 434 7.16 56.09 132.08
CA SER I 434 7.46 57.05 133.13
C SER I 434 6.51 56.89 134.30
N ASP I 435 5.35 56.30 134.03
CA ASP I 435 4.36 56.04 135.05
C ASP I 435 4.52 54.60 135.55
N PRO I 436 4.93 54.39 136.79
CA PRO I 436 5.27 53.10 137.38
C PRO I 436 4.06 52.18 137.43
N ASN I 437 2.86 52.74 137.29
CA ASN I 437 1.64 51.97 137.36
C ASN I 437 0.98 51.72 136.00
N ARG I 438 1.73 51.93 134.92
CA ARG I 438 1.20 51.66 133.58
C ARG I 438 2.09 50.69 132.81
N GLU I 439 1.46 49.83 132.02
CA GLU I 439 2.14 48.85 131.19
C GLU I 439 2.74 49.45 129.93
N THR I 440 2.04 50.42 129.35
CA THR I 440 2.43 51.02 128.08
C THR I 440 3.46 52.12 128.27
N ASP I 441 4.11 52.51 127.16
CA ASP I 441 5.08 53.60 127.20
C ASP I 441 4.39 54.94 127.33
N ASP I 442 4.99 55.82 128.13
CA ASP I 442 4.42 57.15 128.36
C ASP I 442 5.10 58.19 127.51
N THR I 443 6.39 57.99 127.26
CA THR I 443 7.15 58.96 126.46
C THR I 443 8.02 58.26 125.43
N LEU I 444 8.41 58.99 124.39
CA LEU I 444 9.44 58.55 123.48
C LEU I 444 10.63 59.49 123.54
N VAL I 445 11.78 58.96 123.91
CA VAL I 445 13.00 59.76 123.99
C VAL I 445 13.78 59.66 122.70
N LEU I 446 14.15 60.82 122.17
CA LEU I 446 14.93 60.90 120.95
C LEU I 446 16.27 61.56 121.24
N SER I 447 17.33 60.98 120.72
CA SER I 447 18.66 61.58 120.84
C SER I 447 19.05 62.14 119.49
N PHE I 448 19.83 63.20 119.52
CA PHE I 448 20.23 63.88 118.29
C PHE I 448 21.71 64.19 118.32
N VAL I 449 22.18 64.82 117.24
CA VAL I 449 23.59 65.18 117.10
C VAL I 449 24.19 65.77 118.38
N GLY I 450 23.50 66.72 119.02
CA GLY I 450 24.02 67.35 120.22
C GLY I 450 22.92 67.74 121.20
N GLN I 451 21.80 67.03 121.14
CA GLN I 451 20.66 67.30 122.01
C GLN I 451 19.72 66.11 122.10
N THR I 452 18.65 66.24 122.89
CA THR I 452 17.61 65.21 122.95
C THR I 452 16.23 65.86 122.93
N ARG I 453 15.21 65.03 122.77
CA ARG I 453 13.81 65.42 122.93
C ARG I 453 13.06 64.31 123.66
N VAL I 454 12.02 64.67 124.40
CA VAL I 454 11.16 63.66 124.99
C VAL I 454 9.69 63.95 124.68
N LEU I 455 9.06 63.06 123.95
CA LEU I 455 7.68 63.24 123.53
C LEU I 455 6.72 62.45 124.40
N MET I 456 5.77 63.13 125.01
CA MET I 456 4.74 62.46 125.80
C MET I 456 3.70 61.86 124.87
N LEU I 457 3.27 60.65 125.19
CA LEU I 457 2.33 59.94 124.33
C LEU I 457 0.92 60.00 124.89
N ASN I 458 -0.01 60.48 124.08
CA ASN I 458 -1.41 60.61 124.47
C ASN I 458 -2.29 59.88 123.45
N GLY I 459 -2.37 58.57 123.59
CA GLY I 459 -2.97 57.75 122.54
C GLY I 459 -2.13 57.88 121.28
N GLU I 460 -2.78 58.18 120.17
CA GLU I 460 -2.08 58.32 118.90
C GLU I 460 -1.32 59.64 118.76
N GLU I 461 -1.71 60.65 119.56
CA GLU I 461 -1.10 61.97 119.47
C GLU I 461 0.09 62.09 120.39
N VAL I 462 1.03 62.97 120.06
CA VAL I 462 2.16 63.17 120.96
C VAL I 462 2.39 64.66 121.22
N GLU I 463 3.14 64.95 122.28
CA GLU I 463 3.54 66.32 122.59
C GLU I 463 4.90 66.32 123.26
N GLU I 464 5.62 67.43 123.17
CA GLU I 464 6.91 67.52 123.86
C GLU I 464 6.72 67.77 125.35
N THR I 465 7.47 67.05 126.16
CA THR I 465 7.41 67.19 127.60
C THR I 465 8.78 67.39 128.22
N GLU I 466 8.84 67.36 129.54
CA GLU I 466 10.10 67.47 130.26
C GLU I 466 10.05 66.63 131.53
N LEU I 467 11.09 65.86 131.76
CA LEU I 467 11.19 65.05 132.97
C LEU I 467 12.31 65.64 133.83
N MET I 468 12.13 65.64 135.15
CA MET I 468 13.11 66.25 136.04
C MET I 468 14.48 65.60 135.93
N GLY I 469 14.50 64.29 135.72
CA GLY I 469 15.75 63.55 135.64
C GLY I 469 16.30 63.42 134.21
N PHE I 470 15.68 64.12 133.25
CA PHE I 470 16.04 63.98 131.85
C PHE I 470 16.86 65.15 131.33
N VAL I 471 17.91 64.83 130.57
CA VAL I 471 18.78 65.82 129.97
C VAL I 471 18.44 66.06 128.51
N ASP I 472 18.31 67.35 128.12
CA ASP I 472 18.02 67.66 126.73
C ASP I 472 19.00 68.64 126.08
N ASP I 473 20.12 68.90 126.75
CA ASP I 473 21.18 69.74 126.18
C ASP I 473 22.47 68.95 125.96
N GLN I 474 22.36 67.63 125.99
CA GLN I 474 23.50 66.74 125.78
C GLN I 474 23.13 65.60 124.85
N GLN I 475 24.09 65.06 124.14
CA GLN I 475 23.84 63.86 123.36
C GLN I 475 23.66 62.65 124.26
N THR I 476 22.66 61.84 123.94
CA THR I 476 22.35 60.65 124.71
C THR I 476 22.71 59.38 123.96
N PHE I 477 23.46 58.51 124.63
CA PHE I 477 23.88 57.23 124.06
C PHE I 477 22.84 56.15 124.27
N PHE I 478 22.15 56.22 125.41
CA PHE I 478 21.15 55.23 125.76
C PHE I 478 20.13 55.79 126.73
N CYS I 479 18.88 55.37 126.59
CA CYS I 479 17.83 55.76 127.53
C CYS I 479 16.77 54.67 127.58
N GLY I 480 16.16 54.45 128.74
CA GLY I 480 15.12 53.43 128.83
C GLY I 480 14.72 53.09 130.27
N ASN I 481 13.94 52.02 130.40
CA ASN I 481 13.48 51.55 131.70
C ASN I 481 14.43 50.56 132.32
N VAL I 482 14.58 50.63 133.64
CA VAL I 482 15.39 49.69 134.38
C VAL I 482 14.64 49.17 135.62
N ALA I 483 15.26 48.20 136.31
CA ALA I 483 14.66 47.52 137.44
C ALA I 483 14.35 48.47 138.61
N HIS I 484 13.39 48.04 139.42
CA HIS I 484 12.94 48.78 140.60
C HIS I 484 12.23 50.08 140.25
N GLN I 485 11.42 50.04 139.20
CA GLN I 485 10.61 51.18 138.79
C GLN I 485 11.46 52.43 138.54
N GLN I 486 12.45 52.31 137.68
CA GLN I 486 13.32 53.44 137.40
C GLN I 486 13.52 53.68 135.89
N LEU I 487 13.81 54.92 135.56
CA LEU I 487 14.20 55.34 134.23
C LEU I 487 15.70 55.58 134.22
N ILE I 488 16.34 55.41 133.09
CA ILE I 488 17.76 55.72 133.04
C ILE I 488 18.13 56.45 131.77
N GLN I 489 19.11 57.34 131.87
CA GLN I 489 19.67 58.02 130.71
C GLN I 489 21.18 58.12 130.81
N ILE I 490 21.87 57.74 129.74
CA ILE I 490 23.30 57.92 129.69
C ILE I 490 23.69 58.88 128.58
N THR I 491 24.32 59.97 128.99
CA THR I 491 24.75 61.00 128.07
C THR I 491 26.26 60.96 127.97
N SER I 492 26.81 61.82 127.13
CA SER I 492 28.27 61.92 127.03
C SER I 492 28.86 62.42 128.34
N ALA I 493 28.05 63.06 129.17
CA ALA I 493 28.55 63.63 130.41
C ALA I 493 28.46 62.66 131.59
N SER I 494 27.34 61.93 131.71
CA SER I 494 27.13 61.12 132.92
C SER I 494 26.08 60.01 132.77
N VAL I 495 26.06 59.12 133.75
CA VAL I 495 25.03 58.08 133.86
C VAL I 495 23.99 58.48 134.91
N ARG I 496 22.76 58.72 134.47
CA ARG I 496 21.73 59.26 135.35
C ARG I 496 20.61 58.28 135.65
N LEU I 497 20.50 57.88 136.92
CA LEU I 497 19.44 56.96 137.33
C LEU I 497 18.29 57.73 137.93
N VAL I 498 17.12 57.56 137.32
CA VAL I 498 15.93 58.34 137.60
C VAL I 498 14.79 57.46 138.12
N SER I 499 14.11 57.90 139.17
CA SER I 499 13.00 57.11 139.69
C SER I 499 11.70 57.49 139.00
N GLN I 500 10.90 56.49 138.62
CA GLN I 500 9.66 56.75 137.89
C GLN I 500 8.67 57.58 138.68
N GLU I 501 8.58 57.32 139.98
CA GLU I 501 7.57 58.00 140.78
C GLU I 501 7.65 59.54 140.70
N PRO I 502 8.80 60.16 141.01
CA PRO I 502 9.05 61.58 140.82
C PRO I 502 9.49 61.94 139.41
N LYS I 503 9.85 60.93 138.61
CA LYS I 503 10.45 61.14 137.31
C LYS I 503 11.67 62.04 137.46
N ALA I 504 12.45 61.76 138.51
CA ALA I 504 13.59 62.59 138.89
C ALA I 504 14.79 61.77 139.34
N LEU I 505 15.97 62.36 139.25
CA LEU I 505 17.20 61.65 139.52
C LEU I 505 17.33 61.22 140.98
N VAL I 506 17.77 59.98 141.18
CA VAL I 506 18.07 59.46 142.50
C VAL I 506 19.55 59.15 142.68
N SER I 507 20.24 58.90 141.57
CA SER I 507 21.67 58.60 141.63
C SER I 507 22.36 58.96 140.32
N GLU I 508 23.61 59.40 140.41
CA GLU I 508 24.36 59.73 139.20
C GLU I 508 25.80 59.24 139.33
N TRP I 509 26.29 58.62 138.27
CA TRP I 509 27.67 58.12 138.23
C TRP I 509 28.49 58.94 137.25
N LYS I 510 29.74 59.22 137.63
CA LYS I 510 30.64 59.99 136.79
C LYS I 510 31.93 59.23 136.55
N GLU I 511 32.40 59.29 135.32
CA GLU I 511 33.65 58.64 134.93
C GLU I 511 34.83 59.03 135.83
N PRO I 512 35.47 58.05 136.49
CA PRO I 512 36.64 58.19 137.35
C PRO I 512 37.84 58.82 136.64
N GLN I 513 37.91 58.66 135.32
CA GLN I 513 39.01 59.21 134.54
C GLN I 513 38.70 60.62 134.06
N ALA I 514 37.52 61.13 134.40
CA ALA I 514 37.05 62.44 133.98
C ALA I 514 37.04 62.58 132.46
N LYS I 515 36.60 61.52 131.78
CA LYS I 515 36.49 61.52 130.33
C LYS I 515 35.02 61.46 129.91
N ASN I 516 34.75 61.91 128.70
CA ASN I 516 33.38 61.87 128.19
C ASN I 516 33.02 60.48 127.70
N ILE I 517 31.77 60.08 127.91
CA ILE I 517 31.29 58.76 127.51
C ILE I 517 31.24 58.65 126.01
N SER I 518 31.81 57.58 125.48
CA SER I 518 31.83 57.36 124.04
C SER I 518 30.95 56.17 123.66
N VAL I 519 30.77 55.26 124.61
CA VAL I 519 29.88 54.12 124.40
C VAL I 519 29.06 53.86 125.65
N ALA I 520 27.78 53.51 125.47
CA ALA I 520 26.96 53.14 126.61
C ALA I 520 25.79 52.25 126.21
N SER I 521 25.36 51.43 127.15
CA SER I 521 24.14 50.63 127.01
C SER I 521 23.56 50.27 128.36
N CYS I 522 22.23 50.29 128.48
CA CYS I 522 21.58 49.99 129.75
C CYS I 522 20.72 48.75 129.67
N ASN I 523 20.54 48.09 130.82
CA ASN I 523 19.62 46.98 130.92
C ASN I 523 18.98 46.96 132.30
N SER I 524 18.09 46.00 132.53
CA SER I 524 17.27 45.98 133.73
C SER I 524 18.05 46.15 135.03
N SER I 525 19.07 45.34 135.25
CA SER I 525 19.72 45.32 136.56
C SER I 525 21.08 46.03 136.60
N GLN I 526 21.46 46.72 135.52
CA GLN I 526 22.79 47.35 135.44
C GLN I 526 23.00 48.13 134.15
N VAL I 527 24.11 48.86 134.08
CA VAL I 527 24.56 49.45 132.82
C VAL I 527 26.02 49.13 132.54
N VAL I 528 26.43 49.28 131.30
CA VAL I 528 27.83 49.18 130.93
C VAL I 528 28.23 50.43 130.17
N VAL I 529 29.35 51.03 130.56
CA VAL I 529 29.83 52.23 129.86
C VAL I 529 31.32 52.18 129.56
N ALA I 530 31.74 52.97 128.58
CA ALA I 530 33.16 53.08 128.30
C ALA I 530 33.55 54.47 127.81
N VAL I 531 34.80 54.82 128.09
CA VAL I 531 35.41 56.04 127.59
C VAL I 531 36.67 55.67 126.81
N GLY I 532 36.53 55.54 125.51
CA GLY I 532 37.62 54.98 124.73
C GLY I 532 37.85 53.55 125.20
N ARG I 533 39.04 53.31 125.74
CA ARG I 533 39.45 51.99 126.20
C ARG I 533 38.84 51.59 127.55
N ALA I 534 38.64 52.55 128.46
CA ALA I 534 38.23 52.19 129.82
C ALA I 534 36.80 51.67 129.83
N LEU I 535 36.56 50.62 130.61
CA LEU I 535 35.27 49.95 130.62
C LEU I 535 34.75 49.69 132.04
N TYR I 536 33.49 50.07 132.30
CA TYR I 536 32.91 49.93 133.63
C TYR I 536 31.62 49.13 133.67
N TYR I 537 31.43 48.41 134.79
CA TYR I 537 30.19 47.69 135.12
C TYR I 537 29.54 48.31 136.35
N LEU I 538 28.36 48.89 136.15
CA LEU I 538 27.67 49.60 137.22
C LEU I 538 26.31 48.94 137.49
N GLN I 539 26.10 48.50 138.72
CA GLN I 539 24.86 47.80 139.07
C GLN I 539 23.75 48.79 139.41
N ILE I 540 22.52 48.45 139.00
CA ILE I 540 21.37 49.27 139.35
C ILE I 540 20.63 48.74 140.57
N HIS I 541 20.52 49.60 141.57
CA HIS I 541 19.83 49.35 142.81
C HIS I 541 18.64 50.30 142.85
N PRO I 542 17.63 50.08 143.72
CA PRO I 542 16.41 50.85 143.81
C PRO I 542 16.63 52.36 143.75
N GLN I 543 17.73 52.85 144.35
CA GLN I 543 18.05 54.27 144.25
C GLN I 543 19.56 54.51 144.19
N GLU I 544 20.28 53.64 143.49
CA GLU I 544 21.74 53.78 143.42
C GLU I 544 22.39 53.17 142.17
N LEU I 545 23.38 53.89 141.65
CA LEU I 545 24.28 53.32 140.65
C LEU I 545 25.58 52.93 141.34
N ARG I 546 25.88 51.64 141.36
CA ARG I 546 27.02 51.17 142.13
C ARG I 546 28.07 50.51 141.25
N GLN I 547 29.24 51.12 141.17
CA GLN I 547 30.30 50.52 140.38
C GLN I 547 30.74 49.23 141.03
N ILE I 548 30.73 48.15 140.27
CA ILE I 548 31.10 46.84 140.79
C ILE I 548 32.52 46.50 140.40
N SER I 549 32.81 46.69 139.12
CA SER I 549 34.13 46.35 138.60
C SER I 549 34.42 47.15 137.35
N HIS I 550 35.69 47.19 136.97
CA HIS I 550 36.09 47.88 135.76
C HIS I 550 37.37 47.29 135.19
N THR I 551 37.61 47.57 133.92
CA THR I 551 38.83 47.16 133.25
C THR I 551 39.18 48.17 132.17
N GLU I 552 40.15 47.81 131.35
CA GLU I 552 40.52 48.66 130.24
C GLU I 552 40.94 47.81 129.04
N MET I 553 40.42 48.15 127.87
CA MET I 553 40.72 47.41 126.65
C MET I 553 42.02 47.90 126.02
N GLU I 554 42.69 47.01 125.29
CA GLU I 554 43.89 47.40 124.56
C GLU I 554 43.56 48.47 123.53
N HIS I 555 42.37 48.38 122.95
CA HIS I 555 41.91 49.32 121.93
C HIS I 555 40.57 49.88 122.34
N GLU I 556 40.20 51.00 121.76
CA GLU I 556 38.96 51.67 122.13
C GLU I 556 37.75 50.77 121.94
N VAL I 557 36.79 50.90 122.85
CA VAL I 557 35.53 50.19 122.74
C VAL I 557 34.68 50.84 121.65
N ALA I 558 34.20 50.03 120.71
CA ALA I 558 33.38 50.52 119.61
C ALA I 558 31.89 50.40 119.89
N CYS I 559 31.56 49.49 120.81
CA CYS I 559 30.16 49.16 121.09
C CYS I 559 30.06 48.26 122.32
N LEU I 560 28.97 48.42 123.08
CA LEU I 560 28.71 47.58 124.25
C LEU I 560 27.30 47.00 124.27
N ASP I 561 27.20 45.77 124.77
CA ASP I 561 25.90 45.15 125.05
C ASP I 561 25.96 44.15 126.20
N ILE I 562 25.15 44.39 127.22
CA ILE I 562 25.07 43.48 128.35
C ILE I 562 23.63 43.00 128.59
N THR I 563 22.85 42.90 127.53
CA THR I 563 21.49 42.39 127.61
C THR I 563 21.48 41.01 128.25
N PRO I 564 20.63 40.78 129.28
CA PRO I 564 20.53 39.55 130.04
C PRO I 564 20.12 38.40 129.14
N LEU I 565 20.71 37.25 129.39
CA LEU I 565 20.51 36.07 128.56
C LEU I 565 19.84 34.97 129.35
N GLY I 566 19.14 34.08 128.66
CA GLY I 566 18.47 32.96 129.34
C GLY I 566 17.40 33.47 130.30
N ASP I 567 17.45 32.99 131.55
CA ASP I 567 16.48 33.36 132.56
C ASP I 567 17.07 34.20 133.69
N SER I 568 18.19 34.89 133.42
CA SER I 568 18.84 35.71 134.43
C SER I 568 17.99 36.89 134.87
N ASN I 569 18.17 37.30 136.13
CA ASN I 569 17.37 38.37 136.73
C ASN I 569 17.84 39.77 136.33
N GLY I 570 17.81 40.03 135.03
CA GLY I 570 18.14 41.34 134.49
C GLY I 570 19.63 41.55 134.30
N LEU I 571 20.43 40.54 134.64
CA LEU I 571 21.88 40.63 134.56
C LEU I 571 22.48 39.70 133.52
N SER I 572 23.29 40.25 132.63
CA SER I 572 24.02 39.39 131.72
C SER I 572 25.27 38.89 132.42
N PRO I 573 25.64 37.62 132.25
CA PRO I 573 26.90 37.05 132.67
C PRO I 573 27.99 37.44 131.67
N LEU I 574 27.58 37.94 130.51
CA LEU I 574 28.51 38.24 129.43
C LEU I 574 28.49 39.71 129.03
N CYS I 575 29.65 40.22 128.64
CA CYS I 575 29.75 41.56 128.08
C CYS I 575 30.23 41.53 126.63
N ALA I 576 29.40 42.07 125.73
CA ALA I 576 29.75 42.15 124.33
C ALA I 576 30.56 43.41 124.05
N ILE I 577 31.77 43.25 123.53
CA ILE I 577 32.62 44.40 123.27
C ILE I 577 33.11 44.44 121.82
N GLY I 578 32.87 45.55 121.14
CA GLY I 578 33.46 45.78 119.82
C GLY I 578 34.77 46.53 120.02
N LEU I 579 35.77 46.28 119.16
CA LEU I 579 37.05 46.96 119.31
C LEU I 579 37.60 47.60 118.06
N TRP I 580 38.36 48.68 118.27
CA TRP I 580 39.09 49.41 117.24
C TRP I 580 40.46 48.83 116.90
N THR I 581 41.10 49.44 115.90
CA THR I 581 42.50 49.19 115.52
C THR I 581 42.77 47.78 114.97
N ASP I 582 42.65 46.77 115.82
CA ASP I 582 42.85 45.40 115.36
C ASP I 582 41.59 44.91 114.66
N ILE I 583 40.48 45.58 114.97
CA ILE I 583 39.15 45.23 114.40
C ILE I 583 38.74 43.85 114.90
N SER I 584 38.09 43.84 116.07
CA SER I 584 37.74 42.53 116.67
C SER I 584 36.59 42.71 117.65
N ALA I 585 35.90 41.63 117.99
CA ALA I 585 34.88 41.66 119.03
C ALA I 585 35.17 40.53 120.02
N ARG I 586 34.88 40.79 121.29
CA ARG I 586 35.13 39.77 122.30
C ARG I 586 34.00 39.65 123.31
N ILE I 587 33.98 38.51 123.98
CA ILE I 587 33.06 38.25 125.05
C ILE I 587 33.79 38.14 126.37
N LEU I 588 33.41 38.99 127.31
CA LEU I 588 33.99 38.92 128.64
C LEU I 588 32.95 38.45 129.65
N LYS I 589 33.40 37.89 130.75
CA LYS I 589 32.50 37.61 131.86
C LYS I 589 32.25 38.93 132.57
N LEU I 590 31.02 39.43 132.49
CA LEU I 590 30.71 40.81 132.88
C LEU I 590 31.16 41.22 134.29
N PRO I 591 30.85 40.45 135.34
CA PRO I 591 31.20 40.75 136.72
C PRO I 591 32.67 41.09 136.94
N SER I 592 33.57 40.51 136.13
CA SER I 592 35.00 40.76 136.32
C SER I 592 35.71 41.16 135.03
N PHE I 593 34.98 41.18 133.93
CA PHE I 593 35.55 41.45 132.60
C PHE I 593 36.66 40.46 132.24
N GLU I 594 36.40 39.18 132.52
CA GLU I 594 37.34 38.11 132.21
C GLU I 594 37.13 37.60 130.79
N LEU I 595 38.19 37.44 130.02
CA LEU I 595 38.02 36.99 128.64
C LEU I 595 37.53 35.56 128.55
N LEU I 596 36.46 35.37 127.80
CA LEU I 596 35.90 34.04 127.57
C LEU I 596 36.13 33.63 126.11
N HIS I 597 35.97 34.59 125.20
CA HIS I 597 36.08 34.32 123.77
C HIS I 597 36.38 35.58 122.97
N LYS I 598 37.13 35.42 121.87
CA LYS I 598 37.34 36.55 120.95
C LYS I 598 37.33 36.10 119.49
N GLU I 599 36.83 36.98 118.62
CA GLU I 599 36.81 36.77 117.17
C GLU I 599 37.34 37.98 116.44
N MET I 600 37.97 37.76 115.28
CA MET I 600 38.42 38.86 114.44
C MET I 600 37.32 39.21 113.43
N LEU I 601 37.13 40.51 113.18
CA LEU I 601 36.06 40.94 112.31
C LEU I 601 36.50 41.39 110.91
N GLY I 602 37.70 41.95 110.80
CA GLY I 602 38.10 42.55 109.54
C GLY I 602 39.44 43.28 109.62
N GLY I 603 39.69 44.13 108.62
CA GLY I 603 40.95 44.85 108.48
C GLY I 603 40.84 46.31 108.88
N GLU I 604 40.33 47.13 107.96
CA GLU I 604 40.21 48.57 108.14
C GLU I 604 38.80 49.02 108.52
N ILE I 605 37.91 48.06 108.80
CA ILE I 605 36.51 48.38 109.04
C ILE I 605 36.09 48.18 110.49
N ILE I 606 35.51 49.23 111.07
CA ILE I 606 35.11 49.24 112.47
C ILE I 606 33.65 48.81 112.67
N PRO I 607 33.36 47.96 113.66
CA PRO I 607 32.04 47.54 114.08
C PRO I 607 31.31 48.69 114.74
N ARG I 608 30.01 48.80 114.50
CA ARG I 608 29.20 49.83 115.15
C ARG I 608 28.14 49.24 116.08
N SER I 609 27.74 48.01 115.83
CA SER I 609 26.67 47.41 116.62
C SER I 609 26.92 45.95 116.95
N ILE I 610 27.05 45.67 118.25
CA ILE I 610 27.29 44.32 118.75
C ILE I 610 26.14 43.93 119.68
N LEU I 611 25.54 42.78 119.47
CA LEU I 611 24.42 42.35 120.30
C LEU I 611 24.56 40.94 120.84
N MET I 612 24.01 40.72 122.03
CA MET I 612 23.74 39.37 122.54
C MET I 612 22.24 39.21 122.73
N THR I 613 21.60 38.59 121.76
CA THR I 613 20.14 38.57 121.70
C THR I 613 19.60 37.25 121.18
N THR I 614 18.30 37.22 120.88
CA THR I 614 17.67 35.99 120.44
C THR I 614 16.93 36.10 119.11
N PHE I 615 16.87 34.97 118.42
CA PHE I 615 16.03 34.76 117.27
C PHE I 615 15.20 33.52 117.56
N GLU I 616 13.93 33.54 117.22
CA GLU I 616 13.10 32.42 117.64
C GLU I 616 13.22 32.28 119.16
N SER I 617 13.85 31.19 119.60
CA SER I 617 14.06 30.92 121.02
C SER I 617 15.53 30.63 121.31
N SER I 618 16.40 30.89 120.34
CA SER I 618 17.82 30.58 120.46
C SER I 618 18.66 31.86 120.58
N HIS I 619 19.83 31.74 121.22
CA HIS I 619 20.70 32.90 121.42
C HIS I 619 21.79 33.00 120.37
N TYR I 620 21.97 34.22 119.86
CA TYR I 620 22.96 34.55 118.85
C TYR I 620 23.71 35.84 119.21
N LEU I 621 24.93 35.97 118.70
CA LEU I 621 25.65 37.23 118.81
C LEU I 621 25.74 37.88 117.43
N LEU I 622 25.55 39.20 117.40
CA LEU I 622 25.56 39.92 116.14
C LEU I 622 26.66 40.95 116.11
N CYS I 623 27.14 41.27 114.91
CA CYS I 623 28.14 42.33 114.74
C CYS I 623 28.04 43.03 113.38
N ALA I 624 27.71 44.32 113.41
CA ALA I 624 27.56 45.11 112.19
C ALA I 624 28.76 46.02 111.94
N LEU I 625 29.31 45.96 110.72
CA LEU I 625 30.52 46.72 110.36
C LEU I 625 30.29 47.81 109.31
N GLY I 626 31.14 48.84 109.38
CA GLY I 626 31.11 50.00 108.47
C GLY I 626 31.61 49.68 107.06
N ASP I 627 31.04 48.65 106.45
CA ASP I 627 31.31 48.29 105.08
C ASP I 627 30.03 47.74 104.49
N GLY I 628 29.00 47.72 105.32
CA GLY I 628 27.67 47.30 104.90
C GLY I 628 27.41 45.81 105.12
N ALA I 629 28.39 45.12 105.71
CA ALA I 629 28.27 43.70 105.98
C ALA I 629 27.97 43.42 107.45
N LEU I 630 27.27 42.32 107.70
CA LEU I 630 26.98 41.88 109.05
C LEU I 630 27.57 40.51 109.33
N PHE I 631 27.96 40.29 110.59
CA PHE I 631 28.31 38.97 111.05
C PHE I 631 27.24 38.45 112.00
N TYR I 632 27.04 37.14 111.98
CA TYR I 632 26.19 36.47 112.95
C TYR I 632 26.92 35.29 113.54
N PHE I 633 26.72 35.06 114.82
CA PHE I 633 27.35 33.93 115.49
C PHE I 633 26.33 33.19 116.35
N GLY I 634 26.49 31.88 116.49
CA GLY I 634 25.73 31.18 117.51
C GLY I 634 26.34 31.57 118.85
N LEU I 635 25.52 31.75 119.88
CA LEU I 635 26.06 32.16 121.17
C LEU I 635 25.78 31.18 122.29
N ASN I 636 26.85 30.71 122.93
CA ASN I 636 26.75 29.88 124.10
C ASN I 636 26.78 30.80 125.31
N ILE I 637 25.60 31.08 125.86
CA ILE I 637 25.47 32.13 126.86
C ILE I 637 26.11 31.74 128.20
N GLU I 638 26.11 30.44 128.49
CA GLU I 638 26.69 29.94 129.73
C GLU I 638 28.21 30.08 129.74
N THR I 639 28.85 29.85 128.60
CA THR I 639 30.31 29.84 128.54
C THR I 639 30.89 31.07 127.82
N GLY I 640 30.05 31.82 127.11
CA GLY I 640 30.52 33.01 126.40
C GLY I 640 31.30 32.67 125.15
N LEU I 641 30.92 31.57 124.51
CA LEU I 641 31.63 31.10 123.31
C LEU I 641 30.80 31.31 122.06
N LEU I 642 31.47 31.54 120.94
CA LEU I 642 30.79 31.69 119.65
C LEU I 642 31.11 30.55 118.71
N SER I 643 30.15 30.22 117.85
CA SER I 643 30.36 29.17 116.86
C SER I 643 29.53 29.35 115.59
N ASP I 644 29.96 28.66 114.54
CA ASP I 644 29.21 28.60 113.28
C ASP I 644 28.85 30.00 112.77
N ARG I 645 29.86 30.84 112.63
CA ARG I 645 29.65 32.23 112.24
C ARG I 645 29.23 32.36 110.78
N LYS I 646 28.49 33.41 110.49
CA LYS I 646 28.04 33.74 109.15
C LYS I 646 28.43 35.16 108.78
N LYS I 647 28.61 35.41 107.49
CA LYS I 647 28.84 36.77 107.02
C LYS I 647 27.99 37.08 105.80
N VAL I 648 27.24 38.18 105.87
CA VAL I 648 26.36 38.58 104.78
C VAL I 648 26.51 40.06 104.45
N THR I 649 26.13 40.45 103.23
CA THR I 649 26.15 41.85 102.82
C THR I 649 24.74 42.41 102.75
N LEU I 650 24.51 43.50 103.46
CA LEU I 650 23.18 44.10 103.54
C LEU I 650 23.06 45.38 102.73
N GLY I 651 24.05 46.25 102.83
CA GLY I 651 23.98 47.57 102.21
C GLY I 651 25.35 48.23 102.22
N THR I 652 25.37 49.54 102.44
CA THR I 652 26.63 50.27 102.47
C THR I 652 26.96 50.80 103.87
N GLN I 653 25.95 50.95 104.71
CA GLN I 653 26.13 51.59 106.01
C GLN I 653 26.53 50.61 107.10
N PRO I 654 27.17 51.09 108.18
CA PRO I 654 27.59 50.33 109.34
C PRO I 654 26.43 49.62 109.99
N THR I 655 25.24 50.16 109.82
CA THR I 655 24.02 49.52 110.28
C THR I 655 23.94 49.42 111.78
N VAL I 656 22.83 49.88 112.33
CA VAL I 656 22.58 49.67 113.73
C VAL I 656 21.62 48.50 113.88
N LEU I 657 22.05 47.47 114.60
CA LEU I 657 21.22 46.29 114.74
C LEU I 657 20.42 46.37 116.02
N ARG I 658 19.13 46.12 115.92
CA ARG I 658 18.26 46.21 117.09
C ARG I 658 17.27 45.06 117.15
N THR I 659 17.01 44.59 118.37
CA THR I 659 16.10 43.49 118.61
C THR I 659 14.66 43.97 118.79
N PHE I 660 13.73 43.20 118.29
CA PHE I 660 12.31 43.45 118.52
C PHE I 660 11.55 42.13 118.56
N ARG I 661 10.36 42.15 119.13
CA ARG I 661 9.52 40.96 119.09
C ARG I 661 8.50 41.09 117.97
N SER I 662 8.26 40.00 117.26
CA SER I 662 7.30 39.98 116.17
C SER I 662 5.95 39.47 116.61
N LEU I 663 5.39 38.54 115.86
CA LEU I 663 4.06 38.01 116.12
C LEU I 663 4.08 37.07 117.33
N SER I 664 5.26 36.53 117.65
CA SER I 664 5.43 35.62 118.76
C SER I 664 6.87 35.67 119.26
N THR I 665 7.77 35.12 118.46
CA THR I 665 9.19 35.02 118.78
C THR I 665 9.95 36.28 118.39
N THR I 666 11.24 36.35 118.77
CA THR I 666 12.00 37.56 118.50
C THR I 666 12.78 37.51 117.18
N ASN I 667 13.19 38.69 116.72
CA ASN I 667 13.99 38.89 115.52
C ASN I 667 14.78 40.19 115.63
N VAL I 668 15.57 40.53 114.61
CA VAL I 668 16.27 41.82 114.64
C VAL I 668 16.02 42.58 113.34
N PHE I 669 16.32 43.87 113.35
CA PHE I 669 16.15 44.69 112.16
C PHE I 669 17.42 45.43 111.82
N ALA I 670 17.75 45.47 110.54
CA ALA I 670 18.93 46.18 110.07
C ALA I 670 18.62 47.65 109.84
N CYS I 671 19.10 48.48 110.72
CA CYS I 671 18.82 49.90 110.61
C CYS I 671 19.83 50.53 109.69
N SER I 672 19.54 50.45 108.40
CA SER I 672 20.50 50.83 107.38
C SER I 672 19.85 51.41 106.13
N ASP I 673 20.70 51.70 105.16
CA ASP I 673 20.30 52.20 103.85
C ASP I 673 19.52 51.15 103.08
N ARG I 674 19.66 49.89 103.51
CA ARG I 674 18.96 48.76 102.95
C ARG I 674 18.22 48.05 104.09
N PRO I 675 17.04 48.55 104.46
CA PRO I 675 16.29 48.28 105.66
C PRO I 675 15.61 46.92 105.64
N THR I 676 16.41 45.87 105.80
CA THR I 676 15.89 44.51 105.81
C THR I 676 15.54 44.08 107.22
N VAL I 677 14.79 42.98 107.32
CA VAL I 677 14.52 42.35 108.60
C VAL I 677 15.14 40.97 108.63
N ILE I 678 15.79 40.63 109.74
CA ILE I 678 16.50 39.37 109.85
C ILE I 678 15.80 38.43 110.82
N TYR I 679 15.61 37.21 110.39
CA TYR I 679 14.89 36.21 111.16
C TYR I 679 15.50 34.82 111.01
N SER I 680 15.18 33.93 111.93
CA SER I 680 15.67 32.56 111.85
C SER I 680 14.69 31.69 111.08
N SER I 681 15.24 30.77 110.28
CA SER I 681 14.43 29.82 109.53
C SER I 681 14.93 28.39 109.75
N ASN I 682 15.62 27.83 108.76
CA ASN I 682 16.06 26.44 108.86
C ASN I 682 17.40 26.33 109.59
N HIS I 683 17.36 26.63 110.88
CA HIS I 683 18.56 26.64 111.72
C HIS I 683 19.61 27.58 111.13
N LYS I 684 19.15 28.68 110.56
CA LYS I 684 20.00 29.66 109.91
C LYS I 684 19.37 31.04 110.02
N LEU I 685 20.19 32.07 110.01
CA LEU I 685 19.66 33.42 110.00
C LEU I 685 19.64 33.97 108.58
N VAL I 686 18.45 34.31 108.14
CA VAL I 686 18.20 34.78 106.79
C VAL I 686 17.46 36.11 106.84
N PHE I 687 17.41 36.81 105.72
CA PHE I 687 16.73 38.10 105.74
C PHE I 687 16.09 38.45 104.42
N SER I 688 15.18 39.42 104.49
CA SER I 688 14.49 39.94 103.32
C SER I 688 14.19 41.42 103.50
N ASN I 689 14.22 42.15 102.40
CA ASN I 689 14.02 43.60 102.44
C ASN I 689 12.59 43.98 102.77
N VAL I 690 12.45 45.07 103.53
CA VAL I 690 11.16 45.64 103.87
C VAL I 690 10.88 46.83 102.96
N ASN I 691 9.61 47.03 102.60
CA ASN I 691 9.23 48.11 101.69
C ASN I 691 9.29 49.46 102.37
N LEU I 692 10.51 49.88 102.71
CA LEU I 692 10.78 51.12 103.42
C LEU I 692 12.03 51.80 102.86
N LYS I 693 12.06 53.13 102.89
CA LYS I 693 13.19 53.87 102.34
C LYS I 693 14.50 53.66 103.10
N GLU I 694 14.58 54.18 104.32
CA GLU I 694 15.83 54.11 105.10
C GLU I 694 15.60 54.17 106.59
N VAL I 695 16.40 53.42 107.34
CA VAL I 695 16.41 53.48 108.80
C VAL I 695 17.84 53.58 109.30
N ASN I 696 18.11 54.45 110.27
CA ASN I 696 19.44 54.50 110.84
C ASN I 696 19.44 53.95 112.27
N TYR I 697 18.30 54.08 112.96
CA TYR I 697 18.14 53.59 114.34
C TYR I 697 16.75 52.96 114.52
N MET I 698 16.63 51.96 115.40
CA MET I 698 15.33 51.33 115.69
C MET I 698 15.10 51.05 117.18
N CYS I 699 13.83 51.08 117.56
CA CYS I 699 13.39 50.57 118.84
C CYS I 699 11.96 50.05 118.70
N PRO I 700 11.57 49.00 119.42
CA PRO I 700 10.22 48.48 119.51
C PRO I 700 9.35 49.45 120.28
N LEU I 701 8.09 49.57 119.89
CA LEU I 701 7.17 50.47 120.55
C LEU I 701 5.89 49.78 120.99
N ASN I 702 5.54 49.98 122.25
CA ASN I 702 4.30 49.46 122.82
C ASN I 702 3.61 50.55 123.63
N SER I 703 2.94 51.46 122.93
CA SER I 703 2.26 52.60 123.54
C SER I 703 0.75 52.38 123.52
N ASP I 704 -0.02 53.38 123.90
CA ASP I 704 -1.47 53.22 123.88
C ASP I 704 -2.03 53.45 122.49
N GLY I 705 -1.42 54.35 121.73
CA GLY I 705 -1.83 54.60 120.35
C GLY I 705 -1.17 53.60 119.41
N TYR I 706 0.01 53.14 119.79
CA TYR I 706 0.80 52.24 118.97
C TYR I 706 1.27 51.04 119.80
N PRO I 707 0.35 50.16 120.22
CA PRO I 707 0.55 49.05 121.15
C PRO I 707 1.43 47.94 120.58
N ASP I 708 1.58 47.92 119.25
CA ASP I 708 2.37 46.90 118.60
C ASP I 708 2.97 47.44 117.30
N SER I 709 4.15 48.06 117.41
CA SER I 709 4.82 48.63 116.25
C SER I 709 6.30 48.83 116.54
N LEU I 710 7.07 49.12 115.49
CA LEU I 710 8.44 49.53 115.67
C LEU I 710 8.56 51.01 115.34
N ALA I 711 9.44 51.70 116.04
CA ALA I 711 9.78 53.06 115.65
C ALA I 711 11.09 53.04 114.90
N LEU I 712 11.01 53.28 113.60
CA LEU I 712 12.14 53.20 112.71
C LEU I 712 12.56 54.61 112.30
N ALA I 713 13.75 55.02 112.67
CA ALA I 713 14.13 56.39 112.38
C ALA I 713 15.40 56.48 111.57
N ASN I 714 15.45 57.46 110.69
CA ASN I 714 16.65 57.78 109.94
C ASN I 714 17.07 59.20 110.26
N ASN I 715 18.14 59.67 109.63
CA ASN I 715 18.67 61.00 109.91
C ASN I 715 17.74 62.14 109.47
N SER I 716 16.66 61.82 108.77
CA SER I 716 15.72 62.83 108.31
C SER I 716 14.39 62.75 109.07
N THR I 717 13.72 61.59 109.01
CA THR I 717 12.42 61.43 109.65
C THR I 717 12.31 60.14 110.49
N LEU I 718 11.32 60.12 111.37
CA LEU I 718 10.99 58.93 112.16
C LEU I 718 9.63 58.38 111.73
N THR I 719 9.56 57.06 111.50
CA THR I 719 8.30 56.42 111.15
C THR I 719 7.95 55.28 112.09
N ILE I 720 6.68 55.17 112.43
CA ILE I 720 6.17 54.11 113.29
C ILE I 720 5.28 53.16 112.50
N GLY I 721 5.55 51.87 112.58
CA GLY I 721 4.75 50.90 111.85
C GLY I 721 5.15 49.46 112.11
N THR I 722 4.47 48.52 111.47
CA THR I 722 4.73 47.09 111.69
C THR I 722 5.35 46.46 110.45
N ILE I 723 6.24 45.49 110.67
CA ILE I 723 6.71 44.70 109.49
C ILE I 723 5.64 43.62 109.40
N ASP I 724 4.69 43.76 108.48
CA ASP I 724 3.53 42.83 108.46
C ASP I 724 3.99 41.40 108.23
N GLU I 725 4.94 41.18 107.31
CA GLU I 725 5.37 39.80 106.93
C GLU I 725 4.16 39.08 106.32
N ILE I 726 3.22 39.85 105.75
CA ILE I 726 2.01 39.27 105.09
C ILE I 726 2.17 39.55 103.60
N GLN I 727 2.06 40.82 103.20
CA GLN I 727 2.32 41.14 101.80
C GLN I 727 3.81 41.28 101.56
N LYS I 728 4.31 40.62 100.53
CA LYS I 728 5.70 40.78 100.13
C LYS I 728 5.82 41.45 98.78
N LEU I 729 4.88 41.17 97.88
CA LEU I 729 4.92 41.78 96.56
C LEU I 729 3.96 42.96 96.46
N HIS I 730 4.54 44.13 96.21
CA HIS I 730 3.79 45.38 96.12
C HIS I 730 3.75 45.84 94.68
N ILE I 731 2.57 46.24 94.22
CA ILE I 731 2.44 46.64 92.84
C ILE I 731 2.03 48.08 92.66
N ARG I 732 2.85 48.84 91.95
CA ARG I 732 2.50 50.19 91.55
C ARG I 732 1.87 50.15 90.16
N THR I 733 0.71 50.76 90.02
CA THR I 733 0.03 50.77 88.73
C THR I 733 0.10 52.16 88.11
N VAL I 734 0.53 52.21 86.85
CA VAL I 734 0.64 53.46 86.11
C VAL I 734 -0.15 53.39 84.80
N PRO I 735 -1.43 53.78 84.81
CA PRO I 735 -2.36 53.72 83.70
C PRO I 735 -1.83 54.39 82.47
N LEU I 736 -1.96 53.76 81.31
CA LEU I 736 -1.58 54.33 80.03
C LEU I 736 -2.83 54.75 79.27
N TYR I 737 -3.91 53.99 79.53
CA TYR I 737 -5.20 54.16 78.82
C TYR I 737 -5.09 53.73 77.38
N GLU I 738 -4.05 52.97 77.08
CA GLU I 738 -3.82 52.39 75.78
C GLU I 738 -3.15 51.04 75.96
N SER I 739 -3.43 50.10 75.09
CA SER I 739 -2.79 48.80 75.21
C SER I 739 -1.30 48.97 74.96
N PRO I 740 -0.43 48.47 75.84
CA PRO I 740 1.01 48.45 75.70
C PRO I 740 1.41 47.32 74.77
N ARG I 741 2.65 47.34 74.28
CA ARG I 741 3.17 46.24 73.47
C ARG I 741 4.49 45.67 73.97
N LYS I 742 5.48 46.53 74.23
CA LYS I 742 6.81 46.05 74.60
C LYS I 742 7.46 46.95 75.65
N ILE I 743 8.36 46.37 76.46
CA ILE I 743 9.17 47.16 77.38
C ILE I 743 10.64 46.73 77.40
N CYS I 744 11.54 47.72 77.47
CA CYS I 744 12.96 47.48 77.63
C CYS I 744 13.60 48.56 78.50
N TYR I 745 14.81 48.32 78.98
CA TYR I 745 15.49 49.30 79.83
C TYR I 745 16.82 49.76 79.26
N GLN I 746 17.09 51.05 79.39
CA GLN I 746 18.39 51.62 79.03
C GLN I 746 19.05 52.30 80.21
N GLU I 747 20.29 51.88 80.50
CA GLU I 747 21.05 52.41 81.64
C GLU I 747 21.62 53.79 81.36
N VAL I 748 21.67 54.18 80.09
CA VAL I 748 22.26 55.45 79.69
C VAL I 748 21.35 56.62 80.02
N SER I 749 20.07 56.50 79.65
CA SER I 749 19.09 57.55 79.90
C SER I 749 18.38 57.37 81.24
N GLN I 750 18.66 56.25 81.90
CA GLN I 750 17.98 55.89 83.14
C GLN I 750 16.47 55.93 82.95
N CYS I 751 16.03 55.27 81.89
CA CYS I 751 14.63 55.23 81.50
C CYS I 751 14.24 53.89 80.91
N PHE I 752 12.95 53.65 80.82
CA PHE I 752 12.43 52.48 80.13
C PHE I 752 11.90 52.88 78.77
N GLY I 753 12.08 52.02 77.79
CA GLY I 753 11.47 52.23 76.50
C GLY I 753 10.23 51.40 76.40
N VAL I 754 9.12 52.03 76.05
CA VAL I 754 7.87 51.32 75.94
C VAL I 754 7.17 51.52 74.62
N LEU I 755 6.76 50.42 74.01
CA LEU I 755 5.94 50.51 72.81
C LEU I 755 4.49 50.37 73.23
N SER I 756 3.63 51.17 72.64
CA SER I 756 2.20 51.13 72.96
C SER I 756 1.34 51.44 71.75
N SER I 757 0.05 51.16 71.86
CA SER I 757 -0.91 51.37 70.77
C SER I 757 -2.21 52.02 71.22
N ARG I 758 -2.52 53.19 70.66
CA ARG I 758 -3.76 53.89 70.97
C ARG I 758 -4.72 53.80 69.79
N ILE I 759 -6.00 53.96 70.04
CA ILE I 759 -6.98 53.79 68.97
C ILE I 759 -7.61 55.09 68.51
N GLU I 760 -7.55 55.30 67.21
CA GLU I 760 -8.26 56.40 66.56
C GLU I 760 -9.42 55.80 65.78
N VAL I 761 -10.52 56.55 65.64
CA VAL I 761 -11.68 56.06 64.90
C VAL I 761 -12.10 57.03 63.81
N GLN I 762 -12.77 56.50 62.78
CA GLN I 762 -13.22 57.35 61.68
C GLN I 762 -14.61 57.91 61.91
N ASP I 763 -14.76 59.18 61.57
CA ASP I 763 -16.06 59.83 61.57
C ASP I 763 -16.40 60.25 60.14
N THR I 764 -17.05 61.39 59.98
CA THR I 764 -17.60 61.75 58.68
C THR I 764 -16.59 62.37 57.73
N SER I 765 -15.43 62.80 58.24
CA SER I 765 -14.44 63.44 57.37
C SER I 765 -13.04 63.48 57.96
N GLY I 766 -12.03 63.28 57.11
CA GLY I 766 -10.64 63.46 57.51
C GLY I 766 -9.96 62.19 58.03
N GLY I 767 -10.64 61.06 57.88
CA GLY I 767 -10.06 59.78 58.35
C GLY I 767 -10.23 59.64 59.85
N THR I 768 -9.26 59.02 60.50
CA THR I 768 -9.39 58.69 61.91
C THR I 768 -9.02 59.87 62.82
N THR I 769 -9.55 59.82 64.04
CA THR I 769 -9.21 60.75 65.11
C THR I 769 -9.21 60.05 66.45
N ALA I 770 -8.44 60.56 67.41
CA ALA I 770 -8.31 59.88 68.70
C ALA I 770 -9.66 59.60 69.33
N LEU I 771 -9.84 58.35 69.78
CA LEU I 771 -11.05 57.95 70.47
C LEU I 771 -11.05 58.49 71.89
N ARG I 772 -9.87 58.54 72.48
CA ARG I 772 -9.68 59.02 73.85
C ARG I 772 -8.23 59.44 74.05
N PRO I 773 -7.94 60.24 75.07
CA PRO I 773 -6.61 60.57 75.56
C PRO I 773 -5.90 59.33 76.08
N SER I 774 -4.57 59.34 75.97
CA SER I 774 -3.73 58.27 76.51
C SER I 774 -2.34 58.81 76.82
N ALA I 775 -1.53 58.01 77.51
CA ALA I 775 -0.19 58.42 77.93
C ALA I 775 0.69 58.84 76.76
N SER I 776 0.50 58.22 75.60
CA SER I 776 1.32 58.51 74.42
C SER I 776 1.03 59.87 73.82
N THR I 777 -0.08 60.49 74.22
CA THR I 777 -0.38 61.84 73.77
C THR I 777 -0.30 62.80 74.94
N GLN I 778 -0.52 62.27 76.14
CA GLN I 778 -0.45 63.04 77.37
C GLN I 778 0.98 62.99 77.90
N ALA I 779 1.90 63.51 77.11
CA ALA I 779 3.33 63.41 77.38
C ALA I 779 3.92 64.77 77.67
N LEU I 780 5.08 64.77 78.33
CA LEU I 780 5.81 66.01 78.59
C LEU I 780 6.44 66.53 77.30
N SER I 781 6.64 65.63 76.36
CA SER I 781 7.25 65.92 75.06
C SER I 781 6.76 64.91 74.03
N SER I 782 6.73 65.31 72.77
CA SER I 782 6.27 64.38 71.74
C SER I 782 6.88 64.67 70.36
N SER I 783 6.82 63.68 69.49
CA SER I 783 7.27 63.79 68.11
C SER I 783 6.60 62.74 67.24
N VAL I 784 6.78 62.87 65.92
CA VAL I 784 6.24 61.89 64.98
C VAL I 784 7.30 61.53 63.94
N SER I 785 7.29 60.27 63.52
CA SER I 785 8.19 59.82 62.47
C SER I 785 7.97 60.59 61.19
N SER I 786 9.07 60.92 60.51
CA SER I 786 9.03 61.65 59.25
C SER I 786 9.41 60.76 58.08
N SER I 787 9.50 59.45 58.32
CA SER I 787 9.93 58.53 57.27
C SER I 787 8.96 58.53 56.09
N LYS I 788 9.53 58.54 54.89
CA LYS I 788 8.73 58.50 53.67
C LYS I 788 9.02 57.22 52.89
N LEU I 789 9.72 56.29 53.55
CA LEU I 789 10.18 55.06 52.90
C LEU I 789 9.05 54.28 52.24
N PHE I 790 7.88 54.24 52.88
CA PHE I 790 6.75 53.52 52.32
C PHE I 790 5.59 54.46 52.03
N SER I 791 5.90 55.71 51.72
CA SER I 791 4.88 56.70 51.40
C SER I 791 4.10 56.34 50.13
N SER I 792 4.82 55.89 49.11
CA SER I 792 4.21 55.62 47.81
C SER I 792 3.39 54.33 47.83
N SER I 793 3.59 53.51 48.86
CA SER I 793 2.93 52.21 48.96
C SER I 793 1.86 52.12 50.02
N THR I 794 1.53 53.25 50.67
CA THR I 794 0.55 53.20 51.74
C THR I 794 -0.80 53.75 51.30
N ALA I 795 -1.81 52.88 51.26
CA ALA I 795 -3.14 53.27 50.80
C ALA I 795 -4.24 52.63 51.68
N PRO I 796 -4.32 53.03 52.95
CA PRO I 796 -5.24 52.53 53.96
C PRO I 796 -6.69 52.95 53.74
N HIS I 797 -7.61 52.20 54.33
CA HIS I 797 -9.04 52.50 54.25
C HIS I 797 -9.44 53.62 55.19
N GLU I 798 -9.09 54.85 54.84
CA GLU I 798 -9.33 56.03 55.68
C GLU I 798 -10.65 56.70 55.33
N THR I 799 -11.46 56.04 54.52
CA THR I 799 -12.75 56.56 54.08
C THR I 799 -13.90 55.62 54.45
N SER I 800 -13.84 55.01 55.63
CA SER I 800 -14.87 54.08 56.08
C SER I 800 -15.37 54.41 57.49
N PHE I 801 -16.58 54.95 57.57
CA PHE I 801 -17.13 55.42 58.83
C PHE I 801 -17.23 54.29 59.86
N GLY I 802 -16.77 54.56 61.07
CA GLY I 802 -16.85 53.59 62.16
C GLY I 802 -15.61 52.70 62.26
N GLU I 803 -14.73 52.79 61.28
CA GLU I 803 -13.50 51.99 61.24
C GLU I 803 -12.46 52.56 62.20
N GLU I 804 -11.52 51.72 62.63
CA GLU I 804 -10.50 52.15 63.58
C GLU I 804 -9.09 51.80 63.14
N VAL I 805 -8.12 52.57 63.63
CA VAL I 805 -6.70 52.32 63.36
C VAL I 805 -5.89 52.31 64.64
N GLU I 806 -4.91 51.43 64.69
CA GLU I 806 -3.94 51.44 65.79
C GLU I 806 -2.83 52.42 65.49
N VAL I 807 -2.54 53.28 66.47
CA VAL I 807 -1.44 54.21 66.36
C VAL I 807 -0.36 53.84 67.35
N HIS I 808 0.81 53.50 66.84
CA HIS I 808 1.86 53.02 67.71
C HIS I 808 2.86 54.10 68.03
N ASN I 809 3.43 54.00 69.23
CA ASN I 809 4.39 54.99 69.73
C ASN I 809 5.54 54.32 70.47
N LEU I 810 6.72 54.95 70.42
CA LEU I 810 7.81 54.59 71.34
C LEU I 810 7.93 55.66 72.40
N LEU I 811 7.80 55.26 73.65
CA LEU I 811 7.79 56.21 74.74
C LEU I 811 9.10 56.19 75.52
N ILE I 812 9.51 57.36 75.98
CA ILE I 812 10.61 57.45 76.93
C ILE I 812 10.02 57.57 78.32
N ILE I 813 10.19 56.53 79.12
CA ILE I 813 9.55 56.45 80.42
C ILE I 813 10.54 56.61 81.58
N ASP I 814 10.28 57.59 82.44
CA ASP I 814 11.20 57.83 83.55
C ASP I 814 11.27 56.59 84.44
N GLN I 815 12.47 56.14 84.77
CA GLN I 815 12.61 54.90 85.53
C GLN I 815 12.10 54.99 86.97
N HIS I 816 11.92 56.21 87.48
CA HIS I 816 11.47 56.36 88.87
C HIS I 816 10.03 56.84 88.94
N THR I 817 9.66 57.69 88.00
CA THR I 817 8.34 58.31 88.01
C THR I 817 7.37 57.60 87.08
N PHE I 818 7.91 56.98 86.04
CA PHE I 818 7.14 56.25 85.03
C PHE I 818 6.16 57.12 84.25
N GLU I 819 6.39 58.42 84.27
CA GLU I 819 5.67 59.35 83.41
C GLU I 819 6.27 59.29 82.02
N VAL I 820 5.51 59.72 81.03
CA VAL I 820 6.05 59.76 79.68
C VAL I 820 6.83 61.04 79.46
N LEU I 821 8.14 60.90 79.32
CA LEU I 821 9.04 62.03 79.17
C LEU I 821 9.03 62.45 77.72
N HIS I 822 8.76 61.48 76.84
CA HIS I 822 8.64 61.73 75.42
C HIS I 822 7.76 60.67 74.75
N ALA I 823 6.90 61.10 73.85
CA ALA I 823 6.12 60.16 73.04
C ALA I 823 6.38 60.34 71.55
N HIS I 824 6.97 59.32 70.93
CA HIS I 824 7.24 59.37 69.50
C HIS I 824 6.27 58.50 68.72
N GLN I 825 5.46 59.15 67.90
CA GLN I 825 4.45 58.45 67.15
C GLN I 825 4.99 57.95 65.82
N PHE I 826 4.61 56.73 65.45
CA PHE I 826 5.02 56.16 64.18
C PHE I 826 4.02 56.57 63.10
N LEU I 827 4.30 56.20 61.85
CA LEU I 827 3.45 56.63 60.76
C LEU I 827 2.06 56.02 60.90
N GLN I 828 1.05 56.70 60.38
CA GLN I 828 -0.30 56.14 60.46
C GLN I 828 -0.30 54.76 59.84
N ASN I 829 -0.92 53.80 60.53
CA ASN I 829 -0.97 52.39 60.12
C ASN I 829 0.39 51.70 60.20
N GLU I 830 1.35 52.33 60.87
CA GLU I 830 2.63 51.69 61.16
C GLU I 830 2.62 51.10 62.56
N TYR I 831 2.86 49.80 62.62
CA TYR I 831 2.89 49.08 63.88
C TYR I 831 4.29 48.98 64.42
N ALA I 832 4.43 49.06 65.73
CA ALA I 832 5.71 48.86 66.40
C ALA I 832 5.67 47.52 67.11
N LEU I 833 6.27 46.52 66.47
CA LEU I 833 6.07 45.13 66.85
C LEU I 833 7.14 44.60 67.80
N SER I 834 8.33 45.22 67.75
CA SER I 834 9.45 44.71 68.53
C SER I 834 10.33 45.82 69.10
N LEU I 835 10.89 45.58 70.29
CA LEU I 835 11.77 46.56 70.94
C LEU I 835 13.02 45.90 71.53
N VAL I 836 14.18 46.44 71.19
CA VAL I 836 15.46 45.96 71.74
C VAL I 836 16.31 47.10 72.32
N SER I 837 16.86 46.89 73.51
CA SER I 837 17.76 47.88 74.10
C SER I 837 19.18 47.36 74.16
N CYS I 838 20.06 47.96 73.37
CA CYS I 838 21.46 47.52 73.32
C CYS I 838 22.34 48.49 72.53
N LYS I 839 23.65 48.35 72.71
CA LYS I 839 24.59 49.02 71.83
C LYS I 839 25.01 48.04 70.74
N LEU I 840 25.30 48.55 69.56
CA LEU I 840 25.64 47.69 68.43
C LEU I 840 26.99 48.03 67.82
N GLY I 841 27.65 47.02 67.28
CA GLY I 841 28.87 47.20 66.49
C GLY I 841 29.98 47.86 67.30
N LYS I 842 30.52 48.95 66.76
CA LYS I 842 31.60 49.68 67.41
C LYS I 842 31.10 50.94 68.09
N ASP I 843 29.78 51.09 68.12
CA ASP I 843 29.14 52.29 68.66
C ASP I 843 28.78 52.08 70.13
N PRO I 844 29.42 52.79 71.07
CA PRO I 844 29.31 52.62 72.51
C PRO I 844 27.95 53.01 73.06
N ASN I 845 27.14 53.68 72.25
CA ASN I 845 25.84 54.17 72.70
C ASN I 845 24.78 53.09 72.71
N THR I 846 24.04 53.00 73.81
CA THR I 846 22.92 52.08 73.89
C THR I 846 21.71 52.73 73.21
N TYR I 847 21.09 52.01 72.29
CA TYR I 847 19.95 52.54 71.56
C TYR I 847 18.72 51.68 71.74
N PHE I 848 17.55 52.28 71.55
CA PHE I 848 16.32 51.53 71.48
C PHE I 848 15.98 51.25 70.03
N ILE I 849 15.88 49.99 69.70
CA ILE I 849 15.66 49.58 68.33
C ILE I 849 14.22 49.13 68.20
N VAL I 850 13.47 49.73 67.28
CA VAL I 850 12.08 49.36 67.11
C VAL I 850 11.82 48.73 65.76
N GLY I 851 11.24 47.54 65.81
CA GLY I 851 10.86 46.81 64.61
C GLY I 851 9.45 47.20 64.27
N THR I 852 9.24 47.72 63.05
CA THR I 852 7.92 48.16 62.67
C THR I 852 7.44 47.51 61.39
N ALA I 853 6.17 47.73 61.08
CA ALA I 853 5.57 47.19 59.88
C ALA I 853 4.43 48.05 59.37
N MET I 854 4.19 48.00 58.06
CA MET I 854 3.02 48.66 57.50
C MET I 854 1.89 47.66 57.40
N VAL I 855 0.84 47.87 58.18
CA VAL I 855 -0.22 46.89 58.31
C VAL I 855 -1.56 47.43 57.85
N TYR I 856 -2.21 46.71 56.95
CA TYR I 856 -3.48 47.15 56.40
C TYR I 856 -4.54 46.05 56.48
N PRO I 857 -5.83 46.40 56.56
CA PRO I 857 -6.99 45.51 56.56
C PRO I 857 -7.06 44.54 55.38
N GLU I 858 -6.44 44.90 54.25
CA GLU I 858 -6.47 44.03 53.08
C GLU I 858 -5.28 43.06 53.00
N GLU I 859 -4.30 43.23 53.89
CA GLU I 859 -3.08 42.42 53.81
C GLU I 859 -3.04 41.32 54.84
N ALA I 860 -3.34 40.10 54.41
CA ALA I 860 -3.30 38.94 55.31
C ALA I 860 -1.89 38.74 55.84
N GLU I 861 -0.92 39.06 55.00
CA GLU I 861 0.48 39.04 55.39
C GLU I 861 1.12 40.32 54.88
N PRO I 862 1.97 40.95 55.69
CA PRO I 862 2.66 42.20 55.42
C PRO I 862 3.77 42.02 54.40
N LYS I 863 4.03 43.07 53.63
CA LYS I 863 5.10 43.04 52.65
C LYS I 863 6.23 44.01 53.01
N GLN I 864 5.91 45.04 53.80
CA GLN I 864 6.89 46.07 54.09
C GLN I 864 6.96 46.42 55.57
N GLY I 865 8.16 46.80 55.99
CA GLY I 865 8.42 47.25 57.35
C GLY I 865 9.85 47.76 57.45
N ARG I 866 10.30 48.05 58.66
CA ARG I 866 11.63 48.62 58.84
C ARG I 866 12.17 48.42 60.26
N ILE I 867 13.47 48.60 60.40
CA ILE I 867 14.10 48.59 61.72
C ILE I 867 14.65 49.98 62.01
N VAL I 868 14.09 50.63 63.03
CA VAL I 868 14.47 52.00 63.31
C VAL I 868 15.16 52.13 64.66
N VAL I 869 16.33 52.74 64.66
CA VAL I 869 17.11 52.88 65.87
C VAL I 869 16.97 54.30 66.41
N PHE I 870 16.64 54.41 67.70
CA PHE I 870 16.46 55.72 68.34
C PHE I 870 17.35 55.91 69.57
N GLN I 871 17.70 57.16 69.85
CA GLN I 871 18.46 57.48 71.05
C GLN I 871 17.65 58.29 72.05
N TYR I 872 17.64 57.84 73.29
CA TYR I 872 16.90 58.52 74.36
C TYR I 872 17.71 59.68 74.93
N SER I 873 17.46 60.87 74.40
CA SER I 873 18.24 62.04 74.81
C SER I 873 17.33 63.05 75.50
N ASP I 874 17.47 63.16 76.82
CA ASP I 874 16.63 64.02 77.62
C ASP I 874 15.14 63.85 77.28
N GLY I 875 14.51 64.91 76.77
CA GLY I 875 13.09 64.91 76.47
C GLY I 875 12.78 64.69 74.99
N LYS I 876 13.78 64.25 74.24
CA LYS I 876 13.63 64.03 72.81
C LYS I 876 14.02 62.62 72.40
N LEU I 877 13.31 62.09 71.42
CA LEU I 877 13.72 60.82 70.85
C LEU I 877 14.39 61.06 69.51
N GLN I 878 15.69 60.82 69.44
CA GLN I 878 16.44 61.11 68.23
C GLN I 878 16.53 59.89 67.33
N THR I 879 16.11 60.04 66.08
CA THR I 879 16.23 58.94 65.13
C THR I 879 17.70 58.79 64.74
N VAL I 880 18.19 57.56 64.81
CA VAL I 880 19.59 57.27 64.51
C VAL I 880 19.71 56.56 63.17
N ALA I 881 18.81 55.59 62.94
CA ALA I 881 18.89 54.77 61.74
C ALA I 881 17.50 54.30 61.29
N GLU I 882 17.34 54.07 59.99
CA GLU I 882 16.09 53.58 59.41
C GLU I 882 16.34 52.54 58.32
N LYS I 883 16.33 51.26 58.68
CA LYS I 883 16.67 50.21 57.74
C LYS I 883 15.43 49.57 57.12
N GLU I 884 15.39 49.56 55.78
CA GLU I 884 14.29 48.92 55.05
C GLU I 884 14.43 47.41 55.12
N VAL I 885 13.32 46.73 55.35
CA VAL I 885 13.31 45.28 55.27
C VAL I 885 12.18 44.82 54.38
N LYS I 886 12.25 43.57 53.92
CA LYS I 886 11.17 43.01 53.12
C LYS I 886 10.28 42.13 53.98
N GLY I 887 9.07 42.62 54.25
CA GLY I 887 8.16 41.99 55.21
C GLY I 887 8.07 42.82 56.49
N ALA I 888 7.37 42.30 57.48
CA ALA I 888 7.18 42.98 58.77
C ALA I 888 8.19 42.53 59.79
N VAL I 889 8.77 43.48 60.54
CA VAL I 889 9.70 43.09 61.59
C VAL I 889 8.93 42.74 62.84
N TYR I 890 8.75 41.45 63.09
CA TYR I 890 7.85 41.02 64.16
C TYR I 890 8.60 40.84 65.47
N SER I 891 9.87 40.48 65.37
CA SER I 891 10.67 40.21 66.58
C SER I 891 12.12 40.57 66.39
N MET I 892 12.76 41.07 67.45
CA MET I 892 14.17 41.39 67.40
C MET I 892 14.86 41.09 68.71
N VAL I 893 16.10 40.63 68.62
CA VAL I 893 16.92 40.35 69.79
C VAL I 893 18.35 40.85 69.61
N GLU I 894 19.07 40.98 70.72
CA GLU I 894 20.50 41.25 70.68
C GLU I 894 21.25 39.96 70.31
N PHE I 895 22.25 40.08 69.43
CA PHE I 895 23.02 38.90 69.05
C PHE I 895 24.49 39.21 68.79
N ASN I 896 25.33 38.99 69.80
CA ASN I 896 26.77 39.18 69.67
C ASN I 896 27.17 40.56 69.15
N GLY I 897 26.50 41.62 69.63
CA GLY I 897 26.83 42.99 69.22
C GLY I 897 26.13 43.38 67.91
N LYS I 898 25.35 42.46 67.37
CA LYS I 898 24.62 42.68 66.13
C LYS I 898 23.12 42.67 66.39
N LEU I 899 22.36 43.19 65.44
CA LEU I 899 20.91 43.22 65.58
C LEU I 899 20.28 42.08 64.80
N LEU I 900 19.66 41.17 65.51
CA LEU I 900 19.05 40.01 64.87
C LEU I 900 17.54 40.22 64.82
N ALA I 901 16.97 40.21 63.62
CA ALA I 901 15.56 40.51 63.48
C ALA I 901 14.81 39.50 62.63
N SER I 902 13.57 39.25 63.01
CA SER I 902 12.67 38.39 62.26
C SER I 902 11.71 39.20 61.43
N ILE I 903 11.80 39.03 60.11
CA ILE I 903 10.97 39.77 59.19
C ILE I 903 10.13 38.79 58.37
N ASN I 904 8.85 38.67 58.71
CA ASN I 904 8.00 37.59 58.25
C ASN I 904 8.60 36.23 58.58
N SER I 905 8.99 35.49 57.56
CA SER I 905 9.56 34.15 57.74
C SER I 905 11.09 34.19 57.80
N THR I 906 11.68 35.32 57.42
CA THR I 906 13.12 35.34 57.29
C THR I 906 13.78 35.94 58.52
N VAL I 907 14.74 35.23 59.07
CA VAL I 907 15.54 35.72 60.16
C VAL I 907 16.78 36.36 59.58
N ARG I 908 16.95 37.66 59.81
CA ARG I 908 18.03 38.42 59.18
C ARG I 908 18.95 39.04 60.22
N LEU I 909 20.24 38.83 60.04
CA LEU I 909 21.23 39.38 60.95
C LEU I 909 21.86 40.63 60.37
N TYR I 910 21.76 41.73 61.11
CA TYR I 910 22.24 43.02 60.65
C TYR I 910 23.46 43.51 61.42
N GLU I 911 24.43 44.04 60.68
CA GLU I 911 25.61 44.64 61.26
C GLU I 911 25.44 46.14 61.40
N TRP I 912 25.78 46.68 62.57
CA TRP I 912 25.78 48.11 62.80
C TRP I 912 27.14 48.67 62.47
N THR I 913 27.18 49.61 61.55
CA THR I 913 28.45 50.17 61.08
C THR I 913 28.77 51.46 61.81
N THR I 914 29.94 52.01 61.52
CA THR I 914 30.39 53.25 62.13
C THR I 914 29.62 54.44 61.56
N GLU I 915 28.79 54.18 60.55
CA GLU I 915 27.96 55.19 59.92
C GLU I 915 26.61 55.28 60.64
N LYS I 916 26.46 54.47 61.68
CA LYS I 916 25.22 54.39 62.47
C LYS I 916 24.02 53.94 61.65
N GLU I 917 24.20 52.85 60.92
CA GLU I 917 23.11 52.26 60.14
C GLU I 917 23.31 50.74 60.06
N LEU I 918 22.22 50.01 59.82
CA LEU I 918 22.25 48.57 59.71
C LEU I 918 22.45 48.09 58.28
N ARG I 919 23.16 46.96 58.14
CA ARG I 919 23.27 46.27 56.86
C ARG I 919 23.15 44.76 57.07
N THR I 920 22.46 44.08 56.17
CA THR I 920 22.23 42.64 56.35
C THR I 920 23.48 41.86 56.03
N GLU I 921 23.88 40.99 56.94
CA GLU I 921 25.03 40.11 56.73
C GLU I 921 24.57 38.77 56.17
N CYS I 922 23.56 38.19 56.82
CA CYS I 922 23.10 36.86 56.45
C CYS I 922 21.69 36.59 56.93
N ASN I 923 21.09 35.49 56.46
CA ASN I 923 19.74 35.16 56.87
C ASN I 923 19.41 33.66 56.80
N HIS I 924 18.23 33.32 57.28
CA HIS I 924 17.67 31.97 57.21
C HIS I 924 16.14 32.04 57.15
N TYR I 925 15.54 31.20 56.31
CA TYR I 925 14.10 31.24 56.15
C TYR I 925 13.47 29.87 55.92
N ASN I 926 14.05 28.83 56.51
CA ASN I 926 13.47 27.50 56.34
C ASN I 926 12.43 27.24 57.43
N ASN I 927 11.34 27.99 57.36
CA ASN I 927 10.29 27.95 58.36
C ASN I 927 8.98 28.44 57.75
N ILE I 928 7.93 28.51 58.56
CA ILE I 928 6.65 29.01 58.07
C ILE I 928 6.51 30.50 58.38
N MET I 929 6.70 30.86 59.65
CA MET I 929 6.77 32.25 60.08
C MET I 929 7.66 32.35 61.30
N ALA I 930 8.62 33.28 61.28
CA ALA I 930 9.58 33.37 62.38
C ALA I 930 8.97 34.14 63.54
N LEU I 931 8.14 33.45 64.31
CA LEU I 931 7.28 34.06 65.30
C LEU I 931 8.04 34.64 66.49
N TYR I 932 9.06 33.93 66.95
CA TYR I 932 9.82 34.39 68.10
C TYR I 932 11.31 34.31 67.89
N LEU I 933 12.05 35.14 68.62
CA LEU I 933 13.50 35.04 68.67
C LEU I 933 14.01 35.12 70.10
N LYS I 934 14.93 34.22 70.43
CA LYS I 934 15.72 34.28 71.67
C LYS I 934 17.15 33.88 71.34
N THR I 935 18.12 34.47 72.03
CA THR I 935 19.51 34.15 71.77
C THR I 935 20.31 33.75 72.98
N LYS I 936 21.37 33.00 72.73
CA LYS I 936 22.36 32.61 73.74
C LYS I 936 23.69 32.33 73.05
N GLY I 937 24.62 33.25 73.18
CA GLY I 937 25.87 33.13 72.45
C GLY I 937 25.58 33.14 70.95
N ASP I 938 26.07 32.12 70.25
CA ASP I 938 25.90 32.03 68.81
C ASP I 938 24.62 31.30 68.42
N PHE I 939 23.88 30.81 69.42
CA PHE I 939 22.67 30.04 69.16
C PHE I 939 21.43 30.91 69.09
N ILE I 940 20.56 30.59 68.15
CA ILE I 940 19.30 31.31 67.99
C ILE I 940 18.10 30.37 68.09
N LEU I 941 17.17 30.72 68.97
CA LEU I 941 15.94 29.97 69.08
C LEU I 941 14.81 30.69 68.36
N VAL I 942 14.24 30.01 67.38
CA VAL I 942 13.19 30.60 66.57
C VAL I 942 11.87 29.88 66.82
N GLY I 943 10.85 30.64 67.21
CA GLY I 943 9.53 30.06 67.42
C GLY I 943 8.74 30.16 66.13
N ASP I 944 7.77 29.26 65.94
CA ASP I 944 6.96 29.28 64.73
C ASP I 944 5.47 29.09 65.03
N LEU I 945 4.65 29.10 63.97
CA LEU I 945 3.20 28.93 64.05
C LEU I 945 2.79 27.47 63.99
N MET I 946 3.60 26.66 63.33
CA MET I 946 3.28 25.25 63.15
C MET I 946 4.54 24.42 63.01
N ARG I 947 5.58 24.78 63.75
CA ARG I 947 6.86 24.11 63.71
C ARG I 947 7.52 24.13 65.07
N SER I 948 6.78 24.60 66.08
CA SER I 948 7.30 24.65 67.44
C SER I 948 8.57 25.47 67.57
N VAL I 949 9.63 24.81 68.05
CA VAL I 949 10.91 25.46 68.26
C VAL I 949 11.96 25.00 67.25
N LEU I 950 12.65 25.97 66.65
CA LEU I 950 13.72 25.72 65.69
C LEU I 950 15.04 26.26 66.23
N LEU I 951 16.13 25.52 66.00
CA LEU I 951 17.45 25.99 66.43
C LEU I 951 18.37 26.30 65.27
N LEU I 952 18.82 27.55 65.23
CA LEU I 952 19.79 28.01 64.25
C LEU I 952 21.09 28.37 64.96
N ALA I 953 22.19 28.41 64.23
CA ALA I 953 23.42 28.94 64.81
C ALA I 953 24.17 29.79 63.79
N TYR I 954 24.83 30.82 64.29
CA TYR I 954 25.64 31.68 63.45
C TYR I 954 27.03 31.11 63.26
N LYS I 955 27.48 31.07 62.02
CA LYS I 955 28.79 30.54 61.70
C LYS I 955 29.69 31.63 61.09
N PRO I 956 30.44 32.38 61.92
CA PRO I 956 31.21 33.55 61.57
C PRO I 956 32.33 33.22 60.59
N MET I 957 32.71 31.95 60.52
CA MET I 957 33.73 31.49 59.61
C MET I 957 33.22 31.50 58.18
N GLU I 958 31.91 31.39 58.01
CA GLU I 958 31.27 31.42 56.71
C GLU I 958 30.59 32.76 56.48
N GLY I 959 30.22 33.41 57.59
CA GLY I 959 29.48 34.66 57.52
C GLY I 959 28.02 34.39 57.19
N ASN I 960 27.52 33.25 57.68
CA ASN I 960 26.16 32.85 57.38
C ASN I 960 25.55 32.04 58.51
N PHE I 961 24.29 31.62 58.32
CA PHE I 961 23.59 30.81 59.30
C PHE I 961 23.55 29.34 58.92
N GLU I 962 23.55 28.49 59.95
CA GLU I 962 23.36 27.07 59.77
C GLU I 962 22.18 26.56 60.58
N GLU I 963 21.37 25.72 59.97
CA GLU I 963 20.25 25.11 60.68
C GLU I 963 20.77 23.91 61.46
N ILE I 964 20.53 23.90 62.76
CA ILE I 964 21.11 22.87 63.61
C ILE I 964 20.10 21.77 63.89
N ALA I 965 18.91 22.17 64.33
CA ALA I 965 17.88 21.21 64.70
C ALA I 965 16.50 21.85 64.73
N ARG I 966 15.47 21.03 64.62
CA ARG I 966 14.10 21.49 64.78
C ARG I 966 13.27 20.49 65.55
N ASP I 967 12.22 20.97 66.21
CA ASP I 967 11.17 20.12 66.77
C ASP I 967 10.22 19.67 65.67
N PHE I 968 10.05 18.36 65.51
CA PHE I 968 9.22 17.83 64.42
C PHE I 968 7.74 18.08 64.66
N ASN I 969 7.37 18.38 65.90
CA ASN I 969 5.97 18.64 66.26
C ASN I 969 5.55 20.07 65.88
N PRO I 970 4.48 20.24 65.10
CA PRO I 970 3.99 21.50 64.57
C PRO I 970 3.22 22.30 65.59
N ASN I 971 3.88 22.63 66.70
CA ASN I 971 3.25 23.40 67.76
C ASN I 971 3.16 24.87 67.39
N TRP I 972 2.04 25.51 67.76
CA TRP I 972 1.90 26.95 67.57
C TRP I 972 2.35 27.64 68.84
N MET I 973 3.54 28.23 68.79
CA MET I 973 4.14 28.76 70.00
C MET I 973 3.45 30.03 70.46
N SER I 974 3.25 30.13 71.76
CA SER I 974 2.72 31.34 72.37
C SER I 974 3.86 32.20 72.88
N ALA I 975 4.96 31.53 73.23
CA ALA I 975 6.20 32.17 73.66
C ALA I 975 7.33 31.14 73.70
N VAL I 976 8.60 31.58 73.60
CA VAL I 976 9.73 30.66 73.72
C VAL I 976 10.83 31.19 74.64
N GLU I 977 11.71 30.29 75.10
CA GLU I 977 12.91 30.65 75.86
C GLU I 977 14.03 29.60 75.67
N ILE I 978 15.29 30.02 75.87
CA ILE I 978 16.41 29.09 75.82
C ILE I 978 16.81 28.63 77.21
N LEU I 979 16.85 27.31 77.42
CA LEU I 979 17.21 26.74 78.71
C LEU I 979 18.70 26.43 78.73
N ASP I 980 19.20 25.91 77.61
CA ASP I 980 20.62 25.59 77.44
C ASP I 980 20.96 25.54 75.96
N ASP I 981 22.22 25.26 75.64
CA ASP I 981 22.67 25.24 74.24
C ASP I 981 21.90 24.23 73.39
N ASP I 982 21.49 23.12 73.98
CA ASP I 982 20.73 22.11 73.27
C ASP I 982 19.33 21.93 73.85
N ASN I 983 18.89 22.89 74.66
CA ASN I 983 17.63 22.74 75.38
C ASN I 983 16.74 23.96 75.29
N PHE I 984 15.54 23.75 74.77
CA PHE I 984 14.65 24.86 74.51
C PHE I 984 13.32 24.68 75.20
N LEU I 985 12.96 25.67 76.01
CA LEU I 985 11.74 25.65 76.80
C LEU I 985 10.75 26.60 76.16
N GLY I 986 9.49 26.21 76.08
CA GLY I 986 8.51 27.12 75.52
C GLY I 986 7.10 26.64 75.79
N ALA I 987 6.14 27.40 75.28
CA ALA I 987 4.74 27.09 75.49
C ALA I 987 3.95 27.41 74.24
N GLU I 988 2.86 26.70 74.06
CA GLU I 988 2.06 26.84 72.85
C GLU I 988 0.64 27.37 73.09
N ASN I 989 -0.09 27.53 72.00
CA ASN I 989 -1.42 28.12 72.02
C ASN I 989 -2.45 27.15 72.52
N ALA I 990 -2.02 25.92 72.78
CA ALA I 990 -2.88 24.88 73.30
C ALA I 990 -2.82 24.86 74.84
N PHE I 991 -2.21 25.90 75.40
CA PHE I 991 -2.11 26.08 76.86
C PHE I 991 -1.21 25.04 77.50
N ASN I 992 -0.18 24.62 76.77
CA ASN I 992 0.80 23.66 77.28
C ASN I 992 2.20 24.24 77.36
N LEU I 993 2.99 23.69 78.28
CA LEU I 993 4.42 23.95 78.41
C LEU I 993 5.21 22.71 78.00
N PHE I 994 6.33 22.88 77.32
CA PHE I 994 7.18 21.74 77.02
C PHE I 994 8.65 22.11 76.90
N VAL I 995 9.52 21.11 77.06
CA VAL I 995 10.94 21.31 76.84
C VAL I 995 11.49 20.27 75.89
N CYS I 996 12.22 20.73 74.88
CA CYS I 996 12.84 19.85 73.90
C CYS I 996 14.36 19.86 74.01
N GLN I 997 14.98 18.70 73.72
CA GLN I 997 16.43 18.59 73.73
C GLN I 997 16.96 18.05 72.41
N LYS I 998 18.00 18.69 71.89
CA LYS I 998 18.64 18.18 70.67
C LYS I 998 19.30 16.85 70.97
N ASP I 999 19.01 15.86 70.15
CA ASP I 999 19.56 14.52 70.42
C ASP I 999 20.98 14.40 69.88
N SER I 1000 21.93 14.99 70.62
CA SER I 1000 23.33 15.00 70.21
C SER I 1000 23.96 13.62 70.30
N ALA I 1001 23.30 12.73 71.05
CA ALA I 1001 23.76 11.36 71.28
C ALA I 1001 23.28 10.43 70.16
N ALA I 1002 22.57 10.99 69.20
CA ALA I 1002 21.96 10.25 68.12
C ALA I 1002 22.97 9.69 67.12
N THR I 1003 22.49 8.75 66.29
CA THR I 1003 23.34 8.13 65.29
C THR I 1003 23.15 8.74 63.90
N THR I 1004 21.92 9.11 63.56
CA THR I 1004 21.66 9.69 62.24
C THR I 1004 21.25 11.15 62.32
N ASP I 1005 21.01 11.75 61.16
CA ASP I 1005 20.73 13.18 61.07
C ASP I 1005 19.27 13.47 61.37
N GLU I 1006 18.40 12.53 61.06
CA GLU I 1006 16.98 12.69 61.40
C GLU I 1006 16.86 12.93 62.89
N GLU I 1007 17.66 12.20 63.64
CA GLU I 1007 17.67 12.27 65.08
C GLU I 1007 18.47 13.46 65.61
N ARG I 1008 19.68 13.68 65.08
CA ARG I 1008 20.54 14.76 65.57
C ARG I 1008 19.93 16.12 65.35
N GLN I 1009 19.18 16.26 64.26
CA GLN I 1009 18.56 17.52 63.91
C GLN I 1009 17.17 17.64 64.51
N HIS I 1010 16.83 16.74 65.42
CA HIS I 1010 15.53 16.79 66.06
C HIS I 1010 15.64 17.34 67.47
N LEU I 1011 14.88 18.39 67.76
CA LEU I 1011 14.74 18.89 69.11
C LEU I 1011 13.62 18.09 69.75
N GLN I 1012 14.00 17.00 70.39
CA GLN I 1012 13.06 16.00 70.85
C GLN I 1012 12.38 16.39 72.16
N GLU I 1013 11.07 16.31 72.20
CA GLU I 1013 10.35 16.63 73.42
C GLU I 1013 10.86 15.73 74.53
N VAL I 1014 11.26 16.33 75.64
CA VAL I 1014 11.72 15.58 76.81
C VAL I 1014 10.66 15.62 77.87
N GLY I 1015 10.16 16.82 78.11
CA GLY I 1015 9.12 17.01 79.10
C GLY I 1015 7.89 17.61 78.44
N LEU I 1016 6.73 17.23 78.97
CA LEU I 1016 5.44 17.73 78.50
C LEU I 1016 4.55 18.00 79.70
N PHE I 1017 4.01 19.23 79.78
CA PHE I 1017 3.18 19.59 80.92
C PHE I 1017 2.09 20.57 80.50
N HIS I 1018 0.86 20.33 80.93
CA HIS I 1018 -0.22 21.27 80.62
C HIS I 1018 -0.38 22.30 81.71
N LEU I 1019 -0.49 23.57 81.32
CA LEU I 1019 -0.64 24.65 82.29
C LEU I 1019 -2.10 25.06 82.43
N GLY I 1020 -2.79 25.12 81.31
CA GLY I 1020 -4.15 25.67 81.28
C GLY I 1020 -4.06 27.18 81.08
N GLU I 1021 -2.83 27.66 80.98
CA GLU I 1021 -2.51 29.06 80.79
C GLU I 1021 -1.84 29.29 79.45
N PHE I 1022 -2.16 30.42 78.85
CA PHE I 1022 -1.52 30.84 77.60
C PHE I 1022 -0.35 31.75 77.93
N VAL I 1023 0.85 31.24 77.77
CA VAL I 1023 2.04 32.01 78.12
C VAL I 1023 2.37 32.99 77.02
N ASN I 1024 2.50 34.25 77.37
CA ASN I 1024 2.78 35.26 76.37
C ASN I 1024 4.22 35.75 76.44
N VAL I 1025 4.78 35.76 77.65
CA VAL I 1025 6.10 36.35 77.87
C VAL I 1025 7.04 35.45 78.65
N PHE I 1026 8.27 35.29 78.17
CA PHE I 1026 9.34 34.64 78.94
C PHE I 1026 10.47 35.62 79.23
N CYS I 1027 11.08 35.48 80.40
CA CYS I 1027 12.29 36.22 80.76
C CYS I 1027 12.99 35.56 81.94
N HIS I 1028 14.32 35.52 81.92
CA HIS I 1028 15.05 34.93 83.04
C HIS I 1028 15.16 35.94 84.19
N GLY I 1029 15.03 35.45 85.43
CA GLY I 1029 15.10 36.29 86.62
C GLY I 1029 13.90 36.07 87.53
N SER I 1030 13.99 36.56 88.76
CA SER I 1030 12.88 36.39 89.71
C SER I 1030 12.86 37.52 90.74
N LEU I 1031 11.69 37.75 91.34
CA LEU I 1031 11.55 38.81 92.33
C LEU I 1031 11.94 38.37 93.72
N VAL I 1032 13.23 38.18 93.91
CA VAL I 1032 13.79 37.79 95.18
C VAL I 1032 14.91 38.76 95.54
N MET I 1033 15.24 38.83 96.83
CA MET I 1033 16.35 39.67 97.25
C MET I 1033 17.62 38.83 97.27
N GLN I 1034 18.60 39.23 96.46
CA GLN I 1034 19.82 38.45 96.31
C GLN I 1034 20.84 38.76 97.39
N ASN I 1035 21.01 37.82 98.31
CA ASN I 1035 21.94 38.00 99.42
C ASN I 1035 23.12 37.04 99.34
N LEU I 1036 23.33 36.45 98.17
CA LEU I 1036 24.43 35.52 97.96
C LEU I 1036 24.63 35.24 96.47
N PRO I 1042 18.30 21.87 95.02
CA PRO I 1042 17.30 20.99 94.44
C PRO I 1042 16.99 21.37 93.00
N THR I 1043 17.06 22.67 92.70
CA THR I 1043 16.76 23.14 91.36
C THR I 1043 17.67 24.31 90.96
N GLN I 1044 17.86 24.52 89.65
CA GLN I 1044 18.82 25.56 89.18
C GLN I 1044 18.14 26.49 88.17
N GLY I 1045 18.61 27.75 88.07
CA GLY I 1045 18.05 28.69 87.08
C GLY I 1045 16.80 29.39 87.57
N SER I 1046 16.16 30.19 86.73
CA SER I 1046 14.92 30.92 87.10
C SER I 1046 14.25 31.53 85.85
N VAL I 1047 13.61 30.70 85.01
CA VAL I 1047 12.89 31.24 83.86
C VAL I 1047 11.50 31.69 84.27
N LEU I 1048 11.25 32.98 84.17
CA LEU I 1048 9.98 33.55 84.61
C LEU I 1048 9.08 33.72 83.40
N PHE I 1049 7.77 33.51 83.58
CA PHE I 1049 6.91 33.77 82.46
C PHE I 1049 5.58 34.39 82.87
N GLY I 1050 5.00 35.17 81.96
CA GLY I 1050 3.72 35.80 82.21
C GLY I 1050 2.67 35.27 81.26
N THR I 1051 1.43 35.21 81.73
CA THR I 1051 0.34 34.69 80.92
C THR I 1051 -0.75 35.73 80.71
N VAL I 1052 -1.72 35.36 79.89
CA VAL I 1052 -2.83 36.23 79.55
C VAL I 1052 -3.77 36.49 80.72
N ASN I 1053 -3.62 35.71 81.80
CA ASN I 1053 -4.50 35.87 82.95
C ASN I 1053 -3.83 36.58 84.13
N GLY I 1054 -2.66 37.17 83.89
CA GLY I 1054 -1.97 37.90 84.95
C GLY I 1054 -1.15 36.96 85.82
N MET I 1055 -1.08 35.70 85.42
CA MET I 1055 -0.33 34.73 86.18
C MET I 1055 1.14 34.87 85.83
N ILE I 1056 2.00 34.78 86.83
CA ILE I 1056 3.42 34.74 86.55
C ILE I 1056 3.98 33.43 87.07
N GLY I 1057 4.55 32.64 86.17
CA GLY I 1057 5.10 31.35 86.56
C GLY I 1057 6.61 31.41 86.62
N LEU I 1058 7.20 30.33 87.11
CA LEU I 1058 8.66 30.23 87.21
C LEU I 1058 9.11 28.79 86.99
N VAL I 1059 10.02 28.59 86.04
CA VAL I 1059 10.49 27.26 85.71
C VAL I 1059 11.99 27.12 85.97
N THR I 1060 12.36 26.11 86.75
CA THR I 1060 13.75 25.88 87.09
C THR I 1060 14.17 24.45 86.73
N SER I 1061 15.46 24.25 86.48
CA SER I 1061 15.98 22.93 86.09
C SER I 1061 16.10 22.01 87.30
N LEU I 1062 15.89 20.72 87.07
CA LEU I 1062 16.06 19.71 88.11
C LEU I 1062 17.17 18.71 87.83
N SER I 1063 17.77 18.20 88.90
CA SER I 1063 18.69 17.07 88.78
C SER I 1063 17.87 15.80 88.60
N GLU I 1064 18.53 14.72 88.23
CA GLU I 1064 17.84 13.45 88.02
C GLU I 1064 17.22 12.95 89.31
N SER I 1065 17.94 13.12 90.42
CA SER I 1065 17.47 12.63 91.71
C SER I 1065 16.33 13.46 92.24
N TRP I 1066 16.39 14.78 92.04
CA TRP I 1066 15.33 15.64 92.53
C TRP I 1066 14.08 15.55 91.67
N TYR I 1067 14.26 15.26 90.39
CA TYR I 1067 13.10 15.01 89.54
C TYR I 1067 12.33 13.80 90.05
N ASN I 1068 13.05 12.70 90.30
CA ASN I 1068 12.41 11.48 90.78
C ASN I 1068 11.85 11.66 92.19
N LEU I 1069 12.54 12.45 93.00
CA LEU I 1069 12.09 12.74 94.36
C LEU I 1069 10.72 13.38 94.32
N LEU I 1070 10.62 14.43 93.51
CA LEU I 1070 9.40 15.21 93.42
C LEU I 1070 8.34 14.49 92.61
N LEU I 1071 8.77 13.64 91.67
CA LEU I 1071 7.83 12.90 90.84
C LEU I 1071 7.03 11.92 91.67
N ASP I 1072 7.72 11.20 92.57
CA ASP I 1072 7.04 10.26 93.45
C ASP I 1072 6.20 11.02 94.46
N MET I 1073 6.68 12.19 94.87
CA MET I 1073 5.95 13.04 95.77
C MET I 1073 4.63 13.49 95.17
N GLN I 1074 4.63 13.86 93.89
CA GLN I 1074 3.40 14.30 93.23
C GLN I 1074 2.35 13.20 93.22
N ASN I 1075 2.81 11.97 92.96
CA ASN I 1075 1.89 10.85 92.86
C ASN I 1075 1.20 10.59 94.19
N ARG I 1076 1.91 10.82 95.28
CA ARG I 1076 1.34 10.64 96.61
C ARG I 1076 0.44 11.82 96.98
N LEU I 1077 0.85 13.02 96.63
CA LEU I 1077 0.12 14.23 96.99
C LEU I 1077 -1.27 14.28 96.39
N ASN I 1078 -1.39 13.82 95.15
CA ASN I 1078 -2.67 13.88 94.46
C ASN I 1078 -3.67 12.88 95.01
N LYS I 1079 -3.24 12.02 95.93
CA LYS I 1079 -4.14 11.05 96.52
C LYS I 1079 -4.98 11.69 97.61
N VAL I 1080 -4.43 12.69 98.30
CA VAL I 1080 -5.17 13.31 99.40
C VAL I 1080 -5.58 14.74 99.09
N ILE I 1081 -4.87 15.39 98.17
CA ILE I 1081 -5.24 16.76 97.84
C ILE I 1081 -6.37 16.72 96.83
N LYS I 1082 -7.58 16.65 97.36
CA LYS I 1082 -8.77 16.47 96.56
C LYS I 1082 -9.17 17.77 95.90
N SER I 1083 -9.58 17.68 94.65
CA SER I 1083 -10.06 18.83 93.91
C SER I 1083 -11.52 19.08 94.16
N VAL I 1084 -11.96 20.28 93.82
CA VAL I 1084 -13.38 20.57 93.80
C VAL I 1084 -14.02 19.76 92.69
N GLY I 1085 -15.10 19.06 93.01
CA GLY I 1085 -15.80 18.26 92.01
C GLY I 1085 -15.21 16.87 91.83
N LYS I 1086 -14.19 16.53 92.62
CA LYS I 1086 -13.54 15.24 92.49
C LYS I 1086 -13.07 15.03 91.05
N ILE I 1087 -12.44 16.05 90.50
CA ILE I 1087 -11.91 15.99 89.14
C ILE I 1087 -10.46 15.55 89.19
N GLU I 1088 -10.14 14.49 88.47
CA GLU I 1088 -8.81 13.90 88.51
C GLU I 1088 -7.71 14.86 88.08
N HIS I 1089 -6.56 14.77 88.74
CA HIS I 1089 -5.40 15.60 88.41
C HIS I 1089 -4.80 15.21 87.08
N SER I 1090 -5.11 14.00 86.64
CA SER I 1090 -4.58 13.47 85.40
C SER I 1090 -5.16 14.18 84.20
N PHE I 1091 -6.25 14.92 84.40
CA PHE I 1091 -6.83 15.68 83.30
C PHE I 1091 -6.07 16.97 83.07
N TRP I 1092 -5.95 17.79 84.10
CA TRP I 1092 -5.28 19.06 83.97
C TRP I 1092 -3.83 18.90 83.59
N ARG I 1093 -3.15 17.96 84.21
CA ARG I 1093 -1.71 17.80 83.98
C ARG I 1093 -1.38 17.31 82.57
N SER I 1094 -2.34 16.70 81.88
CA SER I 1094 -2.05 16.08 80.59
C SER I 1094 -1.83 17.09 79.49
N PHE I 1095 -0.75 16.91 78.75
CA PHE I 1095 -0.37 17.75 77.63
C PHE I 1095 -1.37 17.56 76.52
N HIS I 1096 -2.13 18.60 76.20
CA HIS I 1096 -3.26 18.45 75.31
C HIS I 1096 -3.12 19.30 74.06
N THR I 1097 -2.95 18.66 72.91
CA THR I 1097 -2.78 19.36 71.64
C THR I 1097 -3.86 18.95 70.66
N GLU I 1098 -3.77 19.50 69.46
CA GLU I 1098 -4.73 19.21 68.39
C GLU I 1098 -4.59 17.78 67.87
N ARG I 1099 -3.45 17.15 68.13
CA ARG I 1099 -3.16 15.84 67.55
C ARG I 1099 -3.07 14.72 68.58
N LYS I 1100 -2.59 15.04 69.78
CA LYS I 1100 -2.36 14.01 70.79
C LYS I 1100 -2.62 14.52 72.21
N THR I 1101 -2.92 13.59 73.11
CA THR I 1101 -2.98 13.89 74.52
C THR I 1101 -2.00 12.99 75.28
N GLU I 1102 -1.16 13.59 76.11
CA GLU I 1102 -0.18 12.83 76.89
C GLU I 1102 -0.16 13.30 78.35
N PRO I 1103 0.05 12.39 79.29
CA PRO I 1103 0.18 12.65 80.72
C PRO I 1103 1.45 13.44 80.96
N ALA I 1104 1.46 14.24 82.02
CA ALA I 1104 2.64 15.04 82.30
C ALA I 1104 3.86 14.18 82.53
N THR I 1105 4.97 14.60 81.96
CA THR I 1105 6.25 13.94 82.16
C THR I 1105 7.40 14.91 82.01
N GLY I 1106 8.48 14.67 82.76
CA GLY I 1106 9.68 15.49 82.63
C GLY I 1106 9.55 16.78 83.42
N PHE I 1107 8.35 17.01 83.98
CA PHE I 1107 8.04 18.19 84.75
C PHE I 1107 7.46 17.87 86.11
N ILE I 1108 7.71 18.77 87.05
CA ILE I 1108 7.09 18.70 88.35
C ILE I 1108 6.08 19.81 88.56
N ASP I 1109 4.88 19.44 89.01
CA ASP I 1109 3.88 20.42 89.39
C ASP I 1109 4.22 20.95 90.76
N GLY I 1110 4.89 22.09 90.80
CA GLY I 1110 5.43 22.61 92.03
C GLY I 1110 4.35 23.26 92.87
N ASP I 1111 3.18 23.47 92.28
CA ASP I 1111 2.08 24.07 93.02
C ASP I 1111 1.45 22.97 93.86
N LEU I 1112 1.44 21.76 93.32
CA LEU I 1112 1.00 20.58 94.06
C LEU I 1112 1.97 20.32 95.21
N ILE I 1113 3.26 20.49 94.95
CA ILE I 1113 4.29 20.27 95.96
C ILE I 1113 4.07 21.25 97.12
N GLU I 1114 3.87 22.52 96.80
CA GLU I 1114 3.63 23.52 97.85
C GLU I 1114 2.33 23.26 98.60
N SER I 1115 1.33 22.77 97.88
CA SER I 1115 -0.01 22.53 98.42
C SER I 1115 -0.02 21.48 99.54
N PHE I 1116 1.09 20.76 99.68
CA PHE I 1116 1.21 19.77 100.74
C PHE I 1116 1.00 20.39 102.11
N LEU I 1117 1.45 21.62 102.29
CA LEU I 1117 1.39 22.26 103.59
C LEU I 1117 -0.01 22.75 103.95
N ASP I 1118 -0.95 22.63 103.01
CA ASP I 1118 -2.31 23.09 103.23
C ASP I 1118 -3.27 21.95 103.58
N ILE I 1119 -2.75 20.77 103.90
CA ILE I 1119 -3.61 19.67 104.32
C ILE I 1119 -3.32 19.24 105.76
N SER I 1120 -4.28 18.59 106.39
CA SER I 1120 -4.14 18.16 107.78
C SER I 1120 -3.12 17.04 107.92
N ARG I 1121 -2.46 16.99 109.08
CA ARG I 1121 -1.43 15.98 109.35
C ARG I 1121 -1.78 14.53 108.96
N PRO I 1122 -2.95 13.99 109.31
CA PRO I 1122 -3.36 12.64 109.00
C PRO I 1122 -3.24 12.35 107.51
N LYS I 1123 -3.48 13.36 106.68
CA LYS I 1123 -3.39 13.20 105.25
C LYS I 1123 -1.96 13.38 104.79
N MET I 1124 -1.20 14.17 105.53
CA MET I 1124 0.21 14.31 105.24
C MET I 1124 0.90 12.97 105.45
N GLN I 1125 0.47 12.25 106.48
CA GLN I 1125 1.02 10.93 106.78
C GLN I 1125 0.66 9.92 105.69
N GLU I 1126 -0.55 10.06 105.12
CA GLU I 1126 -0.92 9.20 104.00
C GLU I 1126 -0.03 9.45 102.79
N VAL I 1127 0.31 10.72 102.54
CA VAL I 1127 1.16 11.08 101.39
C VAL I 1127 2.54 10.45 101.51
N VAL I 1128 3.08 10.47 102.73
CA VAL I 1128 4.45 9.96 102.96
C VAL I 1128 4.42 8.46 103.25
N ALA I 1129 3.25 7.82 103.17
CA ALA I 1129 3.25 6.36 103.37
C ALA I 1129 4.04 5.72 102.23
N ASN I 1130 5.03 4.88 102.57
CA ASN I 1130 5.88 4.20 101.55
C ASN I 1130 6.51 5.24 100.62
N LEU I 1131 6.88 6.41 101.14
CA LEU I 1131 7.45 7.48 100.27
C LEU I 1131 8.96 7.54 100.48
N GLN I 1132 9.71 6.74 99.73
CA GLN I 1132 11.19 6.74 99.82
C GLN I 1132 11.70 7.46 98.57
N TYR I 1133 12.57 8.46 98.73
CA TYR I 1133 13.00 9.26 97.55
C TYR I 1133 14.46 9.01 97.22
N ASP I 1134 14.77 8.86 95.93
CA ASP I 1134 16.17 8.63 95.49
C ASP I 1134 17.01 9.88 95.82
N ASP I 1135 18.28 9.68 96.18
CA ASP I 1135 19.17 10.81 96.56
C ASP I 1135 20.44 10.72 95.72
N GLY I 1136 21.25 11.79 95.68
CA GLY I 1136 22.46 11.82 94.83
C GLY I 1136 23.41 10.69 95.19
N SER I 1137 23.51 10.34 96.47
CA SER I 1137 24.36 9.20 96.91
C SER I 1137 23.78 7.90 96.32
N GLY I 1138 22.51 7.92 95.92
CA GLY I 1138 21.84 6.70 95.40
C GLY I 1138 21.01 6.06 96.50
N MET I 1139 21.06 6.63 97.70
CA MET I 1139 20.27 6.10 98.85
C MET I 1139 18.79 6.46 98.67
N LYS I 1140 17.88 5.60 99.12
CA LYS I 1140 16.43 5.94 99.07
C LYS I 1140 15.99 6.20 100.51
N ARG I 1141 15.43 7.38 100.80
CA ARG I 1141 15.10 7.70 102.21
C ARG I 1141 13.59 7.82 102.42
N GLU I 1142 13.02 7.02 103.32
CA GLU I 1142 11.56 7.12 103.63
C GLU I 1142 11.26 8.51 104.22
N ALA I 1143 9.99 8.95 104.18
CA ALA I 1143 9.66 10.31 104.63
C ALA I 1143 8.53 10.30 105.66
N THR I 1144 8.40 11.36 106.45
CA THR I 1144 7.30 11.48 107.44
C THR I 1144 6.59 12.82 107.19
N ALA I 1145 5.35 12.98 107.66
CA ALA I 1145 4.57 14.21 107.44
C ALA I 1145 5.44 15.47 107.61
N ASP I 1146 6.44 15.43 108.50
CA ASP I 1146 7.25 16.61 108.78
C ASP I 1146 8.46 16.68 107.87
N ASP I 1147 8.88 15.55 107.33
CA ASP I 1147 10.07 15.52 106.50
C ASP I 1147 9.71 15.91 105.08
N LEU I 1148 8.47 15.64 104.70
CA LEU I 1148 8.07 16.02 103.35
C LEU I 1148 7.78 17.51 103.31
N ILE I 1149 7.51 18.10 104.48
CA ILE I 1149 7.44 19.55 104.58
C ILE I 1149 8.82 20.14 104.31
N LYS I 1150 9.85 19.52 104.90
CA LYS I 1150 11.23 19.95 104.68
C LYS I 1150 11.56 19.96 103.19
N VAL I 1151 11.03 18.97 102.46
CA VAL I 1151 11.22 18.91 101.01
C VAL I 1151 10.60 20.12 100.33
N VAL I 1152 9.39 20.49 100.74
CA VAL I 1152 8.74 21.66 100.17
C VAL I 1152 9.58 22.90 100.44
N GLU I 1153 10.09 23.01 101.67
CA GLU I 1153 10.90 24.16 102.07
C GLU I 1153 12.17 24.29 101.24
N GLU I 1154 12.80 23.16 100.92
CA GLU I 1154 14.02 23.19 100.12
C GLU I 1154 13.77 23.77 98.74
N LEU I 1155 12.60 23.49 98.16
CA LEU I 1155 12.27 24.08 96.88
C LEU I 1155 11.81 25.53 97.05
N THR I 1156 11.07 25.78 98.13
CA THR I 1156 10.44 27.08 98.36
C THR I 1156 11.48 28.19 98.49
N ARG I 1157 12.60 27.88 99.14
CA ARG I 1157 13.63 28.89 99.38
C ARG I 1157 14.48 29.17 98.15
N ILE I 1158 14.30 28.39 97.09
CA ILE I 1158 15.07 28.59 95.86
C ILE I 1158 14.23 29.32 94.81
N HIS I 1159 13.00 28.87 94.59
CA HIS I 1159 12.14 29.45 93.57
C HIS I 1159 11.27 30.57 94.13
N ALA J 1064 -10.27 42.18 65.44
CA ALA J 1064 -10.51 41.27 64.35
C ALA J 1064 -9.70 41.60 63.09
N PRO J 1065 -8.37 41.74 63.19
CA PRO J 1065 -7.45 42.03 62.11
C PRO J 1065 -7.25 40.86 61.17
N ILE J 1066 -6.93 41.17 59.91
CA ILE J 1066 -6.58 40.15 58.92
C ILE J 1066 -5.09 39.80 59.00
N ASN J 1067 -4.26 40.80 59.26
CA ASN J 1067 -2.82 40.66 59.18
C ASN J 1067 -2.23 39.88 60.33
N PHE J 1068 -1.24 39.04 60.02
CA PHE J 1068 -0.54 38.28 61.04
C PHE J 1068 -0.02 39.14 62.18
N THR J 1069 0.58 40.28 61.88
CA THR J 1069 1.27 41.01 62.93
C THR J 1069 0.31 41.49 64.00
N SER J 1070 -0.86 41.93 63.57
CA SER J 1070 -1.87 42.40 64.50
C SER J 1070 -2.52 41.23 65.22
N ARG J 1071 -2.80 40.17 64.47
CA ARG J 1071 -3.47 38.99 65.02
C ARG J 1071 -2.59 38.34 66.09
N LEU J 1072 -1.30 38.26 65.81
CA LEU J 1072 -0.36 37.62 66.71
C LEU J 1072 -0.13 38.45 67.97
N ASN J 1073 -0.07 39.78 67.83
CA ASN J 1073 0.10 40.62 69.01
C ASN J 1073 -1.09 40.54 69.95
N ARG J 1074 -2.27 40.33 69.37
CA ARG J 1074 -3.50 40.25 70.15
C ARG J 1074 -3.52 39.03 71.06
N ARG J 1075 -2.63 38.06 70.82
CA ARG J 1075 -2.62 36.83 71.60
C ARG J 1075 -2.39 37.14 73.07
N ALA J 1076 -1.76 38.29 73.33
CA ALA J 1076 -1.41 38.72 74.68
C ALA J 1076 -2.65 38.90 75.55
N SER J 1077 -3.76 39.28 74.93
CA SER J 1077 -5.00 39.50 75.67
C SER J 1077 -6.13 38.65 75.12
N PHE J 1078 -5.93 38.10 73.93
CA PHE J 1078 -6.91 37.26 73.25
C PHE J 1078 -6.25 35.96 72.79
N PRO J 1079 -6.13 34.96 73.67
CA PRO J 1079 -5.35 33.74 73.55
C PRO J 1079 -5.90 32.82 72.48
N LYS J 1080 -5.25 31.66 72.33
CA LYS J 1080 -5.57 30.64 71.32
C LYS J 1080 -5.03 30.99 69.94
N TYR J 1081 -5.25 32.22 69.50
CA TYR J 1081 -4.74 32.65 68.20
C TYR J 1081 -4.65 34.16 68.06
N GLY J 1082 -5.66 34.88 68.55
CA GLY J 1082 -5.71 36.34 68.45
C GLY J 1082 -6.63 36.81 67.32
N GLY J 1083 -7.57 37.71 67.65
CA GLY J 1083 -8.53 38.22 66.67
C GLY J 1083 -9.69 37.27 66.47
N VAL J 1084 -10.12 37.09 65.21
CA VAL J 1084 -11.26 36.25 64.89
C VAL J 1084 -10.88 35.15 63.90
N ASP J 1085 -11.75 34.15 63.77
CA ASP J 1085 -11.60 33.03 62.82
C ASP J 1085 -10.51 32.02 63.22
N GLY J 1086 -9.33 32.53 63.52
CA GLY J 1086 -8.22 31.65 63.89
C GLY J 1086 -7.88 30.74 62.74
N GLY J 1087 -7.92 29.43 62.98
CA GLY J 1087 -7.59 28.45 61.96
C GLY J 1087 -8.43 28.64 60.70
N CYS J 1088 -9.66 29.13 60.86
CA CYS J 1088 -10.56 29.34 59.72
C CYS J 1088 -10.04 30.43 58.78
N PHE J 1089 -9.00 31.12 59.21
CA PHE J 1089 -8.33 32.15 58.43
C PHE J 1089 -6.85 31.81 58.20
N ASP J 1090 -6.18 31.31 59.23
CA ASP J 1090 -4.74 31.17 59.21
C ASP J 1090 -4.32 30.00 58.33
N ARG J 1091 -5.22 29.03 58.14
CA ARG J 1091 -4.96 27.92 57.24
C ARG J 1091 -4.81 28.39 55.81
N HIS J 1092 -5.26 29.61 55.51
CA HIS J 1092 -5.19 30.13 54.16
C HIS J 1092 -3.86 30.84 53.90
N LEU J 1093 -3.03 30.93 54.93
CA LEU J 1093 -1.73 31.56 54.81
C LEU J 1093 -0.64 30.49 54.70
N ILE J 1094 -0.94 29.32 55.25
CA ILE J 1094 0.02 28.21 55.27
C ILE J 1094 -0.20 27.19 54.16
N PHE J 1095 -1.46 26.87 53.85
CA PHE J 1095 -1.74 25.85 52.84
C PHE J 1095 -1.91 26.48 51.47
N SER J 1096 -1.48 27.74 51.37
CA SER J 1096 -1.45 28.47 50.13
C SER J 1096 -0.01 28.72 49.69
N ARG J 1097 0.96 28.22 50.47
CA ARG J 1097 2.36 28.46 50.17
C ARG J 1097 3.20 27.19 50.15
N PHE J 1098 3.12 26.42 49.08
CA PHE J 1098 3.86 25.17 48.98
C PHE J 1098 5.19 25.32 48.25
N ARG J 1099 6.22 24.68 48.81
CA ARG J 1099 7.55 24.69 48.19
C ARG J 1099 8.20 23.31 48.28
N PRO J 1100 8.75 22.78 47.17
CA PRO J 1100 9.36 21.47 47.06
C PRO J 1100 10.60 21.36 47.95
N ILE J 1101 10.77 20.21 48.60
CA ILE J 1101 11.93 19.96 49.44
C ILE J 1101 12.77 18.77 48.96
N SER J 1102 12.10 17.66 48.60
CA SER J 1102 12.82 16.44 48.23
C SER J 1102 11.99 15.54 47.34
N VAL J 1103 12.65 14.57 46.68
CA VAL J 1103 11.94 13.64 45.80
C VAL J 1103 12.41 12.20 45.99
N PHE J 1104 11.46 11.25 45.91
CA PHE J 1104 11.79 9.83 45.96
C PHE J 1104 11.82 9.22 44.56
N ARG J 1105 12.86 8.43 44.27
CA ARG J 1105 12.99 7.69 43.01
C ARG J 1105 13.41 6.25 43.29
N GLU J 1106 13.07 5.34 42.38
CA GLU J 1106 13.48 3.93 42.49
C GLU J 1106 14.98 3.76 42.40
N ALA J 1107 15.52 2.92 43.28
CA ALA J 1107 16.94 2.61 43.24
C ALA J 1107 17.26 1.81 42.00
N ASN J 1108 18.40 2.13 41.38
CA ASN J 1108 18.91 1.41 40.22
C ASN J 1108 18.03 1.58 38.97
N GLU J 1109 17.09 2.51 39.01
CA GLU J 1109 16.29 2.81 37.82
C GLU J 1109 16.69 4.16 37.25
N ASP J 1110 16.46 4.36 35.97
CA ASP J 1110 16.76 5.64 35.34
C ASP J 1110 15.57 6.58 35.45
N GLU J 1111 14.37 6.00 35.35
CA GLU J 1111 13.12 6.76 35.42
C GLU J 1111 12.13 6.02 36.31
N SER J 1112 11.30 6.77 37.02
CA SER J 1112 10.39 6.21 38.00
C SER J 1112 9.03 5.80 37.43
N GLY J 1113 8.36 4.92 38.14
CA GLY J 1113 7.04 4.46 37.76
C GLY J 1113 6.09 4.35 38.94
N PHE J 1114 6.06 5.36 39.81
CA PHE J 1114 5.16 5.31 40.96
C PHE J 1114 3.73 5.67 40.56
N THR J 1115 2.75 5.01 41.18
CA THR J 1115 1.35 5.30 40.91
C THR J 1115 0.55 5.70 42.15
N CYS J 1116 1.04 5.35 43.33
CA CYS J 1116 0.34 5.68 44.57
C CYS J 1116 1.27 5.74 45.76
N CYS J 1117 0.84 6.41 46.84
CA CYS J 1117 1.66 6.45 48.05
C CYS J 1117 0.87 6.66 49.33
N ALA J 1118 1.50 6.30 50.45
CA ALA J 1118 0.98 6.55 51.78
C ALA J 1118 2.14 6.58 52.78
N PHE J 1119 2.00 7.34 53.86
CA PHE J 1119 3.00 7.29 54.91
C PHE J 1119 2.71 6.11 55.82
N SER J 1120 3.75 5.47 56.34
CA SER J 1120 3.57 4.32 57.22
C SER J 1120 2.99 4.74 58.57
N ALA J 1121 2.54 3.76 59.34
CA ALA J 1121 1.83 4.02 60.60
C ALA J 1121 2.63 4.88 61.57
N ARG J 1122 3.95 4.68 61.59
CA ARG J 1122 4.79 5.44 62.50
C ARG J 1122 5.59 6.50 61.76
N GLU J 1123 5.24 6.69 60.49
CA GLU J 1123 5.88 7.66 59.62
C GLU J 1123 7.39 7.59 59.66
N ARG J 1124 7.92 6.37 59.61
CA ARG J 1124 9.36 6.15 59.56
C ARG J 1124 9.81 6.11 58.12
N PHE J 1125 8.88 5.80 57.24
CA PHE J 1125 9.14 5.67 55.83
C PHE J 1125 7.89 5.97 55.01
N LEU J 1126 8.11 6.37 53.75
CA LEU J 1126 7.01 6.56 52.82
C LEU J 1126 6.84 5.30 51.99
N MET J 1127 5.60 4.85 51.87
CA MET J 1127 5.30 3.64 51.11
C MET J 1127 4.80 4.02 49.74
N LEU J 1128 5.45 3.53 48.70
CA LEU J 1128 5.02 3.87 47.36
C LEU J 1128 4.78 2.65 46.50
N GLY J 1129 3.74 2.72 45.68
CA GLY J 1129 3.42 1.64 44.77
C GLY J 1129 3.88 1.98 43.37
N THR J 1130 4.32 0.96 42.63
CA THR J 1130 4.83 1.17 41.27
C THR J 1130 3.83 0.71 40.22
N CYS J 1131 4.14 1.05 38.96
CA CYS J 1131 3.34 0.67 37.80
C CYS J 1131 3.43 -0.82 37.52
N THR J 1132 4.39 -1.47 38.17
CA THR J 1132 4.68 -2.88 37.97
C THR J 1132 4.17 -3.73 39.11
N GLY J 1133 3.46 -3.12 40.06
CA GLY J 1133 2.86 -3.87 41.16
C GLY J 1133 3.80 -4.07 42.34
N GLN J 1134 4.84 -3.25 42.43
CA GLN J 1134 5.77 -3.38 43.55
C GLN J 1134 5.49 -2.35 44.63
N LEU J 1135 5.88 -2.70 45.84
CA LEU J 1135 5.85 -1.78 46.97
C LEU J 1135 7.26 -1.40 47.37
N LYS J 1136 7.50 -0.11 47.51
CA LYS J 1136 8.82 0.34 47.91
C LYS J 1136 8.75 1.23 49.14
N LEU J 1137 9.64 0.96 50.09
CA LEU J 1137 9.66 1.69 51.34
C LEU J 1137 10.90 2.58 51.41
N TYR J 1138 10.67 3.87 51.64
CA TYR J 1138 11.78 4.83 51.67
C TYR J 1138 11.89 5.55 53.00
N ASN J 1139 13.12 5.80 53.41
CA ASN J 1139 13.35 6.54 54.63
C ASN J 1139 12.72 7.91 54.53
N VAL J 1140 11.84 8.22 55.48
CA VAL J 1140 11.05 9.44 55.43
C VAL J 1140 11.91 10.70 55.46
N PHE J 1141 13.12 10.59 56.01
CA PHE J 1141 13.99 11.75 56.16
C PHE J 1141 15.03 11.83 55.04
N SER J 1142 15.74 10.73 54.80
CA SER J 1142 16.86 10.74 53.87
C SER J 1142 16.49 10.53 52.41
N GLY J 1143 15.34 9.92 52.14
CA GLY J 1143 14.93 9.64 50.77
C GLY J 1143 15.52 8.33 50.25
N GLN J 1144 16.21 7.60 51.11
CA GLN J 1144 16.86 6.35 50.72
C GLN J 1144 15.90 5.16 50.71
N GLU J 1145 15.90 4.41 49.62
CA GLU J 1145 15.10 3.19 49.54
C GLU J 1145 15.64 2.17 50.54
N GLU J 1146 14.74 1.64 51.37
CA GLU J 1146 15.14 0.68 52.40
C GLU J 1146 14.67 -0.74 52.09
N ALA J 1147 13.54 -0.86 51.42
CA ALA J 1147 12.98 -2.18 51.15
C ALA J 1147 12.12 -2.17 49.89
N SER J 1148 11.97 -3.35 49.28
CA SER J 1148 11.13 -3.50 48.11
C SER J 1148 10.45 -4.88 48.11
N TYR J 1149 9.14 -4.88 47.89
CA TYR J 1149 8.36 -6.10 47.91
C TYR J 1149 7.46 -6.20 46.68
N ASN J 1150 7.10 -7.41 46.31
CA ASN J 1150 6.10 -7.59 45.25
C ASN J 1150 4.72 -7.70 45.88
N CYS J 1151 3.74 -7.00 45.30
CA CYS J 1151 2.36 -7.09 45.78
C CYS J 1151 1.42 -7.57 44.69
N HIS J 1152 1.59 -7.05 43.49
CA HIS J 1152 0.70 -7.32 42.38
C HIS J 1152 1.52 -7.41 41.09
N ASN J 1153 0.87 -7.73 39.97
CA ASN J 1153 1.57 -7.80 38.69
C ASN J 1153 1.29 -6.58 37.82
N SER J 1154 0.68 -5.56 38.42
CA SER J 1154 0.34 -4.34 37.70
C SER J 1154 0.26 -3.17 38.65
N ALA J 1155 0.07 -1.98 38.10
CA ALA J 1155 0.06 -0.76 38.87
C ALA J 1155 -0.81 -0.85 40.12
N ILE J 1156 -0.25 -0.38 41.23
CA ILE J 1156 -0.97 -0.35 42.49
C ILE J 1156 -1.81 0.92 42.56
N THR J 1157 -3.10 0.75 42.82
CA THR J 1157 -4.04 1.86 42.85
C THR J 1157 -4.10 2.49 44.25
N HIS J 1158 -3.85 1.68 45.27
CA HIS J 1158 -3.97 2.15 46.65
C HIS J 1158 -3.05 1.44 47.64
N LEU J 1159 -2.54 2.21 48.61
CA LEU J 1159 -1.81 1.70 49.76
C LEU J 1159 -2.32 2.35 51.04
N GLU J 1160 -2.60 1.54 52.07
CA GLU J 1160 -2.98 2.11 53.37
C GLU J 1160 -2.62 1.22 54.57
N PRO J 1161 -1.80 1.72 55.52
CA PRO J 1161 -1.39 1.06 56.73
C PRO J 1161 -2.46 1.15 57.80
N SER J 1162 -2.45 0.22 58.74
CA SER J 1162 -3.24 0.35 59.96
C SER J 1162 -2.59 1.34 60.91
N ARG J 1163 -3.32 1.80 61.91
CA ARG J 1163 -2.74 2.66 62.95
C ARG J 1163 -1.68 1.92 63.75
N ASP J 1164 -1.88 0.63 63.95
CA ASP J 1164 -0.91 -0.19 64.68
C ASP J 1164 0.30 -0.51 63.82
N GLY J 1165 0.11 -0.55 62.51
CA GLY J 1165 1.19 -0.75 61.55
C GLY J 1165 1.51 -2.22 61.29
N SER J 1166 0.70 -3.12 61.84
CA SER J 1166 0.91 -4.56 61.67
C SER J 1166 0.78 -5.01 60.23
N LEU J 1167 -0.21 -4.46 59.53
CA LEU J 1167 -0.52 -4.87 58.16
C LEU J 1167 -0.77 -3.68 57.23
N LEU J 1168 -0.59 -3.93 55.95
CA LEU J 1168 -0.81 -2.97 54.88
C LEU J 1168 -1.87 -3.44 53.89
N LEU J 1169 -2.79 -2.55 53.55
CA LEU J 1169 -3.79 -2.84 52.53
C LEU J 1169 -3.27 -2.38 51.19
N THR J 1170 -3.24 -3.27 50.21
CA THR J 1170 -2.80 -2.87 48.88
C THR J 1170 -3.84 -3.30 47.86
N SER J 1171 -3.91 -2.58 46.75
CA SER J 1171 -4.70 -3.07 45.62
C SER J 1171 -4.19 -2.57 44.28
N ALA J 1172 -4.45 -3.35 43.24
CA ALA J 1172 -4.04 -3.06 41.88
C ALA J 1172 -5.19 -2.58 41.01
N THR J 1173 -4.83 -1.92 39.91
CA THR J 1173 -5.80 -1.45 38.94
C THR J 1173 -6.29 -2.57 38.04
N TRP J 1174 -5.61 -3.72 38.08
CA TRP J 1174 -5.92 -4.83 37.18
C TRP J 1174 -5.48 -6.18 37.71
N SER J 1175 -4.20 -6.30 38.07
CA SER J 1175 -3.62 -7.58 38.44
C SER J 1175 -4.33 -8.28 39.58
N GLN J 1176 -4.51 -9.58 39.45
CA GLN J 1176 -5.13 -10.37 40.50
C GLN J 1176 -4.10 -10.89 41.51
N PRO J 1177 -4.50 -10.98 42.79
CA PRO J 1177 -5.74 -10.50 43.36
C PRO J 1177 -5.78 -8.99 43.35
N LEU J 1178 -6.93 -8.42 43.02
CA LEU J 1178 -7.02 -6.97 42.92
C LEU J 1178 -6.66 -6.32 44.25
N SER J 1179 -7.15 -6.87 45.36
CA SER J 1179 -6.74 -6.38 46.67
C SER J 1179 -6.14 -7.49 47.48
N ALA J 1180 -5.30 -7.12 48.42
CA ALA J 1180 -4.72 -8.12 49.31
C ALA J 1180 -4.32 -7.53 50.64
N LEU J 1181 -4.27 -8.40 51.64
CA LEU J 1181 -3.75 -8.04 52.94
C LEU J 1181 -2.33 -8.54 53.08
N TRP J 1182 -1.41 -7.61 53.20
CA TRP J 1182 0.00 -7.95 53.36
C TRP J 1182 0.48 -7.60 54.75
N GLY J 1183 1.32 -8.45 55.33
CA GLY J 1183 1.87 -8.14 56.64
C GLY J 1183 2.99 -7.11 56.51
N MET J 1184 3.13 -6.27 57.52
CA MET J 1184 4.26 -5.33 57.56
C MET J 1184 5.25 -5.75 58.63
N LYS J 1185 4.72 -6.29 59.73
CA LYS J 1185 5.57 -6.72 60.83
C LYS J 1185 6.33 -7.99 60.50
N SER J 1186 7.65 -7.95 60.69
CA SER J 1186 8.55 -9.09 60.50
C SER J 1186 8.65 -9.58 59.06
N VAL J 1187 7.56 -10.15 58.53
CA VAL J 1187 7.57 -10.72 57.20
C VAL J 1187 6.44 -10.18 56.33
N PHE J 1188 6.78 -9.76 55.11
CA PHE J 1188 5.78 -9.24 54.18
C PHE J 1188 5.06 -10.37 53.48
N ASP J 1189 4.26 -11.11 54.25
CA ASP J 1189 3.51 -12.25 53.73
C ASP J 1189 2.08 -11.86 53.42
N MET J 1190 1.28 -12.80 52.92
CA MET J 1190 -0.12 -12.52 52.64
C MET J 1190 -1.05 -13.10 53.69
N LYS J 1191 -2.05 -12.32 54.06
CA LYS J 1191 -3.07 -12.79 54.97
C LYS J 1191 -4.32 -13.18 54.19
N HIS J 1192 -4.56 -12.48 53.08
CA HIS J 1192 -5.75 -12.76 52.27
C HIS J 1192 -5.66 -12.18 50.86
N SER J 1193 -6.21 -12.90 49.90
CA SER J 1193 -6.28 -12.45 48.51
C SER J 1193 -7.73 -12.18 48.08
N PHE J 1194 -8.01 -10.94 47.66
CA PHE J 1194 -9.36 -10.55 47.25
C PHE J 1194 -9.43 -10.23 45.76
N THR J 1195 -9.93 -11.18 44.97
CA THR J 1195 -9.85 -11.09 43.52
C THR J 1195 -10.97 -10.24 42.92
N GLU J 1196 -11.87 -9.75 43.77
CA GLU J 1196 -13.00 -8.98 43.28
C GLU J 1196 -12.93 -7.51 43.71
N ASP J 1197 -11.93 -7.16 44.50
CA ASP J 1197 -11.88 -5.82 45.07
C ASP J 1197 -10.85 -4.90 44.41
N HIS J 1198 -11.33 -3.94 43.64
CA HIS J 1198 -10.46 -2.96 42.96
C HIS J 1198 -9.76 -2.08 43.98
N TYR J 1199 -10.56 -1.53 44.88
CA TYR J 1199 -10.08 -0.60 45.89
C TYR J 1199 -10.27 -1.16 47.29
N VAL J 1200 -9.29 -0.92 48.17
CA VAL J 1200 -9.38 -1.40 49.55
C VAL J 1200 -9.09 -0.26 50.54
N GLU J 1201 -9.84 -0.20 51.65
CA GLU J 1201 -9.63 0.86 52.64
C GLU J 1201 -9.96 0.43 54.07
N PHE J 1202 -9.19 0.94 55.04
CA PHE J 1202 -9.48 0.71 56.46
C PHE J 1202 -10.69 1.51 56.93
N SER J 1203 -11.42 0.95 57.89
CA SER J 1203 -12.46 1.72 58.56
C SER J 1203 -11.79 2.80 59.39
N LYS J 1204 -12.58 3.72 59.95
CA LYS J 1204 -11.99 4.89 60.59
C LYS J 1204 -11.89 4.80 62.11
N HIS J 1205 -12.71 3.97 62.73
CA HIS J 1205 -12.68 3.86 64.18
C HIS J 1205 -12.15 2.47 64.59
N SER J 1206 -12.73 1.43 64.01
CA SER J 1206 -12.30 0.07 64.31
C SER J 1206 -11.68 -0.56 63.08
N GLN J 1207 -10.34 -0.58 63.04
CA GLN J 1207 -9.61 -0.90 61.82
C GLN J 1207 -9.42 -2.37 61.55
N ASP J 1208 -10.00 -3.20 62.39
CA ASP J 1208 -9.95 -4.63 62.14
C ASP J 1208 -10.88 -4.94 60.97
N ARG J 1209 -11.78 -4.01 60.70
CA ARG J 1209 -12.72 -4.16 59.61
C ARG J 1209 -12.30 -3.31 58.41
N VAL J 1210 -12.22 -3.94 57.25
CA VAL J 1210 -11.73 -3.31 56.03
C VAL J 1210 -12.74 -3.42 54.89
N ILE J 1211 -12.88 -2.34 54.12
CA ILE J 1211 -13.83 -2.30 53.04
C ILE J 1211 -13.17 -2.33 51.67
N GLY J 1212 -13.62 -3.25 50.83
CA GLY J 1212 -13.16 -3.37 49.45
C GLY J 1212 -14.24 -2.90 48.48
N THR J 1213 -13.85 -2.53 47.27
CA THR J 1213 -14.82 -2.10 46.27
C THR J 1213 -14.74 -2.93 45.00
N LYS J 1214 -15.89 -3.48 44.61
CA LYS J 1214 -16.07 -4.25 43.39
C LYS J 1214 -17.04 -3.55 42.46
N GLY J 1215 -16.55 -2.70 41.57
CA GLY J 1215 -17.49 -1.90 40.79
C GLY J 1215 -18.27 -1.01 41.74
N ASP J 1216 -19.59 -1.21 41.79
CA ASP J 1216 -20.46 -0.44 42.66
C ASP J 1216 -20.87 -1.21 43.91
N ILE J 1217 -20.15 -2.30 44.21
CA ILE J 1217 -20.47 -3.15 45.36
C ILE J 1217 -19.43 -3.03 46.47
N ALA J 1218 -19.90 -2.80 47.71
CA ALA J 1218 -19.01 -2.75 48.86
C ALA J 1218 -18.87 -4.13 49.48
N HIS J 1219 -17.64 -4.49 49.82
CA HIS J 1219 -17.35 -5.75 50.50
C HIS J 1219 -16.56 -5.51 51.77
N ILE J 1220 -17.14 -5.84 52.91
CA ILE J 1220 -16.48 -5.55 54.16
C ILE J 1220 -16.02 -6.83 54.86
N TYR J 1221 -14.72 -6.91 55.18
CA TYR J 1221 -14.10 -8.10 55.74
C TYR J 1221 -13.30 -7.73 57.01
N ASP J 1222 -13.12 -8.71 57.91
CA ASP J 1222 -12.28 -8.52 59.11
C ASP J 1222 -10.92 -9.17 58.87
N ILE J 1223 -9.87 -8.37 58.98
CA ILE J 1223 -8.51 -8.75 58.58
C ILE J 1223 -7.87 -9.88 59.37
N GLN J 1224 -8.50 -10.33 60.45
CA GLN J 1224 -7.90 -11.43 61.22
C GLN J 1224 -7.74 -12.67 60.36
N THR J 1225 -8.61 -12.84 59.37
CA THR J 1225 -8.52 -13.93 58.41
C THR J 1225 -8.78 -13.39 57.01
N GLY J 1226 -9.41 -12.22 56.97
CA GLY J 1226 -9.88 -11.61 55.73
C GLY J 1226 -11.29 -12.07 55.37
N ASN J 1227 -11.95 -12.78 56.28
CA ASN J 1227 -13.29 -13.30 56.02
C ASN J 1227 -14.30 -12.20 55.74
N LYS J 1228 -15.06 -12.36 54.67
CA LYS J 1228 -16.11 -11.40 54.35
C LYS J 1228 -17.20 -11.42 55.39
N LEU J 1229 -17.56 -10.25 55.87
CA LEU J 1229 -18.52 -10.10 56.96
C LEU J 1229 -19.88 -9.66 56.41
N LEU J 1230 -19.87 -8.51 55.75
CA LEU J 1230 -21.09 -7.94 55.20
C LEU J 1230 -20.83 -7.32 53.83
N THR J 1231 -21.86 -7.29 53.00
CA THR J 1231 -21.80 -6.53 51.76
C THR J 1231 -22.92 -5.52 51.69
N LEU J 1232 -22.70 -4.47 50.90
CA LEU J 1232 -23.70 -3.42 50.73
C LEU J 1232 -23.78 -2.99 49.26
N PHE J 1233 -24.93 -3.21 48.64
CA PHE J 1233 -25.07 -2.85 47.23
C PHE J 1233 -26.49 -2.75 46.73
N ASN J 1234 -26.65 -2.01 45.63
CA ASN J 1234 -27.91 -1.88 44.90
C ASN J 1234 -27.65 -1.25 43.54
N PRO J 1235 -27.70 -2.01 42.44
CA PRO J 1235 -27.44 -1.60 41.07
C PRO J 1235 -28.33 -0.47 40.58
N ASP J 1236 -29.49 -0.28 41.21
CA ASP J 1236 -30.41 0.77 40.76
C ASP J 1236 -30.10 2.09 41.45
N LEU J 1237 -29.56 1.99 42.67
CA LEU J 1237 -29.18 3.18 43.42
C LEU J 1237 -27.78 3.60 43.05
N ALA J 1238 -26.98 2.64 42.59
CA ALA J 1238 -25.60 2.87 42.19
C ALA J 1238 -25.51 3.91 41.08
N ASN J 1239 -24.54 4.83 41.21
CA ASN J 1239 -24.34 5.84 40.18
C ASN J 1239 -23.28 5.45 39.15
N ASN J 1240 -22.67 4.28 39.33
CA ASN J 1240 -21.66 3.76 38.41
C ASN J 1240 -20.49 4.72 38.20
N TYR J 1241 -19.87 5.14 39.30
CA TYR J 1241 -18.71 6.04 39.23
C TYR J 1241 -17.46 5.30 38.74
N LYS J 1242 -16.72 5.96 37.85
CA LYS J 1242 -15.51 5.40 37.25
C LYS J 1242 -14.47 4.98 38.28
N ARG J 1243 -14.34 5.76 39.35
CA ARG J 1243 -13.34 5.49 40.37
C ARG J 1243 -14.00 5.24 41.72
N ASN J 1244 -15.14 4.57 41.72
CA ASN J 1244 -15.81 4.31 42.99
C ASN J 1244 -14.87 3.66 43.99
N CYS J 1245 -14.78 4.29 45.15
CA CYS J 1245 -13.94 3.82 46.25
C CYS J 1245 -14.76 3.78 47.53
N ALA J 1246 -15.42 2.66 47.80
CA ALA J 1246 -16.35 2.59 48.92
C ALA J 1246 -15.62 2.91 50.23
N THR J 1247 -16.25 3.70 51.07
CA THR J 1247 -15.61 4.19 52.30
C THR J 1247 -16.54 4.25 53.51
N PHE J 1248 -15.95 4.15 54.70
CA PHE J 1248 -16.68 4.30 55.96
C PHE J 1248 -16.75 5.75 56.45
N ASN J 1249 -17.80 6.06 57.20
CA ASN J 1249 -17.88 7.34 57.90
C ASN J 1249 -17.03 7.24 59.19
N PRO J 1250 -16.78 8.34 59.91
CA PRO J 1250 -15.95 8.42 61.10
C PRO J 1250 -16.43 7.53 62.26
N THR J 1251 -17.70 7.16 62.22
CA THR J 1251 -18.29 6.33 63.28
C THR J 1251 -18.50 4.87 62.85
N ASP J 1252 -18.05 4.55 61.63
CA ASP J 1252 -18.12 3.19 61.08
C ASP J 1252 -19.51 2.55 61.14
N ASP J 1253 -20.55 3.34 60.84
CA ASP J 1253 -21.91 2.81 60.80
C ASP J 1253 -22.65 3.26 59.55
N LEU J 1254 -21.91 3.91 58.66
CA LEU J 1254 -22.37 4.26 57.32
C LEU J 1254 -21.28 3.99 56.31
N VAL J 1255 -21.67 3.46 55.17
CA VAL J 1255 -20.76 3.31 54.06
C VAL J 1255 -21.21 4.09 52.86
N LEU J 1256 -20.29 4.83 52.27
CA LEU J 1256 -20.59 5.54 51.05
C LEU J 1256 -20.08 4.71 49.89
N ASN J 1257 -21.00 4.22 49.10
CA ASN J 1257 -20.67 3.30 48.02
C ASN J 1257 -21.32 3.74 46.73
N ASP J 1258 -20.49 4.23 45.82
CA ASP J 1258 -20.98 4.67 44.52
C ASP J 1258 -22.07 5.73 44.65
N GLY J 1259 -21.90 6.64 45.61
CA GLY J 1259 -22.82 7.76 45.81
C GLY J 1259 -23.99 7.42 46.74
N VAL J 1260 -24.07 6.16 47.16
CA VAL J 1260 -25.17 5.72 48.01
C VAL J 1260 -24.70 5.54 49.45
N LEU J 1261 -25.47 6.08 50.39
CA LEU J 1261 -25.16 5.87 51.80
C LEU J 1261 -25.88 4.65 52.32
N TRP J 1262 -25.10 3.70 52.80
CA TRP J 1262 -25.63 2.43 53.26
C TRP J 1262 -25.72 2.34 54.77
N ASP J 1263 -26.83 1.78 55.23
CA ASP J 1263 -27.02 1.55 56.65
C ASP J 1263 -26.31 0.28 57.07
N VAL J 1264 -25.23 0.43 57.80
CA VAL J 1264 -24.39 -0.70 58.12
C VAL J 1264 -25.08 -1.62 59.13
N ARG J 1265 -26.19 -1.17 59.72
CA ARG J 1265 -26.93 -1.98 60.67
C ARG J 1265 -28.18 -2.65 60.10
N SER J 1266 -28.38 -2.54 58.78
CA SER J 1266 -29.54 -3.20 58.17
C SER J 1266 -29.19 -3.65 56.75
N ALA J 1267 -28.11 -3.09 56.24
CA ALA J 1267 -27.63 -3.31 54.87
C ALA J 1267 -28.64 -2.83 53.84
N GLN J 1268 -29.48 -1.88 54.23
CA GLN J 1268 -30.37 -1.23 53.29
C GLN J 1268 -29.81 0.16 53.02
N ALA J 1269 -30.13 0.73 51.88
CA ALA J 1269 -29.69 2.10 51.65
C ALA J 1269 -30.41 3.01 52.61
N ILE J 1270 -29.70 4.00 53.16
CA ILE J 1270 -30.34 4.96 54.03
C ILE J 1270 -30.67 6.18 53.20
N HIS J 1271 -29.82 6.45 52.21
CA HIS J 1271 -29.98 7.58 51.31
C HIS J 1271 -29.20 7.37 50.03
N LYS J 1272 -29.68 7.94 48.94
CA LYS J 1272 -28.93 7.93 47.68
C LYS J 1272 -28.74 9.34 47.17
N PHE J 1273 -27.48 9.70 46.89
CA PHE J 1273 -27.18 11.04 46.40
C PHE J 1273 -27.23 11.06 44.88
N ASP J 1274 -27.58 12.22 44.33
CA ASP J 1274 -27.62 12.41 42.89
C ASP J 1274 -26.25 12.22 42.26
N LYS J 1275 -26.24 11.76 41.02
CA LYS J 1275 -24.98 11.55 40.32
C LYS J 1275 -24.41 12.87 39.80
N PHE J 1276 -23.83 13.63 40.71
CA PHE J 1276 -23.24 14.91 40.34
C PHE J 1276 -22.11 14.68 39.33
N ASN J 1277 -21.26 13.69 39.62
CA ASN J 1277 -20.09 13.44 38.80
C ASN J 1277 -20.13 12.05 38.18
N MET J 1278 -19.10 11.73 37.40
CA MET J 1278 -18.97 10.40 36.82
C MET J 1278 -17.76 9.65 37.34
N ASN J 1279 -16.86 10.36 38.04
CA ASN J 1279 -15.60 9.75 38.48
C ASN J 1279 -15.55 9.59 39.98
N ILE J 1280 -15.87 10.65 40.71
CA ILE J 1280 -15.70 10.63 42.17
C ILE J 1280 -17.00 10.40 42.93
N SER J 1281 -17.04 9.29 43.66
CA SER J 1281 -18.24 8.89 44.40
C SER J 1281 -18.37 9.61 45.74
N GLY J 1282 -17.25 10.09 46.28
CA GLY J 1282 -17.30 10.91 47.49
C GLY J 1282 -16.42 10.43 48.64
N VAL J 1283 -16.23 11.34 49.60
CA VAL J 1283 -15.40 11.13 50.80
C VAL J 1283 -16.10 11.72 52.05
N PHE J 1284 -15.93 11.05 53.20
CA PHE J 1284 -16.51 11.56 54.45
C PHE J 1284 -15.61 12.55 55.18
N HIS J 1285 -16.23 13.56 55.78
CA HIS J 1285 -15.54 14.50 56.67
C HIS J 1285 -15.43 13.90 58.08
N PRO J 1286 -14.31 14.10 58.77
CA PRO J 1286 -14.02 13.62 60.12
C PRO J 1286 -14.94 14.20 61.21
N ASN J 1287 -15.67 15.28 60.90
CA ASN J 1287 -16.56 15.86 61.90
C ASN J 1287 -17.81 15.03 62.14
N GLY J 1288 -18.04 14.02 61.30
CA GLY J 1288 -19.16 13.10 61.49
C GLY J 1288 -20.47 13.74 61.04
N LEU J 1289 -20.37 14.87 60.35
CA LEU J 1289 -21.53 15.61 59.88
C LEU J 1289 -21.57 15.70 58.36
N GLU J 1290 -20.45 16.06 57.75
CA GLU J 1290 -20.45 16.34 56.32
C GLU J 1290 -19.84 15.22 55.48
N VAL J 1291 -20.45 14.98 54.32
CA VAL J 1291 -19.90 14.07 53.33
C VAL J 1291 -19.91 14.73 51.95
N ILE J 1292 -18.81 14.62 51.22
CA ILE J 1292 -18.77 15.23 49.89
C ILE J 1292 -18.92 14.23 48.77
N ILE J 1293 -19.77 14.57 47.81
CA ILE J 1293 -19.94 13.77 46.62
C ILE J 1293 -19.40 14.57 45.44
N ASN J 1294 -18.10 14.37 45.18
CA ASN J 1294 -17.36 15.24 44.27
C ASN J 1294 -17.37 16.68 44.80
N THR J 1295 -18.43 17.43 44.49
CA THR J 1295 -18.52 18.83 44.91
C THR J 1295 -19.63 19.09 45.92
N GLU J 1296 -20.61 18.21 45.99
CA GLU J 1296 -21.77 18.48 46.82
C GLU J 1296 -21.51 18.08 48.27
N ILE J 1297 -21.75 19.00 49.17
CA ILE J 1297 -21.54 18.76 50.60
C ILE J 1297 -22.87 18.46 51.25
N TRP J 1298 -23.01 17.22 51.69
CA TRP J 1298 -24.26 16.74 52.25
C TRP J 1298 -24.13 16.48 53.74
N ASP J 1299 -25.25 16.62 54.44
CA ASP J 1299 -25.35 16.28 55.84
C ASP J 1299 -25.59 14.78 55.97
N LEU J 1300 -24.62 14.05 56.51
CA LEU J 1300 -24.72 12.59 56.54
C LEU J 1300 -25.67 12.12 57.65
N ARG J 1301 -26.13 13.06 58.47
CA ARG J 1301 -27.03 12.74 59.57
C ARG J 1301 -28.49 12.89 59.12
N THR J 1302 -28.74 13.90 58.28
CA THR J 1302 -30.10 14.17 57.78
C THR J 1302 -30.23 13.98 56.28
N PHE J 1303 -29.10 13.89 55.59
CA PHE J 1303 -29.04 13.76 54.13
C PHE J 1303 -29.55 15.01 53.41
N HIS J 1304 -29.49 16.15 54.09
CA HIS J 1304 -29.80 17.43 53.46
C HIS J 1304 -28.57 17.98 52.75
N LEU J 1305 -28.78 18.75 51.68
CA LEU J 1305 -27.66 19.40 51.02
C LEU J 1305 -27.30 20.66 51.78
N LEU J 1306 -26.04 20.81 52.15
CA LEU J 1306 -25.61 21.96 52.94
C LEU J 1306 -24.91 23.02 52.10
N HIS J 1307 -23.99 22.56 51.24
CA HIS J 1307 -23.16 23.47 50.47
C HIS J 1307 -22.54 22.80 49.25
N THR J 1308 -22.13 23.58 48.26
CA THR J 1308 -21.40 23.03 47.12
C THR J 1308 -20.12 23.80 46.86
N VAL J 1309 -19.02 23.06 46.65
CA VAL J 1309 -17.74 23.66 46.30
C VAL J 1309 -17.16 23.07 45.02
N PRO J 1310 -17.27 23.77 43.89
CA PRO J 1310 -16.82 23.40 42.55
C PRO J 1310 -15.32 23.12 42.48
N ALA J 1311 -14.57 23.64 43.45
CA ALA J 1311 -13.13 23.45 43.49
C ALA J 1311 -12.77 22.01 43.86
N LEU J 1312 -13.76 21.27 44.34
CA LEU J 1312 -13.59 19.87 44.71
C LEU J 1312 -13.81 18.97 43.49
N ASP J 1313 -14.19 19.59 42.36
CA ASP J 1313 -14.56 18.84 41.17
C ASP J 1313 -13.34 18.18 40.54
N GLN J 1314 -13.36 16.85 40.50
CA GLN J 1314 -12.23 16.05 40.03
C GLN J 1314 -11.06 16.14 40.99
N CYS J 1315 -11.30 16.55 42.22
CA CYS J 1315 -10.23 16.59 43.18
C CYS J 1315 -10.35 15.44 44.17
N ARG J 1316 -9.28 14.67 44.31
CA ARG J 1316 -9.29 13.51 45.20
C ARG J 1316 -9.10 13.95 46.63
N VAL J 1317 -10.14 14.58 47.18
CA VAL J 1317 -10.02 15.27 48.46
C VAL J 1317 -10.17 14.37 49.67
N VAL J 1318 -9.15 14.39 50.52
CA VAL J 1318 -9.11 13.63 51.76
C VAL J 1318 -8.70 14.55 52.90
N PHE J 1319 -8.86 14.08 54.14
CA PHE J 1319 -8.56 14.92 55.29
C PHE J 1319 -7.30 14.53 56.05
N ASN J 1320 -6.74 15.49 56.77
CA ASN J 1320 -5.58 15.26 57.63
C ASN J 1320 -5.99 14.67 58.98
N HIS J 1321 -5.00 14.39 59.81
CA HIS J 1321 -5.20 13.78 61.12
C HIS J 1321 -6.20 14.55 61.99
N THR J 1322 -6.08 15.88 62.01
CA THR J 1322 -6.87 16.71 62.90
C THR J 1322 -8.25 17.04 62.33
N GLY J 1323 -8.46 16.77 61.05
CA GLY J 1323 -9.72 17.09 60.40
C GLY J 1323 -9.90 18.59 60.20
N THR J 1324 -8.79 19.29 59.99
CA THR J 1324 -8.80 20.74 59.82
C THR J 1324 -8.37 21.12 58.41
N VAL J 1325 -7.72 20.18 57.73
CA VAL J 1325 -7.22 20.39 56.39
C VAL J 1325 -7.70 19.30 55.45
N MET J 1326 -8.21 19.69 54.30
CA MET J 1326 -8.56 18.72 53.28
C MET J 1326 -7.80 19.05 52.00
N TYR J 1327 -7.38 18.03 51.27
CA TYR J 1327 -6.53 18.26 50.10
C TYR J 1327 -6.65 17.11 49.10
N GLY J 1328 -6.24 17.37 47.87
CA GLY J 1328 -6.23 16.29 46.88
C GLY J 1328 -5.71 16.72 45.51
N ALA J 1329 -5.36 15.74 44.69
CA ALA J 1329 -4.90 15.96 43.33
C ALA J 1329 -6.07 16.07 42.38
N MET J 1330 -5.85 16.73 41.24
CA MET J 1330 -6.88 16.81 40.24
C MET J 1330 -6.86 15.58 39.33
N LEU J 1331 -8.03 15.11 38.92
CA LEU J 1331 -8.17 13.96 38.05
C LEU J 1331 -8.33 14.39 36.61
N GLN J 1332 -7.99 13.48 35.69
CA GLN J 1332 -8.12 13.72 34.25
C GLN J 1332 -8.70 15.10 33.95
N SER J 1346 -3.37 7.81 31.18
CA SER J 1346 -2.87 8.73 32.18
C SER J 1346 -3.91 9.79 32.54
N PRO J 1347 -5.04 9.39 33.14
CA PRO J 1347 -6.19 10.21 33.49
C PRO J 1347 -5.93 11.06 34.72
N PHE J 1348 -4.96 11.96 34.63
CA PHE J 1348 -4.57 12.79 35.76
C PHE J 1348 -4.50 14.26 35.40
N GLY J 1349 -4.78 15.13 36.36
CA GLY J 1349 -4.61 16.56 36.17
C GLY J 1349 -3.17 16.92 36.43
N SER J 1350 -2.81 18.20 36.25
CA SER J 1350 -1.43 18.65 36.38
C SER J 1350 -1.18 19.50 37.63
N SER J 1351 -2.15 19.52 38.52
CA SER J 1351 -2.07 20.34 39.74
C SER J 1351 -2.82 19.67 40.88
N PHE J 1352 -2.67 20.24 42.08
CA PHE J 1352 -3.41 19.75 43.25
C PHE J 1352 -3.92 20.92 44.07
N ARG J 1353 -4.93 20.68 44.89
CA ARG J 1353 -5.51 21.75 45.70
C ARG J 1353 -5.55 21.43 47.17
N THR J 1354 -5.62 22.49 47.97
CA THR J 1354 -5.86 22.40 49.40
C THR J 1354 -7.12 23.17 49.76
N PHE J 1355 -7.83 22.69 50.78
CA PHE J 1355 -9.11 23.24 51.21
C PHE J 1355 -9.17 23.43 52.71
N ASN J 1356 -9.99 24.38 53.14
CA ASN J 1356 -10.26 24.58 54.56
C ASN J 1356 -11.39 23.67 55.01
N ALA J 1357 -11.07 22.71 55.89
CA ALA J 1357 -12.02 21.69 56.29
C ALA J 1357 -13.25 22.27 56.97
N THR J 1358 -13.15 23.53 57.40
CA THR J 1358 -14.24 24.20 58.09
C THR J 1358 -15.51 24.14 57.26
N ASP J 1359 -15.37 24.40 55.96
CA ASP J 1359 -16.51 24.47 55.05
C ASP J 1359 -16.13 24.09 53.64
N TYR J 1360 -14.95 23.50 53.48
CA TYR J 1360 -14.39 23.10 52.19
C TYR J 1360 -14.02 24.29 51.31
N LYS J 1361 -14.02 25.48 51.89
CA LYS J 1361 -13.61 26.66 51.15
C LYS J 1361 -12.19 26.42 50.64
N PRO J 1362 -11.95 26.48 49.33
CA PRO J 1362 -10.68 26.22 48.72
C PRO J 1362 -9.66 27.21 49.21
N ILE J 1363 -8.46 26.72 49.48
CA ILE J 1363 -7.37 27.58 49.93
C ILE J 1363 -6.48 27.98 48.79
N ALA J 1364 -6.05 27.01 48.01
CA ALA J 1364 -5.15 27.30 46.90
C ALA J 1364 -5.10 26.18 45.89
N THR J 1365 -4.70 26.54 44.68
CA THR J 1365 -4.31 25.57 43.68
C THR J 1365 -2.80 25.65 43.54
N ILE J 1366 -2.14 24.52 43.65
CA ILE J 1366 -0.69 24.50 43.60
C ILE J 1366 -0.23 24.17 42.18
N ASP J 1367 0.53 25.10 41.61
CA ASP J 1367 0.90 25.04 40.20
C ASP J 1367 2.10 24.15 39.99
N VAL J 1368 1.86 22.85 40.03
CA VAL J 1368 2.90 21.84 39.90
C VAL J 1368 3.41 21.71 38.46
N LYS J 1369 2.48 21.78 37.51
CA LYS J 1369 2.77 21.61 36.09
C LYS J 1369 3.31 20.22 35.78
N ARG J 1370 2.78 19.22 36.46
CA ARG J 1370 3.13 17.82 36.26
C ARG J 1370 1.90 16.98 36.51
N ASN J 1371 1.64 15.99 35.67
CA ASN J 1371 0.48 15.14 35.91
C ASN J 1371 0.63 14.36 37.21
N ILE J 1372 -0.38 14.47 38.08
CA ILE J 1372 -0.30 13.89 39.42
C ILE J 1372 -1.09 12.59 39.56
N PHE J 1373 -0.37 11.52 39.85
CA PHE J 1373 -0.95 10.20 39.99
C PHE J 1373 -1.59 10.02 41.35
N ASP J 1374 -0.93 10.54 42.39
CA ASP J 1374 -1.44 10.44 43.75
C ASP J 1374 -0.83 11.46 44.70
N LEU J 1375 -1.32 11.48 45.93
CA LEU J 1375 -0.72 12.31 46.96
C LEU J 1375 -1.22 11.96 48.37
N CYS J 1376 -0.38 12.26 49.37
CA CYS J 1376 -0.79 12.13 50.77
C CYS J 1376 -0.06 13.11 51.69
N THR J 1377 -0.69 13.44 52.81
CA THR J 1377 -0.05 14.29 53.82
C THR J 1377 0.40 13.44 54.99
N ASP J 1378 1.12 14.07 55.92
CA ASP J 1378 1.55 13.38 57.13
C ASP J 1378 0.72 13.81 58.34
N THR J 1379 0.96 13.19 59.48
CA THR J 1379 0.21 13.48 60.70
C THR J 1379 0.43 14.90 61.16
N LYS J 1380 1.64 15.38 60.99
CA LYS J 1380 2.07 16.66 61.49
C LYS J 1380 1.86 17.80 60.49
N ASP J 1381 1.27 17.51 59.32
CA ASP J 1381 1.05 18.54 58.31
C ASP J 1381 2.31 19.31 57.98
N CYS J 1382 3.40 18.59 57.79
CA CYS J 1382 4.66 19.22 57.44
C CYS J 1382 4.89 19.15 55.94
N TYR J 1383 4.86 17.94 55.38
CA TYR J 1383 5.11 17.80 53.95
C TYR J 1383 4.02 16.98 53.26
N LEU J 1384 3.63 17.42 52.07
CA LEU J 1384 2.70 16.65 51.24
C LEU J 1384 3.46 15.92 50.15
N ALA J 1385 3.26 14.61 50.11
CA ALA J 1385 3.95 13.73 49.18
C ALA J 1385 3.15 13.56 47.91
N VAL J 1386 3.64 14.11 46.81
CA VAL J 1386 2.88 14.13 45.56
C VAL J 1386 3.58 13.35 44.45
N ILE J 1387 2.88 12.39 43.84
CA ILE J 1387 3.48 11.64 42.74
C ILE J 1387 3.20 12.31 41.41
N GLU J 1388 4.27 12.83 40.83
CA GLU J 1388 4.24 13.68 39.64
C GLU J 1388 4.94 13.03 38.47
N ASN J 1389 4.36 13.16 37.27
CA ASN J 1389 4.97 12.59 36.09
C ASN J 1389 5.88 13.61 35.40
N GLN J 1390 7.18 13.34 35.39
CA GLN J 1390 8.18 14.24 34.85
C GLN J 1390 8.45 13.92 33.39
N GLY J 1391 7.73 12.91 32.88
CA GLY J 1391 7.90 12.41 31.52
C GLY J 1391 6.78 12.91 30.61
N SER J 1392 6.36 12.05 29.67
CA SER J 1392 5.37 12.44 28.66
C SER J 1392 4.01 11.81 28.91
N MET J 1393 3.87 11.17 30.07
CA MET J 1393 2.64 10.50 30.48
C MET J 1393 2.27 9.35 29.56
N ASP J 1394 3.27 8.71 28.96
CA ASP J 1394 3.07 7.54 28.12
C ASP J 1394 3.00 6.27 28.94
N ALA J 1395 2.78 5.14 28.27
CA ALA J 1395 2.83 3.84 28.92
C ALA J 1395 4.26 3.49 29.33
N LEU J 1396 5.23 3.85 28.49
CA LEU J 1396 6.62 3.56 28.77
C LEU J 1396 7.43 4.83 29.00
N ASN J 1397 7.16 5.85 28.21
CA ASN J 1397 7.90 7.11 28.33
C ASN J 1397 7.28 7.98 29.41
N MET J 1398 7.49 7.55 30.65
CA MET J 1398 6.93 8.21 31.82
C MET J 1398 7.96 8.23 32.93
N ASP J 1399 7.84 9.21 33.82
CA ASP J 1399 8.74 9.28 34.96
C ASP J 1399 8.01 9.78 36.19
N THR J 1400 7.32 8.89 36.88
CA THR J 1400 6.50 9.31 38.01
C THR J 1400 7.26 9.22 39.31
N VAL J 1401 7.54 10.37 39.89
CA VAL J 1401 8.38 10.49 41.07
C VAL J 1401 7.56 11.04 42.19
N CYS J 1402 7.99 10.85 43.42
CA CYS J 1402 7.21 11.41 44.51
C CYS J 1402 7.90 12.61 45.13
N ARG J 1403 7.42 13.79 44.76
CA ARG J 1403 8.03 15.05 45.17
C ARG J 1403 7.28 15.61 46.36
N LEU J 1404 8.01 15.94 47.40
CA LEU J 1404 7.40 16.43 48.62
C LEU J 1404 7.52 17.93 48.75
N TYR J 1405 6.40 18.56 49.06
CA TYR J 1405 6.33 20.00 49.24
C TYR J 1405 6.04 20.35 50.69
N GLU J 1406 6.69 21.39 51.19
CA GLU J 1406 6.40 21.86 52.53
C GLU J 1406 5.19 22.77 52.51
N VAL J 1407 4.29 22.57 53.45
CA VAL J 1407 3.09 23.40 53.53
C VAL J 1407 3.43 24.87 53.44
N LYS K 24 1.63 58.00 106.95
CA LYS K 24 0.80 58.75 107.88
C LYS K 24 1.64 59.75 108.68
N LYS K 25 1.20 61.00 108.70
CA LYS K 25 1.87 62.03 109.48
C LYS K 25 1.31 62.10 110.90
N LEU K 26 2.21 62.33 111.86
CA LEU K 26 1.85 62.52 113.26
C LEU K 26 2.14 63.94 113.72
N VAL K 27 1.18 64.55 114.40
CA VAL K 27 1.35 65.90 114.92
C VAL K 27 1.88 65.90 116.35
N ILE K 28 2.91 66.71 116.56
CA ILE K 28 3.46 66.92 117.89
C ILE K 28 2.93 68.24 118.44
N LYS K 29 2.18 68.15 119.52
CA LYS K 29 1.60 69.34 120.13
C LYS K 29 2.59 69.94 121.13
N ASN K 30 2.45 71.23 121.39
CA ASN K 30 3.35 71.90 122.33
C ASN K 30 4.79 71.54 121.99
N PHE K 31 5.14 71.61 120.70
CA PHE K 31 6.41 71.09 120.26
C PHE K 31 7.60 71.99 120.55
N ARG K 32 8.03 71.98 121.80
CA ARG K 32 9.26 72.62 122.18
C ARG K 32 10.40 71.87 121.49
N ASP K 33 11.29 72.58 120.81
CA ASP K 33 12.34 71.89 120.09
C ASP K 33 13.67 72.62 120.15
N ARG K 34 14.69 72.01 119.56
CA ARG K 34 16.01 72.60 119.42
C ARG K 34 16.63 72.17 118.10
N PRO K 35 16.12 72.66 116.96
CA PRO K 35 16.50 72.28 115.61
C PRO K 35 17.94 72.68 115.33
N ARG K 36 18.43 73.66 116.08
CA ARG K 36 19.81 74.09 115.96
C ARG K 36 20.54 73.94 117.28
N LEU K 37 21.33 72.89 117.39
CA LEU K 37 22.12 72.59 118.56
C LEU K 37 23.25 73.61 118.63
N PRO K 38 23.85 73.85 119.80
CA PRO K 38 24.84 74.88 120.04
C PRO K 38 25.91 74.87 118.95
N ASP K 39 26.21 76.04 118.42
CA ASP K 39 27.18 76.14 117.34
C ASP K 39 28.55 75.63 117.78
N ASN K 40 28.87 75.83 119.05
CA ASN K 40 30.15 75.38 119.57
C ASN K 40 30.25 73.86 119.55
N TYR K 41 29.14 73.16 119.72
CA TYR K 41 29.16 71.71 119.71
C TYR K 41 29.58 71.24 118.33
N THR K 42 28.96 71.82 117.30
CA THR K 42 29.27 71.48 115.92
C THR K 42 30.72 71.79 115.60
N GLN K 43 31.17 72.95 116.04
CA GLN K 43 32.54 73.38 115.79
C GLN K 43 33.54 72.58 116.61
N ASP K 44 33.16 72.17 117.81
CA ASP K 44 34.05 71.40 118.67
C ASP K 44 34.31 70.02 118.10
N THR K 45 33.28 69.39 117.55
CA THR K 45 33.45 68.10 116.91
C THR K 45 34.33 68.26 115.67
N TRP K 46 34.14 69.36 114.96
CA TRP K 46 34.92 69.63 113.76
C TRP K 46 36.38 69.85 114.13
N ARG K 47 36.63 70.65 115.17
CA ARG K 47 37.99 70.92 115.62
C ARG K 47 38.71 69.66 116.08
N LYS K 48 38.03 68.80 116.83
CA LYS K 48 38.67 67.58 117.31
C LYS K 48 39.09 66.71 116.14
N LEU K 49 38.23 66.64 115.13
CA LEU K 49 38.50 65.84 113.94
C LEU K 49 39.62 66.43 113.11
N HIS K 50 39.67 67.76 113.01
CA HIS K 50 40.77 68.41 112.32
C HIS K 50 42.08 68.09 113.05
N GLU K 51 42.05 68.23 114.37
CA GLU K 51 43.23 67.95 115.18
C GLU K 51 43.63 66.50 115.08
N ALA K 52 42.65 65.60 115.02
CA ALA K 52 42.95 64.18 114.90
C ALA K 52 43.70 63.90 113.61
N VAL K 53 43.31 64.57 112.53
CA VAL K 53 44.02 64.39 111.27
C VAL K 53 45.45 64.86 111.44
N ARG K 54 45.63 66.01 112.09
CA ARG K 54 46.97 66.55 112.32
C ARG K 54 47.77 65.63 113.24
N ALA K 55 47.08 64.98 114.18
CA ALA K 55 47.70 64.05 115.10
C ALA K 55 48.15 62.78 114.38
N VAL K 56 47.39 62.37 113.36
CA VAL K 56 47.74 61.20 112.55
C VAL K 56 48.93 61.52 111.67
N GLN K 57 48.96 62.74 111.12
CA GLN K 57 50.03 63.20 110.26
C GLN K 57 51.39 63.01 110.93
N SER K 58 52.40 62.67 110.14
CA SER K 58 53.74 62.39 110.65
C SER K 58 53.77 61.13 111.53
N SER K 59 52.69 60.34 111.46
CA SER K 59 52.57 59.06 112.15
C SER K 59 52.72 59.19 113.67
N THR K 60 52.13 60.24 114.23
CA THR K 60 52.14 60.44 115.68
C THR K 60 50.86 59.93 116.34
N SER K 61 50.85 59.95 117.68
CA SER K 61 49.71 59.47 118.46
C SER K 61 48.57 60.47 118.45
N ILE K 62 47.38 60.02 118.85
CA ILE K 62 46.19 60.87 118.85
C ILE K 62 45.75 61.19 120.26
N ARG K 63 45.55 62.48 120.55
CA ARG K 63 45.14 62.96 121.86
C ARG K 63 43.74 62.49 122.23
N TYR K 64 42.86 62.40 121.23
CA TYR K 64 41.48 61.99 121.42
C TYR K 64 41.34 60.51 121.15
N ASN K 65 40.39 59.86 121.81
CA ASN K 65 40.17 58.45 121.56
C ASN K 65 39.50 58.24 120.20
N LEU K 66 39.79 57.10 119.58
CA LEU K 66 39.26 56.83 118.24
C LEU K 66 37.74 56.79 118.21
N GLU K 67 37.13 56.23 119.25
CA GLU K 67 35.67 56.17 119.30
C GLU K 67 35.06 57.54 119.52
N GLU K 68 35.72 58.35 120.34
CA GLU K 68 35.22 59.71 120.62
C GLU K 68 35.18 60.50 119.34
N LEU K 69 36.24 60.35 118.54
CA LEU K 69 36.33 61.04 117.27
C LEU K 69 35.32 60.49 116.29
N TYR K 70 35.15 59.17 116.27
CA TYR K 70 34.15 58.59 115.40
C TYR K 70 32.78 59.19 115.68
N GLN K 71 32.42 59.28 116.95
CA GLN K 71 31.13 59.85 117.30
C GLN K 71 31.06 61.30 116.85
N ALA K 72 32.19 62.01 116.95
CA ALA K 72 32.25 63.38 116.45
C ALA K 72 31.94 63.43 114.96
N VAL K 73 32.35 62.41 114.22
CA VAL K 73 32.07 62.35 112.80
C VAL K 73 30.59 62.07 112.54
N GLU K 74 30.04 61.09 113.26
CA GLU K 74 28.62 60.77 113.12
C GLU K 74 27.77 61.98 113.46
N ASN K 75 28.21 62.73 114.47
CA ASN K 75 27.52 63.92 114.93
C ASN K 75 27.63 65.08 113.93
N LEU K 76 28.85 65.31 113.43
CA LEU K 76 29.08 66.41 112.52
C LEU K 76 28.44 66.20 111.16
N CYS K 77 28.49 64.97 110.67
CA CYS K 77 28.03 64.67 109.32
C CYS K 77 26.51 64.72 109.20
N SER K 78 25.96 65.92 109.28
CA SER K 78 24.54 66.15 109.21
C SER K 78 24.12 66.80 107.89
N HIS K 79 22.90 67.29 107.85
CA HIS K 79 22.33 67.80 106.61
C HIS K 79 22.97 69.13 106.23
N LYS K 80 23.67 69.13 105.11
CA LYS K 80 24.42 70.29 104.62
C LYS K 80 25.53 70.70 105.58
N VAL K 81 25.95 69.78 106.43
CA VAL K 81 27.04 70.03 107.36
C VAL K 81 28.26 69.20 106.98
N SER K 82 28.01 67.98 106.48
CA SER K 82 29.08 67.05 106.12
C SER K 82 30.23 67.63 105.29
N PRO K 83 30.00 68.50 104.29
CA PRO K 83 31.02 69.10 103.44
C PRO K 83 32.13 69.76 104.26
N MET K 84 31.79 70.21 105.47
CA MET K 84 32.79 70.84 106.34
C MET K 84 33.92 69.89 106.65
N LEU K 85 33.56 68.65 106.92
CA LEU K 85 34.53 67.68 107.40
C LEU K 85 35.37 67.14 106.26
N TYR K 86 34.73 66.92 105.12
CA TYR K 86 35.46 66.38 103.98
C TYR K 86 36.47 67.40 103.48
N LYS K 87 36.04 68.65 103.37
CA LYS K 87 36.94 69.69 102.90
C LYS K 87 38.10 69.88 103.88
N GLN K 88 37.80 69.80 105.18
CA GLN K 88 38.84 70.01 106.18
C GLN K 88 39.86 68.89 106.21
N LEU K 89 39.41 67.64 106.08
CA LEU K 89 40.37 66.54 106.10
C LEU K 89 41.13 66.52 104.80
N ARG K 90 40.48 66.94 103.72
CA ARG K 90 41.11 66.93 102.41
C ARG K 90 42.24 67.93 102.36
N GLN K 91 41.99 69.13 102.88
CA GLN K 91 43.03 70.16 102.90
C GLN K 91 44.15 69.77 103.84
N ALA K 92 43.81 69.21 104.99
CA ALA K 92 44.82 68.82 105.95
C ALA K 92 45.67 67.68 105.40
N CYS K 93 45.04 66.74 104.70
CA CYS K 93 45.77 65.64 104.10
C CYS K 93 46.67 66.16 102.98
N GLU K 94 46.17 67.13 102.22
CA GLU K 94 46.94 67.74 101.16
C GLU K 94 48.18 68.45 101.70
N ASP K 95 48.03 69.14 102.83
CA ASP K 95 49.15 69.86 103.43
C ASP K 95 50.25 68.89 103.79
N HIS K 96 49.87 67.74 104.34
CA HIS K 96 50.81 66.70 104.74
C HIS K 96 51.49 66.09 103.53
N VAL K 97 50.70 65.77 102.52
CA VAL K 97 51.23 65.19 101.30
C VAL K 97 52.23 66.14 100.66
N GLN K 98 51.90 67.43 100.63
CA GLN K 98 52.81 68.42 100.06
C GLN K 98 54.09 68.51 100.89
N ALA K 99 53.96 68.44 102.21
CA ALA K 99 55.13 68.46 103.08
C ALA K 99 56.04 67.26 102.80
N GLN K 100 55.43 66.13 102.43
CA GLN K 100 56.14 64.89 102.16
C GLN K 100 56.88 64.87 100.83
N ILE K 101 56.81 65.95 100.07
CA ILE K 101 57.60 66.03 98.85
C ILE K 101 59.04 66.40 99.20
N LEU K 102 59.21 67.21 100.25
CA LEU K 102 60.49 67.80 100.59
C LEU K 102 61.63 66.82 100.92
N PRO K 103 61.37 65.70 101.62
CA PRO K 103 62.36 64.70 101.99
C PRO K 103 63.01 64.04 100.77
N PHE K 104 62.41 64.22 99.60
CA PHE K 104 62.90 63.61 98.38
C PHE K 104 63.51 64.63 97.43
N ARG K 105 63.50 65.89 97.81
CA ARG K 105 64.04 66.94 96.96
C ARG K 105 65.53 67.06 97.19
N GLU K 106 66.25 66.07 96.70
CA GLU K 106 67.67 65.89 96.98
C GLU K 106 68.38 65.33 95.76
N ASP K 107 69.70 65.44 95.74
CA ASP K 107 70.51 64.89 94.65
C ASP K 107 71.08 63.52 94.99
N SER K 108 70.62 62.98 96.11
CA SER K 108 71.11 61.70 96.62
C SER K 108 70.46 60.50 95.93
N LEU K 109 70.88 60.22 94.70
CA LEU K 109 70.35 59.09 93.95
C LEU K 109 70.91 57.77 94.48
N ASP K 110 70.49 57.42 95.68
CA ASP K 110 70.87 56.16 96.31
C ASP K 110 69.81 55.12 95.98
N SER K 111 70.17 54.16 95.13
CA SER K 111 69.23 53.20 94.57
C SER K 111 68.59 52.30 95.62
N VAL K 112 69.15 52.28 96.82
CA VAL K 112 68.58 51.47 97.89
C VAL K 112 67.86 52.36 98.91
N LEU K 113 68.53 53.41 99.36
CA LEU K 113 67.96 54.27 100.40
C LEU K 113 66.79 55.11 99.89
N PHE K 114 66.91 55.66 98.69
CA PHE K 114 65.85 56.49 98.17
C PHE K 114 64.57 55.68 98.07
N LEU K 115 64.69 54.47 97.53
CA LEU K 115 63.54 53.62 97.33
C LEU K 115 62.90 53.26 98.66
N LYS K 116 63.74 53.01 99.67
CA LYS K 116 63.20 52.72 100.99
C LYS K 116 62.39 53.90 101.51
N LYS K 117 62.92 55.11 101.35
CA LYS K 117 62.26 56.31 101.85
C LYS K 117 60.90 56.56 101.20
N ILE K 118 60.83 56.40 99.87
CA ILE K 118 59.59 56.68 99.16
C ILE K 118 58.56 55.58 99.38
N ASN K 119 59.02 54.33 99.46
CA ASN K 119 58.12 53.24 99.76
C ASN K 119 57.56 53.40 101.16
N THR K 120 58.41 53.82 102.09
CA THR K 120 57.99 54.04 103.46
C THR K 120 56.96 55.16 103.49
N CYS K 121 57.22 56.22 102.74
CA CYS K 121 56.29 57.34 102.66
C CYS K 121 54.91 56.83 102.25
N TRP K 122 54.84 56.01 101.20
CA TRP K 122 53.56 55.46 100.75
C TRP K 122 52.91 54.54 101.78
N GLN K 123 53.72 53.66 102.37
CA GLN K 123 53.16 52.70 103.34
C GLN K 123 52.69 53.39 104.61
N ASP K 124 53.40 54.42 105.04
CA ASP K 124 53.01 55.21 106.20
C ASP K 124 51.79 56.04 105.88
N HIS K 125 51.75 56.55 104.65
CA HIS K 125 50.59 57.33 104.19
C HIS K 125 49.38 56.44 104.19
N CYS K 126 49.50 55.23 103.66
CA CYS K 126 48.37 54.31 103.62
C CYS K 126 47.86 54.04 105.03
N ARG K 127 48.77 53.81 105.97
CA ARG K 127 48.37 53.57 107.34
C ARG K 127 47.66 54.76 107.94
N GLN K 128 48.18 55.95 107.65
CA GLN K 128 47.58 57.19 108.13
C GLN K 128 46.20 57.43 107.52
N MET K 129 46.04 57.08 106.24
CA MET K 129 44.76 57.24 105.59
C MET K 129 43.76 56.22 106.11
N ILE K 130 44.25 55.06 106.51
CA ILE K 130 43.42 54.05 107.16
C ILE K 130 42.98 54.54 108.53
N MET K 131 43.90 55.13 109.29
CA MET K 131 43.57 55.66 110.61
C MET K 131 42.53 56.75 110.47
N ILE K 132 42.74 57.67 109.53
CA ILE K 132 41.79 58.73 109.31
C ILE K 132 40.46 58.20 108.78
N ARG K 133 40.54 57.31 107.79
CA ARG K 133 39.31 56.75 107.25
C ARG K 133 38.53 56.01 108.32
N SER K 134 39.22 55.31 109.20
CA SER K 134 38.58 54.57 110.27
C SER K 134 37.83 55.51 111.21
N ILE K 135 38.49 56.61 111.57
CA ILE K 135 37.87 57.63 112.40
C ILE K 135 36.69 58.27 111.68
N PHE K 136 36.90 58.51 110.39
CA PHE K 136 35.95 59.19 109.51
C PHE K 136 35.16 58.21 108.67
N LEU K 137 35.06 56.96 109.13
CA LEU K 137 34.38 55.93 108.35
C LEU K 137 32.93 56.30 108.10
N PHE K 138 32.29 56.96 109.05
CA PHE K 138 30.90 57.38 108.87
C PHE K 138 30.80 58.37 107.71
N LEU K 139 31.70 59.36 107.68
CA LEU K 139 31.75 60.32 106.58
C LEU K 139 32.00 59.59 105.27
N ASP K 140 32.95 58.66 105.31
CA ASP K 140 33.43 57.97 104.11
C ASP K 140 32.31 57.19 103.45
N ARG K 141 31.47 56.55 104.26
CA ARG K 141 30.41 55.68 103.73
C ARG K 141 29.11 56.43 103.45
N THR K 142 29.07 57.72 103.72
CA THR K 142 27.86 58.50 103.53
C THR K 142 28.09 59.62 102.53
N TYR K 143 28.49 60.77 103.04
CA TYR K 143 28.71 61.95 102.22
C TYR K 143 29.61 61.67 101.04
N VAL K 144 30.69 60.93 101.28
CA VAL K 144 31.69 60.69 100.25
C VAL K 144 31.33 59.53 99.33
N LEU K 145 31.01 58.38 99.91
CA LEU K 145 30.70 57.20 99.10
C LEU K 145 29.50 57.43 98.19
N GLN K 146 28.43 57.99 98.74
CA GLN K 146 27.21 58.18 97.97
C GLN K 146 27.26 59.51 97.25
N ASN K 147 28.25 59.66 96.37
CA ASN K 147 28.41 60.93 95.63
C ASN K 147 29.35 60.70 94.44
N SER K 148 28.91 61.05 93.23
CA SER K 148 29.80 60.92 92.04
C SER K 148 31.04 61.78 92.26
N THR K 149 32.23 61.22 92.00
CA THR K 149 33.50 61.98 92.14
C THR K 149 33.59 62.62 93.55
N LEU K 150 33.22 61.86 94.59
CA LEU K 150 33.78 62.11 95.94
C LEU K 150 34.73 60.95 96.30
N PRO K 151 36.08 61.00 96.07
CA PRO K 151 36.91 59.84 96.34
C PRO K 151 36.93 59.56 97.85
N SER K 152 37.11 58.30 98.22
CA SER K 152 37.14 57.89 99.62
C SER K 152 38.35 58.52 100.30
N ILE K 153 38.43 58.44 101.62
CA ILE K 153 39.56 59.07 102.30
C ILE K 153 40.86 58.47 101.78
N TRP K 154 40.90 57.16 101.60
CA TRP K 154 42.08 56.49 101.07
C TRP K 154 42.33 56.90 99.63
N ASP K 155 41.26 56.94 98.81
CA ASP K 155 41.38 57.29 97.40
C ASP K 155 41.89 58.71 97.24
N MET K 156 41.41 59.61 98.10
CA MET K 156 41.82 61.00 98.06
C MET K 156 43.25 61.13 98.48
N GLY K 157 43.64 60.38 99.52
CA GLY K 157 45.02 60.36 99.94
C GLY K 157 45.89 59.82 98.82
N LEU K 158 45.38 58.82 98.11
CA LEU K 158 46.08 58.22 96.99
C LEU K 158 46.28 59.25 95.88
N GLU K 159 45.21 59.95 95.51
CA GLU K 159 45.28 60.92 94.43
C GLU K 159 46.21 62.06 94.80
N LEU K 160 46.14 62.51 96.05
CA LEU K 160 47.03 63.59 96.49
C LEU K 160 48.47 63.11 96.53
N PHE K 161 48.68 61.89 96.99
CA PHE K 161 50.03 61.35 97.13
C PHE K 161 50.74 61.35 95.78
N ARG K 162 50.06 60.88 94.74
CA ARG K 162 50.68 60.85 93.43
C ARG K 162 50.71 62.23 92.79
N THR K 163 49.70 63.05 93.08
CA THR K 163 49.62 64.39 92.51
C THR K 163 50.80 65.25 92.92
N HIS K 164 51.20 65.16 94.19
CA HIS K 164 52.25 66.05 94.69
C HIS K 164 53.60 65.37 94.92
N ILE K 165 53.61 64.09 95.28
CA ILE K 165 54.88 63.46 95.62
C ILE K 165 55.45 62.68 94.46
N ILE K 166 54.70 61.70 93.98
CA ILE K 166 55.22 60.82 92.94
C ILE K 166 55.42 61.58 91.63
N SER K 167 54.49 62.46 91.31
CA SER K 167 54.57 63.27 90.09
C SER K 167 55.75 64.24 90.11
N ASP K 168 56.32 64.50 91.28
CA ASP K 168 57.42 65.43 91.38
C ASP K 168 58.59 64.95 90.54
N LYS K 169 59.17 65.85 89.77
CA LYS K 169 60.26 65.49 88.87
C LYS K 169 61.37 64.74 89.59
N MET K 170 61.69 65.17 90.82
CA MET K 170 62.79 64.55 91.54
C MET K 170 62.41 63.17 92.01
N VAL K 171 61.17 63.03 92.47
CA VAL K 171 60.73 61.76 93.03
C VAL K 171 60.56 60.71 91.95
N GLN K 172 59.91 61.04 90.84
CA GLN K 172 59.67 60.04 89.82
C GLN K 172 60.96 59.66 89.14
N SER K 173 61.89 60.61 89.02
CA SER K 173 63.14 60.31 88.35
C SER K 173 63.98 59.37 89.19
N LYS K 174 64.04 59.62 90.50
CA LYS K 174 64.85 58.79 91.37
C LYS K 174 64.18 57.46 91.64
N THR K 175 62.86 57.44 91.69
CA THR K 175 62.15 56.20 91.94
C THR K 175 62.39 55.24 90.79
N ILE K 176 62.22 55.72 89.56
CA ILE K 176 62.33 54.82 88.42
C ILE K 176 63.79 54.47 88.15
N ASP K 177 64.70 55.42 88.36
CA ASP K 177 66.11 55.15 88.13
C ASP K 177 66.63 54.18 89.18
N GLY K 178 66.21 54.35 90.42
CA GLY K 178 66.66 53.45 91.47
C GLY K 178 66.23 52.02 91.14
N ILE K 179 65.00 51.85 90.70
CA ILE K 179 64.45 50.53 90.41
C ILE K 179 65.16 49.90 89.21
N LEU K 180 65.26 50.64 88.10
CA LEU K 180 65.84 50.06 86.89
C LEU K 180 67.35 49.87 87.00
N LEU K 181 68.02 50.71 87.80
CA LEU K 181 69.45 50.56 88.00
C LEU K 181 69.75 49.27 88.77
N LEU K 182 68.93 48.95 89.77
CA LEU K 182 69.12 47.68 90.46
C LEU K 182 68.84 46.53 89.51
N ILE K 183 67.87 46.69 88.63
CA ILE K 183 67.55 45.63 87.68
C ILE K 183 68.68 45.37 86.69
N GLU K 184 69.27 46.43 86.12
CA GLU K 184 70.35 46.21 85.16
C GLU K 184 71.55 45.59 85.85
N ARG K 185 71.75 45.92 87.13
CA ARG K 185 72.83 45.31 87.89
C ARG K 185 72.56 43.83 88.09
N GLU K 186 71.31 43.48 88.39
CA GLU K 186 70.92 42.09 88.57
C GLU K 186 71.20 41.27 87.32
N ARG K 187 70.93 41.85 86.15
CA ARG K 187 71.16 41.17 84.88
C ARG K 187 72.66 40.91 84.67
N SER K 188 73.50 41.77 85.23
CA SER K 188 74.94 41.63 85.12
C SER K 188 75.51 40.62 86.12
N GLY K 189 74.66 40.09 86.99
CA GLY K 189 75.10 39.11 87.99
C GLY K 189 75.28 39.69 89.39
N GLU K 190 74.84 40.92 89.60
CA GLU K 190 74.95 41.54 90.92
C GLU K 190 73.83 41.11 91.84
N ALA K 191 74.08 41.16 93.14
CA ALA K 191 73.04 40.91 94.13
C ALA K 191 72.37 42.24 94.51
N VAL K 192 71.05 42.29 94.32
CA VAL K 192 70.31 43.51 94.57
C VAL K 192 69.13 43.28 95.50
N ASP K 193 68.59 44.36 96.03
CA ASP K 193 67.45 44.30 96.93
C ASP K 193 66.14 44.12 96.17
N ARG K 194 65.82 42.87 95.84
CA ARG K 194 64.60 42.59 95.10
C ARG K 194 63.38 42.86 95.96
N SER K 195 63.56 42.90 97.27
CA SER K 195 62.48 43.21 98.19
C SER K 195 62.03 44.66 98.02
N LEU K 196 62.95 45.53 97.60
CA LEU K 196 62.57 46.90 97.31
C LEU K 196 61.97 46.96 95.93
N LEU K 197 62.51 46.21 95.00
CA LEU K 197 61.97 46.27 93.65
C LEU K 197 60.51 45.87 93.69
N ARG K 198 60.22 44.86 94.50
CA ARG K 198 58.85 44.37 94.68
C ARG K 198 57.94 45.41 95.33
N SER K 199 58.37 45.97 96.46
CA SER K 199 57.54 46.90 97.21
C SER K 199 57.35 48.22 96.48
N LEU K 200 58.39 48.66 95.79
CA LEU K 200 58.38 49.95 95.12
C LEU K 200 57.52 49.93 93.87
N LEU K 201 57.57 48.82 93.15
CA LEU K 201 56.75 48.68 91.97
C LEU K 201 55.30 48.47 92.38
N GLY K 202 55.09 47.85 93.54
CA GLY K 202 53.76 47.74 94.11
C GLY K 202 53.22 49.14 94.43
N MET K 203 54.09 50.00 94.96
CA MET K 203 53.75 51.39 95.24
C MET K 203 53.39 52.16 93.98
N LEU K 204 54.21 52.04 92.94
CA LEU K 204 53.92 52.74 91.68
C LEU K 204 52.64 52.20 91.04
N SER K 205 52.37 50.91 91.25
CA SER K 205 51.15 50.32 90.75
C SER K 205 49.93 50.91 91.45
N ASP K 206 50.00 51.04 92.78
CA ASP K 206 48.89 51.58 93.56
C ASP K 206 48.53 53.00 93.14
N LEU K 207 49.56 53.79 92.83
CA LEU K 207 49.34 55.18 92.46
C LEU K 207 49.00 55.33 90.98
N GLN K 208 48.99 54.22 90.25
CA GLN K 208 48.76 54.22 88.82
C GLN K 208 49.78 55.09 88.09
N VAL K 209 51.03 55.00 88.50
CA VAL K 209 52.13 55.74 87.87
C VAL K 209 53.09 54.82 87.15
N TYR K 210 53.16 53.57 87.59
CA TYR K 210 54.07 52.60 86.99
C TYR K 210 54.03 52.64 85.48
N LYS K 211 52.84 52.59 84.92
CA LYS K 211 52.63 52.50 83.48
C LYS K 211 53.12 53.73 82.72
N ASP K 212 53.19 54.87 83.40
CA ASP K 212 53.53 56.12 82.72
C ASP K 212 54.98 56.54 82.93
N SER K 213 55.51 56.35 84.13
CA SER K 213 56.84 56.85 84.45
C SER K 213 57.92 55.77 84.45
N PHE K 214 57.56 54.55 84.83
CA PHE K 214 58.57 53.51 84.99
C PHE K 214 58.69 52.60 83.80
N GLU K 215 57.59 51.99 83.41
CA GLU K 215 57.65 50.89 82.45
C GLU K 215 58.34 51.25 81.15
N LEU K 216 58.11 52.46 80.63
CA LEU K 216 58.67 52.81 79.34
C LEU K 216 60.18 52.99 79.40
N LYS K 217 60.67 53.78 80.36
CA LYS K 217 62.12 53.95 80.48
C LYS K 217 62.76 52.61 80.80
N PHE K 218 62.06 51.85 81.62
CA PHE K 218 62.54 50.54 82.04
C PHE K 218 62.67 49.57 80.86
N LEU K 219 61.65 49.45 80.02
CA LEU K 219 61.72 48.47 78.97
C LEU K 219 62.74 48.87 77.92
N GLU K 220 62.92 50.17 77.71
CA GLU K 220 63.87 50.61 76.72
C GLU K 220 65.30 50.26 77.14
N GLU K 221 65.62 50.45 78.42
CA GLU K 221 66.95 50.13 78.92
C GLU K 221 67.13 48.62 79.04
N THR K 222 66.07 47.94 79.44
CA THR K 222 66.11 46.50 79.65
C THR K 222 66.28 45.78 78.32
N ASN K 223 65.63 46.28 77.28
CA ASN K 223 65.73 45.69 75.95
C ASN K 223 67.13 45.91 75.37
N CYS K 224 67.75 47.03 75.74
CA CYS K 224 69.12 47.31 75.32
C CYS K 224 70.07 46.31 75.95
N LEU K 225 69.81 45.93 77.20
CA LEU K 225 70.65 44.94 77.86
C LEU K 225 70.54 43.61 77.15
N TYR K 226 69.33 43.23 76.74
CA TYR K 226 69.13 41.96 76.07
C TYR K 226 69.99 41.90 74.81
N ALA K 227 70.02 43.00 74.07
CA ALA K 227 70.82 43.07 72.86
C ALA K 227 72.30 42.90 73.15
N ALA K 228 72.76 43.58 74.21
CA ALA K 228 74.16 43.50 74.61
C ALA K 228 74.51 42.10 75.10
N GLU K 229 73.58 41.47 75.81
CA GLU K 229 73.81 40.16 76.39
C GLU K 229 73.99 39.11 75.29
N GLY K 230 73.20 39.20 74.24
CA GLY K 230 73.30 38.24 73.14
C GLY K 230 74.66 38.33 72.46
N GLN K 231 75.05 39.55 72.12
CA GLN K 231 76.28 39.76 71.38
C GLN K 231 77.51 39.36 72.18
N ARG K 232 77.46 39.55 73.50
CA ARG K 232 78.59 39.23 74.35
C ARG K 232 78.61 37.76 74.76
N LEU K 233 77.50 37.27 75.30
CA LEU K 233 77.46 35.96 75.93
C LEU K 233 77.81 34.82 74.97
N MET K 234 77.35 34.94 73.72
CA MET K 234 77.58 33.89 72.74
C MET K 234 79.06 33.73 72.43
N GLN K 235 79.85 34.77 72.68
CA GLN K 235 81.25 34.75 72.34
C GLN K 235 82.16 34.57 73.55
N GLU K 236 81.57 34.31 74.72
CA GLU K 236 82.37 34.14 75.92
C GLU K 236 82.82 32.71 76.14
N ARG K 237 81.87 31.78 76.22
CA ARG K 237 82.23 30.39 76.56
C ARG K 237 82.56 29.55 75.34
N GLU K 238 83.61 29.93 74.63
CA GLU K 238 84.11 29.17 73.49
C GLU K 238 83.01 28.82 72.49
N VAL K 239 82.21 29.80 72.09
CA VAL K 239 81.12 29.56 71.14
C VAL K 239 80.28 28.36 71.57
N PRO K 240 79.58 28.46 72.70
CA PRO K 240 78.88 27.43 73.43
C PRO K 240 77.59 27.04 72.74
N GLU K 241 76.95 25.99 73.23
CA GLU K 241 75.60 25.69 72.82
C GLU K 241 74.71 26.79 73.36
N TYR K 242 74.65 27.89 72.63
CA TYR K 242 74.09 29.15 73.11
C TYR K 242 72.64 29.07 73.50
N LEU K 243 71.92 28.10 72.98
CA LEU K 243 70.51 27.98 73.29
C LEU K 243 70.30 27.78 74.78
N ASN K 244 71.33 27.31 75.48
CA ASN K 244 71.25 27.17 76.92
C ASN K 244 71.21 28.53 77.60
N HIS K 245 71.87 29.52 77.00
CA HIS K 245 71.89 30.88 77.51
C HIS K 245 70.57 31.56 77.17
N VAL K 246 70.00 31.19 76.03
CA VAL K 246 68.75 31.79 75.59
C VAL K 246 67.65 31.41 76.57
N SER K 247 67.59 30.12 76.90
CA SER K 247 66.59 29.64 77.84
C SER K 247 66.86 30.17 79.24
N LYS K 248 68.13 30.15 79.66
CA LYS K 248 68.46 30.62 81.00
C LYS K 248 68.04 32.07 81.20
N ARG K 249 68.38 32.93 80.24
CA ARG K 249 68.12 34.35 80.37
C ARG K 249 66.64 34.70 80.27
N LEU K 250 65.92 34.00 79.38
CA LEU K 250 64.49 34.24 79.25
C LEU K 250 63.74 33.76 80.48
N GLU K 251 64.13 32.58 80.99
CA GLU K 251 63.48 32.04 82.17
C GLU K 251 63.71 32.94 83.38
N GLU K 252 64.92 33.48 83.51
CA GLU K 252 65.21 34.41 84.59
C GLU K 252 64.33 35.65 84.48
N GLU K 253 64.11 36.14 83.27
CA GLU K 253 63.20 37.26 83.10
C GLU K 253 61.79 36.83 83.47
N GLY K 254 61.44 35.61 83.10
CA GLY K 254 60.13 35.04 83.41
C GLY K 254 59.88 35.05 84.92
N ASP K 255 60.92 34.89 85.72
CA ASP K 255 60.78 34.94 87.17
C ASP K 255 60.70 36.38 87.67
N ARG K 256 61.49 37.27 87.06
CA ARG K 256 61.54 38.67 87.49
C ARG K 256 60.24 39.40 87.19
N VAL K 257 59.58 39.02 86.11
CA VAL K 257 58.30 39.62 85.73
C VAL K 257 57.17 39.20 86.68
N ILE K 258 57.43 38.20 87.50
CA ILE K 258 56.49 37.76 88.52
C ILE K 258 56.92 38.33 89.87
N THR K 259 58.22 38.27 90.14
CA THR K 259 58.78 38.62 91.42
C THR K 259 58.55 40.08 91.79
N TYR K 260 58.75 41.01 90.85
CA TYR K 260 58.59 42.41 91.18
C TYR K 260 57.97 43.30 90.10
N LEU K 261 58.13 42.95 88.82
CA LEU K 261 57.57 43.78 87.76
C LEU K 261 56.09 43.47 87.57
N ASP K 262 55.37 44.40 86.96
CA ASP K 262 54.02 44.10 86.53
C ASP K 262 54.10 43.13 85.36
N HIS K 263 53.52 41.95 85.53
CA HIS K 263 53.71 40.84 84.60
C HIS K 263 53.18 41.13 83.22
N SER K 264 52.34 42.16 83.09
CA SER K 264 51.81 42.52 81.78
C SER K 264 52.91 43.05 80.87
N THR K 265 54.04 43.43 81.49
CA THR K 265 55.21 43.93 80.77
C THR K 265 56.01 42.78 80.18
N GLN K 266 55.73 41.56 80.63
CA GLN K 266 56.48 40.39 80.24
C GLN K 266 56.49 40.17 78.74
N LYS K 267 55.37 40.42 78.09
CA LYS K 267 55.24 40.11 76.68
C LYS K 267 56.34 40.73 75.82
N PRO K 268 56.53 42.07 75.84
CA PRO K 268 57.57 42.75 75.10
C PRO K 268 58.97 42.46 75.63
N LEU K 269 59.10 42.11 76.91
CA LEU K 269 60.44 41.82 77.41
C LEU K 269 60.94 40.47 76.95
N ILE K 270 60.09 39.46 77.03
CA ILE K 270 60.51 38.11 76.66
C ILE K 270 60.60 38.00 75.15
N ALA K 271 59.76 38.75 74.45
CA ALA K 271 59.87 38.79 73.00
C ALA K 271 61.22 39.36 72.61
N CYS K 272 61.66 40.40 73.32
CA CYS K 272 62.95 41.00 73.06
C CYS K 272 64.10 40.09 73.47
N VAL K 273 63.91 39.31 74.53
CA VAL K 273 64.96 38.38 74.93
C VAL K 273 65.19 37.34 73.85
N GLU K 274 64.12 36.74 73.34
CA GLU K 274 64.30 35.72 72.34
C GLU K 274 64.80 36.32 71.03
N LYS K 275 64.27 37.47 70.66
CA LYS K 275 64.71 38.11 69.43
C LYS K 275 66.20 38.45 69.49
N GLN K 276 66.66 38.95 70.64
CA GLN K 276 68.06 39.35 70.78
C GLN K 276 69.01 38.19 71.02
N LEU K 277 68.54 37.13 71.69
CA LEU K 277 69.45 36.04 72.04
C LEU K 277 69.38 34.88 71.05
N LEU K 278 68.22 34.66 70.43
CA LEU K 278 68.05 33.55 69.50
C LEU K 278 67.88 34.03 68.07
N GLY K 279 67.00 35.01 67.87
CA GLY K 279 66.65 35.49 66.53
C GLY K 279 67.87 36.06 65.81
N GLU K 280 68.54 37.01 66.45
CA GLU K 280 69.71 37.67 65.88
C GLU K 280 70.86 36.69 65.65
N HIS K 281 70.85 35.59 66.39
CA HIS K 281 71.93 34.62 66.34
C HIS K 281 71.51 33.30 65.70
N LEU K 282 70.39 33.29 64.97
CA LEU K 282 69.91 32.05 64.35
C LEU K 282 70.99 31.38 63.53
N THR K 283 71.56 32.11 62.58
CA THR K 283 72.50 31.51 61.65
C THR K 283 73.89 31.41 62.26
N ALA K 284 74.17 32.25 63.24
CA ALA K 284 75.46 32.17 63.92
C ALA K 284 75.58 30.85 64.68
N ILE K 285 74.49 30.45 65.31
CA ILE K 285 74.47 29.21 66.09
C ILE K 285 74.42 28.00 65.18
N LEU K 286 73.58 28.04 64.16
CA LEU K 286 73.45 26.92 63.25
C LEU K 286 74.75 26.64 62.51
N GLN K 287 75.40 27.70 62.03
CA GLN K 287 76.64 27.55 61.28
C GLN K 287 77.78 27.03 62.15
N LYS K 288 77.83 27.45 63.40
CA LYS K 288 78.90 27.04 64.29
C LYS K 288 78.66 25.66 64.92
N GLY K 289 77.41 25.32 65.20
CA GLY K 289 77.14 24.12 65.96
C GLY K 289 76.52 22.95 65.20
N LEU K 290 75.67 23.23 64.20
CA LEU K 290 74.87 22.15 63.64
C LEU K 290 75.69 21.15 62.84
N ASP K 291 76.65 21.62 62.04
CA ASP K 291 77.41 20.70 61.19
C ASP K 291 78.17 19.68 62.03
N HIS K 292 78.71 20.14 63.15
CA HIS K 292 79.41 19.27 64.09
C HIS K 292 78.47 18.25 64.71
N LEU K 293 77.34 18.73 65.20
CA LEU K 293 76.40 17.88 65.91
C LEU K 293 75.84 16.82 64.98
N LEU K 294 75.59 17.18 63.72
CA LEU K 294 75.06 16.23 62.77
C LEU K 294 76.08 15.12 62.49
N ASP K 295 77.35 15.50 62.36
CA ASP K 295 78.39 14.53 62.04
C ASP K 295 78.61 13.54 63.19
N GLU K 296 78.49 14.03 64.42
CA GLU K 296 78.68 13.19 65.60
C GLU K 296 77.38 12.54 66.05
N ASN K 297 76.29 12.85 65.35
CA ASN K 297 74.96 12.39 65.73
C ASN K 297 74.67 12.72 67.19
N ARG K 298 74.97 13.94 67.59
CA ARG K 298 74.72 14.37 68.95
C ARG K 298 73.26 14.73 69.13
N VAL K 299 72.44 13.70 69.21
CA VAL K 299 70.99 13.81 69.19
C VAL K 299 70.40 14.78 70.23
N PRO K 300 70.80 14.73 71.51
CA PRO K 300 70.30 15.60 72.56
C PRO K 300 70.43 17.08 72.21
N ASP K 301 71.49 17.44 71.49
CA ASP K 301 71.74 18.82 71.15
C ASP K 301 71.05 19.19 69.86
N LEU K 302 70.96 18.22 68.95
CA LEU K 302 70.26 18.42 67.70
C LEU K 302 68.77 18.61 67.99
N ALA K 303 68.28 17.86 68.98
CA ALA K 303 66.89 17.95 69.38
C ALA K 303 66.58 19.33 69.93
N GLN K 304 67.49 19.87 70.74
CA GLN K 304 67.28 21.20 71.28
C GLN K 304 67.24 22.22 70.16
N MET K 305 68.17 22.12 69.21
CA MET K 305 68.22 23.09 68.13
C MET K 305 66.98 23.04 67.27
N TYR K 306 66.50 21.85 66.95
CA TYR K 306 65.27 21.73 66.18
C TYR K 306 64.11 22.39 66.92
N GLN K 307 63.98 22.07 68.20
CA GLN K 307 62.86 22.55 69.02
C GLN K 307 62.89 24.06 69.26
N LEU K 308 64.09 24.60 69.52
CA LEU K 308 64.22 26.02 69.84
C LEU K 308 64.13 26.89 68.61
N PHE K 309 64.69 26.44 67.50
CA PHE K 309 64.64 27.21 66.27
C PHE K 309 63.32 26.93 65.57
N SER K 310 62.23 27.42 66.15
CA SER K 310 60.89 27.17 65.65
C SER K 310 59.95 28.36 65.87
N ARG K 311 60.50 29.51 66.27
CA ARG K 311 59.66 30.66 66.61
C ARG K 311 59.99 31.95 65.85
N VAL K 312 60.83 32.78 66.47
CA VAL K 312 61.03 34.17 66.03
C VAL K 312 61.46 34.31 64.58
N ARG K 313 62.37 33.46 64.15
CA ARG K 313 62.87 33.51 62.78
C ARG K 313 62.44 32.31 61.96
N GLY K 314 61.44 31.58 62.45
CA GLY K 314 61.00 30.37 61.78
C GLY K 314 61.91 29.20 62.14
N GLY K 315 63.20 29.37 61.91
CA GLY K 315 64.22 28.40 62.32
C GLY K 315 64.35 27.25 61.34
N GLN K 316 63.21 26.66 61.00
CA GLN K 316 63.16 25.59 60.02
C GLN K 316 63.56 26.16 58.68
N GLN K 317 64.00 25.30 57.77
CA GLN K 317 64.55 25.71 56.48
C GLN K 317 66.02 26.12 56.63
N ALA K 318 66.30 27.03 57.57
CA ALA K 318 67.69 27.34 57.90
C ALA K 318 68.39 26.08 58.42
N LEU K 319 67.67 25.32 59.26
CA LEU K 319 68.14 24.02 59.73
C LEU K 319 68.29 23.04 58.57
N LEU K 320 67.35 23.12 57.63
CA LEU K 320 67.29 22.22 56.49
C LEU K 320 68.47 22.44 55.55
N GLN K 321 68.85 23.70 55.38
CA GLN K 321 69.92 24.05 54.46
C GLN K 321 71.27 23.53 54.91
N HIS K 322 71.59 23.67 56.19
CA HIS K 322 72.87 23.17 56.67
C HIS K 322 72.87 21.65 56.69
N TRP K 323 71.72 21.09 57.05
CA TRP K 323 71.52 19.66 57.07
C TRP K 323 71.70 19.05 55.68
N SER K 324 71.08 19.67 54.68
CA SER K 324 71.18 19.20 53.31
C SER K 324 72.61 19.25 52.79
N GLU K 325 73.32 20.34 53.10
CA GLU K 325 74.69 20.48 52.65
C GLU K 325 75.56 19.36 53.19
N TYR K 326 75.34 19.00 54.46
CA TYR K 326 76.05 17.89 55.08
C TYR K 326 75.82 16.61 54.28
N ILE K 327 74.56 16.32 53.98
CA ILE K 327 74.24 15.06 53.34
C ILE K 327 74.86 14.95 51.96
N LYS K 328 74.71 15.99 51.17
CA LYS K 328 75.22 15.97 49.81
C LYS K 328 76.74 15.89 49.80
N THR K 329 77.38 16.61 50.71
CA THR K 329 78.84 16.62 50.76
C THR K 329 79.38 15.23 51.08
N PHE K 330 78.82 14.60 52.11
CA PHE K 330 79.30 13.32 52.58
C PHE K 330 78.84 12.19 51.68
N GLY K 331 77.60 12.25 51.21
CA GLY K 331 77.07 11.22 50.33
C GLY K 331 77.82 11.21 49.00
N THR K 332 78.15 12.40 48.48
CA THR K 332 78.87 12.50 47.23
C THR K 332 80.23 11.85 47.35
N ALA K 333 80.89 12.07 48.48
CA ALA K 333 82.23 11.54 48.71
C ALA K 333 82.29 10.02 48.56
N ILE K 334 81.18 9.32 48.79
CA ILE K 334 81.17 7.88 48.67
C ILE K 334 80.92 7.45 47.24
N VAL K 335 79.87 7.98 46.64
CA VAL K 335 79.46 7.58 45.30
C VAL K 335 80.44 8.02 44.22
N ILE K 336 81.11 9.15 44.46
CA ILE K 336 81.99 9.76 43.48
C ILE K 336 83.37 9.08 43.42
N ASN K 337 83.64 8.15 44.33
CA ASN K 337 84.96 7.52 44.42
C ASN K 337 84.96 6.01 44.22
N PRO K 338 85.15 5.52 42.97
CA PRO K 338 85.17 4.13 42.54
C PRO K 338 86.26 3.31 43.22
N GLU K 339 87.25 3.96 43.80
CA GLU K 339 88.33 3.27 44.49
C GLU K 339 87.80 2.41 45.64
N LYS K 340 86.61 2.75 46.14
CA LYS K 340 85.97 2.02 47.21
C LYS K 340 84.68 1.36 46.71
N ASP K 341 84.61 1.12 45.39
CA ASP K 341 83.41 0.57 44.76
C ASP K 341 82.84 -0.62 45.51
N LYS K 342 83.72 -1.52 45.95
CA LYS K 342 83.29 -2.76 46.57
C LYS K 342 82.41 -2.53 47.81
N ASP K 343 82.57 -1.37 48.45
CA ASP K 343 81.81 -1.04 49.66
C ASP K 343 80.86 0.13 49.42
N MET K 344 80.77 0.60 48.17
CA MET K 344 80.03 1.81 47.85
C MET K 344 78.55 1.68 48.17
N VAL K 345 77.98 0.52 47.91
CA VAL K 345 76.57 0.30 48.16
C VAL K 345 76.28 0.35 49.65
N GLN K 346 77.13 -0.31 50.42
CA GLN K 346 76.95 -0.40 51.87
C GLN K 346 77.22 0.94 52.54
N ASP K 347 78.17 1.71 52.01
CA ASP K 347 78.48 3.02 52.58
C ASP K 347 77.38 4.02 52.29
N LEU K 348 76.79 3.97 51.09
CA LEU K 348 75.68 4.86 50.76
C LEU K 348 74.45 4.51 51.56
N LEU K 349 74.20 3.22 51.76
CA LEU K 349 73.07 2.77 52.57
C LEU K 349 73.25 3.18 54.03
N ASP K 350 74.49 3.09 54.52
CA ASP K 350 74.77 3.47 55.90
C ASP K 350 74.57 4.96 56.10
N PHE K 351 74.99 5.75 55.11
CA PHE K 351 74.82 7.19 55.19
C PHE K 351 73.34 7.56 55.17
N LYS K 352 72.57 6.86 54.33
CA LYS K 352 71.14 7.10 54.25
C LYS K 352 70.46 6.84 55.59
N ASP K 353 70.83 5.73 56.25
CA ASP K 353 70.23 5.40 57.53
C ASP K 353 70.64 6.38 58.62
N LYS K 354 71.90 6.82 58.59
CA LYS K 354 72.37 7.78 59.58
C LYS K 354 71.56 9.07 59.51
N VAL K 355 71.31 9.53 58.29
CA VAL K 355 70.54 10.74 58.08
C VAL K 355 69.10 10.57 58.53
N ASP K 356 68.51 9.44 58.18
CA ASP K 356 67.12 9.18 58.53
C ASP K 356 66.97 9.05 60.04
N HIS K 357 67.99 8.46 60.69
CA HIS K 357 67.99 8.33 62.14
C HIS K 357 67.95 9.69 62.80
N VAL K 358 68.79 10.61 62.32
CA VAL K 358 68.84 11.95 62.87
C VAL K 358 67.48 12.63 62.78
N ILE K 359 66.85 12.51 61.62
CA ILE K 359 65.57 13.17 61.46
C ILE K 359 64.49 12.54 62.32
N GLU K 360 64.48 11.21 62.41
CA GLU K 360 63.49 10.55 63.24
C GLU K 360 63.59 10.93 64.71
N VAL K 361 64.80 10.97 65.25
CA VAL K 361 64.97 11.14 66.69
C VAL K 361 65.01 12.59 67.18
N CYS K 362 65.66 13.49 66.45
CA CYS K 362 65.79 14.86 66.94
C CYS K 362 65.01 15.91 66.16
N PHE K 363 64.76 15.65 64.87
CA PHE K 363 63.99 16.62 64.08
C PHE K 363 62.54 16.20 64.00
N GLN K 364 62.18 15.23 64.82
CA GLN K 364 60.81 14.79 65.03
C GLN K 364 60.10 14.40 63.75
N LYS K 365 60.82 13.78 62.83
CA LYS K 365 60.26 13.33 61.56
C LYS K 365 59.62 14.47 60.77
N ASN K 366 60.21 15.67 60.84
CA ASN K 366 59.70 16.81 60.09
C ASN K 366 59.83 16.57 58.60
N GLU K 367 58.71 16.71 57.90
CA GLU K 367 58.60 16.37 56.49
C GLU K 367 59.56 17.15 55.60
N ARG K 368 60.02 18.29 56.09
CA ARG K 368 60.95 19.11 55.33
C ARG K 368 62.25 18.36 55.09
N PHE K 369 62.61 17.53 56.06
CA PHE K 369 63.88 16.82 56.02
C PHE K 369 63.68 15.42 55.49
N VAL K 370 62.49 14.87 55.73
CA VAL K 370 62.21 13.51 55.29
C VAL K 370 62.16 13.44 53.77
N ASN K 371 61.43 14.38 53.17
CA ASN K 371 61.26 14.39 51.72
C ASN K 371 62.55 14.80 51.02
N LEU K 372 63.32 15.69 51.65
CA LEU K 372 64.55 16.17 51.04
C LEU K 372 65.61 15.09 51.11
N MET K 373 65.66 14.34 52.20
CA MET K 373 66.65 13.28 52.32
C MET K 373 66.60 12.40 51.09
N LYS K 374 65.40 11.93 50.73
CA LYS K 374 65.27 11.05 49.57
C LYS K 374 65.76 11.73 48.30
N GLU K 375 65.36 12.99 48.10
CA GLU K 375 65.74 13.70 46.88
C GLU K 375 67.24 13.92 46.79
N SER K 376 67.88 14.24 47.92
CA SER K 376 69.31 14.48 47.93
C SER K 376 70.07 13.19 47.60
N PHE K 377 69.59 12.08 48.16
CA PHE K 377 70.23 10.80 47.91
C PHE K 377 70.02 10.33 46.47
N GLU K 378 68.84 10.53 45.91
CA GLU K 378 68.65 10.15 44.51
C GLU K 378 69.59 10.95 43.62
N THR K 379 69.75 12.24 43.96
CA THR K 379 70.56 13.16 43.18
C THR K 379 72.02 12.72 43.06
N PHE K 380 72.64 12.32 44.17
CA PHE K 380 74.04 11.92 44.08
C PHE K 380 74.27 10.41 43.95
N ILE K 381 73.32 9.58 44.36
CA ILE K 381 73.55 8.14 44.21
C ILE K 381 73.73 7.82 42.73
N ASN K 382 72.89 8.40 41.88
CA ASN K 382 73.04 8.23 40.44
C ASN K 382 74.05 9.23 39.87
N LYS K 383 75.29 9.14 40.35
CA LYS K 383 76.37 10.05 39.94
C LYS K 383 77.33 9.39 38.94
N ARG K 384 77.48 8.08 39.04
CA ARG K 384 78.37 7.34 38.17
C ARG K 384 77.53 6.78 37.04
N PRO K 385 78.12 6.18 35.99
CA PRO K 385 77.42 5.52 34.91
C PRO K 385 76.82 4.20 35.38
N ASN K 386 75.93 4.31 36.36
CA ASN K 386 75.24 3.21 37.01
C ASN K 386 76.16 2.17 37.62
N LYS K 387 77.23 2.61 38.28
CA LYS K 387 78.12 1.66 38.92
C LYS K 387 77.44 0.83 40.00
N PRO K 388 76.60 1.41 40.88
CA PRO K 388 75.92 0.73 41.97
C PRO K 388 75.14 -0.50 41.51
N ALA K 389 74.63 -0.51 40.28
CA ALA K 389 73.86 -1.65 39.80
C ALA K 389 74.72 -2.89 39.68
N GLU K 390 75.97 -2.71 39.27
CA GLU K 390 76.88 -3.83 39.13
C GLU K 390 77.22 -4.37 40.51
N LEU K 391 77.44 -3.44 41.43
CA LEU K 391 77.79 -3.77 42.80
C LEU K 391 76.62 -4.47 43.48
N ILE K 392 75.41 -4.03 43.20
CA ILE K 392 74.23 -4.66 43.74
C ILE K 392 74.11 -6.09 43.23
N ALA K 393 74.32 -6.29 41.93
CA ALA K 393 74.23 -7.64 41.39
C ALA K 393 75.27 -8.54 42.03
N LYS K 394 76.48 -8.03 42.21
CA LYS K 394 77.54 -8.86 42.77
C LYS K 394 77.38 -9.08 44.27
N HIS K 395 76.89 -8.07 44.97
CA HIS K 395 76.73 -8.16 46.42
C HIS K 395 75.60 -9.12 46.80
N VAL K 396 74.51 -9.10 46.04
CA VAL K 396 73.41 -10.03 46.33
C VAL K 396 73.77 -11.44 45.86
N ASP K 397 74.47 -11.54 44.74
CA ASP K 397 74.88 -12.83 44.20
C ASP K 397 75.93 -13.50 45.08
N SER K 398 76.80 -12.69 45.68
CA SER K 398 77.83 -13.22 46.57
C SER K 398 77.19 -13.84 47.80
N LYS K 399 76.24 -13.12 48.40
CA LYS K 399 75.55 -13.63 49.59
C LYS K 399 74.75 -14.89 49.25
N LEU K 400 74.20 -14.91 48.04
CA LEU K 400 73.34 -16.00 47.59
C LEU K 400 74.12 -17.23 47.09
N ARG K 401 75.44 -17.11 46.99
CA ARG K 401 76.24 -18.24 46.51
C ARG K 401 76.38 -19.28 47.63
N ALA K 402 76.13 -20.56 47.32
CA ALA K 402 76.22 -21.60 48.37
C ALA K 402 77.63 -21.68 48.95
N GLY K 403 78.64 -21.51 48.09
CA GLY K 403 80.01 -21.54 48.58
C GLY K 403 80.25 -20.37 49.51
N ASN K 404 80.72 -20.65 50.71
CA ASN K 404 80.92 -19.61 51.73
C ASN K 404 79.63 -18.82 51.98
N LYS K 405 78.50 -19.52 51.99
CA LYS K 405 77.20 -18.89 52.23
C LYS K 405 76.98 -18.49 53.67
N GLU K 406 76.04 -17.58 53.88
CA GLU K 406 75.61 -17.17 55.22
C GLU K 406 74.93 -18.35 55.91
N ALA K 407 74.27 -19.19 55.11
CA ALA K 407 73.61 -20.43 55.54
C ALA K 407 72.32 -20.20 56.33
N THR K 408 71.85 -18.97 56.37
CA THR K 408 70.55 -18.70 56.99
C THR K 408 69.72 -17.81 56.09
N ASP K 409 68.40 -17.91 56.22
CA ASP K 409 67.51 -17.09 55.40
C ASP K 409 67.36 -15.71 55.96
N GLU K 410 67.50 -15.56 57.27
CA GLU K 410 67.36 -14.25 57.88
C GLU K 410 68.46 -13.32 57.38
N GLU K 411 69.68 -13.85 57.27
CA GLU K 411 70.80 -13.06 56.79
C GLU K 411 70.73 -12.82 55.28
N LEU K 412 70.30 -13.82 54.52
CA LEU K 412 70.21 -13.64 53.08
C LEU K 412 69.16 -12.60 52.74
N GLU K 413 68.02 -12.66 53.44
CA GLU K 413 66.94 -11.71 53.20
C GLU K 413 67.34 -10.32 53.69
N ARG K 414 67.98 -10.25 54.85
CA ARG K 414 68.38 -8.96 55.39
C ARG K 414 69.32 -8.24 54.44
N THR K 415 70.31 -8.97 53.93
CA THR K 415 71.29 -8.32 53.06
C THR K 415 70.76 -8.07 51.66
N LEU K 416 69.92 -8.96 51.12
CA LEU K 416 69.46 -8.72 49.76
C LEU K 416 68.50 -7.54 49.75
N ASP K 417 67.76 -7.37 50.83
CA ASP K 417 66.81 -6.26 50.92
C ASP K 417 67.57 -4.95 51.00
N LYS K 418 68.52 -4.84 51.93
CA LYS K 418 69.22 -3.57 52.10
C LYS K 418 70.01 -3.23 50.84
N ILE K 419 70.63 -4.23 50.24
CA ILE K 419 71.44 -4.02 49.04
C ILE K 419 70.58 -3.61 47.86
N MET K 420 69.45 -4.30 47.67
CA MET K 420 68.55 -4.04 46.56
C MET K 420 67.81 -2.71 46.69
N ILE K 421 67.63 -2.21 47.92
CA ILE K 421 66.97 -0.92 48.09
C ILE K 421 67.69 0.21 47.35
N LEU K 422 69.01 0.15 47.28
CA LEU K 422 69.77 1.19 46.59
C LEU K 422 69.53 1.12 45.08
N PHE K 423 68.98 0.00 44.61
CA PHE K 423 68.71 -0.24 43.20
C PHE K 423 67.65 0.70 42.67
N ARG K 424 66.89 1.31 43.58
CA ARG K 424 65.77 2.16 43.20
C ARG K 424 66.19 3.63 43.11
N PHE K 425 67.47 3.92 43.37
CA PHE K 425 67.98 5.30 43.34
C PHE K 425 68.85 5.56 42.12
N ILE K 426 68.87 4.60 41.19
CA ILE K 426 69.77 4.66 40.04
C ILE K 426 69.07 4.41 38.71
N HIS K 427 69.73 4.81 37.63
CA HIS K 427 69.25 4.56 36.26
C HIS K 427 70.21 3.62 35.54
N GLY K 428 69.70 2.89 34.55
CA GLY K 428 70.50 1.92 33.81
C GLY K 428 70.49 0.56 34.47
N LYS K 429 69.32 0.16 34.93
CA LYS K 429 69.10 -1.08 35.65
C LYS K 429 69.52 -2.33 34.86
N ASP K 430 69.81 -2.14 33.58
CA ASP K 430 70.31 -3.18 32.70
C ASP K 430 71.63 -3.74 33.19
N VAL K 431 72.39 -2.92 33.91
CA VAL K 431 73.68 -3.38 34.43
C VAL K 431 73.46 -4.51 35.39
N PHE K 432 72.50 -4.35 36.28
CA PHE K 432 72.19 -5.39 37.23
C PHE K 432 71.83 -6.65 36.49
N GLU K 433 70.88 -6.53 35.56
CA GLU K 433 70.37 -7.71 34.87
C GLU K 433 71.46 -8.40 34.07
N ALA K 434 72.28 -7.63 33.36
CA ALA K 434 73.33 -8.18 32.51
C ALA K 434 74.37 -8.97 33.31
N PHE K 435 74.71 -8.47 34.49
CA PHE K 435 75.68 -9.15 35.35
C PHE K 435 75.02 -10.25 36.17
N TYR K 436 73.86 -9.95 36.73
CA TYR K 436 73.10 -10.86 37.57
C TYR K 436 72.79 -12.16 36.84
N LYS K 437 72.32 -12.06 35.60
CA LYS K 437 71.96 -13.25 34.83
C LYS K 437 73.14 -14.17 34.56
N LYS K 438 74.37 -13.65 34.64
CA LYS K 438 75.54 -14.48 34.40
C LYS K 438 75.82 -15.35 35.62
N ASP K 439 75.72 -14.75 36.80
CA ASP K 439 75.98 -15.48 38.04
C ASP K 439 74.75 -16.29 38.44
N LEU K 440 73.58 -15.81 38.04
CA LEU K 440 72.34 -16.55 38.24
C LEU K 440 72.41 -17.83 37.44
N ALA K 441 72.86 -17.73 36.20
CA ALA K 441 72.97 -18.91 35.36
C ALA K 441 73.88 -19.94 36.01
N LYS K 442 74.97 -19.49 36.62
CA LYS K 442 75.86 -20.43 37.30
C LYS K 442 75.12 -21.13 38.43
N ARG K 443 74.40 -20.37 39.25
CA ARG K 443 73.68 -20.95 40.39
C ARG K 443 72.62 -21.95 39.96
N LEU K 444 72.01 -21.71 38.82
CA LEU K 444 70.92 -22.55 38.33
C LEU K 444 71.43 -23.80 37.59
N LEU K 445 72.74 -23.90 37.37
CA LEU K 445 73.28 -25.01 36.59
C LEU K 445 74.31 -25.82 37.36
N VAL K 446 75.29 -25.13 37.93
CA VAL K 446 76.43 -25.79 38.56
C VAL K 446 76.56 -25.40 40.02
N GLY K 447 76.55 -26.40 40.89
CA GLY K 447 76.60 -26.13 42.32
C GLY K 447 75.22 -25.73 42.81
N LYS K 448 75.17 -25.03 43.94
CA LYS K 448 73.90 -24.71 44.58
C LYS K 448 73.81 -23.23 44.95
N SER K 449 72.58 -22.74 45.07
CA SER K 449 72.35 -21.44 45.65
C SER K 449 72.29 -21.58 47.18
N ALA K 450 72.55 -20.49 47.89
CA ALA K 450 72.44 -20.49 49.34
C ALA K 450 71.02 -20.76 49.79
N SER K 451 70.05 -20.24 49.03
CA SER K 451 68.65 -20.48 49.30
C SER K 451 67.79 -20.19 48.08
N VAL K 452 66.85 -21.09 47.79
CA VAL K 452 65.92 -20.89 46.69
C VAL K 452 64.97 -19.74 46.99
N ASP K 453 64.53 -19.64 48.24
CA ASP K 453 63.63 -18.57 48.62
C ASP K 453 64.30 -17.20 48.50
N ALA K 454 65.57 -17.13 48.86
CA ALA K 454 66.31 -15.88 48.72
C ALA K 454 66.44 -15.47 47.26
N GLU K 455 66.64 -16.46 46.39
CA GLU K 455 66.76 -16.18 44.96
C GLU K 455 65.44 -15.66 44.41
N LYS K 456 64.34 -16.27 44.83
CA LYS K 456 63.01 -15.83 44.41
C LYS K 456 62.67 -14.46 44.99
N SER K 457 63.15 -14.20 46.22
CA SER K 457 62.92 -12.93 46.87
C SER K 457 63.52 -11.80 46.06
N MET K 458 64.73 -12.01 45.55
CA MET K 458 65.38 -11.00 44.72
C MET K 458 64.56 -10.69 43.49
N LEU K 459 64.01 -11.73 42.85
CA LEU K 459 63.23 -11.50 41.65
C LEU K 459 62.00 -10.64 41.96
N SER K 460 61.38 -10.90 43.11
CA SER K 460 60.23 -10.10 43.54
C SER K 460 60.62 -8.65 43.80
N LYS K 461 61.75 -8.46 44.47
CA LYS K 461 62.24 -7.13 44.81
C LYS K 461 62.60 -6.35 43.53
N LEU K 462 63.10 -7.08 42.54
CA LEU K 462 63.45 -6.46 41.26
C LEU K 462 62.23 -6.04 40.48
N LYS K 463 61.18 -6.83 40.47
CA LYS K 463 59.96 -6.47 39.74
C LYS K 463 59.41 -5.14 40.25
N HIS K 464 59.46 -4.96 41.56
CA HIS K 464 58.94 -3.72 42.14
C HIS K 464 59.81 -2.54 41.73
N GLU K 465 59.16 -1.47 41.28
CA GLU K 465 59.83 -0.25 40.84
C GLU K 465 60.66 -0.46 39.57
N CYS K 466 60.43 -1.56 38.86
CA CYS K 466 61.04 -1.79 37.55
C CYS K 466 60.00 -2.19 36.52
N GLY K 467 59.07 -3.02 36.93
CA GLY K 467 58.08 -3.60 36.02
C GLY K 467 58.34 -5.10 35.89
N ALA K 468 57.27 -5.87 35.72
CA ALA K 468 57.38 -7.32 35.66
C ALA K 468 58.31 -7.77 34.54
N ALA K 469 58.34 -6.99 33.45
CA ALA K 469 59.16 -7.31 32.30
C ALA K 469 60.64 -7.43 32.68
N PHE K 470 61.05 -6.68 33.71
CA PHE K 470 62.45 -6.62 34.12
C PHE K 470 63.01 -8.00 34.41
N THR K 471 62.22 -8.85 35.06
CA THR K 471 62.70 -10.15 35.49
C THR K 471 62.15 -11.26 34.62
N SER K 472 61.54 -10.90 33.49
CA SER K 472 60.88 -11.92 32.66
C SER K 472 61.85 -13.01 32.26
N LYS K 473 63.04 -12.61 31.81
CA LYS K 473 64.06 -13.57 31.42
C LYS K 473 64.64 -14.28 32.64
N LEU K 474 64.84 -13.54 33.72
CA LEU K 474 65.47 -14.09 34.92
C LEU K 474 64.59 -15.15 35.58
N GLU K 475 63.28 -14.90 35.59
CA GLU K 475 62.33 -15.85 36.14
C GLU K 475 62.20 -17.06 35.23
N GLY K 476 62.22 -16.80 33.92
CA GLY K 476 62.17 -17.86 32.93
C GLY K 476 63.36 -18.80 33.07
N MET K 477 64.53 -18.25 33.39
CA MET K 477 65.72 -19.06 33.61
C MET K 477 65.47 -20.08 34.71
N PHE K 478 64.86 -19.63 35.81
CA PHE K 478 64.51 -20.53 36.89
C PHE K 478 63.53 -21.60 36.41
N LYS K 479 62.47 -21.16 35.72
CA LYS K 479 61.44 -22.07 35.23
C LYS K 479 62.01 -23.19 34.39
N ASP K 480 62.99 -22.86 33.55
CA ASP K 480 63.61 -23.85 32.67
C ASP K 480 64.20 -25.02 33.44
N MET K 481 64.70 -24.76 34.64
CA MET K 481 65.35 -25.81 35.41
C MET K 481 64.32 -26.69 36.09
N GLU K 482 63.17 -26.10 36.42
CA GLU K 482 62.09 -26.89 37.00
C GLU K 482 61.52 -27.81 35.93
N LEU K 483 61.49 -27.30 34.69
CA LEU K 483 61.03 -28.09 33.57
C LEU K 483 62.05 -29.19 33.26
N SER K 484 63.34 -28.85 33.39
CA SER K 484 64.40 -29.83 33.14
C SER K 484 64.33 -30.98 34.13
N LYS K 485 63.99 -30.69 35.38
CA LYS K 485 63.88 -31.74 36.39
C LYS K 485 62.92 -32.84 35.96
N ASP K 486 61.77 -32.46 35.42
CA ASP K 486 60.81 -33.47 34.95
C ASP K 486 61.34 -34.17 33.70
N ILE K 487 61.99 -33.41 32.83
CA ILE K 487 62.48 -33.95 31.57
C ILE K 487 63.56 -34.99 31.77
N MET K 488 64.53 -34.70 32.65
CA MET K 488 65.62 -35.63 32.89
C MET K 488 65.13 -36.94 33.51
N VAL K 489 64.05 -36.87 34.28
CA VAL K 489 63.45 -38.08 34.83
C VAL K 489 62.87 -38.93 33.73
N HIS K 490 62.15 -38.29 32.81
CA HIS K 490 61.52 -39.02 31.71
C HIS K 490 62.57 -39.59 30.76
N PHE K 491 63.67 -38.88 30.59
CA PHE K 491 64.73 -39.35 29.70
C PHE K 491 65.38 -40.60 30.25
N LYS K 492 65.58 -40.67 31.56
CA LYS K 492 66.11 -41.89 32.16
C LYS K 492 65.11 -43.04 32.00
N GLN K 493 63.82 -42.73 32.12
CA GLN K 493 62.80 -43.76 31.96
C GLN K 493 62.84 -44.34 30.56
N HIS K 494 63.11 -43.50 29.57
CA HIS K 494 63.21 -43.93 28.18
C HIS K 494 64.53 -44.68 27.95
N MET K 495 65.60 -44.21 28.60
CA MET K 495 66.93 -44.80 28.48
C MET K 495 66.93 -46.24 28.97
N GLN K 496 66.13 -46.52 29.99
CA GLN K 496 66.04 -47.86 30.56
C GLN K 496 65.42 -48.88 29.61
N ASN K 497 64.77 -48.39 28.55
CA ASN K 497 64.14 -49.27 27.57
C ASN K 497 65.05 -49.53 26.37
N GLN K 498 66.31 -49.10 26.48
CA GLN K 498 67.30 -49.31 25.43
C GLN K 498 68.07 -50.61 25.65
N SER K 499 67.61 -51.38 26.63
CA SER K 499 68.12 -52.72 27.01
C SER K 499 69.27 -52.68 28.00
N ASP K 500 70.02 -51.59 27.99
CA ASP K 500 71.13 -51.40 28.92
C ASP K 500 71.47 -49.92 28.99
N SER K 501 72.44 -49.57 29.81
CA SER K 501 72.87 -48.17 29.90
C SER K 501 74.35 -48.06 30.21
N GLY K 502 74.92 -46.90 29.94
CA GLY K 502 76.34 -46.67 30.20
C GLY K 502 76.57 -46.41 31.69
N PRO K 503 77.83 -46.23 32.09
CA PRO K 503 78.31 -45.99 33.44
C PRO K 503 78.01 -44.57 33.91
N ILE K 504 77.56 -43.73 32.98
CA ILE K 504 77.35 -42.32 33.26
C ILE K 504 75.90 -42.04 33.60
N ASP K 505 75.65 -41.56 34.81
CA ASP K 505 74.29 -41.24 35.23
C ASP K 505 73.91 -39.86 34.71
N LEU K 506 73.48 -39.82 33.45
CA LEU K 506 73.24 -38.56 32.76
C LEU K 506 71.90 -37.89 33.07
N THR K 507 71.97 -36.58 33.27
CA THR K 507 70.82 -35.69 33.31
C THR K 507 71.04 -34.55 32.33
N VAL K 508 69.97 -33.83 31.96
CA VAL K 508 70.14 -32.68 31.08
C VAL K 508 69.40 -31.43 31.55
N ASN K 509 70.12 -30.31 31.48
CA ASN K 509 69.54 -28.99 31.72
C ASN K 509 69.22 -28.34 30.38
N ILE K 510 67.93 -28.09 30.13
CA ILE K 510 67.52 -27.51 28.86
C ILE K 510 67.13 -26.05 29.04
N LEU K 511 67.93 -25.17 28.44
CA LEU K 511 67.87 -23.73 28.67
C LEU K 511 67.19 -23.00 27.53
N THR K 512 66.23 -22.13 27.83
CA THR K 512 65.59 -21.35 26.77
C THR K 512 66.55 -20.26 26.27
N MET K 513 66.81 -20.21 24.96
CA MET K 513 67.76 -19.23 24.45
C MET K 513 67.32 -17.79 24.68
N GLY K 514 66.01 -17.58 24.76
CA GLY K 514 65.47 -16.24 24.97
C GLY K 514 65.51 -15.80 26.43
N TYR K 515 65.90 -16.69 27.34
CA TYR K 515 65.96 -16.35 28.76
C TYR K 515 67.40 -16.31 29.28
N TRP K 516 68.22 -17.23 28.80
CA TRP K 516 69.58 -17.39 29.30
C TRP K 516 70.58 -16.56 28.50
N PRO K 517 71.76 -16.27 29.08
CA PRO K 517 72.89 -15.66 28.43
C PRO K 517 73.37 -16.51 27.26
N THR K 518 73.93 -15.88 26.25
CA THR K 518 74.53 -16.62 25.15
C THR K 518 75.83 -17.25 25.62
N TYR K 519 76.03 -18.53 25.30
CA TYR K 519 77.25 -19.21 25.71
C TYR K 519 77.99 -19.76 24.49
N THR K 520 79.31 -19.81 24.59
CA THR K 520 80.13 -20.36 23.53
C THR K 520 80.39 -21.85 23.78
N PRO K 521 79.95 -22.74 22.89
CA PRO K 521 80.13 -24.17 22.94
C PRO K 521 81.53 -24.54 22.52
N MET K 522 81.99 -25.71 22.97
CA MET K 522 83.25 -26.27 22.49
C MET K 522 83.06 -27.74 22.17
N GLU K 523 83.59 -28.19 21.05
CA GLU K 523 83.57 -29.60 20.73
C GLU K 523 84.76 -30.26 21.41
N VAL K 524 84.46 -31.14 22.37
CA VAL K 524 85.51 -31.68 23.22
C VAL K 524 85.52 -33.20 23.16
N HIS K 525 86.62 -33.78 23.62
CA HIS K 525 86.79 -35.22 23.55
C HIS K 525 86.06 -35.96 24.66
N LEU K 526 84.74 -35.99 24.56
CA LEU K 526 83.90 -36.65 25.55
C LEU K 526 84.07 -38.15 25.47
N THR K 527 83.96 -38.81 26.61
CA THR K 527 83.93 -40.25 26.67
C THR K 527 82.83 -40.75 25.73
N PRO K 528 83.08 -41.77 24.89
CA PRO K 528 82.14 -42.34 23.94
C PRO K 528 80.77 -42.58 24.57
N GLU K 529 80.75 -42.97 25.84
CA GLU K 529 79.50 -43.18 26.56
C GLU K 529 78.74 -41.88 26.75
N MET K 530 79.47 -40.79 26.99
CA MET K 530 78.85 -39.48 27.16
C MET K 530 78.28 -39.00 25.84
N ILE K 531 78.97 -39.30 24.75
CA ILE K 531 78.53 -38.88 23.44
C ILE K 531 77.23 -39.59 23.08
N LYS K 532 77.20 -40.90 23.29
CA LYS K 532 76.01 -41.67 22.99
C LYS K 532 74.83 -41.21 23.82
N LEU K 533 75.06 -40.99 25.12
CA LEU K 533 73.97 -40.64 26.00
C LEU K 533 73.41 -39.24 25.77
N GLN K 534 74.28 -38.26 25.48
CA GLN K 534 73.76 -36.92 25.27
C GLN K 534 73.05 -36.84 23.92
N GLU K 535 73.46 -37.68 22.97
CA GLU K 535 72.80 -37.73 21.67
C GLU K 535 71.43 -38.35 21.83
N VAL K 536 71.33 -39.37 22.67
CA VAL K 536 70.06 -40.00 22.97
C VAL K 536 69.12 -39.03 23.68
N PHE K 537 69.63 -38.30 24.67
CA PHE K 537 68.80 -37.34 25.39
C PHE K 537 68.35 -36.23 24.44
N LYS K 538 69.23 -35.81 23.54
CA LYS K 538 68.85 -34.84 22.51
C LYS K 538 67.71 -35.41 21.67
N ALA K 539 67.86 -36.67 21.25
CA ALA K 539 66.86 -37.35 20.45
C ALA K 539 65.53 -37.46 21.20
N PHE K 540 65.60 -37.69 22.51
CA PHE K 540 64.39 -37.80 23.30
C PHE K 540 63.66 -36.47 23.34
N TYR K 541 64.39 -35.39 23.58
CA TYR K 541 63.76 -34.07 23.67
C TYR K 541 63.10 -33.69 22.37
N LEU K 542 63.82 -33.91 21.28
CA LEU K 542 63.38 -33.46 19.98
C LEU K 542 62.37 -34.43 19.38
N GLY K 543 62.02 -35.48 20.13
CA GLY K 543 60.98 -36.40 19.72
C GLY K 543 59.67 -36.03 20.41
N LYS K 544 59.76 -35.04 21.31
CA LYS K 544 58.61 -34.54 22.07
C LYS K 544 58.34 -33.10 21.66
N HIS K 545 59.42 -32.38 21.39
CA HIS K 545 59.39 -30.98 20.99
C HIS K 545 60.24 -30.82 19.74
N SER K 546 59.71 -31.31 18.63
CA SER K 546 60.44 -31.39 17.37
C SER K 546 60.51 -30.03 16.69
N GLY K 547 61.35 -29.94 15.66
CA GLY K 547 61.51 -28.71 14.90
C GLY K 547 62.50 -27.79 15.61
N ARG K 548 63.15 -28.36 16.61
CA ARG K 548 64.11 -27.67 17.47
C ARG K 548 65.50 -28.22 17.31
N LYS K 549 66.47 -27.45 17.77
CA LYS K 549 67.83 -27.93 17.92
C LYS K 549 68.34 -27.60 19.32
N LEU K 550 69.17 -28.49 19.85
CA LEU K 550 69.79 -28.25 21.14
C LEU K 550 71.28 -28.02 20.98
N GLN K 551 71.75 -26.89 21.50
CA GLN K 551 73.15 -26.53 21.42
C GLN K 551 73.85 -26.90 22.71
N TRP K 552 74.62 -27.99 22.67
CA TRP K 552 75.26 -28.49 23.89
C TRP K 552 76.37 -27.55 24.32
N GLN K 553 76.38 -27.21 25.60
CA GLN K 553 77.39 -26.33 26.18
C GLN K 553 78.29 -27.10 27.10
N THR K 554 79.44 -27.49 26.58
CA THR K 554 80.37 -28.33 27.30
C THR K 554 81.08 -27.54 28.39
N THR K 555 80.98 -26.23 28.28
CA THR K 555 81.53 -25.32 29.28
C THR K 555 80.65 -25.21 30.53
N LEU K 556 79.36 -25.50 30.39
CA LEU K 556 78.42 -25.33 31.50
C LEU K 556 78.19 -26.63 32.24
N GLY K 557 78.38 -27.76 31.57
CA GLY K 557 78.11 -29.06 32.17
C GLY K 557 79.10 -29.38 33.29
N HIS K 558 78.68 -30.29 34.18
CA HIS K 558 79.50 -30.70 35.32
C HIS K 558 79.30 -32.18 35.63
N ALA K 559 80.22 -32.75 36.41
CA ALA K 559 80.20 -34.18 36.68
C ALA K 559 80.76 -34.52 38.06
N VAL K 560 80.47 -35.72 38.53
CA VAL K 560 81.10 -36.24 39.73
C VAL K 560 82.07 -37.33 39.36
N LEU K 561 83.34 -37.09 39.65
CA LEU K 561 84.42 -37.98 39.23
C LEU K 561 85.07 -38.65 40.43
N LYS K 562 85.22 -39.96 40.36
CA LYS K 562 85.89 -40.71 41.41
C LYS K 562 87.34 -40.98 41.04
N ALA K 563 88.25 -40.65 41.94
CA ALA K 563 89.69 -40.83 41.70
C ALA K 563 90.29 -41.80 42.70
N GLU K 564 91.15 -42.69 42.22
CA GLU K 564 91.79 -43.67 43.08
C GLU K 564 93.14 -43.19 43.60
N PHE K 565 93.23 -43.07 44.91
CA PHE K 565 94.44 -42.58 45.56
C PHE K 565 95.01 -43.66 46.46
N LYS K 566 96.16 -43.38 47.06
CA LYS K 566 96.76 -44.32 48.00
C LYS K 566 95.89 -44.49 49.25
N GLU K 567 95.02 -43.52 49.49
CA GLU K 567 94.14 -43.50 50.65
C GLU K 567 92.72 -43.95 50.32
N GLY K 568 92.50 -44.48 49.11
CA GLY K 568 91.19 -44.95 48.71
C GLY K 568 90.59 -44.13 47.57
N LYS K 569 89.41 -44.54 47.12
CA LYS K 569 88.74 -43.89 45.98
C LYS K 569 87.75 -42.83 46.44
N LYS K 570 88.08 -41.56 46.19
CA LYS K 570 87.26 -40.44 46.64
C LYS K 570 86.63 -39.69 45.47
N GLU K 571 85.46 -39.11 45.71
CA GLU K 571 84.73 -38.38 44.68
C GLU K 571 84.95 -36.89 44.75
N PHE K 572 84.96 -36.25 43.59
CA PHE K 572 85.04 -34.80 43.50
C PHE K 572 83.93 -34.23 42.64
N GLN K 573 83.52 -33.01 42.96
CA GLN K 573 82.59 -32.28 42.12
C GLN K 573 83.41 -31.43 41.17
N VAL K 574 83.37 -31.81 39.90
CA VAL K 574 84.23 -31.23 38.89
C VAL K 574 83.41 -30.68 37.74
N SER K 575 83.98 -29.71 37.02
CA SER K 575 83.33 -29.22 35.81
C SER K 575 83.53 -30.24 34.71
N LEU K 576 82.78 -30.13 33.62
CA LEU K 576 83.00 -31.03 32.49
C LEU K 576 84.44 -30.93 32.03
N PHE K 577 84.95 -29.71 31.94
CA PHE K 577 86.31 -29.50 31.48
C PHE K 577 87.32 -30.06 32.49
N GLN K 578 87.05 -29.89 33.78
CA GLN K 578 87.91 -30.49 34.80
C GLN K 578 87.85 -32.00 34.71
N THR K 579 86.68 -32.53 34.39
CA THR K 579 86.50 -33.97 34.26
C THR K 579 87.38 -34.49 33.15
N LEU K 580 87.37 -33.81 32.00
CA LEU K 580 88.18 -34.22 30.88
C LEU K 580 89.66 -34.14 31.22
N VAL K 581 90.03 -33.08 31.95
CA VAL K 581 91.41 -32.90 32.35
C VAL K 581 91.86 -34.01 33.26
N LEU K 582 91.05 -34.36 34.26
CA LEU K 582 91.39 -35.42 35.18
C LEU K 582 91.29 -36.79 34.56
N LEU K 583 90.29 -36.98 33.71
CA LEU K 583 90.08 -38.29 33.10
C LEU K 583 91.25 -38.62 32.19
N MET K 584 91.87 -37.60 31.63
CA MET K 584 93.06 -37.75 30.79
C MET K 584 94.25 -38.33 31.56
N PHE K 585 94.18 -38.27 32.88
CA PHE K 585 95.25 -38.79 33.73
C PHE K 585 94.90 -40.17 34.28
N ASN K 586 93.90 -40.85 33.71
CA ASN K 586 93.55 -42.16 34.24
C ASN K 586 94.32 -43.30 33.61
N GLU K 587 95.20 -42.96 32.67
CA GLU K 587 96.08 -43.94 32.01
C GLU K 587 97.51 -43.79 32.52
N GLY K 588 97.85 -42.57 32.88
CA GLY K 588 99.20 -42.19 33.28
C GLY K 588 99.24 -40.69 33.50
N ASP K 589 100.41 -40.15 33.81
CA ASP K 589 100.50 -38.72 34.07
C ASP K 589 101.85 -38.14 33.61
N GLY K 590 102.17 -36.94 34.07
CA GLY K 590 103.38 -36.26 33.61
C GLY K 590 103.13 -35.56 32.28
N PHE K 591 101.91 -35.07 32.11
CA PHE K 591 101.51 -34.40 30.88
C PHE K 591 101.68 -32.90 30.98
N SER K 592 102.00 -32.26 29.87
CA SER K 592 102.09 -30.80 29.86
C SER K 592 100.71 -30.19 29.72
N PHE K 593 100.60 -28.90 30.04
CA PHE K 593 99.37 -28.15 29.82
C PHE K 593 98.94 -28.24 28.37
N GLU K 594 99.86 -27.96 27.46
CA GLU K 594 99.54 -27.99 26.03
C GLU K 594 99.01 -29.35 25.61
N GLU K 595 99.61 -30.42 26.11
CA GLU K 595 99.16 -31.77 25.77
C GLU K 595 97.75 -32.04 26.28
N ILE K 596 97.44 -31.58 27.49
CA ILE K 596 96.10 -31.75 28.02
C ILE K 596 95.09 -30.96 27.20
N LYS K 597 95.44 -29.73 26.83
CA LYS K 597 94.56 -28.89 26.04
C LYS K 597 94.14 -29.63 24.76
N MET K 598 95.12 -30.20 24.07
CA MET K 598 94.86 -30.94 22.84
C MET K 598 94.07 -32.21 23.12
N ALA K 599 94.43 -32.90 24.20
CA ALA K 599 93.82 -34.16 24.58
C ALA K 599 92.36 -34.02 24.99
N THR K 600 92.02 -32.89 25.61
CA THR K 600 90.67 -32.67 26.09
C THR K 600 89.84 -31.87 25.08
N GLY K 601 90.52 -31.13 24.21
CA GLY K 601 89.84 -30.36 23.16
C GLY K 601 89.20 -29.08 23.69
N ILE K 602 89.82 -28.47 24.69
CA ILE K 602 89.23 -27.26 25.27
C ILE K 602 90.16 -26.07 25.09
N GLU K 603 89.64 -24.88 25.35
CA GLU K 603 90.41 -23.66 25.20
C GLU K 603 91.47 -23.56 26.28
N ASP K 604 92.53 -22.80 26.02
CA ASP K 604 93.62 -22.67 26.97
C ASP K 604 93.16 -21.90 28.21
N SER K 605 92.31 -20.91 27.99
CA SER K 605 91.77 -20.12 29.10
C SER K 605 90.98 -21.04 30.02
N GLU K 606 90.19 -21.92 29.43
CA GLU K 606 89.38 -22.86 30.20
C GLU K 606 90.26 -23.86 30.92
N LEU K 607 91.32 -24.34 30.25
CA LEU K 607 92.21 -25.30 30.85
C LEU K 607 93.01 -24.68 32.00
N ARG K 608 93.44 -23.43 31.84
CA ARG K 608 94.18 -22.77 32.91
C ARG K 608 93.34 -22.71 34.17
N ARG K 609 92.05 -22.39 34.03
CA ARG K 609 91.18 -22.35 35.20
C ARG K 609 90.99 -23.74 35.80
N THR K 610 90.83 -24.76 34.96
CA THR K 610 90.61 -26.10 35.49
C THR K 610 91.82 -26.59 36.28
N LEU K 611 93.01 -26.30 35.76
CA LEU K 611 94.24 -26.73 36.41
C LEU K 611 94.61 -25.81 37.57
N GLN K 612 94.21 -24.55 37.48
CA GLN K 612 94.46 -23.61 38.55
C GLN K 612 93.80 -24.07 39.84
N SER K 613 92.65 -24.70 39.73
CA SER K 613 92.03 -25.25 40.93
C SER K 613 92.58 -26.64 41.24
N LEU K 614 92.56 -27.53 40.24
CA LEU K 614 92.87 -28.93 40.45
C LEU K 614 94.28 -29.17 40.98
N ALA K 615 95.24 -28.37 40.53
CA ALA K 615 96.63 -28.58 40.91
C ALA K 615 97.24 -27.48 41.79
N CYS K 616 96.40 -26.58 42.32
CA CYS K 616 96.93 -25.51 43.16
C CYS K 616 96.18 -25.34 44.48
N GLY K 617 94.88 -25.64 44.49
CA GLY K 617 94.04 -25.31 45.63
C GLY K 617 94.02 -26.42 46.68
N LYS K 618 92.96 -26.45 47.47
CA LYS K 618 92.83 -27.42 48.55
C LYS K 618 92.32 -28.75 47.99
N ALA K 619 92.63 -29.84 48.68
CA ALA K 619 92.19 -31.16 48.23
C ALA K 619 92.60 -31.38 46.78
N ARG K 620 93.87 -31.12 46.50
CA ARG K 620 94.40 -31.23 45.14
C ARG K 620 94.23 -32.63 44.59
N VAL K 621 93.86 -32.72 43.33
CA VAL K 621 93.75 -34.01 42.67
C VAL K 621 95.00 -34.24 41.84
N LEU K 622 95.49 -33.15 41.25
CA LEU K 622 96.72 -33.15 40.47
C LEU K 622 97.75 -32.32 41.20
N ILE K 623 99.01 -32.55 40.91
CA ILE K 623 100.07 -31.69 41.42
C ILE K 623 100.82 -31.03 40.27
N LYS K 624 100.94 -29.72 40.33
CA LYS K 624 101.73 -29.00 39.33
C LYS K 624 103.18 -28.93 39.78
N SER K 625 104.09 -29.41 38.93
CA SER K 625 105.51 -29.43 39.28
C SER K 625 106.12 -28.03 39.51
N PRO K 626 105.90 -27.03 38.64
CA PRO K 626 106.34 -25.66 38.81
C PRO K 626 105.40 -24.91 39.74
N LYS K 627 105.49 -25.24 41.03
CA LYS K 627 104.55 -24.75 42.02
C LYS K 627 104.30 -23.25 41.88
N GLY K 628 103.02 -22.88 41.84
CA GLY K 628 102.58 -21.50 41.70
C GLY K 628 101.07 -21.47 41.51
N LYS K 629 100.51 -20.27 41.42
CA LYS K 629 99.05 -20.15 41.29
C LYS K 629 98.58 -20.18 39.84
N GLU K 630 99.38 -19.65 38.93
CA GLU K 630 99.01 -19.56 37.51
C GLU K 630 99.53 -20.74 36.70
N VAL K 631 98.87 -21.01 35.58
CA VAL K 631 99.20 -22.15 34.76
C VAL K 631 99.69 -21.77 33.36
N GLU K 632 100.86 -22.29 33.00
CA GLU K 632 101.52 -22.04 31.71
C GLU K 632 101.50 -23.25 30.79
N ASP K 633 101.75 -23.00 29.49
CA ASP K 633 101.73 -24.05 28.47
C ASP K 633 102.71 -25.20 28.75
N GLY K 634 103.86 -24.87 29.36
CA GLY K 634 104.89 -25.88 29.59
C GLY K 634 104.77 -26.58 30.95
N ASP K 635 103.75 -26.22 31.73
CA ASP K 635 103.60 -26.79 33.06
C ASP K 635 103.33 -28.28 33.00
N LYS K 636 104.05 -29.04 33.84
CA LYS K 636 103.90 -30.49 33.90
C LYS K 636 103.02 -30.92 35.07
N PHE K 637 102.07 -31.80 34.81
CA PHE K 637 101.15 -32.25 35.84
C PHE K 637 101.22 -33.74 36.11
N ILE K 638 101.22 -34.07 37.40
CA ILE K 638 101.19 -35.45 37.84
C ILE K 638 100.01 -35.70 38.76
N PHE K 639 99.63 -36.96 38.94
CA PHE K 639 98.50 -37.32 39.79
C PHE K 639 98.85 -37.27 41.27
N ASN K 640 97.96 -36.68 42.08
CA ASN K 640 98.21 -36.60 43.52
C ASN K 640 97.86 -37.90 44.21
N GLY K 641 98.71 -38.91 44.03
CA GLY K 641 98.50 -40.20 44.67
C GLY K 641 98.45 -40.03 46.19
N GLU K 642 99.24 -39.07 46.68
CA GLU K 642 99.31 -38.77 48.11
C GLU K 642 98.20 -37.81 48.51
N PHE K 643 96.96 -38.27 48.35
CA PHE K 643 95.78 -37.47 48.66
C PHE K 643 95.17 -37.88 49.97
N LYS K 644 95.23 -37.01 50.95
CA LYS K 644 94.68 -37.32 52.27
C LYS K 644 93.47 -36.44 52.56
N HIS K 645 92.29 -37.04 52.48
CA HIS K 645 91.05 -36.31 52.73
C HIS K 645 89.92 -37.28 53.08
N LYS K 646 88.96 -36.81 53.87
CA LYS K 646 87.86 -37.65 54.31
C LYS K 646 86.53 -37.36 53.61
N LEU K 647 86.42 -36.19 52.99
CA LEU K 647 85.15 -35.78 52.38
C LEU K 647 84.99 -36.37 50.99
N PHE K 648 83.76 -36.79 50.69
CA PHE K 648 83.42 -37.24 49.35
C PHE K 648 82.64 -36.18 48.60
N ARG K 649 82.84 -36.12 47.30
CA ARG K 649 82.24 -35.11 46.43
C ARG K 649 82.73 -33.74 46.86
N ILE K 650 84.05 -33.63 46.97
CA ILE K 650 84.72 -32.39 47.34
C ILE K 650 84.60 -31.38 46.21
N LYS K 651 84.23 -30.16 46.54
CA LYS K 651 84.08 -29.15 45.51
C LYS K 651 85.42 -28.57 45.09
N ILE K 652 85.81 -28.85 43.85
CA ILE K 652 87.06 -28.37 43.29
C ILE K 652 86.75 -27.52 42.05
N ASN K 653 85.46 -27.36 41.79
CA ASN K 653 84.95 -26.66 40.61
C ASN K 653 84.40 -25.27 40.93
N GLN K 654 85.06 -24.57 41.86
CA GLN K 654 84.62 -23.21 42.20
C GLN K 654 84.65 -22.31 40.98
N ILE K 655 85.58 -22.59 40.07
CA ILE K 655 85.75 -21.79 38.86
C ILE K 655 84.51 -21.76 37.98
N GLN K 656 83.66 -22.77 38.10
CA GLN K 656 82.45 -22.85 37.29
C GLN K 656 81.23 -22.26 38.00
N MET K 657 81.46 -21.73 39.21
CA MET K 657 80.39 -21.02 39.95
C MET K 657 80.98 -19.71 40.51
N LYS K 658 82.15 -19.28 40.00
CA LYS K 658 82.83 -18.04 40.50
C LYS K 658 83.16 -17.12 39.32
N GLU K 659 83.06 -15.80 39.51
CA GLU K 659 83.29 -14.83 38.39
C GLU K 659 84.76 -14.76 37.98
N THR K 660 85.00 -14.41 36.71
CA THR K 660 86.36 -14.09 36.19
C THR K 660 86.30 -12.77 35.39
N VAL K 661 87.44 -12.12 35.18
CA VAL K 661 87.48 -10.79 34.48
C VAL K 661 86.82 -10.88 33.10
N GLU K 662 87.12 -11.92 32.31
CA GLU K 662 86.59 -12.03 30.97
C GLU K 662 85.07 -11.98 30.98
N GLU K 663 84.49 -12.60 32.01
CA GLU K 663 83.05 -12.64 32.15
C GLU K 663 82.46 -11.26 32.45
N GLN K 664 83.18 -10.47 33.27
CA GLN K 664 82.76 -9.10 33.57
C GLN K 664 82.76 -8.26 32.30
N VAL K 665 83.73 -8.51 31.43
CA VAL K 665 83.82 -7.80 30.15
C VAL K 665 82.64 -8.15 29.26
N SER K 666 82.29 -9.43 29.19
CA SER K 666 81.16 -9.86 28.37
C SER K 666 79.85 -9.28 28.89
N THR K 667 79.68 -9.24 30.21
CA THR K 667 78.46 -8.67 30.80
C THR K 667 78.43 -7.16 30.61
N THR K 668 79.60 -6.53 30.61
CA THR K 668 79.70 -5.09 30.35
C THR K 668 79.27 -4.79 28.91
N GLU K 669 79.70 -5.62 27.98
CA GLU K 669 79.35 -5.45 26.57
C GLU K 669 77.85 -5.62 26.38
N ARG K 670 77.25 -6.59 27.09
CA ARG K 670 75.81 -6.79 26.98
C ARG K 670 75.06 -5.54 27.39
N VAL K 671 75.54 -4.87 28.45
CA VAL K 671 74.90 -3.64 28.88
C VAL K 671 75.00 -2.58 27.79
N PHE K 672 76.18 -2.44 27.20
CA PHE K 672 76.38 -1.48 26.14
C PHE K 672 75.44 -1.74 24.99
N GLN K 673 75.38 -3.00 24.54
CA GLN K 673 74.56 -3.36 23.39
C GLN K 673 73.08 -3.17 23.68
N ASP K 674 72.64 -3.44 24.91
CA ASP K 674 71.25 -3.27 25.26
C ASP K 674 70.89 -1.78 25.29
N ARG K 675 71.82 -0.95 25.75
CA ARG K 675 71.62 0.49 25.74
C ARG K 675 71.56 0.99 24.31
N GLN K 676 72.41 0.42 23.44
CA GLN K 676 72.43 0.82 22.04
C GLN K 676 71.13 0.46 21.33
N TYR K 677 70.54 -0.67 21.71
CA TYR K 677 69.23 -1.04 21.20
C TYR K 677 68.16 -0.05 21.64
N GLN K 678 68.13 0.25 22.93
CA GLN K 678 67.07 1.09 23.47
C GLN K 678 67.05 2.47 22.81
N ILE K 679 68.23 3.00 22.51
CA ILE K 679 68.32 4.32 21.89
C ILE K 679 67.96 4.29 20.40
N ASP K 680 67.85 3.09 19.83
CA ASP K 680 67.43 2.91 18.45
C ASP K 680 65.93 2.72 18.42
N ALA K 681 65.43 1.92 19.37
CA ALA K 681 63.99 1.67 19.52
C ALA K 681 63.31 2.94 20.05
N ALA K 682 64.01 3.66 20.91
CA ALA K 682 63.51 4.91 21.41
C ALA K 682 63.71 5.94 20.32
N ILE K 683 63.13 7.13 20.48
CA ILE K 683 63.14 8.15 19.44
C ILE K 683 62.04 7.80 18.43
N VAL K 684 62.04 6.55 17.98
CA VAL K 684 60.96 5.99 17.16
C VAL K 684 59.71 5.89 18.02
N ARG K 685 59.88 5.50 19.28
CA ARG K 685 58.82 5.42 20.27
C ARG K 685 58.56 6.77 20.95
N ILE K 686 59.24 7.80 20.43
CA ILE K 686 59.10 9.19 20.84
C ILE K 686 58.74 9.95 19.58
N MET K 687 58.28 11.19 19.72
CA MET K 687 57.90 12.03 18.58
C MET K 687 56.46 11.79 18.17
N LYS K 688 56.06 10.53 18.09
CA LYS K 688 54.70 10.21 17.68
C LYS K 688 53.66 10.91 18.55
N MET K 689 53.94 11.01 19.86
CA MET K 689 53.03 11.67 20.79
C MET K 689 53.42 13.14 21.00
N ARG K 690 54.49 13.56 20.34
CA ARG K 690 55.05 14.89 20.45
C ARG K 690 55.55 15.29 19.07
N LYS K 691 54.63 15.63 18.17
CA LYS K 691 54.95 15.69 16.75
C LYS K 691 56.11 16.62 16.46
N THR K 692 56.17 17.75 17.17
CA THR K 692 57.28 18.68 17.02
C THR K 692 58.11 18.67 18.31
N LEU K 693 59.38 18.30 18.20
CA LEU K 693 60.22 18.16 19.38
C LEU K 693 61.71 18.23 19.03
N GLY K 694 62.48 19.05 19.76
CA GLY K 694 63.90 19.23 19.46
C GLY K 694 64.85 18.30 20.22
N HIS K 695 66.14 18.45 19.95
CA HIS K 695 67.20 17.62 20.54
C HIS K 695 67.24 17.67 22.06
N ASN K 696 67.08 18.87 22.63
CA ASN K 696 67.17 19.05 24.07
C ASN K 696 65.96 18.44 24.78
N LEU K 697 64.90 18.23 24.03
CA LEU K 697 63.71 17.63 24.57
C LEU K 697 63.73 16.13 24.33
N LEU K 698 64.38 15.73 23.25
CA LEU K 698 64.47 14.32 22.90
C LEU K 698 65.36 13.61 23.91
N VAL K 699 66.48 14.23 24.27
CA VAL K 699 67.34 13.65 25.27
C VAL K 699 66.62 13.60 26.63
N SER K 700 65.75 14.57 26.87
CA SER K 700 64.96 14.62 28.11
C SER K 700 63.90 13.52 28.13
N GLU K 701 63.25 13.30 26.99
CA GLU K 701 62.26 12.23 26.88
C GLU K 701 62.95 10.88 26.98
N LEU K 702 64.14 10.80 26.42
CA LEU K 702 64.97 9.60 26.48
C LEU K 702 65.46 9.33 27.89
N TYR K 703 65.76 10.39 28.65
CA TYR K 703 66.13 10.19 30.04
C TYR K 703 65.04 9.35 30.71
N ASN K 704 63.79 9.74 30.48
CA ASN K 704 62.64 9.05 31.09
C ASN K 704 62.26 7.73 30.40
N GLN K 705 62.44 7.65 29.08
CA GLN K 705 62.02 6.45 28.34
C GLN K 705 63.05 5.32 28.42
N LEU K 706 64.33 5.67 28.43
CA LEU K 706 65.40 4.70 28.44
C LEU K 706 65.66 4.21 29.85
N LYS K 707 66.18 2.99 29.98
CA LYS K 707 66.64 2.54 31.29
C LYS K 707 67.86 3.36 31.70
N PHE K 708 68.69 3.74 30.74
CA PHE K 708 69.87 4.56 30.96
C PHE K 708 69.89 5.71 29.94
N PRO K 709 70.02 6.97 30.39
CA PRO K 709 70.09 8.18 29.58
C PRO K 709 71.20 8.08 28.55
N VAL K 710 70.98 8.68 27.38
CA VAL K 710 71.94 8.61 26.29
C VAL K 710 72.69 9.91 26.09
N LYS K 711 74.00 9.81 25.91
CA LYS K 711 74.84 10.95 25.62
C LYS K 711 74.51 11.51 24.24
N PRO K 712 74.70 12.81 24.01
CA PRO K 712 74.43 13.50 22.76
C PRO K 712 75.24 12.93 21.59
N GLY K 713 76.39 12.31 21.88
CA GLY K 713 77.19 11.71 20.82
C GLY K 713 76.42 10.56 20.15
N ASP K 714 76.03 9.58 20.95
CA ASP K 714 75.27 8.45 20.43
C ASP K 714 73.90 8.87 19.93
N LEU K 715 73.31 9.86 20.59
CA LEU K 715 71.98 10.31 20.23
C LEU K 715 71.97 10.92 18.82
N LYS K 716 72.94 11.78 18.54
CA LYS K 716 73.01 12.39 17.21
C LYS K 716 73.22 11.33 16.13
N LYS K 717 74.04 10.32 16.42
CA LYS K 717 74.29 9.26 15.45
C LYS K 717 73.03 8.46 15.15
N ARG K 718 72.27 8.13 16.20
CA ARG K 718 71.04 7.38 16.01
C ARG K 718 70.00 8.19 15.27
N ILE K 719 69.96 9.50 15.54
CA ILE K 719 69.03 10.36 14.86
C ILE K 719 69.26 10.37 13.37
N GLU K 720 70.51 10.46 12.94
CA GLU K 720 70.80 10.52 11.52
C GLU K 720 70.38 9.22 10.82
N SER K 721 70.60 8.09 11.47
CA SER K 721 70.21 6.80 10.89
C SER K 721 68.69 6.65 10.87
N LEU K 722 68.02 7.20 11.87
CA LEU K 722 66.56 7.13 11.95
C LEU K 722 65.91 8.05 10.93
N ILE K 723 66.63 9.09 10.50
CA ILE K 723 66.16 9.93 9.42
C ILE K 723 66.26 9.19 8.09
N ASP K 724 67.40 8.52 7.86
CA ASP K 724 67.58 7.75 6.63
C ASP K 724 66.54 6.64 6.52
N ARG K 725 66.10 6.10 7.66
CA ARG K 725 65.11 5.02 7.69
C ARG K 725 63.67 5.50 7.84
N ASP K 726 63.44 6.80 7.68
CA ASP K 726 62.11 7.41 7.69
C ASP K 726 61.31 7.19 8.98
N TYR K 727 61.95 7.33 10.13
CA TYR K 727 61.22 7.30 11.39
C TYR K 727 60.99 8.73 11.87
N MET K 728 61.95 9.60 11.56
CA MET K 728 61.92 10.99 11.97
C MET K 728 62.57 11.85 10.89
N GLU K 729 62.28 13.14 10.91
CA GLU K 729 62.91 14.07 9.98
C GLU K 729 63.22 15.39 10.66
N ARG K 730 64.13 16.17 10.08
CA ARG K 730 64.42 17.48 10.63
C ARG K 730 63.42 18.53 10.13
N ASP K 731 63.19 19.53 10.96
CA ASP K 731 62.28 20.62 10.60
C ASP K 731 62.84 21.98 11.03
N LYS K 732 62.10 23.04 10.72
CA LYS K 732 62.42 24.41 11.14
C LYS K 732 63.82 24.85 10.73
N ASP K 733 64.34 24.31 9.63
CA ASP K 733 65.67 24.66 9.15
C ASP K 733 66.69 24.64 10.30
N ASN K 734 66.60 23.63 11.16
CA ASN K 734 67.45 23.56 12.34
C ASN K 734 67.90 22.12 12.62
N PRO K 735 69.21 21.86 12.66
CA PRO K 735 69.83 20.56 12.91
C PRO K 735 69.30 19.85 14.15
N ASN K 736 68.80 20.63 15.12
CA ASN K 736 68.32 20.07 16.38
C ASN K 736 66.80 20.08 16.53
N GLN K 737 66.08 20.32 15.44
CA GLN K 737 64.62 20.29 15.49
C GLN K 737 64.07 19.14 14.67
N TYR K 738 63.23 18.31 15.29
CA TYR K 738 62.76 17.10 14.64
C TYR K 738 61.25 16.99 14.57
N HIS K 739 60.78 16.20 13.61
CA HIS K 739 59.35 15.91 13.48
C HIS K 739 59.12 14.43 13.19
N TYR K 740 58.05 13.88 13.75
CA TYR K 740 57.66 12.50 13.51
C TYR K 740 57.35 12.24 12.04
N VAL K 741 57.83 11.10 11.52
CA VAL K 741 57.49 10.70 10.16
C VAL K 741 56.48 9.58 10.15
N ALA K 742 55.37 9.80 9.45
CA ALA K 742 54.30 8.81 9.35
C ALA K 742 54.34 8.12 7.99
N LYS L 27 89.63 -50.26 36.86
CA LYS L 27 90.96 -50.51 36.34
C LYS L 27 91.58 -49.21 35.83
N LYS L 28 90.94 -48.10 36.18
CA LYS L 28 91.38 -46.76 35.79
C LYS L 28 91.54 -45.91 37.04
N ARG L 29 92.43 -44.92 37.00
CA ARG L 29 92.56 -44.04 38.16
C ARG L 29 91.35 -43.13 38.33
N PHE L 30 90.68 -42.80 37.22
CA PHE L 30 89.50 -41.93 37.29
C PHE L 30 88.30 -42.55 36.57
N GLU L 31 87.12 -42.41 37.20
CA GLU L 31 85.86 -42.85 36.61
C GLU L 31 84.71 -41.89 36.93
N VAL L 32 83.94 -41.54 35.91
CA VAL L 32 82.79 -40.65 36.10
C VAL L 32 81.57 -41.42 36.55
N LYS L 33 80.89 -40.91 37.58
CA LYS L 33 79.69 -41.56 38.08
C LYS L 33 78.44 -40.75 37.72
N LYS L 34 78.58 -39.43 37.76
CA LYS L 34 77.45 -38.54 37.48
C LYS L 34 77.84 -37.57 36.39
N TRP L 35 76.87 -37.20 35.54
CA TRP L 35 77.11 -36.18 34.53
C TRP L 35 75.86 -35.37 34.25
N ASN L 36 75.96 -34.06 34.44
CA ASN L 36 74.85 -33.17 34.18
C ASN L 36 75.16 -32.31 32.97
N ALA L 37 74.61 -32.70 31.82
CA ALA L 37 74.89 -32.03 30.57
C ALA L 37 73.97 -30.82 30.43
N VAL L 38 74.43 -29.80 29.73
CA VAL L 38 73.67 -28.56 29.56
C VAL L 38 73.53 -28.21 28.09
N ALA L 39 72.34 -27.83 27.65
CA ALA L 39 72.14 -27.41 26.26
C ALA L 39 71.18 -26.24 26.14
N LEU L 40 71.48 -25.40 25.12
CA LEU L 40 70.58 -24.30 24.81
C LEU L 40 69.52 -24.69 23.80
N TRP L 41 68.29 -24.35 24.12
CA TRP L 41 67.09 -24.75 23.40
C TRP L 41 66.48 -23.64 22.55
N ALA L 42 66.36 -23.91 21.25
CA ALA L 42 65.71 -22.93 20.35
C ALA L 42 64.70 -23.52 19.39
N TRP L 43 63.60 -22.79 19.15
CA TRP L 43 62.64 -23.23 18.11
C TRP L 43 63.27 -22.98 16.76
N ASP L 44 64.01 -23.96 16.23
CA ASP L 44 64.54 -23.69 14.88
C ASP L 44 63.22 -23.50 14.14
N ILE L 45 62.31 -24.48 14.17
CA ILE L 45 60.91 -24.43 13.64
C ILE L 45 60.89 -23.88 12.23
N VAL L 46 61.94 -24.15 11.45
CA VAL L 46 62.03 -23.52 10.10
C VAL L 46 61.74 -22.03 10.36
N VAL L 47 62.32 -21.47 11.42
CA VAL L 47 62.07 -20.07 11.90
C VAL L 47 63.17 -19.24 11.28
N ASP L 48 63.83 -19.85 10.30
CA ASP L 48 64.76 -19.06 9.49
C ASP L 48 63.77 -18.28 8.63
N ASN L 49 62.76 -17.67 9.26
CA ASN L 49 61.66 -16.93 8.57
C ASN L 49 61.13 -15.84 9.50
N CYS L 50 60.11 -15.09 9.08
CA CYS L 50 59.61 -13.92 9.81
C CYS L 50 58.09 -13.81 9.88
N ALA L 51 57.58 -13.37 11.04
CA ALA L 51 56.16 -13.11 11.25
C ALA L 51 55.65 -11.95 10.40
N ILE L 52 56.45 -10.91 10.28
CA ILE L 52 56.06 -9.78 9.45
C ILE L 52 57.19 -9.47 8.49
N CYS L 53 57.09 -10.03 7.28
CA CYS L 53 58.20 -10.00 6.32
C CYS L 53 58.28 -11.24 5.45
N ARG L 54 57.96 -12.39 6.02
CA ARG L 54 58.07 -13.69 5.36
C ARG L 54 59.51 -14.15 5.17
N ASN L 55 60.29 -13.36 4.44
CA ASN L 55 61.61 -13.76 3.98
C ASN L 55 62.51 -14.29 5.08
N HIS L 56 63.39 -15.22 4.69
CA HIS L 56 64.35 -15.88 5.56
C HIS L 56 65.15 -14.84 6.34
N ILE L 57 65.41 -15.13 7.61
CA ILE L 57 66.11 -14.18 8.47
C ILE L 57 67.56 -13.92 8.06
N MET L 58 68.19 -14.86 7.35
CA MET L 58 69.55 -14.65 6.90
C MET L 58 69.58 -14.00 5.52
N ASP L 59 68.41 -13.73 4.97
CA ASP L 59 68.29 -13.01 3.72
C ASP L 59 68.15 -11.53 4.05
N LEU L 60 68.02 -10.71 3.04
CA LEU L 60 67.86 -9.28 3.26
C LEU L 60 66.38 -8.96 3.54
N CYS L 61 66.14 -8.07 4.49
CA CYS L 61 64.78 -7.81 4.99
C CYS L 61 63.93 -6.94 4.06
N ILE L 62 63.78 -7.36 2.81
CA ILE L 62 62.99 -6.64 1.81
C ILE L 62 63.56 -5.27 1.49
N GLU L 63 63.58 -4.39 2.49
CA GLU L 63 64.04 -3.01 2.37
C GLU L 63 65.56 -2.92 2.23
N CYS L 64 66.24 -4.05 2.40
CA CYS L 64 67.68 -4.13 2.16
C CYS L 64 68.02 -4.89 0.88
N GLN L 65 66.99 -5.34 0.14
CA GLN L 65 67.21 -6.03 -1.13
C GLN L 65 67.41 -5.01 -2.23
N ALA L 66 67.17 -3.76 -1.88
CA ALA L 66 67.27 -2.60 -2.75
C ALA L 66 67.54 -1.41 -1.87
N ASN L 67 67.97 -0.30 -2.46
CA ASN L 67 68.27 0.87 -1.65
C ASN L 67 66.99 1.56 -1.20
N GLN L 68 66.32 0.96 -0.23
CA GLN L 68 65.06 1.46 0.29
C GLN L 68 65.25 2.04 1.69
N ALA L 69 65.52 1.17 2.67
CA ALA L 69 65.83 1.64 4.01
C ALA L 69 67.31 1.97 4.10
N SER L 70 68.11 1.27 3.32
CA SER L 70 69.56 1.47 3.30
C SER L 70 70.20 0.83 2.09
N ALA L 71 71.29 1.43 1.61
CA ALA L 71 72.11 0.79 0.57
C ALA L 71 73.01 -0.27 1.18
N THR L 72 73.21 -0.18 2.50
CA THR L 72 74.12 -1.06 3.21
C THR L 72 73.44 -2.37 3.57
N SER L 73 73.31 -3.24 2.60
CA SER L 73 72.60 -4.50 2.78
C SER L 73 73.35 -5.42 3.74
N GLU L 74 74.66 -5.20 3.84
CA GLU L 74 75.52 -5.98 4.73
C GLU L 74 75.33 -5.63 6.20
N GLU L 75 74.62 -4.53 6.47
CA GLU L 75 74.41 -4.09 7.83
C GLU L 75 73.08 -4.57 8.38
N CYS L 76 72.40 -5.44 7.63
CA CYS L 76 71.13 -5.95 8.07
C CYS L 76 71.32 -7.11 9.03
N THR L 77 70.85 -6.95 10.26
CA THR L 77 71.13 -7.89 11.35
C THR L 77 69.93 -8.74 11.75
N VAL L 78 70.21 -9.73 12.60
CA VAL L 78 69.21 -10.67 13.10
C VAL L 78 69.08 -10.59 14.61
N ALA L 79 67.83 -10.64 15.10
CA ALA L 79 67.55 -10.53 16.53
C ALA L 79 66.81 -11.76 17.05
N TRP L 80 66.95 -12.03 18.36
CA TRP L 80 66.22 -13.11 19.03
C TRP L 80 65.17 -12.58 19.99
N GLY L 81 64.07 -13.33 20.13
CA GLY L 81 62.99 -12.97 21.04
C GLY L 81 63.03 -13.78 22.34
N VAL L 82 61.87 -13.97 22.95
CA VAL L 82 61.76 -14.67 24.23
C VAL L 82 60.95 -15.96 24.11
N CYS L 83 60.73 -16.40 22.87
CA CYS L 83 59.93 -17.59 22.61
C CYS L 83 60.65 -18.57 21.69
N ASN L 84 61.94 -18.79 21.96
CA ASN L 84 62.75 -19.78 21.25
C ASN L 84 62.86 -19.55 19.74
N HIS L 85 62.87 -18.29 19.29
CA HIS L 85 63.00 -18.04 17.84
C HIS L 85 63.63 -16.70 17.53
N ALA L 86 64.05 -16.55 16.26
CA ALA L 86 64.67 -15.33 15.76
C ALA L 86 63.85 -14.66 14.65
N PHE L 87 64.28 -13.46 14.29
CA PHE L 87 63.67 -12.65 13.24
C PHE L 87 64.66 -11.58 12.75
N HIS L 88 64.42 -10.95 11.60
CA HIS L 88 65.29 -9.85 11.21
C HIS L 88 65.12 -8.73 12.19
N PHE L 89 66.22 -8.03 12.46
CA PHE L 89 66.17 -6.87 13.32
C PHE L 89 65.27 -5.79 12.71
N HIS L 90 65.52 -5.49 11.44
CA HIS L 90 64.85 -4.38 10.74
C HIS L 90 63.36 -4.60 10.49
N CYS L 91 62.98 -5.80 10.07
CA CYS L 91 61.60 -5.97 9.60
C CYS L 91 60.61 -6.01 10.75
N ILE L 92 61.13 -6.14 11.96
CA ILE L 92 60.28 -6.13 13.15
C ILE L 92 60.32 -4.77 13.86
N SER L 93 61.52 -4.18 14.00
CA SER L 93 61.64 -2.91 14.72
C SER L 93 61.04 -1.74 13.93
N ARG L 94 60.85 -1.93 12.62
CA ARG L 94 60.25 -0.90 11.79
C ARG L 94 58.80 -0.61 12.16
N TRP L 95 58.17 -1.51 12.91
CA TRP L 95 56.76 -1.34 13.25
C TRP L 95 56.57 -0.58 14.56
N LEU L 96 57.67 -0.18 15.19
CA LEU L 96 57.59 0.54 16.46
C LEU L 96 56.89 1.88 16.28
N LYS L 97 57.05 2.49 15.11
CA LYS L 97 56.43 3.77 14.79
C LYS L 97 54.92 3.62 14.55
N THR L 98 54.48 2.38 14.34
CA THR L 98 53.10 2.09 13.99
C THR L 98 52.29 1.70 15.23
N MET M 20 45.02 -58.10 36.83
CA MET M 20 46.00 -58.92 37.54
C MET M 20 46.17 -60.28 36.86
N SER M 21 45.69 -60.36 35.63
CA SER M 21 45.75 -61.59 34.86
C SER M 21 47.12 -61.77 34.23
N TYR M 22 48.09 -62.09 35.07
CA TYR M 22 49.46 -62.27 34.63
C TYR M 22 49.61 -63.64 33.99
N ASN M 23 50.42 -63.71 32.93
CA ASN M 23 50.60 -64.96 32.20
C ASN M 23 52.04 -65.26 31.85
N TYR M 24 52.31 -66.54 31.65
CA TYR M 24 53.62 -67.06 31.27
C TYR M 24 53.55 -67.68 29.89
N VAL M 25 54.45 -67.26 28.99
CA VAL M 25 54.38 -67.73 27.61
C VAL M 25 55.64 -68.46 27.17
N VAL M 26 55.47 -69.68 26.67
CA VAL M 26 56.57 -70.47 26.12
C VAL M 26 56.27 -71.07 24.76
N THR M 27 57.32 -71.50 24.10
CA THR M 27 57.19 -72.31 22.89
C THR M 27 57.22 -73.78 23.26
N ALA M 28 56.12 -74.49 22.96
CA ALA M 28 56.02 -75.91 23.24
C ALA M 28 56.70 -76.69 22.14
N GLN M 29 56.59 -76.16 20.92
CA GLN M 29 57.20 -76.73 19.73
C GLN M 29 57.84 -75.64 18.89
N LYS M 30 59.13 -75.77 18.64
CA LYS M 30 59.86 -74.81 17.85
C LYS M 30 59.18 -74.65 16.49
N PRO M 31 59.17 -73.43 15.94
CA PRO M 31 58.60 -73.09 14.65
C PRO M 31 59.35 -73.86 13.58
N THR M 32 58.66 -74.15 12.50
CA THR M 32 59.29 -74.95 11.42
C THR M 32 59.25 -74.16 10.13
N ALA M 33 58.19 -73.38 9.87
CA ALA M 33 58.00 -72.79 8.52
C ALA M 33 59.27 -72.17 7.94
N VAL M 34 59.60 -72.66 6.74
CA VAL M 34 60.77 -72.16 5.96
C VAL M 34 60.40 -70.78 5.42
N ASN M 35 60.68 -69.76 6.21
CA ASN M 35 60.41 -68.37 5.83
C ASN M 35 61.52 -67.86 4.91
N GLY M 36 61.69 -68.52 3.78
CA GLY M 36 62.78 -68.24 2.87
C GLY M 36 64.06 -68.93 3.34
N CYS M 37 65.13 -68.78 2.57
CA CYS M 37 66.42 -69.36 2.89
C CYS M 37 67.55 -68.57 2.27
N VAL M 38 68.75 -68.78 2.79
CA VAL M 38 69.95 -68.16 2.26
C VAL M 38 71.05 -69.19 2.04
N THR M 39 71.72 -69.11 0.90
CA THR M 39 72.82 -70.01 0.62
C THR M 39 74.05 -69.26 0.14
N GLY M 40 75.21 -69.87 0.35
CA GLY M 40 76.48 -69.23 0.00
C GLY M 40 77.65 -69.86 0.75
N HIS M 41 78.57 -69.01 1.22
CA HIS M 41 79.78 -69.47 1.89
C HIS M 41 79.95 -68.77 3.23
N PHE M 42 79.06 -69.08 4.16
CA PHE M 42 78.96 -68.35 5.42
C PHE M 42 79.86 -68.91 6.51
N THR M 43 79.96 -70.24 6.60
CA THR M 43 80.69 -70.85 7.69
C THR M 43 82.19 -70.90 7.40
N SER M 44 82.52 -70.88 6.13
CA SER M 44 83.90 -70.80 5.68
C SER M 44 83.92 -70.37 4.22
N ALA M 45 85.10 -70.00 3.73
CA ALA M 45 85.25 -69.62 2.33
C ALA M 45 84.93 -70.79 1.39
N GLU M 46 85.26 -72.00 1.83
CA GLU M 46 85.11 -73.19 1.00
C GLU M 46 83.77 -73.90 1.17
N ASP M 47 83.18 -73.83 2.37
CA ASP M 47 81.95 -74.56 2.67
C ASP M 47 80.78 -74.14 1.80
N LEU M 48 79.91 -75.09 1.51
CA LEU M 48 78.63 -74.81 0.88
C LEU M 48 77.55 -74.74 1.94
N ASN M 49 77.00 -73.55 2.15
CA ASN M 49 76.09 -73.33 3.27
C ASN M 49 74.64 -73.12 2.89
N LEU M 50 73.77 -73.42 3.85
CA LEU M 50 72.35 -73.14 3.78
C LEU M 50 71.82 -72.68 5.14
N LEU M 51 71.09 -71.58 5.15
CA LEU M 51 70.48 -71.10 6.37
C LEU M 51 68.98 -71.20 6.27
N ILE M 52 68.35 -71.85 7.25
CA ILE M 52 66.90 -72.03 7.25
C ILE M 52 66.23 -70.98 8.11
N ALA M 53 65.31 -70.24 7.52
CA ALA M 53 64.62 -69.18 8.24
C ALA M 53 63.45 -69.71 9.05
N LYS M 54 63.46 -69.43 10.35
CA LYS M 54 62.38 -69.84 11.23
C LYS M 54 61.84 -68.67 12.04
N ASN M 55 61.23 -67.71 11.35
CA ASN M 55 60.69 -66.50 11.95
C ASN M 55 61.75 -65.65 12.63
N THR M 56 62.06 -65.97 13.89
CA THR M 56 63.00 -65.21 14.69
C THR M 56 64.32 -65.95 14.83
N ARG M 57 64.36 -67.18 14.32
CA ARG M 57 65.52 -68.04 14.46
C ARG M 57 66.14 -68.42 13.12
N LEU M 58 67.41 -68.80 13.17
CA LEU M 58 68.14 -69.29 12.01
C LEU M 58 68.93 -70.55 12.33
N GLU M 59 68.79 -71.55 11.47
CA GLU M 59 69.57 -72.75 11.59
C GLU M 59 70.58 -72.85 10.45
N ILE M 60 71.86 -72.88 10.82
CA ILE M 60 72.93 -72.89 9.83
C ILE M 60 73.33 -74.32 9.54
N TYR M 61 73.32 -74.68 8.27
CA TYR M 61 73.70 -76.01 7.80
C TYR M 61 74.82 -75.95 6.76
N VAL M 62 75.56 -77.04 6.65
CA VAL M 62 76.54 -77.21 5.59
C VAL M 62 76.16 -78.44 4.78
N VAL M 63 76.26 -78.36 3.45
CA VAL M 63 75.88 -79.50 2.63
C VAL M 63 77.12 -80.27 2.19
N THR M 64 77.05 -81.58 2.36
CA THR M 64 78.13 -82.48 1.98
C THR M 64 77.53 -83.62 1.17
N ALA M 65 78.38 -84.52 0.66
CA ALA M 65 77.88 -85.63 -0.14
C ALA M 65 76.88 -86.48 0.62
N GLU M 66 77.08 -86.57 1.94
CA GLU M 66 76.25 -87.40 2.81
C GLU M 66 74.88 -86.78 3.14
N GLY M 67 74.67 -85.53 2.76
CA GLY M 67 73.40 -84.86 3.07
C GLY M 67 73.63 -83.48 3.68
N LEU M 68 72.57 -82.92 4.24
CA LEU M 68 72.65 -81.58 4.84
C LEU M 68 72.84 -81.70 6.34
N ARG M 69 73.97 -81.20 6.84
CA ARG M 69 74.30 -81.36 8.25
C ARG M 69 74.28 -80.02 8.97
N PRO M 70 73.80 -79.98 10.22
CA PRO M 70 73.70 -78.80 11.06
C PRO M 70 75.08 -78.30 11.46
N VAL M 71 75.19 -76.99 11.59
CA VAL M 71 76.40 -76.34 12.07
C VAL M 71 76.13 -75.61 13.37
N LYS M 72 75.16 -74.69 13.33
CA LYS M 72 74.88 -73.84 14.47
C LYS M 72 73.44 -73.32 14.48
N GLU M 73 72.81 -73.37 15.66
CA GLU M 73 71.49 -72.77 15.84
C GLU M 73 71.61 -71.43 16.56
N VAL M 74 71.06 -70.37 15.96
CA VAL M 74 71.11 -69.05 16.56
C VAL M 74 69.73 -68.39 16.58
N GLY M 75 69.58 -67.34 17.38
CA GLY M 75 68.33 -66.59 17.40
C GLY M 75 68.57 -65.09 17.53
N MET M 76 67.58 -64.32 17.08
CA MET M 76 67.62 -62.87 17.15
C MET M 76 66.36 -62.35 17.84
N TYR M 77 66.48 -61.26 18.59
CA TYR M 77 65.29 -60.70 19.20
C TYR M 77 64.48 -59.90 18.19
N GLY M 78 63.78 -60.62 17.32
CA GLY M 78 62.93 -60.01 16.32
C GLY M 78 62.68 -60.90 15.11
N LYS M 79 61.50 -60.74 14.51
CA LYS M 79 61.17 -61.43 13.27
C LYS M 79 62.05 -60.91 12.16
N ILE M 80 62.52 -61.79 11.29
CA ILE M 80 63.39 -61.38 10.21
C ILE M 80 62.64 -61.14 8.90
N ALA M 81 62.87 -59.98 8.31
CA ALA M 81 62.27 -59.62 7.03
C ALA M 81 63.27 -59.84 5.89
N VAL M 82 64.54 -59.55 6.16
CA VAL M 82 65.59 -59.66 5.15
C VAL M 82 66.76 -60.48 5.67
N MET M 83 67.23 -61.39 4.84
CA MET M 83 68.45 -62.14 5.13
C MET M 83 69.19 -62.47 3.84
N GLU M 84 70.47 -62.12 3.78
CA GLU M 84 71.27 -62.36 2.57
C GLU M 84 72.78 -62.43 2.86
N LEU M 85 73.52 -63.14 2.01
CA LEU M 85 74.98 -63.21 2.14
C LEU M 85 75.71 -62.34 1.11
N PHE M 86 76.80 -61.70 1.54
CA PHE M 86 77.58 -60.86 0.64
C PHE M 86 79.08 -60.83 0.97
N ARG M 87 79.89 -60.42 0.01
CA ARG M 87 81.35 -60.32 0.20
C ARG M 87 81.87 -58.95 -0.25
N PRO M 88 81.97 -57.97 0.66
CA PRO M 88 82.23 -56.56 0.40
C PRO M 88 83.68 -56.28 0.04
N LYS M 89 84.14 -56.87 -1.06
CA LYS M 89 85.47 -56.60 -1.60
C LYS M 89 86.61 -56.83 -0.60
N GLY M 90 87.02 -58.08 -0.43
CA GLY M 90 88.18 -58.39 0.40
C GLY M 90 87.94 -59.50 1.42
N GLU M 91 86.68 -59.80 1.70
CA GLU M 91 86.39 -60.87 2.64
C GLU M 91 86.51 -62.23 1.96
N SER M 92 87.03 -63.22 2.68
CA SER M 92 87.11 -64.58 2.17
C SER M 92 85.83 -65.35 2.43
N LYS M 93 85.13 -64.95 3.48
CA LYS M 93 83.86 -65.57 3.87
C LYS M 93 82.73 -64.63 3.51
N ASP M 94 81.55 -65.18 3.31
CA ASP M 94 80.38 -64.32 3.16
C ASP M 94 80.01 -63.71 4.51
N LEU M 95 79.52 -62.49 4.48
CA LEU M 95 78.92 -61.89 5.67
C LEU M 95 77.41 -61.95 5.53
N LEU M 96 76.72 -62.08 6.65
CA LEU M 96 75.27 -62.19 6.61
C LEU M 96 74.62 -60.88 7.05
N PHE M 97 73.77 -60.35 6.18
CA PHE M 97 73.01 -59.16 6.53
C PHE M 97 71.61 -59.55 6.94
N ILE M 98 71.17 -59.00 8.07
CA ILE M 98 69.80 -59.24 8.53
C ILE M 98 69.08 -57.96 8.91
N LEU M 99 67.83 -57.85 8.46
CA LEU M 99 66.95 -56.77 8.88
C LEU M 99 65.66 -57.34 9.47
N THR M 100 65.33 -56.91 10.68
CA THR M 100 64.14 -57.39 11.34
C THR M 100 62.88 -56.64 10.88
N ALA M 101 61.73 -57.17 11.26
CA ALA M 101 60.43 -56.57 10.96
C ALA M 101 60.24 -55.26 11.70
N LYS M 102 61.10 -55.01 12.68
CA LYS M 102 61.09 -53.79 13.50
C LYS M 102 62.10 -52.81 12.94
N TYR M 103 62.66 -53.16 11.78
CA TYR M 103 63.67 -52.40 11.05
C TYR M 103 65.01 -52.32 11.74
N ASN M 104 65.41 -53.35 12.48
CA ASN M 104 66.73 -53.35 13.09
C ASN M 104 67.71 -54.16 12.27
N ALA M 105 68.64 -53.45 11.64
CA ALA M 105 69.59 -54.04 10.71
C ALA M 105 70.88 -54.46 11.40
N CYS M 106 71.55 -55.46 10.84
CA CYS M 106 72.90 -55.80 11.29
C CYS M 106 73.73 -56.49 10.22
N ILE M 107 75.05 -56.38 10.36
CA ILE M 107 76.00 -57.15 9.55
C ILE M 107 76.75 -58.13 10.43
N LEU M 108 76.68 -59.40 10.04
CA LEU M 108 77.15 -60.50 10.86
C LEU M 108 78.30 -61.30 10.24
N GLU M 109 79.30 -61.59 11.06
CA GLU M 109 80.39 -62.48 10.64
C GLU M 109 80.36 -63.80 11.40
N TYR M 110 80.47 -64.89 10.66
CA TYR M 110 80.55 -66.20 11.27
C TYR M 110 81.94 -66.40 11.87
N LYS M 111 81.99 -66.85 13.11
CA LYS M 111 83.26 -67.12 13.77
C LYS M 111 83.28 -68.49 14.42
N GLN M 112 84.27 -69.30 14.05
CA GLN M 112 84.40 -70.62 14.63
C GLN M 112 85.75 -70.83 15.30
N SER M 113 85.76 -70.72 16.62
CA SER M 113 86.97 -70.91 17.40
C SER M 113 87.14 -72.37 17.72
N GLY M 114 87.55 -73.15 16.72
CA GLY M 114 87.61 -74.59 16.86
C GLY M 114 86.20 -75.15 16.97
N GLU M 115 85.89 -75.77 18.10
CA GLU M 115 84.56 -76.34 18.31
C GLU M 115 83.53 -75.27 18.70
N SER M 116 83.99 -74.09 19.07
CA SER M 116 83.09 -73.03 19.54
C SER M 116 82.62 -72.12 18.42
N ILE M 117 81.31 -72.19 18.14
CA ILE M 117 80.74 -71.44 17.03
C ILE M 117 79.75 -70.37 17.50
N ASP M 118 79.95 -69.15 17.02
CA ASP M 118 79.04 -68.05 17.32
C ASP M 118 79.04 -67.02 16.19
N ILE M 119 78.23 -65.98 16.34
CA ILE M 119 78.17 -64.91 15.34
C ILE M 119 78.59 -63.57 15.93
N ILE M 120 79.53 -62.91 15.24
CA ILE M 120 80.04 -61.63 15.68
C ILE M 120 79.39 -60.49 14.91
N THR M 121 78.85 -59.54 15.64
CA THR M 121 78.19 -58.40 15.01
C THR M 121 79.24 -57.36 14.64
N ARG M 122 79.23 -56.93 13.39
CA ARG M 122 80.17 -55.93 12.93
C ARG M 122 79.51 -54.58 12.82
N ALA M 123 78.21 -54.60 12.52
CA ALA M 123 77.44 -53.37 12.40
C ALA M 123 76.00 -53.61 12.81
N HIS M 124 75.36 -52.58 13.35
CA HIS M 124 73.93 -52.68 13.69
C HIS M 124 73.27 -51.31 13.87
N GLY M 125 71.97 -51.25 13.63
CA GLY M 125 71.19 -50.04 13.86
C GLY M 125 69.84 -50.07 13.15
N ASN M 126 68.93 -49.19 13.56
CA ASN M 126 67.58 -49.13 12.98
C ASN M 126 67.55 -48.36 11.67
N VAL M 127 66.78 -48.87 10.71
CA VAL M 127 66.64 -48.23 9.40
C VAL M 127 65.20 -47.89 9.03
N GLN M 128 64.40 -47.51 10.01
CA GLN M 128 63.00 -47.14 9.76
C GLN M 128 62.84 -45.65 9.49
N ASP M 129 61.91 -45.32 8.60
CA ASP M 129 61.53 -43.92 8.37
C ASP M 129 60.43 -43.49 9.34
N ARG M 130 60.72 -42.44 10.11
CA ARG M 130 59.82 -41.99 11.18
C ARG M 130 58.47 -41.50 10.68
N ILE M 131 58.47 -40.69 9.61
CA ILE M 131 57.22 -40.12 9.11
C ILE M 131 56.91 -40.61 7.70
N GLY M 132 55.73 -41.20 7.54
CA GLY M 132 55.28 -41.73 6.27
C GLY M 132 54.56 -43.05 6.49
N ARG M 133 54.29 -43.77 5.41
CA ARG M 133 53.60 -45.05 5.50
C ARG M 133 54.33 -46.10 4.66
N PRO M 134 54.51 -47.32 5.19
CA PRO M 134 55.29 -48.42 4.66
C PRO M 134 54.69 -48.97 3.37
N SER M 135 55.54 -49.60 2.56
CA SER M 135 55.12 -50.24 1.32
C SER M 135 54.18 -51.41 1.57
N GLU M 136 53.22 -51.58 0.66
CA GLU M 136 52.28 -52.70 0.72
C GLU M 136 52.97 -54.02 0.39
N THR M 137 54.19 -53.94 -0.10
CA THR M 137 54.99 -55.10 -0.44
C THR M 137 55.71 -55.65 0.77
N GLY M 138 55.70 -54.89 1.86
CA GLY M 138 56.45 -55.24 3.05
C GLY M 138 57.91 -54.83 2.90
N ILE M 139 58.75 -55.35 3.77
CA ILE M 139 60.16 -54.99 3.75
C ILE M 139 60.95 -55.87 2.80
N ILE M 140 61.42 -55.27 1.71
CA ILE M 140 62.19 -56.00 0.70
C ILE M 140 63.62 -55.52 0.64
N GLY M 141 64.57 -56.40 0.92
CA GLY M 141 65.98 -56.01 0.94
C GLY M 141 66.83 -56.82 -0.01
N ILE M 142 67.60 -56.12 -0.84
CA ILE M 142 68.46 -56.74 -1.84
C ILE M 142 69.88 -56.19 -1.81
N ILE M 143 70.85 -57.03 -2.15
CA ILE M 143 72.25 -56.61 -2.11
C ILE M 143 72.93 -56.53 -3.47
N ASP M 144 73.61 -55.42 -3.67
CA ASP M 144 74.44 -55.16 -4.85
C ASP M 144 75.46 -56.27 -5.03
N PRO M 145 75.55 -56.91 -6.21
CA PRO M 145 76.51 -57.98 -6.51
C PRO M 145 77.95 -57.48 -6.38
N GLU M 146 78.13 -56.16 -6.47
CA GLU M 146 79.45 -55.55 -6.27
C GLU M 146 79.59 -55.14 -4.81
N CYS M 147 78.56 -55.42 -4.05
CA CYS M 147 78.49 -55.18 -2.62
C CYS M 147 78.84 -53.77 -2.18
N ARG M 148 78.35 -52.75 -2.92
CA ARG M 148 78.58 -51.38 -2.49
C ARG M 148 77.59 -51.01 -1.39
N MET M 149 76.35 -51.49 -1.54
CA MET M 149 75.29 -51.15 -0.62
C MET M 149 74.17 -52.18 -0.66
N ILE M 150 73.36 -52.18 0.39
CA ILE M 150 72.10 -52.91 0.37
C ILE M 150 70.97 -51.93 0.15
N GLY M 151 70.11 -52.24 -0.81
CA GLY M 151 68.99 -51.38 -1.13
C GLY M 151 67.69 -52.01 -0.66
N LEU M 152 66.78 -51.18 -0.16
CA LEU M 152 65.53 -51.71 0.35
C LEU M 152 64.31 -50.89 -0.03
N ARG M 153 63.24 -51.57 -0.39
CA ARG M 153 61.95 -50.93 -0.62
C ARG M 153 61.14 -50.99 0.66
N LEU M 154 61.05 -49.87 1.35
CA LEU M 154 60.47 -49.89 2.69
C LEU M 154 59.19 -49.07 2.78
N TYR M 155 59.20 -47.88 2.17
CA TYR M 155 58.11 -46.93 2.28
C TYR M 155 57.60 -46.50 0.90
N ASP M 156 56.38 -45.96 0.86
CA ASP M 156 55.80 -45.53 -0.41
C ASP M 156 56.64 -44.45 -1.08
N GLY M 157 57.25 -44.80 -2.21
CA GLY M 157 58.15 -43.90 -2.93
C GLY M 157 59.53 -43.77 -2.29
N LEU M 158 59.82 -44.60 -1.29
CA LEU M 158 61.09 -44.50 -0.57
C LEU M 158 61.95 -45.76 -0.64
N PHE M 159 63.14 -45.59 -1.22
CA PHE M 159 64.11 -46.66 -1.35
C PHE M 159 65.32 -46.34 -0.49
N LYS M 160 65.60 -47.20 0.47
CA LYS M 160 66.67 -46.93 1.42
C LYS M 160 67.93 -47.70 1.04
N VAL M 161 69.05 -47.00 1.00
CA VAL M 161 70.33 -47.64 0.68
C VAL M 161 71.37 -47.45 1.78
N ILE M 162 71.97 -48.56 2.19
CA ILE M 162 72.97 -48.56 3.26
C ILE M 162 74.28 -49.15 2.76
N PRO M 163 75.38 -48.41 2.77
CA PRO M 163 76.70 -48.85 2.35
C PRO M 163 77.09 -50.09 3.12
N LEU M 164 77.56 -51.11 2.41
CA LEU M 164 78.01 -52.34 3.03
C LEU M 164 79.49 -52.25 3.32
N ASP M 165 79.84 -51.30 4.16
CA ASP M 165 81.23 -51.00 4.47
C ASP M 165 81.66 -51.75 5.72
N ARG M 166 82.92 -51.56 6.11
CA ARG M 166 83.44 -52.14 7.32
C ARG M 166 83.33 -51.13 8.45
N ASP M 167 83.39 -49.85 8.08
CA ASP M 167 83.38 -48.77 9.05
C ASP M 167 81.98 -48.22 9.31
N ASN M 168 80.99 -48.70 8.58
CA ASN M 168 79.63 -48.21 8.75
C ASN M 168 78.94 -48.99 9.86
N LYS M 169 79.48 -48.86 11.07
CA LYS M 169 79.04 -49.65 12.21
C LYS M 169 77.61 -49.35 12.59
N GLU M 170 77.21 -48.10 12.44
CA GLU M 170 75.85 -47.68 12.77
C GLU M 170 74.88 -47.94 11.63
N LEU M 171 75.39 -48.41 10.49
CA LEU M 171 74.58 -48.63 9.30
C LEU M 171 73.83 -47.40 8.86
N LYS M 172 74.56 -46.29 8.69
CA LYS M 172 73.94 -45.06 8.25
C LYS M 172 73.25 -45.30 6.92
N ALA M 173 72.00 -44.86 6.83
CA ALA M 173 71.19 -45.09 5.65
C ALA M 173 70.92 -43.80 4.88
N PHE M 174 70.77 -43.94 3.57
CA PHE M 174 70.47 -42.82 2.69
C PHE M 174 69.14 -43.07 1.97
N ASN M 175 68.40 -42.01 1.70
CA ASN M 175 67.06 -42.11 1.13
C ASN M 175 66.94 -41.61 -0.30
N ILE M 176 66.68 -42.52 -1.23
CA ILE M 176 66.50 -42.16 -2.63
C ILE M 176 65.01 -42.13 -2.96
N ARG M 177 64.54 -41.01 -3.51
CA ARG M 177 63.13 -40.92 -3.89
C ARG M 177 62.87 -41.71 -5.18
N LEU M 178 61.85 -42.54 -5.15
CA LEU M 178 61.52 -43.42 -6.26
C LEU M 178 60.29 -42.96 -7.04
N GLU M 179 60.42 -42.87 -8.36
CA GLU M 179 59.30 -42.50 -9.22
C GLU M 179 58.26 -43.60 -9.26
N GLU M 180 58.73 -44.84 -9.29
CA GLU M 180 57.85 -45.99 -9.30
C GLU M 180 57.38 -46.27 -7.89
N LEU M 181 56.38 -45.52 -7.47
CA LEU M 181 55.92 -45.50 -6.08
C LEU M 181 55.50 -46.89 -5.63
N HIS M 182 54.90 -47.63 -6.56
CA HIS M 182 54.38 -48.96 -6.30
C HIS M 182 55.10 -50.00 -7.17
N VAL M 183 55.84 -50.89 -6.52
CA VAL M 183 56.59 -51.90 -7.25
C VAL M 183 56.16 -53.28 -6.80
N ILE M 184 56.51 -54.28 -7.58
CA ILE M 184 56.16 -55.65 -7.23
C ILE M 184 57.40 -56.42 -6.72
N ASP M 185 58.49 -56.37 -7.50
CA ASP M 185 59.70 -57.11 -7.14
C ASP M 185 60.97 -56.42 -7.63
N VAL M 186 61.87 -56.12 -6.70
CA VAL M 186 63.13 -55.46 -7.03
C VAL M 186 64.31 -56.37 -6.74
N LYS M 187 65.24 -56.47 -7.69
CA LYS M 187 66.49 -57.21 -7.51
C LYS M 187 67.66 -56.47 -8.14
N PHE M 188 68.85 -56.57 -7.55
CA PHE M 188 70.00 -55.96 -8.18
C PHE M 188 70.37 -56.71 -9.46
N LEU M 189 70.73 -55.95 -10.48
CA LEU M 189 70.94 -56.46 -11.83
C LEU M 189 72.40 -56.80 -12.12
N TYR M 190 72.59 -57.75 -13.03
CA TYR M 190 73.91 -58.16 -13.53
C TYR M 190 74.16 -57.65 -14.95
N GLY M 191 75.43 -57.57 -15.32
CA GLY M 191 75.80 -57.13 -16.67
C GLY M 191 76.06 -55.64 -16.72
N CYS M 192 76.23 -55.03 -15.56
CA CYS M 192 76.48 -53.60 -15.44
C CYS M 192 77.47 -53.31 -14.33
N GLN M 193 78.42 -52.42 -14.59
CA GLN M 193 79.43 -52.06 -13.60
C GLN M 193 78.84 -51.23 -12.47
N ALA M 194 77.69 -50.63 -12.75
CA ALA M 194 77.01 -49.78 -11.79
C ALA M 194 76.09 -50.63 -10.92
N PRO M 195 75.79 -50.19 -9.70
CA PRO M 195 74.91 -50.86 -8.75
C PRO M 195 73.46 -50.70 -9.17
N THR M 196 73.11 -51.31 -10.29
CA THR M 196 71.79 -51.15 -10.84
C THR M 196 70.80 -52.18 -10.32
N ILE M 197 69.53 -51.83 -10.42
CA ILE M 197 68.43 -52.68 -10.03
C ILE M 197 67.44 -52.86 -11.16
N CYS M 198 67.02 -54.10 -11.36
CA CYS M 198 65.98 -54.41 -12.34
C CYS M 198 64.73 -54.81 -11.59
N PHE M 199 63.60 -54.30 -12.00
CA PHE M 199 62.40 -54.55 -11.23
C PHE M 199 61.12 -54.57 -12.03
N VAL M 200 60.11 -55.22 -11.46
CA VAL M 200 58.76 -55.23 -12.02
C VAL M 200 57.91 -54.29 -11.19
N TYR M 201 57.20 -53.39 -11.86
CA TYR M 201 56.41 -52.40 -11.14
C TYR M 201 55.11 -52.08 -11.85
N GLN M 202 54.19 -51.44 -11.13
CA GLN M 202 52.87 -51.12 -11.64
C GLN M 202 52.67 -49.62 -11.85
N ASP M 203 52.31 -49.24 -13.08
CA ASP M 203 52.01 -47.84 -13.38
C ASP M 203 50.80 -47.81 -14.35
N PRO M 204 50.37 -46.65 -14.87
CA PRO M 204 49.23 -46.48 -15.77
C PRO M 204 49.37 -47.22 -17.09
N GLN M 205 50.57 -47.70 -17.40
CA GLN M 205 50.83 -48.42 -18.65
C GLN M 205 50.71 -49.92 -18.44
N GLY M 206 50.33 -50.33 -17.22
CA GLY M 206 50.27 -51.74 -16.85
C GLY M 206 51.56 -52.14 -16.17
N ARG M 207 51.88 -53.42 -16.15
CA ARG M 207 53.11 -53.83 -15.50
C ARG M 207 54.27 -53.79 -16.48
N HIS M 208 55.37 -53.22 -16.01
CA HIS M 208 56.57 -53.05 -16.82
C HIS M 208 57.82 -53.47 -16.07
N VAL M 209 58.86 -53.79 -16.83
CA VAL M 209 60.18 -54.03 -16.25
C VAL M 209 61.08 -52.87 -16.56
N LYS M 210 61.72 -52.34 -15.53
CA LYS M 210 62.59 -51.18 -15.68
C LYS M 210 63.87 -51.33 -14.89
N THR M 211 64.87 -50.53 -15.23
CA THR M 211 66.09 -50.53 -14.45
C THR M 211 66.53 -49.13 -14.06
N TYR M 212 67.38 -49.07 -13.02
CA TYR M 212 68.04 -47.83 -12.63
C TYR M 212 69.31 -48.09 -11.82
N GLU M 213 70.16 -47.06 -11.74
CA GLU M 213 71.36 -47.07 -10.90
C GLU M 213 71.14 -46.37 -9.58
N VAL M 214 71.33 -47.08 -8.48
CA VAL M 214 71.14 -46.46 -7.17
C VAL M 214 72.34 -45.60 -6.83
N SER M 215 72.10 -44.46 -6.23
CA SER M 215 73.20 -43.62 -5.76
C SER M 215 72.90 -43.07 -4.37
N LEU M 216 73.53 -43.67 -3.37
CA LEU M 216 73.26 -43.35 -1.98
C LEU M 216 73.84 -42.01 -1.56
N ARG M 217 74.91 -41.58 -2.21
CA ARG M 217 75.54 -40.32 -1.88
C ARG M 217 74.79 -39.16 -2.52
N GLU M 218 74.20 -39.41 -3.68
CA GLU M 218 73.44 -38.41 -4.41
C GLU M 218 71.98 -38.41 -3.99
N LYS M 219 71.52 -39.54 -3.45
CA LYS M 219 70.11 -39.74 -3.10
C LYS M 219 69.23 -39.62 -4.33
N GLU M 220 69.70 -40.23 -5.42
CA GLU M 220 69.04 -40.15 -6.72
C GLU M 220 69.14 -41.47 -7.50
N PHE M 221 68.22 -41.69 -8.43
CA PHE M 221 68.31 -42.82 -9.35
C PHE M 221 68.77 -42.39 -10.73
N ASN M 222 69.92 -42.89 -11.14
CA ASN M 222 70.49 -42.56 -12.44
C ASN M 222 70.10 -43.63 -13.45
N LYS M 223 70.11 -43.30 -14.73
CA LYS M 223 69.83 -44.31 -15.74
C LYS M 223 71.12 -44.97 -16.19
N GLY M 224 71.08 -46.26 -16.57
CA GLY M 224 69.88 -47.08 -16.61
C GLY M 224 70.01 -48.10 -17.74
N PRO M 225 70.29 -49.37 -17.41
CA PRO M 225 70.48 -50.49 -18.33
C PRO M 225 69.40 -50.59 -19.40
N TRP M 226 68.14 -50.35 -19.03
CA TRP M 226 67.07 -50.26 -20.02
C TRP M 226 65.84 -49.51 -19.53
N LYS M 227 64.95 -49.21 -20.46
CA LYS M 227 63.74 -48.42 -20.21
C LYS M 227 62.60 -49.32 -19.81
N GLN M 228 61.55 -48.76 -19.23
CA GLN M 228 60.42 -49.59 -18.88
C GLN M 228 59.92 -50.29 -20.14
N GLU M 229 59.68 -51.59 -20.02
CA GLU M 229 59.17 -52.37 -21.15
C GLU M 229 58.01 -53.24 -20.71
N ASN M 230 57.09 -53.48 -21.63
CA ASN M 230 55.88 -54.23 -21.35
C ASN M 230 56.17 -55.67 -20.95
N VAL M 231 55.56 -56.10 -19.86
CA VAL M 231 55.65 -57.50 -19.42
C VAL M 231 54.25 -58.05 -19.19
N GLU M 232 54.16 -59.36 -19.05
CA GLU M 232 52.89 -60.00 -18.79
C GLU M 232 52.14 -59.29 -17.67
N ALA M 233 50.83 -59.12 -17.84
CA ALA M 233 50.02 -58.41 -16.85
C ALA M 233 50.12 -59.06 -15.46
N GLU M 234 50.42 -60.35 -15.45
CA GLU M 234 50.55 -61.13 -14.21
C GLU M 234 52.01 -61.24 -13.78
N ALA M 235 52.91 -60.54 -14.48
CA ALA M 235 54.32 -60.56 -14.15
C ALA M 235 54.55 -60.08 -12.74
N SER M 236 55.39 -60.80 -12.01
CA SER M 236 55.69 -60.40 -10.64
C SER M 236 57.13 -60.66 -10.26
N MET M 237 57.77 -61.61 -10.92
CA MET M 237 59.11 -62.03 -10.51
C MET M 237 60.17 -61.52 -11.46
N VAL M 238 61.28 -61.02 -10.90
CA VAL M 238 62.44 -60.67 -11.71
C VAL M 238 63.69 -61.43 -11.26
N ILE M 239 64.37 -62.04 -12.21
CA ILE M 239 65.61 -62.76 -11.91
C ILE M 239 66.77 -62.00 -12.51
N ALA M 240 67.74 -61.64 -11.70
CA ALA M 240 68.93 -61.03 -12.25
C ALA M 240 69.80 -62.15 -12.84
N VAL M 241 70.28 -61.94 -14.06
CA VAL M 241 71.04 -62.96 -14.78
C VAL M 241 72.54 -62.68 -14.82
N PRO M 242 73.36 -63.54 -14.20
CA PRO M 242 74.81 -63.43 -14.13
C PRO M 242 75.48 -63.37 -15.49
N GLU M 243 76.61 -62.68 -15.52
CA GLU M 243 77.44 -62.61 -16.71
C GLU M 243 77.93 -64.02 -17.03
N PRO M 244 78.21 -64.33 -18.31
CA PRO M 244 78.30 -63.48 -19.48
C PRO M 244 76.96 -63.01 -20.06
N PHE M 245 75.84 -63.55 -19.59
CA PHE M 245 74.56 -63.15 -20.18
C PHE M 245 74.16 -61.75 -19.76
N GLY M 246 74.13 -61.52 -18.45
CA GLY M 246 73.65 -60.24 -17.93
C GLY M 246 72.14 -60.18 -18.13
N GLY M 247 71.53 -59.04 -17.81
CA GLY M 247 70.12 -58.85 -18.08
C GLY M 247 69.24 -59.48 -16.99
N ALA M 248 67.94 -59.62 -17.28
CA ALA M 248 67.01 -60.12 -16.28
C ALA M 248 65.86 -60.91 -16.90
N ILE M 249 65.30 -61.82 -16.11
CA ILE M 249 64.18 -62.65 -16.54
C ILE M 249 62.90 -62.31 -15.78
N ILE M 250 61.83 -62.06 -16.52
CA ILE M 250 60.56 -61.70 -15.91
C ILE M 250 59.54 -62.82 -16.04
N ILE M 251 58.95 -63.23 -14.92
CA ILE M 251 58.02 -64.35 -14.91
C ILE M 251 56.63 -63.96 -14.41
N GLY M 252 55.61 -64.32 -15.19
CA GLY M 252 54.21 -64.12 -14.83
C GLY M 252 53.49 -65.46 -14.66
N GLN M 253 52.25 -65.54 -15.15
CA GLN M 253 51.46 -66.76 -15.01
C GLN M 253 51.65 -67.68 -16.21
N GLU M 254 51.60 -67.12 -17.40
CA GLU M 254 51.65 -67.94 -18.61
C GLU M 254 52.93 -67.76 -19.41
N SER M 255 53.74 -66.76 -19.09
CA SER M 255 54.91 -66.51 -19.93
C SER M 255 56.13 -66.02 -19.16
N ILE M 256 57.28 -66.24 -19.78
CA ILE M 256 58.56 -65.74 -19.30
C ILE M 256 59.25 -64.93 -20.38
N THR M 257 59.77 -63.77 -20.00
CA THR M 257 60.53 -62.95 -20.93
C THR M 257 61.92 -62.66 -20.40
N TYR M 258 62.86 -62.42 -21.30
CA TYR M 258 64.20 -62.01 -20.92
C TYR M 258 64.52 -60.66 -21.50
N HIS M 259 64.99 -59.74 -20.67
CA HIS M 259 65.26 -58.39 -21.12
C HIS M 259 66.72 -58.01 -20.96
N ASN M 260 67.26 -57.36 -21.99
CA ASN M 260 68.63 -56.87 -21.98
C ASN M 260 68.78 -55.73 -22.98
N GLY M 261 68.92 -54.52 -22.48
CA GLY M 261 68.95 -53.34 -23.35
C GLY M 261 67.61 -53.14 -24.03
N ASP M 262 67.62 -52.97 -25.35
CA ASP M 262 66.40 -52.70 -26.10
C ASP M 262 65.77 -53.96 -26.70
N LYS M 263 66.30 -55.13 -26.36
CA LYS M 263 65.79 -56.37 -26.92
C LYS M 263 65.26 -57.31 -25.85
N TYR M 264 64.35 -58.20 -26.25
CA TYR M 264 63.90 -59.23 -25.34
C TYR M 264 63.45 -60.49 -26.05
N LEU M 265 63.50 -61.60 -25.31
CA LEU M 265 63.03 -62.90 -25.77
C LEU M 265 61.79 -63.30 -24.98
N ALA M 266 60.95 -64.16 -25.54
CA ALA M 266 59.77 -64.61 -24.81
C ALA M 266 59.39 -66.06 -25.12
N ILE M 267 58.85 -66.74 -24.11
CA ILE M 267 58.32 -68.09 -24.21
C ILE M 267 57.08 -68.25 -23.33
N ALA M 268 56.13 -69.07 -23.74
CA ALA M 268 54.94 -69.31 -22.92
C ALA M 268 54.55 -70.80 -22.83
N PRO M 269 55.26 -71.58 -21.99
CA PRO M 269 55.06 -73.00 -21.77
C PRO M 269 53.73 -73.26 -21.06
N PRO M 270 52.96 -74.27 -21.48
CA PRO M 270 51.70 -74.68 -20.88
C PRO M 270 51.92 -75.26 -19.49
N ILE M 271 53.15 -75.68 -19.24
CA ILE M 271 53.49 -76.31 -17.97
C ILE M 271 53.58 -75.29 -16.83
N ILE M 272 53.90 -74.03 -17.16
CA ILE M 272 53.87 -73.00 -16.13
C ILE M 272 52.52 -72.31 -16.15
N LYS M 273 51.86 -72.30 -17.30
CA LYS M 273 50.55 -71.67 -17.42
C LYS M 273 49.54 -72.27 -16.46
N GLN M 274 49.67 -73.57 -16.22
CA GLN M 274 48.75 -74.32 -15.35
C GLN M 274 48.95 -74.07 -13.86
N SER M 275 50.01 -73.36 -13.47
CA SER M 275 50.26 -73.10 -12.05
C SER M 275 50.95 -71.75 -11.85
N THR M 276 50.92 -71.23 -10.63
CA THR M 276 51.55 -69.95 -10.38
C THR M 276 52.94 -70.13 -9.79
N ILE M 277 53.95 -69.61 -10.48
CA ILE M 277 55.33 -69.73 -10.02
C ILE M 277 55.51 -68.82 -8.82
N VAL M 278 56.07 -69.37 -7.75
CA VAL M 278 56.24 -68.67 -6.50
C VAL M 278 57.65 -68.11 -6.34
N CYS M 279 58.65 -68.91 -6.68
CA CYS M 279 60.03 -68.49 -6.46
C CYS M 279 60.98 -69.08 -7.48
N HIS M 280 62.20 -68.55 -7.49
CA HIS M 280 63.24 -68.98 -8.41
C HIS M 280 64.61 -69.09 -7.74
N ASN M 281 65.52 -69.83 -8.38
CA ASN M 281 66.91 -69.88 -7.93
C ASN M 281 67.89 -70.22 -9.06
N ARG M 282 68.98 -69.45 -9.14
CA ARG M 282 70.02 -69.70 -10.14
C ARG M 282 70.82 -70.95 -9.83
N VAL M 283 71.04 -71.78 -10.86
CA VAL M 283 71.84 -72.99 -10.73
C VAL M 283 73.19 -72.85 -11.42
N ASP M 284 73.16 -72.54 -12.70
CA ASP M 284 74.36 -72.45 -13.52
C ASP M 284 74.98 -71.06 -13.38
N PRO M 285 76.21 -70.94 -12.88
CA PRO M 285 76.91 -69.71 -12.52
C PRO M 285 77.10 -68.78 -13.71
N ASN M 286 76.86 -69.28 -14.92
CA ASN M 286 77.00 -68.48 -16.13
C ASN M 286 75.67 -67.81 -16.46
N GLY M 287 74.66 -68.05 -15.62
CA GLY M 287 73.35 -67.44 -15.75
C GLY M 287 72.48 -68.12 -16.79
N SER M 288 72.83 -69.35 -17.15
CA SER M 288 72.10 -70.08 -18.19
C SER M 288 70.94 -70.93 -17.67
N ARG M 289 70.97 -71.31 -16.40
CA ARG M 289 69.96 -72.23 -15.87
C ARG M 289 69.41 -71.79 -14.53
N TYR M 290 68.08 -71.80 -14.43
CA TYR M 290 67.37 -71.41 -13.21
C TYR M 290 66.30 -72.42 -12.86
N LEU M 291 66.07 -72.61 -11.57
CA LEU M 291 64.94 -73.40 -11.13
C LEU M 291 63.77 -72.51 -10.77
N LEU M 292 62.60 -72.87 -11.25
CA LEU M 292 61.37 -72.18 -10.89
C LEU M 292 60.46 -73.17 -10.19
N GLY M 293 59.68 -72.73 -9.22
CA GLY M 293 58.72 -73.64 -8.63
C GLY M 293 57.42 -72.95 -8.23
N ASP M 294 56.34 -73.73 -8.25
CA ASP M 294 55.01 -73.25 -7.91
C ASP M 294 54.51 -73.76 -6.56
N MET M 295 53.24 -73.44 -6.25
CA MET M 295 52.59 -73.87 -5.02
C MET M 295 51.85 -75.19 -5.19
N GLU M 296 51.90 -75.76 -6.38
CA GLU M 296 51.21 -77.01 -6.67
C GLU M 296 52.17 -78.18 -6.55
N GLY M 297 53.46 -77.88 -6.51
CA GLY M 297 54.49 -78.91 -6.34
C GLY M 297 55.29 -79.19 -7.61
N ARG M 298 55.18 -78.33 -8.62
CA ARG M 298 55.98 -78.54 -9.83
C ARG M 298 57.28 -77.75 -9.78
N LEU M 299 58.38 -78.44 -10.11
CA LEU M 299 59.68 -77.79 -10.23
C LEU M 299 60.05 -77.76 -11.71
N PHE M 300 60.50 -76.60 -12.18
CA PHE M 300 60.78 -76.41 -13.59
C PHE M 300 62.22 -75.96 -13.82
N MET M 301 62.78 -76.32 -14.96
CA MET M 301 64.09 -75.82 -15.35
C MET M 301 63.99 -74.82 -16.48
N LEU M 302 64.43 -73.60 -16.21
CA LEU M 302 64.45 -72.56 -17.22
C LEU M 302 65.83 -72.47 -17.84
N LEU M 303 65.90 -72.77 -19.12
CA LEU M 303 67.17 -72.77 -19.83
C LEU M 303 67.28 -71.58 -20.77
N LEU M 304 68.39 -70.86 -20.65
CA LEU M 304 68.67 -69.76 -21.54
C LEU M 304 69.63 -70.22 -22.61
N GLU M 305 69.14 -70.25 -23.84
CA GLU M 305 69.93 -70.73 -24.97
C GLU M 305 70.69 -69.58 -25.58
N LYS M 306 72.01 -69.60 -25.43
CA LYS M 306 72.85 -68.48 -25.83
C LYS M 306 73.13 -68.43 -27.32
N GLU M 307 73.35 -67.23 -27.82
CA GLU M 307 73.87 -67.00 -29.15
C GLU M 307 75.28 -66.41 -29.01
N GLU M 308 75.96 -66.19 -30.13
CA GLU M 308 77.26 -65.52 -30.08
C GLU M 308 77.34 -64.41 -31.11
N GLN M 309 77.80 -63.25 -30.67
CA GLN M 309 77.91 -62.09 -31.55
C GLN M 309 79.31 -61.95 -32.13
N MET M 310 79.43 -61.16 -33.20
CA MET M 310 80.69 -60.96 -33.89
C MET M 310 81.72 -60.24 -33.04
N ASP M 311 81.25 -59.50 -32.03
CA ASP M 311 82.15 -58.76 -31.14
C ASP M 311 82.51 -59.57 -29.90
N GLY M 312 82.08 -60.83 -29.86
CA GLY M 312 82.37 -61.71 -28.74
C GLY M 312 81.32 -61.61 -27.65
N THR M 313 80.32 -60.75 -27.84
CA THR M 313 79.27 -60.56 -26.86
C THR M 313 78.35 -61.77 -26.77
N VAL M 314 78.02 -62.16 -25.55
CA VAL M 314 77.07 -63.24 -25.31
C VAL M 314 75.66 -62.67 -25.19
N THR M 315 74.76 -63.21 -26.00
CA THR M 315 73.38 -62.77 -25.99
C THR M 315 72.44 -63.96 -25.91
N LEU M 316 71.16 -63.71 -25.70
CA LEU M 316 70.21 -64.81 -25.63
C LEU M 316 69.53 -65.04 -26.97
N LYS M 317 69.41 -66.30 -27.35
CA LYS M 317 68.73 -66.67 -28.58
C LYS M 317 67.27 -67.00 -28.32
N ASP M 318 67.01 -67.79 -27.28
CA ASP M 318 65.65 -68.16 -26.96
C ASP M 318 65.50 -68.63 -25.50
N LEU M 319 64.27 -68.94 -25.11
CA LEU M 319 63.95 -69.41 -23.76
C LEU M 319 63.17 -70.72 -23.80
N ARG M 320 63.60 -71.70 -23.00
CA ARG M 320 62.88 -72.97 -22.90
C ARG M 320 62.67 -73.38 -21.46
N VAL M 321 61.49 -73.91 -21.15
CA VAL M 321 61.25 -74.41 -19.81
C VAL M 321 60.87 -75.87 -19.84
N GLU M 322 61.61 -76.66 -19.09
CA GLU M 322 61.32 -78.08 -18.96
C GLU M 322 60.68 -78.35 -17.61
N LEU M 323 59.80 -79.34 -17.54
CA LEU M 323 59.29 -79.75 -16.25
C LEU M 323 60.22 -80.79 -15.67
N LEU M 324 60.81 -80.48 -14.52
CA LEU M 324 61.77 -81.38 -13.92
C LEU M 324 61.09 -82.50 -13.18
N GLY M 325 60.01 -82.18 -12.48
CA GLY M 325 59.32 -83.19 -11.70
C GLY M 325 58.58 -82.57 -10.53
N GLU M 326 58.16 -83.42 -9.60
CA GLU M 326 57.36 -82.96 -8.46
C GLU M 326 58.17 -82.87 -7.18
N THR M 327 57.92 -81.79 -6.45
CA THR M 327 58.52 -81.53 -5.14
C THR M 327 57.46 -81.00 -4.19
N SER M 328 57.86 -80.74 -2.96
CA SER M 328 57.01 -80.01 -2.04
C SER M 328 56.91 -78.57 -2.53
N ILE M 329 56.08 -77.76 -1.88
CA ILE M 329 55.85 -76.40 -2.33
C ILE M 329 57.13 -75.59 -2.37
N ALA M 330 57.36 -74.93 -3.50
CA ALA M 330 58.55 -74.12 -3.66
C ALA M 330 58.35 -72.72 -3.13
N GLU M 331 58.37 -72.57 -1.81
CA GLU M 331 58.28 -71.23 -1.22
C GLU M 331 59.59 -70.52 -1.46
N CYS M 332 60.67 -71.28 -1.38
CA CYS M 332 62.00 -70.79 -1.68
C CYS M 332 62.87 -71.89 -2.24
N LEU M 333 63.73 -71.54 -3.17
CA LEU M 333 64.67 -72.49 -3.73
C LEU M 333 66.09 -71.99 -3.52
N THR M 334 66.94 -72.86 -3.00
CA THR M 334 68.35 -72.54 -2.82
C THR M 334 69.21 -73.68 -3.32
N TYR M 335 69.74 -73.53 -4.54
CA TYR M 335 70.60 -74.55 -5.11
C TYR M 335 71.87 -74.62 -4.29
N LEU M 336 72.26 -75.82 -3.87
CA LEU M 336 73.33 -75.93 -2.88
C LEU M 336 74.68 -76.39 -3.42
N ASP M 337 74.69 -77.48 -4.18
CA ASP M 337 75.96 -78.12 -4.54
C ASP M 337 76.05 -78.51 -6.01
N ASN M 338 76.47 -79.74 -6.28
CA ASN M 338 76.76 -80.20 -7.63
C ASN M 338 75.54 -80.86 -8.27
N GLY M 339 74.38 -80.72 -7.64
CA GLY M 339 73.14 -81.27 -8.20
C GLY M 339 71.94 -81.07 -7.28
N VAL M 340 72.17 -80.99 -5.98
CA VAL M 340 71.10 -80.85 -5.01
C VAL M 340 70.62 -79.41 -4.79
N VAL M 341 69.30 -79.27 -4.76
CA VAL M 341 68.63 -78.01 -4.42
C VAL M 341 67.76 -78.22 -3.21
N PHE M 342 67.74 -77.26 -2.31
CA PHE M 342 66.83 -77.31 -1.19
C PHE M 342 65.52 -76.65 -1.57
N VAL M 343 64.45 -77.39 -1.41
CA VAL M 343 63.12 -76.88 -1.67
C VAL M 343 62.48 -76.58 -0.34
N GLY M 344 62.37 -75.31 -0.02
CA GLY M 344 61.84 -74.93 1.27
C GLY M 344 60.38 -74.60 1.15
N SER M 345 59.64 -74.90 2.21
CA SER M 345 58.22 -74.59 2.24
C SER M 345 57.78 -74.14 3.60
N ARG M 346 57.00 -73.07 3.62
CA ARG M 346 56.32 -72.64 4.85
C ARG M 346 54.88 -73.08 4.76
N LEU M 347 54.52 -73.67 3.63
CA LEU M 347 53.15 -74.11 3.34
C LEU M 347 53.06 -75.63 3.32
N GLY M 348 54.13 -76.28 3.74
CA GLY M 348 54.24 -77.73 3.64
C GLY M 348 55.63 -78.22 4.01
N ASP M 349 55.94 -79.45 3.64
CA ASP M 349 57.21 -80.07 4.01
C ASP M 349 58.34 -79.58 3.11
N SER M 350 59.58 -79.72 3.56
CA SER M 350 60.75 -79.27 2.80
C SER M 350 61.59 -80.47 2.40
N GLN M 351 62.47 -80.30 1.40
CA GLN M 351 63.29 -81.42 0.97
C GLN M 351 64.53 -81.04 0.18
N LEU M 352 65.44 -82.00 0.05
CA LEU M 352 66.59 -81.89 -0.84
C LEU M 352 66.42 -82.84 -2.00
N VAL M 353 66.46 -82.29 -3.22
CA VAL M 353 66.34 -83.12 -4.40
C VAL M 353 67.51 -82.86 -5.33
N LYS M 354 68.00 -83.92 -5.96
CA LYS M 354 69.06 -83.79 -6.95
C LYS M 354 68.46 -83.58 -8.34
N LEU M 355 69.09 -82.72 -9.13
CA LEU M 355 68.64 -82.50 -10.50
C LEU M 355 69.52 -83.27 -11.46
N ASN M 356 68.92 -84.27 -12.10
CA ASN M 356 69.66 -85.14 -12.98
C ASN M 356 69.68 -84.60 -14.41
N VAL M 357 70.36 -85.31 -15.29
CA VAL M 357 70.39 -85.01 -16.71
C VAL M 357 69.60 -86.08 -17.42
N ASP M 358 69.77 -87.32 -16.95
CA ASP M 358 69.06 -88.47 -17.48
C ASP M 358 67.76 -88.67 -16.72
N SER M 359 66.64 -88.70 -17.44
CA SER M 359 65.35 -88.83 -16.81
C SER M 359 65.15 -90.22 -16.21
N ASN M 360 64.28 -90.31 -15.21
CA ASN M 360 63.92 -91.57 -14.59
C ASN M 360 62.71 -92.19 -15.29
N GLU M 361 62.18 -93.26 -14.71
CA GLU M 361 61.07 -94.00 -15.32
C GLU M 361 59.78 -93.20 -15.40
N GLN M 362 59.71 -92.09 -14.67
CA GLN M 362 58.55 -91.22 -14.70
C GLN M 362 58.78 -90.06 -15.64
N GLY M 363 59.97 -90.00 -16.22
CA GLY M 363 60.35 -88.90 -17.10
C GLY M 363 60.86 -87.71 -16.30
N SER M 364 61.02 -87.91 -14.99
CA SER M 364 61.44 -86.84 -14.08
C SER M 364 62.95 -86.80 -13.88
N TYR M 365 63.45 -85.60 -13.62
CA TYR M 365 64.87 -85.37 -13.36
C TYR M 365 65.09 -85.05 -11.89
N VAL M 366 64.02 -85.17 -11.09
CA VAL M 366 64.08 -84.82 -9.68
C VAL M 366 64.22 -86.06 -8.81
N VAL M 367 65.33 -86.15 -8.12
CA VAL M 367 65.61 -87.31 -7.29
C VAL M 367 65.71 -86.92 -5.82
N ALA M 368 64.73 -87.33 -5.02
CA ALA M 368 64.75 -86.95 -3.62
C ALA M 368 65.92 -87.60 -2.91
N MET M 369 66.58 -86.83 -2.05
CA MET M 369 67.70 -87.33 -1.26
C MET M 369 67.32 -87.36 0.21
N GLU M 370 66.85 -86.22 0.72
CA GLU M 370 66.44 -86.10 2.12
C GLU M 370 65.16 -85.28 2.20
N THR M 371 64.35 -85.53 3.24
CA THR M 371 63.16 -84.73 3.47
C THR M 371 63.11 -84.20 4.89
N PHE M 372 62.35 -83.14 5.10
CA PHE M 372 62.21 -82.55 6.41
C PHE M 372 60.75 -82.25 6.70
N THR M 373 60.31 -82.48 7.95
CA THR M 373 58.86 -82.30 8.25
C THR M 373 58.60 -80.89 8.79
N ASN M 374 57.54 -80.24 8.34
CA ASN M 374 57.18 -78.89 8.86
C ASN M 374 55.79 -78.98 9.50
N LEU M 375 55.68 -78.65 10.79
CA LEU M 375 54.47 -78.96 11.60
C LEU M 375 53.43 -77.87 11.39
N GLY M 376 53.35 -77.29 10.19
CA GLY M 376 52.45 -76.16 9.94
C GLY M 376 52.37 -75.81 8.46
N PRO M 377 51.69 -74.71 8.14
CA PRO M 377 50.95 -73.79 9.01
C PRO M 377 49.88 -74.56 9.75
N ILE M 378 49.59 -74.16 10.98
CA ILE M 378 48.61 -74.87 11.78
C ILE M 378 47.21 -74.30 11.57
N VAL M 379 46.31 -75.15 11.10
CA VAL M 379 44.97 -74.78 10.73
C VAL M 379 44.00 -75.04 11.88
N ASP M 380 44.14 -76.21 12.50
CA ASP M 380 43.30 -76.58 13.64
C ASP M 380 43.99 -77.64 14.51
N MET M 381 43.53 -77.76 15.77
CA MET M 381 44.12 -78.75 16.69
C MET M 381 43.09 -79.36 17.64
N CYS M 382 43.29 -80.64 17.96
CA CYS M 382 42.52 -81.30 19.02
C CYS M 382 43.39 -82.33 19.74
N VAL M 383 43.16 -82.53 21.03
CA VAL M 383 43.94 -83.51 21.77
C VAL M 383 43.09 -84.66 22.30
N VAL M 384 43.44 -85.88 21.89
CA VAL M 384 42.73 -87.08 22.29
C VAL M 384 43.72 -88.16 22.73
N ASP M 385 43.45 -88.83 23.84
CA ASP M 385 44.32 -89.94 24.21
C ASP M 385 43.88 -91.23 23.54
N LEU M 386 44.59 -91.60 22.49
CA LEU M 386 44.26 -92.73 21.64
C LEU M 386 45.03 -93.97 22.07
N GLU M 387 45.90 -93.78 23.06
CA GLU M 387 46.76 -94.84 23.57
C GLU M 387 46.29 -95.31 24.93
N ARG M 388 45.52 -94.47 25.61
CA ARG M 388 45.03 -94.68 26.96
C ARG M 388 46.19 -94.83 27.94
N GLN M 389 47.12 -93.88 27.87
CA GLN M 389 48.31 -93.88 28.72
C GLN M 389 48.28 -92.76 29.76
N GLY M 390 47.40 -91.78 29.56
CA GLY M 390 47.40 -90.58 30.39
C GLY M 390 48.08 -89.45 29.65
N GLN M 391 48.60 -89.78 28.47
CA GLN M 391 49.26 -88.84 27.58
C GLN M 391 48.39 -88.61 26.36
N GLY M 392 47.82 -87.42 26.22
CA GLY M 392 46.96 -87.13 25.08
C GLY M 392 47.80 -86.87 23.85
N GLN M 393 47.28 -87.21 22.67
CA GLN M 393 47.99 -86.95 21.43
C GLN M 393 47.30 -85.84 20.67
N LEU M 394 48.07 -84.98 20.04
CA LEU M 394 47.48 -83.87 19.34
C LEU M 394 47.35 -84.16 17.87
N VAL M 395 46.14 -84.14 17.36
CA VAL M 395 45.90 -84.38 15.96
C VAL M 395 45.56 -83.04 15.33
N THR M 396 46.35 -82.66 14.33
CA THR M 396 46.22 -81.32 13.78
C THR M 396 46.01 -81.31 12.29
N CYS M 397 45.36 -80.24 11.86
CA CYS M 397 45.24 -79.90 10.45
C CYS M 397 46.36 -78.94 10.11
N SER M 398 47.18 -79.29 9.13
CA SER M 398 48.32 -78.45 8.79
C SER M 398 48.69 -78.52 7.32
N GLY M 399 49.46 -77.53 6.87
CA GLY M 399 49.97 -77.51 5.50
C GLY M 399 48.96 -76.90 4.55
N ALA M 400 49.31 -76.85 3.27
CA ALA M 400 48.42 -76.29 2.26
C ALA M 400 48.62 -76.96 0.91
N PHE M 401 47.60 -76.86 0.07
CA PHE M 401 47.61 -77.39 -1.29
C PHE M 401 47.94 -78.87 -1.27
N LYS M 402 48.89 -79.28 -2.10
CA LYS M 402 49.28 -80.68 -2.22
C LYS M 402 49.97 -81.17 -0.96
N GLU M 403 50.44 -80.24 -0.16
CA GLU M 403 51.15 -80.56 1.06
C GLU M 403 50.23 -80.59 2.26
N GLY M 404 48.94 -80.35 2.04
CA GLY M 404 48.00 -80.37 3.14
C GLY M 404 47.98 -81.77 3.73
N SER M 405 47.93 -81.84 5.06
CA SER M 405 47.98 -83.13 5.74
C SER M 405 47.39 -83.09 7.15
N LEU M 406 47.14 -84.26 7.70
CA LEU M 406 46.87 -84.36 9.13
C LEU M 406 48.13 -84.84 9.81
N ARG M 407 48.36 -84.39 11.03
CA ARG M 407 49.52 -84.86 11.77
C ARG M 407 49.15 -85.26 13.17
N ILE M 408 49.80 -86.29 13.68
CA ILE M 408 49.57 -86.72 15.05
C ILE M 408 50.83 -86.61 15.86
N ILE M 409 50.82 -85.75 16.86
CA ILE M 409 52.00 -85.51 17.66
C ILE M 409 51.84 -86.10 19.05
N ARG M 410 52.72 -87.00 19.41
CA ARG M 410 52.61 -87.72 20.68
C ARG M 410 53.87 -87.59 21.52
N ASN M 411 53.68 -87.43 22.83
CA ASN M 411 54.83 -87.16 23.73
C ASN M 411 55.41 -88.46 24.30
N GLY M 412 56.23 -89.15 23.53
CA GLY M 412 56.91 -90.35 24.07
C GLY M 412 58.41 -90.22 23.88
N ILE M 413 59.20 -90.40 24.94
CA ILE M 413 60.68 -90.39 24.75
C ILE M 413 61.01 -91.53 23.79
N GLY M 414 61.42 -91.20 22.56
CA GLY M 414 61.63 -92.24 21.53
C GLY M 414 62.51 -93.40 21.93
N ILE M 415 62.11 -94.58 21.47
CA ILE M 415 62.91 -95.79 21.59
C ILE M 415 63.55 -96.12 20.26
N HIS M 416 64.81 -96.52 20.30
CA HIS M 416 65.52 -96.90 19.09
C HIS M 416 65.67 -98.40 19.04
N GLU M 417 64.88 -99.05 18.18
CA GLU M 417 64.86 -100.50 18.12
C GLU M 417 65.92 -101.04 17.16
N HIS M 418 66.70 -101.99 17.64
CA HIS M 418 67.81 -102.56 16.87
C HIS M 418 67.52 -103.98 16.43
N ALA M 419 66.62 -104.66 17.15
CA ALA M 419 66.31 -106.06 16.87
C ALA M 419 64.98 -106.48 17.49
N SER M 420 64.38 -107.53 16.95
CA SER M 420 63.22 -108.15 17.59
C SER M 420 63.04 -109.61 17.19
N ILE M 421 62.53 -110.43 18.11
CA ILE M 421 62.28 -111.83 17.82
C ILE M 421 60.88 -112.30 18.22
N ASP M 422 60.30 -113.18 17.41
CA ASP M 422 58.93 -113.65 17.60
C ASP M 422 58.86 -114.88 18.51
N LEU M 423 59.10 -114.67 19.79
CA LEU M 423 59.11 -115.77 20.77
C LEU M 423 58.12 -115.51 21.92
N PRO M 424 56.83 -115.86 21.74
CA PRO M 424 55.71 -115.59 22.62
C PRO M 424 55.72 -116.47 23.86
N GLY M 425 54.99 -116.06 24.89
CA GLY M 425 54.84 -116.86 26.10
C GLY M 425 56.00 -116.67 27.06
N ILE M 426 56.77 -115.61 26.84
CA ILE M 426 57.98 -115.32 27.63
C ILE M 426 57.59 -114.92 29.04
N LYS M 427 58.35 -115.43 30.02
CA LYS M 427 58.11 -115.12 31.42
C LYS M 427 59.37 -114.60 32.11
N GLY M 428 60.36 -114.18 31.32
CA GLY M 428 61.61 -113.65 31.84
C GLY M 428 62.73 -113.75 30.81
N LEU M 429 63.78 -112.96 30.99
CA LEU M 429 64.90 -112.95 30.06
C LEU M 429 66.18 -112.43 30.71
N TRP M 430 67.29 -113.13 30.51
CA TRP M 430 68.55 -112.73 31.11
C TRP M 430 69.75 -113.05 30.20
N PRO M 431 70.55 -112.06 29.84
CA PRO M 431 71.83 -112.18 29.15
C PRO M 431 72.88 -112.86 30.03
N LEU M 432 73.57 -113.82 29.47
CA LEU M 432 74.63 -114.56 30.18
C LEU M 432 75.99 -114.44 29.48
N ARG M 433 77.04 -114.25 30.27
CA ARG M 433 78.40 -114.30 29.77
C ARG M 433 78.95 -115.69 29.99
N SER M 434 78.91 -116.52 28.96
CA SER M 434 79.23 -117.94 29.10
C SER M 434 80.73 -118.16 28.94
N ASP M 435 81.38 -117.21 28.27
CA ASP M 435 82.82 -117.26 28.08
C ASP M 435 83.50 -116.41 29.15
N PRO M 436 84.24 -117.02 30.08
CA PRO M 436 84.84 -116.39 31.25
C PRO M 436 85.87 -115.33 30.85
N ASN M 437 86.32 -115.37 29.59
CA ASN M 437 87.34 -114.44 29.11
C ASN M 437 86.77 -113.35 28.20
N ARG M 438 85.45 -113.16 28.22
CA ARG M 438 84.84 -112.09 27.43
C ARG M 438 84.00 -111.16 28.29
N GLU M 439 84.04 -109.87 27.95
CA GLU M 439 83.28 -108.84 28.66
C GLU M 439 81.80 -108.83 28.28
N THR M 440 81.52 -109.10 27.01
CA THR M 440 80.17 -109.03 26.47
C THR M 440 79.38 -110.30 26.75
N ASP M 441 78.06 -110.20 26.58
CA ASP M 441 77.19 -111.38 26.76
C ASP M 441 77.32 -112.33 25.58
N ASP M 442 77.33 -113.62 25.88
CA ASP M 442 77.47 -114.65 24.85
C ASP M 442 76.12 -115.22 24.47
N THR M 443 75.21 -115.31 25.44
CA THR M 443 73.89 -115.87 25.18
C THR M 443 72.79 -115.01 25.79
N LEU M 444 71.58 -115.16 25.28
CA LEU M 444 70.39 -114.62 25.91
C LEU M 444 69.47 -115.74 26.33
N VAL M 445 69.20 -115.84 27.63
CA VAL M 445 68.30 -116.86 28.15
C VAL M 445 66.89 -116.32 28.27
N LEU M 446 65.95 -117.08 27.72
CA LEU M 446 64.55 -116.72 27.77
C LEU M 446 63.78 -117.77 28.55
N SER M 447 62.92 -117.33 29.43
CA SER M 447 62.04 -118.25 30.17
C SER M 447 60.65 -118.11 29.62
N PHE M 448 59.89 -119.18 29.66
CA PHE M 448 58.54 -119.21 29.11
C PHE M 448 57.58 -119.89 30.06
N VAL M 449 56.32 -119.96 29.66
CA VAL M 449 55.28 -120.56 30.47
C VAL M 449 55.70 -121.87 31.12
N GLY M 450 56.33 -122.78 30.35
CA GLY M 450 56.73 -124.07 30.90
C GLY M 450 58.02 -124.59 30.27
N GLN M 451 58.85 -123.66 29.77
CA GLN M 451 60.11 -124.04 29.12
C GLN M 451 61.07 -122.86 29.07
N THR M 452 62.27 -123.07 28.53
CA THR M 452 63.22 -121.98 28.32
C THR M 452 63.85 -122.11 26.94
N ARG M 453 64.58 -121.07 26.54
CA ARG M 453 65.43 -121.07 25.35
C ARG M 453 66.74 -120.35 25.67
N VAL M 454 67.82 -120.74 25.00
CA VAL M 454 69.07 -120.00 25.12
C VAL M 454 69.62 -119.67 23.74
N LEU M 455 69.71 -118.38 23.45
CA LEU M 455 70.17 -117.91 22.15
C LEU M 455 71.62 -117.46 22.19
N MET M 456 72.46 -118.06 21.36
CA MET M 456 73.86 -117.66 21.27
C MET M 456 73.95 -116.39 20.44
N LEU M 457 74.79 -115.47 20.86
CA LEU M 457 74.91 -114.18 20.20
C LEU M 457 76.17 -114.13 19.33
N ASN M 458 75.97 -113.83 18.05
CA ASN M 458 77.06 -113.74 17.09
C ASN M 458 77.03 -112.38 16.41
N GLY M 459 77.55 -111.37 17.10
CA GLY M 459 77.36 -110.00 16.66
C GLY M 459 75.88 -109.68 16.71
N GLU M 460 75.34 -109.14 15.63
CA GLU M 460 73.93 -108.78 15.56
C GLU M 460 73.01 -109.99 15.39
N GLU M 461 73.55 -111.11 14.88
CA GLU M 461 72.75 -112.29 14.60
C GLU M 461 72.69 -113.21 15.80
N VAL M 462 71.64 -114.00 15.92
CA VAL M 462 71.57 -114.96 17.02
C VAL M 462 71.22 -116.35 16.51
N GLU M 463 71.48 -117.36 17.34
CA GLU M 463 71.09 -118.72 17.06
C GLU M 463 70.77 -119.47 18.34
N GLU M 464 69.96 -120.51 18.26
CA GLU M 464 69.68 -121.30 19.45
C GLU M 464 70.83 -122.24 19.77
N THR M 465 71.20 -122.30 21.05
CA THR M 465 72.27 -123.16 21.50
C THR M 465 71.85 -124.02 22.68
N GLU M 466 72.81 -124.71 23.26
CA GLU M 466 72.58 -125.53 24.44
C GLU M 466 73.79 -125.52 25.35
N LEU M 467 73.56 -125.30 26.64
CA LEU M 467 74.64 -125.32 27.62
C LEU M 467 74.45 -126.56 28.49
N MET M 468 75.54 -127.20 28.89
CA MET M 468 75.45 -128.44 29.66
C MET M 468 74.71 -128.24 30.99
N GLY M 469 74.91 -127.09 31.61
CA GLY M 469 74.32 -126.81 32.90
C GLY M 469 72.96 -126.11 32.80
N PHE M 470 72.42 -125.99 31.59
CA PHE M 470 71.18 -125.24 31.38
C PHE M 470 69.97 -126.13 31.15
N VAL M 471 68.87 -125.78 31.80
CA VAL M 471 67.61 -126.50 31.70
C VAL M 471 66.65 -125.82 30.72
N ASP M 472 66.08 -126.61 29.80
CA ASP M 472 65.12 -126.06 28.86
C ASP M 472 63.77 -126.76 28.82
N ASP M 473 63.53 -127.65 29.79
CA ASP M 473 62.24 -128.32 29.91
C ASP M 473 61.51 -127.94 31.20
N GLN M 474 61.97 -126.86 31.83
CA GLN M 474 61.39 -126.35 33.07
C GLN M 474 61.24 -124.85 33.01
N GLN M 475 60.28 -124.31 33.73
CA GLN M 475 60.18 -122.86 33.86
C GLN M 475 61.31 -122.31 34.73
N THR M 476 61.90 -121.22 34.27
CA THR M 476 63.00 -120.58 34.98
C THR M 476 62.56 -119.27 35.61
N PHE M 477 62.86 -119.14 36.90
CA PHE M 477 62.55 -117.93 37.66
C PHE M 477 63.64 -116.89 37.54
N PHE M 478 64.87 -117.34 37.44
CA PHE M 478 66.02 -116.44 37.35
C PHE M 478 67.20 -117.12 36.68
N CYS M 479 67.96 -116.36 35.91
CA CYS M 479 69.18 -116.87 35.30
C CYS M 479 70.17 -115.72 35.10
N GLY M 480 71.47 -115.99 35.23
CA GLY M 480 72.44 -114.93 35.02
C GLY M 480 73.85 -115.29 35.47
N ASN M 481 74.73 -114.28 35.51
CA ASN M 481 76.10 -114.47 35.92
C ASN M 481 76.27 -114.26 37.42
N VAL M 482 77.15 -115.06 38.02
CA VAL M 482 77.49 -114.92 39.43
C VAL M 482 79.01 -114.94 39.63
N ALA M 483 79.42 -114.70 40.87
CA ALA M 483 80.83 -114.59 41.24
C ALA M 483 81.62 -115.87 40.98
N HIS M 484 82.93 -115.69 40.80
CA HIS M 484 83.87 -116.78 40.57
C HIS M 484 83.68 -117.42 39.21
N GLN M 485 83.39 -116.61 38.20
CA GLN M 485 83.24 -117.10 36.83
C GLN M 485 82.20 -118.20 36.69
N GLN M 486 80.98 -117.93 37.16
CA GLN M 486 79.93 -118.93 37.10
C GLN M 486 78.62 -118.39 36.52
N LEU M 487 77.85 -119.29 35.96
CA LEU M 487 76.50 -119.03 35.49
C LEU M 487 75.53 -119.64 36.49
N ILE M 488 74.34 -119.09 36.60
CA ILE M 488 73.37 -119.72 37.48
C ILE M 488 71.98 -119.74 36.86
N GLN M 489 71.23 -120.79 37.17
CA GLN M 489 69.84 -120.88 36.76
C GLN M 489 68.97 -121.44 37.88
N ILE M 490 67.87 -120.75 38.18
CA ILE M 490 66.91 -121.28 39.13
C ILE M 490 65.58 -121.58 38.47
N THR M 491 65.21 -122.84 38.54
CA THR M 491 63.97 -123.31 37.95
C THR M 491 63.00 -123.64 39.05
N SER M 492 61.79 -124.05 38.68
CA SER M 492 60.82 -124.48 39.68
C SER M 492 61.31 -125.75 40.39
N ALA M 493 62.23 -126.46 39.76
CA ALA M 493 62.71 -127.72 40.34
C ALA M 493 63.92 -127.53 41.26
N SER M 494 64.88 -126.70 40.87
CA SER M 494 66.14 -126.62 41.61
C SER M 494 66.96 -125.36 41.35
N VAL M 495 67.98 -125.15 42.20
CA VAL M 495 68.96 -124.09 42.01
C VAL M 495 70.26 -124.67 41.45
N ARG M 496 70.60 -124.29 40.23
CA ARG M 496 71.73 -124.90 39.52
C ARG M 496 72.90 -123.95 39.32
N LEU M 497 74.03 -124.26 39.95
CA LEU M 497 75.22 -123.45 39.82
C LEU M 497 76.15 -124.05 38.78
N VAL M 498 76.44 -123.27 37.76
CA VAL M 498 77.15 -123.71 36.56
C VAL M 498 78.46 -122.95 36.38
N SER M 499 79.53 -123.66 36.07
CA SER M 499 80.82 -123.00 35.86
C SER M 499 80.97 -122.57 34.40
N GLN M 500 81.44 -121.34 34.18
CA GLN M 500 81.56 -120.81 32.82
C GLN M 500 82.53 -121.63 31.96
N GLU M 501 83.62 -122.07 32.55
CA GLU M 501 84.63 -122.76 31.76
C GLU M 501 84.10 -123.97 30.98
N PRO M 502 83.47 -124.96 31.63
CA PRO M 502 82.77 -126.08 30.99
C PRO M 502 81.35 -125.73 30.57
N LYS M 503 80.82 -124.61 31.06
CA LYS M 503 79.43 -124.26 30.86
C LYS M 503 78.55 -125.41 31.37
N ALA M 504 78.94 -125.95 32.53
CA ALA M 504 78.32 -127.14 33.09
C ALA M 504 78.16 -127.05 34.60
N LEU M 505 77.23 -127.81 35.14
CA LEU M 505 76.89 -127.73 36.56
C LEU M 505 78.02 -128.19 37.46
N VAL M 506 78.26 -127.42 38.52
CA VAL M 506 79.22 -127.78 39.55
C VAL M 506 78.55 -128.05 40.89
N SER M 507 77.37 -127.46 41.10
CA SER M 507 76.64 -127.65 42.34
C SER M 507 75.15 -127.44 42.15
N GLU M 508 74.34 -128.20 42.89
CA GLU M 508 72.90 -128.04 42.80
C GLU M 508 72.27 -128.11 44.19
N TRP M 509 71.35 -127.19 44.45
CA TRP M 509 70.64 -127.16 45.72
C TRP M 509 69.18 -127.53 45.52
N LYS M 510 68.65 -128.31 46.46
CA LYS M 510 67.26 -128.74 46.38
C LYS M 510 66.52 -128.37 47.66
N GLU M 511 65.29 -127.91 47.50
CA GLU M 511 64.43 -127.53 48.61
C GLU M 511 64.29 -128.64 49.65
N PRO M 512 64.69 -128.39 50.92
CA PRO M 512 64.59 -129.28 52.06
C PRO M 512 63.16 -129.74 52.35
N GLN M 513 62.17 -128.94 51.95
CA GLN M 513 60.77 -129.28 52.17
C GLN M 513 60.19 -130.08 51.00
N ALA M 514 61.03 -130.33 49.99
CA ALA M 514 60.60 -131.03 48.77
C ALA M 514 59.44 -130.33 48.09
N LYS M 515 59.50 -129.01 48.04
CA LYS M 515 58.48 -128.21 47.38
C LYS M 515 59.05 -127.54 46.15
N ASN M 516 58.19 -127.18 45.20
CA ASN M 516 58.63 -126.49 44.00
C ASN M 516 58.89 -125.02 44.28
N ILE M 517 59.90 -124.46 43.62
CA ILE M 517 60.25 -123.06 43.80
C ILE M 517 59.19 -122.16 43.21
N SER M 518 58.76 -121.18 43.99
CA SER M 518 57.73 -120.26 43.53
C SER M 518 58.30 -118.86 43.35
N VAL M 519 59.38 -118.57 44.08
CA VAL M 519 60.07 -117.29 43.94
C VAL M 519 61.58 -117.51 43.95
N ALA M 520 62.30 -116.79 43.10
CA ALA M 520 63.76 -116.85 43.14
C ALA M 520 64.41 -115.59 42.58
N SER M 521 65.61 -115.31 43.07
CA SER M 521 66.45 -114.25 42.51
C SER M 521 67.92 -114.52 42.81
N CYS M 522 68.79 -114.22 41.85
CA CYS M 522 70.22 -114.47 42.03
C CYS M 522 71.03 -113.19 42.02
N ASN M 523 72.18 -113.21 42.69
CA ASN M 523 73.12 -112.11 42.63
C ASN M 523 74.55 -112.64 42.71
N SER M 524 75.52 -111.74 42.64
CA SER M 524 76.92 -112.13 42.51
C SER M 524 77.38 -113.16 43.53
N SER M 525 77.16 -112.92 44.82
CA SER M 525 77.75 -113.78 45.84
C SER M 525 76.77 -114.76 46.50
N GLN M 526 75.54 -114.84 45.98
CA GLN M 526 74.51 -115.67 46.61
C GLN M 526 73.19 -115.68 45.85
N VAL M 527 72.27 -116.55 46.26
CA VAL M 527 70.89 -116.48 45.78
C VAL M 527 69.90 -116.50 46.94
N VAL M 528 68.67 -116.07 46.67
CA VAL M 528 67.59 -116.20 47.62
C VAL M 528 66.42 -116.91 46.96
N VAL M 529 65.87 -117.91 47.63
CA VAL M 529 64.73 -118.63 47.08
C VAL M 529 63.63 -118.85 48.10
N ALA M 530 62.42 -119.10 47.61
CA ALA M 530 61.32 -119.43 48.50
C ALA M 530 60.34 -120.40 47.86
N VAL M 531 59.70 -121.19 48.73
CA VAL M 531 58.61 -122.08 48.35
C VAL M 531 57.38 -121.72 49.17
N GLY M 532 56.52 -120.89 48.61
CA GLY M 532 55.45 -120.34 49.41
C GLY M 532 56.05 -119.50 50.53
N ARG M 533 55.81 -119.93 51.76
CA ARG M 533 56.29 -119.23 52.94
C ARG M 533 57.78 -119.45 53.25
N ALA M 534 58.30 -120.64 52.96
CA ALA M 534 59.67 -120.95 53.38
C ALA M 534 60.69 -120.14 52.58
N LEU M 535 61.70 -119.63 53.28
CA LEU M 535 62.69 -118.74 52.66
C LEU M 535 64.13 -119.12 52.98
N TYR M 536 64.97 -119.22 51.94
CA TYR M 536 66.36 -119.65 52.11
C TYR M 536 67.39 -118.66 51.59
N TYR M 537 68.53 -118.61 52.28
CA TYR M 537 69.72 -117.86 51.86
C TYR M 537 70.87 -118.82 51.54
N LEU M 538 71.26 -118.86 50.26
CA LEU M 538 72.28 -119.79 49.80
C LEU M 538 73.48 -119.02 49.25
N GLN M 539 74.65 -119.25 49.81
CA GLN M 539 75.85 -118.54 49.39
C GLN M 539 76.50 -119.19 48.18
N ILE M 540 77.02 -118.36 47.27
CA ILE M 540 77.74 -118.88 46.12
C ILE M 540 79.26 -118.89 46.33
N HIS M 541 79.82 -120.07 46.20
CA HIS M 541 81.24 -120.32 46.32
C HIS M 541 81.72 -120.79 44.94
N PRO M 542 83.03 -120.77 44.65
CA PRO M 542 83.62 -121.10 43.36
C PRO M 542 83.01 -122.34 42.71
N GLN M 543 82.67 -123.35 43.51
CA GLN M 543 82.00 -124.53 42.97
C GLN M 543 80.99 -125.12 43.95
N GLU M 544 80.27 -124.26 44.67
CA GLU M 544 79.31 -124.74 45.66
C GLU M 544 78.16 -123.78 45.96
N LEU M 545 76.96 -124.35 46.12
CA LEU M 545 75.83 -123.63 46.69
C LEU M 545 75.67 -124.05 48.14
N ARG M 546 75.87 -123.10 49.05
CA ARG M 546 75.90 -123.45 50.46
C ARG M 546 74.80 -122.76 51.24
N GLN M 547 73.87 -123.54 51.78
CA GLN M 547 72.81 -122.93 52.56
C GLN M 547 73.40 -122.38 53.84
N ILE M 548 73.14 -121.10 54.09
CA ILE M 548 73.68 -120.43 55.26
C ILE M 548 72.62 -120.33 56.34
N SER M 549 71.44 -119.90 55.96
CA SER M 549 70.35 -119.73 56.91
C SER M 549 69.01 -119.80 56.21
N HIS M 550 67.96 -119.98 56.99
CA HIS M 550 66.62 -120.02 56.44
C HIS M 550 65.59 -119.60 57.48
N THR M 551 64.43 -119.23 56.99
CA THR M 551 63.31 -118.89 57.85
C THR M 551 62.00 -119.23 57.15
N GLU M 552 60.90 -118.77 57.73
CA GLU M 552 59.60 -118.97 57.12
C GLU M 552 58.70 -117.79 57.40
N MET M 553 58.04 -117.30 56.37
CA MET M 553 57.16 -116.14 56.49
C MET M 553 55.77 -116.57 56.95
N GLU M 554 55.08 -115.67 57.63
CA GLU M 554 53.69 -115.93 58.03
C GLU M 554 52.81 -116.15 56.80
N HIS M 555 53.11 -115.43 55.73
CA HIS M 555 52.37 -115.52 54.48
C HIS M 555 53.32 -115.82 53.35
N GLU M 556 52.79 -116.31 52.23
CA GLU M 556 53.63 -116.68 51.12
C GLU M 556 54.45 -115.52 50.60
N VAL M 557 55.67 -115.83 50.18
CA VAL M 557 56.55 -114.86 49.57
C VAL M 557 56.05 -114.56 48.15
N ALA M 558 55.87 -113.29 47.84
CA ALA M 558 55.40 -112.88 46.53
C ALA M 558 56.54 -112.51 45.59
N CYS M 559 57.68 -112.16 46.17
CA CYS M 559 58.83 -111.66 45.43
C CYS M 559 60.06 -111.55 46.31
N LEU M 560 61.24 -111.77 45.71
CA LEU M 560 62.49 -111.64 46.44
C LEU M 560 63.52 -110.79 45.70
N ASP M 561 64.32 -110.03 46.47
CA ASP M 561 65.47 -109.31 45.93
C ASP M 561 66.57 -109.13 46.96
N ILE M 562 67.76 -109.64 46.64
CA ILE M 562 68.92 -109.48 47.51
C ILE M 562 70.08 -108.83 46.79
N THR M 563 69.79 -107.96 45.82
CA THR M 563 70.80 -107.21 45.11
C THR M 563 71.70 -106.45 46.08
N PRO M 564 73.03 -106.56 45.99
CA PRO M 564 74.01 -105.94 46.85
C PRO M 564 73.90 -104.44 46.79
N LEU M 565 74.06 -103.80 47.94
CA LEU M 565 73.88 -102.37 48.08
C LEU M 565 75.20 -101.71 48.47
N GLY M 566 75.35 -100.43 48.15
CA GLY M 566 76.57 -99.72 48.50
C GLY M 566 77.79 -100.32 47.82
N ASP M 567 78.82 -100.61 48.61
CA ASP M 567 80.07 -101.16 48.09
C ASP M 567 80.32 -102.61 48.54
N SER M 568 79.25 -103.31 48.91
CA SER M 568 79.38 -104.69 49.38
C SER M 568 79.91 -105.64 48.30
N ASN M 569 80.62 -106.67 48.72
CA ASN M 569 81.25 -107.62 47.80
C ASN M 569 80.28 -108.68 47.26
N GLY M 570 79.25 -108.19 46.58
CA GLY M 570 78.28 -109.05 45.92
C GLY M 570 77.18 -109.54 46.85
N LEU M 571 77.23 -109.13 48.11
CA LEU M 571 76.28 -109.57 49.13
C LEU M 571 75.39 -108.44 49.64
N SER M 572 74.10 -108.64 49.59
CA SER M 572 73.22 -107.68 50.24
C SER M 572 73.13 -108.01 51.72
N PRO M 573 73.15 -107.00 52.59
CA PRO M 573 72.86 -107.11 53.99
C PRO M 573 71.36 -107.21 54.22
N LEU M 574 70.59 -106.89 53.18
CA LEU M 574 69.13 -106.80 53.28
C LEU M 574 68.43 -107.77 52.33
N CYS M 575 67.29 -108.30 52.77
CA CYS M 575 66.44 -109.12 51.92
C CYS M 575 65.09 -108.46 51.72
N ALA M 576 64.75 -108.19 50.46
CA ALA M 576 63.47 -107.61 50.11
C ALA M 576 62.42 -108.71 49.93
N ILE M 577 61.35 -108.64 50.72
CA ILE M 577 60.31 -109.66 50.64
C ILE M 577 58.94 -109.08 50.42
N GLY M 578 58.25 -109.54 49.37
CA GLY M 578 56.85 -109.20 49.17
C GLY M 578 56.00 -110.27 49.83
N LEU M 579 54.83 -109.90 50.36
CA LEU M 579 53.99 -110.89 51.03
C LEU M 579 52.52 -110.91 50.59
N TRP M 580 51.93 -112.08 50.68
CA TRP M 580 50.52 -112.34 50.42
C TRP M 580 49.60 -112.08 51.63
N THR M 581 48.30 -112.22 51.39
CA THR M 581 47.24 -112.21 52.42
C THR M 581 47.06 -110.88 53.13
N ASP M 582 48.05 -110.47 53.92
CA ASP M 582 47.99 -109.19 54.61
C ASP M 582 48.34 -108.07 53.64
N ILE M 583 49.11 -108.44 52.62
CA ILE M 583 49.53 -107.55 51.56
C ILE M 583 50.51 -106.49 52.05
N SER M 584 51.78 -106.83 51.97
CA SER M 584 52.82 -106.07 52.63
C SER M 584 54.17 -106.36 52.02
N ALA M 585 55.18 -105.59 52.43
CA ALA M 585 56.56 -105.87 52.08
C ALA M 585 57.44 -105.58 53.27
N ARG M 586 58.50 -106.36 53.44
CA ARG M 586 59.39 -106.16 54.57
C ARG M 586 60.85 -106.27 54.19
N ILE M 587 61.68 -105.69 55.05
CA ILE M 587 63.13 -105.80 54.93
C ILE M 587 63.70 -106.61 56.07
N LEU M 588 64.39 -107.69 55.71
CA LEU M 588 65.06 -108.49 56.72
C LEU M 588 66.57 -108.34 56.58
N LYS M 589 67.29 -108.60 57.66
CA LYS M 589 68.74 -108.70 57.57
C LYS M 589 69.05 -110.07 56.99
N LEU M 590 69.59 -110.08 55.77
CA LEU M 590 69.67 -111.31 54.97
C LEU M 590 70.35 -112.51 55.65
N PRO M 591 71.54 -112.35 56.26
CA PRO M 591 72.28 -113.42 56.91
C PRO M 591 71.46 -114.22 57.92
N SER M 592 70.48 -113.59 58.58
CA SER M 592 69.69 -114.29 59.59
C SER M 592 68.19 -114.13 59.39
N PHE M 593 67.79 -113.35 58.40
CA PHE M 593 66.39 -113.04 58.15
C PHE M 593 65.73 -112.37 59.35
N GLU M 594 66.45 -111.42 59.94
CA GLU M 594 65.95 -110.65 61.08
C GLU M 594 65.17 -109.43 60.61
N LEU M 595 63.99 -109.20 61.20
CA LEU M 595 63.18 -108.07 60.76
C LEU M 595 63.82 -106.74 61.10
N LEU M 596 63.95 -105.88 60.09
CA LEU M 596 64.48 -104.55 60.28
C LEU M 596 63.38 -103.51 60.08
N HIS M 597 62.51 -103.76 59.09
CA HIS M 597 61.45 -102.82 58.74
C HIS M 597 60.31 -103.49 57.99
N LYS M 598 59.09 -103.00 58.18
CA LYS M 598 57.97 -103.47 57.38
C LYS M 598 56.99 -102.35 57.02
N GLU M 599 56.40 -102.46 55.83
CA GLU M 599 55.39 -101.51 55.34
C GLU M 599 54.17 -102.26 54.81
N MET M 600 53.00 -101.64 54.94
CA MET M 600 51.79 -102.20 54.35
C MET M 600 51.59 -101.66 52.94
N LEU M 601 51.15 -102.51 52.02
CA LEU M 601 51.01 -102.08 50.63
C LEU M 601 49.58 -101.85 50.16
N GLY M 602 48.62 -102.58 50.73
CA GLY M 602 47.26 -102.51 50.20
C GLY M 602 46.32 -103.51 50.86
N GLY M 603 45.18 -103.73 50.19
CA GLY M 603 44.12 -104.59 50.70
C GLY M 603 44.08 -105.94 50.00
N GLU M 604 43.46 -105.97 48.83
CA GLU M 604 43.26 -107.19 48.06
C GLU M 604 44.26 -107.35 46.91
N ILE M 605 45.27 -106.49 46.86
CA ILE M 605 46.20 -106.47 45.74
C ILE M 605 47.60 -106.96 46.11
N ILE M 606 48.09 -107.95 45.37
CA ILE M 606 49.38 -108.57 45.62
C ILE M 606 50.51 -107.92 44.83
N PRO M 607 51.67 -107.68 45.47
CA PRO M 607 52.91 -107.19 44.86
C PRO M 607 53.51 -108.26 43.97
N ARG M 608 54.08 -107.85 42.85
CA ARG M 608 54.77 -108.80 41.96
C ARG M 608 56.25 -108.52 41.85
N SER M 609 56.65 -107.27 42.09
CA SER M 609 58.06 -106.91 41.92
C SER M 609 58.57 -105.99 43.02
N ILE M 610 59.54 -106.48 43.78
CA ILE M 610 60.16 -105.73 44.88
C ILE M 610 61.65 -105.59 44.59
N LEU M 611 62.18 -104.37 44.66
CA LEU M 611 63.60 -104.15 44.39
C LEU M 611 64.30 -103.34 45.44
N MET M 612 65.58 -103.64 45.63
CA MET M 612 66.51 -102.75 46.34
C MET M 612 67.60 -102.31 45.38
N THR M 613 67.43 -101.11 44.83
CA THR M 613 68.27 -100.66 43.73
C THR M 613 68.57 -99.17 43.81
N THR M 614 69.13 -98.63 42.73
CA THR M 614 69.52 -97.23 42.73
C THR M 614 68.95 -96.42 41.59
N PHE M 615 68.78 -95.13 41.86
CA PHE M 615 68.49 -94.11 40.87
C PHE M 615 69.55 -93.04 41.02
N GLU M 616 70.06 -92.52 39.92
CA GLU M 616 71.18 -91.60 40.05
C GLU M 616 72.28 -92.31 40.84
N SER M 617 72.54 -91.86 42.06
CA SER M 617 73.56 -92.44 42.92
C SER M 617 72.97 -92.79 44.30
N SER M 618 71.65 -92.72 44.42
CA SER M 618 70.97 -92.95 45.70
C SER M 618 70.21 -94.26 45.71
N HIS M 619 70.02 -94.84 46.90
CA HIS M 619 69.32 -96.12 47.02
C HIS M 619 67.84 -95.95 47.36
N TYR M 620 67.01 -96.71 46.65
CA TYR M 620 65.57 -96.72 46.82
C TYR M 620 65.02 -98.16 46.84
N LEU M 621 63.87 -98.34 47.48
CA LEU M 621 63.17 -99.61 47.40
C LEU M 621 61.91 -99.44 46.57
N LEU M 622 61.63 -100.42 45.72
CA LEU M 622 60.47 -100.34 44.84
C LEU M 622 59.49 -101.46 45.11
N CYS M 623 58.22 -101.21 44.83
CA CYS M 623 57.20 -102.25 44.95
C CYS M 623 56.04 -102.08 43.96
N ALA M 624 55.89 -103.04 43.05
CA ALA M 624 54.85 -102.99 42.02
C ALA M 624 53.68 -103.92 42.34
N LEU M 625 52.46 -103.39 42.29
CA LEU M 625 51.25 -104.15 42.66
C LEU M 625 50.30 -104.41 41.50
N GLY M 626 49.55 -105.51 41.61
CA GLY M 626 48.56 -105.94 40.62
C GLY M 626 47.30 -105.10 40.59
N ASP M 627 47.48 -103.80 40.46
CA ASP M 627 46.38 -102.86 40.30
C ASP M 627 46.86 -101.73 39.40
N GLY M 628 48.11 -101.87 38.97
CA GLY M 628 48.70 -100.94 38.02
C GLY M 628 49.44 -99.79 38.71
N ALA M 629 49.50 -99.83 40.04
CA ALA M 629 50.17 -98.79 40.80
C ALA M 629 51.53 -99.26 41.33
N LEU M 630 52.45 -98.30 41.47
CA LEU M 630 53.76 -98.57 42.02
C LEU M 630 54.00 -97.79 43.31
N PHE M 631 54.76 -98.40 44.21
CA PHE M 631 55.29 -97.67 45.36
C PHE M 631 56.78 -97.45 45.21
N TYR M 632 57.23 -96.34 45.75
CA TYR M 632 58.67 -96.07 45.85
C TYR M 632 59.01 -95.64 47.26
N PHE M 633 60.16 -96.08 47.74
CA PHE M 633 60.59 -95.69 49.08
C PHE M 633 62.06 -95.27 49.05
N GLY M 634 62.44 -94.34 49.92
CA GLY M 634 63.86 -94.10 50.12
C GLY M 634 64.39 -95.28 50.92
N LEU M 635 65.59 -95.73 50.62
CA LEU M 635 66.11 -96.90 51.33
C LEU M 635 67.40 -96.62 52.09
N ASN M 636 67.36 -96.88 53.39
CA ASN M 636 68.55 -96.81 54.22
C ASN M 636 69.18 -98.19 54.25
N ILE M 637 70.22 -98.37 53.43
CA ILE M 637 70.75 -99.70 53.19
C ILE M 637 71.48 -100.27 54.41
N GLU M 638 72.06 -99.38 55.21
CA GLU M 638 72.78 -99.79 56.41
C GLU M 638 71.84 -100.35 57.47
N THR M 639 70.67 -99.74 57.62
CA THR M 639 69.74 -100.12 58.68
C THR M 639 68.51 -100.88 58.19
N GLY M 640 68.28 -100.87 56.89
CA GLY M 640 67.13 -101.59 56.33
C GLY M 640 65.82 -100.87 56.58
N LEU M 641 65.88 -99.55 56.63
CA LEU M 641 64.69 -98.75 56.92
C LEU M 641 64.19 -98.02 55.68
N LEU M 642 62.88 -97.80 55.61
CA LEU M 642 62.28 -97.06 54.51
C LEU M 642 61.70 -95.73 54.97
N SER M 643 61.72 -94.75 54.07
CA SER M 643 61.15 -93.44 54.40
C SER M 643 60.64 -92.69 53.17
N ASP M 644 59.80 -91.69 53.41
CA ASP M 644 59.33 -90.77 52.38
C ASP M 644 58.76 -91.52 51.17
N ARG M 645 57.81 -92.41 51.43
CA ARG M 645 57.26 -93.26 50.38
C ARG M 645 56.38 -92.48 49.42
N LYS M 646 56.31 -92.98 48.19
CA LYS M 646 55.49 -92.39 47.14
C LYS M 646 54.58 -93.45 46.54
N LYS M 647 53.43 -93.03 46.02
CA LYS M 647 52.55 -93.94 45.30
C LYS M 647 52.07 -93.29 44.00
N VAL M 648 52.25 -94.00 42.89
CA VAL M 648 51.85 -93.51 41.58
C VAL M 648 51.09 -94.57 40.78
N THR M 649 50.31 -94.13 39.80
CA THR M 649 49.60 -95.05 38.92
C THR M 649 50.23 -95.05 37.53
N LEU M 650 50.59 -96.25 37.06
CA LEU M 650 51.29 -96.40 35.79
C LEU M 650 50.39 -96.96 34.70
N GLY M 651 49.63 -98.00 35.03
CA GLY M 651 48.84 -98.71 34.04
C GLY M 651 47.83 -99.62 34.72
N THR M 652 47.60 -100.79 34.13
CA THR M 652 46.68 -101.76 34.71
C THR M 652 47.37 -103.01 35.23
N GLN M 653 48.57 -103.29 34.74
CA GLN M 653 49.26 -104.54 35.05
C GLN M 653 50.12 -104.44 36.30
N PRO M 654 50.40 -105.58 36.97
CA PRO M 654 51.23 -105.68 38.16
C PRO M 654 52.62 -105.13 37.92
N THR M 655 53.05 -105.15 36.67
CA THR M 655 54.30 -104.52 36.29
C THR M 655 55.50 -105.21 36.88
N VAL M 656 56.45 -105.56 36.02
CA VAL M 656 57.72 -106.06 36.52
C VAL M 656 58.72 -104.92 36.48
N LEU M 657 59.30 -104.61 37.62
CA LEU M 657 60.24 -103.50 37.68
C LEU M 657 61.65 -104.02 37.54
N ARG M 658 62.42 -103.40 36.67
CA ARG M 658 63.78 -103.83 36.44
C ARG M 658 64.75 -102.66 36.33
N THR M 659 65.95 -102.86 36.87
CA THR M 659 66.99 -101.84 36.86
C THR M 659 67.85 -101.92 35.61
N PHE M 660 68.26 -100.77 35.11
CA PHE M 660 69.20 -100.70 34.01
C PHE M 660 70.06 -99.45 34.15
N ARG M 661 71.19 -99.42 33.48
CA ARG M 661 72.00 -98.21 33.47
C ARG M 661 71.75 -97.45 32.18
N SER M 662 71.67 -96.12 32.29
CA SER M 662 71.42 -95.27 31.14
C SER M 662 72.71 -94.71 30.57
N LEU M 663 72.74 -93.41 30.35
CA LEU M 663 73.90 -92.75 29.74
C LEU M 663 75.04 -92.63 30.73
N SER M 664 74.72 -92.70 32.02
CA SER M 664 75.71 -92.62 33.08
C SER M 664 75.21 -93.32 34.32
N THR M 665 74.22 -92.70 34.97
CA THR M 665 73.64 -93.20 36.22
C THR M 665 72.54 -94.22 35.97
N THR M 666 72.03 -94.83 37.04
CA THR M 666 71.03 -95.88 36.88
C THR M 666 69.59 -95.36 36.96
N ASN M 667 68.67 -96.19 36.46
CA ASN M 667 67.23 -95.93 36.47
C ASN M 667 66.48 -97.27 36.42
N VAL M 668 65.14 -97.22 36.41
CA VAL M 668 64.38 -98.46 36.29
C VAL M 668 63.35 -98.31 35.18
N PHE M 669 62.81 -99.44 34.72
CA PHE M 669 61.80 -99.43 33.68
C PHE M 669 60.56 -100.20 34.11
N ALA M 670 59.39 -99.65 33.82
CA ALA M 670 58.14 -100.30 34.14
C ALA M 670 57.74 -101.27 33.04
N CYS M 671 57.87 -102.55 33.32
CA CYS M 671 57.57 -103.55 32.32
C CYS M 671 56.08 -103.85 32.37
N SER M 672 55.32 -103.02 31.68
CA SER M 672 53.88 -103.06 31.79
C SER M 672 53.17 -102.69 30.50
N ASP M 673 51.84 -102.65 30.59
CA ASP M 673 50.97 -102.25 29.50
C ASP M 673 51.15 -100.77 29.16
N ARG M 674 51.74 -100.04 30.10
CA ARG M 674 52.06 -98.63 29.95
C ARG M 674 53.56 -98.47 30.22
N PRO M 675 54.40 -98.73 29.22
CA PRO M 675 55.83 -98.93 29.29
C PRO M 675 56.60 -97.63 29.49
N THR M 676 56.53 -97.10 30.70
CA THR M 676 57.24 -95.87 31.03
C THR M 676 58.63 -96.17 31.56
N VAL M 677 59.45 -95.13 31.63
CA VAL M 677 60.77 -95.22 32.25
C VAL M 677 60.80 -94.29 33.46
N ILE M 678 61.32 -94.80 34.58
CA ILE M 678 61.34 -94.04 35.82
C ILE M 678 62.76 -93.61 36.18
N TYR M 679 62.89 -92.34 36.51
CA TYR M 679 64.18 -91.74 36.80
C TYR M 679 64.09 -90.72 37.93
N SER M 680 65.22 -90.41 38.53
CA SER M 680 65.26 -89.40 39.58
C SER M 680 65.52 -88.01 39.00
N SER M 681 64.84 -87.02 39.57
CA SER M 681 65.03 -85.63 39.17
C SER M 681 65.30 -84.74 40.38
N ASN M 682 64.30 -83.95 40.79
CA ASN M 682 64.49 -83.02 41.89
C ASN M 682 64.27 -83.69 43.24
N HIS M 683 65.19 -84.60 43.58
CA HIS M 683 65.09 -85.39 44.80
C HIS M 683 63.76 -86.12 44.86
N LYS M 684 63.30 -86.58 43.71
CA LYS M 684 62.02 -87.26 43.57
C LYS M 684 62.10 -88.25 42.42
N LEU M 685 61.31 -89.31 42.49
CA LEU M 685 61.23 -90.23 41.37
C LEU M 685 60.03 -89.92 40.50
N VAL M 686 60.31 -89.63 39.24
CA VAL M 686 59.33 -89.22 38.27
C VAL M 686 59.43 -90.10 37.04
N PHE M 687 58.43 -90.07 36.18
CA PHE M 687 58.48 -90.92 35.01
C PHE M 687 57.78 -90.33 33.81
N SER M 688 58.11 -90.89 32.64
CA SER M 688 57.50 -90.49 31.38
C SER M 688 57.40 -91.69 30.45
N ASN M 689 56.35 -91.71 29.65
CA ASN M 689 56.08 -92.83 28.75
C ASN M 689 57.09 -92.92 27.61
N VAL M 690 57.44 -94.15 27.25
CA VAL M 690 58.31 -94.42 26.12
C VAL M 690 57.45 -94.82 24.91
N ASN M 691 57.89 -94.44 23.71
CA ASN M 691 57.13 -94.72 22.49
C ASN M 691 57.23 -96.19 22.09
N LEU M 692 56.62 -97.03 22.92
CA LEU M 692 56.66 -98.48 22.76
C LEU M 692 55.30 -99.07 23.11
N LYS M 693 54.93 -100.17 22.46
CA LYS M 693 53.63 -100.79 22.69
C LYS M 693 53.47 -101.39 24.08
N GLU M 694 54.19 -102.47 24.37
CA GLU M 694 54.04 -103.18 25.64
C GLU M 694 55.29 -103.95 26.04
N VAL M 695 55.57 -103.97 27.34
CA VAL M 695 56.64 -104.78 27.90
C VAL M 695 56.13 -105.53 29.12
N ASN M 696 56.45 -106.82 29.26
CA ASN M 696 56.07 -107.54 30.46
C ASN M 696 57.29 -107.85 31.32
N TYR M 697 58.46 -107.99 30.68
CA TYR M 697 59.72 -108.28 31.36
C TYR M 697 60.87 -107.47 30.72
N MET M 698 61.89 -107.11 31.52
CA MET M 698 63.06 -106.39 31.00
C MET M 698 64.39 -106.87 31.57
N CYS M 699 65.42 -106.75 30.75
CA CYS M 699 66.80 -106.88 31.21
C CYS M 699 67.69 -105.99 30.35
N PRO M 700 68.77 -105.41 30.91
CA PRO M 700 69.78 -104.67 30.19
C PRO M 700 70.62 -105.61 29.35
N LEU M 701 71.04 -105.14 28.18
CA LEU M 701 71.84 -105.96 27.28
C LEU M 701 73.12 -105.27 26.86
N ASN M 702 74.23 -106.00 27.01
CA ASN M 702 75.54 -105.53 26.58
C ASN M 702 76.26 -106.64 25.81
N SER M 703 75.87 -106.82 24.55
CA SER M 703 76.42 -107.86 23.69
C SER M 703 77.37 -107.24 22.67
N ASP M 704 77.84 -108.03 21.72
CA ASP M 704 78.74 -107.49 20.70
C ASP M 704 77.96 -106.77 19.61
N GLY M 705 76.78 -107.28 19.29
CA GLY M 705 75.92 -106.63 18.29
C GLY M 705 75.10 -105.52 18.94
N TYR M 706 74.81 -105.69 20.22
CA TYR M 706 73.97 -104.76 20.95
C TYR M 706 74.65 -104.36 22.27
N PRO M 707 75.77 -103.62 22.21
CA PRO M 707 76.64 -103.26 23.32
C PRO M 707 76.00 -102.33 24.32
N ASP M 708 74.93 -101.66 23.91
CA ASP M 708 74.24 -100.72 24.79
C ASP M 708 72.77 -100.63 24.44
N SER M 709 71.97 -101.52 25.03
CA SER M 709 70.54 -101.55 24.77
C SER M 709 69.81 -102.28 25.89
N LEU M 710 68.48 -102.18 25.88
CA LEU M 710 67.67 -103.00 26.77
C LEU M 710 66.95 -104.04 25.95
N ALA M 711 66.75 -105.21 26.53
CA ALA M 711 65.88 -106.18 25.90
C ALA M 711 64.53 -106.15 26.61
N LEU M 712 63.54 -105.63 25.89
CA LEU M 712 62.21 -105.42 26.44
C LEU M 712 61.26 -106.44 25.83
N ALA M 713 60.71 -107.31 26.65
CA ALA M 713 59.87 -108.37 26.10
C ALA M 713 58.48 -108.37 26.68
N ASN M 714 57.52 -108.71 25.85
CA ASN M 714 56.15 -108.90 26.28
C ASN M 714 55.73 -110.34 25.97
N ASN M 715 54.49 -110.68 26.27
CA ASN M 715 54.00 -112.04 26.09
C ASN M 715 53.92 -112.46 24.61
N SER M 716 54.11 -111.53 23.69
CA SER M 716 54.07 -111.83 22.26
C SER M 716 55.45 -111.79 21.61
N THR M 717 56.13 -110.65 21.70
CA THR M 717 57.44 -110.49 21.07
C THR M 717 58.49 -109.87 22.00
N LEU M 718 59.76 -110.03 21.63
CA LEU M 718 60.88 -109.41 22.32
C LEU M 718 61.52 -108.35 21.42
N THR M 719 61.77 -107.16 21.97
CA THR M 719 62.44 -106.11 21.22
C THR M 719 63.67 -105.58 21.95
N ILE M 720 64.73 -105.31 21.18
CA ILE M 720 65.97 -104.77 21.71
C ILE M 720 66.18 -103.35 21.21
N GLY M 721 66.44 -102.43 22.13
CA GLY M 721 66.63 -101.03 21.75
C GLY M 721 67.01 -100.13 22.92
N THR M 722 67.21 -98.85 22.63
CA THR M 722 67.61 -97.90 23.68
C THR M 722 66.49 -96.91 23.98
N ILE M 723 66.38 -96.50 25.25
CA ILE M 723 65.45 -95.38 25.53
C ILE M 723 66.32 -94.16 25.26
N ASP M 724 66.16 -93.53 24.11
CA ASP M 724 67.11 -92.44 23.72
C ASP M 724 67.05 -91.29 24.72
N GLU M 725 65.86 -90.90 25.18
CA GLU M 725 65.70 -89.72 26.07
C GLU M 725 66.18 -88.48 25.30
N ILE M 726 66.10 -88.53 23.97
CA ILE M 726 66.50 -87.38 23.11
C ILE M 726 65.20 -86.87 22.47
N GLN M 727 64.62 -87.65 21.55
CA GLN M 727 63.32 -87.23 21.04
C GLN M 727 62.21 -87.65 21.97
N LYS M 728 61.32 -86.70 22.28
CA LYS M 728 60.15 -87.02 23.08
C LYS M 728 58.86 -86.88 22.28
N LEU M 729 58.84 -85.93 21.34
CA LEU M 729 57.66 -85.73 20.52
C LEU M 729 57.82 -86.35 19.15
N HIS M 730 56.96 -87.33 18.87
CA HIS M 730 56.98 -88.06 17.61
C HIS M 730 55.80 -87.67 16.76
N ILE M 731 56.05 -87.40 15.49
CA ILE M 731 54.98 -86.97 14.61
C ILE M 731 54.70 -87.92 13.47
N ARG M 732 53.45 -88.38 13.41
CA ARG M 732 52.98 -89.15 12.28
C ARG M 732 52.33 -88.22 11.28
N THR M 733 52.76 -88.31 10.02
CA THR M 733 52.19 -87.44 8.98
C THR M 733 51.29 -88.25 8.07
N VAL M 734 50.08 -87.75 7.85
CA VAL M 734 49.10 -88.40 6.97
C VAL M 734 48.62 -87.42 5.90
N PRO M 735 49.28 -87.38 4.73
CA PRO M 735 49.02 -86.50 3.62
C PRO M 735 47.58 -86.53 3.17
N LEU M 736 46.99 -85.38 2.95
CA LEU M 736 45.63 -85.27 2.41
C LEU M 736 45.70 -84.85 0.94
N TYR M 737 46.75 -84.08 0.63
CA TYR M 737 46.95 -83.47 -0.69
C TYR M 737 45.92 -82.40 -0.97
N GLU M 738 45.29 -81.93 0.09
CA GLU M 738 44.34 -80.85 0.04
C GLU M 738 44.46 -80.05 1.32
N SER M 739 44.24 -78.75 1.26
CA SER M 739 44.30 -77.95 2.47
C SER M 739 43.16 -78.38 3.40
N PRO M 740 43.45 -78.68 4.67
CA PRO M 740 42.49 -79.00 5.69
C PRO M 740 41.87 -77.71 6.23
N ARG M 741 40.75 -77.82 6.95
CA ARG M 741 40.15 -76.66 7.57
C ARG M 741 39.89 -76.84 9.07
N LYS M 742 39.24 -77.94 9.46
CA LYS M 742 38.87 -78.13 10.87
C LYS M 742 39.01 -79.59 11.31
N ILE M 743 39.24 -79.80 12.60
CA ILE M 743 39.22 -81.15 13.17
C ILE M 743 38.46 -81.23 14.50
N CYS M 744 37.71 -82.31 14.69
CA CYS M 744 37.04 -82.60 15.94
C CYS M 744 37.00 -84.11 16.20
N TYR M 745 36.72 -84.50 17.43
CA TYR M 745 36.67 -85.92 17.76
C TYR M 745 35.31 -86.37 18.29
N GLN M 746 34.88 -87.55 17.86
CA GLN M 746 33.68 -88.18 18.39
C GLN M 746 33.98 -89.54 19.01
N GLU M 747 33.57 -89.70 20.27
CA GLU M 747 33.81 -90.94 21.02
C GLU M 747 32.87 -92.06 20.60
N VAL M 748 31.79 -91.71 19.92
CA VAL M 748 30.77 -92.69 19.54
C VAL M 748 31.23 -93.55 18.38
N SER M 749 31.77 -92.90 17.35
CA SER M 749 32.24 -93.59 16.15
C SER M 749 33.72 -93.96 16.25
N GLN M 750 34.36 -93.48 17.31
CA GLN M 750 35.79 -93.66 17.49
C GLN M 750 36.55 -93.17 16.26
N CYS M 751 36.21 -91.95 15.86
CA CYS M 751 36.77 -91.33 14.66
C CYS M 751 36.93 -89.82 14.84
N PHE M 752 37.70 -89.22 13.96
CA PHE M 752 37.82 -87.78 13.91
C PHE M 752 37.02 -87.23 12.75
N GLY M 753 36.43 -86.08 12.96
CA GLY M 753 35.75 -85.39 11.87
C GLY M 753 36.67 -84.32 11.34
N VAL M 754 36.87 -84.33 10.03
CA VAL M 754 37.76 -83.36 9.43
C VAL M 754 37.13 -82.63 8.27
N LEU M 755 37.22 -81.31 8.29
CA LEU M 755 36.80 -80.52 7.15
C LEU M 755 38.02 -80.22 6.31
N SER M 756 37.87 -80.31 5.00
CA SER M 756 38.97 -80.04 4.08
C SER M 756 38.49 -79.42 2.79
N SER M 757 39.44 -78.88 2.01
CA SER M 757 39.12 -78.21 0.75
C SER M 757 40.06 -78.61 -0.39
N ARG M 758 39.49 -79.15 -1.47
CA ARG M 758 40.28 -79.54 -2.64
C ARG M 758 39.99 -78.58 -3.77
N ILE M 759 40.91 -78.48 -4.73
CA ILE M 759 40.74 -77.50 -5.80
C ILE M 759 40.41 -78.13 -7.15
N GLU M 760 39.34 -77.62 -7.75
CA GLU M 760 38.96 -77.96 -9.10
C GLU M 760 39.24 -76.74 -9.98
N VAL M 761 39.59 -76.97 -11.24
CA VAL M 761 39.86 -75.86 -12.15
C VAL M 761 39.03 -75.94 -13.42
N GLN M 762 38.80 -74.79 -14.07
CA GLN M 762 38.02 -74.76 -15.28
C GLN M 762 38.85 -74.94 -16.53
N ASP M 763 38.33 -75.74 -17.44
CA ASP M 763 38.93 -75.90 -18.75
C ASP M 763 37.95 -75.39 -19.80
N THR M 764 37.89 -76.04 -20.96
CA THR M 764 37.16 -75.48 -22.09
C THR M 764 35.65 -75.77 -22.04
N SER M 765 35.23 -76.71 -21.20
CA SER M 765 33.81 -77.04 -21.13
C SER M 765 33.39 -77.78 -19.86
N GLY M 766 32.21 -77.45 -19.35
CA GLY M 766 31.63 -78.20 -18.23
C GLY M 766 31.97 -77.64 -16.86
N GLY M 767 32.58 -76.46 -16.82
CA GLY M 767 32.95 -75.85 -15.55
C GLY M 767 34.21 -76.48 -14.98
N THR M 768 34.29 -76.59 -13.66
CA THR M 768 35.51 -77.04 -13.03
C THR M 768 35.65 -78.56 -13.00
N THR M 769 36.89 -79.02 -12.87
CA THR M 769 37.23 -80.42 -12.69
C THR M 769 38.43 -80.57 -11.78
N ALA M 770 38.54 -81.69 -11.08
CA ALA M 770 39.62 -81.86 -10.11
C ALA M 770 40.98 -81.59 -10.72
N LEU M 771 41.77 -80.78 -10.02
CA LEU M 771 43.14 -80.48 -10.44
C LEU M 771 44.04 -81.66 -10.15
N ARG M 772 43.76 -82.35 -9.06
CA ARG M 772 44.55 -83.50 -8.61
C ARG M 772 43.70 -84.35 -7.67
N PRO M 773 44.07 -85.62 -7.46
CA PRO M 773 43.55 -86.52 -6.44
C PRO M 773 43.85 -85.99 -5.04
N SER M 774 42.98 -86.31 -4.10
CA SER M 774 43.19 -85.98 -2.69
C SER M 774 42.42 -86.96 -1.80
N ALA M 775 42.68 -86.91 -0.50
CA ALA M 775 42.08 -87.83 0.46
C ALA M 775 40.55 -87.80 0.42
N SER M 776 39.97 -86.64 0.15
CA SER M 776 38.52 -86.49 0.13
C SER M 776 37.87 -87.18 -1.06
N THR M 777 38.65 -87.58 -2.05
CA THR M 777 38.11 -88.34 -3.17
C THR M 777 38.67 -89.75 -3.14
N GLN M 778 39.85 -89.90 -2.55
CA GLN M 778 40.51 -91.18 -2.40
C GLN M 778 40.07 -91.82 -1.09
N ALA M 779 38.78 -92.08 -1.00
CA ALA M 779 38.15 -92.54 0.25
C ALA M 779 37.63 -93.96 0.09
N LEU M 780 37.43 -94.63 1.23
CA LEU M 780 36.84 -95.96 1.21
C LEU M 780 35.35 -95.88 0.89
N SER M 781 34.78 -94.71 1.15
CA SER M 781 33.36 -94.44 0.93
C SER M 781 33.16 -92.95 0.68
N SER M 782 32.12 -92.59 -0.06
CA SER M 782 31.89 -91.18 -0.33
C SER M 782 30.42 -90.86 -0.59
N SER M 783 30.08 -89.58 -0.46
CA SER M 783 28.74 -89.08 -0.73
C SER M 783 28.78 -87.59 -1.04
N VAL M 784 27.66 -87.05 -1.50
CA VAL M 784 27.54 -85.62 -1.76
C VAL M 784 26.23 -85.08 -1.20
N SER M 785 26.27 -83.84 -0.72
CA SER M 785 25.08 -83.18 -0.22
C SER M 785 24.02 -83.06 -1.31
N SER M 786 22.77 -83.29 -0.93
CA SER M 786 21.65 -83.19 -1.85
C SER M 786 20.79 -81.97 -1.57
N SER M 787 21.28 -81.07 -0.71
CA SER M 787 20.50 -79.90 -0.34
C SER M 787 20.20 -79.02 -1.53
N LYS M 788 18.96 -78.55 -1.60
CA LYS M 788 18.53 -77.64 -2.65
C LYS M 788 18.14 -76.29 -2.07
N LEU M 789 18.47 -76.09 -0.81
CA LEU M 789 18.05 -74.89 -0.07
C LEU M 789 18.45 -73.60 -0.78
N PHE M 790 19.65 -73.57 -1.37
CA PHE M 790 20.12 -72.38 -2.07
C PHE M 790 20.32 -72.66 -3.56
N SER M 791 19.54 -73.58 -4.10
CA SER M 791 19.65 -73.92 -5.52
C SER M 791 19.26 -72.75 -6.42
N SER M 792 18.19 -72.06 -6.06
CA SER M 792 17.67 -70.97 -6.89
C SER M 792 18.53 -69.72 -6.81
N SER M 793 19.42 -69.67 -5.82
CA SER M 793 20.24 -68.48 -5.59
C SER M 793 21.71 -68.68 -5.92
N THR M 794 22.08 -69.83 -6.50
CA THR M 794 23.48 -70.07 -6.78
C THR M 794 23.80 -69.90 -8.26
N ALA M 795 24.61 -68.90 -8.58
CA ALA M 795 24.97 -68.59 -9.95
C ALA M 795 26.45 -68.24 -10.09
N PRO M 796 27.36 -69.21 -9.85
CA PRO M 796 28.80 -69.08 -9.86
C PRO M 796 29.38 -68.90 -11.26
N HIS M 797 30.59 -68.35 -11.32
CA HIS M 797 31.30 -68.14 -12.59
C HIS M 797 31.93 -69.42 -13.10
N GLU M 798 31.11 -70.32 -13.61
CA GLU M 798 31.55 -71.63 -14.08
C GLU M 798 31.90 -71.62 -15.57
N THR M 799 31.97 -70.44 -16.15
CA THR M 799 32.27 -70.26 -17.57
C THR M 799 33.49 -69.38 -17.80
N SER M 800 34.51 -69.53 -16.96
CA SER M 800 35.73 -68.72 -17.05
C SER M 800 36.98 -69.59 -17.03
N PHE M 801 37.62 -69.72 -18.20
CA PHE M 801 38.77 -70.61 -18.34
C PHE M 801 39.91 -70.22 -17.41
N GLY M 802 40.47 -71.21 -16.71
CA GLY M 802 41.61 -70.98 -15.83
C GLY M 802 41.19 -70.67 -14.39
N GLU M 803 39.89 -70.46 -14.17
CA GLU M 803 39.37 -70.15 -12.85
C GLU M 803 39.29 -71.41 -11.98
N GLU M 804 39.29 -71.22 -10.66
CA GLU M 804 39.27 -72.36 -9.75
C GLU M 804 38.19 -72.25 -8.68
N VAL M 805 37.76 -73.40 -8.15
CA VAL M 805 36.79 -73.44 -7.08
C VAL M 805 37.26 -74.34 -5.94
N GLU M 806 36.95 -73.94 -4.73
CA GLU M 806 37.19 -74.78 -3.57
C GLU M 806 36.03 -75.75 -3.37
N VAL M 807 36.35 -77.02 -3.21
CA VAL M 807 35.34 -78.02 -2.92
C VAL M 807 35.54 -78.55 -1.51
N HIS M 808 34.55 -78.33 -0.67
CA HIS M 808 34.71 -78.70 0.72
C HIS M 808 34.04 -80.02 1.04
N ASN M 809 34.63 -80.74 2.00
CA ASN M 809 34.15 -82.05 2.40
C ASN M 809 34.20 -82.23 3.90
N LEU M 810 33.29 -83.04 4.43
CA LEU M 810 33.43 -83.55 5.80
C LEU M 810 33.84 -85.00 5.76
N LEU M 811 34.97 -85.29 6.39
CA LEU M 811 35.53 -86.63 6.31
C LEU M 811 35.33 -87.39 7.62
N ILE M 812 35.09 -88.69 7.49
CA ILE M 812 35.12 -89.58 8.65
C ILE M 812 36.49 -90.23 8.69
N ILE M 813 37.28 -89.87 9.70
CA ILE M 813 38.66 -90.31 9.80
C ILE M 813 38.89 -91.32 10.91
N ASP M 814 39.40 -92.49 10.56
CA ASP M 814 39.63 -93.54 11.55
C ASP M 814 40.60 -93.02 12.62
N GLN M 815 40.25 -93.18 13.89
CA GLN M 815 41.10 -92.61 14.94
C GLN M 815 42.45 -93.30 15.10
N HIS M 816 42.60 -94.50 14.52
CA HIS M 816 43.86 -95.22 14.67
C HIS M 816 44.64 -95.24 13.36
N THR M 817 43.92 -95.32 12.25
CA THR M 817 44.55 -95.46 10.95
C THR M 817 44.63 -94.12 10.22
N PHE M 818 43.70 -93.22 10.54
CA PHE M 818 43.61 -91.90 9.94
C PHE M 818 43.37 -91.90 8.44
N GLU M 819 42.88 -93.03 7.93
CA GLU M 819 42.42 -93.12 6.56
C GLU M 819 41.03 -92.52 6.48
N VAL M 820 40.62 -92.12 5.28
CA VAL M 820 39.28 -91.59 5.13
C VAL M 820 38.28 -92.72 4.95
N LEU M 821 37.42 -92.90 5.95
CA LEU M 821 36.46 -93.98 5.96
C LEU M 821 35.25 -93.55 5.15
N HIS M 822 35.03 -92.25 5.12
CA HIS M 822 33.97 -91.64 4.31
C HIS M 822 34.30 -90.21 3.95
N ALA M 823 34.01 -89.83 2.71
CA ALA M 823 34.14 -88.44 2.30
C ALA M 823 32.82 -87.87 1.80
N HIS M 824 32.28 -86.89 2.53
CA HIS M 824 31.05 -86.25 2.14
C HIS M 824 31.29 -84.88 1.55
N GLN M 825 30.98 -84.73 0.27
CA GLN M 825 31.21 -83.49 -0.43
C GLN M 825 30.03 -82.55 -0.29
N PHE M 826 30.32 -81.27 -0.08
CA PHE M 826 29.29 -80.26 0.01
C PHE M 826 28.96 -79.73 -1.38
N LEU M 827 27.97 -78.86 -1.48
CA LEU M 827 27.53 -78.40 -2.80
C LEU M 827 28.65 -77.59 -3.45
N GLN M 828 28.67 -77.56 -4.77
CA GLN M 828 29.69 -76.79 -5.45
C GLN M 828 29.62 -75.34 -4.98
N ASN M 829 30.78 -74.77 -4.66
CA ASN M 829 30.89 -73.41 -4.13
C ASN M 829 30.33 -73.28 -2.71
N GLU M 830 30.08 -74.41 -2.06
CA GLU M 830 29.71 -74.41 -0.64
C GLU M 830 30.94 -74.66 0.22
N TYR M 831 31.20 -73.72 1.12
CA TYR M 831 32.34 -73.82 2.02
C TYR M 831 31.92 -74.41 3.35
N ALA M 832 32.80 -75.21 3.94
CA ALA M 832 32.58 -75.75 5.26
C ALA M 832 33.51 -75.04 6.23
N LEU M 833 32.96 -74.08 6.94
CA LEU M 833 33.75 -73.10 7.68
C LEU M 833 33.98 -73.48 9.14
N SER M 834 33.06 -74.28 9.69
CA SER M 834 33.10 -74.60 11.11
C SER M 834 32.70 -76.03 11.41
N LEU M 835 33.31 -76.63 12.44
CA LEU M 835 33.00 -78.00 12.83
C LEU M 835 32.89 -78.14 14.36
N VAL M 836 31.78 -78.72 14.82
CA VAL M 836 31.56 -78.98 16.24
C VAL M 836 31.16 -80.44 16.51
N SER M 837 31.78 -81.05 17.52
CA SER M 837 31.40 -82.41 17.90
C SER M 837 30.75 -82.44 19.28
N CYS M 838 29.45 -82.74 19.30
CA CYS M 838 28.70 -82.75 20.55
C CYS M 838 27.32 -83.37 20.39
N LYS M 839 26.70 -83.72 21.51
CA LYS M 839 25.29 -84.06 21.50
C LYS M 839 24.50 -82.81 21.91
N LEU M 840 23.30 -82.68 21.37
CA LEU M 840 22.49 -81.49 21.64
C LEU M 840 21.12 -81.83 22.23
N GLY M 841 20.61 -80.91 23.03
CA GLY M 841 19.24 -80.98 23.53
C GLY M 841 19.00 -82.26 24.33
N LYS M 842 17.96 -82.99 23.95
CA LYS M 842 17.59 -84.22 24.65
C LYS M 842 18.05 -85.46 23.87
N ASP M 843 18.82 -85.22 22.81
CA ASP M 843 19.27 -86.28 21.93
C ASP M 843 20.65 -86.79 22.36
N PRO M 844 20.76 -88.03 22.85
CA PRO M 844 21.95 -88.62 23.43
C PRO M 844 23.08 -88.85 22.42
N ASN M 845 22.77 -88.74 21.13
CA ASN M 845 23.75 -89.01 20.08
C ASN M 845 24.70 -87.83 19.87
N THR M 846 25.99 -88.14 19.81
CA THR M 846 26.98 -87.12 19.47
C THR M 846 27.01 -86.94 17.97
N TYR M 847 26.90 -85.71 17.51
CA TYR M 847 26.88 -85.44 16.08
C TYR M 847 27.99 -84.49 15.68
N PHE M 848 28.39 -84.55 14.41
CA PHE M 848 29.28 -83.55 13.85
C PHE M 848 28.49 -82.48 13.16
N ILE M 849 28.64 -81.25 13.62
CA ILE M 849 27.86 -80.15 13.12
C ILE M 849 28.75 -79.31 12.23
N VAL M 850 28.35 -79.11 10.98
CA VAL M 850 29.16 -78.33 10.06
C VAL M 850 28.49 -77.03 9.66
N GLY M 851 29.20 -75.94 9.87
CA GLY M 851 28.73 -74.63 9.48
C GLY M 851 29.22 -74.35 8.08
N THR M 852 28.28 -74.07 7.17
CA THR M 852 28.67 -73.85 5.80
C THR M 852 28.17 -72.53 5.26
N ALA M 853 28.65 -72.18 4.08
CA ALA M 853 28.26 -70.95 3.41
C ALA M 853 28.32 -71.06 1.91
N MET M 854 27.50 -70.26 1.23
CA MET M 854 27.59 -70.16 -0.22
C MET M 854 28.47 -68.99 -0.58
N VAL M 855 29.63 -69.27 -1.17
CA VAL M 855 30.63 -68.25 -1.38
C VAL M 855 30.94 -68.07 -2.86
N TYR M 856 30.86 -66.83 -3.33
CA TYR M 856 31.08 -66.54 -4.74
C TYR M 856 32.09 -65.39 -4.92
N PRO M 857 32.83 -65.36 -6.05
CA PRO M 857 33.77 -64.32 -6.44
C PRO M 857 33.20 -62.91 -6.46
N GLU M 858 31.89 -62.77 -6.64
CA GLU M 858 31.26 -61.45 -6.67
C GLU M 858 30.77 -60.96 -5.30
N GLU M 859 30.80 -61.84 -4.30
CA GLU M 859 30.24 -61.49 -3.00
C GLU M 859 31.30 -61.16 -1.96
N ALA M 860 31.50 -59.87 -1.72
CA ALA M 860 32.48 -59.43 -0.73
C ALA M 860 32.09 -59.95 0.65
N GLU M 861 30.78 -60.03 0.87
CA GLU M 861 30.24 -60.61 2.09
C GLU M 861 29.12 -61.56 1.69
N PRO M 862 29.03 -62.74 2.33
CA PRO M 862 28.06 -63.78 2.06
C PRO M 862 26.68 -63.41 2.58
N LYS M 863 25.66 -63.91 1.91
CA LYS M 863 24.29 -63.69 2.34
C LYS M 863 23.60 -64.97 2.81
N GLN M 864 24.10 -66.11 2.36
CA GLN M 864 23.44 -67.38 2.67
C GLN M 864 24.41 -68.45 3.13
N GLY M 865 23.90 -69.32 4.00
CA GLY M 865 24.63 -70.47 4.50
C GLY M 865 23.71 -71.34 5.35
N ARG M 866 24.27 -72.33 6.02
CA ARG M 866 23.44 -73.25 6.79
C ARG M 866 24.23 -73.99 7.86
N ILE M 867 23.51 -74.58 8.81
CA ILE M 867 24.12 -75.44 9.81
C ILE M 867 23.63 -76.87 9.61
N VAL M 868 24.54 -77.77 9.26
CA VAL M 868 24.13 -79.13 8.94
C VAL M 868 24.70 -80.12 9.93
N VAL M 869 23.82 -80.94 10.48
CA VAL M 869 24.23 -81.92 11.47
C VAL M 869 24.32 -83.29 10.85
N PHE M 870 25.44 -83.98 11.07
CA PHE M 870 25.67 -85.30 10.49
C PHE M 870 26.00 -86.35 11.56
N GLN M 871 25.65 -87.60 11.26
CA GLN M 871 26.00 -88.70 12.15
C GLN M 871 27.01 -89.66 11.52
N TYR M 872 28.08 -89.94 12.25
CA TYR M 872 29.12 -90.85 11.77
C TYR M 872 28.74 -92.30 11.99
N SER M 873 28.16 -92.92 10.97
CA SER M 873 27.68 -94.28 11.10
C SER M 873 28.45 -95.20 10.17
N ASP M 874 29.32 -96.02 10.74
CA ASP M 874 30.19 -96.91 9.98
C ASP M 874 30.88 -96.17 8.82
N GLY M 875 30.56 -96.58 7.59
CA GLY M 875 31.20 -96.02 6.39
C GLY M 875 30.33 -94.98 5.69
N LYS M 876 29.29 -94.51 6.36
CA LYS M 876 28.37 -93.53 5.78
C LYS M 876 28.23 -92.29 6.66
N LEU M 877 28.07 -91.14 6.02
CA LEU M 877 27.76 -89.95 6.77
C LEU M 877 26.28 -89.62 6.60
N GLN M 878 25.52 -89.77 7.67
CA GLN M 878 24.09 -89.56 7.59
C GLN M 878 23.69 -88.14 7.95
N THR M 879 22.97 -87.48 7.04
CA THR M 879 22.49 -86.14 7.34
C THR M 879 21.37 -86.23 8.36
N VAL M 880 21.47 -85.42 9.40
CA VAL M 880 20.49 -85.42 10.47
C VAL M 880 19.61 -84.17 10.40
N ALA M 881 20.24 -83.03 10.16
CA ALA M 881 19.54 -81.75 10.15
C ALA M 881 20.16 -80.75 9.18
N GLU M 882 19.34 -79.84 8.66
CA GLU M 882 19.80 -78.78 7.75
C GLU M 882 19.12 -77.45 8.05
N LYS M 883 19.76 -76.62 8.86
CA LYS M 883 19.15 -75.36 9.29
C LYS M 883 19.60 -74.17 8.45
N GLU M 884 18.63 -73.45 7.87
CA GLU M 884 18.92 -72.25 7.11
C GLU M 884 19.33 -71.12 8.03
N VAL M 885 20.35 -70.37 7.65
CA VAL M 885 20.70 -69.17 8.38
C VAL M 885 20.84 -68.00 7.41
N LYS M 886 20.81 -66.79 7.93
CA LYS M 886 21.00 -65.61 7.09
C LYS M 886 22.44 -65.10 7.24
N GLY M 887 23.23 -65.30 6.18
CA GLY M 887 24.66 -65.05 6.22
C GLY M 887 25.44 -66.36 6.23
N ALA M 888 26.76 -66.27 6.38
CA ALA M 888 27.64 -67.44 6.39
C ALA M 888 27.92 -67.90 7.81
N VAL M 889 27.88 -69.21 8.04
CA VAL M 889 28.21 -69.72 9.36
C VAL M 889 29.71 -69.87 9.47
N TYR M 890 30.37 -68.92 10.12
CA TYR M 890 31.82 -68.89 10.10
C TYR M 890 32.41 -69.64 11.28
N SER M 891 31.68 -69.67 12.39
CA SER M 891 32.18 -70.29 13.60
C SER M 891 31.07 -70.91 14.43
N MET M 892 31.35 -72.03 15.07
CA MET M 892 30.36 -72.67 15.94
C MET M 892 31.03 -73.31 17.14
N VAL M 893 30.35 -73.24 18.28
CA VAL M 893 30.80 -73.87 19.51
C VAL M 893 29.67 -74.57 20.25
N GLU M 894 30.03 -75.47 21.16
CA GLU M 894 29.07 -76.06 22.08
C GLU M 894 28.70 -75.05 23.16
N PHE M 895 27.41 -74.96 23.50
CA PHE M 895 26.99 -74.03 24.54
C PHE M 895 25.83 -74.56 25.38
N ASN M 896 26.14 -75.14 26.53
CA ASN M 896 25.13 -75.64 27.45
C ASN M 896 24.11 -76.59 26.81
N GLY M 897 24.57 -77.49 25.95
CA GLY M 897 23.68 -78.46 25.32
C GLY M 897 23.03 -77.90 24.06
N LYS M 898 23.34 -76.65 23.74
CA LYS M 898 22.79 -75.98 22.58
C LYS M 898 23.88 -75.68 21.57
N LEU M 899 23.48 -75.39 20.34
CA LEU M 899 24.43 -75.07 19.29
C LEU M 899 24.56 -73.57 19.11
N LEU M 900 25.72 -73.03 19.41
CA LEU M 900 25.94 -71.61 19.29
C LEU M 900 26.74 -71.32 18.04
N ALA M 901 26.18 -70.51 17.15
CA ALA M 901 26.84 -70.29 15.87
C ALA M 901 26.94 -68.81 15.50
N SER M 902 28.04 -68.47 14.85
CA SER M 902 28.26 -67.14 14.32
C SER M 902 27.98 -67.08 12.85
N ILE M 903 27.00 -66.28 12.48
CA ILE M 903 26.58 -66.14 11.09
C ILE M 903 26.76 -64.69 10.66
N ASN M 904 27.81 -64.43 9.89
CA ASN M 904 28.29 -63.07 9.63
C ASN M 904 28.55 -62.33 10.93
N SER M 905 27.76 -61.30 11.21
CA SER M 905 27.93 -60.49 12.41
C SER M 905 27.05 -60.98 13.56
N THR M 906 26.09 -61.84 13.26
CA THR M 906 25.12 -62.21 14.27
C THR M 906 25.47 -63.52 14.95
N VAL M 907 25.51 -63.50 16.27
CA VAL M 907 25.72 -64.70 17.04
C VAL M 907 24.36 -65.25 17.40
N ARG M 908 24.06 -66.46 16.93
CA ARG M 908 22.74 -67.04 17.09
C ARG M 908 22.79 -68.35 17.86
N LEU M 909 21.92 -68.45 18.88
CA LEU M 909 21.87 -69.65 19.69
C LEU M 909 20.70 -70.52 19.26
N TYR M 910 21.01 -71.76 18.92
CA TYR M 910 20.01 -72.69 18.41
C TYR M 910 19.71 -73.83 19.39
N GLU M 911 18.43 -74.14 19.53
CA GLU M 911 17.99 -75.27 20.34
C GLU M 911 17.77 -76.50 19.47
N TRP M 912 18.30 -77.63 19.92
CA TRP M 912 18.07 -78.91 19.24
C TRP M 912 16.85 -79.56 19.85
N THR M 913 15.86 -79.85 19.01
CA THR M 913 14.61 -80.40 19.48
C THR M 913 14.59 -81.91 19.33
N THR M 914 13.52 -82.53 19.80
CA THR M 914 13.36 -83.97 19.73
C THR M 914 13.05 -84.42 18.30
N GLU M 915 12.86 -83.44 17.42
CA GLU M 915 12.61 -83.68 16.00
C GLU M 915 13.93 -83.75 15.23
N LYS M 916 15.04 -83.61 15.96
CA LYS M 916 16.38 -83.62 15.40
C LYS M 916 16.62 -82.49 14.41
N GLU M 917 16.27 -81.28 14.81
CA GLU M 917 16.51 -80.08 14.00
C GLU M 917 16.75 -78.89 14.91
N LEU M 918 17.43 -77.87 14.38
CA LEU M 918 17.75 -76.65 15.12
C LEU M 918 16.68 -75.57 14.96
N ARG M 919 16.46 -74.80 16.01
CA ARG M 919 15.64 -73.60 15.95
C ARG M 919 16.30 -72.47 16.73
N THR M 920 16.23 -71.24 16.21
CA THR M 920 16.90 -70.13 16.87
C THR M 920 16.13 -69.68 18.10
N GLU M 921 16.82 -69.58 19.22
CA GLU M 921 16.22 -69.08 20.46
C GLU M 921 16.45 -67.58 20.59
N CYS M 922 17.71 -67.17 20.40
CA CYS M 922 18.08 -65.78 20.61
C CYS M 922 19.37 -65.43 19.88
N ASN M 923 19.68 -64.13 19.83
CA ASN M 923 20.89 -63.69 19.16
C ASN M 923 21.45 -62.36 19.67
N HIS M 924 22.63 -62.00 19.16
CA HIS M 924 23.28 -60.73 19.42
C HIS M 924 24.13 -60.32 18.22
N TYR M 925 24.10 -59.04 17.86
CA TYR M 925 24.84 -58.58 16.70
C TYR M 925 25.43 -57.19 16.85
N ASN M 926 25.81 -56.82 18.07
CA ASN M 926 26.41 -55.50 18.28
C ASN M 926 27.91 -55.58 18.07
N ASN M 927 28.30 -55.84 16.84
CA ASN M 927 29.71 -56.03 16.47
C ASN M 927 29.90 -55.74 14.99
N ILE M 928 31.11 -55.93 14.48
CA ILE M 928 31.37 -55.71 13.07
C ILE M 928 31.26 -57.04 12.31
N MET M 929 32.01 -58.04 12.77
CA MET M 929 31.88 -59.39 12.25
C MET M 929 32.24 -60.38 13.37
N ALA M 930 31.39 -61.38 13.59
CA ALA M 930 31.61 -62.30 14.71
C ALA M 930 32.63 -63.36 14.31
N LEU M 931 33.90 -62.97 14.36
CA LEU M 931 34.99 -63.75 13.79
C LEU M 931 35.26 -65.06 14.53
N TYR M 932 35.19 -65.01 15.86
CA TYR M 932 35.47 -66.21 16.64
C TYR M 932 34.44 -66.44 17.71
N LEU M 933 34.31 -67.70 18.13
CA LEU M 933 33.51 -68.06 19.28
C LEU M 933 34.25 -69.02 20.20
N LYS M 934 34.20 -68.72 21.50
CA LYS M 934 34.63 -69.64 22.55
C LYS M 934 33.65 -69.56 23.70
N THR M 935 33.42 -70.67 24.41
CA THR M 935 32.47 -70.65 25.50
C THR M 935 33.01 -71.21 26.81
N LYS M 936 32.41 -70.76 27.89
CA LYS M 936 32.67 -71.26 29.23
C LYS M 936 31.45 -71.05 30.11
N GLY M 937 30.72 -72.12 30.37
CA GLY M 937 29.46 -71.98 31.08
C GLY M 937 28.51 -71.12 30.26
N ASP M 938 27.97 -70.08 30.89
CA ASP M 938 27.01 -69.20 30.21
C ASP M 938 27.70 -68.04 29.49
N PHE M 939 29.02 -67.97 29.60
CA PHE M 939 29.78 -66.87 28.99
C PHE M 939 30.23 -67.20 27.57
N ILE M 940 30.13 -66.20 26.71
CA ILE M 940 30.57 -66.34 25.32
C ILE M 940 31.62 -65.30 24.96
N LEU M 941 32.74 -65.78 24.44
CA LEU M 941 33.79 -64.89 23.95
C LEU M 941 33.71 -64.76 22.45
N VAL M 942 33.50 -63.54 21.98
CA VAL M 942 33.36 -63.30 20.54
C VAL M 942 34.55 -62.48 20.03
N GLY M 943 35.23 -63.01 19.03
CA GLY M 943 36.35 -62.29 18.43
C GLY M 943 35.83 -61.47 17.26
N ASP M 944 36.52 -60.37 16.94
CA ASP M 944 36.09 -59.52 15.83
C ASP M 944 37.27 -59.11 14.93
N LEU M 945 36.97 -58.33 13.90
CA LEU M 945 37.93 -57.82 12.93
C LEU M 945 38.55 -56.51 13.37
N MET M 946 37.80 -55.73 14.13
CA MET M 946 38.25 -54.42 14.56
C MET M 946 37.62 -54.02 15.88
N ARG M 947 37.44 -55.01 16.76
CA ARG M 947 36.84 -54.80 18.07
C ARG M 947 37.46 -55.72 19.10
N SER M 948 38.52 -56.42 18.70
CA SER M 948 39.22 -57.33 19.62
C SER M 948 38.33 -58.40 20.19
N VAL M 949 38.23 -58.42 21.52
CA VAL M 949 37.44 -59.42 22.23
C VAL M 949 36.19 -58.81 22.84
N LEU M 950 35.05 -59.48 22.61
CA LEU M 950 33.77 -59.07 23.16
C LEU M 950 33.21 -60.15 24.08
N LEU M 951 32.61 -59.75 25.19
CA LEU M 951 32.01 -60.72 26.11
C LEU M 951 30.49 -60.62 26.16
N LEU M 952 29.84 -61.73 25.83
CA LEU M 952 28.40 -61.85 25.93
C LEU M 952 28.05 -62.88 26.99
N ALA M 953 26.83 -62.85 27.50
CA ALA M 953 26.38 -63.90 28.38
C ALA M 953 24.93 -64.27 28.08
N TYR M 954 24.62 -65.54 28.24
CA TYR M 954 23.26 -66.02 28.05
C TYR M 954 22.45 -65.86 29.32
N LYS M 955 21.26 -65.30 29.18
CA LYS M 955 20.38 -65.07 30.30
C LYS M 955 19.08 -65.88 30.16
N PRO M 956 19.04 -67.12 30.66
CA PRO M 956 17.99 -68.10 30.49
C PRO M 956 16.67 -67.64 31.10
N MET M 957 16.76 -66.68 32.03
CA MET M 957 15.58 -66.13 32.67
C MET M 957 14.81 -65.24 31.71
N GLU M 958 15.51 -64.70 30.71
CA GLU M 958 14.90 -63.86 29.70
C GLU M 958 14.77 -64.61 28.40
N GLY M 959 15.63 -65.61 28.21
CA GLY M 959 15.68 -66.37 26.97
C GLY M 959 16.38 -65.57 25.89
N ASN M 960 17.36 -64.78 26.31
CA ASN M 960 18.07 -63.91 25.38
C ASN M 960 19.51 -63.68 25.81
N PHE M 961 20.24 -62.90 25.01
CA PHE M 961 21.63 -62.56 25.31
C PHE M 961 21.78 -61.18 25.91
N GLU M 962 22.79 -61.03 26.75
CA GLU M 962 23.16 -59.74 27.29
C GLU M 962 24.62 -59.44 27.00
N GLU M 963 24.89 -58.21 26.59
CA GLU M 963 26.26 -57.78 26.36
C GLU M 963 26.87 -57.37 27.69
N ILE M 964 27.99 -57.99 28.04
CA ILE M 964 28.58 -57.76 29.35
C ILE M 964 29.70 -56.74 29.30
N ALA M 965 30.64 -56.97 28.37
CA ALA M 965 31.79 -56.10 28.25
C ALA M 965 32.46 -56.24 26.90
N ARG M 966 33.23 -55.24 26.51
CA ARG M 966 34.04 -55.30 25.31
C ARG M 966 35.40 -54.68 25.52
N ASP M 967 36.38 -55.11 24.74
CA ASP M 967 37.67 -54.43 24.64
C ASP M 967 37.54 -53.22 23.71
N PHE M 968 37.91 -52.04 24.21
CA PHE M 968 37.73 -50.81 23.44
C PHE M 968 38.73 -50.70 22.27
N ASN M 969 39.79 -51.51 22.34
CA ASN M 969 40.82 -51.50 21.31
C ASN M 969 40.40 -52.34 20.10
N PRO M 970 40.40 -51.76 18.88
CA PRO M 970 39.94 -52.35 17.63
C PRO M 970 40.95 -53.33 17.05
N ASN M 971 41.28 -54.35 17.82
CA ASN M 971 42.24 -55.34 17.37
C ASN M 971 41.61 -56.31 16.37
N TRP M 972 42.36 -56.70 15.36
CA TRP M 972 41.91 -57.72 14.41
C TRP M 972 42.39 -59.07 14.89
N MET M 973 41.49 -59.85 15.45
CA MET M 973 41.88 -61.07 16.11
C MET M 973 42.28 -62.14 15.12
N SER M 974 43.35 -62.86 15.43
CA SER M 974 43.78 -64.00 14.65
C SER M 974 43.24 -65.28 15.26
N ALA M 975 43.02 -65.24 16.57
CA ALA M 975 42.44 -66.33 17.34
C ALA M 975 42.08 -65.84 18.75
N VAL M 976 41.11 -66.49 19.41
CA VAL M 976 40.78 -66.13 20.80
C VAL M 976 40.66 -67.34 21.71
N GLU M 977 40.73 -67.12 23.03
CA GLU M 977 40.47 -68.15 24.05
C GLU M 977 39.97 -67.53 25.36
N ILE M 978 39.25 -68.32 26.16
CA ILE M 978 38.79 -67.86 27.48
C ILE M 978 39.73 -68.33 28.59
N LEU M 979 40.21 -67.39 29.38
CA LEU M 979 41.14 -67.72 30.46
C LEU M 979 40.35 -67.90 31.77
N ASP M 980 39.36 -67.04 31.96
CA ASP M 980 38.47 -67.08 33.12
C ASP M 980 37.17 -66.36 32.81
N ASP M 981 36.25 -66.32 33.76
CA ASP M 981 34.94 -65.70 33.56
C ASP M 981 35.03 -64.22 33.16
N ASP M 982 36.04 -63.53 33.68
CA ASP M 982 36.25 -62.13 33.36
C ASP M 982 37.57 -61.90 32.65
N ASN M 983 38.18 -62.97 32.13
CA ASN M 983 39.52 -62.88 31.56
C ASN M 983 39.65 -63.55 30.21
N PHE M 984 40.03 -62.78 29.21
CA PHE M 984 40.06 -63.28 27.85
C PHE M 984 41.43 -63.13 27.23
N LEU M 985 41.97 -64.25 26.77
CA LEU M 985 43.29 -64.30 26.18
C LEU M 985 43.14 -64.46 24.68
N GLY M 986 43.95 -63.73 23.91
CA GLY M 986 43.86 -63.89 22.48
C GLY M 986 45.03 -63.26 21.77
N ALA M 987 45.02 -63.34 20.45
CA ALA M 987 46.10 -62.80 19.65
C ALA M 987 45.55 -62.18 18.39
N GLU M 988 46.27 -61.20 17.86
CA GLU M 988 45.80 -60.45 16.71
C GLU M 988 46.68 -60.61 15.47
N ASN M 989 46.26 -59.97 14.40
CA ASN M 989 46.90 -60.07 13.10
C ASN M 989 48.18 -59.25 13.04
N ALA M 990 48.45 -58.54 14.12
CA ALA M 990 49.65 -57.73 14.23
C ALA M 990 50.77 -58.54 14.90
N PHE M 991 50.54 -59.84 15.04
CA PHE M 991 51.52 -60.78 15.60
C PHE M 991 51.75 -60.54 17.09
N ASN M 992 50.70 -60.10 17.79
CA ASN M 992 50.78 -59.88 19.22
C ASN M 992 49.82 -60.78 20.00
N LEU M 993 50.20 -61.05 21.25
CA LEU M 993 49.37 -61.73 22.24
C LEU M 993 48.94 -60.74 23.32
N PHE M 994 47.70 -60.83 23.79
CA PHE M 994 47.29 -60.00 24.91
C PHE M 994 46.22 -60.65 25.77
N VAL M 995 46.10 -60.17 27.00
CA VAL M 995 45.02 -60.62 27.88
C VAL M 995 44.27 -59.44 28.47
N CYS M 996 42.95 -59.47 28.36
CA CYS M 996 42.09 -58.43 28.89
C CYS M 996 41.26 -58.92 30.07
N GLN M 997 41.00 -58.02 31.02
CA GLN M 997 40.16 -58.34 32.17
C GLN M 997 39.02 -57.36 32.33
N LYS M 998 37.82 -57.88 32.56
CA LYS M 998 36.66 -57.02 32.81
C LYS M 998 36.86 -56.30 34.13
N ASP M 999 36.70 -54.98 34.12
CA ASP M 999 36.95 -54.22 35.33
C ASP M 999 35.73 -54.24 36.25
N SER M 1000 35.55 -55.36 36.94
CA SER M 1000 34.40 -55.55 37.82
C SER M 1000 34.49 -54.67 39.06
N ALA M 1001 35.69 -54.16 39.34
CA ALA M 1001 35.96 -53.31 40.49
C ALA M 1001 35.69 -51.84 40.17
N ALA M 1002 35.23 -51.59 38.95
CA ALA M 1002 34.99 -50.25 38.44
C ALA M 1002 33.81 -49.56 39.09
N THR M 1003 33.72 -48.24 38.90
CA THR M 1003 32.63 -47.44 39.46
C THR M 1003 31.54 -47.15 38.44
N THR M 1004 31.92 -46.93 37.18
CA THR M 1004 30.93 -46.62 36.16
C THR M 1004 30.82 -47.72 35.11
N ASP M 1005 29.92 -47.53 34.15
CA ASP M 1005 29.62 -48.54 33.15
C ASP M 1005 30.64 -48.53 32.02
N GLU M 1006 31.20 -47.36 31.75
CA GLU M 1006 32.24 -47.27 30.74
C GLU M 1006 33.37 -48.21 31.12
N GLU M 1007 33.66 -48.25 32.41
CA GLU M 1007 34.72 -49.06 32.96
C GLU M 1007 34.29 -50.53 33.14
N ARG M 1008 33.12 -50.76 33.73
CA ARG M 1008 32.67 -52.13 34.00
C ARG M 1008 32.48 -52.94 32.73
N GLN M 1009 32.07 -52.26 31.65
CA GLN M 1009 31.83 -52.91 30.39
C GLN M 1009 33.07 -52.93 29.52
N HIS M 1010 34.22 -52.59 30.10
CA HIS M 1010 35.47 -52.60 29.36
C HIS M 1010 36.30 -53.82 29.73
N LEU M 1011 36.68 -54.59 28.72
CA LEU M 1011 37.63 -55.67 28.90
C LEU M 1011 39.01 -55.06 28.72
N GLN M 1012 39.57 -54.61 29.84
CA GLN M 1012 40.77 -53.79 29.86
C GLN M 1012 42.03 -54.61 29.67
N GLU M 1013 42.87 -54.20 28.74
CA GLU M 1013 44.13 -54.89 28.54
C GLU M 1013 44.91 -54.89 29.84
N VAL M 1014 45.34 -56.07 30.27
CA VAL M 1014 46.14 -56.22 31.47
C VAL M 1014 47.57 -56.51 31.08
N GLY M 1015 47.70 -57.46 30.17
CA GLY M 1015 49.01 -57.84 29.68
C GLY M 1015 49.09 -57.62 28.19
N LEU M 1016 50.29 -57.29 27.73
CA LEU M 1016 50.56 -57.07 26.32
C LEU M 1016 51.93 -57.66 25.98
N PHE M 1017 51.96 -58.54 24.97
CA PHE M 1017 53.21 -59.19 24.61
C PHE M 1017 53.28 -59.47 23.11
N HIS M 1018 54.40 -59.15 22.49
CA HIS M 1018 54.56 -59.43 21.06
C HIS M 1018 55.19 -60.79 20.84
N LEU M 1019 54.59 -61.58 19.94
CA LEU M 1019 55.11 -62.91 19.64
C LEU M 1019 55.97 -62.90 18.39
N GLY M 1020 55.54 -62.16 17.38
CA GLY M 1020 56.17 -62.21 16.07
C GLY M 1020 55.54 -63.33 15.26
N GLU M 1021 54.60 -64.02 15.89
CA GLU M 1021 53.87 -65.14 15.31
C GLU M 1021 52.40 -64.80 15.16
N PHE M 1022 51.81 -65.30 14.09
CA PHE M 1022 50.39 -65.16 13.84
C PHE M 1022 49.68 -66.40 14.36
N VAL M 1023 48.96 -66.24 15.47
CA VAL M 1023 48.31 -67.38 16.10
C VAL M 1023 47.01 -67.67 15.38
N ASN M 1024 46.84 -68.91 14.96
CA ASN M 1024 45.64 -69.27 14.24
C ASN M 1024 44.69 -70.10 15.08
N VAL M 1025 45.25 -70.90 15.99
CA VAL M 1025 44.47 -71.86 16.75
C VAL M 1025 44.75 -71.81 18.24
N PHE M 1026 43.69 -71.78 19.06
CA PHE M 1026 43.82 -71.97 20.51
C PHE M 1026 43.07 -73.23 20.96
N CYS M 1027 43.62 -73.90 21.97
CA CYS M 1027 42.95 -75.02 22.62
C CYS M 1027 43.61 -75.30 23.97
N HIS M 1028 42.81 -75.64 24.97
CA HIS M 1028 43.38 -75.97 26.29
C HIS M 1028 43.89 -77.41 26.30
N GLY M 1029 45.03 -77.63 26.95
CA GLY M 1029 45.64 -78.95 27.06
C GLY M 1029 47.11 -78.92 26.63
N SER M 1030 47.84 -79.99 26.94
CA SER M 1030 49.26 -80.04 26.57
C SER M 1030 49.72 -81.48 26.37
N LEU M 1031 50.81 -81.65 25.62
CA LEU M 1031 51.35 -82.98 25.36
C LEU M 1031 52.28 -83.46 26.43
N VAL M 1032 51.70 -83.78 27.58
CA VAL M 1032 52.42 -84.30 28.72
C VAL M 1032 51.76 -85.58 29.19
N MET M 1033 52.49 -86.40 29.92
CA MET M 1033 51.90 -87.60 30.48
C MET M 1033 51.40 -87.31 31.88
N GLN M 1034 50.09 -87.47 32.08
CA GLN M 1034 49.47 -87.11 33.34
C GLN M 1034 49.57 -88.22 34.37
N ASN M 1035 50.43 -88.00 35.37
CA ASN M 1035 50.66 -88.98 36.42
C ASN M 1035 50.15 -88.50 37.78
N LEU M 1036 49.32 -87.47 37.77
CA LEU M 1036 48.77 -86.92 39.00
C LEU M 1036 47.61 -85.98 38.71
N PRO M 1042 54.07 -72.70 40.40
CA PRO M 1042 54.48 -71.41 39.88
C PRO M 1042 53.48 -70.87 38.87
N THR M 1043 52.85 -71.77 38.14
CA THR M 1043 51.89 -71.36 37.12
C THR M 1043 50.72 -72.34 37.02
N GLN M 1044 49.60 -71.89 36.49
CA GLN M 1044 48.38 -72.71 36.42
C GLN M 1044 47.75 -72.77 35.03
N GLY M 1045 47.08 -73.87 34.74
CA GLY M 1045 46.33 -74.01 33.48
C GLY M 1045 47.24 -74.44 32.33
N SER M 1046 46.71 -74.44 31.12
CA SER M 1046 47.48 -74.85 29.96
C SER M 1046 46.81 -74.47 28.63
N VAL M 1047 46.90 -73.21 28.23
CA VAL M 1047 46.32 -72.83 26.94
C VAL M 1047 47.34 -73.01 25.82
N LEU M 1048 47.05 -73.92 24.92
CA LEU M 1048 47.98 -74.25 23.85
C LEU M 1048 47.57 -73.50 22.59
N PHE M 1049 48.53 -73.06 21.80
CA PHE M 1049 48.15 -72.44 20.55
C PHE M 1049 49.07 -72.78 19.40
N GLY M 1050 48.52 -72.77 18.20
CA GLY M 1050 49.30 -73.04 17.00
C GLY M 1050 49.37 -71.81 16.12
N THR M 1051 50.48 -71.67 15.41
CA THR M 1051 50.67 -70.52 14.54
C THR M 1051 50.88 -70.94 13.10
N VAL M 1052 50.95 -69.94 12.23
CA VAL M 1052 51.12 -70.15 10.80
C VAL M 1052 52.49 -70.70 10.43
N ASN M 1053 53.42 -70.69 11.38
CA ASN M 1053 54.77 -71.17 11.11
C ASN M 1053 55.04 -72.55 11.71
N GLY M 1054 54.00 -73.22 12.18
CA GLY M 1054 54.17 -74.56 12.74
C GLY M 1054 54.59 -74.50 14.20
N MET M 1055 54.61 -73.30 14.75
CA MET M 1055 55.00 -73.12 16.14
C MET M 1055 53.82 -73.47 17.02
N ILE M 1056 54.09 -74.16 18.11
CA ILE M 1056 53.04 -74.38 19.09
C ILE M 1056 53.45 -73.76 20.41
N GLY M 1057 52.67 -72.83 20.89
CA GLY M 1057 52.98 -72.15 22.13
C GLY M 1057 52.11 -72.65 23.25
N LEU M 1058 52.42 -72.21 24.47
CA LEU M 1058 51.66 -72.58 25.64
C LEU M 1058 51.62 -71.44 26.66
N VAL M 1059 50.42 -71.04 27.06
CA VAL M 1059 50.27 -69.93 27.99
C VAL M 1059 49.60 -70.38 29.27
N THR M 1060 50.25 -70.08 30.40
CA THR M 1060 49.74 -70.46 31.71
C THR M 1060 49.62 -69.24 32.62
N SER M 1061 48.71 -69.32 33.60
CA SER M 1061 48.48 -68.21 34.53
C SER M 1061 49.56 -68.13 35.59
N LEU M 1062 49.88 -66.91 36.01
CA LEU M 1062 50.86 -66.70 37.08
C LEU M 1062 50.26 -66.05 38.33
N SER M 1063 50.83 -66.38 39.48
CA SER M 1063 50.52 -65.68 40.71
C SER M 1063 51.23 -64.33 40.71
N GLU M 1064 50.85 -63.46 41.63
CA GLU M 1064 51.47 -62.14 41.68
C GLU M 1064 52.96 -62.23 42.00
N SER M 1065 53.30 -63.15 42.91
CA SER M 1065 54.69 -63.31 43.33
C SER M 1065 55.54 -63.94 42.23
N TRP M 1066 54.98 -64.90 41.52
CA TRP M 1066 55.74 -65.56 40.46
C TRP M 1066 55.87 -64.67 39.23
N TYR M 1067 54.89 -63.82 38.99
CA TYR M 1067 55.02 -62.85 37.92
C TYR M 1067 56.20 -61.93 38.19
N ASN M 1068 56.27 -61.38 39.41
CA ASN M 1068 57.35 -60.47 39.75
C ASN M 1068 58.69 -61.20 39.82
N LEU M 1069 58.66 -62.46 40.24
CA LEU M 1069 59.87 -63.28 40.30
C LEU M 1069 60.48 -63.38 38.91
N LEU M 1070 59.65 -63.77 37.96
CA LEU M 1070 60.08 -64.00 36.60
C LEU M 1070 60.32 -62.70 35.87
N LEU M 1071 59.60 -61.65 36.25
CA LEU M 1071 59.73 -60.35 35.61
C LEU M 1071 61.12 -59.78 35.86
N ASP M 1072 61.58 -59.87 37.10
CA ASP M 1072 62.91 -59.40 37.45
C ASP M 1072 63.96 -60.29 36.83
N MET M 1073 63.65 -61.58 36.74
CA MET M 1073 64.53 -62.53 36.12
C MET M 1073 64.74 -62.21 34.63
N GLN M 1074 63.67 -61.83 33.93
CA GLN M 1074 63.79 -61.50 32.50
C GLN M 1074 64.72 -60.31 32.31
N ASN M 1075 64.61 -59.32 33.19
CA ASN M 1075 65.39 -58.11 33.05
C ASN M 1075 66.88 -58.40 33.19
N ARG M 1076 67.20 -59.36 34.05
CA ARG M 1076 68.59 -59.76 34.25
C ARG M 1076 69.08 -60.64 33.11
N LEU M 1077 68.22 -61.53 32.64
CA LEU M 1077 68.60 -62.49 31.60
C LEU M 1077 68.96 -61.83 30.30
N ASN M 1078 68.25 -60.76 29.95
CA ASN M 1078 68.47 -60.10 28.67
C ASN M 1078 69.77 -59.30 28.67
N LYS M 1079 70.43 -59.22 29.82
CA LYS M 1079 71.70 -58.50 29.90
C LYS M 1079 72.84 -59.35 29.35
N VAL M 1080 72.75 -60.67 29.52
CA VAL M 1080 73.83 -61.53 29.10
C VAL M 1080 73.44 -62.40 27.91
N ILE M 1081 72.15 -62.64 27.73
CA ILE M 1081 71.74 -63.45 26.59
C ILE M 1081 71.67 -62.58 25.37
N LYS M 1082 72.81 -62.46 24.71
CA LYS M 1082 72.98 -61.56 23.58
C LYS M 1082 72.36 -62.15 22.34
N SER M 1083 71.70 -61.30 21.57
CA SER M 1083 71.10 -61.70 20.31
C SER M 1083 72.10 -61.62 19.19
N VAL M 1084 71.77 -62.28 18.08
CA VAL M 1084 72.52 -62.10 16.87
C VAL M 1084 72.29 -60.69 16.37
N GLY M 1085 73.39 -59.99 16.06
CA GLY M 1085 73.28 -58.63 15.55
C GLY M 1085 73.18 -57.59 16.64
N LYS M 1086 73.26 -58.01 17.91
CA LYS M 1086 73.13 -57.09 19.02
C LYS M 1086 71.83 -56.31 18.91
N ILE M 1087 70.75 -57.00 18.62
CA ILE M 1087 69.43 -56.39 18.50
C ILE M 1087 68.73 -56.48 19.84
N GLU M 1088 68.29 -55.33 20.35
CA GLU M 1088 67.69 -55.26 21.68
C GLU M 1088 66.43 -56.10 21.81
N HIS M 1089 66.27 -56.72 22.98
CA HIS M 1089 65.10 -57.53 23.29
C HIS M 1089 63.85 -56.68 23.41
N SER M 1090 64.05 -55.39 23.64
CA SER M 1090 62.95 -54.46 23.82
C SER M 1090 62.19 -54.24 22.52
N PHE M 1091 62.80 -54.63 21.40
CA PHE M 1091 62.10 -54.50 20.13
C PHE M 1091 61.11 -55.62 19.93
N TRP M 1092 61.58 -56.86 19.99
CA TRP M 1092 60.71 -58.00 19.78
C TRP M 1092 59.61 -58.08 20.79
N ARG M 1093 59.93 -57.84 22.05
CA ARG M 1093 58.95 -58.00 23.11
C ARG M 1093 57.84 -56.96 23.06
N SER M 1094 58.06 -55.84 22.37
CA SER M 1094 57.09 -54.74 22.41
C SER M 1094 55.84 -55.03 21.59
N PHE M 1095 54.70 -54.81 22.21
CA PHE M 1095 53.40 -55.01 21.60
C PHE M 1095 53.22 -53.97 20.50
N HIS M 1096 53.14 -54.43 19.26
CA HIS M 1096 53.20 -53.51 18.13
C HIS M 1096 51.94 -53.59 17.28
N THR M 1097 51.15 -52.51 17.29
CA THR M 1097 49.90 -52.45 16.54
C THR M 1097 49.92 -51.31 15.55
N GLU M 1098 48.82 -51.14 14.84
CA GLU M 1098 48.69 -50.07 13.85
C GLU M 1098 48.61 -48.69 14.49
N ARG M 1099 48.29 -48.65 15.78
CA ARG M 1099 48.05 -47.37 16.46
C ARG M 1099 49.09 -47.03 17.53
N LYS M 1100 49.60 -48.06 18.20
CA LYS M 1100 50.52 -47.83 19.32
C LYS M 1100 51.59 -48.91 19.42
N THR M 1101 52.71 -48.55 20.06
CA THR M 1101 53.73 -49.52 20.42
C THR M 1101 53.95 -49.48 21.93
N GLU M 1102 53.90 -50.64 22.59
CA GLU M 1102 54.11 -50.71 24.02
C GLU M 1102 55.06 -51.85 24.38
N PRO M 1103 55.90 -51.68 25.40
CA PRO M 1103 56.82 -52.68 25.92
C PRO M 1103 56.02 -53.79 26.57
N ALA M 1104 56.58 -54.99 26.58
CA ALA M 1104 55.86 -56.12 27.15
C ALA M 1104 55.54 -55.89 28.61
N THR M 1105 54.32 -56.26 29.00
CA THR M 1105 53.89 -56.17 30.39
C THR M 1105 52.82 -57.21 30.68
N GLY M 1106 52.79 -57.70 31.90
CA GLY M 1106 51.76 -58.64 32.33
C GLY M 1106 52.06 -60.05 31.86
N PHE M 1107 53.13 -60.18 31.08
CA PHE M 1107 53.56 -61.46 30.53
C PHE M 1107 55.02 -61.75 30.81
N ILE M 1108 55.32 -63.04 30.91
CA ILE M 1108 56.69 -63.50 31.00
C ILE M 1108 57.14 -64.21 29.74
N ASP M 1109 58.30 -63.82 29.22
CA ASP M 1109 58.92 -64.51 28.11
C ASP M 1109 59.59 -65.77 28.63
N GLY M 1110 58.89 -66.87 28.54
CA GLY M 1110 59.34 -68.10 29.18
C GLY M 1110 60.44 -68.76 28.37
N ASP M 1111 60.63 -68.29 27.14
CA ASP M 1111 61.69 -68.84 26.30
C ASP M 1111 63.00 -68.24 26.74
N LEU M 1112 62.95 -66.97 27.15
CA LEU M 1112 64.08 -66.30 27.74
C LEU M 1112 64.45 -66.96 29.07
N ILE M 1113 63.43 -67.32 29.84
CA ILE M 1113 63.63 -67.98 31.13
C ILE M 1113 64.36 -69.30 30.92
N GLU M 1114 63.88 -70.11 29.98
CA GLU M 1114 64.52 -71.39 29.69
C GLU M 1114 65.94 -71.20 29.16
N SER M 1115 66.15 -70.15 28.36
CA SER M 1115 67.42 -69.87 27.70
C SER M 1115 68.55 -69.62 28.70
N PHE M 1116 68.20 -69.42 29.97
CA PHE M 1116 69.19 -69.22 31.01
C PHE M 1116 70.18 -70.39 31.08
N LEU M 1117 69.69 -71.60 30.84
CA LEU M 1117 70.53 -72.77 30.98
C LEU M 1117 71.50 -72.95 29.83
N ASP M 1118 71.39 -72.10 28.81
CA ASP M 1118 72.24 -72.19 27.63
C ASP M 1118 73.40 -71.20 27.64
N ILE M 1119 73.66 -70.57 28.79
CA ILE M 1119 74.80 -69.66 28.88
C ILE M 1119 75.81 -70.17 29.91
N SER M 1120 77.06 -69.70 29.79
CA SER M 1120 78.14 -70.13 30.68
C SER M 1120 77.95 -69.58 32.09
N ARG M 1121 78.43 -70.34 33.08
CA ARG M 1121 78.29 -69.97 34.49
C ARG M 1121 78.61 -68.50 34.83
N PRO M 1122 79.75 -67.92 34.38
CA PRO M 1122 80.13 -66.55 34.66
C PRO M 1122 79.02 -65.57 34.31
N LYS M 1123 78.26 -65.88 33.26
CA LYS M 1123 77.18 -65.03 32.83
C LYS M 1123 75.93 -65.32 33.62
N MET M 1124 75.82 -66.56 34.08
CA MET M 1124 74.71 -66.92 34.96
C MET M 1124 74.82 -66.15 36.26
N GLN M 1125 76.06 -65.99 36.73
CA GLN M 1125 76.31 -65.25 37.94
C GLN M 1125 76.01 -63.77 37.76
N GLU M 1126 76.26 -63.23 36.56
CA GLU M 1126 75.90 -61.84 36.28
C GLU M 1126 74.37 -61.66 36.34
N VAL M 1127 73.63 -62.64 35.82
CA VAL M 1127 72.17 -62.57 35.81
C VAL M 1127 71.61 -62.52 37.22
N VAL M 1128 72.19 -63.33 38.10
CA VAL M 1128 71.67 -63.42 39.49
C VAL M 1128 72.33 -62.37 40.38
N ALA M 1129 73.16 -61.48 39.81
CA ALA M 1129 73.72 -60.41 40.65
C ALA M 1129 72.57 -59.52 41.13
N ASN M 1130 72.48 -59.29 42.44
CA ASN M 1130 71.40 -58.43 43.01
C ASN M 1130 70.03 -58.95 42.58
N LEU M 1131 69.86 -60.27 42.45
CA LEU M 1131 68.55 -60.82 41.96
C LEU M 1131 67.79 -61.41 43.14
N GLN M 1132 67.00 -60.58 43.83
CA GLN M 1132 66.17 -61.05 44.96
C GLN M 1132 64.72 -61.10 44.46
N TYR M 1133 64.05 -62.24 44.65
CA TYR M 1133 62.68 -62.38 44.07
C TYR M 1133 61.62 -62.42 45.17
N ASP M 1134 60.52 -61.70 44.96
CA ASP M 1134 59.41 -61.69 45.95
C ASP M 1134 58.80 -63.09 46.05
N ASP M 1135 58.36 -63.48 47.26
CA ASP M 1135 57.80 -64.84 47.48
C ASP M 1135 56.43 -64.69 48.14
N GLY M 1136 55.62 -65.75 48.18
CA GLY M 1136 54.25 -65.66 48.73
C GLY M 1136 54.26 -65.21 50.18
N SER M 1137 55.26 -65.64 50.95
CA SER M 1137 55.40 -65.18 52.36
C SER M 1137 55.67 -63.67 52.38
N GLY M 1138 56.13 -63.11 51.26
CA GLY M 1138 56.49 -61.68 51.18
C GLY M 1138 57.99 -61.51 51.34
N MET M 1139 58.71 -62.61 51.56
CA MET M 1139 60.18 -62.56 51.71
C MET M 1139 60.83 -62.34 50.34
N LYS M 1140 61.96 -61.63 50.29
CA LYS M 1140 62.70 -61.48 49.01
C LYS M 1140 63.97 -62.32 49.12
N ARG M 1141 64.19 -63.26 48.20
CA ARG M 1141 65.35 -64.17 48.35
C ARG M 1141 66.37 -63.96 47.24
N GLU M 1142 67.61 -63.58 47.61
CA GLU M 1142 68.70 -63.44 46.59
C GLU M 1142 69.14 -64.85 46.19
N ALA M 1143 69.55 -65.04 44.93
CA ALA M 1143 69.91 -66.40 44.47
C ALA M 1143 71.23 -66.39 43.70
N THR M 1144 71.86 -67.56 43.52
CA THR M 1144 73.07 -67.64 42.70
C THR M 1144 72.77 -68.37 41.40
N ALA M 1145 73.80 -68.60 40.60
CA ALA M 1145 73.63 -69.17 39.26
C ALA M 1145 72.86 -70.49 39.29
N ASP M 1146 73.09 -71.28 40.33
CA ASP M 1146 72.49 -72.60 40.43
C ASP M 1146 71.06 -72.53 40.93
N ASP M 1147 70.73 -71.45 41.62
CA ASP M 1147 69.39 -71.33 42.20
C ASP M 1147 68.43 -70.79 41.15
N LEU M 1148 68.97 -70.03 40.21
CA LEU M 1148 68.09 -69.51 39.18
C LEU M 1148 67.82 -70.60 38.16
N ILE M 1149 68.69 -71.62 38.11
CA ILE M 1149 68.40 -72.81 37.34
C ILE M 1149 67.21 -73.54 37.96
N LYS M 1150 67.21 -73.63 39.29
CA LYS M 1150 66.10 -74.26 40.01
C LYS M 1150 64.78 -73.57 39.65
N VAL M 1151 64.82 -72.25 39.49
CA VAL M 1151 63.64 -71.49 39.08
C VAL M 1151 63.15 -71.92 37.69
N VAL M 1152 64.08 -72.10 36.76
CA VAL M 1152 63.72 -72.55 35.43
C VAL M 1152 63.07 -73.93 35.51
N GLU M 1153 63.66 -74.80 36.33
CA GLU M 1153 63.16 -76.17 36.49
C GLU M 1153 61.74 -76.19 37.04
N GLU M 1154 61.43 -75.30 37.98
CA GLU M 1154 60.10 -75.24 38.56
C GLU M 1154 59.04 -74.91 37.51
N LEU M 1155 59.40 -74.05 36.56
CA LEU M 1155 58.46 -73.75 35.47
C LEU M 1155 58.46 -74.88 34.43
N THR M 1156 59.64 -75.43 34.17
CA THR M 1156 59.82 -76.43 33.12
C THR M 1156 58.98 -77.68 33.37
N ARG M 1157 58.89 -78.09 34.62
CA ARG M 1157 58.18 -79.31 34.97
C ARG M 1157 56.66 -79.13 34.96
N ILE M 1158 56.19 -77.90 34.81
CA ILE M 1158 54.75 -77.63 34.78
C ILE M 1158 54.26 -77.42 33.36
N HIS M 1159 54.97 -76.61 32.59
CA HIS M 1159 54.55 -76.28 31.23
C HIS M 1159 55.18 -77.23 30.22
N ALA N 1064 43.33 -65.40 -3.57
CA ALA N 1064 42.91 -64.02 -3.72
C ALA N 1064 41.39 -63.85 -3.79
N PRO N 1065 40.63 -64.40 -2.82
CA PRO N 1065 39.19 -64.32 -2.72
C PRO N 1065 38.69 -62.94 -2.33
N ILE N 1066 37.47 -62.62 -2.76
CA ILE N 1066 36.81 -61.38 -2.36
C ILE N 1066 36.07 -61.56 -1.03
N ASN N 1067 35.49 -62.73 -0.84
CA ASN N 1067 34.61 -62.99 0.29
C ASN N 1067 35.33 -63.12 1.61
N PHE N 1068 34.74 -62.56 2.65
CA PHE N 1068 35.29 -62.69 4.00
C PHE N 1068 35.60 -64.12 4.39
N THR N 1069 34.69 -65.05 4.12
CA THR N 1069 34.85 -66.38 4.68
C THR N 1069 36.11 -67.06 4.13
N SER N 1070 36.36 -66.86 2.85
CA SER N 1070 37.53 -67.44 2.21
C SER N 1070 38.78 -66.70 2.64
N ARG N 1071 38.69 -65.37 2.69
CA ARG N 1071 39.83 -64.54 3.03
C ARG N 1071 40.29 -64.82 4.45
N LEU N 1072 39.33 -64.97 5.36
CA LEU N 1072 39.62 -65.19 6.75
C LEU N 1072 40.19 -66.59 7.00
N ASN N 1073 39.69 -67.59 6.29
CA ASN N 1073 40.23 -68.94 6.46
C ASN N 1073 41.66 -69.04 5.97
N ARG N 1074 42.00 -68.24 4.96
CA ARG N 1074 43.34 -68.23 4.42
C ARG N 1074 44.38 -67.73 5.40
N ARG N 1075 43.94 -67.08 6.49
CA ARG N 1075 44.86 -66.50 7.45
C ARG N 1075 45.74 -67.59 8.06
N ALA N 1076 45.24 -68.82 8.02
CA ALA N 1076 45.92 -69.97 8.59
C ALA N 1076 47.26 -70.23 7.92
N SER N 1077 47.35 -69.90 6.65
CA SER N 1077 48.59 -70.12 5.90
C SER N 1077 49.10 -68.82 5.28
N PHE N 1078 48.24 -67.81 5.24
CA PHE N 1078 48.55 -66.51 4.67
C PHE N 1078 48.17 -65.39 5.66
N PRO N 1079 49.06 -65.10 6.63
CA PRO N 1079 48.83 -64.28 7.81
C PRO N 1079 48.61 -62.82 7.46
N LYS N 1080 48.44 -61.99 8.49
CA LYS N 1080 48.17 -60.55 8.37
C LYS N 1080 46.70 -60.27 8.05
N TYR N 1081 46.16 -60.95 7.05
CA TYR N 1081 44.76 -60.76 6.70
C TYR N 1081 44.17 -61.92 5.90
N GLY N 1082 44.95 -62.48 4.97
CA GLY N 1082 44.50 -63.58 4.12
C GLY N 1082 44.07 -63.11 2.72
N GLY N 1083 44.63 -63.74 1.68
CA GLY N 1083 44.31 -63.35 0.31
C GLY N 1083 45.14 -62.15 -0.15
N VAL N 1084 44.50 -61.24 -0.88
CA VAL N 1084 45.18 -60.07 -1.43
C VAL N 1084 44.52 -58.78 -0.96
N ASP N 1085 45.23 -57.66 -1.13
CA ASP N 1085 44.74 -56.30 -0.82
C ASP N 1085 44.67 -56.02 0.68
N GLY N 1086 44.04 -56.90 1.44
CA GLY N 1086 43.89 -56.71 2.88
C GLY N 1086 43.09 -55.46 3.15
N GLY N 1087 43.66 -54.54 3.91
CA GLY N 1087 42.97 -53.30 4.25
C GLY N 1087 42.48 -52.55 3.02
N CYS N 1088 43.20 -52.69 1.91
CA CYS N 1088 42.82 -52.01 0.66
C CYS N 1088 41.50 -52.52 0.10
N PHE N 1089 41.01 -53.61 0.69
CA PHE N 1089 39.73 -54.20 0.34
C PHE N 1089 38.77 -54.23 1.52
N ASP N 1090 39.29 -54.57 2.71
CA ASP N 1090 38.44 -54.84 3.86
C ASP N 1090 37.85 -53.55 4.42
N ARG N 1091 38.53 -52.43 4.18
CA ARG N 1091 38.02 -51.13 4.61
C ARG N 1091 36.71 -50.80 3.91
N HIS N 1092 36.42 -51.49 2.80
CA HIS N 1092 35.22 -51.23 2.03
C HIS N 1092 34.03 -52.03 2.55
N LEU N 1093 34.27 -52.88 3.54
CA LEU N 1093 33.23 -53.68 4.14
C LEU N 1093 32.80 -53.07 5.47
N ILE N 1094 33.71 -52.34 6.09
CA ILE N 1094 33.47 -51.73 7.39
C ILE N 1094 33.05 -50.26 7.32
N PHE N 1095 33.67 -49.49 6.43
CA PHE N 1095 33.36 -48.07 6.33
C PHE N 1095 32.26 -47.80 5.34
N SER N 1096 31.58 -48.88 4.95
CA SER N 1096 30.42 -48.82 4.09
C SER N 1096 29.16 -49.20 4.86
N ARG N 1097 29.30 -49.47 6.16
CA ARG N 1097 28.17 -49.91 6.97
C ARG N 1097 28.02 -49.12 8.26
N PHE N 1098 27.47 -47.91 8.17
CA PHE N 1098 27.31 -47.06 9.35
C PHE N 1098 25.92 -47.17 9.97
N ARG N 1099 25.89 -47.25 11.29
CA ARG N 1099 24.64 -47.29 12.04
C ARG N 1099 24.70 -46.42 13.30
N PRO N 1100 23.69 -45.57 13.54
CA PRO N 1100 23.61 -44.63 14.64
C PRO N 1100 23.57 -45.36 15.97
N ILE N 1101 24.28 -44.82 16.97
CA ILE N 1101 24.28 -45.39 18.31
C ILE N 1101 23.75 -44.42 19.37
N SER N 1102 24.19 -43.16 19.31
CA SER N 1102 23.82 -42.18 20.34
C SER N 1102 23.90 -40.75 19.84
N VAL N 1103 23.30 -39.81 20.57
CA VAL N 1103 23.33 -38.41 20.18
C VAL N 1103 23.60 -37.48 21.37
N PHE N 1104 24.35 -36.41 21.13
CA PHE N 1104 24.61 -35.39 22.14
C PHE N 1104 23.70 -34.18 21.91
N ARG N 1105 23.10 -33.68 23.00
CA ARG N 1105 22.27 -32.46 22.98
C ARG N 1105 22.64 -31.56 24.17
N GLU N 1106 22.41 -30.25 24.02
CA GLU N 1106 22.66 -29.30 25.11
C GLU N 1106 21.74 -29.55 26.30
N ALA N 1107 22.30 -29.49 27.50
CA ALA N 1107 21.51 -29.62 28.70
C ALA N 1107 20.61 -28.41 28.87
N ASN N 1108 19.38 -28.66 29.30
CA ASN N 1108 18.40 -27.61 29.60
C ASN N 1108 17.94 -26.84 28.36
N GLU N 1109 18.27 -27.35 27.17
CA GLU N 1109 17.79 -26.75 25.94
C GLU N 1109 16.73 -27.64 25.30
N ASP N 1110 15.86 -27.05 24.50
CA ASP N 1110 14.84 -27.83 23.80
C ASP N 1110 15.38 -28.32 22.46
N GLU N 1111 16.19 -27.47 21.82
CA GLU N 1111 16.77 -27.75 20.52
C GLU N 1111 18.24 -27.34 20.53
N SER N 1112 19.05 -28.09 19.79
CA SER N 1112 20.50 -27.91 19.79
C SER N 1112 21.00 -26.90 18.77
N GLY N 1113 22.18 -26.38 19.01
CA GLY N 1113 22.81 -25.43 18.11
C GLY N 1113 24.31 -25.70 17.93
N PHE N 1114 24.69 -26.95 17.73
CA PHE N 1114 26.11 -27.27 17.54
C PHE N 1114 26.56 -26.94 16.13
N THR N 1115 27.80 -26.47 15.99
CA THR N 1115 28.36 -26.16 14.67
C THR N 1115 29.65 -26.91 14.36
N CYS N 1116 30.33 -27.40 15.39
CA CYS N 1116 31.60 -28.10 15.18
C CYS N 1116 31.91 -29.05 16.33
N CYS N 1117 32.78 -30.03 16.09
CA CYS N 1117 33.20 -30.93 17.17
C CYS N 1117 34.57 -31.55 16.98
N ALA N 1118 35.12 -32.02 18.09
CA ALA N 1118 36.37 -32.78 18.11
C ALA N 1118 36.41 -33.66 19.37
N PHE N 1119 37.09 -34.79 19.29
CA PHE N 1119 37.29 -35.59 20.49
C PHE N 1119 38.48 -35.04 21.26
N SER N 1120 38.43 -35.09 22.59
CA SER N 1120 39.53 -34.58 23.41
C SER N 1120 40.76 -35.46 23.30
N ALA N 1121 41.89 -34.96 23.78
CA ALA N 1121 43.18 -35.63 23.63
C ALA N 1121 43.18 -37.05 24.17
N ARG N 1122 42.46 -37.28 25.25
CA ARG N 1122 42.43 -38.61 25.86
C ARG N 1122 41.10 -39.28 25.60
N GLU N 1123 40.31 -38.67 24.73
CA GLU N 1123 38.99 -39.17 24.34
C GLU N 1123 38.13 -39.56 25.53
N ARG N 1124 38.14 -38.71 26.55
CA ARG N 1124 37.29 -38.91 27.73
C ARG N 1124 35.95 -38.24 27.51
N PHE N 1125 35.94 -37.27 26.61
CA PHE N 1125 34.76 -36.50 26.31
C PHE N 1125 34.80 -35.96 24.89
N LEU N 1126 33.63 -35.69 24.34
CA LEU N 1126 33.53 -35.04 23.03
C LEU N 1126 33.37 -33.54 23.24
N MET N 1127 34.14 -32.76 22.50
CA MET N 1127 34.09 -31.31 22.61
C MET N 1127 33.26 -30.75 21.48
N LEU N 1128 32.23 -29.99 21.81
CA LEU N 1128 31.38 -29.45 20.77
C LEU N 1128 31.24 -27.94 20.88
N GLY N 1129 31.22 -27.28 19.74
CA GLY N 1129 31.03 -25.84 19.71
C GLY N 1129 29.61 -25.51 19.31
N THR N 1130 29.08 -24.42 19.87
CA THR N 1130 27.70 -24.01 19.60
C THR N 1130 27.64 -22.82 18.67
N CYS N 1131 26.42 -22.51 18.21
CA CYS N 1131 26.13 -21.37 17.35
C CYS N 1131 26.28 -20.05 18.09
N THR N 1132 26.38 -20.14 19.41
CA THR N 1132 26.46 -18.99 20.28
C THR N 1132 27.86 -18.76 20.81
N GLY N 1133 28.82 -19.55 20.33
CA GLY N 1133 30.20 -19.36 20.73
C GLY N 1133 30.59 -20.08 22.01
N GLN N 1134 29.80 -21.08 22.41
CA GLN N 1134 30.12 -21.83 23.61
C GLN N 1134 30.80 -23.14 23.29
N LEU N 1135 31.58 -23.61 24.26
CA LEU N 1135 32.19 -24.93 24.21
C LEU N 1135 31.53 -25.84 25.22
N LYS N 1136 31.13 -27.02 24.78
CA LYS N 1136 30.52 -27.97 25.70
C LYS N 1136 31.23 -29.31 25.67
N LEU N 1137 31.49 -29.84 26.86
CA LEU N 1137 32.21 -31.09 26.99
C LEU N 1137 31.26 -32.18 27.47
N TYR N 1138 31.21 -33.28 26.72
CA TYR N 1138 30.30 -34.37 27.06
C TYR N 1138 31.01 -35.68 27.30
N ASN N 1139 30.52 -36.45 28.25
CA ASN N 1139 31.09 -37.76 28.53
C ASN N 1139 31.01 -38.61 27.29
N VAL N 1140 32.16 -39.12 26.85
CA VAL N 1140 32.25 -39.86 25.60
C VAL N 1140 31.40 -41.13 25.59
N PHE N 1141 31.13 -41.67 26.78
CA PHE N 1141 30.38 -42.91 26.88
C PHE N 1141 28.90 -42.69 27.17
N SER N 1142 28.61 -41.88 28.18
CA SER N 1142 27.23 -41.71 28.65
C SER N 1142 26.42 -40.67 27.88
N GLY N 1143 27.09 -39.71 27.25
CA GLY N 1143 26.37 -38.65 26.53
C GLY N 1143 26.00 -37.49 27.45
N GLN N 1144 26.43 -37.55 28.70
CA GLN N 1144 26.11 -36.53 29.69
C GLN N 1144 27.01 -35.30 29.59
N GLU N 1145 26.40 -34.12 29.53
CA GLU N 1145 27.17 -32.87 29.56
C GLU N 1145 27.88 -32.73 30.90
N GLU N 1146 29.19 -32.49 30.84
CA GLU N 1146 29.99 -32.38 32.06
C GLU N 1146 30.43 -30.95 32.33
N ALA N 1147 30.65 -30.18 31.27
CA ALA N 1147 31.15 -28.81 31.44
C ALA N 1147 30.72 -27.92 30.28
N SER N 1148 30.69 -26.61 30.55
CA SER N 1148 30.37 -25.64 29.53
C SER N 1148 31.16 -24.35 29.74
N TYR N 1149 31.78 -23.86 28.67
CA TYR N 1149 32.60 -22.66 28.73
C TYR N 1149 32.25 -21.69 27.62
N ASN N 1150 32.52 -20.41 27.83
CA ASN N 1150 32.38 -19.44 26.76
C ASN N 1150 33.71 -19.29 26.02
N CYS N 1151 33.67 -19.26 24.70
CA CYS N 1151 34.88 -19.07 23.91
C CYS N 1151 34.78 -17.84 23.02
N HIS N 1152 33.62 -17.68 22.40
CA HIS N 1152 33.39 -16.62 21.42
C HIS N 1152 31.97 -16.10 21.56
N ASN N 1153 31.61 -15.07 20.80
CA ASN N 1153 30.24 -14.54 20.84
C ASN N 1153 29.41 -14.99 19.64
N SER N 1154 29.94 -15.94 18.88
CA SER N 1154 29.27 -16.45 17.69
C SER N 1154 29.70 -17.87 17.40
N ALA N 1155 29.05 -18.48 16.42
CA ALA N 1155 29.30 -19.87 16.07
C ALA N 1155 30.78 -20.20 15.97
N ILE N 1156 31.15 -21.31 16.59
CA ILE N 1156 32.53 -21.81 16.54
C ILE N 1156 32.72 -22.63 15.27
N THR N 1157 33.73 -22.27 14.49
CA THR N 1157 34.01 -22.91 13.22
C THR N 1157 34.91 -24.13 13.40
N HIS N 1158 35.76 -24.09 14.43
CA HIS N 1158 36.73 -25.16 14.64
C HIS N 1158 37.11 -25.36 16.11
N LEU N 1159 37.32 -26.64 16.47
CA LEU N 1159 37.88 -27.04 17.76
C LEU N 1159 38.98 -28.09 17.55
N GLU N 1160 40.14 -27.92 18.18
CA GLU N 1160 41.18 -28.94 18.12
C GLU N 1160 42.11 -28.97 19.34
N PRO N 1161 42.20 -30.09 20.06
CA PRO N 1161 43.05 -30.32 21.22
C PRO N 1161 44.46 -30.66 20.79
N SER N 1162 45.42 -30.40 21.66
CA SER N 1162 46.77 -30.92 21.49
C SER N 1162 46.81 -32.40 21.84
N ARG N 1163 47.88 -33.09 21.45
CA ARG N 1163 48.06 -34.49 21.86
C ARG N 1163 48.23 -34.61 23.36
N ASP N 1164 48.88 -33.62 23.98
CA ASP N 1164 49.06 -33.63 25.42
C ASP N 1164 47.78 -33.25 26.16
N GLY N 1165 46.92 -32.47 25.50
CA GLY N 1165 45.62 -32.12 26.04
C GLY N 1165 45.65 -30.90 26.94
N SER N 1166 46.80 -30.24 27.03
CA SER N 1166 46.95 -29.06 27.88
C SER N 1166 46.07 -27.90 27.43
N LEU N 1167 45.98 -27.69 26.11
CA LEU N 1167 45.26 -26.55 25.56
C LEU N 1167 44.38 -26.95 24.37
N LEU N 1168 43.38 -26.12 24.12
CA LEU N 1168 42.44 -26.27 23.02
C LEU N 1168 42.47 -25.07 22.08
N LEU N 1169 42.52 -25.35 20.78
CA LEU N 1169 42.43 -24.29 19.79
C LEU N 1169 40.98 -24.11 19.39
N THR N 1170 40.49 -22.88 19.49
CA THR N 1170 39.11 -22.63 19.06
C THR N 1170 39.09 -21.46 18.10
N SER N 1171 38.10 -21.44 17.22
CA SER N 1171 37.87 -20.23 16.44
C SER N 1171 36.41 -20.06 16.02
N ALA N 1172 36.01 -18.81 15.81
CA ALA N 1172 34.66 -18.45 15.42
C ALA N 1172 34.56 -18.06 13.97
N THR N 1173 33.34 -18.11 13.44
CA THR N 1173 33.06 -17.70 12.07
C THR N 1173 32.99 -16.18 11.93
N TRP N 1174 32.95 -15.48 13.06
CA TRP N 1174 32.76 -14.03 13.06
C TRP N 1174 33.27 -13.35 14.31
N SER N 1175 32.82 -13.80 15.47
CA SER N 1175 33.11 -13.12 16.74
C SER N 1175 34.58 -12.97 17.02
N GLN N 1176 34.96 -11.81 17.53
CA GLN N 1176 36.34 -11.54 17.91
C GLN N 1176 36.62 -11.95 19.36
N PRO N 1177 37.84 -12.44 19.61
CA PRO N 1177 38.89 -12.78 18.66
C PRO N 1177 38.47 -13.98 17.83
N LEU N 1178 38.76 -13.93 16.53
CA LEU N 1178 38.33 -15.02 15.66
C LEU N 1178 38.92 -16.33 16.12
N SER N 1179 40.19 -16.34 16.49
CA SER N 1179 40.81 -17.54 17.07
C SER N 1179 41.36 -17.24 18.43
N ALA N 1180 41.46 -18.27 19.25
CA ALA N 1180 42.05 -18.10 20.56
C ALA N 1180 42.65 -19.39 21.09
N LEU N 1181 43.61 -19.23 21.98
CA LEU N 1181 44.18 -20.35 22.70
C LEU N 1181 43.57 -20.42 24.09
N TRP N 1182 42.85 -21.50 24.35
CA TRP N 1182 42.22 -21.70 25.63
C TRP N 1182 42.88 -22.85 26.37
N GLY N 1183 43.05 -22.71 27.68
CA GLY N 1183 43.60 -23.80 28.46
C GLY N 1183 42.56 -24.88 28.70
N MET N 1184 42.98 -26.13 28.77
CA MET N 1184 42.08 -27.21 29.14
C MET N 1184 42.40 -27.72 30.53
N LYS N 1185 43.68 -27.71 30.87
CA LYS N 1185 44.13 -28.19 32.17
C LYS N 1185 43.77 -27.20 33.27
N SER N 1186 43.13 -27.71 34.32
CA SER N 1186 42.76 -26.94 35.52
C SER N 1186 41.75 -25.82 35.27
N VAL N 1187 42.18 -24.79 34.55
CA VAL N 1187 41.33 -23.62 34.31
C VAL N 1187 41.21 -23.28 32.83
N PHE N 1188 39.97 -23.08 32.37
CA PHE N 1188 39.73 -22.72 30.99
C PHE N 1188 39.96 -21.24 30.75
N ASP N 1189 41.22 -20.83 30.85
CA ASP N 1189 41.60 -19.43 30.68
C ASP N 1189 42.12 -19.18 29.28
N MET N 1190 42.48 -17.94 28.98
CA MET N 1190 43.03 -17.62 27.67
C MET N 1190 44.54 -17.45 27.70
N LYS N 1191 45.20 -17.99 26.69
CA LYS N 1191 46.63 -17.79 26.53
C LYS N 1191 46.90 -16.74 25.48
N HIS N 1192 46.02 -16.64 24.49
CA HIS N 1192 46.20 -15.66 23.43
C HIS N 1192 44.93 -15.41 22.63
N SER N 1193 44.74 -14.15 22.20
CA SER N 1193 43.62 -13.77 21.35
C SER N 1193 44.08 -13.36 19.95
N PHE N 1194 43.59 -14.05 18.92
CA PHE N 1194 43.98 -13.77 17.54
C PHE N 1194 42.81 -13.22 16.72
N THR N 1195 42.80 -11.91 16.52
CA THR N 1195 41.64 -11.24 15.95
C THR N 1195 41.62 -11.28 14.43
N GLU N 1196 42.65 -11.86 13.84
CA GLU N 1196 42.75 -11.92 12.40
C GLU N 1196 42.62 -13.33 11.84
N ASP N 1197 42.51 -14.32 12.72
CA ASP N 1197 42.53 -15.71 12.27
C ASP N 1197 41.15 -16.39 12.30
N HIS N 1198 40.59 -16.61 11.12
CA HIS N 1198 39.30 -17.28 10.99
C HIS N 1198 39.39 -18.73 11.47
N TYR N 1199 40.40 -19.42 10.95
CA TYR N 1199 40.60 -20.84 11.21
C TYR N 1199 41.91 -21.07 11.94
N VAL N 1200 41.93 -22.00 12.88
CA VAL N 1200 43.14 -22.32 13.63
C VAL N 1200 43.39 -23.83 13.63
N GLU N 1201 44.65 -24.25 13.50
CA GLU N 1201 44.98 -25.68 13.50
C GLU N 1201 46.37 -26.00 14.06
N PHE N 1202 46.48 -27.13 14.75
CA PHE N 1202 47.80 -27.62 15.22
C PHE N 1202 48.64 -28.16 14.09
N SER N 1203 49.96 -28.02 14.22
CA SER N 1203 50.87 -28.69 13.31
C SER N 1203 50.78 -30.19 13.57
N LYS N 1204 51.42 -31.00 12.72
CA LYS N 1204 51.21 -32.43 12.81
C LYS N 1204 52.32 -33.20 13.54
N HIS N 1205 53.52 -32.62 13.61
CA HIS N 1205 54.61 -33.30 14.28
C HIS N 1205 54.98 -32.56 15.56
N SER N 1206 55.20 -31.25 15.45
CA SER N 1206 55.55 -30.43 16.60
C SER N 1206 54.42 -29.46 16.91
N GLN N 1207 53.60 -29.80 17.91
CA GLN N 1207 52.33 -29.11 18.12
C GLN N 1207 52.44 -27.84 18.94
N ASP N 1208 53.64 -27.45 19.28
CA ASP N 1208 53.83 -26.18 19.97
C ASP N 1208 53.59 -25.06 18.96
N ARG N 1209 53.67 -25.41 17.68
CA ARG N 1209 53.46 -24.45 16.62
C ARG N 1209 52.07 -24.63 16.01
N VAL N 1210 51.33 -23.52 15.94
CA VAL N 1210 49.95 -23.53 15.47
C VAL N 1210 49.73 -22.56 14.33
N ILE N 1211 48.93 -22.99 13.35
CA ILE N 1211 48.67 -22.18 12.17
C ILE N 1211 47.26 -21.62 12.13
N GLY N 1212 47.16 -20.31 11.94
CA GLY N 1212 45.89 -19.62 11.79
C GLY N 1212 45.68 -19.18 10.34
N THR N 1213 44.43 -18.95 9.95
CA THR N 1213 44.15 -18.50 8.60
C THR N 1213 43.38 -17.19 8.58
N LYS N 1214 43.93 -16.22 7.86
CA LYS N 1214 43.34 -14.90 7.65
C LYS N 1214 43.03 -14.71 6.17
N GLY N 1215 41.84 -15.05 5.73
CA GLY N 1215 41.57 -15.03 4.30
C GLY N 1215 42.52 -16.02 3.63
N ASP N 1216 43.40 -15.51 2.76
CA ASP N 1216 44.35 -16.34 2.05
C ASP N 1216 45.76 -16.27 2.66
N ILE N 1217 45.86 -15.75 3.88
CA ILE N 1217 47.15 -15.59 4.56
C ILE N 1217 47.32 -16.56 5.72
N ALA N 1218 48.46 -17.27 5.74
CA ALA N 1218 48.78 -18.16 6.84
C ALA N 1218 49.56 -17.42 7.93
N HIS N 1219 49.17 -17.66 9.18
CA HIS N 1219 49.86 -17.07 10.33
C HIS N 1219 50.27 -18.16 11.31
N ILE N 1220 51.57 -18.34 11.50
CA ILE N 1220 52.02 -19.41 12.35
C ILE N 1220 52.64 -18.88 13.65
N TYR N 1221 52.11 -19.35 14.78
CA TYR N 1221 52.51 -18.87 16.11
C TYR N 1221 52.86 -20.05 17.02
N ASP N 1222 53.71 -19.80 18.04
CA ASP N 1222 54.05 -20.82 19.05
C ASP N 1222 53.24 -20.55 20.31
N ILE N 1223 52.46 -21.55 20.73
CA ILE N 1223 51.46 -21.40 21.79
C ILE N 1223 51.98 -21.10 23.18
N GLN N 1224 53.30 -21.13 23.39
CA GLN N 1224 53.82 -20.83 24.71
C GLN N 1224 53.43 -19.41 25.15
N THR N 1225 53.26 -18.52 24.17
CA THR N 1225 52.79 -17.16 24.43
C THR N 1225 51.75 -16.78 23.39
N GLY N 1226 51.77 -17.53 22.29
CA GLY N 1226 50.95 -17.24 21.11
C GLY N 1226 51.65 -16.28 20.15
N ASN N 1227 52.93 -16.00 20.41
CA ASN N 1227 53.68 -15.07 19.57
C ASN N 1227 53.77 -15.53 18.12
N LYS N 1228 53.47 -14.62 17.20
CA LYS N 1228 53.58 -14.92 15.78
C LYS N 1228 55.03 -15.15 15.40
N LEU N 1229 55.28 -16.23 14.70
CA LEU N 1229 56.63 -16.66 14.33
C LEU N 1229 56.91 -16.34 12.88
N LEU N 1230 56.08 -16.93 12.01
CA LEU N 1230 56.23 -16.75 10.58
C LEU N 1230 54.88 -16.61 9.88
N THR N 1231 54.86 -15.89 8.77
CA THR N 1231 53.69 -15.88 7.92
C THR N 1231 54.02 -16.34 6.52
N LEU N 1232 53.01 -16.82 5.80
CA LEU N 1232 53.18 -17.30 4.44
C LEU N 1232 52.01 -16.83 3.56
N PHE N 1233 52.30 -16.01 2.56
CA PHE N 1233 51.22 -15.52 1.71
C PHE N 1233 51.68 -14.94 0.38
N ASN N 1234 50.74 -14.90 -0.56
CA ASN N 1234 50.90 -14.26 -1.87
C ASN N 1234 49.54 -14.13 -2.56
N PRO N 1235 48.98 -12.92 -2.63
CA PRO N 1235 47.67 -12.61 -3.20
C PRO N 1235 47.53 -13.01 -4.67
N ASP N 1236 48.63 -13.17 -5.39
CA ASP N 1236 48.56 -13.52 -6.80
C ASP N 1236 48.52 -15.03 -6.97
N LEU N 1237 49.14 -15.74 -6.04
CA LEU N 1237 49.15 -17.20 -6.09
C LEU N 1237 47.90 -17.74 -5.41
N ALA N 1238 47.35 -16.95 -4.49
CA ALA N 1238 46.16 -17.31 -3.73
C ALA N 1238 44.97 -17.59 -4.65
N ASN N 1239 44.23 -18.66 -4.36
CA ASN N 1239 43.05 -18.98 -5.16
C ASN N 1239 41.76 -18.44 -4.56
N ASN N 1240 41.86 -17.76 -3.44
CA ASN N 1240 40.71 -17.15 -2.76
C ASN N 1240 39.58 -18.13 -2.48
N TYR N 1241 39.91 -19.22 -1.79
CA TYR N 1241 38.92 -20.23 -1.43
C TYR N 1241 38.01 -19.74 -0.30
N LYS N 1242 36.71 -20.01 -0.44
CA LYS N 1242 35.68 -19.57 0.51
C LYS N 1242 35.96 -20.07 1.92
N ARG N 1243 36.46 -21.30 2.05
CA ARG N 1243 36.70 -21.90 3.34
C ARG N 1243 38.18 -22.22 3.53
N ASN N 1244 39.06 -21.36 3.03
CA ASN N 1244 40.48 -21.63 3.17
C ASN N 1244 40.85 -21.91 4.62
N CYS N 1245 41.48 -23.05 4.83
CA CYS N 1245 41.94 -23.48 6.14
C CYS N 1245 43.40 -23.91 6.06
N ALA N 1246 44.31 -22.96 6.27
CA ALA N 1246 45.73 -23.23 6.06
C ALA N 1246 46.17 -24.37 6.97
N THR N 1247 46.97 -25.28 6.41
CA THR N 1247 47.37 -26.48 7.13
C THR N 1247 48.82 -26.91 6.89
N PHE N 1248 49.38 -27.63 7.86
CA PHE N 1248 50.73 -28.21 7.73
C PHE N 1248 50.72 -29.62 7.13
N ASN N 1249 51.83 -29.96 6.47
CA ASN N 1249 52.04 -31.33 6.03
C ASN N 1249 52.52 -32.16 7.23
N PRO N 1250 52.60 -33.50 7.13
CA PRO N 1250 52.98 -34.43 8.19
C PRO N 1250 54.38 -34.19 8.75
N THR N 1251 55.23 -33.51 7.99
CA THR N 1251 56.60 -33.23 8.40
C THR N 1251 56.80 -31.78 8.84
N ASP N 1252 55.72 -31.00 8.86
CA ASP N 1252 55.74 -29.61 9.30
C ASP N 1252 56.79 -28.74 8.62
N ASP N 1253 56.97 -28.92 7.31
CA ASP N 1253 57.91 -28.08 6.55
C ASP N 1253 57.28 -27.58 5.26
N LEU N 1254 55.98 -27.84 5.11
CA LEU N 1254 55.17 -27.29 4.04
C LEU N 1254 53.83 -26.86 4.60
N VAL N 1255 53.36 -25.72 4.12
CA VAL N 1255 52.02 -25.26 4.45
C VAL N 1255 51.17 -25.13 3.21
N LEU N 1256 49.97 -25.68 3.28
CA LEU N 1256 49.04 -25.51 2.19
C LEU N 1256 48.10 -24.39 2.55
N ASN N 1257 48.19 -23.32 1.79
CA ASN N 1257 47.44 -22.11 2.09
C ASN N 1257 46.74 -21.60 0.85
N ASP N 1258 45.43 -21.75 0.84
CA ASP N 1258 44.62 -21.28 -0.28
C ASP N 1258 45.06 -21.89 -1.60
N GLY N 1259 45.44 -23.17 -1.56
CA GLY N 1259 45.83 -23.91 -2.76
C GLY N 1259 47.31 -23.80 -3.08
N VAL N 1260 48.04 -22.99 -2.31
CA VAL N 1260 49.46 -22.77 -2.56
C VAL N 1260 50.30 -23.52 -1.54
N LEU N 1261 51.32 -24.23 -2.02
CA LEU N 1261 52.25 -24.90 -1.10
C LEU N 1261 53.41 -23.98 -0.80
N TRP N 1262 53.57 -23.70 0.48
CA TRP N 1262 54.59 -22.78 0.93
C TRP N 1262 55.80 -23.47 1.51
N ASP N 1263 56.97 -22.95 1.17
CA ASP N 1263 58.21 -23.45 1.72
C ASP N 1263 58.46 -22.85 3.08
N VAL N 1264 58.32 -23.67 4.11
CA VAL N 1264 58.37 -23.17 5.47
C VAL N 1264 59.79 -22.76 5.84
N ARG N 1265 60.77 -23.13 5.01
CA ARG N 1265 62.17 -22.77 5.26
C ARG N 1265 62.67 -21.58 4.44
N SER N 1266 61.79 -20.91 3.70
CA SER N 1266 62.19 -19.74 2.93
C SER N 1266 61.06 -18.73 2.86
N ALA N 1267 59.86 -19.20 3.18
CA ALA N 1267 58.61 -18.45 3.10
C ALA N 1267 58.31 -18.01 1.68
N GLN N 1268 58.84 -18.74 0.71
CA GLN N 1268 58.49 -18.52 -0.68
C GLN N 1268 57.56 -19.65 -1.11
N ALA N 1269 56.73 -19.42 -2.10
CA ALA N 1269 55.92 -20.52 -2.58
C ALA N 1269 56.81 -21.56 -3.22
N ILE N 1270 56.52 -22.83 -2.98
CA ILE N 1270 57.28 -23.88 -3.61
C ILE N 1270 56.51 -24.34 -4.85
N HIS N 1271 55.19 -24.26 -4.75
CA HIS N 1271 54.29 -24.65 -5.82
C HIS N 1271 52.92 -24.04 -5.64
N LYS N 1272 52.23 -23.78 -6.74
CA LYS N 1272 50.85 -23.31 -6.68
C LYS N 1272 49.95 -24.24 -7.48
N PHE N 1273 48.89 -24.73 -6.85
CA PHE N 1273 47.96 -25.63 -7.52
C PHE N 1273 46.84 -24.84 -8.18
N ASP N 1274 46.32 -25.38 -9.27
CA ASP N 1274 45.21 -24.76 -9.98
C ASP N 1274 43.98 -24.67 -9.11
N LYS N 1275 43.16 -23.65 -9.35
CA LYS N 1275 41.93 -23.47 -8.59
C LYS N 1275 40.84 -24.41 -9.06
N PHE N 1276 40.96 -25.67 -8.66
CA PHE N 1276 39.97 -26.66 -9.03
C PHE N 1276 38.60 -26.26 -8.47
N ASN N 1277 38.58 -25.87 -7.20
CA ASN N 1277 37.33 -25.55 -6.53
C ASN N 1277 37.29 -24.11 -6.06
N MET N 1278 36.18 -23.72 -5.45
CA MET N 1278 36.04 -22.40 -4.88
C MET N 1278 35.91 -22.41 -3.36
N ASN N 1279 35.69 -23.59 -2.79
CA ASN N 1279 35.45 -23.68 -1.36
C ASN N 1279 36.59 -24.36 -0.61
N ILE N 1280 37.02 -25.51 -1.12
CA ILE N 1280 38.02 -26.31 -0.40
C ILE N 1280 39.43 -26.16 -0.95
N SER N 1281 40.32 -25.64 -0.11
CA SER N 1281 41.70 -25.37 -0.49
C SER N 1281 42.58 -26.62 -0.43
N GLY N 1282 42.17 -27.60 0.37
CA GLY N 1282 42.88 -28.89 0.39
C GLY N 1282 43.36 -29.35 1.77
N VAL N 1283 43.71 -30.64 1.83
CA VAL N 1283 44.17 -31.34 3.03
C VAL N 1283 45.36 -32.26 2.71
N PHE N 1284 46.30 -32.39 3.64
CA PHE N 1284 47.44 -33.29 3.44
C PHE N 1284 47.17 -34.72 3.89
N HIS N 1285 47.72 -35.67 3.14
CA HIS N 1285 47.70 -37.08 3.51
C HIS N 1285 48.86 -37.38 4.47
N PRO N 1286 48.65 -38.22 5.49
CA PRO N 1286 49.63 -38.63 6.49
C PRO N 1286 50.83 -39.40 5.94
N ASN N 1287 50.73 -39.91 4.71
CA ASN N 1287 51.85 -40.65 4.14
C ASN N 1287 53.01 -39.75 3.73
N GLY N 1288 52.80 -38.43 3.76
CA GLY N 1288 53.88 -37.49 3.47
C GLY N 1288 54.14 -37.39 1.97
N LEU N 1289 53.26 -37.97 1.17
CA LEU N 1289 53.37 -37.99 -0.28
C LEU N 1289 52.25 -37.24 -0.96
N GLU N 1290 51.01 -37.52 -0.55
CA GLU N 1290 49.86 -37.00 -1.27
C GLU N 1290 49.19 -35.83 -0.57
N VAL N 1291 48.75 -34.85 -1.36
CA VAL N 1291 47.94 -33.76 -0.87
C VAL N 1291 46.72 -33.56 -1.78
N ILE N 1292 45.54 -33.40 -1.20
CA ILE N 1292 44.36 -33.19 -2.02
C ILE N 1292 43.88 -31.76 -2.06
N ILE N 1293 43.58 -31.29 -3.26
CA ILE N 1293 43.01 -29.97 -3.44
C ILE N 1293 41.58 -30.16 -3.93
N ASN N 1294 40.67 -30.22 -2.97
CA ASN N 1294 39.30 -30.65 -3.22
C ASN N 1294 39.29 -32.07 -3.78
N THR N 1295 39.49 -32.22 -5.09
CA THR N 1295 39.47 -33.53 -5.73
C THR N 1295 40.81 -33.96 -6.29
N GLU N 1296 41.69 -33.01 -6.54
CA GLU N 1296 42.94 -33.34 -7.21
C GLU N 1296 43.98 -33.86 -6.23
N ILE N 1297 44.55 -35.01 -6.53
CA ILE N 1297 45.55 -35.63 -5.67
C ILE N 1297 46.92 -35.35 -6.25
N TRP N 1298 47.69 -34.55 -5.53
CA TRP N 1298 48.99 -34.11 -5.98
C TRP N 1298 50.10 -34.71 -5.15
N ASP N 1299 51.25 -34.89 -5.79
CA ASP N 1299 52.46 -35.32 -5.11
C ASP N 1299 53.13 -34.11 -4.44
N LEU N 1300 53.15 -34.08 -3.12
CA LEU N 1300 53.66 -32.91 -2.41
C LEU N 1300 55.17 -32.84 -2.43
N ARG N 1301 55.81 -33.90 -2.93
CA ARG N 1301 57.26 -33.97 -3.01
C ARG N 1301 57.75 -33.45 -4.36
N THR N 1302 56.99 -33.74 -5.42
CA THR N 1302 57.36 -33.32 -6.77
C THR N 1302 56.37 -32.33 -7.38
N PHE N 1303 55.19 -32.22 -6.77
CA PHE N 1303 54.11 -31.36 -7.24
C PHE N 1303 53.51 -31.84 -8.56
N HIS N 1304 53.67 -33.13 -8.85
CA HIS N 1304 53.02 -33.75 -10.00
C HIS N 1304 51.59 -34.15 -9.66
N LEU N 1305 50.71 -34.14 -10.64
CA LEU N 1305 49.36 -34.63 -10.41
C LEU N 1305 49.36 -36.16 -10.51
N LEU N 1306 48.83 -36.82 -9.49
CA LEU N 1306 48.85 -38.28 -9.47
C LEU N 1306 47.50 -38.88 -9.82
N HIS N 1307 46.43 -38.31 -9.26
CA HIS N 1307 45.10 -38.89 -9.41
C HIS N 1307 44.01 -37.88 -9.09
N THR N 1308 42.80 -38.10 -9.59
CA THR N 1308 41.67 -37.26 -9.21
C THR N 1308 40.48 -38.10 -8.76
N VAL N 1309 39.87 -37.71 -7.63
CA VAL N 1309 38.67 -38.37 -7.12
C VAL N 1309 37.53 -37.38 -6.90
N PRO N 1310 36.56 -37.31 -7.81
CA PRO N 1310 35.39 -36.43 -7.80
C PRO N 1310 34.52 -36.61 -6.57
N ALA N 1311 34.65 -37.74 -5.89
CA ALA N 1311 33.87 -38.02 -4.69
C ALA N 1311 34.33 -37.15 -3.51
N LEU N 1312 35.49 -36.53 -3.67
CA LEU N 1312 36.05 -35.66 -2.66
C LEU N 1312 35.53 -34.23 -2.85
N ASP N 1313 34.74 -34.03 -3.91
CA ASP N 1313 34.29 -32.69 -4.26
C ASP N 1313 33.27 -32.18 -3.27
N GLN N 1314 33.61 -31.08 -2.59
CA GLN N 1314 32.81 -30.51 -1.51
C GLN N 1314 32.80 -31.41 -0.30
N CYS N 1315 33.77 -32.32 -0.20
CA CYS N 1315 33.82 -33.16 0.97
C CYS N 1315 34.96 -32.73 1.88
N ARG N 1316 34.64 -32.48 3.15
CA ARG N 1316 35.63 -32.01 4.11
C ARG N 1316 36.48 -33.18 4.59
N VAL N 1317 37.33 -33.68 3.70
CA VAL N 1317 38.02 -34.94 3.94
C VAL N 1317 39.27 -34.81 4.79
N VAL N 1318 39.29 -35.55 5.89
CA VAL N 1318 40.41 -35.61 6.82
C VAL N 1318 40.77 -37.06 7.09
N PHE N 1319 41.92 -37.30 7.73
CA PHE N 1319 42.36 -38.66 7.96
C PHE N 1319 42.29 -39.10 9.43
N ASN N 1320 42.22 -40.42 9.62
CA ASN N 1320 42.25 -41.00 10.96
C ASN N 1320 43.66 -41.13 11.50
N HIS N 1321 43.77 -41.62 12.73
CA HIS N 1321 45.05 -41.77 13.42
C HIS N 1321 46.08 -42.56 12.62
N THR N 1322 45.64 -43.66 12.02
CA THR N 1322 46.54 -44.57 11.35
C THR N 1322 46.86 -44.16 9.91
N GLY N 1323 46.10 -43.20 9.39
CA GLY N 1323 46.28 -42.76 8.00
C GLY N 1323 45.81 -43.82 7.01
N THR N 1324 44.80 -44.58 7.39
CA THR N 1324 44.27 -45.64 6.55
C THR N 1324 42.84 -45.33 6.10
N VAL N 1325 42.21 -44.41 6.81
CA VAL N 1325 40.84 -44.01 6.54
C VAL N 1325 40.74 -42.51 6.37
N MET N 1326 40.06 -42.07 5.32
CA MET N 1326 39.78 -40.65 5.16
C MET N 1326 38.28 -40.46 5.03
N TYR N 1327 37.78 -39.38 5.60
CA TYR N 1327 36.33 -39.18 5.64
C TYR N 1327 35.96 -37.71 5.75
N GLY N 1328 34.72 -37.37 5.43
CA GLY N 1328 34.27 -36.00 5.61
C GLY N 1328 32.82 -35.77 5.22
N ALA N 1329 32.28 -34.63 5.67
CA ALA N 1329 30.91 -34.23 5.36
C ALA N 1329 30.87 -33.50 4.04
N MET N 1330 29.71 -33.49 3.40
CA MET N 1330 29.55 -32.72 2.18
C MET N 1330 29.20 -31.27 2.48
N LEU N 1331 29.73 -30.36 1.68
CA LEU N 1331 29.49 -28.93 1.83
C LEU N 1331 28.38 -28.47 0.90
N GLN N 1332 27.75 -27.36 1.27
CA GLN N 1332 26.68 -26.75 0.48
C GLN N 1332 26.41 -27.54 -0.82
N SER N 1346 23.19 -21.72 5.91
CA SER N 1346 23.38 -23.13 6.20
C SER N 1346 23.97 -23.88 4.99
N PRO N 1347 25.21 -23.56 4.61
CA PRO N 1347 25.93 -24.07 3.45
C PRO N 1347 26.46 -25.48 3.70
N PHE N 1348 25.55 -26.42 3.91
CA PHE N 1348 25.94 -27.79 4.23
C PHE N 1348 25.21 -28.81 3.36
N GLY N 1349 25.86 -29.93 3.08
CA GLY N 1349 25.21 -31.03 2.37
C GLY N 1349 24.43 -31.87 3.38
N SER N 1350 23.73 -32.89 2.90
CA SER N 1350 22.87 -33.71 3.75
C SER N 1350 23.41 -35.12 3.99
N SER N 1351 24.66 -35.34 3.61
CA SER N 1351 25.29 -36.65 3.72
C SER N 1351 26.79 -36.51 3.97
N PHE N 1352 27.44 -37.63 4.27
CA PHE N 1352 28.90 -37.65 4.43
C PHE N 1352 29.49 -38.88 3.78
N ARG N 1353 30.78 -38.83 3.47
CA ARG N 1353 31.42 -39.95 2.80
C ARG N 1353 32.65 -40.47 3.53
N THR N 1354 32.99 -41.72 3.24
CA THR N 1354 34.23 -42.32 3.68
C THR N 1354 35.04 -42.78 2.48
N PHE N 1355 36.36 -42.74 2.61
CA PHE N 1355 37.29 -43.03 1.53
C PHE N 1355 38.41 -43.97 1.99
N ASN N 1356 38.95 -44.72 1.06
CA ASN N 1356 40.11 -45.55 1.31
C ASN N 1356 41.38 -44.74 1.14
N ALA N 1357 42.13 -44.53 2.23
CA ALA N 1357 43.29 -43.64 2.21
C ALA N 1357 44.36 -44.13 1.26
N THR N 1358 44.27 -45.39 0.85
CA THR N 1358 45.26 -45.98 -0.04
C THR N 1358 45.42 -45.15 -1.31
N ASP N 1359 44.29 -44.71 -1.86
CA ASP N 1359 44.27 -43.97 -3.11
C ASP N 1359 43.09 -43.02 -3.20
N TYR N 1360 42.43 -42.79 -2.06
CA TYR N 1360 41.23 -41.95 -1.96
C TYR N 1360 40.03 -42.55 -2.66
N LYS N 1361 40.13 -43.81 -3.05
CA LYS N 1361 38.99 -44.48 -3.66
C LYS N 1361 37.82 -44.43 -2.67
N PRO N 1362 36.68 -43.86 -3.06
CA PRO N 1362 35.54 -43.68 -2.21
C PRO N 1362 35.00 -45.02 -1.77
N ILE N 1363 34.63 -45.11 -0.51
CA ILE N 1363 34.08 -46.34 0.05
C ILE N 1363 32.57 -46.31 0.03
N ALA N 1364 32.01 -45.24 0.56
CA ALA N 1364 30.55 -45.14 0.63
C ALA N 1364 30.08 -43.72 0.86
N THR N 1365 28.83 -43.49 0.47
CA THR N 1365 28.12 -42.30 0.88
C THR N 1365 27.09 -42.70 1.91
N ILE N 1366 27.09 -42.03 3.05
CA ILE N 1366 26.19 -42.40 4.12
C ILE N 1366 24.95 -41.53 4.07
N ASP N 1367 23.80 -42.18 3.92
CA ASP N 1367 22.55 -41.51 3.66
C ASP N 1367 21.91 -41.01 4.95
N VAL N 1368 22.45 -39.92 5.46
CA VAL N 1368 22.02 -39.34 6.73
C VAL N 1368 20.67 -38.62 6.59
N LYS N 1369 20.49 -37.92 5.48
CA LYS N 1369 19.30 -37.11 5.21
C LYS N 1369 19.14 -35.99 6.23
N ARG N 1370 20.25 -35.40 6.63
CA ARG N 1370 20.28 -34.26 7.55
C ARG N 1370 21.44 -33.37 7.16
N ASN N 1371 21.25 -32.07 7.16
CA ASN N 1371 22.36 -31.18 6.83
C ASN N 1371 23.47 -31.29 7.87
N ILE N 1372 24.69 -31.55 7.41
CA ILE N 1372 25.80 -31.80 8.32
C ILE N 1372 26.75 -30.62 8.46
N PHE N 1373 26.84 -30.12 9.68
CA PHE N 1373 27.66 -28.96 10.00
C PHE N 1373 29.12 -29.35 10.17
N ASP N 1374 29.35 -30.50 10.80
CA ASP N 1374 30.72 -30.99 11.01
C ASP N 1374 30.76 -32.48 11.32
N LEU N 1375 31.98 -33.01 11.44
CA LEU N 1375 32.16 -34.39 11.87
C LEU N 1375 33.61 -34.72 12.25
N CYS N 1376 33.77 -35.72 13.12
CA CYS N 1376 35.11 -36.23 13.43
C CYS N 1376 35.08 -37.70 13.83
N THR N 1377 36.21 -38.39 13.64
CA THR N 1377 36.34 -39.77 14.10
C THR N 1377 37.19 -39.84 15.35
N ASP N 1378 37.28 -41.03 15.92
CA ASP N 1378 38.12 -41.24 17.08
C ASP N 1378 39.40 -41.99 16.72
N THR N 1379 40.29 -42.16 17.70
CA THR N 1379 41.57 -42.81 17.48
C THR N 1379 41.39 -44.27 17.07
N LYS N 1380 40.38 -44.90 17.66
CA LYS N 1380 40.14 -46.32 17.51
C LYS N 1380 39.20 -46.64 16.34
N ASP N 1381 38.76 -45.63 15.59
CA ASP N 1381 37.85 -45.86 14.48
C ASP N 1381 36.63 -46.66 14.89
N CYS N 1382 36.04 -46.28 16.00
CA CYS N 1382 34.83 -46.96 16.47
C CYS N 1382 33.60 -46.18 16.09
N TYR N 1383 33.54 -44.91 16.47
CA TYR N 1383 32.35 -44.12 16.14
C TYR N 1383 32.72 -42.78 15.49
N LEU N 1384 31.94 -42.40 14.49
CA LEU N 1384 32.09 -41.09 13.87
C LEU N 1384 31.03 -40.14 14.38
N ALA N 1385 31.48 -39.00 14.91
CA ALA N 1385 30.61 -38.00 15.51
C ALA N 1385 30.19 -36.98 14.49
N VAL N 1386 28.92 -36.98 14.12
CA VAL N 1386 28.44 -36.13 13.04
C VAL N 1386 27.40 -35.11 13.53
N ILE N 1387 27.64 -33.83 13.27
CA ILE N 1387 26.67 -32.81 13.66
C ILE N 1387 25.65 -32.57 12.58
N GLU N 1388 24.42 -32.99 12.86
CA GLU N 1388 23.31 -33.04 11.92
C GLU N 1388 22.19 -32.08 12.31
N ASN N 1389 21.62 -31.41 11.33
CA ASN N 1389 20.51 -30.50 11.61
C ASN N 1389 19.17 -31.21 11.48
N GLN N 1390 18.47 -31.35 12.60
CA GLN N 1390 17.20 -32.08 12.65
C GLN N 1390 16.04 -31.12 12.43
N GLY N 1391 16.37 -29.83 12.21
CA GLY N 1391 15.39 -28.77 12.06
C GLY N 1391 15.24 -28.37 10.59
N SER N 1392 15.04 -27.08 10.35
CA SER N 1392 14.76 -26.58 9.00
C SER N 1392 15.93 -25.82 8.42
N MET N 1393 17.07 -25.88 9.12
CA MET N 1393 18.30 -25.20 8.70
C MET N 1393 18.15 -23.69 8.67
N ASP N 1394 17.28 -23.16 9.52
CA ASP N 1394 17.11 -21.72 9.64
C ASP N 1394 18.12 -21.10 10.59
N ALA N 1395 18.06 -19.79 10.75
CA ALA N 1395 18.89 -19.10 11.73
C ALA N 1395 18.44 -19.43 13.15
N LEU N 1396 17.13 -19.56 13.35
CA LEU N 1396 16.59 -19.86 14.67
C LEU N 1396 15.92 -21.23 14.68
N ASN N 1397 15.19 -21.56 13.63
CA ASN N 1397 14.49 -22.83 13.56
C ASN N 1397 15.44 -23.92 13.08
N MET N 1398 16.35 -24.29 13.96
CA MET N 1398 17.38 -25.28 13.67
C MET N 1398 17.60 -26.18 14.86
N ASP N 1399 18.06 -27.38 14.62
CA ASP N 1399 18.34 -28.30 15.72
C ASP N 1399 19.57 -29.15 15.41
N THR N 1400 20.75 -28.60 15.64
CA THR N 1400 21.97 -29.30 15.25
C THR N 1400 22.52 -30.13 16.39
N VAL N 1401 22.45 -31.44 16.23
CA VAL N 1401 22.79 -32.38 17.27
C VAL N 1401 23.97 -33.19 16.82
N CYS N 1402 24.70 -33.81 17.74
CA CYS N 1402 25.82 -34.61 17.30
C CYS N 1402 25.53 -36.09 17.43
N ARG N 1403 25.21 -36.71 16.29
CA ARG N 1403 24.79 -38.10 16.25
C ARG N 1403 25.98 -38.97 15.88
N LEU N 1404 26.23 -39.99 16.68
CA LEU N 1404 27.38 -40.85 16.45
C LEU N 1404 26.98 -42.15 15.80
N TYR N 1405 27.71 -42.51 14.76
CA TYR N 1405 27.48 -43.75 14.01
C TYR N 1405 28.63 -44.70 14.20
N GLU N 1406 28.33 -45.98 14.34
CA GLU N 1406 29.37 -46.98 14.42
C GLU N 1406 29.83 -47.37 13.02
N VAL N 1407 31.14 -47.44 12.83
CA VAL N 1407 31.68 -47.82 11.53
C VAL N 1407 30.99 -49.05 10.96
N LYS O 24 62.84 -103.28 13.71
CA LYS O 24 63.82 -104.14 13.07
C LYS O 24 63.65 -105.60 13.49
N LYS O 25 63.58 -106.49 12.51
CA LYS O 25 63.47 -107.92 12.77
C LYS O 25 64.85 -108.56 12.90
N LEU O 26 64.97 -109.50 13.83
CA LEU O 26 66.17 -110.29 14.03
C LEU O 26 65.94 -111.76 13.69
N VAL O 27 66.86 -112.34 12.92
CA VAL O 27 66.77 -113.73 12.54
C VAL O 27 67.51 -114.64 13.51
N ILE O 28 66.83 -115.69 13.95
CA ILE O 28 67.44 -116.71 14.79
C ILE O 28 67.79 -117.91 13.91
N LYS O 29 69.08 -118.20 13.82
CA LYS O 29 69.55 -119.31 13.02
C LYS O 29 69.54 -120.59 13.85
N ASN O 30 69.45 -121.73 13.16
CA ASN O 30 69.43 -123.01 13.87
C ASN O 30 68.41 -122.95 14.99
N PHE O 31 67.22 -122.43 14.70
CA PHE O 31 66.28 -122.13 15.76
C PHE O 31 65.53 -123.34 16.28
N ARG O 32 66.21 -124.10 17.12
CA ARG O 32 65.57 -125.18 17.85
C ARG O 32 64.59 -124.53 18.83
N ASP O 33 63.34 -124.99 18.84
CA ASP O 33 62.36 -124.36 19.71
C ASP O 33 61.41 -125.35 20.34
N ARG O 34 60.53 -124.83 21.19
CA ARG O 34 59.47 -125.60 21.80
C ARG O 34 58.22 -124.74 21.97
N PRO O 35 57.54 -124.39 20.87
CA PRO O 35 56.40 -123.49 20.82
C PRO O 35 55.22 -124.05 21.58
N ARG O 36 55.21 -125.38 21.73
CA ARG O 36 54.17 -126.04 22.49
C ARG O 36 54.77 -126.84 23.64
N LEU O 37 54.67 -126.27 24.83
CA LEU O 37 55.16 -126.87 26.05
C LEU O 37 54.24 -128.05 26.38
N PRO O 38 54.70 -129.02 27.19
CA PRO O 38 53.99 -130.25 27.48
C PRO O 38 52.55 -129.96 27.85
N ASP O 39 51.63 -130.71 27.24
CA ASP O 39 50.21 -130.50 27.48
C ASP O 39 49.87 -130.70 28.94
N ASN O 40 50.57 -131.63 29.60
CA ASN O 40 50.32 -131.89 31.01
C ASN O 40 50.67 -130.69 31.87
N TYR O 41 51.66 -129.91 31.47
CA TYR O 41 52.05 -128.74 32.24
C TYR O 41 50.89 -127.75 32.26
N THR O 42 50.33 -127.51 31.07
CA THR O 42 49.20 -126.59 30.93
C THR O 42 48.02 -127.09 31.73
N GLN O 43 47.74 -128.38 31.63
CA GLN O 43 46.61 -128.97 32.32
C GLN O 43 46.85 -129.04 33.83
N ASP O 44 48.10 -129.23 34.23
CA ASP O 44 48.43 -129.32 35.66
C ASP O 44 48.22 -127.99 36.35
N THR O 45 48.61 -126.90 35.69
CA THR O 45 48.39 -125.58 36.25
C THR O 45 46.90 -125.31 36.32
N TRP O 46 46.16 -125.75 35.31
CA TRP O 46 44.72 -125.56 35.27
C TRP O 46 44.05 -126.35 36.40
N ARG O 47 44.47 -127.60 36.59
CA ARG O 47 43.91 -128.44 37.64
C ARG O 47 44.17 -127.88 39.02
N LYS O 48 45.39 -127.39 39.27
CA LYS O 48 45.71 -126.84 40.58
C LYS O 48 44.83 -125.64 40.89
N LEU O 49 44.60 -124.81 39.87
CA LEU O 49 43.78 -123.63 40.02
C LEU O 49 42.31 -123.97 40.21
N HIS O 50 41.85 -125.00 39.52
CA HIS O 50 40.48 -125.48 39.71
C HIS O 50 40.33 -125.97 41.15
N GLU O 51 41.30 -126.76 41.60
CA GLU O 51 41.27 -127.30 42.95
C GLU O 51 41.37 -126.19 43.98
N ALA O 52 42.16 -125.16 43.69
CA ALA O 52 42.29 -124.04 44.61
C ALA O 52 40.95 -123.36 44.80
N VAL O 53 40.19 -123.20 43.71
CA VAL O 53 38.87 -122.61 43.85
C VAL O 53 38.01 -123.48 44.74
N ARG O 54 38.06 -124.79 44.52
CA ARG O 54 37.29 -125.72 45.34
C ARG O 54 37.76 -125.69 46.79
N ALA O 55 39.05 -125.47 46.99
CA ALA O 55 39.63 -125.37 48.32
C ALA O 55 39.18 -124.11 49.03
N VAL O 56 38.99 -123.03 48.27
CA VAL O 56 38.50 -121.77 48.82
C VAL O 56 37.03 -121.90 49.20
N GLN O 57 36.27 -122.59 48.35
CA GLN O 57 34.85 -122.80 48.57
C GLN O 57 34.59 -123.39 49.95
N SER O 58 33.49 -122.99 50.57
CA SER O 58 33.15 -123.41 51.93
C SER O 58 34.14 -122.86 52.97
N SER O 59 34.95 -121.90 52.55
CA SER O 59 35.91 -121.20 53.41
C SER O 59 36.92 -122.14 54.06
N THR O 60 37.40 -123.12 53.29
CA THR O 60 38.42 -124.04 53.79
C THR O 60 39.83 -123.62 53.36
N SER O 61 40.83 -124.34 53.87
CA SER O 61 42.23 -124.04 53.58
C SER O 61 42.63 -124.52 52.19
N ILE O 62 43.77 -124.03 51.70
CA ILE O 62 44.23 -124.38 50.36
C ILE O 62 45.48 -125.26 50.43
N ARG O 63 45.44 -126.39 49.73
CA ARG O 63 46.55 -127.34 49.69
C ARG O 63 47.80 -126.76 49.04
N TYR O 64 47.59 -125.92 48.03
CA TYR O 64 48.68 -125.31 47.28
C TYR O 64 48.97 -123.94 47.86
N ASN O 65 50.23 -123.50 47.74
CA ASN O 65 50.56 -122.16 48.22
C ASN O 65 50.01 -121.10 47.28
N LEU O 66 49.68 -119.94 47.84
CA LEU O 66 49.08 -118.87 47.06
C LEU O 66 49.97 -118.40 45.93
N GLU O 67 51.28 -118.32 46.18
CA GLU O 67 52.21 -117.88 45.15
C GLU O 67 52.36 -118.93 44.05
N GLU O 68 52.35 -120.21 44.44
CA GLU O 68 52.48 -121.29 43.48
C GLU O 68 51.31 -121.25 42.51
N LEU O 69 50.12 -121.00 43.06
CA LEU O 69 48.92 -120.92 42.26
C LEU O 69 48.95 -119.67 41.40
N TYR O 70 49.41 -118.55 41.96
CA TYR O 70 49.51 -117.34 41.16
C TYR O 70 50.37 -117.59 39.94
N GLN O 71 51.52 -118.24 40.13
CA GLN O 71 52.40 -118.50 39.00
C GLN O 71 51.68 -119.42 38.01
N ALA O 72 50.90 -120.36 38.52
CA ALA O 72 50.09 -121.21 37.64
C ALA O 72 49.16 -120.38 36.78
N VAL O 73 48.65 -119.28 37.32
CA VAL O 73 47.76 -118.41 36.57
C VAL O 73 48.53 -117.65 35.52
N GLU O 74 49.68 -117.07 35.90
CA GLU O 74 50.51 -116.34 34.96
C GLU O 74 50.94 -117.25 33.82
N ASN O 75 51.21 -118.51 34.16
CA ASN O 75 51.64 -119.51 33.19
C ASN O 75 50.50 -119.95 32.28
N LEU O 76 49.33 -120.21 32.86
CA LEU O 76 48.20 -120.70 32.09
C LEU O 76 47.63 -119.62 31.17
N CYS O 77 47.57 -118.38 31.66
CA CYS O 77 46.93 -117.31 30.93
C CYS O 77 47.73 -116.85 29.73
N SER O 78 47.78 -117.71 28.71
CA SER O 78 48.52 -117.45 27.49
C SER O 78 47.59 -117.17 26.31
N HIS O 79 48.17 -117.19 25.11
CA HIS O 79 47.42 -116.80 23.91
C HIS O 79 46.39 -117.84 23.54
N LYS O 80 45.12 -117.44 23.62
CA LYS O 80 43.98 -118.32 23.37
C LYS O 80 43.92 -119.47 24.37
N VAL O 81 44.57 -119.30 25.52
CA VAL O 81 44.54 -120.30 26.58
C VAL O 81 43.76 -119.78 27.78
N SER O 82 43.86 -118.47 28.03
CA SER O 82 43.22 -117.82 29.18
C SER O 82 41.75 -118.18 29.40
N PRO O 83 40.89 -118.29 28.36
CA PRO O 83 39.48 -118.61 28.47
C PRO O 83 39.24 -119.88 29.30
N MET O 84 40.22 -120.79 29.28
CA MET O 84 40.09 -122.03 30.05
C MET O 84 39.92 -121.74 31.52
N LEU O 85 40.70 -120.79 32.02
CA LEU O 85 40.75 -120.55 33.45
C LEU O 85 39.54 -119.75 33.90
N TYR O 86 39.12 -118.78 33.08
CA TYR O 86 37.99 -117.96 33.46
C TYR O 86 36.72 -118.80 33.47
N LYS O 87 36.53 -119.62 32.44
CA LYS O 87 35.36 -120.47 32.39
C LYS O 87 35.34 -121.45 33.54
N GLN O 88 36.51 -121.99 33.89
CA GLN O 88 36.59 -122.98 34.95
C GLN O 88 36.31 -122.39 36.32
N LEU O 89 36.84 -121.19 36.59
CA LEU O 89 36.59 -120.58 37.89
C LEU O 89 35.15 -120.10 37.95
N ARG O 90 34.62 -119.68 36.81
CA ARG O 90 33.27 -119.16 36.76
C ARG O 90 32.27 -120.27 37.06
N GLN O 91 32.47 -121.43 36.45
CA GLN O 91 31.58 -122.54 36.69
C GLN O 91 31.71 -123.05 38.12
N ALA O 92 32.95 -123.11 38.62
CA ALA O 92 33.16 -123.58 39.97
C ALA O 92 32.56 -122.62 40.99
N CYS O 93 32.68 -121.32 40.73
CA CYS O 93 32.10 -120.32 41.62
C CYS O 93 30.58 -120.40 41.56
N GLU O 94 30.04 -120.65 40.37
CA GLU O 94 28.60 -120.79 40.19
C GLU O 94 28.07 -121.99 40.97
N ASP O 95 28.81 -123.10 40.94
CA ASP O 95 28.39 -124.30 41.65
C ASP O 95 28.26 -124.03 43.14
N HIS O 96 29.23 -123.29 43.67
CA HIS O 96 29.26 -122.94 45.09
C HIS O 96 28.12 -121.99 45.44
N VAL O 97 27.93 -120.99 44.60
CA VAL O 97 26.85 -120.04 44.82
C VAL O 97 25.50 -120.73 44.80
N GLN O 98 25.31 -121.67 43.87
CA GLN O 98 24.07 -122.42 43.80
C GLN O 98 23.90 -123.28 45.04
N ALA O 99 24.98 -123.89 45.52
CA ALA O 99 24.93 -124.68 46.74
C ALA O 99 24.51 -123.83 47.92
N GLN O 100 24.92 -122.56 47.91
CA GLN O 100 24.64 -121.62 49.00
C GLN O 100 23.20 -121.12 49.03
N ILE O 101 22.37 -121.57 48.09
CA ILE O 101 20.96 -121.20 48.17
C ILE O 101 20.26 -122.09 49.19
N LEU O 102 20.71 -123.34 49.32
CA LEU O 102 20.03 -124.36 50.09
C LEU O 102 19.87 -124.07 51.59
N PRO O 103 20.87 -123.45 52.28
CA PRO O 103 20.84 -123.13 53.69
C PRO O 103 19.72 -122.14 54.03
N PHE O 104 19.15 -121.50 53.01
CA PHE O 104 18.11 -120.51 53.22
C PHE O 104 16.74 -120.99 52.77
N ARG O 105 16.69 -122.21 52.24
CA ARG O 105 15.43 -122.75 51.74
C ARG O 105 14.67 -123.40 52.89
N GLU O 106 14.16 -122.54 53.76
CA GLU O 106 13.56 -122.93 55.03
C GLU O 106 12.37 -122.05 55.37
N ASP O 107 11.54 -122.49 56.29
CA ASP O 107 10.38 -121.71 56.74
C ASP O 107 10.70 -120.95 58.03
N SER O 108 11.96 -120.97 58.43
CA SER O 108 12.41 -120.35 59.67
C SER O 108 12.62 -118.85 59.53
N LEU O 109 11.53 -118.10 59.50
CA LEU O 109 11.61 -116.63 59.40
C LEU O 109 12.02 -116.02 60.73
N ASP O 110 13.28 -116.25 61.08
CA ASP O 110 13.88 -115.68 62.27
C ASP O 110 14.56 -114.37 61.89
N SER O 111 13.96 -113.26 62.33
CA SER O 111 14.39 -111.93 61.90
C SER O 111 15.81 -111.58 62.32
N VAL O 112 16.39 -112.34 63.24
CA VAL O 112 17.76 -112.11 63.65
C VAL O 112 18.71 -113.15 63.07
N LEU O 113 18.34 -114.43 63.20
CA LEU O 113 19.22 -115.50 62.74
C LEU O 113 19.31 -115.57 61.22
N PHE O 114 18.18 -115.41 60.53
CA PHE O 114 18.19 -115.51 59.08
C PHE O 114 19.11 -114.44 58.51
N LEU O 115 18.97 -113.23 59.04
CA LEU O 115 19.74 -112.12 58.53
C LEU O 115 21.23 -112.35 58.77
N LYS O 116 21.56 -112.91 59.93
CA LYS O 116 22.95 -113.23 60.22
C LYS O 116 23.50 -114.22 59.20
N LYS O 117 22.72 -115.25 58.90
CA LYS O 117 23.15 -116.29 57.96
C LYS O 117 23.40 -115.77 56.56
N ILE O 118 22.50 -114.92 56.06
CA ILE O 118 22.64 -114.42 54.69
C ILE O 118 23.73 -113.37 54.59
N ASN O 119 23.86 -112.54 55.63
CA ASN O 119 24.93 -111.56 55.65
C ASN O 119 26.27 -112.27 55.71
N THR O 120 26.34 -113.34 56.50
CA THR O 120 27.56 -114.12 56.61
C THR O 120 27.89 -114.73 55.27
N CYS O 121 26.87 -115.28 54.61
CA CYS O 121 27.05 -115.86 53.28
C CYS O 121 27.71 -114.86 52.35
N TRP O 122 27.19 -113.63 52.31
CA TRP O 122 27.78 -112.59 51.46
C TRP O 122 29.20 -112.21 51.87
N GLN O 123 29.41 -112.04 53.18
CA GLN O 123 30.74 -111.62 53.65
C GLN O 123 31.77 -112.71 53.45
N ASP O 124 31.38 -113.97 53.61
CA ASP O 124 32.26 -115.10 53.38
C ASP O 124 32.52 -115.26 51.89
N HIS O 125 31.49 -115.00 51.09
CA HIS O 125 31.62 -115.06 49.64
C HIS O 125 32.60 -114.00 49.19
N CYS O 126 32.46 -112.79 49.70
CA CYS O 126 33.37 -111.72 49.34
C CYS O 126 34.81 -112.10 49.65
N ARG O 127 35.03 -112.66 50.82
CA ARG O 127 36.37 -113.07 51.22
C ARG O 127 36.90 -114.15 50.29
N GLN O 128 36.04 -115.10 49.94
CA GLN O 128 36.42 -116.18 49.03
C GLN O 128 36.71 -115.66 47.63
N MET O 129 35.95 -114.67 47.18
CA MET O 129 36.18 -114.07 45.87
C MET O 129 37.46 -113.26 45.88
N ILE O 130 37.79 -112.68 47.01
CA ILE O 130 39.06 -111.98 47.17
C ILE O 130 40.22 -112.97 47.14
N MET O 131 40.07 -114.09 47.84
CA MET O 131 41.10 -115.13 47.83
C MET O 131 41.32 -115.64 46.42
N ILE O 132 40.23 -115.93 45.72
CA ILE O 132 40.33 -116.41 44.36
C ILE O 132 40.88 -115.33 43.44
N ARG O 133 40.35 -114.12 43.55
CA ARG O 133 40.84 -113.03 42.72
C ARG O 133 42.32 -112.79 42.94
N SER O 134 42.76 -112.88 44.20
CA SER O 134 44.15 -112.67 44.54
C SER O 134 45.04 -113.71 43.86
N ILE O 135 44.60 -114.96 43.91
CA ILE O 135 45.31 -116.05 43.25
C ILE O 135 45.29 -115.85 41.74
N PHE O 136 44.14 -115.43 41.24
CA PHE O 136 43.86 -115.24 39.82
C PHE O 136 43.99 -113.79 39.41
N LEU O 137 44.74 -113.00 40.18
CA LEU O 137 44.85 -111.58 39.89
C LEU O 137 45.42 -111.33 38.51
N PHE O 138 46.34 -112.18 38.06
CA PHE O 138 46.91 -112.03 36.74
C PHE O 138 45.82 -112.18 35.67
N LEU O 139 44.99 -113.21 35.82
CA LEU O 139 43.86 -113.42 34.90
C LEU O 139 42.94 -112.21 34.95
N ASP O 140 42.65 -111.76 36.17
CA ASP O 140 41.67 -110.72 36.40
C ASP O 140 42.06 -109.42 35.71
N ARG O 141 43.36 -109.09 35.75
CA ARG O 141 43.83 -107.83 35.20
C ARG O 141 44.19 -107.90 33.72
N THR O 142 44.05 -109.08 33.11
CA THR O 142 44.42 -109.26 31.72
C THR O 142 43.22 -109.70 30.91
N TYR O 143 43.04 -111.01 30.80
CA TYR O 143 41.95 -111.59 30.02
C TYR O 143 40.61 -110.99 30.37
N VAL O 144 40.35 -110.82 31.66
CA VAL O 144 39.05 -110.37 32.12
C VAL O 144 38.90 -108.85 32.10
N LEU O 145 39.85 -108.14 32.69
CA LEU O 145 39.76 -106.68 32.75
C LEU O 145 39.73 -106.06 31.37
N GLN O 146 40.63 -106.49 30.50
CA GLN O 146 40.74 -105.90 29.17
C GLN O 146 39.80 -106.60 28.21
N ASN O 147 38.49 -106.53 28.52
CA ASN O 147 37.47 -107.21 27.67
C ASN O 147 36.09 -106.66 28.03
N SER O 148 35.36 -106.19 27.03
CA SER O 148 33.98 -105.71 27.27
C SER O 148 33.14 -106.86 27.84
N THR O 149 32.39 -106.61 28.92
CA THR O 149 31.52 -107.65 29.54
C THR O 149 32.34 -108.92 29.84
N LEU O 150 33.56 -108.76 30.37
CA LEU O 150 34.17 -109.83 31.21
C LEU O 150 34.20 -109.36 32.68
N PRO O 151 33.20 -109.65 33.57
CA PRO O 151 33.24 -109.10 34.91
C PRO O 151 34.42 -109.68 35.67
N SER O 152 34.95 -108.90 36.62
CA SER O 152 36.10 -109.33 37.43
C SER O 152 35.69 -110.52 38.27
N ILE O 153 36.66 -111.18 38.91
CA ILE O 153 36.32 -112.36 39.69
C ILE O 153 35.32 -111.98 40.78
N TRP O 154 35.53 -110.83 41.42
CA TRP O 154 34.61 -110.36 42.45
C TRP O 154 33.27 -110.00 41.83
N ASP O 155 33.29 -109.30 40.69
CA ASP O 155 32.06 -108.87 40.03
C ASP O 155 31.23 -110.07 39.60
N MET O 156 31.92 -111.10 39.11
CA MET O 156 31.25 -112.31 38.66
C MET O 156 30.67 -113.05 39.84
N GLY O 157 31.42 -113.09 40.94
CA GLY O 157 30.93 -113.70 42.16
C GLY O 157 29.71 -112.92 42.64
N LEU O 158 29.76 -111.59 42.49
CA LEU O 158 28.67 -110.72 42.88
C LEU O 158 27.43 -111.01 42.05
N GLU O 159 27.60 -111.08 40.74
CA GLU O 159 26.48 -111.32 39.84
C GLU O 159 25.87 -112.69 40.09
N LEU O 160 26.71 -113.69 40.30
CA LEU O 160 26.23 -115.03 40.58
C LEU O 160 25.51 -115.07 41.92
N PHE O 161 26.08 -114.40 42.91
CA PHE O 161 25.53 -114.41 44.25
C PHE O 161 24.10 -113.90 44.25
N ARG O 162 23.86 -112.78 43.57
CA ARG O 162 22.51 -112.25 43.52
C ARG O 162 21.63 -113.04 42.55
N THR O 163 22.22 -113.56 41.49
CA THR O 163 21.45 -114.31 40.50
C THR O 163 20.81 -115.55 41.09
N HIS O 164 21.55 -116.26 41.95
CA HIS O 164 21.05 -117.52 42.46
C HIS O 164 20.60 -117.49 43.93
N ILE O 165 21.23 -116.65 44.76
CA ILE O 165 20.90 -116.68 46.18
C ILE O 165 19.91 -115.60 46.55
N ILE O 166 20.27 -114.35 46.31
CA ILE O 166 19.42 -113.25 46.75
C ILE O 166 18.11 -113.23 45.98
N SER O 167 18.18 -113.50 44.67
CA SER O 167 16.99 -113.53 43.82
C SER O 167 16.02 -114.65 44.20
N ASP O 168 16.49 -115.63 44.97
CA ASP O 168 15.64 -116.75 45.34
C ASP O 168 14.45 -116.24 46.13
N LYS O 169 13.27 -116.72 45.78
CA LYS O 169 12.04 -116.27 46.42
C LYS O 169 12.12 -116.37 47.94
N MET O 170 12.74 -117.44 48.45
CA MET O 170 12.79 -117.63 49.88
C MET O 170 13.76 -116.66 50.53
N VAL O 171 14.88 -116.43 49.86
CA VAL O 171 15.92 -115.59 50.40
C VAL O 171 15.52 -114.13 50.41
N GLN O 172 14.98 -113.65 49.29
CA GLN O 172 14.64 -112.24 49.23
C GLN O 172 13.46 -111.93 50.13
N SER O 173 12.55 -112.89 50.28
CA SER O 173 11.38 -112.66 51.11
C SER O 173 11.77 -112.57 52.56
N LYS O 174 12.65 -113.47 53.00
CA LYS O 174 13.04 -113.50 54.39
C LYS O 174 14.03 -112.38 54.71
N THR O 175 14.87 -112.02 53.74
CA THR O 175 15.82 -110.96 53.97
C THR O 175 15.09 -109.64 54.18
N ILE O 176 14.13 -109.34 53.31
CA ILE O 176 13.47 -108.05 53.41
C ILE O 176 12.49 -108.04 54.58
N ASP O 177 11.83 -109.16 54.85
CA ASP O 177 10.90 -109.23 55.95
C ASP O 177 11.63 -109.15 57.27
N GLY O 178 12.77 -109.81 57.37
CA GLY O 178 13.54 -109.77 58.60
C GLY O 178 13.95 -108.33 58.91
N ILE O 179 14.41 -107.62 57.88
CA ILE O 179 14.88 -106.26 58.06
C ILE O 179 13.74 -105.31 58.44
N LEU O 180 12.64 -105.36 57.68
CA LEU O 180 11.55 -104.42 57.93
C LEU O 180 10.79 -104.74 59.20
N LEU O 181 10.74 -106.02 59.59
CA LEU O 181 10.08 -106.41 60.82
C LEU O 181 10.85 -105.87 62.03
N LEU O 182 12.18 -105.91 61.99
CA LEU O 182 12.93 -105.31 63.07
C LEU O 182 12.71 -103.80 63.09
N ILE O 183 12.58 -103.20 61.92
CA ILE O 183 12.36 -101.75 61.85
C ILE O 183 11.02 -101.34 62.44
N GLU O 184 9.94 -102.06 62.10
CA GLU O 184 8.63 -101.69 62.64
C GLU O 184 8.60 -101.89 64.14
N ARG O 185 9.35 -102.88 64.63
CA ARG O 185 9.45 -103.09 66.06
C ARG O 185 10.17 -101.94 66.74
N GLU O 186 11.24 -101.46 66.09
CA GLU O 186 12.01 -100.34 66.61
C GLU O 186 11.13 -99.09 66.75
N ARG O 187 10.25 -98.87 65.77
CA ARG O 187 9.36 -97.72 65.79
C ARG O 187 8.37 -97.82 66.96
N SER O 188 8.06 -99.04 67.36
CA SER O 188 7.13 -99.28 68.47
C SER O 188 7.83 -99.15 69.84
N GLY O 189 9.15 -98.95 69.83
CA GLY O 189 9.90 -98.81 71.07
C GLY O 189 10.69 -100.06 71.46
N GLU O 190 10.77 -101.03 70.57
CA GLU O 190 11.50 -102.26 70.85
C GLU O 190 13.00 -102.08 70.61
N ALA O 191 13.80 -102.89 71.29
CA ALA O 191 15.23 -102.91 71.05
C ALA O 191 15.55 -103.97 70.00
N VAL O 192 16.19 -103.55 68.91
CA VAL O 192 16.48 -104.46 67.82
C VAL O 192 17.94 -104.42 67.42
N ASP O 193 18.36 -105.42 66.66
CA ASP O 193 19.73 -105.52 66.22
C ASP O 193 19.99 -104.62 65.02
N ARG O 194 20.29 -103.35 65.30
CA ARG O 194 20.56 -102.39 64.23
C ARG O 194 21.86 -102.71 63.51
N SER O 195 22.71 -103.49 64.17
CA SER O 195 23.97 -103.92 63.56
C SER O 195 23.70 -104.86 62.39
N LEU O 196 22.58 -105.60 62.46
CA LEU O 196 22.20 -106.44 61.34
C LEU O 196 21.52 -105.60 60.30
N LEU O 197 20.71 -104.65 60.72
CA LEU O 197 20.00 -103.84 59.74
C LEU O 197 21.02 -103.13 58.88
N ARG O 198 22.10 -102.67 59.51
CA ARG O 198 23.18 -101.98 58.81
C ARG O 198 23.92 -102.90 57.86
N SER O 199 24.36 -104.07 58.34
CA SER O 199 25.15 -104.97 57.52
C SER O 199 24.34 -105.60 56.39
N LEU O 200 23.07 -105.88 56.66
CA LEU O 200 22.22 -106.55 55.70
C LEU O 200 21.80 -105.64 54.57
N LEU O 201 21.55 -104.39 54.90
CA LEU O 201 21.19 -103.42 53.89
C LEU O 201 22.43 -103.06 53.08
N GLY O 202 23.60 -103.11 53.71
CA GLY O 202 24.86 -102.96 53.00
C GLY O 202 25.02 -104.09 51.99
N MET O 203 24.66 -105.31 52.40
CA MET O 203 24.69 -106.47 51.52
C MET O 203 23.74 -106.33 50.34
N LEU O 204 22.50 -105.91 50.60
CA LEU O 204 21.54 -105.73 49.52
C LEU O 204 21.97 -104.61 48.59
N SER O 205 22.65 -103.60 49.14
CA SER O 205 23.19 -102.51 48.33
C SER O 205 24.27 -103.02 47.39
N ASP O 206 25.19 -103.84 47.92
CA ASP O 206 26.29 -104.37 47.11
C ASP O 206 25.78 -105.19 45.93
N LEU O 207 24.73 -105.95 46.16
CA LEU O 207 24.18 -106.81 45.11
C LEU O 207 23.23 -106.06 44.19
N GLN O 208 23.01 -104.79 44.47
CA GLN O 208 22.06 -103.96 43.72
C GLN O 208 20.67 -104.56 43.73
N VAL O 209 20.25 -105.07 44.89
CA VAL O 209 18.92 -105.63 45.05
C VAL O 209 18.04 -104.78 45.97
N TYR O 210 18.69 -104.03 46.86
CA TYR O 210 17.97 -103.20 47.82
C TYR O 210 16.85 -102.41 47.16
N LYS O 211 17.16 -101.74 46.06
CA LYS O 211 16.24 -100.86 45.38
C LYS O 211 15.02 -101.59 44.78
N ASP O 212 15.17 -102.88 44.50
CA ASP O 212 14.10 -103.63 43.84
C ASP O 212 13.27 -104.47 44.79
N SER O 213 13.91 -105.10 45.77
CA SER O 213 13.21 -106.04 46.64
C SER O 213 12.87 -105.48 48.01
N PHE O 214 13.71 -104.60 48.54
CA PHE O 214 13.53 -104.14 49.91
C PHE O 214 12.80 -102.81 50.00
N GLU O 215 13.35 -101.80 49.33
CA GLU O 215 12.90 -100.44 49.58
C GLU O 215 11.41 -100.24 49.37
N LEU O 216 10.83 -100.87 48.35
CA LEU O 216 9.42 -100.64 48.06
C LEU O 216 8.51 -101.23 49.13
N LYS O 217 8.72 -102.50 49.48
CA LYS O 217 7.89 -103.12 50.51
C LYS O 217 8.12 -102.39 51.83
N PHE O 218 9.37 -102.01 52.04
CA PHE O 218 9.76 -101.31 53.25
C PHE O 218 9.07 -99.96 53.38
N LEU O 219 9.08 -99.13 52.36
CA LEU O 219 8.54 -97.81 52.48
C LEU O 219 7.02 -97.86 52.63
N GLU O 220 6.39 -98.85 51.99
CA GLU O 220 4.96 -98.95 52.08
C GLU O 220 4.52 -99.29 53.50
N GLU O 221 5.23 -100.21 54.15
CA GLU O 221 4.90 -100.59 55.52
C GLU O 221 5.31 -99.49 56.50
N THR O 222 6.42 -98.85 56.21
CA THR O 222 6.96 -97.83 57.08
C THR O 222 6.07 -96.60 57.07
N ASN O 223 5.55 -96.26 55.89
CA ASN O 223 4.65 -95.12 55.75
C ASN O 223 3.32 -95.38 56.46
N CYS O 224 2.90 -96.65 56.47
CA CYS O 224 1.70 -97.05 57.18
C CYS O 224 1.87 -96.83 58.68
N LEU O 225 3.08 -97.11 59.18
CA LEU O 225 3.35 -96.91 60.60
C LEU O 225 3.25 -95.43 60.92
N TYR O 226 3.77 -94.58 60.06
CA TYR O 226 3.74 -93.15 60.32
C TYR O 226 2.31 -92.67 60.48
N ALA O 227 1.43 -93.18 59.62
CA ALA O 227 0.02 -92.81 59.70
C ALA O 227 -0.60 -93.26 61.01
N ALA O 228 -0.27 -94.49 61.42
CA ALA O 228 -0.79 -95.03 62.68
C ALA O 228 -0.24 -94.26 63.87
N GLU O 229 1.03 -93.87 63.78
CA GLU O 229 1.68 -93.18 64.88
C GLU O 229 1.06 -91.83 65.14
N GLY O 230 0.72 -91.10 64.07
CA GLY O 230 0.10 -89.79 64.21
C GLY O 230 -1.25 -89.88 64.90
N GLN O 231 -2.08 -90.80 64.42
CA GLN O 231 -3.44 -90.92 64.93
C GLN O 231 -3.45 -91.37 66.39
N ARG O 232 -2.48 -92.20 66.77
CA ARG O 232 -2.44 -92.71 68.14
C ARG O 232 -1.73 -91.75 69.09
N LEU O 233 -0.53 -91.32 68.73
CA LEU O 233 0.34 -90.59 69.66
C LEU O 233 -0.28 -89.28 70.12
N MET O 234 -0.95 -88.59 69.21
CA MET O 234 -1.55 -87.29 69.54
C MET O 234 -2.62 -87.42 70.62
N GLN O 235 -3.19 -88.60 70.75
CA GLN O 235 -4.30 -88.80 71.67
C GLN O 235 -3.86 -89.55 72.94
N GLU O 236 -2.57 -89.79 73.10
CA GLU O 236 -2.10 -90.51 74.28
C GLU O 236 -1.81 -89.61 75.46
N ARG O 237 -0.91 -88.63 75.28
CA ARG O 237 -0.48 -87.80 76.40
C ARG O 237 -1.35 -86.58 76.60
N GLU O 238 -2.63 -86.81 76.90
CA GLU O 238 -3.57 -85.73 77.22
C GLU O 238 -3.56 -84.61 76.18
N VAL O 239 -3.66 -84.97 74.90
CA VAL O 239 -3.64 -83.97 73.83
C VAL O 239 -2.48 -82.99 74.02
N PRO O 240 -1.24 -83.48 73.88
CA PRO O 240 0.00 -82.83 74.20
C PRO O 240 0.37 -81.79 73.16
N GLU O 241 1.42 -81.03 73.43
CA GLU O 241 2.01 -80.19 72.40
C GLU O 241 2.65 -81.11 71.38
N TYR O 242 1.82 -81.59 70.46
CA TYR O 242 2.16 -82.70 69.58
C TYR O 242 3.35 -82.44 68.68
N LEU O 243 3.65 -81.17 68.44
CA LEU O 243 4.78 -80.85 67.57
C LEU O 243 6.08 -81.42 68.12
N ASN O 244 6.11 -81.69 69.42
CA ASN O 244 7.28 -82.31 70.03
C ASN O 244 7.43 -83.76 69.54
N HIS O 245 6.30 -84.42 69.29
CA HIS O 245 6.29 -85.79 68.78
C HIS O 245 6.63 -85.78 67.31
N VAL O 246 6.23 -84.72 66.61
CA VAL O 246 6.48 -84.61 65.18
C VAL O 246 7.98 -84.53 64.95
N SER O 247 8.63 -83.65 65.71
CA SER O 247 10.07 -83.47 65.59
C SER O 247 10.81 -84.71 66.09
N LYS O 248 10.36 -85.28 67.20
CA LYS O 248 11.03 -86.45 67.75
C LYS O 248 11.03 -87.60 66.76
N ARG O 249 9.87 -87.88 66.16
CA ARG O 249 9.72 -89.01 65.29
C ARG O 249 10.43 -88.82 63.94
N LEU O 250 10.40 -87.60 63.42
CA LEU O 250 11.08 -87.31 62.16
C LEU O 250 12.60 -87.37 62.36
N GLU O 251 13.07 -86.81 63.47
CA GLU O 251 14.50 -86.81 63.76
C GLU O 251 15.01 -88.23 63.92
N GLU O 252 14.23 -89.07 64.60
CA GLU O 252 14.61 -90.46 64.77
C GLU O 252 14.71 -91.16 63.42
N GLU O 253 13.78 -90.85 62.50
CA GLU O 253 13.89 -91.41 61.15
C GLU O 253 15.13 -90.86 60.48
N GLY O 254 15.41 -89.58 60.71
CA GLY O 254 16.60 -88.93 60.16
C GLY O 254 17.88 -89.65 60.56
N ASP O 255 17.89 -90.23 61.76
CA ASP O 255 19.04 -90.99 62.21
C ASP O 255 19.05 -92.39 61.59
N ARG O 256 17.88 -93.01 61.47
CA ARG O 256 17.79 -94.38 60.94
C ARG O 256 18.14 -94.45 59.46
N VAL O 257 17.82 -93.38 58.73
CA VAL O 257 18.15 -93.30 57.31
C VAL O 257 19.64 -93.15 57.07
N ILE O 258 20.38 -92.85 58.12
CA ILE O 258 21.83 -92.77 58.05
C ILE O 258 22.44 -94.05 58.62
N THR O 259 21.87 -94.52 59.73
CA THR O 259 22.40 -95.64 60.49
C THR O 259 22.41 -96.94 59.69
N TYR O 260 21.32 -97.23 58.97
CA TYR O 260 21.27 -98.49 58.24
C TYR O 260 20.57 -98.46 56.88
N LEU O 261 19.63 -97.55 56.67
CA LEU O 261 18.93 -97.50 55.38
C LEU O 261 19.76 -96.74 54.36
N ASP O 262 19.47 -96.96 53.09
CA ASP O 262 20.05 -96.12 52.06
C ASP O 262 19.40 -94.74 52.16
N HIS O 263 20.20 -93.73 52.42
CA HIS O 263 19.70 -92.41 52.77
C HIS O 263 18.90 -91.75 51.65
N SER O 264 19.02 -92.27 50.44
CA SER O 264 18.26 -91.72 49.33
C SER O 264 16.76 -91.99 49.51
N THR O 265 16.45 -92.92 50.40
CA THR O 265 15.07 -93.28 50.73
C THR O 265 14.46 -92.28 51.70
N GLN O 266 15.32 -91.46 52.30
CA GLN O 266 14.90 -90.52 53.33
C GLN O 266 13.84 -89.55 52.85
N LYS O 267 13.96 -89.11 51.61
CA LYS O 267 13.06 -88.06 51.12
C LYS O 267 11.58 -88.44 51.26
N PRO O 268 11.11 -89.57 50.71
CA PRO O 268 9.73 -90.02 50.84
C PRO O 268 9.37 -90.46 52.25
N LEU O 269 10.35 -90.88 53.05
CA LEU O 269 10.00 -91.30 54.41
C LEU O 269 9.74 -90.10 55.31
N ILE O 270 10.60 -89.09 55.23
CA ILE O 270 10.45 -87.95 56.11
C ILE O 270 9.29 -87.09 55.63
N ALA O 271 9.05 -87.07 54.32
CA ALA O 271 7.89 -86.38 53.80
C ALA O 271 6.63 -87.01 54.36
N CYS O 272 6.62 -88.34 54.42
CA CYS O 272 5.47 -89.06 54.97
C CYS O 272 5.34 -88.86 56.48
N VAL O 273 6.48 -88.73 57.17
CA VAL O 273 6.40 -88.50 58.61
C VAL O 273 5.74 -87.16 58.90
N GLU O 274 6.17 -86.11 58.20
CA GLU O 274 5.60 -84.80 58.48
C GLU O 274 4.16 -84.75 58.01
N LYS O 275 3.86 -85.33 56.85
CA LYS O 275 2.50 -85.33 56.35
C LYS O 275 1.56 -86.04 57.31
N GLN O 276 2.01 -87.17 57.86
CA GLN O 276 1.16 -87.96 58.74
C GLN O 276 1.10 -87.43 60.17
N LEU O 277 2.17 -86.80 60.65
CA LEU O 277 2.20 -86.37 62.04
C LEU O 277 1.83 -84.88 62.20
N LEU O 278 2.12 -84.07 61.19
CA LEU O 278 1.84 -82.63 61.27
C LEU O 278 0.73 -82.22 60.31
N GLY O 279 0.83 -82.65 59.06
CA GLY O 279 -0.09 -82.25 58.01
C GLY O 279 -1.53 -82.65 58.34
N GLU O 280 -1.71 -83.95 58.60
CA GLU O 280 -3.03 -84.49 58.90
C GLU O 280 -3.61 -83.92 60.18
N HIS O 281 -2.74 -83.42 61.05
CA HIS O 281 -3.15 -82.92 62.35
C HIS O 281 -3.02 -81.40 62.47
N LEU O 282 -2.88 -80.70 61.35
CA LEU O 282 -2.72 -79.25 61.39
C LEU O 282 -3.79 -78.57 62.23
N THR O 283 -5.04 -78.82 61.88
CA THR O 283 -6.14 -78.12 62.53
C THR O 283 -6.48 -78.73 63.87
N ALA O 284 -6.15 -80.01 64.04
CA ALA O 284 -6.39 -80.68 65.31
C ALA O 284 -5.53 -80.05 66.40
N ILE O 285 -4.28 -79.75 66.06
CA ILE O 285 -3.34 -79.17 67.00
C ILE O 285 -3.66 -77.70 67.24
N LEU O 286 -3.93 -76.95 66.17
CA LEU O 286 -4.22 -75.54 66.30
C LEU O 286 -5.47 -75.30 67.13
N GLN O 287 -6.52 -76.08 66.86
CA GLN O 287 -7.78 -75.91 67.57
C GLN O 287 -7.67 -76.26 69.05
N LYS O 288 -6.88 -77.28 69.36
CA LYS O 288 -6.74 -77.72 70.74
C LYS O 288 -5.74 -76.87 71.54
N GLY O 289 -4.68 -76.41 70.90
CA GLY O 289 -3.60 -75.76 71.64
C GLY O 289 -3.49 -74.25 71.47
N LEU O 290 -3.80 -73.71 70.30
CA LEU O 290 -3.44 -72.32 70.03
C LEU O 290 -4.24 -71.33 70.86
N ASP O 291 -5.55 -71.56 71.00
CA ASP O 291 -6.39 -70.59 71.71
C ASP O 291 -5.92 -70.42 73.15
N HIS O 292 -5.53 -71.52 73.77
CA HIS O 292 -5.01 -71.53 75.12
C HIS O 292 -3.70 -70.77 75.21
N LEU O 293 -2.78 -71.10 74.32
CA LEU O 293 -1.45 -70.52 74.34
C LEU O 293 -1.50 -69.02 74.10
N LEU O 294 -2.41 -68.58 73.22
CA LEU O 294 -2.54 -67.16 72.95
C LEU O 294 -3.05 -66.42 74.17
N ASP O 295 -4.01 -67.01 74.87
CA ASP O 295 -4.59 -66.35 76.04
C ASP O 295 -3.60 -66.22 77.19
N GLU O 296 -2.75 -67.23 77.34
CA GLU O 296 -1.74 -67.24 78.39
C GLU O 296 -0.44 -66.58 77.94
N ASN O 297 -0.39 -66.15 76.68
CA ASN O 297 0.82 -65.61 76.07
C ASN O 297 2.00 -66.55 76.27
N ARG O 298 1.76 -67.84 76.02
CA ARG O 298 2.82 -68.84 76.15
C ARG O 298 3.73 -68.81 74.94
N VAL O 299 4.57 -67.78 74.90
CA VAL O 299 5.40 -67.45 73.75
C VAL O 299 6.26 -68.61 73.21
N PRO O 300 6.99 -69.36 74.06
CA PRO O 300 7.83 -70.48 73.64
C PRO O 300 7.08 -71.51 72.82
N ASP O 301 5.80 -71.71 73.14
CA ASP O 301 5.00 -72.73 72.46
C ASP O 301 4.35 -72.14 71.22
N LEU O 302 4.00 -70.86 71.31
CA LEU O 302 3.42 -70.16 70.17
C LEU O 302 4.48 -70.05 69.08
N ALA O 303 5.72 -69.84 69.50
CA ALA O 303 6.84 -69.72 68.56
C ALA O 303 7.04 -71.04 67.84
N GLN O 304 6.95 -72.15 68.56
CA GLN O 304 7.10 -73.45 67.92
C GLN O 304 6.00 -73.67 66.90
N MET O 305 4.77 -73.34 67.27
CA MET O 305 3.65 -73.57 66.37
C MET O 305 3.77 -72.73 65.10
N TYR O 306 4.15 -71.47 65.25
CA TYR O 306 4.34 -70.63 64.08
C TYR O 306 5.41 -71.21 63.16
N GLN O 307 6.54 -71.60 63.75
CA GLN O 307 7.68 -72.09 62.98
C GLN O 307 7.42 -73.45 62.32
N LEU O 308 6.74 -74.35 63.03
CA LEU O 308 6.51 -75.70 62.52
C LEU O 308 5.40 -75.73 61.49
N PHE O 309 4.36 -74.93 61.70
CA PHE O 309 3.26 -74.88 60.76
C PHE O 309 3.59 -73.91 59.64
N SER O 310 4.55 -74.32 58.80
CA SER O 310 5.04 -73.48 57.73
C SER O 310 5.43 -74.28 56.49
N ARG O 311 5.07 -75.57 56.45
CA ARG O 311 5.52 -76.43 55.36
C ARG O 311 4.39 -77.16 54.63
N VAL O 312 4.11 -78.39 55.06
CA VAL O 312 3.28 -79.32 54.30
C VAL O 312 1.89 -78.80 53.97
N ARG O 313 1.25 -78.15 54.92
CA ARG O 313 -0.09 -77.61 54.72
C ARG O 313 -0.10 -76.09 54.70
N GLY O 314 1.07 -75.48 54.54
CA GLY O 314 1.18 -74.03 54.57
C GLY O 314 1.24 -73.54 56.01
N GLY O 315 0.23 -73.92 56.80
CA GLY O 315 0.20 -73.64 58.24
C GLY O 315 -0.28 -72.23 58.54
N GLN O 316 0.31 -71.26 57.86
CA GLN O 316 -0.09 -69.88 58.00
C GLN O 316 -1.50 -69.74 57.45
N GLN O 317 -2.20 -68.71 57.87
CA GLN O 317 -3.61 -68.51 57.54
C GLN O 317 -4.49 -69.33 58.48
N ALA O 318 -4.22 -70.63 58.60
CA ALA O 318 -4.89 -71.44 59.62
C ALA O 318 -4.57 -70.90 61.01
N LEU O 319 -3.29 -70.53 61.20
CA LEU O 319 -2.86 -69.87 62.43
C LEU O 319 -3.54 -68.52 62.60
N LEU O 320 -3.70 -67.82 61.47
CA LEU O 320 -4.27 -66.48 61.45
C LEU O 320 -5.75 -66.50 61.82
N GLN O 321 -6.46 -67.54 61.39
CA GLN O 321 -7.89 -67.63 61.63
C GLN O 321 -8.21 -67.82 63.10
N HIS O 322 -7.48 -68.70 63.78
CA HIS O 322 -7.74 -68.91 65.20
C HIS O 322 -7.30 -67.70 66.00
N TRP O 323 -6.19 -67.12 65.57
CA TRP O 323 -5.64 -65.92 66.19
C TRP O 323 -6.63 -64.75 66.09
N SER O 324 -7.18 -64.55 64.90
CA SER O 324 -8.13 -63.47 64.66
C SER O 324 -9.39 -63.65 65.50
N GLU O 325 -9.89 -64.88 65.58
CA GLU O 325 -11.09 -65.15 66.35
C GLU O 325 -10.89 -64.78 67.81
N TYR O 326 -9.70 -65.10 68.35
CA TYR O 326 -9.36 -64.73 69.71
C TYR O 326 -9.47 -63.22 69.90
N ILE O 327 -8.85 -62.47 68.99
CA ILE O 327 -8.78 -61.03 69.14
C ILE O 327 -10.15 -60.40 69.12
N LYS O 328 -10.96 -60.77 68.13
CA LYS O 328 -12.27 -60.18 67.99
C LYS O 328 -13.17 -60.54 69.16
N THR O 329 -13.07 -61.78 69.63
CA THR O 329 -13.91 -62.22 70.74
C THR O 329 -13.60 -61.42 72.00
N PHE O 330 -12.32 -61.32 72.33
CA PHE O 330 -11.90 -60.66 73.55
C PHE O 330 -11.98 -59.14 73.44
N GLY O 331 -11.60 -58.60 72.29
CA GLY O 331 -11.65 -57.17 72.07
C GLY O 331 -13.09 -56.66 72.12
N THR O 332 -14.01 -57.43 71.52
CA THR O 332 -15.42 -57.07 71.50
C THR O 332 -15.96 -56.98 72.92
N ALA O 333 -15.57 -57.94 73.75
CA ALA O 333 -16.04 -58.02 75.13
C ALA O 333 -15.77 -56.73 75.91
N ILE O 334 -14.74 -55.99 75.54
CA ILE O 334 -14.42 -54.76 76.25
C ILE O 334 -15.22 -53.60 75.71
N VAL O 335 -15.19 -53.41 74.40
CA VAL O 335 -15.83 -52.26 73.76
C VAL O 335 -17.35 -52.33 73.83
N ILE O 336 -17.89 -53.54 73.84
CA ILE O 336 -19.32 -53.77 73.79
C ILE O 336 -20.00 -53.58 75.14
N ASN O 337 -19.21 -53.39 76.21
CA ASN O 337 -19.77 -53.31 77.56
C ASN O 337 -19.50 -51.98 78.28
N PRO O 338 -20.41 -50.99 78.18
CA PRO O 338 -20.36 -49.65 78.74
C PRO O 338 -20.26 -49.65 80.27
N GLU O 339 -20.60 -50.76 80.90
CA GLU O 339 -20.54 -50.87 82.36
C GLU O 339 -19.12 -50.64 82.87
N LYS O 340 -18.14 -50.84 82.00
CA LYS O 340 -16.74 -50.63 82.33
C LYS O 340 -16.16 -49.48 81.52
N ASP O 341 -17.03 -48.58 81.07
CA ASP O 341 -16.63 -47.47 80.19
C ASP O 341 -15.40 -46.74 80.71
N LYS O 342 -15.34 -46.51 82.01
CA LYS O 342 -14.27 -45.72 82.59
C LYS O 342 -12.88 -46.30 82.31
N ASP O 343 -12.82 -47.62 82.07
CA ASP O 343 -11.55 -48.31 81.81
C ASP O 343 -11.49 -48.85 80.38
N MET O 344 -12.51 -48.54 79.57
CA MET O 344 -12.64 -49.14 78.25
C MET O 344 -11.48 -48.80 77.34
N VAL O 345 -11.00 -47.55 77.43
CA VAL O 345 -9.90 -47.12 76.57
C VAL O 345 -8.64 -47.86 76.93
N GLN O 346 -8.37 -47.98 78.23
CA GLN O 346 -7.17 -48.62 78.72
C GLN O 346 -7.19 -50.12 78.48
N ASP O 347 -8.37 -50.72 78.59
CA ASP O 347 -8.51 -52.15 78.36
C ASP O 347 -8.35 -52.50 76.88
N LEU O 348 -8.88 -51.66 75.99
CA LEU O 348 -8.71 -51.89 74.56
C LEU O 348 -7.26 -51.69 74.14
N LEU O 349 -6.60 -50.69 74.72
CA LEU O 349 -5.21 -50.44 74.42
C LEU O 349 -4.33 -51.58 74.94
N ASP O 350 -4.67 -52.11 76.11
CA ASP O 350 -3.92 -53.22 76.67
C ASP O 350 -4.08 -54.47 75.82
N PHE O 351 -5.29 -54.70 75.32
CA PHE O 351 -5.53 -55.85 74.47
C PHE O 351 -4.77 -55.72 73.16
N LYS O 352 -4.74 -54.51 72.61
CA LYS O 352 -4.01 -54.25 71.38
C LYS O 352 -2.52 -54.55 71.55
N ASP O 353 -1.94 -54.12 72.66
CA ASP O 353 -0.52 -54.35 72.92
C ASP O 353 -0.23 -55.83 73.14
N LYS O 354 -1.12 -56.53 73.85
CA LYS O 354 -0.93 -57.96 74.09
C LYS O 354 -0.86 -58.71 72.77
N VAL O 355 -1.76 -58.38 71.86
CA VAL O 355 -1.80 -59.02 70.56
C VAL O 355 -0.55 -58.72 69.75
N ASP O 356 -0.13 -57.45 69.75
CA ASP O 356 1.03 -57.04 69.00
C ASP O 356 2.29 -57.69 69.56
N HIS O 357 2.34 -57.84 70.89
CA HIS O 357 3.46 -58.50 71.55
C HIS O 357 3.59 -59.93 71.07
N VAL O 358 2.47 -60.65 71.03
CA VAL O 358 2.48 -62.04 70.57
C VAL O 358 3.02 -62.15 69.15
N ILE O 359 2.58 -61.27 68.28
CA ILE O 359 3.03 -61.35 66.91
C ILE O 359 4.51 -61.00 66.79
N GLU O 360 4.94 -59.98 67.50
CA GLU O 360 6.35 -59.60 67.45
C GLU O 360 7.29 -60.70 67.91
N VAL O 361 6.96 -61.36 69.02
CA VAL O 361 7.88 -62.30 69.63
C VAL O 361 7.82 -63.74 69.09
N CYS O 362 6.63 -64.26 68.82
CA CYS O 362 6.54 -65.65 68.39
C CYS O 362 6.12 -65.86 66.95
N PHE O 363 5.39 -64.91 66.38
CA PHE O 363 4.97 -65.05 64.97
C PHE O 363 5.90 -64.27 64.07
N GLN O 364 7.01 -63.81 64.65
CA GLN O 364 8.11 -63.19 63.92
C GLN O 364 7.68 -62.00 63.08
N LYS O 365 6.73 -61.22 63.58
CA LYS O 365 6.23 -60.04 62.88
C LYS O 365 5.72 -60.37 61.49
N ASN O 366 5.08 -61.52 61.34
CA ASN O 366 4.51 -61.91 60.06
C ASN O 366 3.38 -60.96 59.68
N GLU O 367 3.48 -60.38 58.47
CA GLU O 367 2.58 -59.33 58.01
C GLU O 367 1.13 -59.77 57.95
N ARG O 368 0.90 -61.08 57.90
CA ARG O 368 -0.46 -61.60 57.87
C ARG O 368 -1.21 -61.22 59.13
N PHE O 369 -0.47 -61.17 60.24
CA PHE O 369 -1.05 -60.95 61.54
C PHE O 369 -0.93 -59.48 61.91
N VAL O 370 0.12 -58.83 61.42
CA VAL O 370 0.33 -57.42 61.74
C VAL O 370 -0.76 -56.55 61.12
N ASN O 371 -1.04 -56.79 59.83
CA ASN O 371 -2.03 -56.00 59.13
C ASN O 371 -3.43 -56.31 59.60
N LEU O 372 -3.67 -57.57 59.95
CA LEU O 372 -5.00 -57.98 60.38
C LEU O 372 -5.30 -57.46 61.78
N MET O 373 -4.29 -57.45 62.64
CA MET O 373 -4.49 -56.93 63.99
C MET O 373 -5.14 -55.56 63.91
N LYS O 374 -4.56 -54.66 63.13
CA LYS O 374 -5.10 -53.32 63.03
C LYS O 374 -6.53 -53.32 62.52
N GLU O 375 -6.80 -54.11 61.49
CA GLU O 375 -8.14 -54.15 60.90
C GLU O 375 -9.18 -54.70 61.88
N SER O 376 -8.80 -55.73 62.63
CA SER O 376 -9.72 -56.34 63.60
C SER O 376 -10.05 -55.34 64.69
N PHE O 377 -9.04 -54.61 65.15
CA PHE O 377 -9.24 -53.62 66.20
C PHE O 377 -10.07 -52.44 65.72
N GLU O 378 -9.84 -51.96 64.50
CA GLU O 378 -10.66 -50.87 64.00
C GLU O 378 -12.12 -51.32 63.91
N THR O 379 -12.33 -52.57 63.50
CA THR O 379 -13.65 -53.12 63.31
C THR O 379 -14.49 -53.12 64.58
N PHE O 380 -13.92 -53.55 65.71
CA PHE O 380 -14.71 -53.58 66.93
C PHE O 380 -14.53 -52.38 67.85
N ILE O 381 -13.42 -51.65 67.74
CA ILE O 381 -13.27 -50.49 68.60
C ILE O 381 -14.39 -49.49 68.31
N ASN O 382 -14.69 -49.28 67.03
CA ASN O 382 -15.80 -48.42 66.65
C ASN O 382 -17.12 -49.20 66.67
N LYS O 383 -17.49 -49.74 67.83
CA LYS O 383 -18.69 -50.56 67.99
C LYS O 383 -19.83 -49.78 68.65
N ARG O 384 -19.47 -48.83 69.49
CA ARG O 384 -20.45 -48.01 70.21
C ARG O 384 -20.63 -46.73 69.42
N PRO O 385 -21.60 -45.87 69.76
CA PRO O 385 -21.82 -44.57 69.14
C PRO O 385 -20.73 -43.59 69.58
N ASN O 386 -19.50 -43.95 69.24
CA ASN O 386 -18.29 -43.21 69.57
C ASN O 386 -18.09 -42.95 71.06
N LYS O 387 -18.36 -43.96 71.87
CA LYS O 387 -18.15 -43.79 73.31
C LYS O 387 -16.69 -43.49 73.67
N PRO O 388 -15.68 -44.19 73.09
CA PRO O 388 -14.28 -44.02 73.38
C PRO O 388 -13.81 -42.57 73.26
N ALA O 389 -14.42 -41.78 72.39
CA ALA O 389 -13.99 -40.40 72.22
C ALA O 389 -14.25 -39.57 73.46
N GLU O 390 -15.36 -39.86 74.15
CA GLU O 390 -15.70 -39.14 75.36
C GLU O 390 -14.71 -39.53 76.44
N LEU O 391 -14.43 -40.83 76.49
CA LEU O 391 -13.51 -41.37 77.48
C LEU O 391 -12.11 -40.84 77.25
N ILE O 392 -11.72 -40.71 75.99
CA ILE O 392 -10.42 -40.15 75.65
C ILE O 392 -10.33 -38.71 76.12
N ALA O 393 -11.37 -37.92 75.84
CA ALA O 393 -11.35 -36.52 76.28
C ALA O 393 -11.23 -36.42 77.79
N LYS O 394 -11.97 -37.28 78.51
CA LYS O 394 -11.96 -37.21 79.97
C LYS O 394 -10.67 -37.77 80.55
N HIS O 395 -10.13 -38.82 79.94
CA HIS O 395 -8.93 -39.45 80.46
C HIS O 395 -7.70 -38.57 80.26
N VAL O 396 -7.62 -37.87 79.13
CA VAL O 396 -6.49 -36.98 78.91
C VAL O 396 -6.65 -35.71 79.74
N ASP O 397 -7.89 -35.23 79.85
CA ASP O 397 -8.16 -34.02 80.63
C ASP O 397 -7.96 -34.24 82.12
N SER O 398 -8.26 -35.45 82.59
CA SER O 398 -8.06 -35.78 83.99
C SER O 398 -6.57 -35.75 84.34
N LYS O 399 -5.75 -36.38 83.49
CA LYS O 399 -4.31 -36.40 83.72
C LYS O 399 -3.73 -34.99 83.65
N LEU O 400 -4.29 -34.18 82.76
CA LEU O 400 -3.81 -32.82 82.52
C LEU O 400 -4.31 -31.80 83.54
N ARG O 401 -5.21 -32.20 84.43
CA ARG O 401 -5.73 -31.28 85.43
C ARG O 401 -4.69 -31.07 86.53
N ALA O 402 -4.40 -29.81 86.89
CA ALA O 402 -3.39 -29.56 87.93
C ALA O 402 -3.77 -30.18 89.26
N GLY O 403 -5.05 -30.17 89.58
CA GLY O 403 -5.51 -30.77 90.82
C GLY O 403 -5.29 -32.28 90.74
N ASN O 404 -4.59 -32.82 91.73
CA ASN O 404 -4.24 -34.23 91.76
C ASN O 404 -3.50 -34.64 90.48
N LYS O 405 -2.62 -33.77 90.00
CA LYS O 405 -1.84 -34.03 88.78
C LYS O 405 -0.75 -35.06 88.99
N GLU O 406 -0.27 -35.63 87.89
CA GLU O 406 0.87 -36.53 87.89
C GLU O 406 2.13 -35.76 88.28
N ALA O 407 2.16 -34.48 87.90
CA ALA O 407 3.22 -33.54 88.22
C ALA O 407 4.52 -33.77 87.47
N THR O 408 4.50 -34.65 86.47
CA THR O 408 5.66 -34.82 85.62
C THR O 408 5.23 -34.83 84.17
N ASP O 409 6.14 -34.44 83.28
CA ASP O 409 5.84 -34.41 81.85
C ASP O 409 5.97 -35.79 81.23
N GLU O 410 6.81 -36.64 81.80
CA GLU O 410 6.99 -37.96 81.25
C GLU O 410 5.69 -38.76 81.38
N GLU O 411 5.02 -38.61 82.52
CA GLU O 411 3.76 -39.32 82.75
C GLU O 411 2.61 -38.69 81.97
N LEU O 412 2.59 -37.37 81.87
CA LEU O 412 1.51 -36.73 81.13
C LEU O 412 1.60 -37.08 79.65
N GLU O 413 2.81 -37.10 79.12
CA GLU O 413 3.02 -37.43 77.72
C GLU O 413 2.76 -38.91 77.47
N ARG O 414 3.22 -39.75 78.38
CA ARG O 414 3.03 -41.18 78.23
C ARG O 414 1.55 -41.54 78.17
N THR O 415 0.77 -40.96 79.07
CA THR O 415 -0.65 -41.29 79.13
C THR O 415 -1.44 -40.60 78.04
N LEU O 416 -1.10 -39.37 77.67
CA LEU O 416 -1.91 -38.72 76.65
C LEU O 416 -1.68 -39.39 75.30
N ASP O 417 -0.46 -39.90 75.09
CA ASP O 417 -0.15 -40.56 73.84
C ASP O 417 -0.90 -41.87 73.74
N LYS O 418 -0.81 -42.71 74.76
CA LYS O 418 -1.46 -44.01 74.69
C LYS O 418 -2.98 -43.85 74.59
N ILE O 419 -3.52 -42.90 75.35
CA ILE O 419 -4.95 -42.67 75.37
C ILE O 419 -5.44 -42.13 74.03
N MET O 420 -4.71 -41.16 73.47
CA MET O 420 -5.07 -40.53 72.21
C MET O 420 -4.91 -41.46 71.01
N ILE O 421 -4.02 -42.45 71.10
CA ILE O 421 -3.86 -43.40 70.00
C ILE O 421 -5.16 -44.13 69.64
N LEU O 422 -5.99 -44.42 70.65
CA LEU O 422 -7.25 -45.09 70.38
C LEU O 422 -8.22 -44.18 69.64
N PHE O 423 -7.93 -42.88 69.62
CA PHE O 423 -8.77 -41.86 68.99
C PHE O 423 -8.79 -42.04 67.47
N ARG O 424 -7.82 -42.79 66.95
CA ARG O 424 -7.68 -42.96 65.52
C ARG O 424 -8.41 -44.21 65.01
N PHE O 425 -9.06 -44.94 65.92
CA PHE O 425 -9.77 -46.18 65.58
C PHE O 425 -11.29 -45.99 65.60
N ILE O 426 -11.72 -44.75 65.75
CA ILE O 426 -13.14 -44.43 65.93
C ILE O 426 -13.65 -43.33 65.00
N HIS O 427 -14.97 -43.27 64.84
CA HIS O 427 -15.63 -42.21 64.07
C HIS O 427 -16.49 -41.35 64.98
N GLY O 428 -16.71 -40.10 64.60
CA GLY O 428 -17.48 -39.16 65.40
C GLY O 428 -16.59 -38.42 66.38
N LYS O 429 -15.44 -38.01 65.90
CA LYS O 429 -14.41 -37.33 66.69
C LYS O 429 -14.90 -36.02 67.33
N ASP O 430 -16.09 -35.59 66.93
CA ASP O 430 -16.76 -34.43 67.50
C ASP O 430 -17.02 -34.61 68.99
N VAL O 431 -17.18 -35.87 69.41
CA VAL O 431 -17.43 -36.13 70.82
C VAL O 431 -16.25 -35.67 71.65
N PHE O 432 -15.05 -35.98 71.19
CA PHE O 432 -13.88 -35.57 71.91
C PHE O 432 -13.86 -34.06 71.99
N GLU O 433 -14.01 -33.41 70.84
CA GLU O 433 -13.90 -31.95 70.81
C GLU O 433 -14.96 -31.28 71.67
N ALA O 434 -16.20 -31.77 71.59
CA ALA O 434 -17.31 -31.17 72.33
C ALA O 434 -17.11 -31.25 73.84
N PHE O 435 -16.56 -32.36 74.30
CA PHE O 435 -16.33 -32.54 75.73
C PHE O 435 -15.00 -31.90 76.16
N TYR O 436 -13.96 -32.12 75.35
CA TYR O 436 -12.62 -31.62 75.60
C TYR O 436 -12.62 -30.09 75.75
N LYS O 437 -13.31 -29.39 74.85
CA LYS O 437 -13.33 -27.94 74.89
C LYS O 437 -13.98 -27.38 76.16
N LYS O 438 -14.80 -28.19 76.83
CA LYS O 438 -15.45 -27.73 78.05
C LYS O 438 -14.46 -27.75 79.21
N ASP O 439 -13.67 -28.83 79.30
CA ASP O 439 -12.70 -28.96 80.37
C ASP O 439 -11.44 -28.18 80.03
N LEU O 440 -11.17 -28.01 78.74
CA LEU O 440 -10.07 -27.19 78.29
C LEU O 440 -10.34 -25.76 78.70
N ALA O 441 -11.58 -25.31 78.48
CA ALA O 441 -11.93 -23.95 78.84
C ALA O 441 -11.71 -23.72 80.33
N LYS O 442 -12.03 -24.71 81.15
CA LYS O 442 -11.79 -24.56 82.58
C LYS O 442 -10.30 -24.38 82.86
N ARG O 443 -9.47 -25.22 82.23
CA ARG O 443 -8.03 -25.16 82.47
C ARG O 443 -7.42 -23.83 82.03
N LEU O 444 -7.99 -23.26 80.98
CA LEU O 444 -7.46 -22.02 80.42
C LEU O 444 -7.97 -20.77 81.16
N LEU O 445 -8.89 -20.94 82.10
CA LEU O 445 -9.49 -19.79 82.78
C LEU O 445 -9.30 -19.84 84.30
N VAL O 446 -9.65 -20.97 84.89
CA VAL O 446 -9.69 -21.09 86.34
C VAL O 446 -8.77 -22.20 86.82
N GLY O 447 -7.83 -21.86 87.69
CA GLY O 447 -6.87 -22.84 88.17
C GLY O 447 -5.78 -23.03 87.12
N LYS O 448 -5.11 -24.17 87.16
CA LYS O 448 -3.97 -24.42 86.30
C LYS O 448 -4.05 -25.76 85.61
N SER O 449 -3.35 -25.87 84.47
CA SER O 449 -3.14 -27.17 83.84
C SER O 449 -1.93 -27.84 84.49
N ALA O 450 -1.85 -29.16 84.40
CA ALA O 450 -0.70 -29.90 84.90
C ALA O 450 0.57 -29.51 84.16
N SER O 451 0.43 -29.25 82.86
CA SER O 451 1.54 -28.81 82.03
C SER O 451 1.06 -28.16 80.75
N VAL O 452 1.66 -27.02 80.41
CA VAL O 452 1.34 -26.34 79.16
C VAL O 452 1.80 -27.15 77.96
N ASP O 453 2.97 -27.78 78.08
CA ASP O 453 3.51 -28.57 76.99
C ASP O 453 2.63 -29.79 76.73
N ALA O 454 2.11 -30.41 77.79
CA ALA O 454 1.21 -31.55 77.64
C ALA O 454 -0.07 -31.14 76.93
N GLU O 455 -0.57 -29.95 77.24
CA GLU O 455 -1.79 -29.45 76.62
C GLU O 455 -1.56 -29.20 75.13
N LYS O 456 -0.41 -28.62 74.79
CA LYS O 456 -0.05 -28.38 73.40
C LYS O 456 0.20 -29.70 72.66
N SER O 457 0.76 -30.67 73.37
CA SER O 457 1.04 -31.98 72.78
C SER O 457 -0.25 -32.64 72.32
N MET O 458 -1.30 -32.54 73.14
CA MET O 458 -2.60 -33.10 72.75
C MET O 458 -3.12 -32.46 71.48
N LEU O 459 -2.98 -31.14 71.36
CA LEU O 459 -3.47 -30.46 70.17
C LEU O 459 -2.74 -30.98 68.93
N SER O 460 -1.44 -31.20 69.06
CA SER O 460 -0.64 -31.74 67.95
C SER O 460 -1.10 -33.15 67.58
N LYS O 461 -1.31 -33.98 68.61
CA LYS O 461 -1.74 -35.36 68.41
C LYS O 461 -3.12 -35.42 67.75
N LEU O 462 -3.97 -34.45 68.11
CA LEU O 462 -5.31 -34.37 67.54
C LEU O 462 -5.28 -33.96 66.08
N LYS O 463 -4.42 -33.02 65.71
CA LYS O 463 -4.35 -32.59 64.31
C LYS O 463 -4.02 -33.76 63.41
N HIS O 464 -3.11 -34.61 63.87
CA HIS O 464 -2.72 -35.76 63.06
C HIS O 464 -3.88 -36.75 62.94
N GLU O 465 -4.13 -37.19 61.70
CA GLU O 465 -5.20 -38.12 61.38
C GLU O 465 -6.59 -37.52 61.61
N CYS O 466 -6.67 -36.19 61.72
CA CYS O 466 -7.96 -35.50 61.79
C CYS O 466 -8.01 -34.34 60.80
N GLY O 467 -6.90 -33.62 60.69
CA GLY O 467 -6.83 -32.40 59.90
C GLY O 467 -6.64 -31.20 60.83
N ALA O 468 -5.92 -30.19 60.36
CA ALA O 468 -5.63 -29.02 61.19
C ALA O 468 -6.91 -28.34 61.66
N ALA O 469 -7.95 -28.40 60.84
CA ALA O 469 -9.22 -27.77 61.17
C ALA O 469 -9.78 -28.29 62.48
N PHE O 470 -9.48 -29.55 62.81
CA PHE O 470 -10.02 -30.20 63.99
C PHE O 470 -9.75 -29.40 65.26
N THR O 471 -8.54 -28.85 65.37
CA THR O 471 -8.15 -28.16 66.59
C THR O 471 -8.17 -26.66 66.40
N SER O 472 -8.74 -26.17 65.32
CA SER O 472 -8.68 -24.74 65.02
C SER O 472 -9.26 -23.93 66.17
N LYS O 473 -10.41 -24.35 66.66
CA LYS O 473 -11.05 -23.66 67.77
C LYS O 473 -10.28 -23.89 69.07
N LEU O 474 -9.80 -25.11 69.26
CA LEU O 474 -9.13 -25.49 70.51
C LEU O 474 -7.81 -24.73 70.67
N GLU O 475 -7.08 -24.57 69.57
CA GLU O 475 -5.83 -23.83 69.58
C GLU O 475 -6.11 -22.34 69.74
N GLY O 476 -7.16 -21.87 69.10
CA GLY O 476 -7.58 -20.48 69.22
C GLY O 476 -7.92 -20.13 70.66
N MET O 477 -8.54 -21.08 71.38
CA MET O 477 -8.86 -20.87 72.78
C MET O 477 -7.60 -20.58 73.58
N PHE O 478 -6.54 -21.33 73.33
CA PHE O 478 -5.26 -21.08 73.97
C PHE O 478 -4.74 -19.70 73.61
N LYS O 479 -4.74 -19.38 72.31
CA LYS O 479 -4.23 -18.11 71.81
C LYS O 479 -4.90 -16.92 72.50
N ASP O 480 -6.20 -17.02 72.72
CA ASP O 480 -6.95 -15.94 73.35
C ASP O 480 -6.40 -15.57 74.72
N MET O 481 -5.87 -16.55 75.44
CA MET O 481 -5.39 -16.29 76.79
C MET O 481 -4.01 -15.66 76.75
N GLU O 482 -3.24 -15.98 75.72
CA GLU O 482 -1.94 -15.36 75.54
C GLU O 482 -2.15 -13.89 75.17
N LEU O 483 -3.19 -13.65 74.39
CA LEU O 483 -3.55 -12.28 74.01
C LEU O 483 -4.07 -11.52 75.23
N SER O 484 -4.84 -12.22 76.07
CA SER O 484 -5.40 -11.62 77.28
C SER O 484 -4.29 -11.20 78.23
N LYS O 485 -3.22 -11.99 78.32
CA LYS O 485 -2.11 -11.65 79.20
C LYS O 485 -1.55 -10.27 78.88
N ASP O 486 -1.36 -9.96 77.60
CA ASP O 486 -0.87 -8.64 77.23
C ASP O 486 -1.91 -7.56 77.49
N ILE O 487 -3.17 -7.90 77.22
CA ILE O 487 -4.26 -6.94 77.37
C ILE O 487 -4.46 -6.52 78.82
N MET O 488 -4.46 -7.47 79.74
CA MET O 488 -4.68 -7.17 81.15
C MET O 488 -3.55 -6.31 81.71
N VAL O 489 -2.34 -6.46 81.18
CA VAL O 489 -1.23 -5.62 81.59
C VAL O 489 -1.48 -4.18 81.16
N HIS O 490 -1.90 -4.01 79.91
CA HIS O 490 -2.16 -2.68 79.38
C HIS O 490 -3.34 -2.01 80.08
N PHE O 491 -4.33 -2.81 80.47
CA PHE O 491 -5.49 -2.26 81.15
C PHE O 491 -5.12 -1.71 82.52
N LYS O 492 -4.24 -2.42 83.23
CA LYS O 492 -3.76 -1.89 84.50
C LYS O 492 -2.96 -0.61 84.30
N GLN O 493 -2.18 -0.55 83.23
CA GLN O 493 -1.40 0.64 82.93
C GLN O 493 -2.31 1.84 82.70
N HIS O 494 -3.45 1.60 82.05
CA HIS O 494 -4.43 2.65 81.82
C HIS O 494 -5.19 2.99 83.11
N MET O 495 -5.47 1.97 83.91
CA MET O 495 -6.19 2.15 85.17
C MET O 495 -5.43 3.05 86.14
N GLN O 496 -4.10 2.96 86.09
CA GLN O 496 -3.24 3.76 86.96
C GLN O 496 -3.30 5.24 86.64
N ASN O 497 -3.84 5.60 85.47
CA ASN O 497 -3.94 7.00 85.07
C ASN O 497 -5.31 7.57 85.40
N GLN O 498 -6.10 6.82 86.17
CA GLN O 498 -7.43 7.27 86.60
C GLN O 498 -7.36 7.97 87.95
N SER O 499 -6.14 8.21 88.41
CA SER O 499 -5.79 8.94 89.63
C SER O 499 -5.74 8.06 90.88
N ASP O 500 -6.51 6.98 90.87
CA ASP O 500 -6.52 6.03 91.97
C ASP O 500 -7.09 4.71 91.48
N SER O 501 -7.17 3.72 92.34
CA SER O 501 -7.74 2.44 91.97
C SER O 501 -8.43 1.77 93.15
N GLY O 502 -9.30 0.81 92.85
CA GLY O 502 -10.01 0.09 93.89
C GLY O 502 -9.11 -0.96 94.54
N PRO O 503 -9.63 -1.66 95.55
CA PRO O 503 -8.97 -2.71 96.32
C PRO O 503 -8.84 -4.01 95.54
N ILE O 504 -9.50 -4.07 94.39
CA ILE O 504 -9.56 -5.29 93.60
C ILE O 504 -8.51 -5.29 92.49
N ASP O 505 -7.58 -6.24 92.54
CA ASP O 505 -6.54 -6.33 91.53
C ASP O 505 -7.09 -7.06 90.31
N LEU O 506 -7.79 -6.31 89.46
CA LEU O 506 -8.53 -6.89 88.33
C LEU O 506 -7.69 -7.21 87.11
N THR O 507 -7.94 -8.40 86.55
CA THR O 507 -7.47 -8.80 85.23
C THR O 507 -8.65 -9.27 84.40
N VAL O 508 -8.49 -9.34 83.09
CA VAL O 508 -9.57 -9.85 82.25
C VAL O 508 -9.14 -10.89 81.24
N ASN O 509 -9.93 -11.97 81.15
CA ASN O 509 -9.77 -12.98 80.11
C ASN O 509 -10.77 -12.71 78.99
N ILE O 510 -10.25 -12.42 77.80
CA ILE O 510 -11.12 -12.10 76.67
C ILE O 510 -11.17 -13.26 75.68
N LEU O 511 -12.35 -13.87 75.58
CA LEU O 511 -12.54 -15.13 74.87
C LEU O 511 -13.19 -14.94 73.51
N THR O 512 -12.63 -15.50 72.46
CA THR O 512 -13.27 -15.40 71.14
C THR O 512 -14.52 -16.28 71.09
N MET O 513 -15.67 -15.70 70.73
CA MET O 513 -16.91 -16.49 70.72
C MET O 513 -16.86 -17.65 69.73
N GLY O 514 -16.08 -17.49 68.67
CA GLY O 514 -15.97 -18.51 67.65
C GLY O 514 -15.03 -19.65 68.02
N TYR O 515 -14.33 -19.52 69.15
CA TYR O 515 -13.40 -20.56 69.59
C TYR O 515 -13.88 -21.27 70.85
N TRP O 516 -14.48 -20.52 71.76
CA TRP O 516 -14.87 -21.03 73.07
C TRP O 516 -16.30 -21.56 73.06
N PRO O 517 -16.66 -22.42 74.02
CA PRO O 517 -18.01 -22.90 74.29
C PRO O 517 -18.92 -21.73 74.63
N THR O 518 -20.19 -21.86 74.30
CA THR O 518 -21.17 -20.85 74.70
C THR O 518 -21.42 -20.96 76.20
N TYR O 519 -21.42 -19.83 76.89
CA TYR O 519 -21.66 -19.83 78.33
C TYR O 519 -22.85 -18.97 78.69
N THR O 520 -23.55 -19.35 79.74
CA THR O 520 -24.68 -18.57 80.22
C THR O 520 -24.23 -17.59 81.30
N PRO O 521 -24.40 -16.28 81.07
CA PRO O 521 -24.05 -15.21 81.98
C PRO O 521 -25.11 -15.08 83.06
N MET O 522 -24.72 -14.52 84.20
CA MET O 522 -25.68 -14.16 85.23
C MET O 522 -25.38 -12.76 85.73
N GLU O 523 -26.42 -11.97 85.93
CA GLU O 523 -26.25 -10.66 86.53
C GLU O 523 -26.26 -10.82 88.03
N VAL O 524 -25.13 -10.53 88.66
CA VAL O 524 -24.96 -10.83 90.08
C VAL O 524 -24.60 -9.60 90.86
N HIS O 525 -24.73 -9.68 92.18
CA HIS O 525 -24.49 -8.53 93.03
C HIS O 525 -23.00 -8.32 93.32
N LEU O 526 -22.29 -7.87 92.30
CA LEU O 526 -20.86 -7.64 92.42
C LEU O 526 -20.60 -6.43 93.31
N THR O 527 -19.49 -6.48 94.03
CA THR O 527 -19.02 -5.33 94.80
C THR O 527 -18.93 -4.13 93.85
N PRO O 528 -19.41 -2.95 94.23
CA PRO O 528 -19.40 -1.72 93.45
C PRO O 528 -18.04 -1.47 92.81
N GLU O 529 -16.97 -1.83 93.50
CA GLU O 529 -15.62 -1.68 92.97
C GLU O 529 -15.39 -2.61 91.79
N MET O 530 -15.95 -3.81 91.85
CA MET O 530 -15.83 -4.78 90.78
C MET O 530 -16.60 -4.32 89.56
N ILE O 531 -17.76 -3.69 89.81
CA ILE O 531 -18.59 -3.21 88.73
C ILE O 531 -17.88 -2.10 87.99
N LYS O 532 -17.33 -1.14 88.73
CA LYS O 532 -16.63 -0.03 88.12
C LYS O 532 -15.42 -0.51 87.33
N LEU O 533 -14.66 -1.43 87.90
CA LEU O 533 -13.43 -1.87 87.26
C LEU O 533 -13.68 -2.72 86.02
N GLN O 534 -14.69 -3.60 86.04
CA GLN O 534 -14.91 -4.41 84.85
C GLN O 534 -15.52 -3.57 83.74
N GLU O 535 -16.23 -2.50 84.11
CA GLU O 535 -16.79 -1.60 83.12
C GLU O 535 -15.68 -0.80 82.47
N VAL O 536 -14.70 -0.39 83.28
CA VAL O 536 -13.54 0.31 82.78
C VAL O 536 -12.72 -0.57 81.85
N PHE O 537 -12.49 -1.82 82.25
CA PHE O 537 -11.73 -2.74 81.41
C PHE O 537 -12.48 -3.02 80.11
N LYS O 538 -13.81 -3.11 80.18
CA LYS O 538 -14.62 -3.24 78.98
C LYS O 538 -14.41 -2.03 78.08
N ALA O 539 -14.45 -0.84 78.69
CA ALA O 539 -14.26 0.41 77.96
C ALA O 539 -12.87 0.48 77.35
N PHE O 540 -11.88 -0.05 78.04
CA PHE O 540 -10.51 -0.04 77.50
C PHE O 540 -10.43 -0.91 76.27
N TYR O 541 -10.99 -2.11 76.35
CA TYR O 541 -10.91 -3.04 75.22
C TYR O 541 -11.60 -2.48 74.01
N LEU O 542 -12.78 -1.94 74.22
CA LEU O 542 -13.62 -1.48 73.13
C LEU O 542 -13.19 -0.10 72.65
N GLY O 543 -12.13 0.44 73.24
CA GLY O 543 -11.55 1.69 72.77
C GLY O 543 -10.36 1.38 71.88
N LYS O 544 -10.01 0.09 71.78
CA LYS O 544 -8.90 -0.38 70.97
C LYS O 544 -9.44 -1.23 69.84
N HIS O 545 -10.50 -1.98 70.16
CA HIS O 545 -11.17 -2.88 69.25
C HIS O 545 -12.66 -2.60 69.30
N SER O 546 -13.04 -1.46 68.70
CA SER O 546 -14.39 -0.95 68.79
C SER O 546 -15.33 -1.69 67.85
N GLY O 547 -16.63 -1.48 68.02
CA GLY O 547 -17.64 -2.10 67.18
C GLY O 547 -17.97 -3.48 67.74
N ARG O 548 -17.43 -3.74 68.92
CA ARG O 548 -17.57 -5.01 69.62
C ARG O 548 -18.37 -4.88 70.90
N LYS O 549 -18.82 -6.01 71.39
CA LYS O 549 -19.40 -6.10 72.73
C LYS O 549 -18.73 -7.23 73.50
N LEU O 550 -18.59 -7.04 74.80
CA LEU O 550 -18.06 -8.08 75.66
C LEU O 550 -19.14 -8.60 76.60
N GLN O 551 -19.35 -9.90 76.55
CA GLN O 551 -20.35 -10.55 77.38
C GLN O 551 -19.70 -11.13 78.63
N TRP O 552 -19.89 -10.46 79.75
CA TRP O 552 -19.22 -10.88 80.99
C TRP O 552 -19.82 -12.17 81.50
N GLN O 553 -18.96 -13.12 81.84
CA GLN O 553 -19.38 -14.40 82.36
C GLN O 553 -19.01 -14.53 83.82
N THR O 554 -19.98 -14.26 84.68
CA THR O 554 -19.76 -14.23 86.11
C THR O 554 -19.60 -15.64 86.66
N THR O 555 -19.97 -16.61 85.85
CA THR O 555 -19.83 -18.02 86.18
C THR O 555 -18.39 -18.52 85.97
N LEU O 556 -17.64 -17.85 85.09
CA LEU O 556 -16.30 -18.30 84.75
C LEU O 556 -15.23 -17.58 85.56
N GLY O 557 -15.54 -16.39 86.03
CA GLY O 557 -14.56 -15.58 86.76
C GLY O 557 -14.22 -16.19 88.12
N HIS O 558 -13.05 -15.80 88.64
CA HIS O 558 -12.58 -16.31 89.93
C HIS O 558 -11.81 -15.22 90.68
N ALA O 559 -11.61 -15.44 91.97
CA ALA O 559 -10.99 -14.42 92.83
C ALA O 559 -10.20 -15.04 93.99
N VAL O 560 -9.33 -14.23 94.59
CA VAL O 560 -8.66 -14.63 95.81
C VAL O 560 -9.22 -13.83 96.97
N LEU O 561 -9.83 -14.54 97.91
CA LEU O 561 -10.54 -13.90 99.01
C LEU O 561 -9.85 -14.18 100.34
N LYS O 562 -9.63 -13.13 101.11
CA LYS O 562 -9.02 -13.27 102.43
C LYS O 562 -10.09 -13.27 103.51
N ALA O 563 -10.06 -14.28 104.38
CA ALA O 563 -11.05 -14.40 105.45
C ALA O 563 -10.38 -14.32 106.82
N GLU O 564 -11.02 -13.60 107.74
CA GLU O 564 -10.48 -13.44 109.08
C GLU O 564 -11.03 -14.47 110.04
N PHE O 565 -10.13 -15.29 110.58
CA PHE O 565 -10.51 -16.36 111.49
C PHE O 565 -9.87 -16.13 112.85
N LYS O 566 -10.19 -17.00 113.81
CA LYS O 566 -9.58 -16.91 115.12
C LYS O 566 -8.08 -17.17 115.06
N GLU O 567 -7.65 -17.84 113.99
CA GLU O 567 -6.26 -18.22 113.79
C GLU O 567 -5.53 -17.28 112.83
N GLY O 568 -6.15 -16.16 112.47
CA GLY O 568 -5.53 -15.20 111.56
C GLY O 568 -6.26 -15.09 110.23
N LYS O 569 -5.78 -14.19 109.36
CA LYS O 569 -6.41 -13.93 108.08
C LYS O 569 -5.77 -14.75 106.96
N LYS O 570 -6.51 -15.72 106.44
CA LYS O 570 -6.00 -16.64 105.41
C LYS O 570 -6.70 -16.44 104.09
N GLU O 571 -5.99 -16.70 103.00
CA GLU O 571 -6.53 -16.53 101.66
C GLU O 571 -7.03 -17.84 101.06
N PHE O 572 -8.09 -17.74 100.25
CA PHE O 572 -8.61 -18.88 99.52
C PHE O 572 -8.75 -18.57 98.04
N GLN O 573 -8.59 -19.61 97.23
CA GLN O 573 -8.89 -19.48 95.81
C GLN O 573 -10.33 -19.90 95.59
N VAL O 574 -11.14 -18.92 95.25
CA VAL O 574 -12.58 -19.09 95.18
C VAL O 574 -13.12 -18.70 93.81
N SER O 575 -14.26 -19.25 93.44
CA SER O 575 -14.92 -18.82 92.21
C SER O 575 -15.57 -17.48 92.46
N LEU O 576 -15.98 -16.79 91.40
CA LEU O 576 -16.70 -15.53 91.57
C LEU O 576 -17.93 -15.78 92.42
N PHE O 577 -18.65 -16.86 92.12
CA PHE O 577 -19.87 -17.17 92.85
C PHE O 577 -19.55 -17.53 94.30
N GLN O 578 -18.48 -18.28 94.53
CA GLN O 578 -18.06 -18.57 95.91
C GLN O 578 -17.66 -17.29 96.62
N THR O 579 -17.05 -16.36 95.89
CA THR O 579 -16.64 -15.09 96.46
C THR O 579 -17.86 -14.34 96.95
N LEU O 580 -18.90 -14.28 96.12
CA LEU O 580 -20.11 -13.57 96.49
C LEU O 580 -20.77 -14.25 97.69
N VAL O 581 -20.74 -15.58 97.71
CA VAL O 581 -21.31 -16.33 98.82
C VAL O 581 -20.59 -16.03 100.11
N LEU O 582 -19.27 -16.06 100.08
CA LEU O 582 -18.47 -15.80 101.27
C LEU O 582 -18.48 -14.34 101.66
N LEU O 583 -18.47 -13.45 100.67
CA LEU O 583 -18.44 -12.03 100.95
C LEU O 583 -19.73 -11.60 101.64
N MET O 584 -20.82 -12.31 101.34
CA MET O 584 -22.11 -12.07 101.97
C MET O 584 -22.08 -12.35 103.48
N PHE O 585 -21.07 -13.08 103.93
CA PHE O 585 -20.93 -13.40 105.34
C PHE O 585 -19.92 -12.49 106.03
N ASN O 586 -19.57 -11.36 105.41
CA ASN O 586 -18.58 -10.49 106.05
C ASN O 586 -19.20 -9.46 106.98
N GLU O 587 -20.52 -9.49 107.08
CA GLU O 587 -21.27 -8.61 107.98
C GLU O 587 -21.78 -9.39 109.19
N GLY O 588 -22.07 -10.66 108.94
CA GLY O 588 -22.68 -11.55 109.91
C GLY O 588 -22.96 -12.88 109.23
N ASP O 589 -23.57 -13.81 109.95
CA ASP O 589 -23.84 -15.11 109.38
C ASP O 589 -25.15 -15.72 109.90
N GLY O 590 -25.34 -17.02 109.68
CA GLY O 590 -26.60 -17.66 110.06
C GLY O 590 -27.65 -17.45 108.97
N PHE O 591 -27.18 -17.41 107.72
CA PHE O 591 -28.06 -17.19 106.57
C PHE O 591 -28.49 -18.50 105.96
N SER O 592 -29.71 -18.52 105.41
CA SER O 592 -30.18 -19.70 104.72
C SER O 592 -29.63 -19.73 103.30
N PHE O 593 -29.68 -20.90 102.66
CA PHE O 593 -29.32 -21.04 101.26
C PHE O 593 -30.12 -20.09 100.40
N GLU O 594 -31.44 -20.09 100.58
CA GLU O 594 -32.31 -19.23 99.78
C GLU O 594 -31.92 -17.76 99.92
N GLU O 595 -31.61 -17.34 101.15
CA GLU O 595 -31.21 -15.96 101.38
C GLU O 595 -29.91 -15.61 100.67
N ILE O 596 -28.95 -16.53 100.68
CA ILE O 596 -27.70 -16.29 99.98
C ILE O 596 -27.93 -16.21 98.48
N LYS O 597 -28.76 -17.10 97.94
CA LYS O 597 -29.07 -17.10 96.52
C LYS O 597 -29.56 -15.73 96.09
N MET O 598 -30.51 -15.18 96.84
CA MET O 598 -31.06 -13.87 96.54
C MET O 598 -30.02 -12.76 96.73
N ALA O 599 -29.24 -12.89 97.79
CA ALA O 599 -28.23 -11.90 98.16
C ALA O 599 -27.09 -11.82 97.15
N THR O 600 -26.73 -12.96 96.56
CA THR O 600 -25.63 -13.00 95.62
C THR O 600 -26.11 -12.88 94.17
N GLY O 601 -27.39 -13.22 93.93
CA GLY O 601 -27.97 -13.09 92.61
C GLY O 601 -27.55 -14.21 91.66
N ILE O 602 -27.34 -15.41 92.20
CA ILE O 602 -26.90 -16.51 91.36
C ILE O 602 -27.93 -17.63 91.36
N GLU O 603 -27.75 -18.58 90.46
CA GLU O 603 -28.67 -19.70 90.32
C GLU O 603 -28.53 -20.65 91.51
N ASP O 604 -29.57 -21.42 91.79
CA ASP O 604 -29.54 -22.33 92.93
C ASP O 604 -28.57 -23.46 92.67
N SER O 605 -28.50 -23.91 91.43
CA SER O 605 -27.57 -24.97 91.05
C SER O 605 -26.14 -24.50 91.31
N GLU O 606 -25.86 -23.26 90.94
CA GLU O 606 -24.54 -22.69 91.14
C GLU O 606 -24.24 -22.51 92.62
N LEU O 607 -25.25 -22.07 93.39
CA LEU O 607 -25.06 -21.87 94.81
C LEU O 607 -24.84 -23.18 95.55
N ARG O 608 -25.57 -24.23 95.13
CA ARG O 608 -25.41 -25.52 95.77
C ARG O 608 -23.98 -26.01 95.63
N ARG O 609 -23.40 -25.82 94.44
CA ARG O 609 -22.01 -26.23 94.24
C ARG O 609 -21.05 -25.37 95.06
N THR O 610 -21.31 -24.07 95.15
CA THR O 610 -20.39 -23.21 95.90
C THR O 610 -20.39 -23.57 97.37
N LEU O 611 -21.58 -23.87 97.91
CA LEU O 611 -21.70 -24.22 99.32
C LEU O 611 -21.32 -25.67 99.58
N GLN O 612 -21.50 -26.52 98.57
CA GLN O 612 -21.12 -27.91 98.70
C GLN O 612 -19.62 -28.04 98.96
N SER O 613 -18.83 -27.14 98.39
CA SER O 613 -17.41 -27.15 98.70
C SER O 613 -17.12 -26.36 99.97
N LEU O 614 -17.60 -25.12 100.01
CA LEU O 614 -17.24 -24.18 101.08
C LEU O 614 -17.61 -24.67 102.47
N ALA O 615 -18.75 -25.34 102.59
CA ALA O 615 -19.25 -25.77 103.90
C ALA O 615 -19.26 -27.27 104.12
N CYS O 616 -18.62 -28.05 103.24
CA CYS O 616 -18.61 -29.50 103.40
C CYS O 616 -17.21 -30.12 103.28
N GLY O 617 -16.35 -29.51 102.49
CA GLY O 617 -15.07 -30.14 102.13
C GLY O 617 -13.97 -29.80 103.13
N LYS O 618 -12.73 -29.89 102.66
CA LYS O 618 -11.57 -29.64 103.51
C LYS O 618 -11.31 -28.15 103.60
N ALA O 619 -10.67 -27.71 104.68
CA ALA O 619 -10.38 -26.30 104.86
C ALA O 619 -11.64 -25.47 104.71
N ARG O 620 -12.70 -25.90 105.41
CA ARG O 620 -13.99 -25.24 105.32
C ARG O 620 -13.91 -23.78 105.71
N VAL O 621 -14.61 -22.94 104.97
CA VAL O 621 -14.67 -21.53 105.28
C VAL O 621 -15.98 -21.26 106.02
N LEU O 622 -17.03 -21.95 105.57
CA LEU O 622 -18.34 -21.90 106.19
C LEU O 622 -18.65 -23.23 106.82
N ILE O 623 -19.55 -23.25 107.77
CA ILE O 623 -20.05 -24.50 108.32
C ILE O 623 -21.55 -24.65 108.06
N LYS O 624 -21.95 -25.77 107.49
CA LYS O 624 -23.36 -26.04 107.30
C LYS O 624 -23.92 -26.74 108.53
N SER O 625 -24.97 -26.16 109.12
CA SER O 625 -25.56 -26.73 110.34
C SER O 625 -26.14 -28.14 110.15
N PRO O 626 -26.94 -28.42 109.11
CA PRO O 626 -27.46 -29.73 108.79
C PRO O 626 -26.41 -30.56 108.07
N LYS O 627 -25.41 -30.99 108.81
CA LYS O 627 -24.23 -31.66 108.25
C LYS O 627 -24.61 -32.72 107.23
N GLY O 628 -23.98 -32.63 106.06
CA GLY O 628 -24.22 -33.53 104.95
C GLY O 628 -23.46 -33.05 103.72
N LYS O 629 -23.52 -33.79 102.62
CA LYS O 629 -22.78 -33.42 101.43
C LYS O 629 -23.58 -32.50 100.50
N GLU O 630 -24.90 -32.67 100.46
CA GLU O 630 -25.75 -31.89 99.57
C GLU O 630 -26.34 -30.66 100.25
N VAL O 631 -26.71 -29.67 99.45
CA VAL O 631 -27.20 -28.41 99.97
C VAL O 631 -28.66 -28.12 99.57
N GLU O 632 -29.48 -27.84 100.58
CA GLU O 632 -30.91 -27.55 100.42
C GLU O 632 -31.25 -26.08 100.66
N ASP O 633 -32.44 -25.67 100.20
CA ASP O 633 -32.90 -24.29 100.33
C ASP O 633 -32.96 -23.80 101.78
N GLY O 634 -33.28 -24.69 102.71
CA GLY O 634 -33.44 -24.30 104.11
C GLY O 634 -32.16 -24.42 104.93
N ASP O 635 -31.06 -24.84 104.29
CA ASP O 635 -29.82 -25.04 105.03
C ASP O 635 -29.28 -23.73 105.59
N LYS O 636 -28.87 -23.76 106.85
CA LYS O 636 -28.32 -22.59 107.52
C LYS O 636 -26.79 -22.61 107.57
N PHE O 637 -26.18 -21.50 107.20
CA PHE O 637 -24.73 -21.42 107.16
C PHE O 637 -24.15 -20.40 108.12
N ILE O 638 -23.08 -20.80 108.81
CA ILE O 638 -22.35 -19.92 109.70
C ILE O 638 -20.87 -19.87 109.30
N PHE O 639 -20.17 -18.85 109.76
CA PHE O 639 -18.75 -18.69 109.44
C PHE O 639 -17.87 -19.62 110.27
N ASN O 640 -16.90 -20.25 109.63
CA ASN O 640 -15.99 -21.14 110.34
C ASN O 640 -14.89 -20.37 111.04
N GLY O 641 -15.25 -19.70 112.14
CA GLY O 641 -14.28 -18.94 112.92
C GLY O 641 -13.17 -19.87 113.41
N GLU O 642 -13.54 -21.12 113.69
CA GLU O 642 -12.60 -22.14 114.16
C GLU O 642 -11.90 -22.79 112.98
N PHE O 643 -11.15 -22.00 112.23
CA PHE O 643 -10.44 -22.47 111.05
C PHE O 643 -8.97 -22.66 111.33
N LYS O 644 -8.52 -23.90 111.32
CA LYS O 644 -7.11 -24.18 111.59
C LYS O 644 -6.42 -24.70 110.35
N HIS O 645 -5.59 -23.85 109.74
CA HIS O 645 -4.87 -24.22 108.53
C HIS O 645 -3.67 -23.30 108.33
N LYS O 646 -2.63 -23.83 107.69
CA LYS O 646 -1.39 -23.07 107.48
C LYS O 646 -1.21 -22.56 106.05
N LEU O 647 -1.93 -23.14 105.10
CA LEU O 647 -1.74 -22.79 103.70
C LEU O 647 -2.52 -21.55 103.31
N PHE O 648 -1.90 -20.71 102.50
CA PHE O 648 -2.57 -19.54 101.95
C PHE O 648 -2.95 -19.79 100.50
N ARG O 649 -4.08 -19.20 100.10
CA ARG O 649 -4.65 -19.39 98.77
C ARG O 649 -5.00 -20.85 98.59
N ILE O 650 -5.74 -21.37 99.56
CA ILE O 650 -6.22 -22.74 99.56
C ILE O 650 -7.27 -22.92 98.48
N LYS O 651 -7.15 -23.97 97.69
CA LYS O 651 -8.12 -24.20 96.63
C LYS O 651 -9.40 -24.83 97.18
N ILE O 652 -10.48 -24.05 97.11
CA ILE O 652 -11.79 -24.50 97.57
C ILE O 652 -12.76 -24.44 96.39
N ASN O 653 -12.23 -24.06 95.23
CA ASN O 653 -13.00 -23.86 94.01
C ASN O 653 -12.82 -25.00 93.00
N GLN O 654 -12.72 -26.23 93.49
CA GLN O 654 -12.59 -27.37 92.59
C GLN O 654 -13.78 -27.46 91.64
N ILE O 655 -14.94 -27.03 92.12
CA ILE O 655 -16.17 -27.08 91.34
C ILE O 655 -16.09 -26.29 90.04
N GLN O 656 -15.20 -25.30 89.98
CA GLN O 656 -15.07 -24.46 88.79
C GLN O 656 -13.97 -24.97 87.86
N MET O 657 -13.36 -26.10 88.24
CA MET O 657 -12.36 -26.76 87.35
C MET O 657 -12.66 -28.28 87.34
N LYS O 658 -13.87 -28.68 87.78
CA LYS O 658 -14.24 -30.12 87.83
C LYS O 658 -15.59 -30.34 87.13
N GLU O 659 -15.76 -31.47 86.44
CA GLU O 659 -17.00 -31.72 85.65
C GLU O 659 -18.22 -31.98 86.55
N THR O 660 -19.41 -31.66 86.03
CA THR O 660 -20.71 -32.03 86.67
C THR O 660 -21.64 -32.64 85.62
N VAL O 661 -22.67 -33.37 86.04
CA VAL O 661 -23.58 -34.08 85.09
C VAL O 661 -24.21 -33.10 84.10
N GLU O 662 -24.68 -31.94 84.55
CA GLU O 662 -25.34 -30.99 83.67
C GLU O 662 -24.42 -30.61 82.51
N GLU O 663 -23.13 -30.50 82.81
CA GLU O 663 -22.15 -30.12 81.80
C GLU O 663 -21.96 -31.23 80.77
N GLN O 664 -22.00 -32.50 81.20
CA GLN O 664 -21.92 -33.63 80.30
C GLN O 664 -23.10 -33.64 79.35
N VAL O 665 -24.27 -33.25 79.85
CA VAL O 665 -25.47 -33.18 79.03
C VAL O 665 -25.33 -32.10 77.97
N SER O 666 -24.81 -30.93 78.36
CA SER O 666 -24.62 -29.84 77.41
C SER O 666 -23.61 -30.21 76.33
N THR O 667 -22.53 -30.89 76.71
CA THR O 667 -21.53 -31.31 75.74
C THR O 667 -22.07 -32.41 74.84
N THR O 668 -22.95 -33.25 75.39
CA THR O 668 -23.61 -34.30 74.60
C THR O 668 -24.52 -33.66 73.54
N GLU O 669 -25.25 -32.62 73.93
CA GLU O 669 -26.13 -31.92 73.01
C GLU O 669 -25.33 -31.26 71.90
N ARG O 670 -24.17 -30.70 72.24
CA ARG O 670 -23.33 -30.06 71.24
C ARG O 670 -22.93 -31.08 70.18
N VAL O 671 -22.61 -32.31 70.60
CA VAL O 671 -22.25 -33.35 69.65
C VAL O 671 -23.42 -33.64 68.73
N PHE O 672 -24.60 -33.78 69.31
CA PHE O 672 -25.80 -34.05 68.52
C PHE O 672 -26.02 -32.96 67.49
N GLN O 673 -25.97 -31.71 67.93
CA GLN O 673 -26.23 -30.58 67.05
C GLN O 673 -25.18 -30.45 65.94
N ASP O 674 -23.93 -30.78 66.26
CA ASP O 674 -22.88 -30.72 65.26
C ASP O 674 -23.06 -31.81 64.22
N ARG O 675 -23.50 -32.98 64.68
CA ARG O 675 -23.79 -34.08 63.76
C ARG O 675 -24.97 -33.72 62.88
N GLN O 676 -25.97 -33.04 63.46
CA GLN O 676 -27.15 -32.63 62.70
C GLN O 676 -26.79 -31.61 61.63
N TYR O 677 -25.83 -30.73 61.94
CA TYR O 677 -25.33 -29.79 60.95
C TYR O 677 -24.64 -30.52 59.80
N GLN O 678 -23.73 -31.43 60.13
CA GLN O 678 -22.94 -32.08 59.11
C GLN O 678 -23.80 -32.85 58.12
N ILE O 679 -24.89 -33.44 58.59
CA ILE O 679 -25.78 -34.20 57.71
C ILE O 679 -26.67 -33.29 56.87
N ASP O 680 -26.69 -31.99 57.19
CA ASP O 680 -27.43 -31.02 56.41
C ASP O 680 -26.49 -30.40 55.36
N ALA O 681 -25.26 -30.13 55.80
CA ALA O 681 -24.21 -29.62 54.93
C ALA O 681 -23.76 -30.70 53.95
N ALA O 682 -23.74 -31.93 54.44
CA ALA O 682 -23.42 -33.08 53.61
C ALA O 682 -24.64 -33.37 52.78
N ILE O 683 -24.51 -34.25 51.80
CA ILE O 683 -25.58 -34.53 50.83
C ILE O 683 -25.59 -33.41 49.79
N VAL O 684 -25.57 -32.17 50.27
CA VAL O 684 -25.38 -31.00 49.43
C VAL O 684 -23.95 -31.00 48.88
N ARG O 685 -23.00 -31.40 49.72
CA ARG O 685 -21.60 -31.56 49.36
C ARG O 685 -21.33 -32.93 48.74
N ILE O 686 -22.41 -33.67 48.50
CA ILE O 686 -22.39 -34.97 47.83
C ILE O 686 -23.36 -34.81 46.65
N MET O 687 -23.31 -35.74 45.71
CA MET O 687 -24.19 -35.71 44.52
C MET O 687 -23.56 -34.90 43.41
N LYS O 688 -23.02 -33.74 43.74
CA LYS O 688 -22.43 -32.88 42.72
C LYS O 688 -21.35 -33.62 41.93
N MET O 689 -20.56 -34.46 42.60
CA MET O 689 -19.50 -35.22 41.95
C MET O 689 -19.98 -36.62 41.55
N ARG O 690 -21.25 -36.90 41.87
CA ARG O 690 -21.88 -38.19 41.63
C ARG O 690 -23.32 -37.94 41.25
N LYS O 691 -23.53 -37.48 40.02
CA LYS O 691 -24.81 -36.86 39.66
C LYS O 691 -25.98 -37.78 39.92
N THR O 692 -25.81 -39.07 39.65
CA THR O 692 -26.85 -40.06 39.94
C THR O 692 -26.37 -40.96 41.07
N LEU O 693 -27.12 -40.97 42.18
CA LEU O 693 -26.69 -41.71 43.36
C LEU O 693 -27.87 -42.00 44.30
N GLY O 694 -28.01 -43.26 44.73
CA GLY O 694 -29.14 -43.64 45.58
C GLY O 694 -28.88 -43.55 47.09
N HIS O 695 -29.89 -43.91 47.87
CA HIS O 695 -29.86 -43.85 49.34
C HIS O 695 -28.75 -44.70 49.95
N ASN O 696 -28.57 -45.91 49.43
CA ASN O 696 -27.59 -46.84 49.98
C ASN O 696 -26.17 -46.39 49.69
N LEU O 697 -26.04 -45.52 48.70
CA LEU O 697 -24.74 -44.99 48.33
C LEU O 697 -24.52 -43.68 49.04
N LEU O 698 -25.60 -42.97 49.31
CA LEU O 698 -25.52 -41.68 49.98
C LEU O 698 -25.11 -41.88 51.42
N VAL O 699 -25.68 -42.88 52.08
CA VAL O 699 -25.28 -43.20 53.44
C VAL O 699 -23.82 -43.67 53.47
N SER O 700 -23.38 -44.32 52.40
CA SER O 700 -22.01 -44.80 52.29
C SER O 700 -21.04 -43.63 52.07
N GLU O 701 -21.44 -42.66 51.25
CA GLU O 701 -20.63 -41.47 51.02
C GLU O 701 -20.58 -40.63 52.28
N LEU O 702 -21.70 -40.62 53.01
CA LEU O 702 -21.81 -39.91 54.27
C LEU O 702 -20.98 -40.57 55.35
N TYR O 703 -20.89 -41.90 55.33
CA TYR O 703 -20.01 -42.57 56.27
C TYR O 703 -18.62 -41.96 56.17
N ASN O 704 -18.14 -41.80 54.93
CA ASN O 704 -16.81 -41.25 54.67
C ASN O 704 -16.73 -39.72 54.79
N GLN O 705 -17.80 -39.00 54.45
CA GLN O 705 -17.76 -37.54 54.47
C GLN O 705 -18.00 -36.95 55.86
N LEU O 706 -18.86 -37.61 56.64
CA LEU O 706 -19.23 -37.14 57.97
C LEU O 706 -18.18 -37.55 58.99
N LYS O 707 -18.06 -36.79 60.07
CA LYS O 707 -17.23 -37.24 61.18
C LYS O 707 -17.87 -38.46 61.83
N PHE O 708 -19.20 -38.49 61.85
CA PHE O 708 -19.97 -39.61 62.40
C PHE O 708 -21.07 -39.99 61.40
N PRO O 709 -21.18 -41.27 61.02
CA PRO O 709 -22.16 -41.84 60.12
C PRO O 709 -23.57 -41.53 60.58
N VAL O 710 -24.48 -41.34 59.63
CA VAL O 710 -25.85 -40.97 59.95
C VAL O 710 -26.82 -42.13 59.75
N LYS O 711 -27.71 -42.32 60.70
CA LYS O 711 -28.76 -43.32 60.61
C LYS O 711 -29.75 -42.95 59.52
N PRO O 712 -30.41 -43.92 58.89
CA PRO O 712 -31.38 -43.75 57.82
C PRO O 712 -32.57 -42.91 58.25
N GLY O 713 -32.87 -42.88 59.55
CA GLY O 713 -33.96 -42.06 60.05
C GLY O 713 -33.70 -40.58 59.80
N ASP O 714 -32.58 -40.09 60.34
CA ASP O 714 -32.19 -38.69 60.18
C ASP O 714 -31.87 -38.39 58.72
N LEU O 715 -31.30 -39.37 58.02
CA LEU O 715 -30.91 -39.16 56.64
C LEU O 715 -32.12 -38.91 55.75
N LYS O 716 -33.16 -39.73 55.91
CA LYS O 716 -34.36 -39.54 55.11
C LYS O 716 -35.00 -38.17 55.38
N LYS O 717 -34.99 -37.74 56.64
CA LYS O 717 -35.58 -36.46 57.00
C LYS O 717 -34.81 -35.30 56.37
N ARG O 718 -33.48 -35.38 56.38
CA ARG O 718 -32.67 -34.32 55.79
C ARG O 718 -32.83 -34.30 54.28
N ILE O 719 -32.98 -35.48 53.68
CA ILE O 719 -33.17 -35.55 52.24
C ILE O 719 -34.43 -34.82 51.81
N GLU O 720 -35.53 -35.04 52.53
CA GLU O 720 -36.78 -34.41 52.15
C GLU O 720 -36.68 -32.89 52.23
N SER O 721 -36.00 -32.38 53.26
CA SER O 721 -35.84 -30.94 53.41
C SER O 721 -34.91 -30.37 52.34
N LEU O 722 -33.91 -31.16 51.96
CA LEU O 722 -32.96 -30.74 50.93
C LEU O 722 -33.60 -30.75 49.54
N ILE O 723 -34.63 -31.56 49.37
CA ILE O 723 -35.40 -31.53 48.13
C ILE O 723 -36.25 -30.27 48.07
N ASP O 724 -36.92 -29.93 49.17
CA ASP O 724 -37.72 -28.71 49.23
C ASP O 724 -36.87 -27.46 48.98
N ARG O 725 -35.61 -27.51 49.40
CA ARG O 725 -34.69 -26.38 49.24
C ARG O 725 -33.84 -26.45 47.97
N ASP O 726 -34.20 -27.34 47.04
CA ASP O 726 -33.56 -27.46 45.74
C ASP O 726 -32.05 -27.73 45.76
N TYR O 727 -31.61 -28.62 46.64
CA TYR O 727 -30.22 -29.07 46.61
C TYR O 727 -30.13 -30.40 45.87
N MET O 728 -31.19 -31.20 46.02
CA MET O 728 -31.24 -32.53 45.43
C MET O 728 -32.68 -32.83 45.01
N GLU O 729 -32.87 -33.80 44.13
CA GLU O 729 -34.21 -34.23 43.75
C GLU O 729 -34.25 -35.73 43.56
N ARG O 730 -35.44 -36.31 43.60
CA ARG O 730 -35.58 -37.74 43.34
C ARG O 730 -35.66 -38.04 41.86
N ASP O 731 -35.17 -39.21 41.47
CA ASP O 731 -35.20 -39.64 40.08
C ASP O 731 -35.60 -41.11 39.97
N LYS O 732 -35.68 -41.60 38.72
CA LYS O 732 -35.95 -43.00 38.42
C LYS O 732 -37.22 -43.54 39.06
N ASP O 733 -38.19 -42.67 39.29
CA ASP O 733 -39.45 -43.08 39.91
C ASP O 733 -39.20 -43.94 41.15
N ASN O 734 -38.22 -43.56 41.96
CA ASN O 734 -37.82 -44.37 43.10
C ASN O 734 -37.47 -43.49 44.31
N PRO O 735 -38.16 -43.67 45.45
CA PRO O 735 -37.98 -42.93 46.69
C PRO O 735 -36.53 -42.87 47.17
N ASN O 736 -35.72 -43.86 46.77
CA ASN O 736 -34.34 -43.94 47.21
C ASN O 736 -33.32 -43.59 46.13
N GLN O 737 -33.77 -43.01 45.02
CA GLN O 737 -32.84 -42.60 43.97
C GLN O 737 -32.80 -41.09 43.84
N TYR O 738 -31.60 -40.52 43.90
CA TYR O 738 -31.47 -39.07 43.92
C TYR O 738 -30.58 -38.53 42.81
N HIS O 739 -30.79 -37.25 42.49
CA HIS O 739 -29.96 -36.55 41.52
C HIS O 739 -29.63 -35.15 42.02
N TYR O 740 -28.40 -34.71 41.72
CA TYR O 740 -27.96 -33.36 42.07
C TYR O 740 -28.80 -32.28 41.38
N VAL O 741 -29.16 -31.23 42.13
CA VAL O 741 -29.86 -30.11 41.53
C VAL O 741 -28.95 -28.91 41.36
N ALA O 742 -28.87 -28.41 40.13
CA ALA O 742 -28.03 -27.27 39.81
C ALA O 742 -28.88 -26.00 39.65
N LYS P 27 -11.98 -4.26 108.42
CA LYS P 27 -13.11 -4.17 109.34
C LYS P 27 -14.22 -5.12 108.92
N LYS P 28 -13.89 -6.01 108.00
CA LYS P 28 -14.82 -7.00 107.47
C LYS P 28 -14.22 -8.39 107.64
N ARG P 29 -15.06 -9.42 107.77
CA ARG P 29 -14.52 -10.77 107.87
C ARG P 29 -13.92 -11.24 106.55
N PHE P 30 -14.44 -10.75 105.43
CA PHE P 30 -13.92 -11.14 104.13
C PHE P 30 -13.57 -9.94 103.25
N GLU P 31 -12.44 -10.04 102.55
CA GLU P 31 -12.00 -9.02 101.60
C GLU P 31 -11.35 -9.63 100.37
N VAL P 32 -11.74 -9.17 99.19
CA VAL P 32 -11.16 -9.66 97.93
C VAL P 32 -9.87 -8.94 97.62
N LYS P 33 -8.84 -9.69 97.25
CA LYS P 33 -7.56 -9.10 96.89
C LYS P 33 -7.31 -9.20 95.39
N LYS P 34 -7.72 -10.33 94.81
CA LYS P 34 -7.51 -10.57 93.38
C LYS P 34 -8.84 -10.88 92.71
N TRP P 35 -9.00 -10.47 91.47
CA TRP P 35 -10.19 -10.83 90.70
C TRP P 35 -9.88 -10.98 89.22
N ASN P 36 -10.16 -12.15 88.69
CA ASN P 36 -9.94 -12.41 87.28
C ASN P 36 -11.28 -12.55 86.58
N ALA P 37 -11.69 -11.48 85.90
CA ALA P 37 -12.99 -11.44 85.25
C ALA P 37 -12.88 -12.09 83.87
N VAL P 38 -13.98 -12.67 83.40
CA VAL P 38 -13.98 -13.35 82.11
C VAL P 38 -15.11 -12.82 81.23
N ALA P 39 -14.83 -12.56 79.96
CA ALA P 39 -15.87 -12.12 79.04
C ALA P 39 -15.70 -12.72 77.65
N LEU P 40 -16.89 -12.93 77.02
CA LEU P 40 -16.89 -13.40 75.65
C LEU P 40 -16.91 -12.26 74.65
N TRP P 41 -16.02 -12.36 73.68
CA TRP P 41 -15.73 -11.32 72.70
C TRP P 41 -16.31 -11.59 71.33
N ALA P 42 -17.14 -10.65 70.85
CA ALA P 42 -17.70 -10.79 69.49
C ALA P 42 -17.65 -9.53 68.64
N TRP P 43 -17.38 -9.68 67.35
CA TRP P 43 -17.45 -8.50 66.44
C TRP P 43 -18.92 -8.17 66.24
N ASP P 44 -19.49 -7.31 67.09
CA ASP P 44 -20.89 -6.97 66.80
C ASP P 44 -20.70 -6.35 65.42
N ILE P 45 -19.86 -5.33 65.27
CA ILE P 45 -19.42 -4.70 63.97
C ILE P 45 -20.64 -4.40 63.11
N VAL P 46 -21.78 -4.06 63.72
CA VAL P 46 -23.00 -3.88 62.91
C VAL P 46 -23.07 -5.14 62.01
N VAL P 47 -22.77 -6.31 62.59
CA VAL P 47 -22.66 -7.61 61.85
C VAL P 47 -24.01 -8.26 61.99
N ASP P 48 -24.97 -7.44 62.42
CA ASP P 48 -26.36 -7.91 62.38
C ASP P 48 -26.63 -7.81 60.87
N ASN P 49 -25.72 -8.35 60.04
CA ASN P 49 -25.80 -8.26 58.56
C ASN P 49 -25.08 -9.48 57.95
N CYS P 50 -24.99 -9.57 56.62
CA CYS P 50 -24.47 -10.76 55.94
C CYS P 50 -23.55 -10.45 54.76
N ALA P 51 -22.51 -11.26 54.62
CA ALA P 51 -21.56 -11.19 53.50
C ALA P 51 -22.21 -11.54 52.17
N ILE P 52 -23.08 -12.53 52.17
CA ILE P 52 -23.78 -12.89 50.95
C ILE P 52 -25.26 -12.95 51.24
N CYS P 53 -25.96 -11.84 50.98
CA CYS P 53 -27.35 -11.67 51.42
C CYS P 53 -27.70 -10.24 51.77
N ARG P 54 -26.76 -9.52 52.37
CA ARG P 54 -26.96 -8.16 52.86
C ARG P 54 -27.83 -8.10 54.11
N ASN P 55 -29.07 -8.57 53.99
CA ASN P 55 -30.09 -8.37 55.00
C ASN P 55 -29.65 -8.78 56.40
N HIS P 56 -30.22 -8.08 57.38
CA HIS P 56 -29.95 -8.28 58.81
C HIS P 56 -30.14 -9.74 59.18
N ILE P 57 -29.27 -10.27 60.03
CA ILE P 57 -29.30 -11.67 60.40
C ILE P 57 -30.55 -12.07 61.18
N MET P 58 -31.19 -11.12 61.86
CA MET P 58 -32.42 -11.43 62.59
C MET P 58 -33.65 -11.24 61.73
N ASP P 59 -33.43 -10.84 60.48
CA ASP P 59 -34.50 -10.72 59.51
C ASP P 59 -34.57 -12.04 58.77
N LEU P 60 -35.49 -12.14 57.83
CA LEU P 60 -35.62 -13.36 57.04
C LEU P 60 -34.63 -13.34 55.88
N CYS P 61 -34.02 -14.49 55.60
CA CYS P 61 -32.91 -14.58 54.65
C CYS P 61 -33.34 -14.55 53.19
N ILE P 62 -34.07 -13.51 52.79
CA ILE P 62 -34.54 -13.33 51.42
C ILE P 62 -35.51 -14.43 51.00
N GLU P 63 -35.02 -15.67 50.96
CA GLU P 63 -35.77 -16.84 50.52
C GLU P 63 -36.81 -17.26 51.55
N CYS P 64 -36.78 -16.63 52.73
CA CYS P 64 -37.80 -16.86 53.76
C CYS P 64 -38.75 -15.67 53.89
N GLN P 65 -38.56 -14.64 53.05
CA GLN P 65 -39.45 -13.47 53.08
C GLN P 65 -40.68 -13.76 52.25
N ALA P 66 -40.62 -14.89 51.55
CA ALA P 66 -41.66 -15.38 50.67
C ALA P 66 -41.50 -16.88 50.59
N ASN P 67 -42.50 -17.58 50.10
CA ASN P 67 -42.42 -19.03 50.03
C ASN P 67 -41.51 -19.46 48.89
N GLN P 68 -40.21 -19.29 49.09
CA GLN P 68 -39.19 -19.62 48.09
C GLN P 68 -38.43 -20.88 48.51
N ALA P 69 -37.62 -20.77 49.55
CA ALA P 69 -36.92 -21.94 50.08
C ALA P 69 -37.84 -22.67 51.05
N SER P 70 -38.72 -21.92 51.70
CA SER P 70 -39.65 -22.48 52.67
C SER P 70 -40.77 -21.51 53.00
N ALA P 71 -41.94 -22.04 53.32
CA ALA P 71 -43.03 -21.22 53.85
C ALA P 71 -42.81 -20.94 55.32
N THR P 72 -41.97 -21.76 55.96
CA THR P 72 -41.74 -21.68 57.39
C THR P 72 -40.68 -20.64 57.71
N SER P 73 -41.10 -19.37 57.68
CA SER P 73 -40.19 -18.26 57.88
C SER P 73 -39.65 -18.25 59.31
N GLU P 74 -40.42 -18.85 60.23
CA GLU P 74 -40.07 -18.92 61.63
C GLU P 74 -38.94 -19.93 61.90
N GLU P 75 -38.62 -20.74 60.90
CA GLU P 75 -37.60 -21.77 61.05
C GLU P 75 -36.25 -21.29 60.53
N CYS P 76 -36.17 -20.01 60.18
CA CYS P 76 -34.92 -19.48 59.67
C CYS P 76 -34.00 -19.10 60.82
N THR P 77 -32.83 -19.75 60.87
CA THR P 77 -31.93 -19.65 62.01
C THR P 77 -30.66 -18.83 61.72
N VAL P 78 -29.91 -18.56 62.78
CA VAL P 78 -28.69 -17.79 62.74
C VAL P 78 -27.48 -18.62 63.21
N ALA P 79 -26.37 -18.49 62.50
CA ALA P 79 -25.16 -19.24 62.80
C ALA P 79 -23.97 -18.32 63.09
N TRP P 80 -23.01 -18.84 63.88
CA TRP P 80 -21.76 -18.12 64.16
C TRP P 80 -20.56 -18.75 63.48
N GLY P 81 -19.59 -17.91 63.12
CA GLY P 81 -18.35 -18.38 62.49
C GLY P 81 -17.17 -18.42 63.47
N VAL P 82 -15.96 -18.27 62.94
CA VAL P 82 -14.75 -18.34 63.75
C VAL P 82 -14.00 -17.02 63.76
N CYS P 83 -14.66 -15.95 63.33
CA CYS P 83 -14.05 -14.63 63.26
C CYS P 83 -14.90 -13.56 63.94
N ASN P 84 -15.40 -13.89 65.12
CA ASN P 84 -16.13 -12.95 65.97
C ASN P 84 -17.40 -12.38 65.33
N HIS P 85 -18.10 -13.15 64.48
CA HIS P 85 -19.33 -12.63 63.87
C HIS P 85 -20.32 -13.71 63.51
N ALA P 86 -21.57 -13.28 63.23
CA ALA P 86 -22.66 -14.18 62.85
C ALA P 86 -23.18 -13.90 61.45
N PHE P 87 -24.05 -14.79 61.00
CA PHE P 87 -24.70 -14.73 59.68
C PHE P 87 -25.96 -15.60 59.67
N HIS P 88 -26.85 -15.43 58.69
CA HIS P 88 -27.97 -16.35 58.62
C HIS P 88 -27.45 -17.73 58.29
N PHE P 89 -28.11 -18.74 58.85
CA PHE P 89 -27.75 -20.11 58.54
C PHE P 89 -27.98 -20.40 57.06
N HIS P 90 -29.16 -20.04 56.57
CA HIS P 90 -29.60 -20.37 55.22
C HIS P 90 -28.84 -19.65 54.11
N CYS P 91 -28.58 -18.36 54.28
CA CYS P 91 -28.06 -17.59 53.17
C CYS P 91 -26.60 -17.88 52.90
N ILE P 92 -25.96 -18.56 53.85
CA ILE P 92 -24.57 -18.96 53.68
C ILE P 92 -24.45 -20.43 53.28
N SER P 93 -25.21 -21.31 53.92
CA SER P 93 -25.12 -22.74 53.64
C SER P 93 -25.67 -23.09 52.25
N ARG P 94 -26.48 -22.21 51.69
CA ARG P 94 -27.04 -22.43 50.35
C ARG P 94 -25.98 -22.44 49.26
N TRP P 95 -24.78 -21.95 49.57
CA TRP P 95 -23.73 -21.87 48.56
C TRP P 95 -22.85 -23.11 48.55
N LEU P 96 -23.14 -24.07 49.42
CA LEU P 96 -22.35 -25.29 49.48
C LEU P 96 -22.44 -26.08 48.18
N LYS P 97 -23.59 -26.00 47.51
CA LYS P 97 -23.81 -26.68 46.24
C LYS P 97 -23.04 -26.01 45.10
N THR P 98 -22.59 -24.78 45.34
CA THR P 98 -21.94 -23.97 44.31
C THR P 98 -20.43 -24.09 44.41
#